data_7WUB
#
_entry.id   7WUB
#
_cell.length_a   1.00
_cell.length_b   1.00
_cell.length_c   1.00
_cell.angle_alpha   90.00
_cell.angle_beta   90.00
_cell.angle_gamma   90.00
#
_symmetry.space_group_name_H-M   'P 1'
#
loop_
_entity.id
_entity.type
_entity.pdbx_description
1 polymer 'Transitional endoplasmic reticulum ATPase'
2 polymer 'Transitional endoplasmic reticulum ATPase'
3 polymer 'Transitional endoplasmic reticulum ATPase'
4 non-polymer "ADENOSINE-5'-DIPHOSPHATE"
5 non-polymer 3-[3-cyclopentylsulfanyl-5-[[3-methyl-4-(4-methylsulfonylphenyl)phenoxy]methyl]-1,2,4-triazol-4-yl]pyridine
#
loop_
_entity_poly.entity_id
_entity_poly.type
_entity_poly.pdbx_seq_one_letter_code
_entity_poly.pdbx_strand_id
1 'polypeptide(L)'
;NRPNRLIVDEAINEDNSVVSLSQPKMDELQLFRGDTVLLKGKKRREAVCIVLSDDTCSDEKIRMNRVVRNNLRVRLGDVI
SIQPCPDVKYGKRIHVLPIDDTVEGITGNLFEVYLKPYFLEAYRPIRKGDIFLVRGGMRAVEFKVVETDPSPYCIVAPDT
VIHCEGEPIKREDEEESLNEVGYDDIGGCRKQLAQIKEMVELPLRHPALFKAIGVKPPRGILLYGPPGTGKTLIARAVAN
ETGAFFFLINGPEIMSKLAGESESNLRKAFEEAEKNAPAIIFIDELDAIAPKREKTHGEVERRIVSQLLTLMDGLKQRAH
VIVMAATNRPNSIDPALRRFGRFDREVDIGIPDATGRLEILQIHTKNMKLADDVDLEQVANETHGHVGADLAALCSEAAL
QAIRKKMDLIDLEDETIDAEVMNSLAVTMDDFRWALSQSNPSALRETVVEVPQVTWEDIGGLEDVKRELQELVQYPVEHP
DKFLKFGMTPSKGVLFYGPPGCGKTLLAKAIANECQANFISIKGPELLTMWFGESEANVREIFDKARQAAPCVLFFDELD
SIAKARGGNIGDGGGAADRVINQILTEMDGMSTKKNVFIIGATNRPDIIDPAILRPGRLDQLIYIPLPDEKSRVAILKAN
LRKSPVAKDVDLEFLAKMTNGFSGADLTEICQRACKLAIRESIESEIRRERERQTNPSAMEVEEDDPVPEIRRDHFEEAM
RFARRSVSDNDIRKYEMFAQTLQQSRGFGSFRFPS
;
A,B,E,F,G,H,I,J,K,L
2 'polypeptide(L)'
;EVGYDDIGGCRKQLAQIKEMVELPLRHPALFKAIGVKPPRGILLYGPPGTGKTLIARAVANETGAFFFLINGPEIMSKLA
GESESNLRKAFEEAEKNAPAIIFIDELDAIAPKREKTHGEVERRIVSQLLTLMDGLKQRAHVIVMAATNRPNSIDPALRR
FGRFDREVDIGIPDATGRLEILQIHTKNMKLADDVDLEQVANETHGHVGADLAALCSEAALQAIRKKMDLIDLEDETIDA
EVMNSLAVTMDDFRWALSQSNPSALRETVVEVPQVTWEDIGGLEDVKRELQELVQYPVEHPDKFLKFGMTPSKGVLFYGP
PGCGKTLLAKAIANECQANFISIKGPELLTMWFGESEANVREIFDKARQAAPCVLFFDELDSIAKARGGNIGDGGGAADR
VINQILTEMDGMSTKKNVFIIGATNRPDIIDPAILRPGRLDQLIYIPLPDEKSRVAILKANLRKSPVAKDVDLEFLAKMT
NGFSGADLTEICQRACKLAIRESIESEIRRERQTQTNPSAMEVEEDDPVPEIRRDHFEEAMRFARRSVSDNDIRKYEMFA
QTLQQSRGFGSFRFPS
;
C
3 'polypeptide(L)'
;EVGYDDIGGCRKQLAQIKEMVELPLRHPALFKAIGVKPPRGILLYGPPGTGKTLIARAVANETGAFFFLINGPEIMSKLA
GESESNLRKAFEEAEKNAPAIIFIDELDAIAPKREKTHGEVERRIVSQLLTLMDGLKQRAHVIVMAATNRPNSIDPALRR
FGRFDREVDIGIPDATGRLEILQIHTKNMKLADDVDLEQVANETHGHVGADLAALCSEAALQAIRKKMDLIDLEDETIDA
EVMNSLAVTMDDFRWALSQSNPSALRETVVEVPQVTWEDIGGLEDVKRELQELVQYPVEHPDKFLKFGMTPSKGVLFYGP
PGCGKTLLAKAIANECQANFISIKGPELLTMWFGESEANVREIFDKARQAAPCVLFFDELDSIAKARGGNIGDGGGAADR
VINQILTEMDGMSTKKNVFIIGATNRPDIIDPAILRPGRLDQLIYIPLPDEKSRVAILKANLRKSPVAKDVDLEFLAKMT
NGFSGADLTEICQRACKLAIRESIESEIRRERERQTNPSAMEVEEDDPVPEIRRDHFEEAMRFARRSVSDNDIRKYEMFA
QTLQQSRGFGSFRFPS
;
D
#
# COMPACT_ATOMS: atom_id res chain seq x y z
N GLU A 180 12.26 -73.12 -50.62
CA GLU A 180 13.04 -72.03 -50.06
C GLU A 180 12.14 -70.96 -49.44
N VAL A 181 12.73 -69.82 -49.12
CA VAL A 181 12.00 -68.72 -48.48
C VAL A 181 11.34 -67.87 -49.54
N GLY A 182 10.11 -67.44 -49.27
CA GLY A 182 9.37 -66.60 -50.20
C GLY A 182 8.48 -65.59 -49.50
N TYR A 183 7.54 -65.01 -50.23
CA TYR A 183 6.65 -64.02 -49.65
C TYR A 183 5.84 -64.60 -48.50
N ASP A 184 5.50 -65.89 -48.58
CA ASP A 184 4.76 -66.53 -47.49
C ASP A 184 5.57 -66.52 -46.20
N ASP A 185 6.87 -66.80 -46.29
CA ASP A 185 7.71 -66.75 -45.10
C ASP A 185 7.80 -65.34 -44.53
N ILE A 186 7.86 -64.34 -45.40
CA ILE A 186 7.94 -62.94 -44.96
C ILE A 186 6.60 -62.57 -44.33
N GLY A 187 6.58 -62.44 -43.00
CA GLY A 187 5.38 -62.09 -42.28
C GLY A 187 5.28 -60.61 -41.98
N GLY A 188 4.22 -60.26 -41.23
CA GLY A 188 3.99 -58.92 -40.76
C GLY A 188 3.04 -58.10 -41.61
N CYS A 189 2.92 -58.43 -42.90
CA CYS A 189 2.05 -57.69 -43.80
C CYS A 189 2.20 -56.18 -43.60
N ARG A 190 3.43 -55.73 -43.39
CA ARG A 190 3.69 -54.35 -43.02
C ARG A 190 3.62 -53.40 -44.21
N LYS A 191 3.42 -53.92 -45.42
CA LYS A 191 3.17 -53.22 -46.67
C LYS A 191 4.39 -52.46 -47.21
N GLN A 192 5.58 -52.71 -46.69
CA GLN A 192 6.79 -52.26 -47.36
C GLN A 192 7.40 -53.36 -48.24
N LEU A 193 7.08 -54.62 -47.97
CA LEU A 193 7.46 -55.69 -48.90
C LEU A 193 6.83 -55.47 -50.26
N ALA A 194 5.59 -55.01 -50.30
CA ALA A 194 4.94 -54.68 -51.57
C ALA A 194 5.69 -53.57 -52.28
N GLN A 195 6.11 -52.54 -51.54
CA GLN A 195 6.87 -51.45 -52.15
C GLN A 195 8.19 -51.96 -52.72
N ILE A 196 8.89 -52.81 -51.97
CA ILE A 196 10.13 -53.40 -52.47
C ILE A 196 9.88 -54.24 -53.72
N LYS A 197 8.78 -55.00 -53.73
CA LYS A 197 8.42 -55.78 -54.92
C LYS A 197 8.24 -54.87 -56.12
N GLU A 198 7.41 -53.83 -55.96
CA GLU A 198 7.19 -52.89 -57.04
C GLU A 198 8.51 -52.27 -57.47
N MET A 199 9.43 -52.11 -56.52
CA MET A 199 10.74 -51.58 -56.84
C MET A 199 11.56 -52.53 -57.70
N VAL A 200 11.52 -53.82 -57.39
CA VAL A 200 12.54 -54.73 -57.92
C VAL A 200 12.06 -55.71 -58.99
N GLU A 201 10.76 -55.88 -59.24
CA GLU A 201 10.40 -56.87 -60.26
C GLU A 201 10.99 -56.51 -61.61
N LEU A 202 10.61 -55.36 -62.17
CA LEU A 202 11.06 -55.04 -63.52
C LEU A 202 12.57 -55.04 -63.62
N PRO A 203 13.31 -54.43 -62.69
CA PRO A 203 14.78 -54.51 -62.80
C PRO A 203 15.26 -55.94 -62.84
N LEU A 204 14.58 -56.85 -62.13
CA LEU A 204 14.95 -58.25 -62.02
C LEU A 204 14.00 -59.19 -62.75
N ARG A 205 12.68 -59.03 -62.55
CA ARG A 205 11.72 -59.90 -63.20
C ARG A 205 11.69 -59.68 -64.71
N HIS A 206 11.97 -58.46 -65.17
CA HIS A 206 12.02 -58.15 -66.59
C HIS A 206 13.33 -57.40 -66.85
N PRO A 207 14.47 -58.10 -66.78
CA PRO A 207 15.75 -57.41 -66.98
C PRO A 207 15.99 -57.03 -68.43
N ALA A 208 15.54 -57.86 -69.37
CA ALA A 208 15.74 -57.55 -70.78
C ALA A 208 14.98 -56.30 -71.21
N LEU A 209 13.90 -55.95 -70.50
CA LEU A 209 13.12 -54.78 -70.87
C LEU A 209 13.95 -53.50 -70.78
N PHE A 210 14.74 -53.36 -69.72
CA PHE A 210 15.55 -52.17 -69.54
C PHE A 210 16.66 -52.05 -70.58
N LYS A 211 16.99 -53.14 -71.27
CA LYS A 211 18.01 -53.08 -72.31
C LYS A 211 17.53 -52.27 -73.52
N ALA A 212 16.25 -52.38 -73.86
CA ALA A 212 15.70 -51.65 -75.00
C ALA A 212 15.06 -50.32 -74.61
N ILE A 213 15.03 -49.99 -73.33
CA ILE A 213 14.43 -48.75 -72.84
C ILE A 213 15.48 -47.99 -72.04
N GLY A 214 15.57 -46.68 -72.28
CA GLY A 214 16.52 -45.88 -71.55
C GLY A 214 15.96 -45.37 -70.24
N VAL A 215 16.25 -46.09 -69.16
CA VAL A 215 15.78 -45.73 -67.82
C VAL A 215 16.78 -46.26 -66.81
N LYS A 216 16.94 -45.53 -65.70
CA LYS A 216 17.86 -45.93 -64.66
C LYS A 216 17.09 -46.64 -63.56
N PRO A 217 17.37 -47.92 -63.30
CA PRO A 217 16.66 -48.62 -62.23
C PRO A 217 17.24 -48.29 -60.87
N PRO A 218 16.71 -48.90 -59.81
CA PRO A 218 17.23 -48.63 -58.46
C PRO A 218 18.55 -49.32 -58.21
N ARG A 219 19.65 -48.57 -58.24
CA ARG A 219 20.96 -49.19 -58.06
C ARG A 219 21.15 -49.68 -56.63
N GLY A 220 20.61 -48.96 -55.65
CA GLY A 220 20.70 -49.40 -54.27
C GLY A 220 19.47 -49.06 -53.44
N ILE A 221 19.10 -49.97 -52.55
CA ILE A 221 17.95 -49.81 -51.68
C ILE A 221 18.40 -50.02 -50.25
N LEU A 222 18.12 -49.05 -49.39
CA LEU A 222 18.56 -49.09 -48.00
C LEU A 222 17.39 -49.48 -47.11
N LEU A 223 17.39 -50.72 -46.64
CA LEU A 223 16.38 -51.19 -45.69
C LEU A 223 16.86 -50.93 -44.27
N TYR A 224 16.12 -50.10 -43.54
CA TYR A 224 16.50 -49.76 -42.17
C TYR A 224 15.32 -49.93 -41.24
N GLY A 225 15.63 -50.28 -39.99
CA GLY A 225 14.63 -50.52 -38.98
C GLY A 225 15.21 -51.20 -37.76
N PRO A 226 14.38 -51.47 -36.76
CA PRO A 226 14.87 -52.12 -35.55
C PRO A 226 15.41 -53.50 -35.87
N PRO A 227 16.46 -53.93 -35.16
CA PRO A 227 17.03 -55.25 -35.43
C PRO A 227 16.03 -56.36 -35.16
N GLY A 228 16.15 -57.42 -35.95
CA GLY A 228 15.24 -58.54 -35.82
C GLY A 228 13.92 -58.40 -36.55
N THR A 229 13.82 -57.44 -37.47
CA THR A 229 12.59 -57.21 -38.21
C THR A 229 12.53 -57.99 -39.51
N GLY A 230 13.54 -58.82 -39.79
CA GLY A 230 13.52 -59.64 -40.99
C GLY A 230 14.02 -58.98 -42.26
N LYS A 231 14.85 -57.95 -42.15
CA LYS A 231 15.37 -57.29 -43.34
C LYS A 231 16.15 -58.26 -44.22
N THR A 232 17.04 -59.04 -43.61
CA THR A 232 17.76 -60.07 -44.36
C THR A 232 16.80 -61.11 -44.92
N LEU A 233 15.78 -61.49 -44.14
CA LEU A 233 14.77 -62.42 -44.63
C LEU A 233 14.04 -61.84 -45.83
N ILE A 234 13.69 -60.55 -45.77
CA ILE A 234 12.98 -59.92 -46.88
C ILE A 234 13.86 -59.90 -48.12
N ALA A 235 15.14 -59.56 -47.97
CA ALA A 235 16.03 -59.53 -49.13
C ALA A 235 16.18 -60.93 -49.73
N ARG A 236 16.34 -61.95 -48.88
CA ARG A 236 16.48 -63.30 -49.39
C ARG A 236 15.21 -63.75 -50.11
N ALA A 237 14.05 -63.43 -49.54
CA ALA A 237 12.79 -63.80 -50.19
C ALA A 237 12.64 -63.11 -51.54
N VAL A 238 13.00 -61.84 -51.62
CA VAL A 238 12.92 -61.13 -52.90
C VAL A 238 13.86 -61.77 -53.92
N ALA A 239 15.07 -62.11 -53.49
CA ALA A 239 16.02 -62.74 -54.40
C ALA A 239 15.50 -64.08 -54.90
N ASN A 240 14.88 -64.85 -54.01
CA ASN A 240 14.40 -66.17 -54.41
C ASN A 240 13.20 -66.04 -55.33
N GLU A 241 12.28 -65.13 -55.03
CA GLU A 241 11.05 -65.00 -55.80
C GLU A 241 11.28 -64.31 -57.13
N THR A 242 12.42 -63.64 -57.32
CA THR A 242 12.73 -63.01 -58.59
C THR A 242 13.82 -63.73 -59.37
N GLY A 243 14.45 -64.75 -58.79
CA GLY A 243 15.47 -65.50 -59.48
C GLY A 243 16.85 -64.87 -59.51
N ALA A 244 17.01 -63.69 -58.94
CA ALA A 244 18.32 -63.04 -58.92
C ALA A 244 19.27 -63.78 -57.98
N PHE A 245 20.54 -63.87 -58.38
CA PHE A 245 21.55 -64.52 -57.56
C PHE A 245 21.80 -63.70 -56.31
N PHE A 246 21.41 -64.23 -55.15
CA PHE A 246 21.54 -63.50 -53.90
C PHE A 246 22.95 -63.66 -53.35
N PHE A 247 23.61 -62.54 -53.04
CA PHE A 247 24.91 -62.54 -52.40
C PHE A 247 24.83 -61.76 -51.10
N LEU A 248 25.33 -62.36 -50.02
CA LEU A 248 25.27 -61.77 -48.69
C LEU A 248 26.67 -61.36 -48.25
N ILE A 249 26.89 -60.07 -48.05
CA ILE A 249 28.15 -59.56 -47.54
C ILE A 249 27.97 -59.14 -46.09
N ASN A 250 28.26 -60.06 -45.16
CA ASN A 250 28.13 -59.75 -43.75
C ASN A 250 29.10 -58.65 -43.33
N GLY A 251 28.59 -57.68 -42.57
CA GLY A 251 29.36 -56.55 -42.12
C GLY A 251 30.63 -56.95 -41.40
N PRO A 252 30.47 -57.64 -40.26
CA PRO A 252 31.66 -58.02 -39.49
C PRO A 252 32.44 -59.14 -40.13
N GLU A 253 31.85 -59.88 -41.07
CA GLU A 253 32.62 -60.92 -41.75
C GLU A 253 33.81 -60.30 -42.46
N ILE A 254 33.57 -59.23 -43.23
CA ILE A 254 34.64 -58.49 -43.87
C ILE A 254 35.43 -57.68 -42.84
N MET A 255 34.73 -57.07 -41.86
CA MET A 255 35.45 -56.29 -40.86
C MET A 255 36.38 -57.14 -40.01
N SER A 256 36.00 -58.39 -39.74
CA SER A 256 36.85 -59.30 -38.97
C SER A 256 38.08 -59.75 -39.74
N LYS A 257 38.11 -59.56 -41.05
CA LYS A 257 39.26 -59.98 -41.82
C LYS A 257 40.42 -59.00 -41.64
N LEU A 258 41.62 -59.49 -41.97
CA LEU A 258 42.83 -58.69 -41.80
C LEU A 258 42.81 -57.46 -42.70
N ALA A 259 43.35 -56.36 -42.18
CA ALA A 259 43.43 -55.13 -42.95
C ALA A 259 44.30 -55.32 -44.19
N GLY A 260 43.88 -54.73 -45.29
CA GLY A 260 44.57 -54.87 -46.56
C GLY A 260 44.10 -56.02 -47.41
N GLU A 261 43.39 -56.99 -46.83
CA GLU A 261 42.81 -58.09 -47.58
C GLU A 261 41.30 -58.17 -47.47
N SER A 262 40.70 -57.42 -46.53
CA SER A 262 39.25 -57.26 -46.51
C SER A 262 38.76 -56.53 -47.75
N GLU A 263 39.53 -55.53 -48.20
CA GLU A 263 39.18 -54.82 -49.42
C GLU A 263 39.12 -55.78 -50.59
N SER A 264 40.00 -56.78 -50.60
CA SER A 264 39.94 -57.84 -51.59
C SER A 264 38.64 -58.61 -51.48
N ASN A 265 38.20 -58.90 -50.25
CA ASN A 265 36.94 -59.63 -50.08
C ASN A 265 35.77 -58.83 -50.64
N LEU A 266 35.72 -57.52 -50.37
CA LEU A 266 34.60 -56.72 -50.88
C LEU A 266 34.64 -56.65 -52.41
N ARG A 267 35.83 -56.46 -52.98
CA ARG A 267 35.95 -56.38 -54.43
C ARG A 267 35.57 -57.70 -55.09
N LYS A 268 36.01 -58.82 -54.51
CA LYS A 268 35.66 -60.12 -55.06
C LYS A 268 34.16 -60.38 -54.92
N ALA A 269 33.55 -59.93 -53.83
CA ALA A 269 32.10 -60.10 -53.68
C ALA A 269 31.36 -59.37 -54.79
N PHE A 270 31.74 -58.12 -55.05
CA PHE A 270 31.10 -57.39 -56.15
C PHE A 270 31.36 -58.05 -57.50
N GLU A 271 32.59 -58.52 -57.75
CA GLU A 271 32.85 -59.17 -59.03
C GLU A 271 32.03 -60.44 -59.19
N GLU A 272 31.95 -61.27 -58.15
CA GLU A 272 31.15 -62.49 -58.24
C GLU A 272 29.68 -62.18 -58.47
N ALA A 273 29.15 -61.17 -57.76
CA ALA A 273 27.76 -60.77 -57.99
C ALA A 273 27.57 -60.23 -59.41
N GLU A 274 28.60 -59.56 -59.93
CA GLU A 274 28.56 -59.06 -61.30
C GLU A 274 28.50 -60.20 -62.30
N LYS A 275 29.22 -61.30 -62.03
CA LYS A 275 29.24 -62.43 -62.94
C LYS A 275 27.87 -63.07 -63.11
N ASN A 276 27.12 -63.24 -62.01
CA ASN A 276 25.81 -63.88 -62.08
C ASN A 276 24.67 -62.90 -62.30
N ALA A 277 24.83 -62.00 -63.26
CA ALA A 277 23.78 -61.02 -63.54
C ALA A 277 22.52 -61.74 -64.03
N PRO A 278 21.33 -61.33 -63.57
CA PRO A 278 21.17 -60.33 -62.51
C PRO A 278 21.47 -60.91 -61.14
N ALA A 279 21.94 -60.08 -60.22
CA ALA A 279 22.29 -60.52 -58.89
C ALA A 279 21.91 -59.45 -57.88
N ILE A 280 21.69 -59.89 -56.64
CA ILE A 280 21.37 -59.00 -55.54
C ILE A 280 22.48 -59.16 -54.50
N ILE A 281 23.11 -58.06 -54.15
CA ILE A 281 24.15 -58.03 -53.12
C ILE A 281 23.55 -57.42 -51.87
N PHE A 282 23.45 -58.22 -50.80
CA PHE A 282 22.89 -57.77 -49.54
C PHE A 282 24.03 -57.55 -48.56
N ILE A 283 24.09 -56.35 -48.00
CA ILE A 283 25.10 -55.99 -47.01
C ILE A 283 24.39 -55.88 -45.67
N ASP A 284 24.41 -56.97 -44.91
CA ASP A 284 23.82 -56.98 -43.59
C ASP A 284 24.71 -56.24 -42.60
N GLU A 285 24.08 -55.47 -41.71
CA GLU A 285 24.80 -54.67 -40.73
C GLU A 285 25.76 -53.71 -41.43
N LEU A 286 25.20 -52.88 -42.32
CA LEU A 286 25.99 -51.91 -43.05
C LEU A 286 26.64 -50.87 -42.14
N ASP A 287 26.09 -50.66 -40.95
CA ASP A 287 26.63 -49.67 -40.01
C ASP A 287 27.97 -50.09 -39.42
N ALA A 288 28.53 -51.22 -39.83
CA ALA A 288 29.87 -51.64 -39.42
C ALA A 288 30.92 -51.41 -40.49
N ILE A 289 30.58 -51.64 -41.75
CA ILE A 289 31.54 -51.40 -42.83
C ILE A 289 31.79 -49.90 -43.00
N ALA A 290 30.72 -49.10 -42.98
CA ALA A 290 30.83 -47.65 -43.17
C ALA A 290 30.07 -46.92 -42.07
N PRO A 291 30.51 -47.05 -40.82
CA PRO A 291 29.82 -46.36 -39.72
C PRO A 291 30.15 -44.88 -39.61
N LYS A 292 31.13 -44.39 -40.35
CA LYS A 292 31.62 -43.03 -40.17
C LYS A 292 30.52 -42.02 -40.45
N ARG A 293 30.13 -41.28 -39.42
CA ARG A 293 29.14 -40.21 -39.53
C ARG A 293 29.81 -38.84 -39.60
N GLU A 294 30.96 -38.77 -40.28
CA GLU A 294 31.88 -37.63 -40.33
C GLU A 294 32.75 -37.55 -39.08
N LYS A 295 32.52 -38.37 -38.06
CA LYS A 295 33.51 -38.53 -37.00
C LYS A 295 34.69 -39.35 -37.50
N THR A 296 34.41 -40.55 -38.02
CA THR A 296 35.35 -41.32 -38.84
C THR A 296 36.67 -41.56 -38.11
N HIS A 297 36.58 -42.28 -36.99
CA HIS A 297 37.77 -42.65 -36.25
C HIS A 297 38.57 -43.71 -37.00
N GLY A 298 39.86 -43.77 -36.72
CA GLY A 298 40.73 -44.79 -37.28
C GLY A 298 41.22 -44.45 -38.67
N GLU A 299 42.00 -45.38 -39.22
CA GLU A 299 42.61 -45.23 -40.55
C GLU A 299 42.11 -46.26 -41.54
N VAL A 300 42.16 -47.55 -41.20
CA VAL A 300 41.80 -48.59 -42.16
C VAL A 300 40.32 -48.53 -42.48
N GLU A 301 39.49 -48.20 -41.50
CA GLU A 301 38.06 -48.14 -41.74
C GLU A 301 37.71 -47.03 -42.73
N ARG A 302 38.49 -45.94 -42.72
CA ARG A 302 38.32 -44.93 -43.75
C ARG A 302 38.62 -45.48 -45.13
N ARG A 303 39.69 -46.28 -45.25
CA ARG A 303 39.95 -46.96 -46.52
C ARG A 303 38.78 -47.85 -46.93
N ILE A 304 38.22 -48.61 -45.98
CA ILE A 304 37.15 -49.52 -46.34
C ILE A 304 35.92 -48.75 -46.81
N VAL A 305 35.59 -47.65 -46.12
CA VAL A 305 34.44 -46.85 -46.52
C VAL A 305 34.67 -46.21 -47.89
N SER A 306 35.85 -45.65 -48.12
CA SER A 306 36.13 -45.02 -49.41
C SER A 306 36.13 -46.04 -50.55
N GLN A 307 36.76 -47.20 -50.36
CA GLN A 307 36.75 -48.21 -51.41
C GLN A 307 35.34 -48.71 -51.67
N LEU A 308 34.54 -48.92 -50.61
CA LEU A 308 33.16 -49.33 -50.81
C LEU A 308 32.40 -48.26 -51.58
N LEU A 309 32.66 -46.99 -51.28
CA LEU A 309 32.06 -45.90 -52.04
C LEU A 309 32.44 -45.96 -53.51
N THR A 310 33.72 -46.23 -53.79
CA THR A 310 34.16 -46.33 -55.18
C THR A 310 33.48 -47.47 -55.90
N LEU A 311 33.34 -48.61 -55.24
CA LEU A 311 32.67 -49.75 -55.84
C LEU A 311 31.20 -49.45 -56.09
N MET A 312 30.53 -48.90 -55.08
CA MET A 312 29.11 -48.62 -55.18
C MET A 312 28.82 -47.60 -56.27
N ASP A 313 29.60 -46.52 -56.32
CA ASP A 313 29.50 -45.56 -57.42
C ASP A 313 30.12 -46.08 -58.70
N GLY A 314 30.91 -47.15 -58.63
CA GLY A 314 31.52 -47.73 -59.81
C GLY A 314 30.64 -48.65 -60.62
N LEU A 315 29.38 -48.83 -60.23
CA LEU A 315 28.47 -49.66 -61.00
C LEU A 315 28.24 -49.00 -62.36
N LYS A 316 28.71 -49.65 -63.42
CA LYS A 316 28.68 -49.06 -64.76
C LYS A 316 27.31 -49.17 -65.41
N GLN A 317 26.26 -49.37 -64.62
CA GLN A 317 24.88 -49.51 -65.06
C GLN A 317 24.71 -50.71 -65.98
N ARG A 318 25.79 -51.47 -66.18
CA ARG A 318 25.72 -52.72 -66.91
C ARG A 318 25.31 -53.86 -65.98
N ALA A 319 24.75 -54.91 -66.57
CA ALA A 319 24.15 -55.98 -65.78
C ALA A 319 23.01 -55.41 -64.95
N HIS A 320 22.59 -56.12 -63.90
CA HIS A 320 21.46 -55.66 -63.10
C HIS A 320 21.68 -55.90 -61.61
N VAL A 321 22.93 -55.84 -61.15
CA VAL A 321 23.21 -56.06 -59.74
C VAL A 321 22.54 -54.96 -58.93
N ILE A 322 21.70 -55.36 -57.98
CA ILE A 322 21.05 -54.43 -57.06
C ILE A 322 21.66 -54.62 -55.68
N VAL A 323 22.14 -53.53 -55.10
CA VAL A 323 22.81 -53.57 -53.80
C VAL A 323 21.82 -53.09 -52.75
N MET A 324 21.34 -54.02 -51.91
CA MET A 324 20.49 -53.71 -50.78
C MET A 324 21.29 -53.84 -49.49
N ALA A 325 21.13 -52.88 -48.60
CA ALA A 325 21.89 -52.85 -47.35
C ALA A 325 20.94 -52.72 -46.16
N ALA A 326 21.35 -53.27 -45.04
CA ALA A 326 20.57 -53.20 -43.81
C ALA A 326 21.30 -52.33 -42.79
N THR A 327 20.53 -51.50 -42.08
CA THR A 327 21.07 -50.58 -41.09
C THR A 327 19.97 -50.28 -40.07
N ASN A 328 20.36 -50.11 -38.81
CA ASN A 328 19.40 -49.82 -37.76
C ASN A 328 18.71 -48.47 -38.00
N ARG A 329 19.48 -47.45 -38.35
CA ARG A 329 18.96 -46.11 -38.60
C ARG A 329 19.66 -45.50 -39.80
N PRO A 330 18.96 -44.65 -40.55
CA PRO A 330 19.59 -44.04 -41.74
C PRO A 330 20.82 -43.21 -41.41
N ASN A 331 20.82 -42.51 -40.27
CA ASN A 331 21.89 -41.59 -39.94
C ASN A 331 23.12 -42.29 -39.38
N SER A 332 23.05 -43.59 -39.12
CA SER A 332 24.18 -44.31 -38.54
C SER A 332 25.27 -44.57 -39.57
N ILE A 333 24.89 -44.76 -40.83
CA ILE A 333 25.85 -45.06 -41.89
C ILE A 333 26.49 -43.77 -42.37
N ASP A 334 27.57 -43.88 -43.13
CA ASP A 334 28.24 -42.71 -43.66
C ASP A 334 27.30 -41.93 -44.57
N PRO A 335 27.24 -40.61 -44.46
CA PRO A 335 26.32 -39.85 -45.33
C PRO A 335 26.60 -40.03 -46.81
N ALA A 336 27.87 -40.21 -47.20
CA ALA A 336 28.15 -40.37 -48.63
C ALA A 336 27.50 -41.64 -49.20
N LEU A 337 27.17 -42.60 -48.34
CA LEU A 337 26.45 -43.80 -48.76
C LEU A 337 25.00 -43.50 -49.07
N ARG A 338 24.47 -42.42 -48.50
CA ARG A 338 23.09 -42.00 -48.63
C ARG A 338 22.88 -41.14 -49.86
N ARG A 339 23.96 -40.73 -50.52
CA ARG A 339 23.95 -39.82 -51.65
C ARG A 339 23.42 -40.50 -52.91
N PHE A 340 23.22 -39.69 -53.95
CA PHE A 340 22.66 -40.17 -55.21
C PHE A 340 23.54 -41.25 -55.83
N GLY A 341 22.92 -42.35 -56.27
CA GLY A 341 23.60 -43.41 -56.97
C GLY A 341 24.21 -44.49 -56.10
N ARG A 342 24.42 -44.23 -54.81
CA ARG A 342 24.94 -45.22 -53.89
C ARG A 342 23.81 -45.94 -53.16
N PHE A 343 23.00 -45.18 -52.41
CA PHE A 343 21.74 -45.66 -51.83
C PHE A 343 20.76 -44.48 -51.95
N ASP A 344 20.02 -44.43 -53.07
CA ASP A 344 19.18 -43.28 -53.35
C ASP A 344 17.75 -43.45 -52.86
N ARG A 345 17.38 -44.62 -52.33
CA ARG A 345 16.01 -44.82 -51.87
C ARG A 345 16.05 -45.74 -50.66
N GLU A 346 15.25 -45.40 -49.65
CA GLU A 346 15.28 -46.07 -48.35
C GLU A 346 13.87 -46.53 -47.97
N VAL A 347 13.81 -47.68 -47.31
CA VAL A 347 12.57 -48.27 -46.83
C VAL A 347 12.72 -48.61 -45.36
N ASP A 348 11.79 -48.11 -44.54
CA ASP A 348 11.80 -48.36 -43.10
C ASP A 348 10.85 -49.53 -42.85
N ILE A 349 11.42 -50.71 -42.63
CA ILE A 349 10.60 -51.89 -42.38
C ILE A 349 9.77 -51.69 -41.12
N GLY A 350 10.40 -51.16 -40.07
CA GLY A 350 9.69 -50.85 -38.84
C GLY A 350 9.13 -52.04 -38.09
N ILE A 351 8.62 -51.79 -36.89
CA ILE A 351 8.07 -52.86 -36.05
C ILE A 351 6.77 -53.36 -36.66
N PRO A 352 6.55 -54.68 -36.73
CA PRO A 352 5.25 -55.19 -37.17
C PRO A 352 4.14 -54.79 -36.21
N ASP A 353 2.93 -54.66 -36.76
CA ASP A 353 1.75 -54.23 -36.03
C ASP A 353 0.94 -55.44 -35.59
N ALA A 354 -0.19 -55.18 -34.93
CA ALA A 354 -1.02 -56.27 -34.42
C ALA A 354 -1.41 -57.24 -35.53
N THR A 355 -1.85 -56.72 -36.68
CA THR A 355 -2.13 -57.60 -37.81
C THR A 355 -0.88 -58.32 -38.26
N GLY A 356 0.24 -57.59 -38.33
CA GLY A 356 1.50 -58.23 -38.70
C GLY A 356 2.06 -59.09 -37.60
N ARG A 357 1.82 -58.73 -36.33
CA ARG A 357 2.26 -59.60 -35.26
C ARG A 357 1.51 -60.92 -35.32
N LEU A 358 0.22 -60.87 -35.60
CA LEU A 358 -0.58 -62.09 -35.75
C LEU A 358 -0.09 -62.93 -36.92
N GLU A 359 0.21 -62.30 -38.05
CA GLU A 359 0.68 -63.07 -39.20
C GLU A 359 2.07 -63.65 -38.93
N ILE A 360 2.92 -62.92 -38.21
CA ILE A 360 4.23 -63.45 -37.82
C ILE A 360 4.06 -64.65 -36.90
N LEU A 361 3.11 -64.57 -35.96
CA LEU A 361 2.84 -65.71 -35.09
C LEU A 361 2.36 -66.90 -35.89
N GLN A 362 1.50 -66.66 -36.89
CA GLN A 362 1.04 -67.76 -37.73
C GLN A 362 2.20 -68.41 -38.47
N ILE A 363 3.10 -67.60 -39.03
CA ILE A 363 4.22 -68.16 -39.78
C ILE A 363 5.18 -68.89 -38.85
N HIS A 364 5.37 -68.38 -37.63
CA HIS A 364 6.23 -69.01 -36.65
C HIS A 364 5.56 -70.15 -35.90
N THR A 365 4.24 -70.28 -36.02
CA THR A 365 3.50 -71.39 -35.44
C THR A 365 2.77 -72.09 -36.58
N LYS A 366 3.47 -73.01 -37.24
CA LYS A 366 2.88 -73.81 -38.31
C LYS A 366 3.30 -75.27 -38.28
N ASN A 367 4.33 -75.65 -37.55
CA ASN A 367 4.74 -77.05 -37.45
C ASN A 367 4.70 -77.60 -36.03
N MET A 368 4.25 -76.81 -35.05
CA MET A 368 4.21 -77.27 -33.67
C MET A 368 2.86 -77.88 -33.28
N LYS A 369 1.92 -77.97 -34.23
CA LYS A 369 0.60 -78.52 -33.96
C LYS A 369 -0.07 -77.76 -32.82
N LEU A 370 -0.34 -76.48 -33.08
CA LEU A 370 -0.90 -75.60 -32.08
C LEU A 370 -2.26 -76.11 -31.60
N ALA A 371 -2.52 -75.95 -30.31
CA ALA A 371 -3.74 -76.46 -29.71
C ALA A 371 -4.97 -75.69 -30.20
N ASP A 372 -6.13 -76.30 -29.98
CA ASP A 372 -7.38 -75.70 -30.41
C ASP A 372 -7.76 -74.51 -29.53
N ASP A 373 -7.50 -74.61 -28.22
CA ASP A 373 -7.86 -73.51 -27.32
C ASP A 373 -7.10 -72.25 -27.68
N VAL A 374 -5.81 -72.38 -27.98
CA VAL A 374 -4.99 -71.22 -28.32
C VAL A 374 -5.42 -70.73 -29.69
N ASP A 375 -5.62 -69.41 -29.81
CA ASP A 375 -6.08 -68.83 -31.08
C ASP A 375 -5.04 -67.95 -31.75
N LEU A 376 -4.07 -67.44 -31.01
CA LEU A 376 -2.97 -66.61 -31.52
C LEU A 376 -3.47 -65.19 -31.75
N GLU A 377 -4.74 -64.91 -31.50
CA GLU A 377 -5.31 -63.58 -31.63
C GLU A 377 -5.14 -62.78 -30.34
N GLN A 378 -5.51 -63.38 -29.20
CA GLN A 378 -5.30 -62.72 -27.92
C GLN A 378 -3.81 -62.50 -27.67
N VAL A 379 -3.00 -63.51 -27.98
CA VAL A 379 -1.55 -63.34 -27.81
C VAL A 379 -1.04 -62.24 -28.71
N ALA A 380 -1.53 -62.17 -29.96
CA ALA A 380 -1.11 -61.13 -30.87
C ALA A 380 -1.45 -59.74 -30.33
N ASN A 381 -2.67 -59.55 -29.80
CA ASN A 381 -3.02 -58.25 -29.24
C ASN A 381 -2.15 -57.91 -28.05
N GLU A 382 -1.91 -58.87 -27.16
CA GLU A 382 -1.07 -58.64 -26.00
C GLU A 382 0.41 -58.57 -26.34
N THR A 383 0.78 -58.86 -27.60
CA THR A 383 2.16 -58.92 -28.04
C THR A 383 2.71 -57.58 -28.49
N HIS A 384 2.11 -56.47 -28.07
CA HIS A 384 2.60 -55.16 -28.48
C HIS A 384 4.05 -54.99 -28.02
N GLY A 385 4.90 -54.46 -28.89
CA GLY A 385 6.29 -54.24 -28.57
C GLY A 385 7.26 -55.29 -29.05
N HIS A 386 6.78 -56.43 -29.54
CA HIS A 386 7.68 -57.48 -30.01
C HIS A 386 8.00 -57.27 -31.49
N VAL A 387 9.10 -57.88 -31.91
CA VAL A 387 9.50 -57.86 -33.31
C VAL A 387 9.41 -59.30 -33.82
N GLY A 388 9.68 -59.52 -35.11
CA GLY A 388 9.57 -60.86 -35.64
C GLY A 388 10.47 -61.83 -34.89
N ALA A 389 11.70 -61.41 -34.58
CA ALA A 389 12.58 -62.24 -33.78
C ALA A 389 11.98 -62.44 -32.39
N ASP A 390 11.40 -61.39 -31.81
CA ASP A 390 10.76 -61.52 -30.50
C ASP A 390 9.60 -62.49 -30.56
N LEU A 391 8.80 -62.43 -31.62
CA LEU A 391 7.68 -63.36 -31.76
C LEU A 391 8.17 -64.79 -31.87
N ALA A 392 9.23 -65.02 -32.66
CA ALA A 392 9.78 -66.36 -32.77
C ALA A 392 10.31 -66.85 -31.43
N ALA A 393 10.99 -65.97 -30.69
CA ALA A 393 11.52 -66.35 -29.38
C ALA A 393 10.39 -66.68 -28.41
N LEU A 394 9.31 -65.90 -28.44
CA LEU A 394 8.17 -66.17 -27.56
C LEU A 394 7.53 -67.51 -27.91
N CYS A 395 7.37 -67.79 -29.20
CA CYS A 395 6.80 -69.08 -29.60
C CYS A 395 7.69 -70.23 -29.16
N SER A 396 9.01 -70.08 -29.33
CA SER A 396 9.94 -71.12 -28.90
C SER A 396 9.88 -71.31 -27.39
N GLU A 397 9.78 -70.23 -26.64
CA GLU A 397 9.69 -70.33 -25.18
C GLU A 397 8.41 -71.04 -24.76
N ALA A 398 7.30 -70.73 -25.43
CA ALA A 398 6.06 -71.44 -25.13
C ALA A 398 6.18 -72.93 -25.43
N ALA A 399 6.81 -73.27 -26.57
CA ALA A 399 7.01 -74.67 -26.90
C ALA A 399 7.87 -75.36 -25.85
N LEU A 400 8.92 -74.68 -25.39
CA LEU A 400 9.79 -75.26 -24.37
C LEU A 400 9.05 -75.43 -23.05
N GLN A 401 8.17 -74.49 -22.71
CA GLN A 401 7.36 -74.66 -21.50
C GLN A 401 6.45 -75.87 -21.64
N ALA A 402 5.84 -76.05 -22.82
CA ALA A 402 5.01 -77.23 -23.02
C ALA A 402 5.82 -78.51 -22.87
N ILE A 403 7.03 -78.52 -23.44
CA ILE A 403 7.88 -79.71 -23.34
C ILE A 403 8.31 -79.96 -21.90
N ARG A 404 8.53 -78.89 -21.12
CA ARG A 404 8.89 -79.05 -19.71
C ARG A 404 7.71 -79.55 -18.88
N LYS A 405 6.51 -79.02 -19.13
CA LYS A 405 5.35 -79.41 -18.33
C LYS A 405 5.01 -80.88 -18.51
N LYS A 406 5.05 -81.38 -19.74
CA LYS A 406 4.72 -82.77 -20.01
C LYS A 406 5.90 -83.48 -20.66
N MET A 407 5.78 -84.80 -20.76
CA MET A 407 6.75 -85.64 -21.46
C MET A 407 8.07 -85.69 -20.68
N ASP A 408 8.24 -84.81 -19.70
CA ASP A 408 9.34 -84.90 -18.76
C ASP A 408 8.97 -85.74 -17.54
N LEU A 409 7.71 -85.66 -17.10
CA LEU A 409 7.28 -86.45 -15.96
C LEU A 409 7.44 -87.93 -16.28
N ILE A 410 7.06 -88.33 -17.49
CA ILE A 410 7.21 -89.72 -17.90
C ILE A 410 8.69 -90.08 -17.98
N ASP A 411 9.51 -89.15 -18.48
CA ASP A 411 10.96 -89.32 -18.58
C ASP A 411 11.36 -90.39 -19.58
N LEU A 412 10.45 -90.83 -20.44
CA LEU A 412 10.78 -91.82 -21.46
C LEU A 412 11.46 -91.12 -22.62
N GLU A 413 12.78 -91.26 -22.70
CA GLU A 413 13.59 -90.58 -23.70
C GLU A 413 14.51 -91.59 -24.38
N ASP A 414 14.80 -91.33 -25.65
CA ASP A 414 15.72 -92.16 -26.43
C ASP A 414 16.59 -91.24 -27.28
N GLU A 415 17.31 -91.83 -28.24
CA GLU A 415 18.15 -91.04 -29.12
C GLU A 415 17.32 -90.04 -29.92
N THR A 416 16.15 -90.46 -30.38
CA THR A 416 15.24 -89.59 -31.12
C THR A 416 13.84 -89.75 -30.54
N ILE A 417 13.26 -88.65 -30.06
CA ILE A 417 11.93 -88.72 -29.46
C ILE A 417 10.93 -89.16 -30.53
N ASP A 418 10.01 -90.03 -30.12
CA ASP A 418 9.01 -90.52 -31.05
C ASP A 418 8.14 -89.39 -31.56
N ALA A 419 7.88 -89.39 -32.87
CA ALA A 419 7.09 -88.32 -33.45
C ALA A 419 5.67 -88.31 -32.90
N GLU A 420 5.06 -89.49 -32.75
CA GLU A 420 3.69 -89.55 -32.24
C GLU A 420 3.63 -89.06 -30.81
N VAL A 421 4.60 -89.45 -29.99
CA VAL A 421 4.61 -89.05 -28.58
C VAL A 421 4.71 -87.53 -28.47
N MET A 422 5.62 -86.94 -29.24
CA MET A 422 5.77 -85.49 -29.23
C MET A 422 4.54 -84.78 -29.80
N ASN A 423 3.90 -85.38 -30.80
CA ASN A 423 2.71 -84.78 -31.38
C ASN A 423 1.52 -84.81 -30.43
N SER A 424 1.51 -85.76 -29.48
CA SER A 424 0.39 -85.84 -28.55
C SER A 424 0.23 -84.58 -27.71
N LEU A 425 1.29 -83.80 -27.54
CA LEU A 425 1.20 -82.59 -26.74
C LEU A 425 0.67 -81.44 -27.58
N ALA A 426 -0.09 -80.57 -26.93
CA ALA A 426 -0.64 -79.38 -27.58
C ALA A 426 -0.29 -78.15 -26.76
N VAL A 427 0.25 -77.13 -27.42
CA VAL A 427 0.65 -75.92 -26.71
C VAL A 427 -0.62 -75.21 -26.23
N THR A 428 -0.76 -75.10 -24.92
CA THR A 428 -1.96 -74.54 -24.33
C THR A 428 -1.84 -73.04 -24.17
N MET A 429 -2.99 -72.39 -23.97
CA MET A 429 -2.99 -70.94 -23.79
C MET A 429 -2.14 -70.53 -22.59
N ASP A 430 -2.12 -71.35 -21.54
CA ASP A 430 -1.35 -71.01 -20.35
C ASP A 430 0.13 -70.90 -20.67
N ASP A 431 0.65 -71.81 -21.49
CA ASP A 431 2.07 -71.75 -21.85
C ASP A 431 2.38 -70.46 -22.60
N PHE A 432 1.51 -70.07 -23.54
CA PHE A 432 1.73 -68.84 -24.28
C PHE A 432 1.65 -67.65 -23.35
N ARG A 433 0.73 -67.67 -22.40
CA ARG A 433 0.61 -66.58 -21.44
C ARG A 433 1.88 -66.44 -20.61
N TRP A 434 2.43 -67.57 -20.14
CA TRP A 434 3.66 -67.49 -19.37
C TRP A 434 4.80 -66.95 -20.23
N ALA A 435 4.88 -67.41 -21.48
CA ALA A 435 5.94 -66.94 -22.36
C ALA A 435 5.81 -65.44 -22.57
N LEU A 436 4.59 -64.95 -22.78
CA LEU A 436 4.38 -63.51 -22.92
C LEU A 436 4.81 -62.79 -21.66
N SER A 437 4.53 -63.37 -20.49
CA SER A 437 5.02 -62.78 -19.25
C SER A 437 6.54 -62.75 -19.20
N GLN A 438 7.20 -63.68 -19.90
CA GLN A 438 8.65 -63.79 -19.91
C GLN A 438 9.24 -63.36 -21.26
N SER A 439 8.70 -62.29 -21.85
CA SER A 439 9.09 -61.87 -23.19
C SER A 439 10.18 -60.81 -23.22
N ASN A 440 9.98 -59.68 -22.53
CA ASN A 440 10.97 -58.61 -22.57
C ASN A 440 11.23 -58.22 -24.03
N PRO A 441 10.25 -57.59 -24.68
CA PRO A 441 10.43 -57.22 -26.09
C PRO A 441 11.59 -56.26 -26.34
N SER A 442 12.29 -56.51 -27.44
CA SER A 442 13.58 -55.88 -27.74
C SER A 442 13.37 -54.59 -28.54
N ALA A 443 12.69 -53.62 -27.93
CA ALA A 443 12.45 -52.29 -28.48
C ALA A 443 11.01 -51.85 -28.28
N LEU A 444 10.54 -51.92 -27.03
CA LEU A 444 9.22 -51.40 -26.69
C LEU A 444 9.17 -49.89 -26.88
N ARG A 445 10.26 -49.21 -26.53
CA ARG A 445 10.36 -47.76 -26.58
C ARG A 445 10.28 -47.21 -28.01
N GLU A 446 10.66 -48.00 -29.00
CA GLU A 446 10.66 -47.49 -30.37
C GLU A 446 9.27 -46.97 -30.75
N THR A 447 9.26 -45.84 -31.45
CA THR A 447 7.99 -45.21 -31.82
C THR A 447 7.19 -46.12 -32.73
N VAL A 448 5.87 -46.09 -32.56
CA VAL A 448 4.96 -46.94 -33.31
C VAL A 448 4.27 -46.13 -34.40
N VAL A 449 4.31 -46.64 -35.62
CA VAL A 449 3.62 -46.08 -36.78
C VAL A 449 2.57 -47.12 -37.15
N GLU A 450 1.33 -46.93 -36.70
CA GLU A 450 0.30 -47.92 -36.91
C GLU A 450 -1.05 -47.27 -37.19
N VAL A 451 -1.82 -47.90 -38.07
CA VAL A 451 -3.18 -47.50 -38.39
C VAL A 451 -4.04 -47.76 -37.16
N PRO A 452 -4.57 -46.72 -36.51
CA PRO A 452 -5.34 -46.95 -35.28
C PRO A 452 -6.59 -47.79 -35.56
N GLN A 453 -6.89 -48.69 -34.63
CA GLN A 453 -8.08 -49.53 -34.72
C GLN A 453 -9.33 -48.84 -34.22
N VAL A 454 -9.20 -47.66 -33.60
CA VAL A 454 -10.37 -46.95 -33.10
C VAL A 454 -11.26 -46.56 -34.27
N THR A 455 -12.56 -46.54 -34.03
CA THR A 455 -13.55 -46.21 -35.04
C THR A 455 -14.52 -45.18 -34.49
N TRP A 456 -15.30 -44.59 -35.39
CA TRP A 456 -16.26 -43.56 -34.98
C TRP A 456 -17.28 -44.13 -33.99
N GLU A 457 -17.49 -45.44 -33.98
CA GLU A 457 -18.43 -46.05 -33.04
C GLU A 457 -18.01 -45.79 -31.60
N ASP A 458 -16.70 -45.81 -31.32
CA ASP A 458 -16.25 -45.57 -29.96
C ASP A 458 -16.68 -44.20 -29.44
N ILE A 459 -16.75 -43.20 -30.32
CA ILE A 459 -17.18 -41.86 -29.94
C ILE A 459 -18.64 -41.72 -30.31
N GLY A 460 -19.48 -41.42 -29.32
CA GLY A 460 -20.91 -41.29 -29.55
C GLY A 460 -21.41 -39.90 -29.87
N GLY A 461 -21.03 -39.34 -31.00
CA GLY A 461 -21.51 -38.03 -31.32
C GLY A 461 -20.48 -37.15 -32.01
N LEU A 462 -20.43 -35.87 -31.64
CA LEU A 462 -19.48 -34.95 -32.26
C LEU A 462 -19.72 -34.93 -33.77
N GLU A 463 -21.00 -34.96 -34.15
CA GLU A 463 -21.35 -35.04 -35.56
C GLU A 463 -20.84 -33.82 -36.31
N ASP A 464 -20.99 -32.63 -35.75
CA ASP A 464 -20.42 -31.45 -36.39
C ASP A 464 -18.91 -31.55 -36.45
N VAL A 465 -18.29 -31.95 -35.32
CA VAL A 465 -16.84 -32.14 -35.29
C VAL A 465 -16.43 -33.28 -36.21
N LYS A 466 -17.20 -34.37 -36.20
CA LYS A 466 -16.88 -35.51 -37.06
C LYS A 466 -16.90 -35.10 -38.53
N ARG A 467 -17.94 -34.37 -38.93
CA ARG A 467 -18.04 -33.93 -40.33
C ARG A 467 -16.92 -32.96 -40.68
N GLU A 468 -16.60 -32.03 -39.77
CA GLU A 468 -15.53 -31.10 -40.04
C GLU A 468 -14.19 -31.82 -40.20
N LEU A 469 -13.90 -32.78 -39.32
CA LEU A 469 -12.67 -33.55 -39.44
C LEU A 469 -12.66 -34.34 -40.74
N GLN A 470 -13.79 -34.95 -41.09
CA GLN A 470 -13.88 -35.68 -42.34
C GLN A 470 -13.54 -34.75 -43.50
N GLU A 471 -14.13 -33.56 -43.49
CA GLU A 471 -13.82 -32.59 -44.53
C GLU A 471 -12.31 -32.36 -44.60
N LEU A 472 -11.78 -31.77 -43.53
CA LEU A 472 -10.39 -31.31 -43.55
C LEU A 472 -9.42 -32.40 -43.96
N VAL A 473 -9.60 -33.62 -43.45
CA VAL A 473 -8.62 -34.66 -43.75
C VAL A 473 -9.00 -35.45 -45.00
N GLN A 474 -10.16 -36.09 -44.98
CA GLN A 474 -10.53 -37.02 -46.05
C GLN A 474 -10.76 -36.32 -47.40
N TYR A 475 -11.47 -35.17 -47.42
CA TYR A 475 -11.83 -34.59 -48.71
C TYR A 475 -10.67 -34.32 -49.65
N PRO A 476 -9.53 -33.76 -49.22
CA PRO A 476 -8.44 -33.52 -50.18
C PRO A 476 -7.95 -34.77 -50.89
N VAL A 477 -7.99 -35.92 -50.24
CA VAL A 477 -7.49 -37.16 -50.83
C VAL A 477 -8.58 -37.90 -51.58
N GLU A 478 -9.78 -37.98 -51.02
CA GLU A 478 -10.83 -38.71 -51.70
C GLU A 478 -11.17 -38.01 -53.01
N HIS A 479 -11.21 -36.68 -52.99
CA HIS A 479 -11.55 -35.88 -54.17
C HIS A 479 -10.50 -34.80 -54.36
N PRO A 480 -9.25 -35.17 -54.62
CA PRO A 480 -8.21 -34.15 -54.88
C PRO A 480 -8.50 -33.33 -56.11
N ASP A 481 -9.16 -33.91 -57.12
CA ASP A 481 -9.45 -33.19 -58.34
C ASP A 481 -10.31 -31.97 -58.08
N LYS A 482 -11.33 -32.11 -57.21
CA LYS A 482 -12.21 -30.99 -56.95
C LYS A 482 -11.52 -29.89 -56.15
N PHE A 483 -10.61 -30.27 -55.26
CA PHE A 483 -9.79 -29.27 -54.58
C PHE A 483 -8.91 -28.52 -55.58
N LEU A 484 -8.32 -29.24 -56.54
CA LEU A 484 -7.50 -28.60 -57.55
C LEU A 484 -8.31 -27.70 -58.47
N LYS A 485 -9.56 -28.06 -58.76
CA LYS A 485 -10.39 -27.28 -59.66
C LYS A 485 -10.62 -25.87 -59.15
N PHE A 486 -10.91 -25.72 -57.86
CA PHE A 486 -11.18 -24.41 -57.28
C PHE A 486 -9.91 -23.68 -56.86
N GLY A 487 -8.74 -24.28 -57.05
CA GLY A 487 -7.48 -23.64 -56.68
C GLY A 487 -7.38 -23.33 -55.21
N MET A 488 -7.84 -24.25 -54.36
CA MET A 488 -7.81 -24.10 -52.91
C MET A 488 -6.89 -25.15 -52.32
N THR A 489 -5.97 -24.74 -51.45
CA THR A 489 -5.09 -25.70 -50.80
C THR A 489 -5.69 -26.02 -49.44
N PRO A 490 -6.08 -27.27 -49.19
CA PRO A 490 -6.68 -27.62 -47.89
C PRO A 490 -5.71 -27.44 -46.74
N SER A 491 -6.25 -27.01 -45.60
CA SER A 491 -5.46 -26.86 -44.40
C SER A 491 -4.91 -28.21 -43.97
N LYS A 492 -3.63 -28.24 -43.57
CA LYS A 492 -3.00 -29.46 -43.12
C LYS A 492 -2.72 -29.45 -41.62
N GLY A 493 -3.46 -28.64 -40.85
CA GLY A 493 -3.31 -28.59 -39.42
C GLY A 493 -4.62 -28.31 -38.70
N VAL A 494 -4.91 -29.08 -37.65
CA VAL A 494 -6.12 -28.91 -36.86
C VAL A 494 -5.74 -28.97 -35.39
N LEU A 495 -6.26 -28.05 -34.59
CA LEU A 495 -5.96 -27.98 -33.17
C LEU A 495 -7.22 -28.23 -32.35
N PHE A 496 -7.28 -29.38 -31.69
CA PHE A 496 -8.39 -29.70 -30.79
C PHE A 496 -8.18 -29.04 -29.44
N TYR A 497 -9.19 -28.32 -28.96
CA TYR A 497 -9.18 -27.71 -27.64
C TYR A 497 -10.45 -28.10 -26.91
N GLY A 498 -10.31 -28.41 -25.62
CA GLY A 498 -11.42 -28.82 -24.81
C GLY A 498 -11.00 -29.35 -23.46
N PRO A 499 -11.97 -29.66 -22.59
CA PRO A 499 -11.63 -30.16 -21.26
C PRO A 499 -11.01 -31.55 -21.33
N PRO A 500 -10.20 -31.92 -20.34
CA PRO A 500 -9.55 -33.22 -20.37
C PRO A 500 -10.57 -34.35 -20.36
N GLY A 501 -10.20 -35.47 -20.99
CA GLY A 501 -11.03 -36.64 -20.96
C GLY A 501 -12.23 -36.65 -21.87
N CYS A 502 -12.31 -35.73 -22.83
CA CYS A 502 -13.46 -35.68 -23.71
C CYS A 502 -13.30 -36.49 -25.00
N GLY A 503 -12.13 -37.06 -25.24
CA GLY A 503 -11.92 -37.89 -26.41
C GLY A 503 -11.17 -37.27 -27.58
N LYS A 504 -10.31 -36.28 -27.34
CA LYS A 504 -9.57 -35.69 -28.44
C LYS A 504 -8.60 -36.69 -29.06
N THR A 505 -7.87 -37.45 -28.23
CA THR A 505 -6.98 -38.47 -28.76
C THR A 505 -7.76 -39.52 -29.52
N LEU A 506 -8.89 -39.95 -28.95
CA LEU A 506 -9.74 -40.93 -29.63
C LEU A 506 -10.28 -40.38 -30.93
N LEU A 507 -10.67 -39.10 -30.95
CA LEU A 507 -11.16 -38.50 -32.19
C LEU A 507 -10.08 -38.50 -33.26
N ALA A 508 -8.85 -38.16 -32.87
CA ALA A 508 -7.75 -38.18 -33.84
C ALA A 508 -7.52 -39.59 -34.37
N LYS A 509 -7.56 -40.58 -33.47
CA LYS A 509 -7.39 -41.97 -33.91
C LYS A 509 -8.50 -42.38 -34.86
N ALA A 510 -9.74 -41.98 -34.56
CA ALA A 510 -10.86 -42.33 -35.42
C ALA A 510 -10.72 -41.71 -36.79
N ILE A 511 -10.34 -40.43 -36.85
CA ILE A 511 -10.19 -39.78 -38.14
C ILE A 511 -9.06 -40.42 -38.94
N ALA A 512 -7.98 -40.81 -38.26
CA ALA A 512 -6.91 -41.52 -38.95
C ALA A 512 -7.41 -42.86 -39.49
N ASN A 513 -8.22 -43.56 -38.70
CA ASN A 513 -8.73 -44.87 -39.10
C ASN A 513 -9.65 -44.76 -40.32
N GLU A 514 -10.49 -43.73 -40.34
CA GLU A 514 -11.42 -43.57 -41.47
C GLU A 514 -10.67 -43.40 -42.77
N CYS A 515 -9.59 -42.61 -42.77
CA CYS A 515 -8.78 -42.43 -43.95
C CYS A 515 -7.79 -43.57 -44.18
N GLN A 516 -7.72 -44.53 -43.24
CA GLN A 516 -6.78 -45.64 -43.35
C GLN A 516 -5.35 -45.17 -43.53
N ALA A 517 -4.97 -44.14 -42.76
CA ALA A 517 -3.64 -43.57 -42.80
C ALA A 517 -2.92 -43.83 -41.48
N ASN A 518 -1.60 -43.98 -41.56
CA ASN A 518 -0.81 -44.26 -40.38
C ASN A 518 -0.98 -43.13 -39.36
N PHE A 519 -0.96 -43.49 -38.08
CA PHE A 519 -1.13 -42.53 -37.00
C PHE A 519 0.10 -42.52 -36.10
N ILE A 520 0.65 -41.33 -35.90
CA ILE A 520 1.80 -41.12 -35.03
C ILE A 520 1.36 -40.17 -33.93
N SER A 521 1.56 -40.58 -32.67
CA SER A 521 1.13 -39.77 -31.53
C SER A 521 2.35 -39.34 -30.73
N ILE A 522 2.50 -38.02 -30.55
CA ILE A 522 3.58 -37.46 -29.76
C ILE A 522 3.00 -36.93 -28.46
N LYS A 523 3.01 -37.74 -27.40
CA LYS A 523 2.44 -37.29 -26.15
C LYS A 523 3.31 -36.22 -25.52
N GLY A 524 2.74 -35.57 -24.48
CA GLY A 524 3.41 -34.52 -23.76
C GLY A 524 4.71 -34.91 -23.10
N PRO A 525 4.82 -36.10 -22.52
CA PRO A 525 6.10 -36.48 -21.93
C PRO A 525 7.26 -36.39 -22.92
N GLU A 526 7.04 -36.77 -24.19
CA GLU A 526 8.12 -36.69 -25.17
C GLU A 526 8.54 -35.25 -25.40
N LEU A 527 7.58 -34.33 -25.53
CA LEU A 527 7.90 -32.92 -25.72
C LEU A 527 8.63 -32.37 -24.50
N LEU A 528 8.18 -32.74 -23.30
CA LEU A 528 8.84 -32.27 -22.10
C LEU A 528 10.26 -32.81 -22.01
N THR A 529 10.47 -34.05 -22.45
CA THR A 529 11.83 -34.60 -22.46
C THR A 529 12.71 -33.84 -23.43
N MET A 530 12.20 -33.52 -24.61
CA MET A 530 12.99 -32.75 -25.58
C MET A 530 13.30 -31.36 -25.04
N TRP A 531 12.36 -30.77 -24.30
CA TRP A 531 12.57 -29.42 -23.77
C TRP A 531 13.57 -29.42 -22.63
N PHE A 532 13.42 -30.35 -21.68
CA PHE A 532 14.35 -30.41 -20.55
C PHE A 532 15.75 -30.75 -21.01
N GLY A 533 15.87 -31.69 -21.95
CA GLY A 533 17.16 -32.09 -22.46
C GLY A 533 17.78 -31.14 -23.46
N GLU A 534 17.05 -30.10 -23.85
CA GLU A 534 17.53 -29.14 -24.84
C GLU A 534 17.93 -29.84 -26.14
N SER A 535 17.15 -30.85 -26.51
CA SER A 535 17.37 -31.63 -27.73
C SER A 535 16.13 -31.54 -28.61
N GLU A 536 16.02 -30.47 -29.39
CA GLU A 536 14.90 -30.29 -30.29
C GLU A 536 15.14 -30.87 -31.68
N ALA A 537 16.34 -31.40 -31.96
CA ALA A 537 16.54 -32.04 -33.26
C ALA A 537 15.68 -33.29 -33.40
N ASN A 538 15.13 -33.78 -32.29
CA ASN A 538 14.26 -34.94 -32.35
C ASN A 538 12.99 -34.59 -33.11
N VAL A 539 12.61 -33.31 -33.11
CA VAL A 539 11.45 -32.90 -33.88
C VAL A 539 11.69 -33.14 -35.36
N ARG A 540 12.92 -32.85 -35.82
CA ARG A 540 13.26 -33.13 -37.21
C ARG A 540 13.13 -34.62 -37.49
N GLU A 541 13.64 -35.45 -36.58
CA GLU A 541 13.54 -36.89 -36.81
C GLU A 541 12.09 -37.36 -36.81
N ILE A 542 11.27 -36.83 -35.91
CA ILE A 542 9.86 -37.20 -35.83
C ILE A 542 9.14 -36.82 -37.11
N PHE A 543 9.39 -35.61 -37.62
CA PHE A 543 8.74 -35.19 -38.86
C PHE A 543 9.21 -36.03 -40.04
N ASP A 544 10.50 -36.39 -40.09
CA ASP A 544 10.97 -37.26 -41.16
C ASP A 544 10.29 -38.62 -41.10
N LYS A 545 10.14 -39.17 -39.90
CA LYS A 545 9.45 -40.44 -39.75
C LYS A 545 8.00 -40.35 -40.21
N ALA A 546 7.32 -39.25 -39.84
CA ALA A 546 5.95 -39.06 -40.28
C ALA A 546 5.89 -38.95 -41.80
N ARG A 547 6.86 -38.26 -42.40
CA ARG A 547 6.91 -38.12 -43.85
C ARG A 547 7.08 -39.47 -44.53
N GLN A 548 7.94 -40.33 -43.98
CA GLN A 548 8.15 -41.64 -44.59
C GLN A 548 6.89 -42.49 -44.55
N ALA A 549 6.14 -42.43 -43.45
CA ALA A 549 4.93 -43.24 -43.30
C ALA A 549 3.71 -42.45 -43.77
N ALA A 550 3.64 -42.25 -45.08
CA ALA A 550 2.52 -41.49 -45.64
C ALA A 550 1.56 -42.43 -46.34
N PRO A 551 0.24 -42.24 -46.18
CA PRO A 551 -0.45 -41.15 -45.48
C PRO A 551 -0.41 -41.32 -43.96
N CYS A 552 -0.18 -40.24 -43.23
CA CYS A 552 -0.07 -40.30 -41.79
C CYS A 552 -0.77 -39.11 -41.17
N VAL A 553 -1.14 -39.26 -39.91
CA VAL A 553 -1.78 -38.21 -39.12
C VAL A 553 -0.86 -37.95 -37.93
N LEU A 554 0.01 -36.97 -38.05
CA LEU A 554 0.94 -36.63 -36.98
C LEU A 554 0.19 -35.85 -35.91
N PHE A 555 -0.07 -36.48 -34.77
CA PHE A 555 -0.84 -35.89 -33.68
C PHE A 555 0.10 -35.49 -32.55
N PHE A 556 0.01 -34.23 -32.15
CA PHE A 556 0.83 -33.70 -31.05
C PHE A 556 -0.12 -33.58 -29.85
N ASP A 557 -0.24 -34.67 -29.10
CA ASP A 557 -1.14 -34.70 -27.95
C ASP A 557 -0.63 -33.80 -26.83
N GLU A 558 -1.56 -33.05 -26.23
CA GLU A 558 -1.24 -32.19 -25.10
C GLU A 558 -0.01 -31.32 -25.38
N LEU A 559 -0.12 -30.58 -26.49
CA LEU A 559 0.93 -29.68 -26.96
C LEU A 559 1.23 -28.52 -26.00
N ASP A 560 0.34 -28.22 -25.07
CA ASP A 560 0.54 -27.11 -24.14
C ASP A 560 1.40 -27.48 -22.93
N SER A 561 1.96 -28.69 -22.92
CA SER A 561 2.71 -29.15 -21.75
C SER A 561 3.90 -28.24 -21.44
N ILE A 562 4.63 -27.81 -22.47
CA ILE A 562 5.80 -26.96 -22.23
C ILE A 562 5.40 -25.63 -21.62
N ALA A 563 4.30 -25.04 -22.09
CA ALA A 563 3.85 -23.77 -21.53
C ALA A 563 3.48 -23.95 -20.06
N LYS A 564 2.80 -25.05 -19.73
CA LYS A 564 2.47 -25.31 -18.33
C LYS A 564 3.74 -25.49 -17.50
N ALA A 565 4.73 -26.20 -18.06
CA ALA A 565 5.98 -26.43 -17.35
C ALA A 565 6.68 -25.11 -17.04
N ARG A 566 6.59 -24.15 -17.96
CA ARG A 566 7.22 -22.85 -17.71
C ARG A 566 6.34 -21.93 -16.89
N GLY A 567 5.09 -22.29 -16.63
CA GLY A 567 4.18 -21.45 -15.88
C GLY A 567 2.76 -21.51 -16.41
N GLY A 568 2.21 -20.35 -16.74
CA GLY A 568 0.87 -20.25 -17.27
C GLY A 568 0.12 -19.05 -16.73
N ASN A 569 0.34 -18.71 -15.46
CA ASN A 569 -0.24 -17.50 -14.88
C ASN A 569 0.75 -16.35 -14.91
N ILE A 570 1.98 -16.59 -14.45
CA ILE A 570 3.08 -15.65 -14.58
C ILE A 570 4.14 -16.18 -15.53
N GLY A 571 4.56 -17.43 -15.32
CA GLY A 571 5.53 -18.12 -16.14
C GLY A 571 6.91 -17.48 -16.10
N ASP A 572 7.67 -17.75 -17.16
CA ASP A 572 8.98 -17.16 -17.33
C ASP A 572 8.84 -15.68 -17.72
N GLY A 573 9.97 -14.97 -17.65
CA GLY A 573 9.98 -13.58 -18.05
C GLY A 573 9.75 -13.41 -19.54
N GLY A 574 10.16 -14.39 -20.34
CA GLY A 574 10.00 -14.31 -21.78
C GLY A 574 8.58 -14.60 -22.21
N GLY A 575 8.38 -14.56 -23.52
CA GLY A 575 7.07 -14.81 -24.10
C GLY A 575 6.74 -16.29 -24.20
N ALA A 576 5.74 -16.59 -25.02
CA ALA A 576 5.26 -17.96 -25.18
C ALA A 576 6.22 -18.82 -26.00
N ALA A 577 7.14 -18.21 -26.76
CA ALA A 577 8.04 -18.98 -27.60
C ALA A 577 8.96 -19.86 -26.76
N ASP A 578 9.15 -21.10 -27.22
CA ASP A 578 10.03 -22.06 -26.57
C ASP A 578 10.74 -22.86 -27.66
N ARG A 579 11.79 -23.58 -27.26
CA ARG A 579 12.62 -24.28 -28.23
C ARG A 579 11.83 -25.34 -29.00
N VAL A 580 11.07 -26.18 -28.28
CA VAL A 580 10.38 -27.28 -28.93
C VAL A 580 9.29 -26.78 -29.87
N ILE A 581 8.49 -25.81 -29.42
CA ILE A 581 7.44 -25.27 -30.30
C ILE A 581 8.06 -24.57 -31.50
N ASN A 582 9.18 -23.87 -31.29
CA ASN A 582 9.84 -23.22 -32.43
C ASN A 582 10.31 -24.25 -33.45
N GLN A 583 10.87 -25.36 -32.99
CA GLN A 583 11.29 -26.41 -33.92
C GLN A 583 10.10 -27.01 -34.64
N ILE A 584 8.99 -27.21 -33.91
CA ILE A 584 7.79 -27.74 -34.54
C ILE A 584 7.28 -26.78 -35.61
N LEU A 585 7.29 -25.49 -35.32
CA LEU A 585 6.89 -24.50 -36.32
C LEU A 585 7.81 -24.53 -37.52
N THR A 586 9.12 -24.65 -37.30
CA THR A 586 10.05 -24.69 -38.42
C THR A 586 9.78 -25.92 -39.29
N GLU A 587 9.52 -27.06 -38.66
CA GLU A 587 9.26 -28.27 -39.43
C GLU A 587 7.95 -28.15 -40.19
N MET A 588 6.91 -27.58 -39.57
CA MET A 588 5.64 -27.38 -40.25
C MET A 588 5.80 -26.42 -41.42
N ASP A 589 6.53 -25.32 -41.22
CA ASP A 589 6.76 -24.39 -42.31
C ASP A 589 7.51 -25.06 -43.46
N GLY A 590 8.42 -25.97 -43.13
CA GLY A 590 9.17 -26.68 -44.13
C GLY A 590 8.44 -27.91 -44.61
N MET A 591 7.25 -28.14 -44.05
CA MET A 591 6.41 -29.28 -44.38
C MET A 591 5.45 -28.85 -45.49
N SER A 592 4.34 -29.57 -45.66
CA SER A 592 3.36 -29.30 -46.69
C SER A 592 3.88 -29.78 -48.03
N THR A 593 5.20 -29.94 -48.16
CA THR A 593 5.76 -30.44 -49.40
C THR A 593 5.29 -31.86 -49.65
N LYS A 594 5.24 -32.65 -48.58
CA LYS A 594 4.91 -34.07 -48.65
C LYS A 594 3.47 -34.30 -49.08
N LYS A 595 2.56 -33.37 -48.78
CA LYS A 595 1.18 -33.47 -49.25
C LYS A 595 0.43 -34.58 -48.56
N ASN A 596 1.06 -35.31 -47.64
CA ASN A 596 0.40 -36.41 -46.95
C ASN A 596 0.33 -36.26 -45.44
N VAL A 597 1.39 -35.77 -44.80
CA VAL A 597 1.35 -35.65 -43.34
C VAL A 597 0.35 -34.58 -42.94
N PHE A 598 -0.47 -34.90 -41.94
CA PHE A 598 -1.50 -34.01 -41.42
C PHE A 598 -1.26 -33.84 -39.93
N ILE A 599 -1.09 -32.60 -39.48
CA ILE A 599 -0.78 -32.31 -38.09
C ILE A 599 -2.06 -32.03 -37.32
N ILE A 600 -2.26 -32.75 -36.21
CA ILE A 600 -3.39 -32.58 -35.32
C ILE A 600 -2.84 -32.26 -33.94
N GLY A 601 -3.32 -31.18 -33.35
CA GLY A 601 -2.88 -30.76 -32.03
C GLY A 601 -4.03 -30.74 -31.03
N ALA A 602 -3.76 -31.27 -29.84
CA ALA A 602 -4.73 -31.31 -28.75
C ALA A 602 -4.16 -30.55 -27.57
N THR A 603 -4.96 -29.67 -26.97
CA THR A 603 -4.50 -28.87 -25.85
C THR A 603 -5.67 -28.58 -24.91
N ASN A 604 -5.44 -28.80 -23.62
CA ASN A 604 -6.44 -28.49 -22.61
C ASN A 604 -6.35 -27.07 -22.09
N ARG A 605 -5.33 -26.32 -22.50
CA ARG A 605 -5.14 -24.93 -22.07
C ARG A 605 -4.88 -24.07 -23.30
N PRO A 606 -5.93 -23.78 -24.07
CA PRO A 606 -5.75 -22.97 -25.29
C PRO A 606 -5.24 -21.57 -25.01
N ASP A 607 -5.52 -21.02 -23.83
CA ASP A 607 -5.07 -19.66 -23.52
C ASP A 607 -3.56 -19.54 -23.51
N ILE A 608 -2.85 -20.55 -22.98
CA ILE A 608 -1.40 -20.47 -22.88
C ILE A 608 -0.67 -20.97 -24.13
N ILE A 609 -1.38 -21.53 -25.11
CA ILE A 609 -0.71 -22.01 -26.31
C ILE A 609 -0.11 -20.84 -27.07
N ASP A 610 1.03 -21.09 -27.69
CA ASP A 610 1.71 -20.02 -28.43
C ASP A 610 0.83 -19.56 -29.58
N PRO A 611 0.64 -18.25 -29.76
CA PRO A 611 -0.19 -17.78 -30.89
C PRO A 611 0.37 -18.15 -32.25
N ALA A 612 1.70 -18.26 -32.38
CA ALA A 612 2.29 -18.59 -33.67
C ALA A 612 1.81 -19.93 -34.18
N ILE A 613 1.41 -20.83 -33.26
CA ILE A 613 0.89 -22.14 -33.66
C ILE A 613 -0.38 -22.00 -34.49
N LEU A 614 -1.16 -20.93 -34.27
CA LEU A 614 -2.45 -20.77 -34.93
C LEU A 614 -2.39 -19.93 -36.20
N ARG A 615 -1.21 -19.46 -36.61
CA ARG A 615 -1.11 -18.65 -37.80
C ARG A 615 -1.37 -19.52 -39.04
N PRO A 616 -1.76 -18.90 -40.16
CA PRO A 616 -2.03 -19.69 -41.37
C PRO A 616 -0.79 -20.47 -41.78
N GLY A 617 -1.02 -21.67 -42.31
CA GLY A 617 0.05 -22.60 -42.61
C GLY A 617 0.42 -23.48 -41.44
N ARG A 618 -0.16 -23.23 -40.27
CA ARG A 618 0.02 -23.98 -39.04
C ARG A 618 -1.33 -24.54 -38.62
N LEU A 619 -1.44 -24.97 -37.35
CA LEU A 619 -2.69 -25.52 -36.86
C LEU A 619 -3.69 -24.39 -36.67
N ASP A 620 -4.23 -23.90 -37.79
CA ASP A 620 -5.16 -22.77 -37.77
C ASP A 620 -6.59 -23.21 -37.51
N GLN A 621 -6.99 -24.36 -38.04
CA GLN A 621 -8.37 -24.84 -37.86
C GLN A 621 -8.54 -25.29 -36.42
N LEU A 622 -9.11 -24.41 -35.59
CA LEU A 622 -9.37 -24.72 -34.19
C LEU A 622 -10.72 -25.41 -34.07
N ILE A 623 -10.72 -26.58 -33.44
CA ILE A 623 -11.94 -27.37 -33.23
C ILE A 623 -12.13 -27.54 -31.73
N TYR A 624 -13.32 -27.23 -31.25
CA TYR A 624 -13.65 -27.34 -29.83
C TYR A 624 -14.38 -28.65 -29.57
N ILE A 625 -13.87 -29.43 -28.62
CA ILE A 625 -14.48 -30.69 -28.24
C ILE A 625 -15.22 -30.46 -26.92
N PRO A 626 -16.54 -30.42 -26.91
CA PRO A 626 -17.28 -30.18 -25.67
C PRO A 626 -17.49 -31.46 -24.88
N LEU A 627 -17.99 -31.29 -23.66
CA LEU A 627 -18.29 -32.44 -22.83
C LEU A 627 -19.34 -33.31 -23.52
N PRO A 628 -19.23 -34.63 -23.43
CA PRO A 628 -20.16 -35.48 -24.15
C PRO A 628 -21.60 -35.24 -23.72
N ASP A 629 -22.50 -35.26 -24.70
CA ASP A 629 -23.93 -35.10 -24.43
C ASP A 629 -24.50 -36.39 -23.86
N GLU A 630 -25.82 -36.40 -23.65
CA GLU A 630 -26.48 -37.58 -23.11
C GLU A 630 -26.31 -38.77 -24.05
N LYS A 631 -26.57 -38.55 -25.34
CA LYS A 631 -26.38 -39.60 -26.33
C LYS A 631 -24.91 -39.97 -26.44
N SER A 632 -24.04 -38.97 -26.41
CA SER A 632 -22.60 -39.23 -26.46
C SER A 632 -22.17 -40.01 -25.23
N ARG A 633 -22.73 -39.65 -24.07
CA ARG A 633 -22.41 -40.37 -22.84
C ARG A 633 -22.86 -41.82 -22.93
N VAL A 634 -24.03 -42.06 -23.52
CA VAL A 634 -24.50 -43.44 -23.68
C VAL A 634 -23.52 -44.22 -24.55
N ALA A 635 -23.09 -43.61 -25.65
CA ALA A 635 -22.14 -44.28 -26.54
C ALA A 635 -20.82 -44.56 -25.83
N ILE A 636 -20.33 -43.60 -25.03
CA ILE A 636 -19.08 -43.80 -24.31
C ILE A 636 -19.21 -44.95 -23.32
N LEU A 637 -20.34 -45.00 -22.62
CA LEU A 637 -20.55 -46.09 -21.66
C LEU A 637 -20.59 -47.43 -22.39
N LYS A 638 -21.27 -47.48 -23.54
CA LYS A 638 -21.32 -48.74 -24.30
C LYS A 638 -19.94 -49.16 -24.75
N ALA A 639 -19.14 -48.21 -25.24
CA ALA A 639 -17.79 -48.54 -25.70
C ALA A 639 -16.93 -49.04 -24.55
N ASN A 640 -17.01 -48.39 -23.39
CA ASN A 640 -16.22 -48.83 -22.24
C ASN A 640 -16.65 -50.20 -21.75
N LEU A 641 -17.95 -50.52 -21.83
CA LEU A 641 -18.49 -51.75 -21.30
C LEU A 641 -18.71 -52.83 -22.37
N ARG A 642 -18.21 -52.61 -23.59
CA ARG A 642 -18.42 -53.60 -24.63
C ARG A 642 -17.78 -54.93 -24.28
N LYS A 643 -16.55 -54.91 -23.79
CA LYS A 643 -15.84 -56.14 -23.46
C LYS A 643 -16.39 -56.79 -22.20
N SER A 644 -16.72 -55.99 -21.19
CA SER A 644 -17.18 -56.55 -19.93
C SER A 644 -18.58 -57.16 -20.06
N PRO A 645 -18.84 -58.27 -19.38
CA PRO A 645 -20.19 -58.86 -19.39
C PRO A 645 -21.16 -58.02 -18.59
N VAL A 646 -22.06 -57.32 -19.26
CA VAL A 646 -23.01 -56.43 -18.60
C VAL A 646 -24.42 -57.02 -18.75
N ALA A 647 -25.09 -57.19 -17.61
CA ALA A 647 -26.44 -57.73 -17.61
C ALA A 647 -27.40 -56.75 -18.27
N LYS A 648 -28.35 -57.29 -19.04
CA LYS A 648 -29.33 -56.45 -19.72
C LYS A 648 -30.21 -55.69 -18.73
N ASP A 649 -30.27 -56.14 -17.48
CA ASP A 649 -31.12 -55.47 -16.49
C ASP A 649 -30.65 -54.03 -16.26
N VAL A 650 -29.34 -53.81 -16.18
CA VAL A 650 -28.80 -52.48 -15.93
C VAL A 650 -29.03 -51.62 -17.17
N ASP A 651 -29.89 -50.61 -17.05
CA ASP A 651 -30.19 -49.70 -18.14
C ASP A 651 -29.05 -48.69 -18.30
N LEU A 652 -28.48 -48.62 -19.51
CA LEU A 652 -27.36 -47.72 -19.75
C LEU A 652 -27.80 -46.31 -20.10
N GLU A 653 -28.93 -46.16 -20.80
CA GLU A 653 -29.41 -44.83 -21.15
C GLU A 653 -29.73 -44.03 -19.89
N PHE A 654 -30.34 -44.68 -18.90
CA PHE A 654 -30.65 -44.00 -17.66
C PHE A 654 -29.39 -43.54 -16.96
N LEU A 655 -28.37 -44.39 -16.93
CA LEU A 655 -27.10 -44.00 -16.30
C LEU A 655 -26.46 -42.83 -17.04
N ALA A 656 -26.47 -42.86 -18.37
CA ALA A 656 -25.87 -41.76 -19.13
C ALA A 656 -26.60 -40.46 -18.87
N LYS A 657 -27.94 -40.52 -18.84
CA LYS A 657 -28.74 -39.32 -18.62
C LYS A 657 -28.55 -38.80 -17.21
N MET A 658 -28.39 -39.72 -16.25
CA MET A 658 -28.21 -39.36 -14.85
C MET A 658 -26.94 -38.53 -14.69
N THR A 659 -25.87 -38.90 -15.40
CA THR A 659 -24.60 -38.19 -15.34
C THR A 659 -24.74 -36.86 -16.09
N ASN A 660 -25.04 -35.80 -15.36
CA ASN A 660 -25.34 -34.51 -16.00
C ASN A 660 -24.14 -33.96 -16.76
N GLY A 661 -22.96 -33.94 -16.14
CA GLY A 661 -21.77 -33.39 -16.78
C GLY A 661 -20.52 -34.24 -16.69
N PHE A 662 -20.66 -35.56 -16.61
CA PHE A 662 -19.49 -36.41 -16.54
C PHE A 662 -18.72 -36.41 -17.85
N SER A 663 -17.40 -36.34 -17.76
CA SER A 663 -16.52 -36.42 -18.89
C SER A 663 -16.30 -37.88 -19.29
N GLY A 664 -15.69 -38.07 -20.46
CA GLY A 664 -15.40 -39.42 -20.89
C GLY A 664 -14.55 -40.16 -19.88
N ALA A 665 -13.57 -39.47 -19.30
CA ALA A 665 -12.73 -40.10 -18.28
C ALA A 665 -13.56 -40.47 -17.06
N ASP A 666 -14.51 -39.62 -16.67
CA ASP A 666 -15.34 -39.92 -15.51
C ASP A 666 -16.19 -41.16 -15.77
N LEU A 667 -16.77 -41.26 -16.97
CA LEU A 667 -17.56 -42.44 -17.30
C LEU A 667 -16.69 -43.69 -17.31
N THR A 668 -15.48 -43.57 -17.85
CA THR A 668 -14.56 -44.70 -17.83
C THR A 668 -14.24 -45.12 -16.40
N GLU A 669 -14.02 -44.15 -15.52
CA GLU A 669 -13.74 -44.47 -14.12
C GLU A 669 -14.92 -45.17 -13.48
N ILE A 670 -16.14 -44.72 -13.76
CA ILE A 670 -17.32 -45.37 -13.19
C ILE A 670 -17.41 -46.82 -13.66
N CYS A 671 -17.19 -47.04 -14.96
CA CYS A 671 -17.25 -48.40 -15.48
C CYS A 671 -16.17 -49.28 -14.87
N GLN A 672 -14.95 -48.75 -14.74
CA GLN A 672 -13.86 -49.51 -14.16
C GLN A 672 -14.14 -49.85 -12.70
N ARG A 673 -14.70 -48.90 -11.96
CA ARG A 673 -15.03 -49.16 -10.56
C ARG A 673 -16.11 -50.22 -10.44
N ALA A 674 -17.11 -50.18 -11.33
CA ALA A 674 -18.14 -51.21 -11.30
C ALA A 674 -17.54 -52.58 -11.59
N CYS A 675 -16.66 -52.66 -12.59
CA CYS A 675 -16.01 -53.92 -12.91
C CYS A 675 -15.16 -54.41 -11.74
N LYS A 676 -14.46 -53.49 -11.07
CA LYS A 676 -13.64 -53.87 -9.92
C LYS A 676 -14.50 -54.40 -8.80
N LEU A 677 -15.64 -53.77 -8.54
CA LEU A 677 -16.54 -54.25 -7.50
C LEU A 677 -17.05 -55.65 -7.83
N ALA A 678 -17.42 -55.86 -9.10
CA ALA A 678 -17.89 -57.18 -9.50
C ALA A 678 -16.80 -58.23 -9.35
N ILE A 679 -15.58 -57.89 -9.74
CA ILE A 679 -14.46 -58.84 -9.64
C ILE A 679 -14.19 -59.18 -8.19
N ARG A 680 -14.18 -58.18 -7.30
CA ARG A 680 -13.93 -58.46 -5.89
C ARG A 680 -15.02 -59.34 -5.30
N GLU A 681 -16.29 -59.03 -5.62
CA GLU A 681 -17.38 -59.84 -5.10
C GLU A 681 -17.28 -61.27 -5.59
N SER A 682 -16.99 -61.46 -6.88
CA SER A 682 -16.87 -62.82 -7.41
C SER A 682 -15.74 -63.58 -6.76
N ILE A 683 -14.59 -62.93 -6.59
CA ILE A 683 -13.44 -63.59 -5.97
C ILE A 683 -13.77 -63.99 -4.55
N GLU A 684 -14.32 -63.06 -3.77
CA GLU A 684 -14.63 -63.35 -2.37
C GLU A 684 -15.64 -64.48 -2.25
N SER A 685 -16.71 -64.41 -3.04
CA SER A 685 -17.73 -65.46 -3.02
C SER A 685 -17.18 -66.84 -3.39
N GLU A 686 -16.47 -66.97 -4.52
CA GLU A 686 -15.96 -68.30 -4.86
C GLU A 686 -14.95 -68.78 -3.84
N ILE A 687 -14.18 -67.86 -3.24
CA ILE A 687 -13.23 -68.26 -2.19
C ILE A 687 -13.98 -68.84 -1.00
N ARG A 688 -15.04 -68.17 -0.56
CA ARG A 688 -15.80 -68.71 0.57
C ARG A 688 -16.39 -70.07 0.20
N ARG A 689 -16.95 -70.15 -1.01
CA ARG A 689 -17.60 -71.38 -1.44
C ARG A 689 -16.58 -72.52 -1.45
N GLU A 690 -15.33 -72.19 -1.77
CA GLU A 690 -14.30 -73.22 -1.70
C GLU A 690 -14.03 -73.59 -0.25
N ARG A 691 -14.15 -72.64 0.70
CA ARG A 691 -13.95 -73.08 2.07
C ARG A 691 -15.01 -74.06 2.45
N GLU A 692 -16.22 -73.75 2.01
CA GLU A 692 -17.37 -74.53 2.40
C GLU A 692 -17.15 -75.95 1.96
N ARG A 693 -16.65 -76.12 0.75
CA ARG A 693 -16.38 -77.48 0.33
C ARG A 693 -15.22 -78.11 1.15
N GLN A 694 -14.13 -77.36 1.46
CA GLN A 694 -13.05 -77.89 2.28
C GLN A 694 -13.48 -78.15 3.71
N THR A 695 -14.25 -77.24 4.30
CA THR A 695 -14.72 -77.43 5.68
C THR A 695 -15.69 -78.59 5.77
N ASN A 696 -16.67 -78.64 4.86
CA ASN A 696 -17.71 -79.65 4.86
C ASN A 696 -17.69 -80.38 3.52
N PRO A 697 -16.78 -81.35 3.35
CA PRO A 697 -16.76 -82.12 2.09
C PRO A 697 -18.11 -82.72 1.72
N SER A 698 -18.73 -82.20 0.65
CA SER A 698 -20.01 -82.70 0.17
C SER A 698 -19.84 -84.08 -0.47
N ALA A 699 -20.84 -84.95 -0.31
CA ALA A 699 -20.74 -86.30 -0.83
C ALA A 699 -20.78 -86.33 -2.36
N MET A 700 -21.53 -85.42 -2.97
CA MET A 700 -21.62 -85.35 -4.42
C MET A 700 -21.17 -83.99 -4.92
N GLU A 701 -20.20 -83.98 -5.84
CA GLU A 701 -19.69 -82.72 -6.35
C GLU A 701 -20.62 -82.15 -7.42
N VAL A 702 -21.19 -80.98 -7.16
CA VAL A 702 -22.07 -80.34 -8.13
C VAL A 702 -21.90 -78.82 -8.15
N GLU A 703 -20.89 -78.34 -8.87
CA GLU A 703 -20.63 -76.91 -8.94
C GLU A 703 -21.81 -76.16 -9.55
N GLU A 704 -22.24 -75.07 -8.92
CA GLU A 704 -23.38 -74.28 -9.40
C GLU A 704 -22.90 -73.21 -10.37
N ASP A 705 -21.65 -73.29 -10.80
CA ASP A 705 -21.08 -72.35 -11.77
C ASP A 705 -20.66 -71.07 -11.06
N ASP A 706 -20.70 -69.92 -11.74
CA ASP A 706 -20.26 -68.68 -11.10
C ASP A 706 -21.40 -67.97 -10.37
N PRO A 707 -21.20 -67.58 -9.12
CA PRO A 707 -22.23 -66.85 -8.37
C PRO A 707 -22.53 -65.48 -8.95
N VAL A 708 -21.58 -64.86 -9.64
CA VAL A 708 -21.77 -63.59 -10.33
C VAL A 708 -21.18 -63.68 -11.73
N PRO A 709 -21.97 -64.09 -12.72
CA PRO A 709 -21.45 -64.29 -14.08
C PRO A 709 -21.36 -63.01 -14.91
N GLU A 710 -22.09 -61.96 -14.53
CA GLU A 710 -22.10 -60.72 -15.29
C GLU A 710 -22.37 -59.56 -14.34
N ILE A 711 -22.03 -58.35 -14.80
CA ILE A 711 -22.18 -57.13 -13.99
C ILE A 711 -23.66 -56.79 -13.85
N ARG A 712 -24.10 -56.56 -12.61
CA ARG A 712 -25.51 -56.39 -12.29
C ARG A 712 -25.81 -54.93 -11.91
N ARG A 713 -27.10 -54.67 -11.66
CA ARG A 713 -27.52 -53.33 -11.26
C ARG A 713 -26.87 -52.87 -9.94
N ASP A 714 -26.76 -53.76 -8.95
CA ASP A 714 -26.20 -53.34 -7.66
C ASP A 714 -24.73 -52.93 -7.79
N HIS A 715 -23.97 -53.64 -8.63
CA HIS A 715 -22.58 -53.24 -8.83
C HIS A 715 -22.49 -51.83 -9.41
N PHE A 716 -23.32 -51.54 -10.41
CA PHE A 716 -23.31 -50.22 -11.01
C PHE A 716 -23.80 -49.15 -10.04
N GLU A 717 -24.77 -49.48 -9.19
CA GLU A 717 -25.23 -48.50 -8.21
C GLU A 717 -24.14 -48.18 -7.20
N GLU A 718 -23.44 -49.20 -6.71
CA GLU A 718 -22.35 -48.95 -5.78
C GLU A 718 -21.23 -48.16 -6.45
N ALA A 719 -20.90 -48.49 -7.70
CA ALA A 719 -19.88 -47.75 -8.42
C ALA A 719 -20.28 -46.29 -8.63
N MET A 720 -21.52 -46.06 -9.05
CA MET A 720 -22.00 -44.70 -9.25
C MET A 720 -22.03 -43.93 -7.94
N ARG A 721 -22.19 -44.63 -6.82
CA ARG A 721 -22.11 -43.97 -5.52
C ARG A 721 -20.82 -43.16 -5.41
N PHE A 722 -19.73 -43.66 -6.00
CA PHE A 722 -18.45 -42.98 -6.00
C PHE A 722 -18.21 -42.19 -7.29
N ALA A 723 -19.25 -42.00 -8.12
CA ALA A 723 -19.05 -41.24 -9.35
C ALA A 723 -18.67 -39.81 -9.00
N ARG A 724 -17.82 -39.21 -9.82
CA ARG A 724 -17.35 -37.86 -9.55
C ARG A 724 -17.19 -37.10 -10.86
N ARG A 725 -17.38 -35.78 -10.81
CA ARG A 725 -17.16 -34.91 -11.97
C ARG A 725 -15.75 -34.32 -11.94
N SER A 726 -14.84 -34.88 -12.74
CA SER A 726 -13.47 -34.40 -12.76
C SER A 726 -13.39 -32.95 -13.26
N VAL A 727 -14.18 -32.60 -14.28
CA VAL A 727 -14.12 -31.29 -14.91
C VAL A 727 -15.13 -30.33 -14.27
N SER A 728 -14.60 -29.31 -13.59
CA SER A 728 -15.46 -28.29 -12.98
C SER A 728 -16.06 -27.38 -14.05
N ASP A 729 -17.14 -26.69 -13.67
CA ASP A 729 -17.81 -25.78 -14.59
C ASP A 729 -17.05 -24.48 -14.85
N ASN A 730 -16.07 -24.15 -14.00
CA ASN A 730 -15.31 -22.92 -14.23
C ASN A 730 -14.33 -23.08 -15.39
N ASP A 731 -13.72 -24.27 -15.52
CA ASP A 731 -12.82 -24.46 -16.64
C ASP A 731 -13.60 -24.60 -17.94
N ILE A 732 -14.81 -25.15 -17.87
CA ILE A 732 -15.68 -25.15 -19.04
C ILE A 732 -16.06 -23.72 -19.39
N ARG A 733 -16.21 -22.85 -18.39
CA ARG A 733 -16.50 -21.46 -18.68
C ARG A 733 -15.34 -20.79 -19.40
N LYS A 734 -14.10 -21.10 -18.98
CA LYS A 734 -12.95 -20.54 -19.68
C LYS A 734 -12.89 -21.02 -21.13
N TYR A 735 -13.19 -22.31 -21.36
CA TYR A 735 -13.20 -22.80 -22.74
C TYR A 735 -14.29 -22.12 -23.56
N GLU A 736 -15.46 -21.90 -22.96
CA GLU A 736 -16.52 -21.17 -23.65
C GLU A 736 -16.06 -19.75 -23.98
N MET A 737 -15.32 -19.13 -23.06
CA MET A 737 -14.79 -17.81 -23.33
C MET A 737 -13.87 -17.82 -24.55
N PHE A 738 -12.90 -18.74 -24.58
CA PHE A 738 -12.01 -18.78 -25.73
C PHE A 738 -12.80 -19.05 -27.01
N ALA A 739 -13.79 -19.92 -26.93
CA ALA A 739 -14.59 -20.25 -28.11
C ALA A 739 -15.24 -18.99 -28.64
N GLN A 740 -15.80 -18.17 -27.74
CA GLN A 740 -16.41 -16.94 -28.18
C GLN A 740 -15.36 -15.85 -28.32
N THR A 741 -14.10 -16.22 -28.12
CA THR A 741 -12.95 -15.37 -28.36
C THR A 741 -12.47 -15.60 -29.77
N LEU A 742 -13.16 -16.49 -30.48
CA LEU A 742 -12.94 -16.73 -31.90
C LEU A 742 -14.29 -16.40 -32.54
N GLN A 743 -14.82 -15.24 -32.14
CA GLN A 743 -16.13 -14.76 -32.56
C GLN A 743 -16.12 -14.14 -33.95
N GLN A 744 -17.00 -14.63 -34.82
CA GLN A 744 -17.13 -14.16 -36.18
C GLN A 744 -17.77 -12.78 -36.30
N SER A 745 -17.34 -11.81 -35.49
CA SER A 745 -17.85 -10.46 -35.61
C SER A 745 -19.30 -10.38 -35.15
N ARG A 746 -19.93 -9.20 -35.30
CA ARG A 746 -21.33 -9.06 -34.95
C ARG A 746 -22.08 -8.11 -35.88
N GLY A 747 -21.59 -7.87 -37.09
CA GLY A 747 -22.22 -6.95 -38.01
C GLY A 747 -22.47 -7.48 -39.41
N PHE A 748 -21.88 -8.62 -39.75
CA PHE A 748 -22.00 -9.18 -41.09
C PHE A 748 -23.03 -10.30 -41.20
N GLY A 749 -23.58 -10.76 -40.08
CA GLY A 749 -24.51 -11.87 -40.10
C GLY A 749 -25.59 -11.77 -41.16
N SER A 750 -25.94 -10.55 -41.57
CA SER A 750 -26.96 -10.30 -42.57
C SER A 750 -26.39 -9.85 -43.92
N PHE A 751 -25.12 -10.14 -44.20
CA PHE A 751 -24.51 -9.67 -45.43
C PHE A 751 -25.27 -10.18 -46.66
N ARG A 752 -25.73 -9.25 -47.49
CA ARG A 752 -26.37 -9.56 -48.75
C ARG A 752 -25.72 -8.77 -49.88
N PHE A 753 -25.52 -9.43 -51.02
CA PHE A 753 -24.97 -8.75 -52.18
C PHE A 753 -26.02 -7.81 -52.78
N PRO A 754 -25.58 -6.73 -53.43
CA PRO A 754 -26.54 -5.75 -53.99
C PRO A 754 -27.15 -6.28 -55.29
N SER A 755 -28.46 -6.47 -55.29
CA SER A 755 -29.16 -6.98 -56.45
C SER A 755 -30.55 -6.38 -56.57
N GLU B 180 27.70 -35.62 -77.66
CA GLU B 180 28.11 -35.59 -76.26
C GLU B 180 27.27 -34.58 -75.47
N VAL B 181 27.70 -34.30 -74.25
CA VAL B 181 26.98 -33.40 -73.36
C VAL B 181 27.40 -31.96 -73.64
N GLY B 182 26.43 -31.06 -73.62
CA GLY B 182 26.71 -29.66 -73.86
C GLY B 182 25.81 -28.74 -73.05
N TYR B 183 25.76 -27.46 -73.43
CA TYR B 183 24.93 -26.50 -72.70
C TYR B 183 23.46 -26.90 -72.73
N ASP B 184 23.01 -27.54 -73.81
CA ASP B 184 21.63 -27.99 -73.88
C ASP B 184 21.33 -29.02 -72.80
N ASP B 185 22.26 -29.94 -72.56
CA ASP B 185 22.06 -30.93 -71.51
C ASP B 185 22.01 -30.26 -70.14
N ILE B 186 22.86 -29.25 -69.92
CA ILE B 186 22.90 -28.55 -68.64
C ILE B 186 21.61 -27.76 -68.50
N GLY B 187 20.71 -28.22 -67.61
CA GLY B 187 19.45 -27.58 -67.38
C GLY B 187 19.48 -26.64 -66.18
N GLY B 188 18.30 -26.09 -65.87
CA GLY B 188 18.08 -25.25 -64.73
C GLY B 188 18.15 -23.76 -65.02
N CYS B 189 18.87 -23.37 -66.07
CA CYS B 189 19.02 -21.95 -66.41
C CYS B 189 19.29 -21.11 -65.18
N ARG B 190 20.12 -21.63 -64.27
CA ARG B 190 20.34 -21.00 -62.96
C ARG B 190 21.28 -19.81 -63.04
N LYS B 191 21.85 -19.54 -64.21
CA LYS B 191 22.67 -18.37 -64.56
C LYS B 191 24.04 -18.37 -63.90
N GLN B 192 24.49 -19.48 -63.32
CA GLN B 192 25.89 -19.61 -62.97
C GLN B 192 26.69 -20.33 -64.04
N LEU B 193 26.03 -21.11 -64.90
CA LEU B 193 26.70 -21.67 -66.06
C LEU B 193 27.22 -20.57 -66.96
N ALA B 194 26.45 -19.48 -67.12
CA ALA B 194 26.92 -18.35 -67.89
C ALA B 194 28.17 -17.74 -67.26
N GLN B 195 28.17 -17.61 -65.93
CA GLN B 195 29.34 -17.06 -65.24
C GLN B 195 30.55 -17.96 -65.46
N ILE B 196 30.37 -19.27 -65.35
CA ILE B 196 31.47 -20.21 -65.61
C ILE B 196 31.96 -20.09 -67.06
N LYS B 197 31.03 -19.95 -68.01
CA LYS B 197 31.43 -19.75 -69.40
C LYS B 197 32.29 -18.50 -69.55
N GLU B 198 31.81 -17.37 -69.03
CA GLU B 198 32.57 -16.14 -69.09
C GLU B 198 33.93 -16.34 -68.43
N MET B 199 33.97 -17.18 -67.39
CA MET B 199 35.22 -17.47 -66.73
C MET B 199 36.18 -18.24 -67.62
N VAL B 200 35.69 -19.23 -68.36
CA VAL B 200 36.58 -20.23 -68.95
C VAL B 200 36.77 -20.16 -70.46
N GLU B 201 35.98 -19.38 -71.21
CA GLU B 201 36.20 -19.40 -72.66
C GLU B 201 37.61 -18.93 -73.01
N LEU B 202 37.96 -17.70 -72.67
CA LEU B 202 39.26 -17.16 -73.09
C LEU B 202 40.38 -18.03 -72.58
N PRO B 203 40.42 -18.45 -71.32
CA PRO B 203 41.51 -19.33 -70.90
C PRO B 203 41.58 -20.59 -71.76
N LEU B 204 40.44 -21.10 -72.23
CA LEU B 204 40.34 -22.32 -73.02
C LEU B 204 39.98 -22.06 -74.47
N ARG B 205 38.94 -21.25 -74.72
CA ARG B 205 38.51 -20.98 -76.08
C ARG B 205 39.56 -20.18 -76.86
N HIS B 206 40.31 -19.34 -76.16
CA HIS B 206 41.37 -18.54 -76.77
C HIS B 206 42.62 -18.70 -75.92
N PRO B 207 43.25 -19.89 -75.95
CA PRO B 207 44.43 -20.10 -75.11
C PRO B 207 45.66 -19.38 -75.62
N ALA B 208 45.81 -19.26 -76.95
CA ALA B 208 46.95 -18.58 -77.51
C ALA B 208 46.97 -17.09 -77.15
N LEU B 209 45.80 -16.52 -76.88
CA LEU B 209 45.73 -15.09 -76.57
C LEU B 209 46.52 -14.76 -75.31
N PHE B 210 46.39 -15.60 -74.27
CA PHE B 210 47.09 -15.35 -73.01
C PHE B 210 48.59 -15.49 -73.16
N LYS B 211 49.07 -16.14 -74.22
CA LYS B 211 50.51 -16.26 -74.43
C LYS B 211 51.15 -14.91 -74.76
N ALA B 212 50.45 -14.07 -75.52
CA ALA B 212 50.98 -12.76 -75.89
C ALA B 212 50.53 -11.65 -74.96
N ILE B 213 49.71 -11.95 -73.95
CA ILE B 213 49.21 -10.96 -73.00
C ILE B 213 49.58 -11.40 -71.60
N GLY B 214 50.06 -10.48 -70.79
CA GLY B 214 50.42 -10.82 -69.42
C GLY B 214 49.23 -10.70 -68.48
N VAL B 215 48.56 -11.81 -68.22
CA VAL B 215 47.40 -11.87 -67.35
C VAL B 215 47.32 -13.25 -66.74
N LYS B 216 46.83 -13.32 -65.50
CA LYS B 216 46.71 -14.60 -64.81
C LYS B 216 45.27 -15.09 -64.94
N PRO B 217 45.03 -16.23 -65.58
CA PRO B 217 43.67 -16.73 -65.71
C PRO B 217 43.22 -17.42 -64.43
N PRO B 218 42.01 -17.98 -64.42
CA PRO B 218 41.53 -18.68 -63.23
C PRO B 218 42.14 -20.06 -63.07
N ARG B 219 43.10 -20.20 -62.15
CA ARG B 219 43.78 -21.47 -61.99
C ARG B 219 42.85 -22.53 -61.40
N GLY B 220 41.95 -22.14 -60.52
CA GLY B 220 41.00 -23.07 -59.95
C GLY B 220 39.64 -22.47 -59.67
N ILE B 221 38.58 -23.24 -59.92
CA ILE B 221 37.21 -22.80 -59.71
C ILE B 221 36.53 -23.83 -58.82
N LEU B 222 35.94 -23.37 -57.72
CA LEU B 222 35.31 -24.26 -56.75
C LEU B 222 33.80 -24.19 -56.92
N LEU B 223 33.22 -25.23 -57.51
CA LEU B 223 31.78 -25.36 -57.65
C LEU B 223 31.22 -26.06 -56.44
N TYR B 224 30.37 -25.38 -55.67
CA TYR B 224 29.79 -25.96 -54.48
C TYR B 224 28.28 -25.76 -54.47
N GLY B 225 27.59 -26.72 -53.84
CA GLY B 225 26.14 -26.71 -53.79
C GLY B 225 25.60 -28.04 -53.31
N PRO B 226 24.28 -28.14 -53.20
CA PRO B 226 23.67 -29.39 -52.76
C PRO B 226 24.00 -30.52 -53.72
N PRO B 227 24.17 -31.74 -53.22
CA PRO B 227 24.49 -32.87 -54.09
C PRO B 227 23.37 -33.12 -55.10
N GLY B 228 23.77 -33.57 -56.28
CA GLY B 228 22.81 -33.85 -57.33
C GLY B 228 22.40 -32.64 -58.14
N THR B 229 23.14 -31.55 -58.06
CA THR B 229 22.82 -30.33 -58.81
C THR B 229 23.50 -30.28 -60.16
N GLY B 230 24.23 -31.32 -60.55
CA GLY B 230 24.86 -31.36 -61.85
C GLY B 230 26.20 -30.68 -61.97
N LYS B 231 26.93 -30.51 -60.86
CA LYS B 231 28.23 -29.87 -60.92
C LYS B 231 29.17 -30.63 -61.85
N THR B 232 29.24 -31.95 -61.71
CA THR B 232 30.04 -32.75 -62.62
C THR B 232 29.53 -32.64 -64.05
N LEU B 233 28.21 -32.62 -64.22
CA LEU B 233 27.64 -32.44 -65.55
C LEU B 233 28.04 -31.09 -66.13
N ILE B 234 28.01 -30.04 -65.32
CA ILE B 234 28.39 -28.71 -65.79
C ILE B 234 29.85 -28.70 -66.22
N ALA B 235 30.73 -29.29 -65.41
CA ALA B 235 32.14 -29.33 -65.75
C ALA B 235 32.38 -30.10 -67.05
N ARG B 236 31.72 -31.25 -67.19
CA ARG B 236 31.88 -32.03 -68.41
C ARG B 236 31.37 -31.26 -69.63
N ALA B 237 30.23 -30.59 -69.49
CA ALA B 237 29.70 -29.81 -70.61
C ALA B 237 30.64 -28.68 -70.99
N VAL B 238 31.22 -28.00 -70.01
CA VAL B 238 32.17 -26.93 -70.30
C VAL B 238 33.39 -27.48 -71.02
N ALA B 239 33.89 -28.63 -70.56
CA ALA B 239 35.05 -29.24 -71.20
C ALA B 239 34.74 -29.62 -72.63
N ASN B 240 33.54 -30.15 -72.89
CA ASN B 240 33.21 -30.59 -74.23
C ASN B 240 33.00 -29.38 -75.15
N GLU B 241 32.32 -28.35 -74.66
CA GLU B 241 32.00 -27.19 -75.47
C GLU B 241 33.20 -26.29 -75.70
N THR B 242 34.27 -26.44 -74.92
CA THR B 242 35.48 -25.66 -75.14
C THR B 242 36.63 -26.47 -75.71
N GLY B 243 36.49 -27.78 -75.85
CA GLY B 243 37.52 -28.62 -76.42
C GLY B 243 38.64 -29.00 -75.48
N ALA B 244 38.61 -28.54 -74.23
CA ALA B 244 39.66 -28.90 -73.28
C ALA B 244 39.55 -30.37 -72.90
N PHE B 245 40.70 -31.02 -72.73
CA PHE B 245 40.73 -32.42 -72.33
C PHE B 245 40.24 -32.55 -70.89
N PHE B 246 39.07 -33.17 -70.71
CA PHE B 246 38.47 -33.28 -69.40
C PHE B 246 39.06 -34.48 -68.66
N PHE B 247 39.55 -34.23 -67.44
CA PHE B 247 40.05 -35.29 -66.57
C PHE B 247 39.27 -35.27 -65.26
N LEU B 248 38.77 -36.44 -64.85
CA LEU B 248 37.95 -36.56 -63.65
C LEU B 248 38.72 -37.32 -62.59
N ILE B 249 39.01 -36.65 -61.47
CA ILE B 249 39.67 -37.29 -60.33
C ILE B 249 38.65 -37.52 -59.24
N ASN B 250 38.04 -38.71 -59.21
CA ASN B 250 37.06 -39.03 -58.19
C ASN B 250 37.69 -39.03 -56.80
N GLY B 251 37.00 -38.40 -55.85
CA GLY B 251 37.48 -38.29 -54.48
C GLY B 251 37.81 -39.64 -53.88
N PRO B 252 36.80 -40.49 -53.74
CA PRO B 252 37.03 -41.78 -53.10
C PRO B 252 37.79 -42.75 -53.99
N GLU B 253 37.86 -42.49 -55.29
CA GLU B 253 38.65 -43.37 -56.15
C GLU B 253 40.11 -43.35 -55.70
N ILE B 254 40.66 -42.16 -55.50
CA ILE B 254 42.01 -42.03 -54.96
C ILE B 254 42.04 -42.38 -53.49
N MET B 255 41.02 -41.98 -52.73
CA MET B 255 41.01 -42.30 -51.31
C MET B 255 40.91 -43.80 -51.05
N SER B 256 40.21 -44.53 -51.90
CA SER B 256 40.10 -45.98 -51.77
C SER B 256 41.40 -46.70 -52.09
N LYS B 257 42.35 -46.03 -52.74
CA LYS B 257 43.61 -46.68 -53.08
C LYS B 257 44.51 -46.80 -51.84
N LEU B 258 45.47 -47.71 -51.94
CA LEU B 258 46.38 -47.97 -50.84
C LEU B 258 47.22 -46.73 -50.51
N ALA B 259 47.49 -46.54 -49.23
CA ALA B 259 48.31 -45.41 -48.78
C ALA B 259 49.72 -45.56 -49.34
N GLY B 260 50.30 -44.42 -49.75
CA GLY B 260 51.61 -44.39 -50.35
C GLY B 260 51.62 -44.52 -51.86
N GLU B 261 50.52 -45.00 -52.46
CA GLU B 261 50.40 -45.09 -53.90
C GLU B 261 49.23 -44.27 -54.44
N SER B 262 48.32 -43.81 -53.57
CA SER B 262 47.31 -42.84 -53.99
C SER B 262 47.95 -41.52 -54.39
N GLU B 263 49.01 -41.12 -53.67
CA GLU B 263 49.73 -39.91 -54.04
C GLU B 263 50.28 -40.01 -55.45
N SER B 264 50.70 -41.22 -55.82
CA SER B 264 51.12 -41.48 -57.20
C SER B 264 49.96 -41.27 -58.16
N ASN B 265 48.76 -41.72 -57.79
CA ASN B 265 47.61 -41.54 -58.66
C ASN B 265 47.32 -40.05 -58.88
N LEU B 266 47.35 -39.25 -57.80
CA LEU B 266 47.08 -37.82 -57.96
C LEU B 266 48.14 -37.15 -58.82
N ARG B 267 49.42 -37.49 -58.58
CA ARG B 267 50.50 -36.88 -59.35
C ARG B 267 50.41 -37.27 -60.82
N LYS B 268 50.10 -38.54 -61.10
CA LYS B 268 49.95 -38.98 -62.48
C LYS B 268 48.75 -38.30 -63.14
N ALA B 269 47.67 -38.10 -62.40
CA ALA B 269 46.51 -37.41 -62.97
C ALA B 269 46.88 -36.00 -63.39
N PHE B 270 47.58 -35.26 -62.52
CA PHE B 270 48.00 -33.93 -62.91
C PHE B 270 48.97 -33.96 -64.09
N GLU B 271 49.92 -34.90 -64.11
CA GLU B 271 50.84 -34.96 -65.24
C GLU B 271 50.10 -35.25 -66.55
N GLU B 272 49.16 -36.21 -66.53
CA GLU B 272 48.42 -36.51 -67.74
C GLU B 272 47.59 -35.32 -68.20
N ALA B 273 46.94 -34.63 -67.26
CA ALA B 273 46.20 -33.42 -67.63
C ALA B 273 47.13 -32.35 -68.17
N GLU B 274 48.35 -32.27 -67.64
CA GLU B 274 49.35 -31.34 -68.12
C GLU B 274 49.74 -31.65 -69.56
N LYS B 275 49.85 -32.93 -69.90
CA LYS B 275 50.25 -33.33 -71.25
C LYS B 275 49.25 -32.85 -72.31
N ASN B 276 47.95 -33.00 -72.04
CA ASN B 276 46.93 -32.62 -73.02
C ASN B 276 46.48 -31.18 -72.88
N ALA B 277 47.42 -30.25 -72.76
CA ALA B 277 47.07 -28.85 -72.62
C ALA B 277 46.36 -28.37 -73.89
N PRO B 278 45.28 -27.57 -73.77
CA PRO B 278 44.66 -27.24 -72.49
C PRO B 278 43.82 -28.40 -71.95
N ALA B 279 43.72 -28.51 -70.63
CA ALA B 279 42.97 -29.59 -70.02
C ALA B 279 42.24 -29.06 -68.79
N ILE B 280 41.16 -29.77 -68.44
CA ILE B 280 40.37 -29.44 -67.26
C ILE B 280 40.42 -30.65 -66.35
N ILE B 281 40.85 -30.43 -65.11
CA ILE B 281 40.90 -31.48 -64.10
C ILE B 281 39.76 -31.24 -63.13
N PHE B 282 38.82 -32.17 -63.09
CA PHE B 282 37.65 -32.07 -62.22
C PHE B 282 37.84 -33.02 -61.04
N ILE B 283 37.76 -32.48 -59.83
CA ILE B 283 37.88 -33.27 -58.62
C ILE B 283 36.49 -33.34 -58.00
N ASP B 284 35.77 -34.41 -58.30
CA ASP B 284 34.46 -34.63 -57.72
C ASP B 284 34.57 -35.08 -56.28
N GLU B 285 33.69 -34.56 -55.44
CA GLU B 285 33.69 -34.87 -54.01
C GLU B 285 35.04 -34.50 -53.40
N LEU B 286 35.41 -33.23 -53.56
CA LEU B 286 36.67 -32.73 -53.02
C LEU B 286 36.72 -32.80 -51.50
N ASP B 287 35.57 -32.84 -50.83
CA ASP B 287 35.53 -32.90 -49.38
C ASP B 287 35.99 -34.24 -48.81
N ALA B 288 36.44 -35.17 -49.65
CA ALA B 288 37.02 -36.42 -49.20
C ALA B 288 38.53 -36.45 -49.30
N ILE B 289 39.10 -35.86 -50.35
CA ILE B 289 40.56 -35.81 -50.47
C ILE B 289 41.16 -34.87 -49.43
N ALA B 290 40.55 -33.70 -49.24
CA ALA B 290 41.05 -32.70 -48.29
C ALA B 290 39.91 -32.22 -47.39
N PRO B 291 39.36 -33.11 -46.57
CA PRO B 291 38.27 -32.70 -45.67
C PRO B 291 38.73 -31.93 -44.44
N LYS B 292 40.03 -31.87 -44.18
CA LYS B 292 40.53 -31.33 -42.92
C LYS B 292 40.15 -29.87 -42.79
N ARG B 293 39.31 -29.56 -41.79
CA ARG B 293 38.91 -28.21 -41.46
C ARG B 293 39.71 -27.65 -40.28
N GLU B 294 40.99 -28.00 -40.21
CA GLU B 294 41.92 -27.77 -39.11
C GLU B 294 41.73 -28.77 -37.97
N LYS B 295 40.69 -29.62 -38.03
CA LYS B 295 40.65 -30.77 -37.13
C LYS B 295 41.66 -31.83 -37.58
N THR B 296 41.56 -32.24 -38.84
CA THR B 296 42.62 -32.98 -39.53
C THR B 296 43.02 -34.24 -38.77
N HIS B 297 42.06 -35.16 -38.65
CA HIS B 297 42.32 -36.44 -38.03
C HIS B 297 43.18 -37.31 -38.93
N GLY B 298 43.90 -38.25 -38.32
CA GLY B 298 44.68 -39.21 -39.05
C GLY B 298 46.04 -38.69 -39.48
N GLU B 299 46.77 -39.55 -40.17
CA GLU B 299 48.13 -39.26 -40.64
C GLU B 299 48.24 -39.23 -42.16
N VAL B 300 47.78 -40.28 -42.84
CA VAL B 300 47.97 -40.36 -44.29
C VAL B 300 47.13 -39.29 -44.99
N GLU B 301 45.95 -38.99 -44.47
CA GLU B 301 45.11 -37.98 -45.11
C GLU B 301 45.76 -36.60 -45.04
N ARG B 302 46.52 -36.34 -43.98
CA ARG B 302 47.31 -35.10 -43.93
C ARG B 302 48.34 -35.08 -45.05
N ARG B 303 49.01 -36.20 -45.30
CA ARG B 303 49.92 -36.29 -46.44
C ARG B 303 49.19 -36.02 -47.75
N ILE B 304 47.99 -36.59 -47.93
CA ILE B 304 47.28 -36.41 -49.19
C ILE B 304 46.89 -34.95 -49.38
N VAL B 305 46.42 -34.31 -48.31
CA VAL B 305 46.03 -32.91 -48.41
C VAL B 305 47.24 -32.02 -48.69
N SER B 306 48.36 -32.26 -47.99
CA SER B 306 49.55 -31.45 -48.23
C SER B 306 50.12 -31.65 -49.64
N GLN B 307 50.19 -32.89 -50.11
CA GLN B 307 50.69 -33.13 -51.46
C GLN B 307 49.76 -32.51 -52.50
N LEU B 308 48.45 -32.61 -52.29
CA LEU B 308 47.51 -31.98 -53.21
C LEU B 308 47.71 -30.47 -53.21
N LEU B 309 47.96 -29.90 -52.04
CA LEU B 309 48.27 -28.47 -51.94
C LEU B 309 49.51 -28.12 -52.74
N THR B 310 50.56 -28.95 -52.61
CA THR B 310 51.79 -28.69 -53.35
C THR B 310 51.55 -28.74 -54.85
N LEU B 311 50.78 -29.72 -55.31
CA LEU B 311 50.48 -29.82 -56.74
C LEU B 311 49.66 -28.64 -57.21
N MET B 312 48.61 -28.29 -56.46
CA MET B 312 47.73 -27.20 -56.86
C MET B 312 48.47 -25.88 -56.89
N ASP B 313 49.29 -25.59 -55.86
CA ASP B 313 50.14 -24.42 -55.89
C ASP B 313 51.35 -24.60 -56.79
N GLY B 314 51.63 -25.82 -57.22
CA GLY B 314 52.75 -26.07 -58.11
C GLY B 314 52.48 -25.83 -59.58
N LEU B 315 51.29 -25.36 -59.93
CA LEU B 315 50.99 -25.04 -61.33
C LEU B 315 51.88 -23.89 -61.76
N LYS B 316 52.81 -24.15 -62.69
CA LYS B 316 53.80 -23.17 -63.09
C LYS B 316 53.25 -22.14 -64.06
N GLN B 317 51.93 -21.99 -64.12
CA GLN B 317 51.22 -21.06 -64.99
C GLN B 317 51.47 -21.38 -66.46
N ARG B 318 52.22 -22.45 -66.72
CA ARG B 318 52.41 -22.95 -68.07
C ARG B 318 51.26 -23.87 -68.46
N ALA B 319 51.04 -24.00 -69.77
CA ALA B 319 49.87 -24.69 -70.27
C ALA B 319 48.61 -23.98 -69.79
N HIS B 320 47.46 -24.65 -69.82
CA HIS B 320 46.22 -24.00 -69.43
C HIS B 320 45.32 -24.95 -68.62
N VAL B 321 45.91 -25.85 -67.83
CA VAL B 321 45.11 -26.75 -67.04
C VAL B 321 44.31 -25.96 -66.02
N ILE B 322 42.99 -26.12 -66.04
CA ILE B 322 42.10 -25.50 -65.07
C ILE B 322 41.56 -26.58 -64.14
N VAL B 323 41.73 -26.39 -62.84
CA VAL B 323 41.32 -27.36 -61.84
C VAL B 323 40.00 -26.89 -61.24
N MET B 324 38.92 -27.59 -61.57
CA MET B 324 37.61 -27.35 -60.98
C MET B 324 37.29 -28.47 -60.00
N ALA B 325 36.77 -28.11 -58.84
CA ALA B 325 36.46 -29.07 -57.80
C ALA B 325 35.02 -28.91 -57.34
N ALA B 326 34.43 -30.02 -56.89
CA ALA B 326 33.07 -30.03 -56.39
C ALA B 326 33.08 -30.31 -54.90
N THR B 327 32.23 -29.60 -54.16
CA THR B 327 32.12 -29.71 -52.72
C THR B 327 30.72 -29.28 -52.30
N ASN B 328 30.18 -29.94 -51.28
CA ASN B 328 28.86 -29.61 -50.79
C ASN B 328 28.80 -28.19 -50.23
N ARG B 329 29.79 -27.81 -49.44
CA ARG B 329 29.86 -26.48 -48.84
C ARG B 329 31.28 -25.98 -48.86
N PRO B 330 31.47 -24.66 -48.97
CA PRO B 330 32.85 -24.13 -49.03
C PRO B 330 33.67 -24.44 -47.78
N ASN B 331 33.03 -24.44 -46.61
CA ASN B 331 33.76 -24.61 -45.35
C ASN B 331 34.12 -26.06 -45.06
N SER B 332 33.62 -27.01 -45.85
CA SER B 332 33.89 -28.42 -45.59
C SER B 332 35.31 -28.81 -45.99
N ILE B 333 35.85 -28.18 -47.02
CA ILE B 333 37.18 -28.51 -47.53
C ILE B 333 38.22 -27.82 -46.67
N ASP B 334 39.48 -28.22 -46.80
CA ASP B 334 40.55 -27.60 -46.04
C ASP B 334 40.67 -26.12 -46.40
N PRO B 335 40.81 -25.23 -45.41
CA PRO B 335 40.90 -23.80 -45.74
C PRO B 335 42.06 -23.46 -46.65
N ALA B 336 43.19 -24.17 -46.56
CA ALA B 336 44.31 -23.85 -47.43
C ALA B 336 43.98 -24.06 -48.89
N LEU B 337 42.97 -24.89 -49.19
CA LEU B 337 42.50 -25.09 -50.55
C LEU B 337 41.74 -23.88 -51.06
N ARG B 338 41.21 -23.08 -50.15
CA ARG B 338 40.40 -21.91 -50.44
C ARG B 338 41.25 -20.67 -50.66
N ARG B 339 42.54 -20.77 -50.36
CA ARG B 339 43.50 -19.67 -50.40
C ARG B 339 43.83 -19.26 -51.84
N PHE B 340 44.55 -18.15 -51.96
CA PHE B 340 44.90 -17.61 -53.27
C PHE B 340 45.74 -18.60 -54.08
N GLY B 341 45.36 -18.79 -55.35
CA GLY B 341 46.11 -19.62 -56.27
C GLY B 341 45.72 -21.08 -56.29
N ARG B 342 45.05 -21.57 -55.25
CA ARG B 342 44.60 -22.96 -55.20
C ARG B 342 43.16 -23.07 -55.70
N PHE B 343 42.24 -22.39 -55.01
CA PHE B 343 40.85 -22.20 -55.45
C PHE B 343 40.48 -20.77 -55.06
N ASP B 344 40.73 -19.83 -55.97
CA ASP B 344 40.55 -18.41 -55.64
C ASP B 344 39.16 -17.88 -55.99
N ARG B 345 38.31 -18.67 -56.63
CA ARG B 345 36.98 -18.19 -57.00
C ARG B 345 36.01 -19.35 -56.90
N GLU B 346 34.83 -19.07 -56.35
CA GLU B 346 33.84 -20.08 -56.04
C GLU B 346 32.50 -19.72 -56.65
N VAL B 347 31.77 -20.74 -57.09
CA VAL B 347 30.44 -20.59 -57.68
C VAL B 347 29.49 -21.54 -56.97
N ASP B 348 28.39 -21.01 -56.48
CA ASP B 348 27.36 -21.79 -55.78
C ASP B 348 26.28 -22.11 -56.81
N ILE B 349 26.30 -23.36 -57.30
CA ILE B 349 25.30 -23.76 -58.29
C ILE B 349 23.91 -23.68 -57.69
N GLY B 350 23.74 -24.13 -56.46
CA GLY B 350 22.48 -24.02 -55.76
C GLY B 350 21.34 -24.82 -56.36
N ILE B 351 20.22 -24.85 -55.64
CA ILE B 351 19.04 -25.59 -56.09
C ILE B 351 18.42 -24.90 -57.30
N PRO B 352 18.05 -25.63 -58.34
CA PRO B 352 17.32 -25.01 -59.46
C PRO B 352 15.96 -24.47 -59.02
N ASP B 353 15.51 -23.43 -59.70
CA ASP B 353 14.27 -22.74 -59.40
C ASP B 353 13.15 -23.26 -60.28
N ALA B 354 11.95 -22.69 -60.11
CA ALA B 354 10.79 -23.14 -60.88
C ALA B 354 11.07 -23.10 -62.38
N THR B 355 11.64 -21.99 -62.87
CA THR B 355 12.02 -21.92 -64.27
C THR B 355 13.07 -22.98 -64.60
N GLY B 356 14.06 -23.13 -63.71
CA GLY B 356 15.07 -24.16 -63.92
C GLY B 356 14.54 -25.55 -63.67
N ARG B 357 13.61 -25.70 -62.73
CA ARG B 357 13.01 -27.02 -62.53
C ARG B 357 12.25 -27.44 -63.78
N LEU B 358 11.54 -26.50 -64.40
CA LEU B 358 10.83 -26.78 -65.63
C LEU B 358 11.78 -27.15 -66.75
N GLU B 359 12.90 -26.41 -66.88
CA GLU B 359 13.84 -26.73 -67.94
C GLU B 359 14.52 -28.08 -67.69
N ILE B 360 14.79 -28.40 -66.42
CA ILE B 360 15.34 -29.71 -66.07
C ILE B 360 14.35 -30.81 -66.43
N LEU B 361 13.07 -30.59 -66.15
CA LEU B 361 12.06 -31.56 -66.53
C LEU B 361 12.02 -31.75 -68.05
N GLN B 362 12.13 -30.65 -68.79
CA GLN B 362 12.14 -30.74 -70.25
C GLN B 362 13.34 -31.56 -70.72
N ILE B 363 14.52 -31.32 -70.16
CA ILE B 363 15.70 -32.05 -70.59
C ILE B 363 15.60 -33.52 -70.19
N HIS B 364 15.03 -33.80 -69.02
CA HIS B 364 14.84 -35.18 -68.55
C HIS B 364 13.63 -35.86 -69.16
N THR B 365 12.75 -35.11 -69.83
CA THR B 365 11.60 -35.66 -70.53
C THR B 365 11.71 -35.21 -71.98
N LYS B 366 12.46 -35.97 -72.76
CA LYS B 366 12.61 -35.70 -74.19
C LYS B 366 12.58 -36.95 -75.06
N ASN B 367 12.74 -38.15 -74.49
CA ASN B 367 12.68 -39.37 -75.28
C ASN B 367 11.58 -40.33 -74.83
N MET B 368 10.76 -39.95 -73.85
CA MET B 368 9.71 -40.82 -73.36
C MET B 368 8.38 -40.58 -74.05
N LYS B 369 8.33 -39.67 -75.03
CA LYS B 369 7.10 -39.37 -75.76
C LYS B 369 6.01 -38.95 -74.77
N LEU B 370 6.25 -37.80 -74.12
CA LEU B 370 5.35 -37.30 -73.11
C LEU B 370 3.97 -37.04 -73.68
N ALA B 371 2.94 -37.31 -72.88
CA ALA B 371 1.57 -37.19 -73.34
C ALA B 371 1.19 -35.73 -73.54
N ASP B 372 0.08 -35.52 -74.28
CA ASP B 372 -0.38 -34.18 -74.57
C ASP B 372 -1.01 -33.53 -73.33
N ASP B 373 -1.73 -34.31 -72.52
CA ASP B 373 -2.36 -33.73 -71.34
C ASP B 373 -1.32 -33.19 -70.37
N VAL B 374 -0.23 -33.92 -70.17
CA VAL B 374 0.82 -33.48 -69.26
C VAL B 374 1.54 -32.29 -69.89
N ASP B 375 1.74 -31.24 -69.11
CA ASP B 375 2.39 -30.04 -69.63
C ASP B 375 3.76 -29.77 -69.03
N LEU B 376 4.06 -30.33 -67.86
CA LEU B 376 5.34 -30.21 -67.17
C LEU B 376 5.44 -28.85 -66.49
N GLU B 377 4.41 -28.00 -66.61
CA GLU B 377 4.38 -26.70 -65.96
C GLU B 377 3.79 -26.82 -64.56
N GLN B 378 2.64 -27.48 -64.42
CA GLN B 378 2.06 -27.72 -63.11
C GLN B 378 2.99 -28.57 -62.26
N VAL B 379 3.57 -29.61 -62.85
CA VAL B 379 4.51 -30.44 -62.11
C VAL B 379 5.71 -29.60 -61.68
N ALA B 380 6.20 -28.73 -62.57
CA ALA B 380 7.35 -27.89 -62.21
C ALA B 380 7.02 -26.97 -61.03
N ASN B 381 5.84 -26.35 -61.04
CA ASN B 381 5.48 -25.49 -59.91
C ASN B 381 5.36 -26.29 -58.62
N GLU B 382 4.73 -27.46 -58.69
CA GLU B 382 4.59 -28.31 -57.50
C GLU B 382 5.90 -29.00 -57.12
N THR B 383 6.94 -28.88 -57.94
CA THR B 383 8.19 -29.57 -57.73
C THR B 383 9.18 -28.80 -56.86
N HIS B 384 8.69 -27.86 -56.04
CA HIS B 384 9.59 -27.10 -55.18
C HIS B 384 10.33 -28.05 -54.25
N GLY B 385 11.63 -27.83 -54.10
CA GLY B 385 12.45 -28.65 -53.22
C GLY B 385 13.25 -29.75 -53.90
N HIS B 386 13.01 -30.02 -55.17
CA HIS B 386 13.74 -31.06 -55.87
C HIS B 386 15.01 -30.48 -56.49
N VAL B 387 15.96 -31.38 -56.77
CA VAL B 387 17.19 -31.01 -57.46
C VAL B 387 17.17 -31.71 -58.81
N GLY B 388 18.18 -31.47 -59.64
CA GLY B 388 18.19 -32.10 -60.95
C GLY B 388 18.12 -33.60 -60.86
N ALA B 389 18.88 -34.19 -59.92
CA ALA B 389 18.79 -35.62 -59.69
C ALA B 389 17.39 -36.00 -59.22
N ASP B 390 16.81 -35.19 -58.34
CA ASP B 390 15.45 -35.44 -57.89
C ASP B 390 14.45 -35.38 -59.04
N LEU B 391 14.61 -34.40 -59.93
CA LEU B 391 13.73 -34.31 -61.08
C LEU B 391 13.85 -35.53 -61.98
N ALA B 392 15.09 -35.97 -62.23
CA ALA B 392 15.28 -37.17 -63.04
C ALA B 392 14.66 -38.39 -62.38
N ALA B 393 14.83 -38.51 -61.06
CA ALA B 393 14.23 -39.65 -60.35
C ALA B 393 12.71 -39.60 -60.41
N LEU B 394 12.12 -38.42 -60.27
CA LEU B 394 10.67 -38.29 -60.36
C LEU B 394 10.18 -38.66 -61.75
N CYS B 395 10.87 -38.21 -62.80
CA CYS B 395 10.48 -38.57 -64.15
C CYS B 395 10.58 -40.07 -64.37
N SER B 396 11.66 -40.68 -63.87
CA SER B 396 11.81 -42.13 -64.02
C SER B 396 10.71 -42.86 -63.27
N GLU B 397 10.35 -42.39 -62.07
CA GLU B 397 9.30 -43.03 -61.31
C GLU B 397 7.96 -42.92 -62.03
N ALA B 398 7.67 -41.76 -62.63
CA ALA B 398 6.45 -41.62 -63.41
C ALA B 398 6.45 -42.58 -64.59
N ALA B 399 7.58 -42.70 -65.28
CA ALA B 399 7.66 -43.62 -66.41
C ALA B 399 7.42 -45.05 -65.94
N LEU B 400 8.00 -45.43 -64.80
CA LEU B 400 7.80 -46.77 -64.27
C LEU B 400 6.35 -47.00 -63.87
N GLN B 401 5.69 -45.98 -63.32
CA GLN B 401 4.27 -46.13 -63.02
C GLN B 401 3.47 -46.35 -64.30
N ALA B 402 3.79 -45.60 -65.35
CA ALA B 402 3.10 -45.81 -66.62
C ALA B 402 3.31 -47.22 -67.14
N ILE B 403 4.55 -47.72 -67.04
CA ILE B 403 4.85 -49.07 -67.49
C ILE B 403 4.13 -50.12 -66.65
N ARG B 404 3.98 -49.85 -65.35
CA ARG B 404 3.25 -50.79 -64.49
C ARG B 404 1.75 -50.76 -64.77
N LYS B 405 1.18 -49.57 -64.98
CA LYS B 405 -0.26 -49.49 -65.21
C LYS B 405 -0.69 -50.21 -66.48
N LYS B 406 0.08 -50.05 -67.55
CA LYS B 406 -0.27 -50.66 -68.82
C LYS B 406 0.87 -51.58 -69.28
N MET B 407 0.59 -52.35 -70.33
CA MET B 407 1.57 -53.22 -70.97
C MET B 407 1.96 -54.38 -70.06
N ASP B 408 1.60 -54.29 -68.78
CA ASP B 408 1.73 -55.42 -67.87
C ASP B 408 0.48 -56.28 -67.87
N LEU B 409 -0.69 -55.66 -68.01
CA LEU B 409 -1.93 -56.42 -68.05
C LEU B 409 -1.91 -57.38 -69.23
N ILE B 410 -1.44 -56.91 -70.38
CA ILE B 410 -1.34 -57.77 -71.55
C ILE B 410 -0.31 -58.86 -71.31
N ASP B 411 0.80 -58.52 -70.65
CA ASP B 411 1.86 -59.46 -70.29
C ASP B 411 2.60 -60.00 -71.50
N LEU B 412 2.44 -59.38 -72.66
CA LEU B 412 3.16 -59.80 -73.87
C LEU B 412 4.57 -59.25 -73.81
N GLU B 413 5.53 -60.11 -73.47
CA GLU B 413 6.92 -59.70 -73.30
C GLU B 413 7.82 -60.65 -74.09
N ASP B 414 8.95 -60.11 -74.55
CA ASP B 414 9.95 -60.89 -75.26
C ASP B 414 11.33 -60.42 -74.81
N GLU B 415 12.36 -60.85 -75.54
CA GLU B 415 13.72 -60.44 -75.21
C GLU B 415 13.87 -58.92 -75.29
N THR B 416 13.27 -58.30 -76.30
CA THR B 416 13.30 -56.86 -76.45
C THR B 416 11.88 -56.38 -76.73
N ILE B 417 11.37 -55.49 -75.88
CA ILE B 417 10.02 -55.00 -76.07
C ILE B 417 9.93 -54.24 -77.39
N ASP B 418 8.83 -54.44 -78.09
CA ASP B 418 8.64 -53.79 -79.39
C ASP B 418 8.60 -52.28 -79.20
N ALA B 419 9.30 -51.57 -80.09
CA ALA B 419 9.36 -50.11 -79.98
C ALA B 419 7.97 -49.49 -80.16
N GLU B 420 7.20 -49.99 -81.14
CA GLU B 420 5.88 -49.42 -81.37
C GLU B 420 4.95 -49.66 -80.18
N VAL B 421 5.02 -50.87 -79.60
CA VAL B 421 4.16 -51.19 -78.47
C VAL B 421 4.47 -50.28 -77.29
N MET B 422 5.76 -50.09 -77.01
CA MET B 422 6.14 -49.21 -75.91
C MET B 422 5.81 -47.75 -76.21
N ASN B 423 5.91 -47.34 -77.48
CA ASN B 423 5.58 -45.97 -77.85
C ASN B 423 4.08 -45.70 -77.74
N SER B 424 3.24 -46.72 -77.83
CA SER B 424 1.80 -46.51 -77.74
C SER B 424 1.38 -45.92 -76.41
N LEU B 425 2.17 -46.09 -75.37
CA LEU B 425 1.81 -45.56 -74.06
C LEU B 425 2.24 -44.10 -73.95
N ALA B 426 1.44 -43.33 -73.23
CA ALA B 426 1.74 -41.93 -72.97
C ALA B 426 1.68 -41.66 -71.48
N VAL B 427 2.72 -41.02 -70.95
CA VAL B 427 2.77 -40.72 -69.53
C VAL B 427 1.69 -39.70 -69.21
N THR B 428 0.73 -40.10 -68.39
CA THR B 428 -0.41 -39.24 -68.08
C THR B 428 -0.11 -38.37 -66.88
N MET B 429 -0.94 -37.32 -66.72
CA MET B 429 -0.76 -36.43 -65.58
C MET B 429 -0.90 -37.16 -64.26
N ASP B 430 -1.76 -38.18 -64.21
CA ASP B 430 -1.94 -38.92 -62.96
C ASP B 430 -0.64 -39.60 -62.53
N ASP B 431 0.09 -40.18 -63.48
CA ASP B 431 1.36 -40.83 -63.12
C ASP B 431 2.34 -39.82 -62.54
N PHE B 432 2.43 -38.65 -63.16
CA PHE B 432 3.35 -37.63 -62.65
C PHE B 432 2.91 -37.16 -61.27
N ARG B 433 1.59 -37.04 -61.06
CA ARG B 433 1.09 -36.63 -59.76
C ARG B 433 1.46 -37.65 -58.69
N TRP B 434 1.30 -38.94 -59.00
CA TRP B 434 1.67 -39.97 -58.03
C TRP B 434 3.17 -39.91 -57.74
N ALA B 435 3.98 -39.75 -58.79
CA ALA B 435 5.42 -39.69 -58.59
C ALA B 435 5.78 -38.50 -57.70
N LEU B 436 5.15 -37.34 -57.94
CA LEU B 436 5.39 -36.19 -57.09
C LEU B 436 4.99 -36.49 -55.65
N SER B 437 3.89 -37.22 -55.46
CA SER B 437 3.52 -37.64 -54.12
C SER B 437 4.57 -38.55 -53.51
N GLN B 438 5.31 -39.27 -54.33
CA GLN B 438 6.33 -40.22 -53.88
C GLN B 438 7.74 -39.71 -54.18
N SER B 439 7.99 -38.41 -53.98
CA SER B 439 9.25 -37.79 -54.35
C SER B 439 10.26 -37.71 -53.20
N ASN B 440 9.88 -37.12 -52.06
CA ASN B 440 10.83 -36.98 -50.97
C ASN B 440 12.07 -36.24 -51.48
N PRO B 441 11.95 -34.95 -51.78
CA PRO B 441 13.10 -34.21 -52.31
C PRO B 441 14.29 -34.16 -51.35
N SER B 442 15.48 -34.28 -51.94
CA SER B 442 16.72 -34.48 -51.19
C SER B 442 17.38 -33.14 -50.85
N ALA B 443 16.68 -32.35 -50.03
CA ALA B 443 17.16 -31.07 -49.51
C ALA B 443 16.09 -29.99 -49.61
N LEU B 444 14.89 -30.29 -49.09
CA LEU B 444 13.84 -29.29 -48.99
C LEU B 444 14.24 -28.16 -48.07
N ARG B 445 14.91 -28.51 -46.97
CA ARG B 445 15.32 -27.56 -45.94
C ARG B 445 16.33 -26.53 -46.43
N GLU B 446 17.11 -26.86 -47.46
CA GLU B 446 18.14 -25.94 -47.92
C GLU B 446 17.52 -24.60 -48.29
N THR B 447 18.20 -23.52 -47.91
CA THR B 447 17.70 -22.18 -48.16
C THR B 447 17.56 -21.93 -49.66
N VAL B 448 16.51 -21.19 -50.02
CA VAL B 448 16.18 -20.89 -51.41
C VAL B 448 16.60 -19.46 -51.74
N VAL B 449 17.36 -19.32 -52.83
CA VAL B 449 17.75 -18.04 -53.39
C VAL B 449 17.06 -17.94 -54.74
N GLU B 450 15.91 -17.26 -54.79
CA GLU B 450 15.11 -17.22 -56.00
C GLU B 450 14.47 -15.86 -56.20
N VAL B 451 14.41 -15.45 -57.46
CA VAL B 451 13.74 -14.21 -57.87
C VAL B 451 12.24 -14.39 -57.63
N PRO B 452 11.63 -13.66 -56.71
CA PRO B 452 10.22 -13.87 -56.42
C PRO B 452 9.36 -13.57 -57.63
N GLN B 453 8.32 -14.40 -57.82
CA GLN B 453 7.38 -14.22 -58.91
C GLN B 453 6.28 -13.21 -58.58
N VAL B 454 6.20 -12.75 -57.32
CA VAL B 454 5.18 -11.79 -56.96
C VAL B 454 5.42 -10.49 -57.71
N THR B 455 4.33 -9.79 -58.03
CA THR B 455 4.39 -8.54 -58.78
C THR B 455 3.53 -7.51 -58.07
N TRP B 456 3.71 -6.25 -58.48
CA TRP B 456 2.95 -5.16 -57.87
C TRP B 456 1.45 -5.34 -58.04
N GLU B 457 1.03 -6.12 -59.05
CA GLU B 457 -0.39 -6.37 -59.25
C GLU B 457 -1.02 -7.05 -58.05
N ASP B 458 -0.29 -7.97 -57.42
CA ASP B 458 -0.84 -8.67 -56.26
C ASP B 458 -1.20 -7.69 -55.14
N ILE B 459 -0.46 -6.61 -54.99
CA ILE B 459 -0.75 -5.61 -53.96
C ILE B 459 -1.50 -4.47 -54.63
N GLY B 460 -2.71 -4.19 -54.13
CA GLY B 460 -3.53 -3.14 -54.71
C GLY B 460 -3.39 -1.76 -54.11
N GLY B 461 -2.24 -1.13 -54.25
CA GLY B 461 -2.10 0.18 -53.69
C GLY B 461 -0.73 0.44 -53.11
N LEU B 462 -0.68 1.12 -51.96
CA LEU B 462 0.60 1.44 -51.33
C LEU B 462 1.45 2.23 -52.32
N GLU B 463 0.80 3.15 -53.04
CA GLU B 463 1.49 3.91 -54.07
C GLU B 463 2.60 4.75 -53.48
N ASP B 464 2.36 5.40 -52.34
CA ASP B 464 3.44 6.14 -51.69
C ASP B 464 4.52 5.18 -51.24
N VAL B 465 4.12 4.07 -50.61
CA VAL B 465 5.08 3.06 -50.19
C VAL B 465 5.76 2.42 -51.39
N LYS B 466 5.00 2.15 -52.46
CA LYS B 466 5.57 1.55 -53.65
C LYS B 466 6.63 2.47 -54.26
N ARG B 467 6.32 3.76 -54.37
CA ARG B 467 7.27 4.71 -54.94
C ARG B 467 8.50 4.84 -54.05
N GLU B 468 8.30 4.90 -52.73
CA GLU B 468 9.45 5.00 -51.83
C GLU B 468 10.35 3.77 -51.94
N LEU B 469 9.77 2.58 -51.99
CA LEU B 469 10.57 1.37 -52.15
C LEU B 469 11.29 1.38 -53.48
N GLN B 470 10.59 1.79 -54.55
CA GLN B 470 11.22 1.88 -55.85
C GLN B 470 12.43 2.80 -55.76
N GLU B 471 12.26 3.96 -55.13
CA GLU B 471 13.38 4.87 -54.96
C GLU B 471 14.54 4.16 -54.28
N LEU B 472 14.32 3.76 -53.03
CA LEU B 472 15.41 3.27 -52.20
C LEU B 472 16.15 2.12 -52.86
N VAL B 473 15.43 1.19 -53.48
CA VAL B 473 16.11 0.02 -54.03
C VAL B 473 16.53 0.24 -55.49
N GLN B 474 15.56 0.50 -56.36
CA GLN B 474 15.84 0.55 -57.79
C GLN B 474 16.72 1.74 -58.19
N TYR B 475 16.47 2.94 -57.65
CA TYR B 475 17.20 4.11 -58.16
C TYR B 475 18.71 3.99 -58.10
N PRO B 476 19.34 3.50 -57.03
CA PRO B 476 20.82 3.42 -57.04
C PRO B 476 21.39 2.58 -58.17
N VAL B 477 20.69 1.54 -58.60
CA VAL B 477 21.19 0.66 -59.64
C VAL B 477 20.77 1.12 -61.03
N GLU B 478 19.52 1.55 -61.19
CA GLU B 478 19.08 1.99 -62.50
C GLU B 478 19.87 3.23 -62.92
N HIS B 479 20.10 4.14 -61.98
CA HIS B 479 20.82 5.39 -62.26
C HIS B 479 21.91 5.58 -61.20
N PRO B 480 22.90 4.67 -61.18
CA PRO B 480 24.02 4.85 -60.23
C PRO B 480 24.82 6.12 -60.49
N ASP B 481 24.90 6.54 -61.75
CA ASP B 481 25.67 7.73 -62.09
C ASP B 481 25.12 8.97 -61.39
N LYS B 482 23.81 9.10 -61.34
CA LYS B 482 23.22 10.29 -60.72
C LYS B 482 23.40 10.27 -59.20
N PHE B 483 23.37 9.08 -58.60
CA PHE B 483 23.70 8.99 -57.17
C PHE B 483 25.15 9.39 -56.92
N LEU B 484 26.05 8.96 -57.79
CA LEU B 484 27.46 9.33 -57.64
C LEU B 484 27.69 10.82 -57.87
N LYS B 485 26.92 11.44 -58.76
CA LYS B 485 27.10 12.86 -59.05
C LYS B 485 26.88 13.73 -57.83
N PHE B 486 25.83 13.45 -57.06
CA PHE B 486 25.53 14.26 -55.88
C PHE B 486 26.29 13.82 -54.64
N GLY B 487 27.13 12.79 -54.75
CA GLY B 487 27.89 12.31 -53.61
C GLY B 487 27.04 11.82 -52.47
N MET B 488 25.95 11.12 -52.77
CA MET B 488 25.04 10.58 -51.78
C MET B 488 25.07 9.06 -51.83
N THR B 489 25.22 8.42 -50.68
CA THR B 489 25.20 6.97 -50.64
C THR B 489 23.80 6.52 -50.27
N PRO B 490 23.09 5.81 -51.15
CA PRO B 490 21.73 5.39 -50.83
C PRO B 490 21.67 4.43 -49.65
N SER B 491 20.60 4.56 -48.87
CA SER B 491 20.39 3.67 -47.73
C SER B 491 20.21 2.24 -48.22
N LYS B 492 20.84 1.30 -47.53
CA LYS B 492 20.74 -0.11 -47.89
C LYS B 492 19.92 -0.91 -46.88
N GLY B 493 19.05 -0.25 -46.13
CA GLY B 493 18.20 -0.91 -45.17
C GLY B 493 16.84 -0.24 -45.03
N VAL B 494 15.78 -1.03 -45.04
CA VAL B 494 14.41 -0.53 -44.89
C VAL B 494 13.68 -1.43 -43.90
N LEU B 495 12.95 -0.82 -42.97
CA LEU B 495 12.22 -1.57 -41.95
C LEU B 495 10.73 -1.33 -42.10
N PHE B 496 10.00 -2.35 -42.54
CA PHE B 496 8.55 -2.28 -42.63
C PHE B 496 7.91 -2.54 -41.27
N TYR B 497 7.03 -1.64 -40.85
CA TYR B 497 6.27 -1.81 -39.62
C TYR B 497 4.80 -1.63 -39.92
N GLY B 498 3.96 -2.47 -39.31
CA GLY B 498 2.54 -2.42 -39.53
C GLY B 498 1.81 -3.61 -38.93
N PRO B 499 0.49 -3.61 -38.99
CA PRO B 499 -0.27 -4.72 -38.41
C PRO B 499 -0.08 -5.98 -39.21
N PRO B 500 -0.24 -7.15 -38.57
CA PRO B 500 -0.03 -8.42 -39.27
C PRO B 500 -1.02 -8.66 -40.39
N GLY B 501 -0.52 -9.27 -41.47
CA GLY B 501 -1.38 -9.60 -42.60
C GLY B 501 -1.62 -8.49 -43.59
N CYS B 502 -0.84 -7.42 -43.55
CA CYS B 502 -1.05 -6.31 -44.48
C CYS B 502 -0.22 -6.41 -45.75
N GLY B 503 0.65 -7.39 -45.88
CA GLY B 503 1.42 -7.57 -47.09
C GLY B 503 2.85 -7.12 -47.08
N LYS B 504 3.50 -7.06 -45.91
CA LYS B 504 4.90 -6.64 -45.90
C LYS B 504 5.81 -7.63 -46.62
N THR B 505 5.60 -8.94 -46.38
CA THR B 505 6.39 -9.93 -47.09
C THR B 505 6.13 -9.86 -48.58
N LEU B 506 4.85 -9.70 -48.96
CA LEU B 506 4.51 -9.57 -50.37
C LEU B 506 5.12 -8.31 -50.97
N LEU B 507 5.12 -7.21 -50.21
CA LEU B 507 5.73 -5.99 -50.72
C LEU B 507 7.21 -6.17 -50.97
N ALA B 508 7.90 -6.86 -50.05
CA ALA B 508 9.32 -7.11 -50.23
C ALA B 508 9.56 -7.98 -51.46
N LYS B 509 8.72 -9.01 -51.64
CA LYS B 509 8.87 -9.86 -52.82
C LYS B 509 8.63 -9.07 -54.09
N ALA B 510 7.63 -8.19 -54.09
CA ALA B 510 7.33 -7.39 -55.27
C ALA B 510 8.48 -6.45 -55.61
N ILE B 511 9.06 -5.80 -54.59
CA ILE B 511 10.17 -4.90 -54.84
C ILE B 511 11.38 -5.67 -55.38
N ALA B 512 11.61 -6.87 -54.84
CA ALA B 512 12.69 -7.70 -55.37
C ALA B 512 12.43 -8.07 -56.82
N ASN B 513 11.18 -8.41 -57.13
CA ASN B 513 10.82 -8.80 -58.49
C ASN B 513 11.00 -7.66 -59.48
N GLU B 514 10.64 -6.44 -59.08
CA GLU B 514 10.77 -5.31 -60.00
C GLU B 514 12.22 -5.09 -60.39
N CYS B 515 13.14 -5.19 -59.43
CA CYS B 515 14.56 -5.06 -59.71
C CYS B 515 15.17 -6.33 -60.29
N GLN B 516 14.40 -7.42 -60.36
CA GLN B 516 14.91 -8.70 -60.88
C GLN B 516 16.14 -9.15 -60.12
N ALA B 517 16.10 -9.01 -58.80
CA ALA B 517 17.19 -9.41 -57.92
C ALA B 517 16.75 -10.58 -57.05
N ASN B 518 17.71 -11.44 -56.71
CA ASN B 518 17.41 -12.61 -55.90
C ASN B 518 16.84 -12.17 -54.55
N PHE B 519 15.92 -12.98 -54.04
CA PHE B 519 15.26 -12.69 -52.77
C PHE B 519 15.54 -13.79 -51.77
N ILE B 520 16.03 -13.41 -50.60
CA ILE B 520 16.29 -14.33 -49.49
C ILE B 520 15.44 -13.89 -48.32
N SER B 521 14.65 -14.82 -47.78
CA SER B 521 13.74 -14.50 -46.68
C SER B 521 14.16 -15.28 -45.44
N ILE B 522 14.41 -14.55 -44.35
CA ILE B 522 14.75 -15.17 -43.08
C ILE B 522 13.57 -15.01 -42.13
N LYS B 523 12.71 -16.02 -42.07
CA LYS B 523 11.54 -15.90 -41.21
C LYS B 523 11.95 -15.97 -39.73
N GLY B 524 10.99 -15.63 -38.86
CA GLY B 524 11.19 -15.62 -37.44
C GLY B 524 11.58 -16.95 -36.84
N PRO B 525 11.03 -18.08 -37.29
CA PRO B 525 11.47 -19.36 -36.72
C PRO B 525 12.97 -19.56 -36.84
N GLU B 526 13.58 -19.15 -37.95
CA GLU B 526 15.03 -19.33 -38.08
C GLU B 526 15.79 -18.50 -37.04
N LEU B 527 15.37 -17.25 -36.84
CA LEU B 527 16.01 -16.41 -35.84
C LEU B 527 15.83 -16.99 -34.44
N LEU B 528 14.62 -17.48 -34.14
CA LEU B 528 14.38 -18.07 -32.84
C LEU B 528 15.22 -19.32 -32.65
N THR B 529 15.41 -20.11 -33.71
CA THR B 529 16.26 -21.29 -33.60
C THR B 529 17.70 -20.89 -33.32
N MET B 530 18.20 -19.87 -34.00
CA MET B 530 19.56 -19.41 -33.75
C MET B 530 19.71 -18.88 -32.33
N TRP B 531 18.66 -18.23 -31.80
CA TRP B 531 18.73 -17.67 -30.46
C TRP B 531 18.66 -18.76 -29.39
N PHE B 532 17.73 -19.70 -29.54
CA PHE B 532 17.61 -20.78 -28.56
C PHE B 532 18.85 -21.65 -28.56
N GLY B 533 19.37 -21.98 -29.74
CA GLY B 533 20.56 -22.80 -29.85
C GLY B 533 21.86 -22.09 -29.57
N GLU B 534 21.82 -20.78 -29.33
CA GLU B 534 23.03 -20.00 -29.06
C GLU B 534 24.04 -20.16 -30.19
N SER B 535 23.53 -20.23 -31.42
CA SER B 535 24.36 -20.36 -32.63
C SER B 535 24.08 -19.18 -33.56
N GLU B 536 24.76 -18.06 -33.30
CA GLU B 536 24.60 -16.87 -34.14
C GLU B 536 25.58 -16.83 -35.29
N ALA B 537 26.52 -17.78 -35.40
CA ALA B 537 27.41 -17.78 -36.56
C ALA B 537 26.64 -18.05 -37.84
N ASN B 538 25.40 -18.53 -37.72
CA ASN B 538 24.59 -18.76 -38.90
C ASN B 538 24.28 -17.44 -39.58
N VAL B 539 24.27 -16.35 -38.82
CA VAL B 539 24.05 -15.04 -39.42
C VAL B 539 25.16 -14.73 -40.39
N ARG B 540 26.41 -15.07 -40.02
CA ARG B 540 27.53 -14.87 -40.93
C ARG B 540 27.34 -15.68 -42.19
N GLU B 541 26.90 -16.94 -42.05
CA GLU B 541 26.69 -17.76 -43.24
C GLU B 541 25.57 -17.19 -44.10
N ILE B 542 24.49 -16.73 -43.49
CA ILE B 542 23.36 -16.17 -44.22
C ILE B 542 23.80 -14.93 -45.00
N PHE B 543 24.55 -14.05 -44.35
CA PHE B 543 25.03 -12.85 -45.04
C PHE B 543 25.98 -13.19 -46.17
N ASP B 544 26.85 -14.19 -45.98
CA ASP B 544 27.73 -14.60 -47.06
C ASP B 544 26.93 -15.13 -48.24
N LYS B 545 25.90 -15.94 -47.96
CA LYS B 545 25.05 -16.45 -49.03
C LYS B 545 24.35 -15.32 -49.77
N ALA B 546 23.85 -14.34 -49.03
CA ALA B 546 23.21 -13.18 -49.68
C ALA B 546 24.21 -12.42 -50.54
N ARG B 547 25.45 -12.29 -50.05
CA ARG B 547 26.49 -11.61 -50.80
C ARG B 547 26.79 -12.33 -52.11
N GLN B 548 26.86 -13.67 -52.06
CA GLN B 548 27.16 -14.42 -53.28
C GLN B 548 26.06 -14.25 -54.32
N ALA B 549 24.79 -14.23 -53.89
CA ALA B 549 23.67 -14.11 -54.82
C ALA B 549 23.28 -12.64 -54.99
N ALA B 550 24.16 -11.90 -55.67
CA ALA B 550 23.91 -10.49 -55.89
C ALA B 550 23.50 -10.25 -57.33
N PRO B 551 22.49 -9.39 -57.58
CA PRO B 551 21.75 -8.55 -56.65
C PRO B 551 20.72 -9.32 -55.84
N CYS B 552 20.61 -9.04 -54.55
CA CYS B 552 19.70 -9.77 -53.68
C CYS B 552 19.04 -8.81 -52.71
N VAL B 553 17.88 -9.22 -52.20
CA VAL B 553 17.11 -8.47 -51.22
C VAL B 553 17.00 -9.35 -49.98
N LEU B 554 17.92 -9.15 -49.03
CA LEU B 554 17.92 -9.95 -47.82
C LEU B 554 16.83 -9.41 -46.89
N PHE B 555 15.75 -10.18 -46.76
CA PHE B 555 14.59 -9.78 -45.96
C PHE B 555 14.57 -10.55 -44.65
N PHE B 556 14.50 -9.81 -43.55
CA PHE B 556 14.43 -10.42 -42.21
C PHE B 556 12.99 -10.28 -41.75
N ASP B 557 12.17 -11.26 -42.13
CA ASP B 557 10.75 -11.24 -41.78
C ASP B 557 10.53 -11.40 -40.29
N GLU B 558 9.64 -10.59 -39.73
CA GLU B 558 9.26 -10.69 -38.32
C GLU B 558 10.51 -10.73 -37.42
N LEU B 559 11.33 -9.68 -37.60
CA LEU B 559 12.58 -9.51 -36.86
C LEU B 559 12.38 -9.30 -35.36
N ASP B 560 11.17 -8.96 -34.91
CA ASP B 560 10.91 -8.73 -33.49
C ASP B 560 10.64 -10.01 -32.71
N SER B 561 10.77 -11.17 -33.34
CA SER B 561 10.43 -12.43 -32.69
C SER B 561 11.25 -12.67 -31.43
N ILE B 562 12.56 -12.37 -31.46
CA ILE B 562 13.40 -12.60 -30.29
C ILE B 562 12.96 -11.72 -29.12
N ALA B 563 12.63 -10.45 -29.41
CA ALA B 563 12.18 -9.57 -28.33
C ALA B 563 10.90 -10.09 -27.71
N LYS B 564 9.97 -10.57 -28.54
CA LYS B 564 8.74 -11.15 -28.01
C LYS B 564 9.05 -12.37 -27.16
N ALA B 565 9.97 -13.22 -27.64
CA ALA B 565 10.33 -14.42 -26.91
C ALA B 565 10.89 -14.09 -25.53
N ARG B 566 11.64 -12.99 -25.44
CA ARG B 566 12.18 -12.60 -24.15
C ARG B 566 11.20 -11.79 -23.30
N GLY B 567 10.06 -11.41 -23.89
CA GLY B 567 9.08 -10.61 -23.17
C GLY B 567 8.42 -9.57 -24.05
N GLY B 568 8.50 -8.31 -23.63
CA GLY B 568 7.91 -7.21 -24.38
C GLY B 568 7.26 -6.17 -23.48
N ASN B 569 6.64 -6.62 -22.40
CA ASN B 569 6.09 -5.71 -21.40
C ASN B 569 7.04 -5.50 -20.24
N ILE B 570 7.54 -6.61 -19.68
CA ILE B 570 8.61 -6.57 -18.68
C ILE B 570 9.89 -7.18 -19.24
N GLY B 571 9.80 -8.36 -19.85
CA GLY B 571 10.90 -9.05 -20.47
C GLY B 571 11.98 -9.45 -19.48
N ASP B 572 13.18 -9.65 -20.03
CA ASP B 572 14.35 -9.96 -19.23
C ASP B 572 14.81 -8.72 -18.47
N GLY B 573 15.70 -8.95 -17.50
CA GLY B 573 16.26 -7.83 -16.77
C GLY B 573 17.15 -6.94 -17.62
N GLY B 574 17.78 -7.51 -18.64
CA GLY B 574 18.65 -6.75 -19.50
C GLY B 574 17.88 -5.92 -20.51
N GLY B 575 18.63 -5.21 -21.35
CA GLY B 575 18.04 -4.35 -22.36
C GLY B 575 17.57 -5.11 -23.58
N ALA B 576 17.34 -4.36 -24.66
CA ALA B 576 16.85 -4.93 -25.90
C ALA B 576 17.90 -5.73 -26.65
N ALA B 577 19.18 -5.55 -26.33
CA ALA B 577 20.23 -6.26 -27.05
C ALA B 577 20.14 -7.76 -26.83
N ASP B 578 20.33 -8.51 -27.91
CA ASP B 578 20.32 -9.97 -27.88
C ASP B 578 21.41 -10.47 -28.83
N ARG B 579 21.73 -11.76 -28.72
CA ARG B 579 22.82 -12.32 -29.49
C ARG B 579 22.56 -12.24 -30.99
N VAL B 580 21.38 -12.66 -31.43
CA VAL B 580 21.09 -12.71 -32.86
C VAL B 580 21.06 -11.32 -33.47
N ILE B 581 20.40 -10.36 -32.81
CA ILE B 581 20.35 -9.01 -33.35
C ILE B 581 21.74 -8.39 -33.34
N ASN B 582 22.54 -8.68 -32.32
CA ASN B 582 23.89 -8.15 -32.30
C ASN B 582 24.71 -8.69 -33.47
N GLN B 583 24.58 -9.98 -33.77
CA GLN B 583 25.29 -10.54 -34.90
C GLN B 583 24.80 -9.93 -36.20
N ILE B 584 23.49 -9.70 -36.32
CA ILE B 584 22.95 -9.07 -37.52
C ILE B 584 23.51 -7.68 -37.68
N LEU B 585 23.58 -6.92 -36.58
CA LEU B 585 24.17 -5.58 -36.63
C LEU B 585 25.64 -5.64 -37.04
N THR B 586 26.39 -6.61 -36.51
CA THR B 586 27.79 -6.72 -36.87
C THR B 586 27.95 -7.02 -38.36
N GLU B 587 27.10 -7.90 -38.89
CA GLU B 587 27.17 -8.23 -40.31
C GLU B 587 26.79 -7.04 -41.17
N MET B 588 25.75 -6.30 -40.76
CA MET B 588 25.35 -5.11 -41.50
C MET B 588 26.45 -4.05 -41.48
N ASP B 589 27.06 -3.84 -40.31
CA ASP B 589 28.15 -2.87 -40.21
C ASP B 589 29.31 -3.29 -41.10
N GLY B 590 29.55 -4.59 -41.20
CA GLY B 590 30.62 -5.10 -42.05
C GLY B 590 30.17 -5.28 -43.47
N MET B 591 28.91 -4.97 -43.74
CA MET B 591 28.30 -5.09 -45.05
C MET B 591 28.45 -3.75 -45.77
N SER B 592 27.63 -3.50 -46.78
CA SER B 592 27.68 -2.29 -47.59
C SER B 592 28.87 -2.36 -48.54
N THR B 593 29.86 -3.20 -48.24
CA THR B 593 31.00 -3.34 -49.14
C THR B 593 30.54 -3.93 -50.47
N LYS B 594 29.62 -4.89 -50.40
CA LYS B 594 29.14 -5.62 -51.56
C LYS B 594 28.35 -4.72 -52.52
N LYS B 595 27.70 -3.67 -52.02
CA LYS B 595 27.02 -2.71 -52.88
C LYS B 595 25.79 -3.31 -53.53
N ASN B 596 25.46 -4.57 -53.26
CA ASN B 596 24.31 -5.22 -53.86
C ASN B 596 23.28 -5.72 -52.87
N VAL B 597 23.69 -6.29 -51.74
CA VAL B 597 22.71 -6.82 -50.80
C VAL B 597 21.94 -5.66 -50.17
N PHE B 598 20.63 -5.81 -50.09
CA PHE B 598 19.72 -4.81 -49.53
C PHE B 598 18.92 -5.48 -48.43
N ILE B 599 19.00 -4.93 -47.22
CA ILE B 599 18.33 -5.51 -46.06
C ILE B 599 16.96 -4.88 -45.86
N ILE B 600 15.94 -5.72 -45.80
CA ILE B 600 14.56 -5.30 -45.55
C ILE B 600 14.08 -6.00 -44.29
N GLY B 601 13.56 -5.24 -43.34
CA GLY B 601 13.06 -5.78 -42.09
C GLY B 601 11.59 -5.50 -41.89
N ALA B 602 10.86 -6.53 -41.46
CA ALA B 602 9.43 -6.44 -41.19
C ALA B 602 9.19 -6.78 -39.72
N THR B 603 8.41 -5.96 -39.04
CA THR B 603 8.14 -6.16 -37.62
C THR B 603 6.74 -5.67 -37.28
N ASN B 604 5.98 -6.50 -36.58
CA ASN B 604 4.65 -6.12 -36.13
C ASN B 604 4.66 -5.44 -34.76
N ARG B 605 5.81 -5.36 -34.11
CA ARG B 605 5.95 -4.73 -32.80
C ARG B 605 7.13 -3.77 -32.84
N PRO B 606 6.96 -2.62 -33.48
CA PRO B 606 8.08 -1.66 -33.57
C PRO B 606 8.54 -1.15 -32.23
N ASP B 607 7.66 -1.10 -31.23
CA ASP B 607 8.04 -0.58 -29.92
C ASP B 607 9.14 -1.42 -29.28
N ILE B 608 9.07 -2.75 -29.41
CA ILE B 608 10.05 -3.61 -28.76
C ILE B 608 11.31 -3.85 -29.58
N ILE B 609 11.35 -3.39 -30.84
CA ILE B 609 12.53 -3.61 -31.66
C ILE B 609 13.71 -2.85 -31.06
N ASP B 610 14.90 -3.44 -31.18
CA ASP B 610 16.09 -2.81 -30.63
C ASP B 610 16.35 -1.48 -31.32
N PRO B 611 16.60 -0.40 -30.57
CA PRO B 611 16.86 0.90 -31.22
C PRO B 611 18.10 0.89 -32.10
N ALA B 612 19.11 0.07 -31.76
CA ALA B 612 20.33 0.05 -32.56
C ALA B 612 20.05 -0.35 -34.00
N ILE B 613 18.98 -1.11 -34.22
CA ILE B 613 18.60 -1.51 -35.58
C ILE B 613 18.30 -0.31 -36.45
N LEU B 614 17.82 0.79 -35.85
CA LEU B 614 17.37 1.94 -36.61
C LEU B 614 18.44 3.02 -36.76
N ARG B 615 19.64 2.81 -36.24
CA ARG B 615 20.70 3.81 -36.36
C ARG B 615 21.16 3.91 -37.81
N PRO B 616 21.76 5.04 -38.19
CA PRO B 616 22.24 5.18 -39.57
C PRO B 616 23.24 4.09 -39.92
N GLY B 617 23.18 3.63 -41.17
CA GLY B 617 23.95 2.50 -41.62
C GLY B 617 23.26 1.17 -41.39
N ARG B 618 22.10 1.20 -40.72
CA ARG B 618 21.25 0.04 -40.45
C ARG B 618 19.89 0.30 -41.09
N LEU B 619 18.88 -0.47 -40.67
CA LEU B 619 17.54 -0.29 -41.22
C LEU B 619 16.92 0.99 -40.68
N ASP B 620 17.40 2.12 -41.21
CA ASP B 620 16.97 3.44 -40.74
C ASP B 620 15.69 3.89 -41.43
N GLN B 621 15.52 3.58 -42.71
CA GLN B 621 14.33 4.00 -43.43
C GLN B 621 13.13 3.19 -42.95
N LEU B 622 12.36 3.77 -42.05
CA LEU B 622 11.16 3.12 -41.52
C LEU B 622 9.98 3.41 -42.43
N ILE B 623 9.31 2.35 -42.88
CA ILE B 623 8.15 2.46 -43.76
C ILE B 623 6.97 1.82 -43.05
N TYR B 624 5.86 2.54 -42.98
CA TYR B 624 4.65 2.06 -42.33
C TYR B 624 3.69 1.49 -43.37
N ILE B 625 3.26 0.26 -43.16
CA ILE B 625 2.29 -0.39 -44.04
C ILE B 625 0.94 -0.36 -43.36
N PRO B 626 0.00 0.46 -43.82
CA PRO B 626 -1.31 0.54 -43.17
C PRO B 626 -2.25 -0.53 -43.67
N LEU B 627 -3.40 -0.64 -43.01
CA LEU B 627 -4.41 -1.59 -43.42
C LEU B 627 -4.86 -1.25 -44.84
N PRO B 628 -5.12 -2.26 -45.68
CA PRO B 628 -5.46 -1.96 -47.08
C PRO B 628 -6.72 -1.12 -47.18
N ASP B 629 -6.72 -0.18 -48.11
CA ASP B 629 -7.86 0.67 -48.36
C ASP B 629 -8.93 -0.10 -49.14
N GLU B 630 -10.01 0.60 -49.51
CA GLU B 630 -11.08 -0.04 -50.27
C GLU B 630 -10.57 -0.54 -51.61
N LYS B 631 -9.83 0.32 -52.33
CA LYS B 631 -9.25 -0.10 -53.60
C LYS B 631 -8.20 -1.18 -53.38
N SER B 632 -7.39 -1.03 -52.34
CA SER B 632 -6.40 -2.05 -52.01
C SER B 632 -7.09 -3.36 -51.67
N ARG B 633 -8.19 -3.29 -50.92
CA ARG B 633 -8.94 -4.47 -50.57
C ARG B 633 -9.49 -5.15 -51.81
N VAL B 634 -9.98 -4.37 -52.78
CA VAL B 634 -10.49 -4.94 -54.02
C VAL B 634 -9.36 -5.69 -54.73
N ALA B 635 -8.19 -5.07 -54.80
CA ALA B 635 -7.05 -5.71 -55.46
C ALA B 635 -6.65 -7.00 -54.75
N ILE B 636 -6.64 -6.98 -53.41
CA ILE B 636 -6.29 -8.17 -52.65
C ILE B 636 -7.28 -9.29 -52.92
N LEU B 637 -8.58 -8.95 -52.95
CA LEU B 637 -9.58 -9.98 -53.23
C LEU B 637 -9.40 -10.55 -54.62
N LYS B 638 -9.11 -9.68 -55.60
CA LYS B 638 -8.90 -10.17 -56.96
C LYS B 638 -7.69 -11.10 -57.03
N ALA B 639 -6.60 -10.72 -56.36
CA ALA B 639 -5.40 -11.56 -56.36
C ALA B 639 -5.67 -12.92 -55.71
N ASN B 640 -6.38 -12.92 -54.58
CA ASN B 640 -6.69 -14.18 -53.91
C ASN B 640 -7.61 -15.06 -54.74
N LEU B 641 -8.52 -14.45 -55.49
CA LEU B 641 -9.53 -15.20 -56.24
C LEU B 641 -9.17 -15.33 -57.72
N ARG B 642 -7.95 -14.97 -58.13
CA ARG B 642 -7.60 -15.07 -59.54
C ARG B 642 -7.66 -16.50 -60.03
N LYS B 643 -7.10 -17.43 -59.26
CA LYS B 643 -7.08 -18.84 -59.67
C LYS B 643 -8.46 -19.48 -59.58
N SER B 644 -9.21 -19.17 -58.53
CA SER B 644 -10.50 -19.81 -58.33
C SER B 644 -11.52 -19.33 -59.36
N PRO B 645 -12.40 -20.22 -59.83
CA PRO B 645 -13.46 -19.80 -60.75
C PRO B 645 -14.53 -18.99 -60.03
N VAL B 646 -14.57 -17.69 -60.27
CA VAL B 646 -15.51 -16.79 -59.60
C VAL B 646 -16.52 -16.29 -60.62
N ALA B 647 -17.81 -16.48 -60.31
CA ALA B 647 -18.88 -16.03 -61.19
C ALA B 647 -18.91 -14.51 -61.25
N LYS B 648 -19.17 -13.98 -62.45
CA LYS B 648 -19.24 -12.54 -62.61
C LYS B 648 -20.37 -11.92 -61.82
N ASP B 649 -21.36 -12.72 -61.40
CA ASP B 649 -22.48 -12.18 -60.64
C ASP B 649 -22.02 -11.58 -59.32
N VAL B 650 -21.09 -12.25 -58.63
CA VAL B 650 -20.61 -11.78 -57.34
C VAL B 650 -19.75 -10.53 -57.57
N ASP B 651 -20.24 -9.39 -57.09
CA ASP B 651 -19.53 -8.12 -57.21
C ASP B 651 -18.41 -8.06 -56.18
N LEU B 652 -17.17 -7.84 -56.64
CA LEU B 652 -16.03 -7.80 -55.73
C LEU B 652 -15.83 -6.42 -55.12
N GLU B 653 -16.13 -5.36 -55.85
CA GLU B 653 -15.95 -4.02 -55.29
C GLU B 653 -16.86 -3.82 -54.09
N PHE B 654 -18.10 -4.31 -54.18
CA PHE B 654 -19.03 -4.20 -53.07
C PHE B 654 -18.50 -4.94 -51.85
N LEU B 655 -17.97 -6.15 -52.05
CA LEU B 655 -17.42 -6.90 -50.93
C LEU B 655 -16.23 -6.19 -50.31
N ALA B 656 -15.35 -5.63 -51.14
CA ALA B 656 -14.19 -4.93 -50.59
C ALA B 656 -14.62 -3.72 -49.80
N LYS B 657 -15.60 -2.97 -50.30
CA LYS B 657 -16.06 -1.76 -49.62
C LYS B 657 -16.78 -2.13 -48.34
N MET B 658 -17.49 -3.26 -48.36
CA MET B 658 -18.23 -3.71 -47.19
C MET B 658 -17.28 -3.99 -46.03
N THR B 659 -16.11 -4.57 -46.33
CA THR B 659 -15.10 -4.89 -45.32
C THR B 659 -14.43 -3.59 -44.89
N ASN B 660 -14.92 -3.00 -43.79
CA ASN B 660 -14.44 -1.68 -43.39
C ASN B 660 -12.95 -1.70 -43.01
N GLY B 661 -12.54 -2.65 -42.18
CA GLY B 661 -11.16 -2.72 -41.74
C GLY B 661 -10.50 -4.09 -41.83
N PHE B 662 -10.93 -4.93 -42.76
CA PHE B 662 -10.32 -6.24 -42.90
C PHE B 662 -8.88 -6.15 -43.40
N SER B 663 -8.00 -6.92 -42.80
CA SER B 663 -6.62 -7.03 -43.22
C SER B 663 -6.49 -7.97 -44.42
N GLY B 664 -5.31 -7.97 -45.02
CA GLY B 664 -5.09 -8.87 -46.14
C GLY B 664 -5.32 -10.32 -45.73
N ALA B 665 -4.88 -10.69 -44.53
CA ALA B 665 -5.09 -12.04 -44.05
C ALA B 665 -6.59 -12.32 -43.90
N ASP B 666 -7.35 -11.34 -43.39
CA ASP B 666 -8.79 -11.54 -43.23
C ASP B 666 -9.46 -11.76 -44.57
N LEU B 667 -9.08 -10.97 -45.59
CA LEU B 667 -9.66 -11.15 -46.90
C LEU B 667 -9.30 -12.51 -47.47
N THR B 668 -8.05 -12.94 -47.26
CA THR B 668 -7.64 -14.26 -47.72
C THR B 668 -8.46 -15.35 -47.03
N GLU B 669 -8.70 -15.20 -45.73
CA GLU B 669 -9.51 -16.17 -45.01
C GLU B 669 -10.93 -16.22 -45.56
N ILE B 670 -11.51 -15.06 -45.86
CA ILE B 670 -12.86 -15.03 -46.41
C ILE B 670 -12.90 -15.76 -47.75
N CYS B 671 -11.92 -15.49 -48.62
CA CYS B 671 -11.89 -16.15 -49.91
C CYS B 671 -11.71 -17.66 -49.76
N GLN B 672 -10.83 -18.07 -48.86
CA GLN B 672 -10.60 -19.50 -48.64
C GLN B 672 -11.85 -20.18 -48.11
N ARG B 673 -12.56 -19.52 -47.19
CA ARG B 673 -13.79 -20.10 -46.66
C ARG B 673 -14.85 -20.21 -47.74
N ALA B 674 -14.96 -19.20 -48.61
CA ALA B 674 -15.92 -19.29 -49.71
C ALA B 674 -15.57 -20.46 -50.64
N CYS B 675 -14.29 -20.62 -50.96
CA CYS B 675 -13.87 -21.73 -51.81
C CYS B 675 -14.16 -23.07 -51.14
N LYS B 676 -13.91 -23.15 -49.82
CA LYS B 676 -14.19 -24.38 -49.09
C LYS B 676 -15.68 -24.71 -49.12
N LEU B 677 -16.53 -23.70 -48.93
CA LEU B 677 -17.97 -23.94 -48.97
C LEU B 677 -18.38 -24.43 -50.35
N ALA B 678 -17.85 -23.82 -51.41
CA ALA B 678 -18.17 -24.25 -52.76
C ALA B 678 -17.72 -25.69 -53.00
N ILE B 679 -16.51 -26.03 -52.54
CA ILE B 679 -15.99 -27.37 -52.74
C ILE B 679 -16.84 -28.40 -52.01
N ARG B 680 -17.23 -28.10 -50.77
CA ARG B 680 -18.05 -29.04 -50.02
C ARG B 680 -19.40 -29.22 -50.69
N GLU B 681 -20.02 -28.13 -51.13
CA GLU B 681 -21.31 -28.24 -51.79
C GLU B 681 -21.21 -29.06 -53.07
N SER B 682 -20.17 -28.81 -53.87
CA SER B 682 -20.01 -29.57 -55.11
C SER B 682 -19.80 -31.05 -54.82
N ILE B 683 -18.97 -31.37 -53.84
CA ILE B 683 -18.70 -32.77 -53.53
C ILE B 683 -19.98 -33.45 -53.07
N GLU B 684 -20.70 -32.82 -52.14
CA GLU B 684 -21.92 -33.43 -51.61
C GLU B 684 -22.95 -33.64 -52.72
N SER B 685 -23.16 -32.61 -53.54
CA SER B 685 -24.11 -32.71 -54.65
C SER B 685 -23.75 -33.82 -55.64
N GLU B 686 -22.52 -33.86 -56.15
CA GLU B 686 -22.21 -34.91 -57.10
C GLU B 686 -22.26 -36.28 -56.45
N ILE B 687 -21.94 -36.37 -55.17
CA ILE B 687 -22.05 -37.65 -54.46
C ILE B 687 -23.51 -38.12 -54.42
N ARG B 688 -24.43 -37.21 -54.09
CA ARG B 688 -25.84 -37.60 -54.08
C ARG B 688 -26.28 -38.01 -55.46
N ARG B 689 -25.88 -37.22 -56.46
CA ARG B 689 -26.30 -37.48 -57.83
C ARG B 689 -25.80 -38.84 -58.27
N GLU B 690 -24.63 -39.25 -57.77
CA GLU B 690 -24.17 -40.59 -58.08
C GLU B 690 -25.03 -41.62 -57.36
N ARG B 691 -25.56 -41.31 -56.16
CA ARG B 691 -26.43 -42.32 -55.56
C ARG B 691 -27.64 -42.51 -56.42
N GLU B 692 -28.13 -41.38 -56.93
CA GLU B 692 -29.34 -41.31 -57.71
C GLU B 692 -29.20 -42.16 -58.95
N ARG B 693 -28.01 -42.21 -59.52
CA ARG B 693 -27.81 -43.09 -60.67
C ARG B 693 -27.58 -44.56 -60.23
N GLN B 694 -27.02 -44.84 -59.03
CA GLN B 694 -26.91 -46.20 -58.51
C GLN B 694 -28.24 -46.73 -58.00
N THR B 695 -29.00 -45.90 -57.28
CA THR B 695 -30.29 -46.33 -56.76
C THR B 695 -31.29 -46.56 -57.88
N ASN B 696 -31.37 -45.63 -58.82
CA ASN B 696 -32.32 -45.69 -59.92
C ASN B 696 -31.55 -45.63 -61.24
N PRO B 697 -30.99 -46.75 -61.69
CA PRO B 697 -30.29 -46.75 -62.99
C PRO B 697 -31.11 -46.18 -64.14
N SER B 698 -30.72 -45.01 -64.64
CA SER B 698 -31.41 -44.38 -65.77
C SER B 698 -31.14 -45.14 -67.05
N ALA B 699 -32.13 -45.19 -67.94
CA ALA B 699 -31.98 -45.94 -69.18
C ALA B 699 -30.99 -45.30 -70.13
N MET B 700 -30.91 -43.97 -70.14
CA MET B 700 -29.99 -43.25 -71.00
C MET B 700 -29.05 -42.37 -70.17
N GLU B 701 -27.75 -42.57 -70.35
CA GLU B 701 -26.78 -41.80 -69.58
C GLU B 701 -26.61 -40.40 -70.17
N VAL B 702 -26.95 -39.38 -69.39
CA VAL B 702 -26.79 -38.00 -69.86
C VAL B 702 -26.34 -37.07 -68.73
N GLU B 703 -25.04 -37.05 -68.45
CA GLU B 703 -24.51 -36.20 -67.39
C GLU B 703 -24.79 -34.72 -67.66
N GLU B 704 -25.30 -34.00 -66.67
CA GLU B 704 -25.63 -32.58 -66.81
C GLU B 704 -24.40 -31.73 -66.46
N ASP B 705 -23.23 -32.35 -66.32
CA ASP B 705 -21.99 -31.64 -66.03
C ASP B 705 -21.92 -31.32 -64.54
N ASP B 706 -21.24 -30.23 -64.15
CA ASP B 706 -21.12 -29.93 -62.73
C ASP B 706 -22.27 -29.08 -62.21
N PRO B 707 -22.90 -29.48 -61.10
CA PRO B 707 -23.98 -28.68 -60.51
C PRO B 707 -23.53 -27.32 -60.00
N VAL B 708 -22.26 -27.18 -59.64
CA VAL B 708 -21.68 -25.91 -59.22
C VAL B 708 -20.32 -25.73 -59.91
N PRO B 709 -20.30 -25.11 -61.09
CA PRO B 709 -19.05 -24.99 -61.85
C PRO B 709 -18.17 -23.81 -61.42
N GLU B 710 -18.73 -22.82 -60.72
CA GLU B 710 -17.97 -21.66 -60.31
C GLU B 710 -18.57 -21.11 -59.00
N ILE B 711 -17.77 -20.31 -58.30
CA ILE B 711 -18.17 -19.74 -57.01
C ILE B 711 -19.24 -18.68 -57.22
N ARG B 712 -20.35 -18.79 -56.48
CA ARG B 712 -21.52 -17.95 -56.69
C ARG B 712 -21.71 -16.95 -55.55
N ARG B 713 -22.73 -16.11 -55.68
CA ARG B 713 -23.03 -15.12 -54.65
C ARG B 713 -23.35 -15.76 -53.29
N ASP B 714 -24.14 -16.85 -53.27
CA ASP B 714 -24.51 -17.46 -52.00
C ASP B 714 -23.31 -18.00 -51.24
N HIS B 715 -22.35 -18.58 -51.97
CA HIS B 715 -21.14 -19.07 -51.30
C HIS B 715 -20.41 -17.92 -50.61
N PHE B 716 -20.26 -16.79 -51.32
CA PHE B 716 -19.57 -15.65 -50.74
C PHE B 716 -20.35 -15.04 -49.59
N GLU B 717 -21.68 -15.04 -49.66
CA GLU B 717 -22.47 -14.53 -48.55
C GLU B 717 -22.31 -15.40 -47.31
N GLU B 718 -22.36 -16.72 -47.48
CA GLU B 718 -22.16 -17.60 -46.33
C GLU B 718 -20.75 -17.45 -45.76
N ALA B 719 -19.74 -17.33 -46.63
CA ALA B 719 -18.38 -17.14 -46.16
C ALA B 719 -18.22 -15.82 -45.41
N MET B 720 -18.78 -14.74 -45.96
CA MET B 720 -18.70 -13.44 -45.29
C MET B 720 -19.45 -13.46 -43.97
N ARG B 721 -20.46 -14.33 -43.85
CA ARG B 721 -21.15 -14.48 -42.57
C ARG B 721 -20.15 -14.75 -41.45
N PHE B 722 -19.08 -15.49 -41.76
CA PHE B 722 -18.03 -15.80 -40.81
C PHE B 722 -16.83 -14.85 -40.94
N ALA B 723 -16.97 -13.76 -41.69
CA ALA B 723 -15.84 -12.85 -41.81
C ALA B 723 -15.52 -12.24 -40.45
N ARG B 724 -14.23 -12.00 -40.20
CA ARG B 724 -13.81 -11.49 -38.92
C ARG B 724 -12.65 -10.50 -39.11
N ARG B 725 -12.56 -9.52 -38.21
CA ARG B 725 -11.43 -8.57 -38.22
C ARG B 725 -10.33 -9.03 -37.26
N SER B 726 -9.27 -9.61 -37.81
CA SER B 726 -8.18 -10.09 -36.97
C SER B 726 -7.50 -8.95 -36.21
N VAL B 727 -7.30 -7.82 -36.87
CA VAL B 727 -6.56 -6.69 -36.31
C VAL B 727 -7.51 -5.71 -35.61
N SER B 728 -7.39 -5.62 -34.29
CA SER B 728 -8.20 -4.68 -33.51
C SER B 728 -7.72 -3.25 -33.74
N ASP B 729 -8.59 -2.30 -33.42
CA ASP B 729 -8.27 -0.88 -33.58
C ASP B 729 -7.28 -0.36 -32.54
N ASN B 730 -7.10 -1.07 -31.43
CA ASN B 730 -6.15 -0.60 -30.42
C ASN B 730 -4.71 -0.81 -30.87
N ASP B 731 -4.43 -1.91 -31.57
CA ASP B 731 -3.07 -2.10 -32.04
C ASP B 731 -2.78 -1.18 -33.21
N ILE B 732 -3.80 -0.86 -34.01
CA ILE B 732 -3.62 0.17 -35.02
C ILE B 732 -3.36 1.51 -34.37
N ARG B 733 -3.97 1.75 -33.21
CA ARG B 733 -3.71 3.00 -32.50
C ARG B 733 -2.26 3.05 -32.03
N LYS B 734 -1.72 1.93 -31.55
CA LYS B 734 -0.31 1.92 -31.14
C LYS B 734 0.61 2.17 -32.34
N TYR B 735 0.28 1.58 -33.50
CA TYR B 735 1.11 1.84 -34.68
C TYR B 735 1.03 3.30 -35.09
N GLU B 736 -0.16 3.90 -35.01
CA GLU B 736 -0.29 5.32 -35.30
C GLU B 736 0.53 6.15 -34.32
N MET B 737 0.58 5.73 -33.06
CA MET B 737 1.40 6.43 -32.08
C MET B 737 2.87 6.38 -32.50
N PHE B 738 3.39 5.19 -32.80
CA PHE B 738 4.80 5.12 -33.19
C PHE B 738 5.05 5.96 -34.45
N ALA B 739 4.11 5.93 -35.39
CA ALA B 739 4.28 6.68 -36.62
C ALA B 739 4.42 8.15 -36.29
N GLN B 740 3.59 8.65 -35.38
CA GLN B 740 3.70 10.05 -35.00
C GLN B 740 4.76 10.22 -33.92
N THR B 741 5.44 9.13 -33.59
CA THR B 741 6.60 9.11 -32.72
C THR B 741 7.85 9.27 -33.56
N LEU B 742 7.65 9.38 -34.86
CA LEU B 742 8.71 9.69 -35.81
C LEU B 742 8.26 11.00 -36.46
N GLN B 743 7.85 11.93 -35.59
CA GLN B 743 7.30 13.22 -36.00
C GLN B 743 8.37 14.23 -36.38
N GLN B 744 8.23 14.79 -37.58
CA GLN B 744 9.16 15.78 -38.11
C GLN B 744 9.07 17.14 -37.45
N SER B 745 9.02 17.20 -36.12
CA SER B 745 9.02 18.47 -35.42
C SER B 745 7.69 19.20 -35.62
N ARG B 746 7.59 20.43 -35.12
CA ARG B 746 6.39 21.22 -35.33
C ARG B 746 6.68 22.72 -35.49
N GLY B 747 7.90 23.09 -35.87
CA GLY B 747 8.25 24.49 -36.01
C GLY B 747 8.92 24.88 -37.31
N PHE B 748 9.34 23.90 -38.11
CA PHE B 748 10.03 24.16 -39.35
C PHE B 748 9.15 24.06 -40.59
N GLY B 749 7.91 23.60 -40.44
CA GLY B 749 7.04 23.42 -41.59
C GLY B 749 7.00 24.59 -42.55
N SER B 750 7.28 25.80 -42.06
CA SER B 750 7.29 27.01 -42.88
C SER B 750 8.69 27.54 -43.16
N PHE B 751 9.71 26.71 -43.06
CA PHE B 751 11.08 27.17 -43.24
C PHE B 751 11.27 27.81 -44.62
N ARG B 752 11.69 29.07 -44.63
CA ARG B 752 12.03 29.80 -45.85
C ARG B 752 13.41 30.42 -45.74
N PHE B 753 14.19 30.34 -46.81
CA PHE B 753 15.50 30.96 -46.83
C PHE B 753 15.36 32.48 -46.92
N PRO B 754 16.32 33.23 -46.38
CA PRO B 754 16.22 34.70 -46.38
C PRO B 754 16.55 35.26 -47.75
N SER B 755 15.59 35.92 -48.37
CA SER B 755 15.77 36.49 -49.70
C SER B 755 14.98 37.79 -49.86
N GLU C 1 64.57 -7.98 -61.91
CA GLU C 1 63.93 -8.80 -60.89
C GLU C 1 63.01 -7.95 -60.02
N VAL C 2 62.56 -8.53 -58.91
CA VAL C 2 61.64 -7.86 -58.00
C VAL C 2 62.42 -7.01 -57.01
N GLY C 3 61.91 -5.82 -56.72
CA GLY C 3 62.55 -4.92 -55.78
C GLY C 3 61.56 -4.11 -54.98
N TYR C 4 62.04 -3.04 -54.34
CA TYR C 4 61.15 -2.20 -53.53
C TYR C 4 60.03 -1.60 -54.37
N ASP C 5 60.31 -1.30 -55.64
CA ASP C 5 59.28 -0.76 -56.51
C ASP C 5 58.13 -1.74 -56.68
N ASP C 6 58.45 -3.03 -56.85
CA ASP C 6 57.38 -4.03 -56.96
C ASP C 6 56.58 -4.13 -55.67
N ILE C 7 57.25 -4.03 -54.53
CA ILE C 7 56.56 -4.12 -53.24
C ILE C 7 55.70 -2.87 -53.07
N GLY C 8 54.39 -3.03 -53.19
CA GLY C 8 53.46 -1.93 -53.06
C GLY C 8 52.87 -1.82 -51.67
N GLY C 9 51.94 -0.88 -51.52
CA GLY C 9 51.19 -0.65 -50.32
C GLY C 9 51.73 0.44 -49.42
N CYS C 10 53.03 0.73 -49.52
CA CYS C 10 53.65 1.76 -48.69
C CYS C 10 53.20 1.64 -47.24
N ARG C 11 53.08 0.41 -46.75
CA ARG C 11 52.49 0.15 -45.44
C ARG C 11 53.45 0.44 -44.29
N LYS C 12 54.70 0.79 -44.61
CA LYS C 12 55.76 1.25 -43.70
C LYS C 12 56.30 0.16 -42.78
N GLN C 13 56.01 -1.11 -43.05
CA GLN C 13 56.74 -2.19 -42.40
C GLN C 13 57.89 -2.70 -43.27
N LEU C 14 57.82 -2.47 -44.58
CA LEU C 14 58.96 -2.76 -45.44
C LEU C 14 60.18 -1.94 -45.02
N ALA C 15 59.95 -0.68 -44.64
CA ALA C 15 61.04 0.16 -44.14
C ALA C 15 61.63 -0.44 -42.87
N GLN C 16 60.77 -0.92 -41.96
CA GLN C 16 61.25 -1.53 -40.74
C GLN C 16 62.09 -2.77 -41.04
N ILE C 17 61.61 -3.61 -41.96
CA ILE C 17 62.38 -4.79 -42.37
C ILE C 17 63.71 -4.39 -42.98
N LYS C 18 63.72 -3.34 -43.81
CA LYS C 18 64.97 -2.84 -44.37
C LYS C 18 65.95 -2.44 -43.28
N GLU C 19 65.49 -1.61 -42.36
CA GLU C 19 66.33 -1.19 -41.25
C GLU C 19 66.80 -2.41 -40.47
N MET C 20 65.97 -3.45 -40.43
CA MET C 20 66.37 -4.68 -39.74
C MET C 20 67.49 -5.40 -40.47
N VAL C 21 67.43 -5.47 -41.81
CA VAL C 21 68.26 -6.43 -42.53
C VAL C 21 69.42 -5.85 -43.34
N GLU C 22 69.51 -4.53 -43.54
CA GLU C 22 70.64 -4.06 -44.35
C GLU C 22 71.98 -4.44 -43.72
N LEU C 23 72.24 -3.94 -42.52
CA LEU C 23 73.56 -4.16 -41.92
C LEU C 23 73.85 -5.64 -41.81
N PRO C 24 72.94 -6.49 -41.32
CA PRO C 24 73.27 -7.92 -41.28
C PRO C 24 73.63 -8.45 -42.65
N LEU C 25 73.03 -7.92 -43.72
CA LEU C 25 73.23 -8.37 -45.09
C LEU C 25 74.00 -7.36 -45.94
N ARG C 26 73.59 -6.08 -45.90
CA ARG C 26 74.25 -5.07 -46.71
C ARG C 26 75.68 -4.81 -46.22
N HIS C 27 75.93 -4.97 -44.93
CA HIS C 27 77.26 -4.81 -44.35
C HIS C 27 77.56 -6.02 -43.49
N PRO C 28 77.77 -7.18 -44.11
CA PRO C 28 78.01 -8.39 -43.31
C PRO C 28 79.38 -8.40 -42.66
N ALA C 29 80.39 -7.85 -43.33
CA ALA C 29 81.73 -7.83 -42.76
C ALA C 29 81.81 -6.98 -41.50
N LEU C 30 80.90 -6.00 -41.36
CA LEU C 30 80.94 -5.12 -40.20
C LEU C 30 80.73 -5.90 -38.91
N PHE C 31 79.77 -6.83 -38.91
CA PHE C 31 79.48 -7.61 -37.72
C PHE C 31 80.63 -8.54 -37.34
N LYS C 32 81.55 -8.81 -38.27
CA LYS C 32 82.69 -9.67 -37.95
C LYS C 32 83.64 -8.98 -36.96
N ALA C 33 83.83 -7.67 -37.10
CA ALA C 33 84.72 -6.94 -36.21
C ALA C 33 84.00 -6.30 -35.02
N ILE C 34 82.68 -6.45 -34.93
CA ILE C 34 81.90 -5.87 -33.84
C ILE C 34 81.13 -6.99 -33.17
N GLY C 35 81.12 -6.99 -31.84
CA GLY C 35 80.38 -8.01 -31.12
C GLY C 35 78.94 -7.62 -30.89
N VAL C 36 78.06 -8.10 -31.77
CA VAL C 36 76.63 -7.81 -31.69
C VAL C 36 75.88 -8.97 -32.32
N LYS C 37 74.69 -9.26 -31.80
CA LYS C 37 73.87 -10.34 -32.32
C LYS C 37 72.84 -9.78 -33.27
N PRO C 38 72.86 -10.14 -34.54
CA PRO C 38 71.87 -9.62 -35.48
C PRO C 38 70.55 -10.37 -35.36
N PRO C 39 69.57 -10.04 -36.19
CA PRO C 39 68.27 -10.73 -36.12
C PRO C 39 68.33 -12.10 -36.76
N ARG C 40 68.37 -13.16 -35.95
CA ARG C 40 68.49 -14.50 -36.49
C ARG C 40 67.22 -14.93 -37.22
N GLY C 41 66.06 -14.50 -36.73
CA GLY C 41 64.80 -14.81 -37.40
C GLY C 41 63.77 -13.70 -37.30
N ILE C 42 63.02 -13.50 -38.38
CA ILE C 42 61.99 -12.48 -38.46
C ILE C 42 60.70 -13.15 -38.89
N LEU C 43 59.64 -12.96 -38.11
CA LEU C 43 58.35 -13.60 -38.37
C LEU C 43 57.41 -12.58 -38.99
N LEU C 44 57.18 -12.70 -40.30
CA LEU C 44 56.22 -11.87 -41.00
C LEU C 44 54.84 -12.54 -40.96
N TYR C 45 53.88 -11.88 -40.34
CA TYR C 45 52.55 -12.44 -40.22
C TYR C 45 51.50 -11.42 -40.64
N GLY C 46 50.40 -11.92 -41.18
CA GLY C 46 49.32 -11.09 -41.68
C GLY C 46 48.34 -11.87 -42.52
N PRO C 47 47.31 -11.20 -43.02
CA PRO C 47 46.32 -11.89 -43.84
C PRO C 47 46.96 -12.44 -45.09
N PRO C 48 46.50 -13.59 -45.57
CA PRO C 48 47.09 -14.18 -46.79
C PRO C 48 46.91 -13.27 -47.99
N GLY C 49 47.88 -13.32 -48.89
CA GLY C 49 47.84 -12.48 -50.07
C GLY C 49 48.34 -11.07 -49.88
N THR C 50 49.04 -10.79 -48.78
CA THR C 50 49.56 -9.47 -48.51
C THR C 50 50.97 -9.25 -49.05
N GLY C 51 51.53 -10.24 -49.75
CA GLY C 51 52.85 -10.07 -50.34
C GLY C 51 54.01 -10.36 -49.43
N LYS C 52 53.83 -11.16 -48.37
CA LYS C 52 54.93 -11.47 -47.47
C LYS C 52 56.08 -12.14 -48.23
N THR C 53 55.75 -13.15 -49.03
CA THR C 53 56.77 -13.79 -49.86
C THR C 53 57.39 -12.80 -50.84
N LEU C 54 56.56 -11.94 -51.42
CA LEU C 54 57.08 -10.90 -52.32
C LEU C 54 58.04 -9.98 -51.58
N ILE C 55 57.68 -9.58 -50.35
CA ILE C 55 58.55 -8.70 -49.58
C ILE C 55 59.89 -9.38 -49.29
N ALA C 56 59.84 -10.65 -48.88
CA ALA C 56 61.07 -11.36 -48.60
C ALA C 56 61.94 -11.48 -49.84
N ARG C 57 61.34 -11.81 -50.98
CA ARG C 57 62.11 -11.93 -52.21
C ARG C 57 62.72 -10.59 -52.61
N ALA C 58 61.95 -9.50 -52.47
CA ALA C 58 62.47 -8.18 -52.81
C ALA C 58 63.63 -7.81 -51.90
N VAL C 59 63.53 -8.10 -50.60
CA VAL C 59 64.63 -7.81 -49.69
C VAL C 59 65.87 -8.60 -50.07
N ALA C 60 65.67 -9.89 -50.39
CA ALA C 60 66.81 -10.72 -50.78
C ALA C 60 67.47 -10.19 -52.03
N ASN C 61 66.67 -9.74 -53.01
CA ASN C 61 67.24 -9.26 -54.26
C ASN C 61 67.96 -7.93 -54.05
N GLU C 62 67.35 -7.03 -53.27
CA GLU C 62 67.92 -5.70 -53.08
C GLU C 62 69.12 -5.70 -52.16
N THR C 63 69.32 -6.78 -51.39
CA THR C 63 70.49 -6.87 -50.52
C THR C 63 71.53 -7.85 -51.02
N GLY C 64 71.25 -8.61 -52.07
CA GLY C 64 72.20 -9.56 -52.62
C GLY C 64 72.30 -10.88 -51.90
N ALA C 65 71.53 -11.08 -50.83
CA ALA C 65 71.57 -12.35 -50.12
C ALA C 65 70.93 -13.45 -50.94
N PHE C 66 71.51 -14.65 -50.87
CA PHE C 66 70.97 -15.79 -51.60
C PHE C 66 69.63 -16.20 -50.99
N PHE C 67 68.55 -16.00 -51.74
CA PHE C 67 67.22 -16.28 -51.24
C PHE C 67 66.90 -17.76 -51.41
N PHE C 68 66.48 -18.41 -50.33
CA PHE C 68 66.03 -19.79 -50.35
C PHE C 68 64.61 -19.87 -49.82
N LEU C 69 63.74 -20.55 -50.57
CA LEU C 69 62.33 -20.65 -50.24
C LEU C 69 62.01 -22.09 -49.82
N ILE C 70 61.61 -22.26 -48.57
CA ILE C 70 61.18 -23.58 -48.07
C ILE C 70 59.67 -23.60 -47.95
N ASN C 71 58.98 -24.06 -48.99
CA ASN C 71 57.53 -24.13 -48.95
C ASN C 71 57.05 -25.09 -47.87
N GLY C 72 56.06 -24.66 -47.11
CA GLY C 72 55.50 -25.44 -46.02
C GLY C 72 55.07 -26.82 -46.47
N PRO C 73 54.06 -26.86 -47.35
CA PRO C 73 53.54 -28.15 -47.78
C PRO C 73 54.47 -28.88 -48.72
N GLU C 74 55.45 -28.20 -49.31
CA GLU C 74 56.41 -28.90 -50.14
C GLU C 74 57.15 -29.95 -49.33
N ILE C 75 57.66 -29.55 -48.17
CA ILE C 75 58.29 -30.49 -47.25
C ILE C 75 57.25 -31.37 -46.58
N MET C 76 56.10 -30.81 -46.22
CA MET C 76 55.07 -31.63 -45.58
C MET C 76 54.52 -32.70 -46.50
N SER C 77 54.44 -32.43 -47.80
CA SER C 77 53.97 -33.41 -48.77
C SER C 77 54.97 -34.53 -48.99
N LYS C 78 56.22 -34.36 -48.56
CA LYS C 78 57.21 -35.41 -48.76
C LYS C 78 57.00 -36.55 -47.76
N LEU C 79 57.57 -37.70 -48.09
CA LEU C 79 57.43 -38.89 -47.26
C LEU C 79 58.07 -38.69 -45.89
N ALA C 80 57.43 -39.25 -44.87
CA ALA C 80 57.95 -39.16 -43.52
C ALA C 80 59.31 -39.85 -43.43
N GLY C 81 60.23 -39.25 -42.67
CA GLY C 81 61.57 -39.75 -42.54
C GLY C 81 62.56 -39.21 -43.55
N GLU C 82 62.07 -38.63 -44.65
CA GLU C 82 62.93 -38.01 -45.64
C GLU C 82 62.63 -36.53 -45.83
N SER C 83 61.51 -36.04 -45.31
CA SER C 83 61.25 -34.60 -45.25
C SER C 83 62.26 -33.91 -44.35
N GLU C 84 62.61 -34.56 -43.23
CA GLU C 84 63.62 -34.01 -42.34
C GLU C 84 64.93 -33.81 -43.08
N SER C 85 65.24 -34.74 -43.99
CA SER C 85 66.40 -34.57 -44.85
C SER C 85 66.27 -33.33 -45.72
N ASN C 86 65.07 -33.09 -46.26
CA ASN C 86 64.85 -31.90 -47.08
C ASN C 86 65.09 -30.63 -46.29
N LEU C 87 64.57 -30.55 -45.06
CA LEU C 87 64.78 -29.35 -44.24
C LEU C 87 66.26 -29.15 -43.91
N ARG C 88 66.94 -30.25 -43.53
CA ARG C 88 68.34 -30.15 -43.19
C ARG C 88 69.18 -29.74 -44.39
N LYS C 89 68.89 -30.30 -45.56
CA LYS C 89 69.62 -29.92 -46.77
C LYS C 89 69.34 -28.47 -47.15
N ALA C 90 68.11 -28.01 -46.94
CA ALA C 90 67.81 -26.61 -47.23
C ALA C 90 68.64 -25.69 -46.36
N PHE C 91 68.72 -25.97 -45.06
CA PHE C 91 69.56 -25.14 -44.20
C PHE C 91 71.03 -25.24 -44.59
N GLU C 92 71.52 -26.43 -44.91
CA GLU C 92 72.93 -26.54 -45.30
C GLU C 92 73.22 -25.74 -46.58
N GLU C 93 72.34 -25.85 -47.58
CA GLU C 93 72.55 -25.10 -48.82
C GLU C 93 72.50 -23.60 -48.58
N ALA C 94 71.56 -23.13 -47.75
CA ALA C 94 71.53 -21.72 -47.41
C ALA C 94 72.77 -21.30 -46.64
N GLU C 95 73.30 -22.21 -45.82
CA GLU C 95 74.53 -21.96 -45.08
C GLU C 95 75.71 -21.79 -46.04
N LYS C 96 75.75 -22.60 -47.10
CA LYS C 96 76.86 -22.53 -48.05
C LYS C 96 76.95 -21.17 -48.74
N ASN C 97 75.81 -20.60 -49.15
CA ASN C 97 75.82 -19.33 -49.87
C ASN C 97 75.70 -18.12 -48.93
N ALA C 98 76.48 -18.11 -47.86
CA ALA C 98 76.43 -16.98 -46.93
C ALA C 98 76.87 -15.70 -47.63
N PRO C 99 76.18 -14.57 -47.39
CA PRO C 99 74.94 -14.52 -46.61
C PRO C 99 73.76 -15.04 -47.40
N ALA C 100 72.78 -15.62 -46.72
CA ALA C 100 71.61 -16.18 -47.38
C ALA C 100 70.38 -15.90 -46.54
N ILE C 101 69.22 -15.88 -47.21
CA ILE C 101 67.94 -15.69 -46.55
C ILE C 101 67.11 -16.94 -46.82
N ILE C 102 66.64 -17.57 -45.75
CA ILE C 102 65.78 -18.74 -45.85
C ILE C 102 64.36 -18.31 -45.51
N PHE C 103 63.47 -18.40 -46.49
CA PHE C 103 62.09 -18.02 -46.32
C PHE C 103 61.24 -19.27 -46.20
N ILE C 104 60.47 -19.36 -45.12
CA ILE C 104 59.59 -20.49 -44.88
C ILE C 104 58.16 -19.98 -45.06
N ASP C 105 57.64 -20.16 -46.26
CA ASP C 105 56.26 -19.77 -46.55
C ASP C 105 55.29 -20.76 -45.93
N GLU C 106 54.19 -20.24 -45.39
CA GLU C 106 53.19 -21.05 -44.73
C GLU C 106 53.82 -21.86 -43.60
N LEU C 107 54.46 -21.14 -42.67
CA LEU C 107 55.09 -21.78 -41.53
C LEU C 107 54.09 -22.50 -40.63
N ASP C 108 52.81 -22.13 -40.68
CA ASP C 108 51.80 -22.76 -39.84
C ASP C 108 51.48 -24.19 -40.26
N ALA C 109 52.17 -24.73 -41.26
CA ALA C 109 52.03 -26.13 -41.65
C ALA C 109 53.17 -27.00 -41.16
N ILE C 110 54.40 -26.49 -41.18
CA ILE C 110 55.53 -27.27 -40.69
C ILE C 110 55.45 -27.43 -39.17
N ALA C 111 55.14 -26.35 -38.46
CA ALA C 111 55.06 -26.36 -37.01
C ALA C 111 53.75 -25.75 -36.54
N PRO C 112 52.61 -26.38 -36.86
CA PRO C 112 51.32 -25.83 -36.42
C PRO C 112 50.98 -26.10 -34.97
N LYS C 113 51.75 -26.94 -34.29
CA LYS C 113 51.38 -27.39 -32.96
C LYS C 113 51.32 -26.22 -31.99
N ARG C 114 50.11 -25.96 -31.48
CA ARG C 114 49.89 -24.92 -30.47
C ARG C 114 49.79 -25.52 -29.07
N GLU C 115 50.59 -26.54 -28.80
CA GLU C 115 50.56 -27.40 -27.61
C GLU C 115 49.45 -28.44 -27.69
N LYS C 116 48.57 -28.40 -28.70
CA LYS C 116 47.71 -29.54 -28.97
C LYS C 116 48.50 -30.67 -29.61
N THR C 117 49.19 -30.36 -30.71
CA THR C 117 50.26 -31.19 -31.25
C THR C 117 49.78 -32.63 -31.53
N HIS C 118 48.82 -32.73 -32.45
CA HIS C 118 48.32 -34.03 -32.87
C HIS C 118 49.37 -34.75 -33.73
N GLY C 119 49.27 -36.08 -33.73
CA GLY C 119 50.13 -36.90 -34.57
C GLY C 119 51.50 -37.16 -33.96
N GLU C 120 52.31 -37.89 -34.72
CA GLU C 120 53.64 -38.30 -34.30
C GLU C 120 54.75 -37.69 -35.16
N VAL C 121 54.66 -37.85 -36.48
CA VAL C 121 55.75 -37.41 -37.35
C VAL C 121 55.85 -35.89 -37.35
N GLU C 122 54.71 -35.19 -37.26
CA GLU C 122 54.74 -33.74 -37.25
C GLU C 122 55.44 -33.21 -36.01
N ARG C 123 55.34 -33.93 -34.89
CA ARG C 123 56.12 -33.58 -33.71
C ARG C 123 57.61 -33.69 -33.99
N ARG C 124 58.03 -34.76 -34.67
CA ARG C 124 59.42 -34.87 -35.11
C ARG C 124 59.83 -33.69 -35.98
N ILE C 125 58.97 -33.30 -36.93
CA ILE C 125 59.35 -32.22 -37.83
C ILE C 125 59.50 -30.92 -37.07
N VAL C 126 58.58 -30.65 -36.14
CA VAL C 126 58.65 -29.41 -35.36
C VAL C 126 59.89 -29.41 -34.47
N SER C 127 60.17 -30.53 -33.80
CA SER C 127 61.35 -30.59 -32.94
C SER C 127 62.66 -30.46 -33.73
N GLN C 128 62.77 -31.15 -34.85
CA GLN C 128 63.97 -31.04 -35.67
C GLN C 128 64.14 -29.62 -36.20
N LEU C 129 63.03 -29.00 -36.65
CA LEU C 129 63.11 -27.62 -37.11
C LEU C 129 63.57 -26.72 -35.98
N LEU C 130 63.07 -26.96 -34.76
CA LEU C 130 63.53 -26.21 -33.59
C LEU C 130 65.02 -26.38 -33.37
N THR C 131 65.52 -27.61 -33.49
CA THR C 131 66.94 -27.86 -33.31
C THR C 131 67.77 -27.11 -34.35
N LEU C 132 67.31 -27.13 -35.60
CA LEU C 132 68.03 -26.41 -36.65
C LEU C 132 68.01 -24.92 -36.41
N MET C 133 66.84 -24.38 -36.10
CA MET C 133 66.69 -22.94 -35.90
C MET C 133 67.52 -22.46 -34.72
N ASP C 134 67.47 -23.19 -33.61
CA ASP C 134 68.34 -22.88 -32.47
C ASP C 134 69.77 -23.33 -32.70
N GLY C 135 70.01 -24.16 -33.72
CA GLY C 135 71.35 -24.62 -34.03
C GLY C 135 72.19 -23.67 -34.84
N LEU C 136 71.67 -22.49 -35.18
CA LEU C 136 72.46 -21.52 -35.91
C LEU C 136 73.62 -21.07 -35.04
N LYS C 137 74.85 -21.40 -35.46
CA LYS C 137 76.03 -21.15 -34.64
C LYS C 137 76.50 -19.71 -34.71
N GLN C 138 75.62 -18.80 -35.14
CA GLN C 138 75.90 -17.37 -35.28
C GLN C 138 76.99 -17.12 -36.31
N ARG C 139 77.47 -18.17 -36.95
CA ARG C 139 78.41 -18.07 -38.05
C ARG C 139 77.66 -17.84 -39.35
N ALA C 140 78.35 -17.24 -40.32
CA ALA C 140 77.71 -16.82 -41.55
C ALA C 140 76.64 -15.79 -41.22
N HIS C 141 75.70 -15.54 -42.14
CA HIS C 141 74.68 -14.53 -41.91
C HIS C 141 73.31 -14.98 -42.39
N VAL C 142 73.02 -16.28 -42.33
CA VAL C 142 71.72 -16.77 -42.78
C VAL C 142 70.64 -16.17 -41.90
N ILE C 143 69.67 -15.50 -42.51
CA ILE C 143 68.52 -14.95 -41.82
C ILE C 143 67.29 -15.76 -42.21
N VAL C 144 66.57 -16.29 -41.21
CA VAL C 144 65.41 -17.14 -41.43
C VAL C 144 64.16 -16.29 -41.23
N MET C 145 63.47 -15.98 -42.32
CA MET C 145 62.20 -15.28 -42.27
C MET C 145 61.08 -16.27 -42.58
N ALA C 146 59.99 -16.21 -41.81
CA ALA C 146 58.88 -17.14 -41.96
C ALA C 146 57.59 -16.36 -42.10
N ALA C 147 56.64 -16.96 -42.82
CA ALA C 147 55.32 -16.37 -43.03
C ALA C 147 54.27 -17.20 -42.31
N THR C 148 53.33 -16.51 -41.67
CA THR C 148 52.26 -17.14 -40.91
C THR C 148 51.07 -16.20 -40.87
N ASN C 149 49.86 -16.77 -40.92
CA ASN C 149 48.66 -15.94 -40.87
C ASN C 149 48.53 -15.17 -39.56
N ARG C 150 48.79 -15.84 -38.44
CA ARG C 150 48.71 -15.23 -37.12
C ARG C 150 49.85 -15.73 -36.25
N PRO C 151 50.33 -14.89 -35.33
CA PRO C 151 51.47 -15.32 -34.48
C PRO C 151 51.15 -16.55 -33.63
N ASN C 152 49.91 -16.68 -33.15
CA ASN C 152 49.55 -17.75 -32.23
C ASN C 152 49.31 -19.07 -32.94
N SER C 153 49.29 -19.09 -34.28
CA SER C 153 49.02 -20.33 -35.01
C SER C 153 50.22 -21.26 -34.99
N ILE C 154 51.44 -20.72 -34.98
CA ILE C 154 52.64 -21.53 -35.03
C ILE C 154 52.95 -22.03 -33.63
N ASP C 155 53.87 -22.99 -33.53
CA ASP C 155 54.25 -23.53 -32.23
C ASP C 155 54.87 -22.44 -31.37
N PRO C 156 54.50 -22.34 -30.10
CA PRO C 156 55.07 -21.27 -29.26
C PRO C 156 56.59 -21.34 -29.15
N ALA C 157 57.18 -22.54 -29.17
CA ALA C 157 58.63 -22.62 -29.07
C ALA C 157 59.33 -21.94 -30.24
N LEU C 158 58.63 -21.78 -31.36
CA LEU C 158 59.17 -21.06 -32.51
C LEU C 158 59.22 -19.57 -32.25
N ARG C 159 58.40 -19.09 -31.33
CA ARG C 159 58.24 -17.69 -30.99
C ARG C 159 59.26 -17.25 -29.94
N ARG C 160 59.97 -18.22 -29.36
CA ARG C 160 60.90 -18.01 -28.26
C ARG C 160 62.18 -17.33 -28.73
N PHE C 161 63.02 -16.94 -27.76
CA PHE C 161 64.25 -16.22 -28.04
C PHE C 161 65.18 -17.05 -28.92
N GLY C 162 65.72 -16.43 -29.97
CA GLY C 162 66.70 -17.04 -30.84
C GLY C 162 66.14 -17.80 -32.01
N ARG C 163 64.87 -18.18 -31.97
CA ARG C 163 64.23 -18.88 -33.09
C ARG C 163 63.51 -17.89 -34.00
N PHE C 164 62.52 -17.17 -33.44
CA PHE C 164 61.88 -16.02 -34.09
C PHE C 164 61.64 -15.00 -32.99
N ASP C 165 62.61 -14.11 -32.79
CA ASP C 165 62.56 -13.19 -31.67
C ASP C 165 61.91 -11.84 -32.01
N ARG C 166 61.57 -11.60 -33.28
CA ARG C 166 60.97 -10.33 -33.66
C ARG C 166 59.98 -10.59 -34.78
N GLU C 167 58.83 -9.94 -34.68
CA GLU C 167 57.69 -10.17 -35.57
C GLU C 167 57.22 -8.87 -36.18
N VAL C 168 56.78 -8.94 -37.44
CA VAL C 168 56.25 -7.81 -38.18
C VAL C 168 54.91 -8.19 -38.77
N ASP C 169 53.89 -7.37 -38.50
CA ASP C 169 52.55 -7.60 -39.00
C ASP C 169 52.39 -6.75 -40.26
N ILE C 170 52.47 -7.39 -41.41
CA ILE C 170 52.34 -6.67 -42.68
C ILE C 170 50.96 -6.03 -42.77
N GLY C 171 49.92 -6.77 -42.39
CA GLY C 171 48.58 -6.23 -42.35
C GLY C 171 48.01 -5.85 -43.69
N ILE C 172 46.72 -5.50 -43.70
CA ILE C 172 46.02 -5.13 -44.94
C ILE C 172 46.53 -3.77 -45.41
N PRO C 173 46.81 -3.60 -46.70
CA PRO C 173 47.16 -2.27 -47.22
C PRO C 173 46.01 -1.29 -47.07
N ASP C 174 46.36 -0.02 -46.93
CA ASP C 174 45.40 1.06 -46.72
C ASP C 174 45.10 1.75 -48.05
N ALA C 175 44.24 2.78 -47.98
CA ALA C 175 43.84 3.48 -49.19
C ALA C 175 45.06 3.98 -49.97
N THR C 176 46.01 4.62 -49.29
CA THR C 176 47.24 5.02 -49.96
C THR C 176 47.99 3.81 -50.51
N GLY C 177 48.07 2.75 -49.71
CA GLY C 177 48.71 1.54 -50.18
C GLY C 177 47.88 0.78 -51.19
N ARG C 178 46.56 0.84 -51.08
CA ARG C 178 45.73 0.21 -52.09
C ARG C 178 45.93 0.90 -53.44
N LEU C 179 46.03 2.23 -53.42
CA LEU C 179 46.29 2.99 -54.63
C LEU C 179 47.65 2.64 -55.21
N GLU C 180 48.68 2.54 -54.37
CA GLU C 180 50.00 2.21 -54.89
C GLU C 180 50.04 0.77 -55.43
N ILE C 181 49.32 -0.15 -54.78
CA ILE C 181 49.22 -1.51 -55.28
C ILE C 181 48.52 -1.52 -56.63
N LEU C 182 47.46 -0.73 -56.77
CA LEU C 182 46.79 -0.63 -58.07
C LEU C 182 47.74 -0.09 -59.13
N GLN C 183 48.54 0.91 -58.78
CA GLN C 183 49.51 1.45 -59.73
C GLN C 183 50.50 0.38 -60.16
N ILE C 184 51.02 -0.40 -59.21
CA ILE C 184 52.00 -1.42 -59.54
C ILE C 184 51.36 -2.52 -60.37
N HIS C 185 50.11 -2.88 -60.06
CA HIS C 185 49.39 -3.90 -60.80
C HIS C 185 48.79 -3.38 -62.10
N THR C 186 48.76 -2.07 -62.30
CA THR C 186 48.29 -1.47 -63.55
C THR C 186 49.43 -0.61 -64.07
N LYS C 187 50.34 -1.25 -64.81
CA LYS C 187 51.46 -0.54 -65.44
C LYS C 187 51.76 -1.01 -66.85
N ASN C 188 51.25 -2.16 -67.29
CA ASN C 188 51.47 -2.64 -68.65
C ASN C 188 50.19 -2.83 -69.45
N MET C 189 49.03 -2.50 -68.89
CA MET C 189 47.77 -2.67 -69.60
C MET C 189 47.33 -1.42 -70.34
N LYS C 190 48.14 -0.36 -70.31
CA LYS C 190 47.81 0.89 -71.00
C LYS C 190 46.46 1.42 -70.51
N LEU C 191 46.44 1.77 -69.23
CA LEU C 191 45.22 2.21 -68.58
C LEU C 191 44.67 3.46 -69.25
N ALA C 192 43.35 3.54 -69.35
CA ALA C 192 42.69 4.64 -70.04
C ALA C 192 42.86 5.95 -69.29
N ASP C 193 42.60 7.06 -70.00
CA ASP C 193 42.73 8.38 -69.40
C ASP C 193 41.60 8.67 -68.44
N ASP C 194 40.38 8.21 -68.75
CA ASP C 194 39.26 8.50 -67.86
C ASP C 194 39.46 7.83 -66.50
N VAL C 195 39.96 6.60 -66.49
CA VAL C 195 40.19 5.89 -65.24
C VAL C 195 41.37 6.53 -64.53
N ASP C 196 41.21 6.81 -63.24
CA ASP C 196 42.27 7.46 -62.47
C ASP C 196 42.90 6.58 -61.41
N LEU C 197 42.22 5.53 -60.97
CA LEU C 197 42.69 4.56 -59.99
C LEU C 197 42.59 5.14 -58.59
N GLU C 198 42.12 6.37 -58.46
CA GLU C 198 41.92 7.00 -57.16
C GLU C 198 40.53 6.69 -56.61
N GLN C 199 39.49 6.87 -57.42
CA GLN C 199 38.15 6.49 -56.99
C GLN C 199 38.07 5.00 -56.72
N VAL C 200 38.68 4.18 -57.59
CA VAL C 200 38.67 2.75 -57.37
C VAL C 200 39.41 2.42 -56.08
N ALA C 201 40.54 3.10 -55.84
CA ALA C 201 41.29 2.85 -54.60
C ALA C 201 40.47 3.17 -53.37
N ASN C 202 39.75 4.30 -53.36
CA ASN C 202 38.92 4.62 -52.20
C ASN C 202 37.79 3.60 -52.02
N GLU C 203 37.15 3.20 -53.13
CA GLU C 203 36.09 2.20 -53.04
C GLU C 203 36.62 0.79 -52.81
N THR C 204 37.94 0.61 -52.84
CA THR C 204 38.56 -0.70 -52.73
C THR C 204 38.83 -1.12 -51.29
N HIS C 205 38.13 -0.55 -50.32
CA HIS C 205 38.36 -0.92 -48.93
C HIS C 205 38.06 -2.41 -48.75
N GLY C 206 38.93 -3.10 -48.02
CA GLY C 206 38.77 -4.51 -47.76
C GLY C 206 39.57 -5.45 -48.64
N HIS C 207 40.19 -4.95 -49.71
CA HIS C 207 40.96 -5.82 -50.59
C HIS C 207 42.40 -5.91 -50.09
N VAL C 208 43.08 -6.95 -50.54
CA VAL C 208 44.50 -7.15 -50.25
C VAL C 208 45.24 -7.04 -51.57
N GLY C 209 46.57 -7.12 -51.53
CA GLY C 209 47.32 -7.01 -52.77
C GLY C 209 46.90 -8.04 -53.79
N ALA C 210 46.70 -9.28 -53.35
CA ALA C 210 46.18 -10.30 -54.25
C ALA C 210 44.79 -9.93 -54.74
N ASP C 211 43.96 -9.39 -53.85
CA ASP C 211 42.62 -8.96 -54.25
C ASP C 211 42.70 -7.84 -55.28
N LEU C 212 43.61 -6.89 -55.08
CA LEU C 212 43.77 -5.80 -56.05
C LEU C 212 44.22 -6.33 -57.40
N ALA C 213 45.17 -7.28 -57.41
CA ALA C 213 45.60 -7.86 -58.67
C ALA C 213 44.46 -8.60 -59.35
N ALA C 214 43.68 -9.35 -58.58
CA ALA C 214 42.54 -10.06 -59.15
C ALA C 214 41.51 -9.11 -59.72
N LEU C 215 41.23 -8.01 -59.02
CA LEU C 215 40.28 -7.03 -59.53
C LEU C 215 40.79 -6.39 -60.82
N CYS C 216 42.07 -6.05 -60.88
CA CYS C 216 42.63 -5.49 -62.10
C CYS C 216 42.53 -6.49 -63.25
N SER C 217 42.85 -7.76 -62.99
CA SER C 217 42.76 -8.77 -64.02
C SER C 217 41.32 -8.94 -64.48
N GLU C 218 40.36 -8.91 -63.56
CA GLU C 218 38.96 -9.04 -63.93
C GLU C 218 38.51 -7.87 -64.79
N ALA C 219 38.95 -6.65 -64.44
CA ALA C 219 38.62 -5.50 -65.27
C ALA C 219 39.22 -5.64 -66.67
N ALA C 220 40.46 -6.11 -66.76
CA ALA C 220 41.09 -6.33 -68.06
C ALA C 220 40.31 -7.36 -68.87
N LEU C 221 39.88 -8.43 -68.22
CA LEU C 221 39.11 -9.46 -68.92
C LEU C 221 37.75 -8.93 -69.37
N GLN C 222 37.13 -8.07 -68.55
CA GLN C 222 35.88 -7.45 -69.01
C GLN C 222 36.12 -6.58 -70.23
N ALA C 223 37.20 -5.82 -70.24
CA ALA C 223 37.52 -5.01 -71.41
C ALA C 223 37.72 -5.89 -72.64
N ILE C 224 38.44 -7.01 -72.47
CA ILE C 224 38.68 -7.91 -73.58
C ILE C 224 37.39 -8.55 -74.07
N ARG C 225 36.46 -8.85 -73.14
CA ARG C 225 35.17 -9.41 -73.54
C ARG C 225 34.29 -8.39 -74.25
N LYS C 226 34.27 -7.14 -73.76
CA LYS C 226 33.41 -6.13 -74.36
C LYS C 226 33.81 -5.83 -75.80
N LYS C 227 35.11 -5.71 -76.07
CA LYS C 227 35.59 -5.40 -77.41
C LYS C 227 36.51 -6.50 -77.90
N MET C 228 36.86 -6.42 -79.19
CA MET C 228 37.81 -7.32 -79.83
C MET C 228 37.24 -8.73 -79.93
N ASP C 229 36.15 -9.01 -79.22
CA ASP C 229 35.40 -10.24 -79.41
C ASP C 229 34.32 -10.09 -80.47
N LEU C 230 33.72 -8.90 -80.56
CA LEU C 230 32.69 -8.68 -81.57
C LEU C 230 33.30 -8.85 -82.96
N ILE C 231 34.50 -8.31 -83.16
CA ILE C 231 35.18 -8.46 -84.45
C ILE C 231 35.53 -9.93 -84.68
N ASP C 232 35.95 -10.63 -83.62
CA ASP C 232 36.28 -12.05 -83.66
C ASP C 232 37.50 -12.35 -84.51
N LEU C 233 38.30 -11.34 -84.84
CA LEU C 233 39.52 -11.54 -85.62
C LEU C 233 40.61 -12.03 -84.67
N GLU C 234 40.90 -13.32 -84.71
CA GLU C 234 41.85 -13.95 -83.80
C GLU C 234 42.83 -14.80 -84.61
N ASP C 235 44.06 -14.90 -84.10
CA ASP C 235 45.09 -15.73 -84.71
C ASP C 235 45.87 -16.42 -83.60
N GLU C 236 47.01 -17.02 -83.97
CA GLU C 236 47.84 -17.68 -82.98
C GLU C 236 48.31 -16.71 -81.90
N THR C 237 48.68 -15.49 -82.31
CA THR C 237 49.11 -14.45 -81.38
C THR C 237 48.38 -13.17 -81.74
N ILE C 238 47.63 -12.62 -80.78
CA ILE C 238 46.88 -11.40 -81.05
C ILE C 238 47.85 -10.27 -81.37
N ASP C 239 47.51 -9.46 -82.36
CA ASP C 239 48.36 -8.35 -82.74
C ASP C 239 48.53 -7.37 -81.59
N ALA C 240 49.77 -6.93 -81.37
CA ALA C 240 50.03 -6.02 -80.27
C ALA C 240 49.29 -4.69 -80.46
N GLU C 241 49.30 -4.16 -81.68
CA GLU C 241 48.62 -2.88 -81.92
C GLU C 241 47.12 -3.00 -81.70
N VAL C 242 46.53 -4.11 -82.17
CA VAL C 242 45.09 -4.30 -82.03
C VAL C 242 44.72 -4.36 -80.56
N MET C 243 45.48 -5.11 -79.78
CA MET C 243 45.20 -5.21 -78.34
C MET C 243 45.47 -3.88 -77.63
N ASN C 244 46.47 -3.13 -78.08
CA ASN C 244 46.76 -1.84 -77.47
C ASN C 244 45.68 -0.81 -77.76
N SER C 245 44.93 -0.96 -78.85
CA SER C 245 43.89 0.00 -79.19
C SER C 245 42.81 0.09 -78.11
N LEU C 246 42.64 -0.95 -77.30
CA LEU C 246 41.62 -0.93 -76.26
C LEU C 246 42.15 -0.23 -75.01
N ALA C 247 41.26 0.47 -74.33
CA ALA C 247 41.59 1.15 -73.08
C ALA C 247 40.60 0.73 -72.00
N VAL C 248 41.13 0.33 -70.85
CA VAL C 248 40.27 -0.11 -69.75
C VAL C 248 39.50 1.09 -69.23
N THR C 249 38.18 1.06 -69.38
CA THR C 249 37.34 2.18 -69.01
C THR C 249 36.92 2.09 -67.54
N MET C 250 36.45 3.22 -67.03
CA MET C 250 36.00 3.25 -65.64
C MET C 250 34.86 2.27 -65.39
N ASP C 251 34.00 2.06 -66.40
CA ASP C 251 32.88 1.14 -66.23
C ASP C 251 33.38 -0.27 -65.95
N ASP C 252 34.43 -0.71 -66.66
CA ASP C 252 34.96 -2.05 -66.44
C ASP C 252 35.47 -2.19 -65.02
N PHE C 253 36.20 -1.19 -64.54
CA PHE C 253 36.73 -1.25 -63.17
C PHE C 253 35.57 -1.25 -62.17
N ARG C 254 34.53 -0.48 -62.44
CA ARG C 254 33.38 -0.45 -61.53
C ARG C 254 32.73 -1.82 -61.47
N TRP C 255 32.55 -2.48 -62.62
CA TRP C 255 31.95 -3.81 -62.61
C TRP C 255 32.84 -4.79 -61.84
N ALA C 256 34.15 -4.71 -62.06
CA ALA C 256 35.07 -5.60 -61.36
C ALA C 256 34.98 -5.38 -59.86
N LEU C 257 34.91 -4.12 -59.43
CA LEU C 257 34.75 -3.84 -58.01
C LEU C 257 33.45 -4.42 -57.49
N SER C 258 32.38 -4.34 -58.29
CA SER C 258 31.13 -4.98 -57.90
C SER C 258 31.28 -6.48 -57.78
N GLN C 259 32.23 -7.07 -58.52
CA GLN C 259 32.46 -8.51 -58.53
C GLN C 259 33.77 -8.87 -57.83
N SER C 260 34.07 -8.22 -56.71
CA SER C 260 35.35 -8.39 -56.03
C SER C 260 35.32 -9.41 -54.90
N ASN C 261 34.41 -9.27 -53.93
CA ASN C 261 34.39 -10.20 -52.81
C ASN C 261 35.76 -10.22 -52.15
N PRO C 262 36.15 -9.14 -51.48
CA PRO C 262 37.48 -9.09 -50.85
C PRO C 262 37.69 -10.16 -49.79
N SER C 263 38.91 -10.71 -49.79
CA SER C 263 39.25 -11.90 -49.02
C SER C 263 39.76 -11.52 -47.63
N ALA C 264 38.89 -10.91 -46.83
CA ALA C 264 39.15 -10.54 -45.44
C ALA C 264 38.67 -9.12 -45.15
N LEU C 265 37.41 -8.85 -45.48
CA LEU C 265 36.80 -7.56 -45.12
C LEU C 265 36.69 -7.43 -43.60
N ARG C 266 36.37 -8.53 -42.93
CA ARG C 266 36.17 -8.56 -41.49
C ARG C 266 37.43 -8.26 -40.69
N GLU C 267 38.61 -8.51 -41.27
CA GLU C 267 39.84 -8.29 -40.53
C GLU C 267 39.92 -6.85 -40.03
N THR C 268 40.38 -6.68 -38.80
CA THR C 268 40.46 -5.34 -38.20
C THR C 268 41.42 -4.46 -38.98
N VAL C 269 41.06 -3.18 -39.07
CA VAL C 269 41.82 -2.19 -39.84
C VAL C 269 42.63 -1.33 -38.89
N VAL C 270 43.93 -1.22 -39.17
CA VAL C 270 44.85 -0.34 -38.46
C VAL C 270 45.28 0.72 -39.48
N GLU C 271 44.63 1.87 -39.45
CA GLU C 271 44.88 2.89 -40.47
C GLU C 271 44.84 4.28 -39.87
N VAL C 272 45.71 5.15 -40.38
CA VAL C 272 45.77 6.56 -40.02
C VAL C 272 44.50 7.23 -40.55
N PRO C 273 43.61 7.69 -39.69
CA PRO C 273 42.35 8.27 -40.20
C PRO C 273 42.61 9.50 -41.05
N GLN C 274 41.82 9.62 -42.11
CA GLN C 274 41.91 10.78 -43.00
C GLN C 274 41.12 11.97 -42.50
N VAL C 275 40.32 11.81 -41.45
CA VAL C 275 39.54 12.92 -40.93
C VAL C 275 40.49 13.98 -40.38
N THR C 276 40.07 15.24 -40.50
CA THR C 276 40.87 16.37 -40.06
C THR C 276 40.00 17.29 -39.22
N TRP C 277 40.65 18.22 -38.52
CA TRP C 277 39.93 19.16 -37.67
C TRP C 277 38.93 19.99 -38.46
N GLU C 278 39.15 20.14 -39.76
CA GLU C 278 38.22 20.91 -40.59
C GLU C 278 36.83 20.30 -40.57
N ASP C 279 36.73 18.96 -40.56
CA ASP C 279 35.42 18.33 -40.54
C ASP C 279 34.61 18.73 -39.31
N ILE C 280 35.27 18.98 -38.18
CA ILE C 280 34.59 19.40 -36.96
C ILE C 280 34.72 20.91 -36.86
N GLY C 281 33.59 21.60 -36.80
CA GLY C 281 33.60 23.05 -36.73
C GLY C 281 33.58 23.66 -35.34
N GLY C 282 34.63 23.45 -34.56
CA GLY C 282 34.63 24.05 -33.24
C GLY C 282 35.26 23.16 -32.19
N LEU C 283 34.67 23.10 -31.00
CA LEU C 283 35.24 22.30 -29.93
C LEU C 283 36.66 22.75 -29.65
N GLU C 284 36.87 24.07 -29.69
CA GLU C 284 38.21 24.62 -29.54
C GLU C 284 38.78 24.28 -28.17
N ASP C 285 37.98 24.39 -27.11
CA ASP C 285 38.47 23.98 -25.80
C ASP C 285 38.73 22.48 -25.79
N VAL C 286 37.81 21.70 -26.34
CA VAL C 286 38.01 20.25 -26.43
C VAL C 286 39.17 19.93 -27.36
N LYS C 287 39.27 20.65 -28.48
CA LYS C 287 40.35 20.40 -29.42
C LYS C 287 41.71 20.66 -28.76
N ARG C 288 41.82 21.77 -28.04
CA ARG C 288 43.08 22.10 -27.37
C ARG C 288 43.39 21.09 -26.27
N GLU C 289 42.37 20.67 -25.51
CA GLU C 289 42.62 19.68 -24.46
C GLU C 289 43.08 18.36 -25.05
N LEU C 290 42.45 17.91 -26.14
CA LEU C 290 42.89 16.67 -26.79
C LEU C 290 44.29 16.82 -27.33
N GLN C 291 44.59 17.96 -27.95
CA GLN C 291 45.93 18.21 -28.44
C GLN C 291 46.93 18.08 -27.30
N GLU C 292 46.62 18.70 -26.16
CA GLU C 292 47.50 18.59 -25.00
C GLU C 292 47.72 17.13 -24.66
N LEU C 293 46.65 16.46 -24.25
CA LEU C 293 46.76 15.11 -23.69
C LEU C 293 47.50 14.17 -24.62
N VAL C 294 47.21 14.22 -25.93
CA VAL C 294 47.82 13.25 -26.83
C VAL C 294 49.15 13.77 -27.39
N GLN C 295 49.09 14.90 -28.11
CA GLN C 295 50.25 15.38 -28.85
C GLN C 295 51.40 15.83 -27.94
N TYR C 296 51.11 16.58 -26.86
CA TYR C 296 52.20 17.16 -26.08
C TYR C 296 53.23 16.15 -25.56
N PRO C 297 52.86 14.99 -25.02
CA PRO C 297 53.90 14.06 -24.54
C PRO C 297 54.89 13.63 -25.61
N VAL C 298 54.45 13.52 -26.85
CA VAL C 298 55.34 13.05 -27.92
C VAL C 298 56.06 14.22 -28.60
N GLU C 299 55.36 15.32 -28.85
CA GLU C 299 56.02 16.43 -29.52
C GLU C 299 57.12 16.98 -28.62
N HIS C 300 56.84 17.08 -27.32
CA HIS C 300 57.79 17.61 -26.35
C HIS C 300 57.91 16.65 -25.17
N PRO C 301 58.41 15.44 -25.42
CA PRO C 301 58.62 14.49 -24.31
C PRO C 301 59.61 14.99 -23.28
N ASP C 302 60.60 15.76 -23.71
CA ASP C 302 61.63 16.25 -22.81
C ASP C 302 61.03 17.13 -21.72
N LYS C 303 60.07 18.00 -22.08
CA LYS C 303 59.50 18.89 -21.09
C LYS C 303 58.60 18.13 -20.11
N PHE C 304 57.93 17.07 -20.58
CA PHE C 304 57.19 16.20 -19.66
C PHE C 304 58.13 15.52 -18.68
N LEU C 305 59.28 15.05 -19.18
CA LEU C 305 60.26 14.41 -18.31
C LEU C 305 60.88 15.38 -17.31
N LYS C 306 61.05 16.65 -17.72
CA LYS C 306 61.68 17.63 -16.83
C LYS C 306 60.88 17.84 -15.56
N PHE C 307 59.56 17.95 -15.67
CA PHE C 307 58.72 18.18 -14.50
C PHE C 307 58.34 16.90 -13.77
N GLY C 308 58.80 15.74 -14.25
CA GLY C 308 58.49 14.48 -13.61
C GLY C 308 57.01 14.18 -13.57
N MET C 309 56.29 14.47 -14.64
CA MET C 309 54.86 14.22 -14.75
C MET C 309 54.61 13.19 -15.84
N THR C 310 53.82 12.16 -15.53
CA THR C 310 53.47 11.17 -16.53
C THR C 310 52.13 11.54 -17.13
N PRO C 311 52.07 11.84 -18.42
CA PRO C 311 50.80 12.23 -19.04
C PRO C 311 49.77 11.11 -19.01
N SER C 312 48.51 11.50 -18.83
CA SER C 312 47.42 10.54 -18.84
C SER C 312 47.33 9.88 -20.21
N LYS C 313 47.12 8.57 -20.21
CA LYS C 313 46.99 7.81 -21.45
C LYS C 313 45.57 7.33 -21.69
N GLY C 314 44.58 7.98 -21.10
CA GLY C 314 43.20 7.63 -21.29
C GLY C 314 42.27 8.82 -21.24
N VAL C 315 41.36 8.93 -22.20
CA VAL C 315 40.39 10.01 -22.25
C VAL C 315 39.02 9.42 -22.56
N LEU C 316 37.99 9.86 -21.83
CA LEU C 316 36.64 9.36 -22.00
C LEU C 316 35.72 10.48 -22.47
N PHE C 317 35.28 10.39 -23.73
CA PHE C 317 34.33 11.34 -24.28
C PHE C 317 32.91 10.96 -23.85
N TYR C 318 32.18 11.93 -23.31
CA TYR C 318 30.78 11.74 -22.95
C TYR C 318 29.96 12.87 -23.55
N GLY C 319 28.79 12.53 -24.07
CA GLY C 319 27.92 13.51 -24.70
C GLY C 319 26.77 12.86 -25.44
N PRO C 320 25.85 13.69 -25.96
CA PRO C 320 24.70 13.13 -26.67
C PRO C 320 25.11 12.48 -27.97
N PRO C 321 24.30 11.54 -28.47
CA PRO C 321 24.65 10.82 -29.70
C PRO C 321 24.67 11.73 -30.93
N GLY C 322 25.63 11.46 -31.82
CA GLY C 322 25.70 12.22 -33.06
C GLY C 322 26.42 13.55 -32.96
N CYS C 323 27.18 13.81 -31.90
CA CYS C 323 27.87 15.08 -31.77
C CYS C 323 29.29 15.06 -32.31
N GLY C 324 29.79 13.92 -32.76
CA GLY C 324 31.12 13.85 -33.34
C GLY C 324 32.23 13.30 -32.49
N LYS C 325 31.94 12.46 -31.49
CA LYS C 325 33.01 11.91 -30.67
C LYS C 325 33.92 11.01 -31.46
N THR C 326 33.35 10.14 -32.31
CA THR C 326 34.18 9.28 -33.15
C THR C 326 35.01 10.13 -34.11
N LEU C 327 34.39 11.14 -34.71
CA LEU C 327 35.12 12.04 -35.60
C LEU C 327 36.21 12.79 -34.86
N LEU C 328 35.93 13.22 -33.62
CA LEU C 328 36.96 13.92 -32.85
C LEU C 328 38.14 13.00 -32.59
N ALA C 329 37.87 11.75 -32.24
CA ALA C 329 38.97 10.81 -32.01
C ALA C 329 39.77 10.59 -33.29
N LYS C 330 39.09 10.46 -34.42
CA LYS C 330 39.80 10.30 -35.68
C LYS C 330 40.65 11.51 -35.99
N ALA C 331 40.12 12.71 -35.74
CA ALA C 331 40.86 13.93 -36.02
C ALA C 331 42.09 14.03 -35.14
N ILE C 332 41.97 13.69 -33.85
CA ILE C 332 43.12 13.77 -32.95
C ILE C 332 44.17 12.75 -33.38
N ALA C 333 43.73 11.57 -33.81
CA ALA C 333 44.69 10.58 -34.30
C ALA C 333 45.39 11.09 -35.56
N ASN C 334 44.64 11.74 -36.45
CA ASN C 334 45.22 12.25 -37.68
C ASN C 334 46.24 13.35 -37.41
N GLU C 335 45.97 14.24 -36.46
CA GLU C 335 46.90 15.31 -36.17
C GLU C 335 48.24 14.77 -35.71
N CYS C 336 48.24 13.74 -34.87
CA CYS C 336 49.47 13.11 -34.42
C CYS C 336 50.03 12.13 -35.44
N GLN C 337 49.31 11.87 -36.54
CA GLN C 337 49.75 10.92 -37.56
C GLN C 337 50.03 9.54 -36.95
N ALA C 338 49.14 9.11 -36.06
CA ALA C 338 49.25 7.82 -35.40
C ALA C 338 48.12 6.91 -35.84
N ASN C 339 48.40 5.61 -35.89
CA ASN C 339 47.40 4.65 -36.32
C ASN C 339 46.18 4.71 -35.41
N PHE C 340 45.01 4.48 -35.99
CA PHE C 340 43.75 4.54 -35.26
C PHE C 340 43.06 3.19 -35.32
N ILE C 341 42.70 2.66 -34.16
CA ILE C 341 41.97 1.41 -34.03
C ILE C 341 40.66 1.72 -33.32
N SER C 342 39.54 1.34 -33.93
CA SER C 342 38.22 1.62 -33.38
C SER C 342 37.53 0.32 -33.02
N ILE C 343 37.13 0.19 -31.75
CA ILE C 343 36.40 -0.96 -31.27
C ILE C 343 34.95 -0.55 -31.03
N LYS C 344 34.08 -0.76 -32.00
CA LYS C 344 32.71 -0.35 -31.83
C LYS C 344 32.00 -1.27 -30.83
N GLY C 345 30.80 -0.83 -30.42
CA GLY C 345 29.99 -1.55 -29.47
C GLY C 345 29.60 -2.95 -29.89
N PRO C 346 29.27 -3.19 -31.15
CA PRO C 346 28.94 -4.56 -31.55
C PRO C 346 30.05 -5.55 -31.20
N GLU C 347 31.32 -5.17 -31.37
CA GLU C 347 32.40 -6.09 -31.03
C GLU C 347 32.41 -6.41 -29.54
N LEU C 348 32.24 -5.39 -28.69
CA LEU C 348 32.20 -5.63 -27.25
C LEU C 348 31.01 -6.51 -26.88
N LEU C 349 29.85 -6.26 -27.48
CA LEU C 349 28.69 -7.07 -27.20
C LEU C 349 28.90 -8.51 -27.64
N THR C 350 29.58 -8.70 -28.77
CA THR C 350 29.88 -10.05 -29.21
C THR C 350 30.79 -10.77 -28.23
N MET C 351 31.82 -10.07 -27.74
CA MET C 351 32.72 -10.68 -26.77
C MET C 351 31.98 -11.00 -25.47
N TRP C 352 31.02 -10.16 -25.08
CA TRP C 352 30.27 -10.38 -23.85
C TRP C 352 29.30 -11.55 -23.99
N PHE C 353 28.53 -11.57 -25.08
CA PHE C 353 27.58 -12.65 -25.28
C PHE C 353 28.28 -13.99 -25.43
N GLY C 354 29.38 -14.02 -26.19
CA GLY C 354 30.13 -15.24 -26.40
C GLY C 354 31.01 -15.65 -25.25
N GLU C 355 31.10 -14.83 -24.19
CA GLU C 355 31.94 -15.12 -23.03
C GLU C 355 33.39 -15.35 -23.46
N SER C 356 33.83 -14.58 -24.45
CA SER C 356 35.19 -14.65 -24.98
C SER C 356 35.86 -13.29 -24.81
N GLU C 357 36.41 -13.03 -23.63
CA GLU C 357 37.10 -11.77 -23.37
C GLU C 357 38.59 -11.84 -23.68
N ALA C 358 39.13 -13.00 -24.06
CA ALA C 358 40.54 -13.03 -24.44
C ALA C 358 40.79 -12.21 -25.69
N ASN C 359 39.73 -11.87 -26.42
CA ASN C 359 39.89 -11.04 -27.60
C ASN C 359 40.40 -9.67 -27.20
N VAL C 360 40.11 -9.23 -25.98
CA VAL C 360 40.61 -7.95 -25.50
C VAL C 360 42.13 -7.99 -25.47
N ARG C 361 42.70 -9.11 -25.02
CA ARG C 361 44.15 -9.26 -25.02
C ARG C 361 44.69 -9.17 -26.43
N GLU C 362 44.03 -9.83 -27.38
CA GLU C 362 44.49 -9.76 -28.76
C GLU C 362 44.40 -8.34 -29.32
N ILE C 363 43.30 -7.65 -29.02
CA ILE C 363 43.11 -6.28 -29.49
C ILE C 363 44.19 -5.36 -28.93
N PHE C 364 44.49 -5.48 -27.64
CA PHE C 364 45.53 -4.65 -27.05
C PHE C 364 46.90 -4.97 -27.63
N ASP C 365 47.17 -6.25 -27.88
CA ASP C 365 48.46 -6.60 -28.50
C ASP C 365 48.56 -5.99 -29.90
N LYS C 366 47.47 -6.04 -30.67
CA LYS C 366 47.48 -5.43 -31.99
C LYS C 366 47.70 -3.93 -31.91
N ALA C 367 47.05 -3.27 -30.95
CA ALA C 367 47.26 -1.84 -30.78
C ALA C 367 48.70 -1.55 -30.40
N ARG C 368 49.29 -2.40 -29.56
CA ARG C 368 50.68 -2.22 -29.15
C ARG C 368 51.62 -2.35 -30.34
N GLN C 369 51.37 -3.32 -31.22
CA GLN C 369 52.24 -3.50 -32.39
C GLN C 369 52.18 -2.28 -33.31
N ALA C 370 51.00 -1.70 -33.50
CA ALA C 370 50.84 -0.57 -34.40
C ALA C 370 50.98 0.75 -33.63
N ALA C 371 52.22 1.01 -33.20
CA ALA C 371 52.47 2.23 -32.43
C ALA C 371 53.19 3.24 -33.30
N PRO C 372 52.82 4.54 -33.22
CA PRO C 372 51.84 5.16 -32.33
C PRO C 372 50.41 4.90 -32.77
N CYS C 373 49.52 4.60 -31.82
CA CYS C 373 48.14 4.28 -32.13
C CYS C 373 47.21 4.93 -31.12
N VAL C 374 45.97 5.10 -31.53
CA VAL C 374 44.92 5.66 -30.68
C VAL C 374 43.83 4.60 -30.58
N LEU C 375 43.88 3.79 -29.53
CA LEU C 375 42.90 2.73 -29.33
C LEU C 375 41.61 3.35 -28.81
N PHE C 376 40.60 3.42 -29.65
CA PHE C 376 39.32 4.04 -29.32
C PHE C 376 38.28 2.97 -29.07
N PHE C 377 37.63 3.04 -27.90
CA PHE C 377 36.57 2.11 -27.54
C PHE C 377 35.26 2.86 -27.70
N ASP C 378 34.71 2.84 -28.91
CA ASP C 378 33.49 3.56 -29.21
C ASP C 378 32.29 2.93 -28.50
N GLU C 379 31.44 3.78 -27.92
CA GLU C 379 30.21 3.34 -27.26
C GLU C 379 30.50 2.20 -26.28
N LEU C 380 31.42 2.49 -25.36
CA LEU C 380 31.85 1.56 -24.32
C LEU C 380 30.75 1.18 -23.33
N ASP C 381 29.66 1.94 -23.26
CA ASP C 381 28.57 1.65 -22.33
C ASP C 381 27.59 0.61 -22.85
N SER C 382 27.87 0.01 -24.01
CA SER C 382 26.92 -0.93 -24.61
C SER C 382 26.62 -2.11 -23.70
N ILE C 383 27.63 -2.67 -23.04
CA ILE C 383 27.40 -3.83 -22.18
C ILE C 383 26.49 -3.46 -21.00
N ALA C 384 26.71 -2.28 -20.41
CA ALA C 384 25.86 -1.86 -19.30
C ALA C 384 24.41 -1.72 -19.77
N LYS C 385 24.20 -1.14 -20.95
CA LYS C 385 22.85 -1.03 -21.48
C LYS C 385 22.25 -2.41 -21.72
N ALA C 386 23.06 -3.33 -22.25
CA ALA C 386 22.57 -4.68 -22.52
C ALA C 386 22.13 -5.37 -21.23
N ARG C 387 22.83 -5.11 -20.13
CA ARG C 387 22.43 -5.72 -18.86
C ARG C 387 21.33 -4.92 -18.15
N GLY C 388 20.98 -3.74 -18.65
CA GLY C 388 19.98 -2.92 -18.02
C GLY C 388 20.29 -1.44 -18.08
N GLY C 389 20.34 -0.80 -16.91
CA GLY C 389 20.65 0.61 -16.81
C GLY C 389 19.80 1.33 -15.79
N ASN C 390 18.52 0.94 -15.67
CA ASN C 390 17.66 1.46 -14.63
C ASN C 390 17.60 0.54 -13.42
N ILE C 391 17.36 -0.75 -13.65
CA ILE C 391 17.46 -1.78 -12.64
C ILE C 391 18.63 -2.71 -12.92
N GLY C 392 18.72 -3.21 -14.15
CA GLY C 392 19.78 -4.07 -14.61
C GLY C 392 19.81 -5.41 -13.89
N ASP C 393 20.99 -6.03 -13.92
CA ASP C 393 21.23 -7.27 -13.22
C ASP C 393 21.30 -7.03 -11.72
N GLY C 394 21.25 -8.12 -10.95
CA GLY C 394 21.38 -7.99 -9.51
C GLY C 394 22.77 -7.56 -9.08
N GLY C 395 23.79 -7.89 -9.87
CA GLY C 395 25.15 -7.51 -9.54
C GLY C 395 25.44 -6.06 -9.86
N GLY C 396 26.68 -5.66 -9.60
CA GLY C 396 27.11 -4.31 -9.83
C GLY C 396 27.43 -4.02 -11.29
N ALA C 397 28.15 -2.92 -11.49
CA ALA C 397 28.51 -2.49 -12.85
C ALA C 397 29.59 -3.34 -13.47
N ALA C 398 30.34 -4.12 -12.68
CA ALA C 398 31.42 -4.92 -13.22
C ALA C 398 30.90 -6.00 -14.17
N ASP C 399 31.60 -6.16 -15.29
CA ASP C 399 31.28 -7.16 -16.29
C ASP C 399 32.58 -7.75 -16.82
N ARG C 400 32.47 -8.87 -17.53
CA ARG C 400 33.66 -9.58 -17.99
C ARG C 400 34.49 -8.72 -18.95
N VAL C 401 33.86 -8.12 -19.95
CA VAL C 401 34.60 -7.38 -20.97
C VAL C 401 35.27 -6.14 -20.37
N ILE C 402 34.55 -5.38 -19.56
CA ILE C 402 35.16 -4.20 -18.95
C ILE C 402 36.28 -4.60 -18.00
N ASN C 403 36.10 -5.71 -17.28
CA ASN C 403 37.16 -6.17 -16.39
C ASN C 403 38.42 -6.52 -17.19
N GLN C 404 38.26 -7.20 -18.32
CA GLN C 404 39.41 -7.53 -19.15
C GLN C 404 40.06 -6.26 -19.69
N ILE C 405 39.24 -5.28 -20.09
CA ILE C 405 39.78 -4.02 -20.58
C ILE C 405 40.59 -3.33 -19.49
N LEU C 406 40.07 -3.32 -18.26
CA LEU C 406 40.79 -2.74 -17.14
C LEU C 406 42.09 -3.47 -16.89
N THR C 407 42.08 -4.81 -16.96
CA THR C 407 43.30 -5.56 -16.74
C THR C 407 44.34 -5.22 -17.80
N GLU C 408 43.91 -5.10 -19.06
CA GLU C 408 44.85 -4.78 -20.12
C GLU C 408 45.39 -3.36 -19.96
N MET C 409 44.53 -2.42 -19.58
CA MET C 409 44.99 -1.05 -19.35
C MET C 409 45.97 -0.99 -18.18
N ASP C 410 45.67 -1.70 -17.09
CA ASP C 410 46.58 -1.73 -15.96
C ASP C 410 47.92 -2.33 -16.37
N GLY C 411 47.89 -3.32 -17.25
CA GLY C 411 49.11 -3.94 -17.72
C GLY C 411 49.71 -3.20 -18.89
N MET C 412 49.06 -2.12 -19.30
CA MET C 412 49.47 -1.29 -20.41
C MET C 412 50.33 -0.16 -19.85
N SER C 413 50.48 0.93 -20.60
CA SER C 413 51.31 2.07 -20.23
C SER C 413 52.77 1.72 -20.42
N THR C 414 53.10 0.43 -20.46
CA THR C 414 54.49 0.04 -20.69
C THR C 414 54.94 0.47 -22.07
N LYS C 415 54.03 0.33 -23.05
CA LYS C 415 54.32 0.62 -24.44
C LYS C 415 54.58 2.09 -24.69
N LYS C 416 54.00 2.99 -23.90
CA LYS C 416 54.28 4.42 -23.99
C LYS C 416 53.71 5.01 -25.27
N ASN C 417 53.04 4.23 -26.10
CA ASN C 417 52.49 4.73 -27.35
C ASN C 417 50.98 4.58 -27.48
N VAL C 418 50.41 3.46 -27.04
CA VAL C 418 48.97 3.29 -27.19
C VAL C 418 48.24 4.27 -26.29
N PHE C 419 47.21 4.92 -26.84
CA PHE C 419 46.40 5.90 -26.12
C PHE C 419 44.95 5.45 -26.21
N ILE C 420 44.30 5.27 -25.06
CA ILE C 420 42.94 4.78 -25.01
C ILE C 420 41.96 5.94 -24.96
N ILE C 421 41.00 5.94 -25.89
CA ILE C 421 39.95 6.94 -25.95
C ILE C 421 38.62 6.21 -25.85
N GLY C 422 37.78 6.65 -24.93
CA GLY C 422 36.46 6.04 -24.72
C GLY C 422 35.33 7.02 -24.96
N ALA C 423 34.31 6.57 -25.67
CA ALA C 423 33.14 7.36 -25.97
C ALA C 423 31.91 6.65 -25.41
N THR C 424 31.06 7.39 -24.71
CA THR C 424 29.88 6.81 -24.08
C THR C 424 28.76 7.83 -24.05
N ASN C 425 27.57 7.42 -24.49
CA ASN C 425 26.40 8.28 -24.44
C ASN C 425 25.64 8.15 -23.12
N ARG C 426 26.03 7.25 -22.24
CA ARG C 426 25.38 7.05 -20.94
C ARG C 426 26.45 7.02 -19.86
N PRO C 427 27.00 8.18 -19.51
CA PRO C 427 28.05 8.21 -18.49
C PRO C 427 27.59 7.72 -17.13
N ASP C 428 26.30 7.84 -16.82
CA ASP C 428 25.81 7.42 -15.51
C ASP C 428 25.99 5.92 -15.30
N ILE C 429 25.76 5.11 -16.33
CA ILE C 429 25.84 3.66 -16.17
C ILE C 429 27.25 3.10 -16.38
N ILE C 430 28.20 3.93 -16.81
CA ILE C 430 29.55 3.43 -17.03
C ILE C 430 30.16 2.99 -15.70
N ASP C 431 30.96 1.93 -15.74
CA ASP C 431 31.57 1.42 -14.53
C ASP C 431 32.50 2.47 -13.92
N PRO C 432 32.39 2.75 -12.61
CA PRO C 432 33.29 3.74 -12.01
C PRO C 432 34.75 3.38 -12.08
N ALA C 433 35.08 2.08 -12.08
CA ALA C 433 36.47 1.67 -12.13
C ALA C 433 37.16 2.16 -13.39
N ILE C 434 36.39 2.39 -14.46
CA ILE C 434 36.95 2.90 -15.71
C ILE C 434 37.56 4.29 -15.51
N LEU C 435 37.04 5.06 -14.56
CA LEU C 435 37.47 6.44 -14.37
C LEU C 435 38.55 6.60 -13.31
N ARG C 436 39.02 5.53 -12.70
CA ARG C 436 40.05 5.63 -11.68
C ARG C 436 41.38 6.03 -12.33
N PRO C 437 42.30 6.60 -11.54
CA PRO C 437 43.59 7.01 -12.12
C PRO C 437 44.31 5.82 -12.72
N GLY C 438 45.01 6.07 -13.82
CA GLY C 438 45.63 5.03 -14.61
C GLY C 438 44.70 4.44 -15.66
N ARG C 439 43.44 4.86 -15.65
CA ARG C 439 42.41 4.47 -16.60
C ARG C 439 41.92 5.71 -17.33
N LEU C 440 40.76 5.62 -17.98
CA LEU C 440 40.21 6.76 -18.70
C LEU C 440 39.68 7.77 -17.70
N ASP C 441 40.60 8.49 -17.04
CA ASP C 441 40.25 9.46 -16.00
C ASP C 441 39.88 10.81 -16.57
N GLN C 442 40.55 11.24 -17.64
CA GLN C 442 40.28 12.55 -18.22
C GLN C 442 38.94 12.50 -18.94
N LEU C 443 37.90 12.97 -18.28
CA LEU C 443 36.56 13.01 -18.85
C LEU C 443 36.37 14.30 -19.64
N ILE C 444 35.99 14.16 -20.90
CA ILE C 444 35.77 15.29 -21.79
C ILE C 444 34.32 15.26 -22.25
N TYR C 445 33.63 16.38 -22.10
CA TYR C 445 32.22 16.49 -22.49
C TYR C 445 32.12 17.12 -23.88
N ILE C 446 31.41 16.45 -24.78
CA ILE C 446 31.19 16.94 -26.13
C ILE C 446 29.77 17.49 -26.19
N PRO C 447 29.58 18.80 -26.25
CA PRO C 447 28.22 19.36 -26.27
C PRO C 447 27.67 19.40 -27.68
N LEU C 448 26.38 19.72 -27.78
CA LEU C 448 25.75 19.85 -29.07
C LEU C 448 26.45 20.95 -29.87
N PRO C 449 26.62 20.78 -31.18
CA PRO C 449 27.36 21.77 -31.95
C PRO C 449 26.69 23.14 -31.88
N ASP C 450 27.52 24.18 -31.80
CA ASP C 450 27.04 25.54 -31.78
C ASP C 450 26.64 25.98 -33.19
N GLU C 451 26.26 27.25 -33.32
CA GLU C 451 25.87 27.77 -34.63
C GLU C 451 27.04 27.70 -35.61
N LYS C 452 28.21 28.15 -35.18
CA LYS C 452 29.40 28.06 -36.03
C LYS C 452 29.77 26.60 -36.27
N SER C 453 29.69 25.78 -35.22
CA SER C 453 29.97 24.36 -35.37
C SER C 453 28.98 23.72 -36.33
N ARG C 454 27.71 24.11 -36.23
CA ARG C 454 26.69 23.59 -37.13
C ARG C 454 26.99 23.99 -38.57
N VAL C 455 27.45 25.23 -38.79
CA VAL C 455 27.80 25.65 -40.14
C VAL C 455 28.92 24.78 -40.68
N ALA C 456 29.94 24.53 -39.85
CA ALA C 456 31.06 23.70 -40.28
C ALA C 456 30.60 22.28 -40.60
N ILE C 457 29.71 21.72 -39.77
CA ILE C 457 29.22 20.38 -40.00
C ILE C 457 28.45 20.32 -41.32
N LEU C 458 27.62 21.32 -41.58
CA LEU C 458 26.88 21.35 -42.84
C LEU C 458 27.82 21.43 -44.02
N LYS C 459 28.86 22.27 -43.92
CA LYS C 459 29.82 22.38 -45.00
C LYS C 459 30.53 21.06 -45.25
N ALA C 460 30.95 20.38 -44.17
CA ALA C 460 31.63 19.10 -44.32
C ALA C 460 30.72 18.06 -44.96
N ASN C 461 29.46 18.01 -44.54
CA ASN C 461 28.54 17.04 -45.12
C ASN C 461 28.25 17.34 -46.59
N LEU C 462 28.23 18.62 -46.97
CA LEU C 462 27.87 19.02 -48.32
C LEU C 462 29.07 19.34 -49.19
N ARG C 463 30.29 19.04 -48.73
CA ARG C 463 31.46 19.36 -49.52
C ARG C 463 31.46 18.62 -50.85
N LYS C 464 31.15 17.32 -50.83
CA LYS C 464 31.15 16.53 -52.05
C LYS C 464 29.97 16.87 -52.96
N SER C 465 28.79 17.08 -52.38
CA SER C 465 27.60 17.33 -53.18
C SER C 465 27.67 18.69 -53.85
N PRO C 466 27.18 18.82 -55.09
CA PRO C 466 27.11 20.12 -55.75
C PRO C 466 26.04 20.99 -55.13
N VAL C 467 26.44 22.03 -54.39
CA VAL C 467 25.51 22.91 -53.70
C VAL C 467 25.56 24.29 -54.34
N ALA C 468 24.41 24.78 -54.77
CA ALA C 468 24.32 26.10 -55.38
C ALA C 468 24.64 27.18 -54.37
N LYS C 469 25.37 28.21 -54.83
CA LYS C 469 25.73 29.31 -53.94
C LYS C 469 24.52 30.06 -53.44
N ASP C 470 23.37 29.92 -54.11
CA ASP C 470 22.17 30.64 -53.69
C ASP C 470 21.74 30.22 -52.29
N VAL C 471 21.81 28.92 -52.00
CA VAL C 471 21.38 28.40 -50.69
C VAL C 471 22.39 28.84 -49.64
N ASP C 472 21.97 29.71 -48.74
CA ASP C 472 22.83 30.20 -47.66
C ASP C 472 22.94 29.15 -46.57
N LEU C 473 24.17 28.77 -46.24
CA LEU C 473 24.40 27.73 -45.23
C LEU C 473 24.41 28.28 -43.82
N GLU C 474 24.91 29.50 -43.63
CA GLU C 474 24.93 30.07 -42.29
C GLU C 474 23.52 30.24 -41.75
N PHE C 475 22.60 30.68 -42.62
CA PHE C 475 21.22 30.84 -42.19
C PHE C 475 20.62 29.51 -41.78
N LEU C 476 20.88 28.45 -42.55
CA LEU C 476 20.38 27.12 -42.19
C LEU C 476 20.96 26.65 -40.87
N ALA C 477 22.26 26.85 -40.66
CA ALA C 477 22.87 26.41 -39.41
C ALA C 477 22.28 27.15 -38.22
N LYS C 478 22.07 28.46 -38.38
CA LYS C 478 21.53 29.28 -37.29
C LYS C 478 20.08 28.91 -37.03
N MET C 479 19.35 28.57 -38.09
CA MET C 479 17.95 28.20 -37.97
C MET C 479 17.80 26.95 -37.10
N THR C 480 18.71 25.99 -37.26
CA THR C 480 18.69 24.75 -36.49
C THR C 480 19.15 25.06 -35.07
N ASN C 481 18.19 25.29 -34.17
CA ASN C 481 18.54 25.74 -32.82
C ASN C 481 19.34 24.68 -32.05
N GLY C 482 18.89 23.43 -32.07
CA GLY C 482 19.57 22.37 -31.34
C GLY C 482 19.81 21.08 -32.10
N PHE C 483 19.96 21.16 -33.41
CA PHE C 483 20.21 19.95 -34.19
C PHE C 483 21.60 19.39 -33.90
N SER C 484 21.66 18.06 -33.76
CA SER C 484 22.91 17.35 -33.57
C SER C 484 23.60 17.14 -34.91
N GLY C 485 24.85 16.69 -34.85
CA GLY C 485 25.56 16.42 -36.08
C GLY C 485 24.84 15.40 -36.93
N ALA C 486 24.27 14.38 -36.29
CA ALA C 486 23.51 13.38 -37.02
C ALA C 486 22.29 14.00 -37.67
N ASP C 487 21.61 14.92 -36.97
CA ASP C 487 20.43 15.55 -37.53
C ASP C 487 20.81 16.38 -38.76
N LEU C 488 21.92 17.12 -38.68
CA LEU C 488 22.35 17.91 -39.83
C LEU C 488 22.71 16.99 -41.00
N THR C 489 23.37 15.87 -40.70
CA THR C 489 23.70 14.93 -41.76
C THR C 489 22.44 14.38 -42.41
N GLU C 490 21.42 14.07 -41.60
CA GLU C 490 20.16 13.57 -42.14
C GLU C 490 19.50 14.63 -43.03
N ILE C 491 19.53 15.89 -42.61
CA ILE C 491 18.94 16.95 -43.43
C ILE C 491 19.65 17.04 -44.78
N CYS C 492 20.99 17.01 -44.75
CA CYS C 492 21.75 17.09 -46.00
C CYS C 492 21.45 15.89 -46.90
N GLN C 493 21.40 14.69 -46.30
CA GLN C 493 21.12 13.49 -47.09
C GLN C 493 19.73 13.54 -47.70
N ARG C 494 18.75 14.03 -46.94
CA ARG C 494 17.40 14.14 -47.48
C ARG C 494 17.34 15.15 -48.61
N ALA C 495 18.05 16.27 -48.47
CA ALA C 495 18.08 17.24 -49.57
C ALA C 495 18.71 16.64 -50.82
N CYS C 496 19.81 15.90 -50.64
CA CYS C 496 20.44 15.26 -51.79
C CYS C 496 19.52 14.23 -52.42
N LYS C 497 18.79 13.47 -51.59
CA LYS C 497 17.86 12.48 -52.10
C LYS C 497 16.75 13.14 -52.90
N LEU C 498 16.21 14.26 -52.40
CA LEU C 498 15.17 14.97 -53.13
C LEU C 498 15.69 15.47 -54.47
N ALA C 499 16.91 16.01 -54.47
CA ALA C 499 17.49 16.48 -55.73
C ALA C 499 17.68 15.34 -56.72
N ILE C 500 18.17 14.20 -56.23
CA ILE C 500 18.40 13.05 -57.10
C ILE C 500 17.09 12.55 -57.68
N ARG C 501 16.04 12.45 -56.86
CA ARG C 501 14.76 11.98 -57.36
C ARG C 501 14.20 12.95 -58.40
N GLU C 502 14.28 14.26 -58.13
CA GLU C 502 13.77 15.22 -59.10
C GLU C 502 14.54 15.15 -60.41
N SER C 503 15.87 15.04 -60.34
CA SER C 503 16.66 14.94 -61.57
C SER C 503 16.32 13.68 -62.35
N ILE C 504 16.19 12.55 -61.67
CA ILE C 504 15.87 11.30 -62.36
C ILE C 504 14.50 11.40 -63.03
N GLU C 505 13.50 11.87 -62.28
CA GLU C 505 12.15 11.96 -62.84
C GLU C 505 12.12 12.89 -64.04
N SER C 506 12.72 14.06 -63.91
CA SER C 506 12.76 15.03 -65.01
C SER C 506 13.46 14.49 -66.25
N GLU C 507 14.68 13.94 -66.14
CA GLU C 507 15.32 13.44 -67.34
C GLU C 507 14.57 12.26 -67.92
N ILE C 508 13.91 11.45 -67.08
CA ILE C 508 13.10 10.34 -67.60
C ILE C 508 11.94 10.89 -68.44
N ARG C 509 11.24 11.91 -67.93
CA ARG C 509 10.14 12.47 -68.72
C ARG C 509 10.68 13.05 -70.02
N ARG C 510 11.79 13.77 -69.92
CA ARG C 510 12.36 14.43 -71.09
C ARG C 510 12.72 13.37 -72.14
N GLU C 511 13.13 12.19 -71.68
CA GLU C 511 13.40 11.13 -72.64
C GLU C 511 12.09 10.63 -73.24
N ARG C 512 10.98 10.66 -72.48
CA ARG C 512 9.75 10.22 -73.15
C ARG C 512 9.43 11.19 -74.25
N GLN C 513 9.65 12.46 -73.98
CA GLN C 513 9.27 13.50 -74.91
C GLN C 513 9.98 13.31 -76.24
N THR C 514 11.26 12.96 -76.21
CA THR C 514 11.90 12.67 -77.49
C THR C 514 11.33 11.37 -78.06
N GLN C 515 11.13 10.33 -77.25
CA GLN C 515 10.58 9.10 -77.84
C GLN C 515 9.18 9.32 -78.39
N THR C 516 8.32 10.03 -77.65
CA THR C 516 6.96 10.28 -78.11
C THR C 516 6.95 11.20 -79.34
N ASN C 517 7.72 12.28 -79.28
CA ASN C 517 7.77 13.27 -80.35
C ASN C 517 9.21 13.41 -80.82
N PRO C 518 9.68 12.51 -81.68
CA PRO C 518 11.06 12.64 -82.21
C PRO C 518 11.35 14.00 -82.83
N SER C 519 12.20 14.78 -82.16
CA SER C 519 12.59 16.10 -82.67
C SER C 519 13.50 15.97 -83.88
N ALA C 520 13.37 16.90 -84.83
CA ALA C 520 14.15 16.82 -86.06
C ALA C 520 15.63 17.07 -85.82
N MET C 521 15.95 17.95 -84.87
CA MET C 521 17.34 18.25 -84.54
C MET C 521 17.63 17.94 -83.08
N GLU C 522 18.65 17.11 -82.84
CA GLU C 522 18.99 16.73 -81.48
C GLU C 522 19.79 17.83 -80.79
N VAL C 523 19.23 18.41 -79.73
CA VAL C 523 19.94 19.46 -78.99
C VAL C 523 19.70 19.34 -77.49
N GLU C 524 20.45 18.47 -76.81
CA GLU C 524 20.29 18.28 -75.38
C GLU C 524 20.58 19.57 -74.61
N GLU C 525 19.70 19.95 -73.68
CA GLU C 525 19.85 21.18 -72.90
C GLU C 525 20.67 20.89 -71.64
N ASP C 526 21.28 19.70 -71.56
CA ASP C 526 22.12 19.33 -70.43
C ASP C 526 21.24 18.87 -69.26
N ASP C 527 21.69 19.06 -68.01
CA ASP C 527 20.89 18.58 -66.88
C ASP C 527 19.89 19.63 -66.39
N PRO C 528 18.62 19.25 -66.23
CA PRO C 528 17.62 20.20 -65.72
C PRO C 528 17.88 20.64 -64.28
N VAL C 529 18.57 19.83 -63.49
CA VAL C 529 18.97 20.18 -62.13
C VAL C 529 20.43 19.79 -61.92
N PRO C 530 21.37 20.70 -62.21
CA PRO C 530 22.80 20.36 -62.12
C PRO C 530 23.37 20.46 -60.71
N GLU C 531 22.71 21.17 -59.80
CA GLU C 531 23.22 21.34 -58.45
C GLU C 531 22.04 21.52 -57.50
N ILE C 532 22.30 21.30 -56.20
CA ILE C 532 21.26 21.38 -55.17
C ILE C 532 20.86 22.83 -54.95
N ARG C 533 19.55 23.09 -54.99
CA ARG C 533 19.02 24.46 -54.96
C ARG C 533 18.33 24.75 -53.63
N ARG C 534 17.86 26.00 -53.50
CA ARG C 534 17.16 26.42 -52.29
C ARG C 534 15.89 25.60 -52.03
N ASP C 535 15.10 25.31 -53.08
CA ASP C 535 13.84 24.58 -52.86
C ASP C 535 14.09 23.17 -52.33
N HIS C 536 15.14 22.51 -52.83
CA HIS C 536 15.47 21.18 -52.31
C HIS C 536 15.76 21.24 -50.81
N PHE C 537 16.58 22.22 -50.40
CA PHE C 537 16.91 22.34 -48.99
C PHE C 537 15.71 22.74 -48.15
N GLU C 538 14.81 23.56 -48.69
CA GLU C 538 13.60 23.90 -47.94
C GLU C 538 12.72 22.69 -47.73
N GLU C 539 12.52 21.89 -48.78
CA GLU C 539 11.72 20.68 -48.63
C GLU C 539 12.36 19.71 -47.65
N ALA C 540 13.69 19.56 -47.73
CA ALA C 540 14.39 18.67 -46.80
C ALA C 540 14.27 19.16 -45.36
N MET C 541 14.47 20.47 -45.14
CA MET C 541 14.34 21.02 -43.80
C MET C 541 12.92 20.90 -43.28
N ARG C 542 11.94 20.86 -44.19
CA ARG C 542 10.56 20.62 -43.77
C ARG C 542 10.47 19.36 -42.90
N PHE C 543 11.28 18.36 -43.22
CA PHE C 543 11.34 17.11 -42.46
C PHE C 543 12.47 17.11 -41.43
N ALA C 544 13.12 18.25 -41.18
CA ALA C 544 14.18 18.26 -40.20
C ALA C 544 13.63 17.91 -38.82
N ARG C 545 14.44 17.20 -38.03
CA ARG C 545 13.98 16.76 -36.72
C ARG C 545 15.13 16.82 -35.73
N ARG C 546 14.80 17.06 -34.45
CA ARG C 546 15.81 17.04 -33.38
C ARG C 546 15.85 15.67 -32.71
N SER C 547 16.86 14.87 -33.05
CA SER C 547 16.97 13.54 -32.48
C SER C 547 17.20 13.59 -30.96
N VAL C 548 18.02 14.53 -30.50
CA VAL C 548 18.40 14.62 -29.09
C VAL C 548 17.45 15.56 -28.33
N SER C 549 16.67 14.99 -27.42
CA SER C 549 15.77 15.78 -26.58
C SER C 549 16.55 16.58 -25.54
N ASP C 550 15.92 17.61 -25.00
CA ASP C 550 16.54 18.46 -23.99
C ASP C 550 16.65 17.78 -22.63
N ASN C 551 15.90 16.71 -22.37
CA ASN C 551 16.00 16.04 -21.08
C ASN C 551 17.29 15.24 -20.97
N ASP C 552 17.72 14.62 -22.06
CA ASP C 552 18.97 13.87 -21.98
C ASP C 552 20.15 14.82 -21.94
N ILE C 553 20.04 15.99 -22.59
CA ILE C 553 21.04 17.02 -22.42
C ILE C 553 21.06 17.51 -20.98
N ARG C 554 19.90 17.55 -20.33
CA ARG C 554 19.88 17.93 -18.93
C ARG C 554 20.61 16.91 -18.06
N LYS C 555 20.43 15.62 -18.36
CA LYS C 555 21.18 14.61 -17.60
C LYS C 555 22.69 14.75 -17.81
N TYR C 556 23.10 15.02 -19.05
CA TYR C 556 24.54 15.21 -19.29
C TYR C 556 25.06 16.43 -18.54
N GLU C 557 24.27 17.51 -18.51
CA GLU C 557 24.66 18.69 -17.75
C GLU C 557 24.78 18.35 -16.27
N MET C 558 23.88 17.50 -15.77
CA MET C 558 23.96 17.07 -14.38
C MET C 558 25.26 16.34 -14.12
N PHE C 559 25.60 15.35 -14.95
CA PHE C 559 26.85 14.63 -14.73
C PHE C 559 28.05 15.58 -14.80
N ALA C 560 28.00 16.53 -15.75
CA ALA C 560 29.10 17.46 -15.91
C ALA C 560 29.28 18.25 -14.62
N GLN C 561 28.18 18.69 -14.03
CA GLN C 561 28.29 19.41 -12.77
C GLN C 561 28.37 18.45 -11.61
N THR C 562 28.41 17.15 -11.93
CA THR C 562 28.64 16.09 -10.97
C THR C 562 30.13 15.81 -10.90
N LEU C 563 30.89 16.55 -11.69
CA LEU C 563 32.34 16.54 -11.66
C LEU C 563 32.72 17.98 -11.31
N GLN C 564 32.05 18.49 -10.28
CA GLN C 564 32.18 19.87 -9.83
C GLN C 564 33.41 20.08 -8.96
N GLN C 565 34.23 21.06 -9.35
CA GLN C 565 35.46 21.41 -8.65
C GLN C 565 35.23 22.13 -7.32
N SER C 566 34.31 21.61 -6.49
CA SER C 566 34.10 22.20 -5.17
C SER C 566 33.44 23.56 -5.28
N ARG C 567 33.29 24.26 -4.14
CA ARG C 567 32.73 25.60 -4.16
C ARG C 567 33.35 26.51 -3.11
N GLY C 568 34.55 26.21 -2.62
CA GLY C 568 35.19 27.02 -1.60
C GLY C 568 36.62 27.44 -1.87
N PHE C 569 37.24 26.86 -2.90
CA PHE C 569 38.63 27.15 -3.20
C PHE C 569 38.81 28.13 -4.35
N GLY C 570 37.73 28.49 -5.05
CA GLY C 570 37.84 29.37 -6.21
C GLY C 570 38.70 30.60 -5.98
N SER C 571 38.82 31.05 -4.74
CA SER C 571 39.62 32.23 -4.39
C SER C 571 40.92 31.87 -3.66
N PHE C 572 41.40 30.65 -3.80
CA PHE C 572 42.61 30.24 -3.09
C PHE C 572 43.79 31.15 -3.42
N ARG C 573 44.36 31.76 -2.37
CA ARG C 573 45.56 32.57 -2.49
C ARG C 573 46.60 32.13 -1.47
N PHE C 574 47.86 32.07 -1.91
CA PHE C 574 48.94 31.72 -0.99
C PHE C 574 49.21 32.88 -0.03
N PRO C 575 49.68 32.60 1.18
CA PRO C 575 49.92 33.66 2.17
C PRO C 575 51.19 34.42 1.85
N SER C 576 51.05 35.71 1.57
CA SER C 576 52.19 36.56 1.23
C SER C 576 52.00 37.98 1.74
N GLU D 1 85.98 -17.95 -19.08
CA GLU D 1 84.66 -18.56 -19.27
C GLU D 1 83.60 -17.80 -18.50
N VAL D 2 82.41 -18.39 -18.40
CA VAL D 2 81.28 -17.76 -17.72
C VAL D 2 81.34 -18.07 -16.24
N GLY D 3 81.03 -17.07 -15.42
CA GLY D 3 81.03 -17.24 -13.99
C GLY D 3 79.95 -16.44 -13.29
N TYR D 4 80.09 -16.26 -11.98
CA TYR D 4 79.07 -15.50 -11.23
C TYR D 4 78.98 -14.06 -11.73
N ASP D 5 80.10 -13.49 -12.19
CA ASP D 5 80.06 -12.14 -12.72
C ASP D 5 79.16 -12.05 -13.94
N ASP D 6 79.23 -13.04 -14.83
CA ASP D 6 78.36 -13.04 -15.99
C ASP D 6 76.89 -13.17 -15.59
N ILE D 7 76.61 -13.99 -14.58
CA ILE D 7 75.25 -14.18 -14.11
C ILE D 7 74.78 -12.88 -13.46
N GLY D 8 73.88 -12.15 -14.14
CA GLY D 8 73.37 -10.91 -13.64
C GLY D 8 72.02 -11.06 -12.92
N GLY D 9 71.47 -9.92 -12.53
CA GLY D 9 70.17 -9.83 -11.93
C GLY D 9 70.19 -9.78 -10.41
N CYS D 10 71.23 -10.32 -9.77
CA CYS D 10 71.32 -10.34 -8.31
C CYS D 10 69.99 -10.76 -7.70
N ARG D 11 69.31 -11.73 -8.30
CA ARG D 11 67.96 -12.11 -7.91
C ARG D 11 67.94 -12.97 -6.65
N LYS D 12 69.11 -13.34 -6.13
CA LYS D 12 69.34 -14.05 -4.87
C LYS D 12 68.87 -15.50 -4.88
N GLN D 13 68.57 -16.08 -6.04
CA GLN D 13 68.44 -17.53 -6.13
C GLN D 13 69.73 -18.21 -6.59
N LEU D 14 70.62 -17.46 -7.24
CA LEU D 14 71.96 -17.98 -7.54
C LEU D 14 72.69 -18.31 -6.25
N ALA D 15 72.53 -17.47 -5.23
CA ALA D 15 73.14 -17.77 -3.93
C ALA D 15 72.58 -19.06 -3.36
N GLN D 16 71.26 -19.25 -3.46
CA GLN D 16 70.65 -20.48 -2.97
C GLN D 16 71.18 -21.70 -3.72
N ILE D 17 71.30 -21.59 -5.05
CA ILE D 17 71.88 -22.68 -5.83
C ILE D 17 73.33 -22.95 -5.43
N LYS D 18 74.10 -21.90 -5.18
CA LYS D 18 75.47 -22.08 -4.71
C LYS D 18 75.50 -22.85 -3.40
N GLU D 19 74.72 -22.39 -2.42
CA GLU D 19 74.65 -23.08 -1.14
C GLU D 19 74.22 -24.52 -1.36
N MET D 20 73.38 -24.75 -2.36
CA MET D 20 72.95 -26.10 -2.67
C MET D 20 74.09 -26.97 -3.20
N VAL D 21 74.93 -26.41 -4.07
CA VAL D 21 75.82 -27.26 -4.88
C VAL D 21 77.29 -27.21 -4.53
N GLU D 22 77.77 -26.30 -3.69
CA GLU D 22 79.21 -26.31 -3.43
C GLU D 22 79.65 -27.63 -2.82
N LEU D 23 79.14 -27.95 -1.63
CA LEU D 23 79.63 -29.15 -0.94
C LEU D 23 79.45 -30.39 -1.80
N PRO D 24 78.30 -30.62 -2.44
CA PRO D 24 78.20 -31.81 -3.30
C PRO D 24 79.29 -31.82 -4.36
N LEU D 25 79.68 -30.64 -4.86
CA LEU D 25 80.66 -30.49 -5.92
C LEU D 25 81.98 -29.90 -5.44
N ARG D 26 81.93 -28.80 -4.68
CA ARG D 26 83.15 -28.16 -4.21
C ARG D 26 83.89 -29.05 -3.21
N HIS D 27 83.16 -29.86 -2.45
CA HIS D 27 83.74 -30.78 -1.48
C HIS D 27 83.12 -32.15 -1.70
N PRO D 28 83.45 -32.81 -2.81
CA PRO D 28 82.84 -34.11 -3.09
C PRO D 28 83.36 -35.21 -2.19
N ALA D 29 84.65 -35.17 -1.83
CA ALA D 29 85.23 -36.19 -0.97
C ALA D 29 84.60 -36.19 0.42
N LEU D 30 84.07 -35.04 0.86
CA LEU D 30 83.49 -34.95 2.20
C LEU D 30 82.31 -35.90 2.34
N PHE D 31 81.43 -35.95 1.34
CA PHE D 31 80.26 -36.82 1.40
C PHE D 31 80.63 -38.30 1.40
N LYS D 32 81.85 -38.64 0.99
CA LYS D 32 82.26 -40.04 1.02
C LYS D 32 82.41 -40.56 2.44
N ALA D 33 82.90 -39.72 3.35
CA ALA D 33 83.10 -40.13 4.74
C ALA D 33 81.92 -39.77 5.64
N ILE D 34 80.89 -39.11 5.10
CA ILE D 34 79.72 -38.71 5.86
C ILE D 34 78.48 -39.30 5.20
N GLY D 35 77.58 -39.85 6.00
CA GLY D 35 76.37 -40.41 5.45
C GLY D 35 75.27 -39.37 5.32
N VAL D 36 75.13 -38.80 4.13
CA VAL D 36 74.13 -37.78 3.83
C VAL D 36 73.80 -37.85 2.36
N LYS D 37 72.53 -37.56 2.04
CA LYS D 37 72.09 -37.59 0.65
C LYS D 37 72.11 -36.18 0.09
N PRO D 38 72.91 -35.91 -0.94
CA PRO D 38 72.94 -34.56 -1.51
C PRO D 38 71.78 -34.34 -2.46
N PRO D 39 71.71 -33.17 -3.09
CA PRO D 39 70.61 -32.89 -4.02
C PRO D 39 70.80 -33.59 -5.35
N ARG D 40 70.06 -34.68 -5.59
CA ARG D 40 70.23 -35.44 -6.82
C ARG D 40 69.74 -34.66 -8.03
N GLY D 41 68.67 -33.88 -7.87
CA GLY D 41 68.18 -33.06 -8.95
C GLY D 41 67.61 -31.73 -8.50
N ILE D 42 67.86 -30.69 -9.30
CA ILE D 42 67.39 -29.34 -9.01
C ILE D 42 66.62 -28.84 -10.22
N LEU D 43 65.38 -28.40 -10.01
CA LEU D 43 64.51 -27.96 -11.11
C LEU D 43 64.47 -26.44 -11.12
N LEU D 44 65.17 -25.84 -12.08
CA LEU D 44 65.14 -24.40 -12.28
C LEU D 44 64.00 -24.06 -13.23
N TYR D 45 63.03 -23.28 -12.75
CA TYR D 45 61.89 -22.91 -13.58
C TYR D 45 61.65 -21.41 -13.50
N GLY D 46 61.12 -20.87 -14.60
CA GLY D 46 60.87 -19.45 -14.71
C GLY D 46 60.58 -19.04 -16.14
N PRO D 47 60.32 -17.75 -16.36
CA PRO D 47 60.04 -17.28 -17.71
C PRO D 47 61.23 -17.51 -18.61
N PRO D 48 60.99 -17.82 -19.89
CA PRO D 48 62.11 -18.06 -20.82
C PRO D 48 62.97 -16.83 -20.98
N GLY D 49 64.26 -17.07 -21.18
CA GLY D 49 65.21 -15.98 -21.33
C GLY D 49 65.72 -15.40 -20.03
N THR D 50 65.53 -16.09 -18.92
CA THR D 50 65.99 -15.60 -17.63
C THR D 50 67.39 -16.08 -17.27
N GLY D 51 68.06 -16.80 -18.17
CA GLY D 51 69.42 -17.23 -17.93
C GLY D 51 69.58 -18.51 -17.14
N LYS D 52 68.56 -19.38 -17.13
CA LYS D 52 68.68 -20.63 -16.39
C LYS D 52 69.86 -21.46 -16.90
N THR D 53 69.98 -21.61 -18.22
CA THR D 53 71.12 -22.31 -18.79
C THR D 53 72.42 -21.59 -18.45
N LEU D 54 72.40 -20.26 -18.51
CA LEU D 54 73.59 -19.50 -18.13
C LEU D 54 73.95 -19.74 -16.67
N ILE D 55 72.96 -19.78 -15.79
CA ILE D 55 73.23 -20.03 -14.37
C ILE D 55 73.83 -21.41 -14.18
N ALA D 56 73.27 -22.43 -14.85
CA ALA D 56 73.81 -23.77 -14.70
C ALA D 56 75.25 -23.85 -15.22
N ARG D 57 75.52 -23.23 -16.37
CA ARG D 57 76.87 -23.25 -16.90
C ARG D 57 77.84 -22.53 -15.98
N ALA D 58 77.43 -21.40 -15.43
CA ALA D 58 78.29 -20.67 -14.49
C ALA D 58 78.58 -21.49 -13.25
N VAL D 59 77.57 -22.17 -12.71
CA VAL D 59 77.80 -23.01 -11.54
C VAL D 59 78.76 -24.14 -11.87
N ALA D 60 78.59 -24.77 -13.04
CA ALA D 60 79.48 -25.85 -13.43
C ALA D 60 80.91 -25.36 -13.57
N ASN D 61 81.09 -24.16 -14.15
CA ASN D 61 82.43 -23.65 -14.35
C ASN D 61 83.07 -23.26 -13.03
N GLU D 62 82.31 -22.61 -12.15
CA GLU D 62 82.85 -22.12 -10.88
C GLU D 62 83.07 -23.23 -9.87
N THR D 63 82.48 -24.41 -10.08
CA THR D 63 82.70 -25.54 -9.19
C THR D 63 83.57 -26.62 -9.79
N GLY D 64 83.92 -26.52 -11.07
CA GLY D 64 84.77 -27.50 -11.71
C GLY D 64 84.09 -28.77 -12.17
N ALA D 65 82.78 -28.90 -11.96
CA ALA D 65 82.07 -30.09 -12.39
C ALA D 65 81.95 -30.10 -13.91
N PHE D 66 82.06 -31.30 -14.49
CA PHE D 66 81.93 -31.45 -15.94
C PHE D 66 80.49 -31.17 -16.35
N PHE D 67 80.28 -30.08 -17.08
CA PHE D 67 78.94 -29.69 -17.47
C PHE D 67 78.51 -30.43 -18.73
N PHE D 68 77.35 -31.07 -18.68
CA PHE D 68 76.78 -31.74 -19.83
C PHE D 68 75.40 -31.16 -20.10
N LEU D 69 75.14 -30.79 -21.36
CA LEU D 69 73.89 -30.15 -21.75
C LEU D 69 73.10 -31.11 -22.63
N ILE D 70 71.92 -31.53 -22.15
CA ILE D 70 71.02 -32.38 -22.93
C ILE D 70 69.86 -31.54 -23.43
N ASN D 71 69.99 -31.00 -24.64
CA ASN D 71 68.92 -30.19 -25.21
C ASN D 71 67.65 -31.01 -25.42
N GLY D 72 66.51 -30.44 -25.02
CA GLY D 72 65.23 -31.10 -25.12
C GLY D 72 64.93 -31.59 -26.52
N PRO D 73 64.82 -30.64 -27.46
CA PRO D 73 64.47 -31.03 -28.83
C PRO D 73 65.62 -31.69 -29.55
N GLU D 74 66.85 -31.57 -29.07
CA GLU D 74 67.95 -32.27 -29.71
C GLU D 74 67.71 -33.77 -29.68
N ILE D 75 67.37 -34.30 -28.49
CA ILE D 75 67.00 -35.69 -28.36
C ILE D 75 65.63 -35.96 -28.98
N MET D 76 64.68 -35.03 -28.78
CA MET D 76 63.35 -35.25 -29.36
C MET D 76 63.37 -35.26 -30.89
N SER D 77 64.25 -34.47 -31.51
CA SER D 77 64.37 -34.46 -32.95
C SER D 77 65.00 -35.73 -33.50
N LYS D 78 65.63 -36.54 -32.66
CA LYS D 78 66.24 -37.76 -33.15
C LYS D 78 65.19 -38.84 -33.42
N LEU D 79 65.58 -39.82 -34.22
CA LEU D 79 64.67 -40.89 -34.60
C LEU D 79 64.25 -41.72 -33.39
N ALA D 80 62.99 -42.15 -33.41
CA ALA D 80 62.46 -42.96 -32.33
C ALA D 80 63.22 -44.29 -32.26
N GLY D 81 63.47 -44.75 -31.03
CA GLY D 81 64.23 -45.96 -30.80
C GLY D 81 65.73 -45.75 -30.66
N GLU D 82 66.25 -44.61 -31.10
CA GLU D 82 67.65 -44.28 -30.94
C GLU D 82 67.87 -43.01 -30.12
N SER D 83 66.83 -42.22 -29.90
CA SER D 83 66.90 -41.11 -28.94
C SER D 83 67.14 -41.62 -27.53
N GLU D 84 66.50 -42.75 -27.19
CA GLU D 84 66.73 -43.35 -25.89
C GLU D 84 68.20 -43.69 -25.69
N SER D 85 68.85 -44.13 -26.78
CA SER D 85 70.28 -44.34 -26.76
C SER D 85 71.03 -43.05 -26.46
N ASN D 86 70.59 -41.94 -27.07
CA ASN D 86 71.25 -40.66 -26.81
C ASN D 86 71.14 -40.27 -25.34
N LEU D 87 69.96 -40.43 -24.75
CA LEU D 87 69.80 -40.07 -23.33
C LEU D 87 70.66 -40.96 -22.44
N ARG D 88 70.65 -42.27 -22.71
CA ARG D 88 71.44 -43.20 -21.91
C ARG D 88 72.93 -42.91 -22.04
N LYS D 89 73.40 -42.63 -23.25
CA LYS D 89 74.81 -42.30 -23.45
C LYS D 89 75.17 -40.99 -22.76
N ALA D 90 74.25 -40.01 -22.77
CA ALA D 90 74.53 -38.76 -22.08
C ALA D 90 74.72 -39.00 -20.59
N PHE D 91 73.83 -39.78 -19.98
CA PHE D 91 74.01 -40.08 -18.56
C PHE D 91 75.29 -40.87 -18.31
N GLU D 92 75.61 -41.84 -19.16
CA GLU D 92 76.86 -42.59 -18.95
C GLU D 92 78.08 -41.69 -19.05
N GLU D 93 78.13 -40.81 -20.06
CA GLU D 93 79.26 -39.91 -20.20
C GLU D 93 79.37 -38.96 -19.02
N ALA D 94 78.25 -38.42 -18.55
CA ALA D 94 78.28 -37.59 -17.36
C ALA D 94 78.73 -38.37 -16.13
N GLU D 95 78.36 -39.65 -16.07
CA GLU D 95 78.79 -40.53 -14.99
C GLU D 95 80.29 -40.72 -15.00
N LYS D 96 80.88 -40.84 -16.20
CA LYS D 96 82.32 -41.06 -16.32
C LYS D 96 83.13 -39.90 -15.74
N ASN D 97 82.72 -38.66 -16.02
CA ASN D 97 83.47 -37.49 -15.55
C ASN D 97 83.00 -37.00 -14.19
N ALA D 98 82.84 -37.90 -13.24
CA ALA D 98 82.40 -37.49 -11.91
C ALA D 98 83.44 -36.60 -11.26
N PRO D 99 83.03 -35.52 -10.59
CA PRO D 99 81.64 -35.06 -10.54
C PRO D 99 81.23 -34.37 -11.83
N ALA D 100 79.95 -34.46 -12.18
CA ALA D 100 79.45 -33.87 -13.41
C ALA D 100 78.07 -33.29 -13.17
N ILE D 101 77.71 -32.32 -13.99
CA ILE D 101 76.39 -31.69 -13.94
C ILE D 101 75.74 -31.93 -15.29
N ILE D 102 74.56 -32.53 -15.27
CA ILE D 102 73.77 -32.77 -16.47
C ILE D 102 72.63 -31.76 -16.49
N PHE D 103 72.64 -30.89 -17.48
CA PHE D 103 71.62 -29.86 -17.62
C PHE D 103 70.68 -30.27 -18.75
N ILE D 104 69.39 -30.33 -18.45
CA ILE D 104 68.37 -30.65 -19.42
C ILE D 104 67.59 -29.38 -19.71
N ASP D 105 67.98 -28.68 -20.76
CA ASP D 105 67.30 -27.47 -21.17
C ASP D 105 65.98 -27.82 -21.85
N GLU D 106 64.95 -27.03 -21.57
CA GLU D 106 63.62 -27.28 -22.12
C GLU D 106 63.14 -28.68 -21.77
N LEU D 107 63.11 -28.95 -20.46
CA LEU D 107 62.65 -30.25 -19.98
C LEU D 107 61.19 -30.53 -20.32
N ASP D 108 60.40 -29.48 -20.56
CA ASP D 108 58.99 -29.66 -20.88
C ASP D 108 58.75 -30.26 -22.27
N ALA D 109 59.81 -30.62 -22.99
CA ALA D 109 59.67 -31.33 -24.27
C ALA D 109 59.97 -32.81 -24.16
N ILE D 110 60.97 -33.19 -23.35
CA ILE D 110 61.27 -34.61 -23.17
C ILE D 110 60.16 -35.31 -22.40
N ALA D 111 59.68 -34.68 -21.32
CA ALA D 111 58.63 -35.26 -20.48
C ALA D 111 57.52 -34.25 -20.25
N PRO D 112 56.80 -33.86 -21.30
CA PRO D 112 55.71 -32.89 -21.15
C PRO D 112 54.43 -33.49 -20.58
N LYS D 113 54.34 -34.81 -20.47
CA LYS D 113 53.09 -35.46 -20.12
C LYS D 113 52.62 -35.03 -18.74
N ARG D 114 51.48 -34.34 -18.69
CA ARG D 114 50.85 -33.93 -17.44
C ARG D 114 49.72 -34.86 -17.05
N GLU D 115 49.88 -36.15 -17.31
CA GLU D 115 48.89 -37.21 -17.20
C GLU D 115 47.95 -37.23 -18.40
N LYS D 116 48.02 -36.26 -19.30
CA LYS D 116 47.36 -36.39 -20.60
C LYS D 116 48.12 -37.37 -21.48
N THR D 117 49.41 -37.12 -21.67
CA THR D 117 50.36 -38.10 -22.19
C THR D 117 49.91 -38.66 -23.54
N HIS D 118 49.84 -37.77 -24.52
CA HIS D 118 49.50 -38.18 -25.88
C HIS D 118 50.67 -38.94 -26.51
N GLY D 119 50.33 -39.79 -27.49
CA GLY D 119 51.34 -40.51 -28.24
C GLY D 119 51.84 -41.76 -27.56
N GLU D 120 52.78 -42.43 -28.22
CA GLU D 120 53.35 -43.68 -27.75
C GLU D 120 54.84 -43.57 -27.45
N VAL D 121 55.64 -43.07 -28.38
CA VAL D 121 57.09 -43.04 -28.19
C VAL D 121 57.46 -42.07 -27.07
N GLU D 122 56.75 -40.95 -26.97
CA GLU D 122 57.06 -39.99 -25.93
C GLU D 122 56.82 -40.57 -24.54
N ARG D 123 55.84 -41.47 -24.40
CA ARG D 123 55.68 -42.19 -23.15
C ARG D 123 56.90 -43.06 -22.84
N ARG D 124 57.44 -43.74 -23.86
CA ARG D 124 58.69 -44.46 -23.67
C ARG D 124 59.82 -43.54 -23.23
N ILE D 125 59.94 -42.37 -23.85
CA ILE D 125 61.03 -41.48 -23.50
C ILE D 125 60.89 -40.99 -22.06
N VAL D 126 59.66 -40.65 -21.65
CA VAL D 126 59.45 -40.18 -20.28
C VAL D 126 59.73 -41.29 -19.28
N SER D 127 59.24 -42.51 -19.55
CA SER D 127 59.47 -43.62 -18.62
C SER D 127 60.95 -43.98 -18.53
N GLN D 128 61.65 -44.05 -19.66
CA GLN D 128 63.08 -44.35 -19.62
C GLN D 128 63.85 -43.25 -18.89
N LEU D 129 63.50 -41.99 -19.14
CA LEU D 129 64.15 -40.90 -18.41
C LEU D 129 63.90 -41.03 -16.92
N LEU D 130 62.67 -41.42 -16.54
CA LEU D 130 62.35 -41.66 -15.14
C LEU D 130 63.23 -42.77 -14.57
N THR D 131 63.41 -43.85 -15.32
CA THR D 131 64.25 -44.95 -14.85
C THR D 131 65.68 -44.50 -14.64
N LEU D 132 66.21 -43.72 -15.58
CA LEU D 132 67.57 -43.22 -15.45
C LEU D 132 67.71 -42.29 -14.26
N MET D 133 66.76 -41.34 -14.13
CA MET D 133 66.83 -40.37 -13.06
C MET D 133 66.72 -41.04 -11.70
N ASP D 134 65.78 -41.96 -11.54
CA ASP D 134 65.69 -42.76 -10.32
C ASP D 134 66.77 -43.82 -10.24
N GLY D 135 67.45 -44.10 -11.35
CA GLY D 135 68.52 -45.08 -11.36
C GLY D 135 69.86 -44.61 -10.88
N LEU D 136 69.96 -43.34 -10.45
CA LEU D 136 71.22 -42.84 -9.90
C LEU D 136 71.55 -43.60 -8.63
N LYS D 137 72.61 -44.39 -8.66
CA LYS D 137 72.95 -45.27 -7.55
C LYS D 137 73.64 -44.54 -6.40
N GLN D 138 73.49 -43.21 -6.34
CA GLN D 138 74.07 -42.34 -5.33
C GLN D 138 75.60 -42.40 -5.36
N ARG D 139 76.15 -43.14 -6.32
CA ARG D 139 77.58 -43.16 -6.54
C ARG D 139 77.98 -42.01 -7.46
N ALA D 140 79.25 -41.61 -7.37
CA ALA D 140 79.71 -40.41 -8.05
C ALA D 140 78.93 -39.21 -7.53
N HIS D 141 78.94 -38.10 -8.26
CA HIS D 141 78.27 -36.90 -7.79
C HIS D 141 77.54 -36.17 -8.92
N VAL D 142 77.02 -36.91 -9.90
CA VAL D 142 76.31 -36.28 -11.01
C VAL D 142 75.07 -35.60 -10.46
N ILE D 143 74.93 -34.30 -10.72
CA ILE D 143 73.76 -33.52 -10.35
C ILE D 143 72.98 -33.17 -11.61
N VAL D 144 71.71 -33.53 -11.64
CA VAL D 144 70.86 -33.31 -12.80
C VAL D 144 70.00 -32.08 -12.56
N MET D 145 70.31 -30.99 -13.25
CA MET D 145 69.53 -29.77 -13.22
C MET D 145 68.73 -29.65 -14.51
N ALA D 146 67.46 -29.28 -14.40
CA ALA D 146 66.59 -29.18 -15.56
C ALA D 146 65.93 -27.82 -15.59
N ALA D 147 65.62 -27.35 -16.80
CA ALA D 147 64.95 -26.08 -17.00
C ALA D 147 63.55 -26.31 -17.54
N THR D 148 62.59 -25.55 -17.03
CA THR D 148 61.19 -25.65 -17.41
C THR D 148 60.51 -24.31 -17.17
N ASN D 149 59.57 -23.97 -18.04
CA ASN D 149 58.85 -22.69 -17.89
C ASN D 149 58.04 -22.65 -16.60
N ARG D 150 57.33 -23.73 -16.30
CA ARG D 150 56.50 -23.82 -15.09
C ARG D 150 56.63 -25.21 -14.49
N PRO D 151 56.52 -25.32 -13.17
CA PRO D 151 56.65 -26.64 -12.54
C PRO D 151 55.61 -27.65 -12.99
N ASN D 152 54.38 -27.19 -13.26
CA ASN D 152 53.29 -28.10 -13.59
C ASN D 152 53.32 -28.56 -15.05
N SER D 153 54.20 -28.00 -15.87
CA SER D 153 54.25 -28.37 -17.29
C SER D 153 54.90 -29.74 -17.49
N ILE D 154 55.86 -30.09 -16.64
CA ILE D 154 56.58 -31.35 -16.78
C ILE D 154 55.76 -32.47 -16.17
N ASP D 155 56.14 -33.71 -16.45
CA ASP D 155 55.42 -34.85 -15.91
C ASP D 155 55.51 -34.84 -14.38
N PRO D 156 54.41 -35.09 -13.68
CA PRO D 156 54.46 -35.05 -12.21
C PRO D 156 55.44 -36.05 -11.62
N ALA D 157 55.64 -37.21 -12.25
CA ALA D 157 56.57 -38.20 -11.70
C ALA D 157 57.99 -37.66 -11.68
N LEU D 158 58.30 -36.66 -12.51
CA LEU D 158 59.61 -36.00 -12.49
C LEU D 158 59.77 -35.12 -11.27
N ARG D 159 58.67 -34.68 -10.69
CA ARG D 159 58.62 -33.79 -9.55
C ARG D 159 58.71 -34.55 -8.23
N ARG D 160 58.62 -35.87 -8.29
CA ARG D 160 58.58 -36.75 -7.13
C ARG D 160 59.95 -36.84 -6.45
N PHE D 161 59.96 -37.49 -5.29
CA PHE D 161 61.18 -37.63 -4.49
C PHE D 161 62.26 -38.38 -5.26
N GLY D 162 63.47 -37.83 -5.25
CA GLY D 162 64.63 -38.48 -5.83
C GLY D 162 64.87 -38.17 -7.30
N ARG D 163 63.86 -37.68 -8.01
CA ARG D 163 64.02 -37.30 -9.42
C ARG D 163 64.31 -35.81 -9.54
N PHE D 164 63.40 -34.97 -9.07
CA PHE D 164 63.62 -33.53 -8.90
C PHE D 164 62.92 -33.15 -7.60
N ASP D 165 63.65 -33.21 -6.50
CA ASP D 165 63.05 -33.02 -5.18
C ASP D 165 63.10 -31.57 -4.69
N ARG D 166 63.76 -30.67 -5.41
CA ARG D 166 63.85 -29.28 -4.98
C ARG D 166 63.85 -28.39 -6.21
N GLU D 167 63.11 -27.30 -6.12
CA GLU D 167 62.86 -26.41 -7.25
C GLU D 167 63.20 -24.98 -6.87
N VAL D 168 63.73 -24.24 -7.86
CA VAL D 168 64.09 -22.83 -7.70
C VAL D 168 63.46 -22.04 -8.84
N ASP D 169 62.72 -21.00 -8.48
CA ASP D 169 62.05 -20.13 -9.44
C ASP D 169 62.97 -18.92 -9.65
N ILE D 170 63.69 -18.93 -10.78
CA ILE D 170 64.59 -17.83 -11.08
C ILE D 170 63.80 -16.52 -11.20
N GLY D 171 62.67 -16.57 -11.89
CA GLY D 171 61.79 -15.41 -11.99
C GLY D 171 62.38 -14.23 -12.75
N ILE D 172 61.54 -13.23 -13.00
CA ILE D 172 61.96 -12.04 -13.74
C ILE D 172 62.92 -11.22 -12.88
N PRO D 173 64.03 -10.73 -13.44
CA PRO D 173 64.89 -9.82 -12.69
C PRO D 173 64.18 -8.52 -12.34
N ASP D 174 64.60 -7.93 -11.22
CA ASP D 174 64.00 -6.71 -10.69
C ASP D 174 64.81 -5.50 -11.13
N ALA D 175 64.38 -4.31 -10.69
CA ALA D 175 65.06 -3.08 -11.08
C ALA D 175 66.55 -3.14 -10.75
N THR D 176 66.90 -3.57 -9.53
CA THR D 176 68.30 -3.74 -9.19
C THR D 176 68.95 -4.79 -10.09
N GLY D 177 68.25 -5.90 -10.33
CA GLY D 177 68.78 -6.91 -11.22
C GLY D 177 68.72 -6.50 -12.66
N ARG D 178 67.71 -5.71 -13.05
CA ARG D 178 67.68 -5.22 -14.42
C ARG D 178 68.87 -4.31 -14.67
N LEU D 179 69.21 -3.47 -13.69
CA LEU D 179 70.37 -2.59 -13.80
C LEU D 179 71.66 -3.40 -13.89
N GLU D 180 71.79 -4.44 -13.06
CA GLU D 180 73.01 -5.25 -13.12
C GLU D 180 73.10 -6.01 -14.44
N ILE D 181 71.97 -6.47 -14.96
CA ILE D 181 71.95 -7.13 -16.26
C ILE D 181 72.37 -6.17 -17.35
N LEU D 182 71.89 -4.93 -17.27
CA LEU D 182 72.31 -3.92 -18.24
C LEU D 182 73.80 -3.67 -18.15
N GLN D 183 74.34 -3.61 -16.93
CA GLN D 183 75.78 -3.42 -16.77
C GLN D 183 76.55 -4.56 -17.41
N ILE D 184 76.12 -5.81 -17.17
CA ILE D 184 76.82 -6.95 -17.74
C ILE D 184 76.71 -6.97 -19.25
N HIS D 185 75.54 -6.60 -19.78
CA HIS D 185 75.31 -6.55 -21.22
C HIS D 185 75.87 -5.29 -21.87
N THR D 186 76.26 -4.29 -21.08
CA THR D 186 76.89 -3.08 -21.58
C THR D 186 78.23 -2.95 -20.87
N LYS D 187 79.24 -3.63 -21.42
CA LYS D 187 80.60 -3.55 -20.90
C LYS D 187 81.68 -3.46 -21.97
N ASN D 188 81.38 -3.75 -23.23
CA ASN D 188 82.36 -3.64 -24.30
C ASN D 188 81.94 -2.66 -25.40
N MET D 189 80.81 -1.98 -25.26
CA MET D 189 80.37 -1.04 -26.28
C MET D 189 80.81 0.38 -26.02
N LYS D 190 81.58 0.61 -24.96
CA LYS D 190 82.07 1.96 -24.62
C LYS D 190 80.89 2.91 -24.46
N LEU D 191 80.09 2.63 -23.44
CA LEU D 191 78.88 3.39 -23.19
C LEU D 191 79.21 4.85 -22.92
N ALA D 192 78.33 5.73 -23.42
CA ALA D 192 78.57 7.17 -23.32
C ALA D 192 78.45 7.65 -21.88
N ASP D 193 78.98 8.85 -21.63
CA ASP D 193 78.94 9.42 -20.29
C ASP D 193 77.54 9.88 -19.92
N ASP D 194 76.80 10.45 -20.88
CA ASP D 194 75.46 10.93 -20.58
C ASP D 194 74.55 9.79 -20.14
N VAL D 195 74.64 8.65 -20.82
CA VAL D 195 73.82 7.50 -20.46
C VAL D 195 74.30 6.93 -19.15
N ASP D 196 73.37 6.67 -18.22
CA ASP D 196 73.73 6.16 -16.91
C ASP D 196 73.29 4.73 -16.65
N LEU D 197 72.29 4.24 -17.37
CA LEU D 197 71.77 2.89 -17.29
C LEU D 197 70.87 2.76 -16.08
N GLU D 198 70.70 3.82 -15.30
CA GLU D 198 69.80 3.82 -14.14
C GLU D 198 68.39 4.20 -14.55
N GLN D 199 68.23 5.29 -15.30
CA GLN D 199 66.91 5.66 -15.81
C GLN D 199 66.36 4.57 -16.73
N VAL D 200 67.22 4.03 -17.60
CA VAL D 200 66.78 2.96 -18.48
C VAL D 200 66.35 1.75 -17.65
N ALA D 201 67.13 1.42 -16.61
CA ALA D 201 66.78 0.29 -15.75
C ALA D 201 65.42 0.49 -15.09
N ASN D 202 65.15 1.68 -14.56
CA ASN D 202 63.84 1.92 -13.94
C ASN D 202 62.71 1.81 -14.97
N GLU D 203 62.92 2.38 -16.16
CA GLU D 203 61.91 2.31 -17.21
C GLU D 203 61.84 0.94 -17.86
N THR D 204 62.76 0.03 -17.52
CA THR D 204 62.86 -1.28 -18.14
C THR D 204 61.98 -2.34 -17.47
N HIS D 205 60.95 -1.92 -16.73
CA HIS D 205 60.10 -2.91 -16.07
C HIS D 205 59.46 -3.82 -17.11
N GLY D 206 59.44 -5.12 -16.83
CA GLY D 206 58.86 -6.09 -17.72
C GLY D 206 59.82 -6.83 -18.62
N HIS D 207 61.08 -6.42 -18.68
CA HIS D 207 62.05 -7.10 -19.53
C HIS D 207 62.71 -8.24 -18.76
N VAL D 208 63.28 -9.17 -19.51
CA VAL D 208 64.05 -10.27 -18.94
C VAL D 208 65.50 -10.09 -19.39
N GLY D 209 66.39 -10.96 -18.93
CA GLY D 209 67.80 -10.81 -19.31
C GLY D 209 67.97 -10.83 -20.82
N ALA D 210 67.26 -11.73 -21.49
CA ALA D 210 67.30 -11.75 -22.95
C ALA D 210 66.72 -10.45 -23.51
N ASP D 211 65.64 -9.96 -22.90
CA ASP D 211 65.06 -8.69 -23.34
C ASP D 211 66.04 -7.54 -23.14
N LEU D 212 66.76 -7.53 -22.02
CA LEU D 212 67.73 -6.48 -21.78
C LEU D 212 68.85 -6.54 -22.81
N ALA D 213 69.34 -7.74 -23.11
CA ALA D 213 70.38 -7.88 -24.12
C ALA D 213 69.88 -7.41 -25.49
N ALA D 214 68.65 -7.77 -25.84
CA ALA D 214 68.09 -7.34 -27.11
C ALA D 214 67.93 -5.83 -27.18
N LEU D 215 67.50 -5.21 -26.07
CA LEU D 215 67.37 -3.76 -26.04
C LEU D 215 68.72 -3.09 -26.20
N CYS D 216 69.74 -3.60 -25.51
CA CYS D 216 71.08 -3.03 -25.65
C CYS D 216 71.58 -3.18 -27.08
N SER D 217 71.37 -4.34 -27.69
CA SER D 217 71.79 -4.54 -29.08
C SER D 217 71.06 -3.60 -30.01
N GLU D 218 69.75 -3.39 -29.78
CA GLU D 218 68.99 -2.49 -30.62
C GLU D 218 69.49 -1.06 -30.49
N ALA D 219 69.82 -0.63 -29.26
CA ALA D 219 70.38 0.69 -29.08
C ALA D 219 71.72 0.83 -29.80
N ALA D 220 72.56 -0.21 -29.72
CA ALA D 220 73.84 -0.17 -30.42
C ALA D 220 73.62 -0.06 -31.92
N LEU D 221 72.65 -0.81 -32.45
CA LEU D 221 72.38 -0.77 -33.88
C LEU D 221 71.83 0.60 -34.28
N GLN D 222 71.01 1.22 -33.43
CA GLN D 222 70.56 2.58 -33.73
C GLN D 222 71.73 3.54 -33.78
N ALA D 223 72.67 3.41 -32.83
CA ALA D 223 73.85 4.27 -32.86
C ALA D 223 74.64 4.07 -34.14
N ILE D 224 74.80 2.80 -34.56
CA ILE D 224 75.54 2.51 -35.78
C ILE D 224 74.81 3.05 -37.01
N ARG D 225 73.48 3.02 -37.00
CA ARG D 225 72.72 3.58 -38.11
C ARG D 225 72.79 5.10 -38.15
N LYS D 226 72.70 5.75 -37.00
CA LYS D 226 72.71 7.21 -36.98
C LYS D 226 74.03 7.78 -37.48
N LYS D 227 75.15 7.20 -37.07
CA LYS D 227 76.45 7.68 -37.49
C LYS D 227 77.22 6.59 -38.22
N MET D 228 78.34 6.98 -38.81
CA MET D 228 79.27 6.06 -39.47
C MET D 228 78.65 5.48 -40.74
N ASP D 229 77.34 5.66 -40.91
CA ASP D 229 76.68 5.34 -42.16
C ASP D 229 76.66 6.54 -43.11
N LEU D 230 76.53 7.75 -42.56
CA LEU D 230 76.55 8.93 -43.39
C LEU D 230 77.88 9.04 -44.12
N ILE D 231 78.98 8.77 -43.42
CA ILE D 231 80.29 8.80 -44.05
C ILE D 231 80.39 7.70 -45.08
N ASP D 232 79.84 6.52 -44.79
CA ASP D 232 79.80 5.38 -45.69
C ASP D 232 81.19 4.79 -45.95
N LEU D 233 82.18 5.14 -45.15
CA LEU D 233 83.52 4.60 -45.30
C LEU D 233 83.56 3.21 -44.66
N GLU D 234 83.52 2.17 -45.50
CA GLU D 234 83.46 0.80 -45.03
C GLU D 234 84.51 -0.03 -45.75
N ASP D 235 85.02 -1.05 -45.05
CA ASP D 235 85.99 -1.97 -45.62
C ASP D 235 85.65 -3.37 -45.14
N GLU D 236 86.58 -4.31 -45.35
CA GLU D 236 86.36 -5.69 -44.91
C GLU D 236 86.17 -5.75 -43.40
N THR D 237 86.96 -4.98 -42.65
CA THR D 237 86.84 -4.91 -41.20
C THR D 237 86.84 -3.45 -40.79
N ILE D 238 85.77 -3.02 -40.11
CA ILE D 238 85.68 -1.64 -39.69
C ILE D 238 86.81 -1.32 -38.72
N ASP D 239 87.40 -0.14 -38.87
CA ASP D 239 88.50 0.26 -38.01
C ASP D 239 88.04 0.35 -36.56
N ALA D 240 88.86 -0.18 -35.66
CA ALA D 240 88.49 -0.18 -34.25
C ALA D 240 88.37 1.24 -33.71
N GLU D 241 89.31 2.12 -34.07
CA GLU D 241 89.25 3.49 -33.58
C GLU D 241 88.01 4.21 -34.10
N VAL D 242 87.69 4.01 -35.37
CA VAL D 242 86.53 4.69 -35.96
C VAL D 242 85.26 4.26 -35.25
N MET D 243 85.12 2.95 -35.02
CA MET D 243 83.94 2.45 -34.32
C MET D 243 83.91 2.89 -32.86
N ASN D 244 85.08 3.00 -32.23
CA ASN D 244 85.14 3.44 -30.84
C ASN D 244 84.78 4.92 -30.70
N SER D 245 84.95 5.71 -31.75
CA SER D 245 84.64 7.13 -31.66
C SER D 245 83.17 7.39 -31.35
N LEU D 246 82.29 6.44 -31.66
CA LEU D 246 80.87 6.63 -31.40
C LEU D 246 80.54 6.26 -29.95
N ALA D 247 79.59 6.99 -29.38
CA ALA D 247 79.13 6.73 -28.02
C ALA D 247 77.61 6.58 -28.03
N VAL D 248 77.12 5.51 -27.42
CA VAL D 248 75.69 5.26 -27.39
C VAL D 248 75.04 6.33 -26.51
N THR D 249 74.19 7.15 -27.12
CA THR D 249 73.58 8.27 -26.42
C THR D 249 72.28 7.84 -25.76
N MET D 250 71.82 8.68 -24.82
CA MET D 250 70.57 8.38 -24.12
C MET D 250 69.40 8.29 -25.09
N ASP D 251 69.42 9.09 -26.16
CA ASP D 251 68.34 9.05 -27.13
C ASP D 251 68.20 7.68 -27.77
N ASP D 252 69.33 7.05 -28.12
CA ASP D 252 69.28 5.73 -28.73
C ASP D 252 68.66 4.73 -27.78
N PHE D 253 69.06 4.77 -26.50
CA PHE D 253 68.50 3.85 -25.53
C PHE D 253 67.00 4.10 -25.35
N ARG D 254 66.60 5.37 -25.35
CA ARG D 254 65.18 5.70 -25.23
C ARG D 254 64.39 5.13 -26.40
N TRP D 255 64.91 5.27 -27.62
CA TRP D 255 64.20 4.72 -28.77
C TRP D 255 64.12 3.21 -28.66
N ALA D 256 65.21 2.56 -28.25
CA ALA D 256 65.20 1.11 -28.11
C ALA D 256 64.17 0.68 -27.09
N LEU D 257 64.10 1.39 -25.95
CA LEU D 257 63.08 1.09 -24.96
C LEU D 257 61.69 1.26 -25.53
N SER D 258 61.49 2.28 -26.36
CA SER D 258 60.21 2.44 -27.05
C SER D 258 59.93 1.27 -27.98
N GLN D 259 60.97 0.62 -28.48
CA GLN D 259 60.85 -0.50 -29.41
C GLN D 259 61.23 -1.83 -28.75
N SER D 260 60.82 -2.03 -27.50
CA SER D 260 61.23 -3.20 -26.73
C SER D 260 60.24 -4.36 -26.78
N ASN D 261 58.97 -4.12 -26.44
CA ASN D 261 58.00 -5.22 -26.41
C ASN D 261 58.53 -6.33 -25.52
N PRO D 262 58.56 -6.10 -24.20
CA PRO D 262 59.09 -7.14 -23.29
C PRO D 262 58.30 -8.44 -23.32
N SER D 263 59.05 -9.54 -23.26
CA SER D 263 58.54 -10.89 -23.50
C SER D 263 58.03 -11.52 -22.20
N ALA D 264 57.00 -10.91 -21.62
CA ALA D 264 56.33 -11.39 -20.41
C ALA D 264 56.07 -10.27 -19.42
N LEU D 265 55.46 -9.18 -19.89
CA LEU D 265 55.04 -8.10 -19.01
C LEU D 265 53.98 -8.59 -18.03
N ARG D 266 53.07 -9.42 -18.52
CA ARG D 266 51.94 -9.93 -17.74
C ARG D 266 52.37 -10.80 -16.57
N GLU D 267 53.53 -11.44 -16.66
CA GLU D 267 53.95 -12.35 -15.60
C GLU D 267 53.98 -11.62 -14.27
N THR D 268 53.49 -12.30 -13.22
CA THR D 268 53.43 -11.70 -11.89
C THR D 268 54.81 -11.32 -11.39
N VAL D 269 54.89 -10.21 -10.68
CA VAL D 269 56.14 -9.68 -10.16
C VAL D 269 56.25 -9.96 -8.67
N VAL D 270 57.39 -10.55 -8.28
CA VAL D 270 57.75 -10.80 -6.89
C VAL D 270 58.95 -9.91 -6.61
N GLU D 271 58.71 -8.74 -6.02
CA GLU D 271 59.78 -7.77 -5.82
C GLU D 271 59.64 -7.05 -4.50
N VAL D 272 60.77 -6.78 -3.87
CA VAL D 272 60.86 -6.00 -2.64
C VAL D 272 60.46 -4.56 -2.97
N PRO D 273 59.34 -4.07 -2.45
CA PRO D 273 58.90 -2.71 -2.82
C PRO D 273 59.92 -1.67 -2.38
N GLN D 274 60.11 -0.66 -3.23
CA GLN D 274 61.01 0.44 -2.93
C GLN D 274 60.36 1.53 -2.08
N VAL D 275 59.04 1.44 -1.86
CA VAL D 275 58.37 2.44 -1.05
C VAL D 275 58.89 2.37 0.37
N THR D 276 58.93 3.53 1.04
CA THR D 276 59.43 3.64 2.40
C THR D 276 58.44 4.43 3.23
N TRP D 277 58.62 4.39 4.54
CA TRP D 277 57.72 5.09 5.45
C TRP D 277 57.73 6.59 5.19
N GLU D 278 58.79 7.11 4.58
CA GLU D 278 58.85 8.54 4.27
C GLU D 278 57.72 8.96 3.33
N ASP D 279 57.38 8.10 2.37
CA ASP D 279 56.31 8.43 1.45
C ASP D 279 54.98 8.69 2.18
N ILE D 280 54.74 7.98 3.27
CA ILE D 280 53.51 8.16 4.05
C ILE D 280 53.84 9.06 5.22
N GLY D 281 53.15 10.20 5.32
CA GLY D 281 53.40 11.15 6.39
C GLY D 281 52.58 10.99 7.64
N GLY D 282 52.76 9.89 8.37
CA GLY D 282 51.99 9.74 9.58
C GLY D 282 51.54 8.31 9.84
N LEU D 283 50.31 8.13 10.29
CA LEU D 283 49.81 6.79 10.60
C LEU D 283 50.73 6.12 11.61
N GLU D 284 51.18 6.92 12.58
CA GLU D 284 52.13 6.43 13.57
C GLU D 284 51.54 5.28 14.37
N ASP D 285 50.28 5.39 14.79
CA ASP D 285 49.66 4.27 15.47
C ASP D 285 49.54 3.07 14.54
N VAL D 286 49.09 3.33 13.30
CA VAL D 286 49.00 2.26 12.30
C VAL D 286 50.38 1.74 11.95
N LYS D 287 51.35 2.64 11.82
CA LYS D 287 52.71 2.22 11.48
C LYS D 287 53.28 1.30 12.57
N ARG D 288 53.10 1.69 13.83
CA ARG D 288 53.60 0.87 14.92
C ARG D 288 52.88 -0.47 15.00
N GLU D 289 51.56 -0.46 14.79
CA GLU D 289 50.81 -1.71 14.82
C GLU D 289 51.27 -2.65 13.71
N LEU D 290 51.46 -2.12 12.50
CA LEU D 290 51.95 -2.94 11.39
C LEU D 290 53.35 -3.46 11.70
N GLN D 291 54.21 -2.60 12.24
CA GLN D 291 55.55 -3.04 12.62
C GLN D 291 55.45 -4.20 13.59
N GLU D 292 54.60 -4.06 14.60
CA GLU D 292 54.41 -5.15 15.54
C GLU D 292 54.04 -6.43 14.81
N LEU D 293 52.86 -6.42 14.19
CA LEU D 293 52.29 -7.63 13.63
C LEU D 293 53.25 -8.33 12.67
N VAL D 294 53.93 -7.58 11.82
CA VAL D 294 54.78 -8.22 10.82
C VAL D 294 56.20 -8.41 11.33
N GLN D 295 56.87 -7.32 11.67
CA GLN D 295 58.30 -7.38 12.00
C GLN D 295 58.59 -8.13 13.29
N TYR D 296 57.80 -7.91 14.36
CA TYR D 296 58.17 -8.49 15.64
C TYR D 296 58.35 -10.01 15.64
N PRO D 297 57.47 -10.82 15.01
CA PRO D 297 57.69 -12.27 15.04
C PRO D 297 59.03 -12.70 14.46
N VAL D 298 59.55 -12.00 13.46
CA VAL D 298 60.80 -12.39 12.83
C VAL D 298 62.00 -11.74 13.50
N GLU D 299 61.91 -10.47 13.85
CA GLU D 299 63.05 -9.83 14.48
C GLU D 299 63.33 -10.49 15.83
N HIS D 300 62.28 -10.81 16.58
CA HIS D 300 62.41 -11.42 17.90
C HIS D 300 61.49 -12.65 17.97
N PRO D 301 61.77 -13.67 17.16
CA PRO D 301 60.96 -14.91 17.26
C PRO D 301 61.08 -15.59 18.60
N ASP D 302 62.24 -15.47 19.24
CA ASP D 302 62.46 -16.13 20.52
C ASP D 302 61.47 -15.63 21.57
N LYS D 303 61.22 -14.33 21.61
CA LYS D 303 60.31 -13.79 22.62
C LYS D 303 58.88 -14.18 22.34
N PHE D 304 58.49 -14.31 21.06
CA PHE D 304 57.17 -14.83 20.73
C PHE D 304 57.04 -16.28 21.20
N LEU D 305 58.09 -17.08 21.00
CA LEU D 305 58.07 -18.47 21.43
C LEU D 305 58.04 -18.59 22.95
N LYS D 306 58.69 -17.67 23.66
CA LYS D 306 58.74 -17.74 25.12
C LYS D 306 57.35 -17.66 25.74
N PHE D 307 56.51 -16.75 25.26
CA PHE D 307 55.17 -16.57 25.81
C PHE D 307 54.15 -17.53 25.21
N GLY D 308 54.56 -18.39 24.29
CA GLY D 308 53.64 -19.33 23.67
C GLY D 308 52.51 -18.68 22.93
N MET D 309 52.79 -17.59 22.21
CA MET D 309 51.81 -16.86 21.44
C MET D 309 52.15 -16.95 19.97
N THR D 310 51.16 -17.31 19.13
CA THR D 310 51.39 -17.36 17.70
C THR D 310 50.92 -16.05 17.10
N PRO D 311 51.82 -15.26 16.50
CA PRO D 311 51.40 -13.97 15.93
C PRO D 311 50.43 -14.14 14.77
N SER D 312 49.50 -13.18 14.69
CA SER D 312 48.53 -13.19 13.60
C SER D 312 49.25 -13.00 12.27
N LYS D 313 48.85 -13.77 11.26
CA LYS D 313 49.44 -13.69 9.94
C LYS D 313 48.49 -13.07 8.92
N GLY D 314 47.53 -12.28 9.37
CA GLY D 314 46.61 -11.61 8.48
C GLY D 314 46.16 -10.26 9.01
N VAL D 315 46.18 -9.24 8.16
CA VAL D 315 45.75 -7.90 8.53
C VAL D 315 44.87 -7.35 7.41
N LEU D 316 43.75 -6.74 7.78
CA LEU D 316 42.79 -6.20 6.82
C LEU D 316 42.70 -4.70 6.98
N PHE D 317 43.22 -3.97 6.00
CA PHE D 317 43.10 -2.51 5.97
C PHE D 317 41.74 -2.09 5.43
N TYR D 318 41.05 -1.23 6.17
CA TYR D 318 39.78 -0.67 5.73
C TYR D 318 39.83 0.84 5.85
N GLY D 319 39.29 1.53 4.86
CA GLY D 319 39.30 2.98 4.84
C GLY D 319 38.84 3.55 3.51
N PRO D 320 38.72 4.87 3.43
CA PRO D 320 38.27 5.49 2.19
C PRO D 320 39.31 5.35 1.09
N GLY D 322 42.06 5.96 -1.76
CA GLY D 322 43.10 6.96 -1.94
C GLY D 322 43.84 7.39 -0.69
N CYS D 323 43.70 6.66 0.41
CA CYS D 323 44.37 7.06 1.64
C CYS D 323 45.74 6.43 1.84
N GLY D 324 46.15 5.53 0.96
CA GLY D 324 47.47 4.94 1.05
C GLY D 324 47.57 3.53 1.61
N LYS D 325 46.51 2.73 1.50
CA LYS D 325 46.60 1.36 2.02
C LYS D 325 47.61 0.53 1.23
N THR D 326 47.60 0.63 -0.10
CA THR D 326 48.58 -0.09 -0.90
C THR D 326 49.99 0.39 -0.58
N LEU D 327 50.16 1.71 -0.46
CA LEU D 327 51.45 2.26 -0.10
C LEU D 327 51.88 1.81 1.29
N LEU D 328 50.94 1.74 2.23
CA LEU D 328 51.29 1.28 3.57
C LEU D 328 51.76 -0.17 3.54
N ALA D 329 51.08 -1.01 2.76
CA ALA D 329 51.51 -2.40 2.66
C ALA D 329 52.89 -2.50 2.03
N LYS D 330 53.15 -1.69 0.99
CA LYS D 330 54.46 -1.70 0.37
C LYS D 330 55.53 -1.25 1.37
N ALA D 331 55.23 -0.22 2.15
CA ALA D 331 56.19 0.28 3.13
C ALA D 331 56.49 -0.77 4.18
N ILE D 332 55.46 -1.45 4.68
CA ILE D 332 55.69 -2.47 5.71
C ILE D 332 56.51 -3.62 5.13
N ALA D 333 56.25 -3.98 3.87
CA ALA D 333 57.06 -5.01 3.24
C ALA D 333 58.51 -4.57 3.10
N ASN D 334 58.71 -3.29 2.74
CA ASN D 334 60.06 -2.77 2.57
C ASN D 334 60.83 -2.76 3.88
N GLU D 335 60.17 -2.38 4.98
CA GLU D 335 60.86 -2.32 6.26
C GLU D 335 61.39 -3.70 6.67
N CYS D 336 60.60 -4.75 6.44
CA CYS D 336 61.05 -6.10 6.73
C CYS D 336 61.92 -6.69 5.64
N GLN D 337 62.10 -5.97 4.52
CA GLN D 337 62.91 -6.45 3.40
C GLN D 337 62.42 -7.80 2.91
N ALA D 338 61.10 -7.95 2.81
CA ALA D 338 60.46 -9.17 2.35
C ALA D 338 59.77 -8.92 1.00
N ASN D 339 59.74 -9.96 0.17
CA ASN D 339 59.13 -9.83 -1.14
C ASN D 339 57.66 -9.44 -1.00
N PHE D 340 57.18 -8.66 -1.95
CA PHE D 340 55.81 -8.17 -1.93
C PHE D 340 55.07 -8.64 -3.18
N ILE D 341 53.93 -9.28 -2.98
CA ILE D 341 53.07 -9.74 -4.06
C ILE D 341 51.72 -9.04 -3.90
N SER D 342 51.27 -8.39 -4.95
CA SER D 342 50.02 -7.64 -4.92
C SER D 342 49.01 -8.26 -5.87
N ILE D 343 47.85 -8.64 -5.33
CA ILE D 343 46.77 -9.19 -6.13
C ILE D 343 45.66 -8.16 -6.24
N LYS D 344 45.67 -7.34 -7.30
CA LYS D 344 44.66 -6.32 -7.42
C LYS D 344 43.30 -6.94 -7.72
N GLY D 345 42.26 -6.10 -7.62
CA GLY D 345 40.90 -6.51 -7.85
C GLY D 345 40.62 -7.05 -9.23
N PRO D 346 41.19 -6.48 -10.29
CA PRO D 346 40.93 -7.06 -11.62
C PRO D 346 41.28 -8.54 -11.69
N GLU D 347 42.37 -8.97 -11.05
CA GLU D 347 42.73 -10.39 -11.08
C GLU D 347 41.66 -11.24 -10.41
N LEU D 348 41.17 -10.81 -9.24
CA LEU D 348 40.12 -11.54 -8.55
C LEU D 348 38.85 -11.59 -9.39
N LEU D 349 38.49 -10.47 -10.01
CA LEU D 349 37.30 -10.43 -10.84
C LEU D 349 37.46 -11.36 -12.04
N THR D 350 38.66 -11.43 -12.61
CA THR D 350 38.89 -12.35 -13.72
C THR D 350 38.73 -13.79 -13.27
N MET D 351 39.27 -14.14 -12.11
CA MET D 351 39.12 -15.50 -11.60
C MET D 351 37.66 -15.82 -11.33
N TRP D 352 36.90 -14.84 -10.86
CA TRP D 352 35.49 -15.07 -10.55
C TRP D 352 34.65 -15.20 -11.81
N PHE D 353 34.84 -14.31 -12.77
CA PHE D 353 34.07 -14.39 -14.02
C PHE D 353 34.40 -15.66 -14.78
N GLY D 354 35.68 -16.01 -14.85
CA GLY D 354 36.10 -17.20 -15.55
C GLY D 354 35.86 -18.50 -14.81
N GLU D 355 35.38 -18.44 -13.57
CA GLU D 355 35.14 -19.63 -12.76
C GLU D 355 36.41 -20.46 -12.65
N SER D 356 37.55 -19.80 -12.53
CA SER D 356 38.86 -20.44 -12.39
C SER D 356 39.49 -19.98 -11.08
N GLU D 357 39.13 -20.63 -9.97
CA GLU D 357 39.71 -20.30 -8.68
C GLU D 357 40.96 -21.11 -8.36
N ALA D 358 41.35 -22.06 -9.20
CA ALA D 358 42.60 -22.77 -8.92
C ALA D 358 43.80 -21.84 -9.02
N ASN D 359 43.61 -20.65 -9.61
CA ASN D 359 44.69 -19.69 -9.68
C ASN D 359 45.07 -19.23 -8.29
N VAL D 360 44.12 -19.27 -7.35
CA VAL D 360 44.42 -18.90 -5.98
C VAL D 360 45.46 -19.85 -5.41
N ARG D 361 45.33 -21.14 -5.72
CA ARG D 361 46.32 -22.11 -5.29
C ARG D 361 47.68 -21.78 -5.87
N GLU D 362 47.73 -21.43 -7.16
CA GLU D 362 49.00 -21.08 -7.77
C GLU D 362 49.59 -19.83 -7.15
N ILE D 363 48.76 -18.82 -6.88
CA ILE D 363 49.22 -17.58 -6.28
C ILE D 363 49.80 -17.83 -4.89
N PHE D 364 49.12 -18.64 -4.09
CA PHE D 364 49.62 -18.94 -2.75
C PHE D 364 50.91 -19.74 -2.82
N ASP D 365 51.03 -20.68 -3.77
CA ASP D 365 52.28 -21.41 -3.91
C ASP D 365 53.42 -20.48 -4.28
N LYS D 366 53.16 -19.53 -5.20
CA LYS D 366 54.18 -18.57 -5.58
C LYS D 366 54.60 -17.71 -4.39
N ALA D 367 53.63 -17.27 -3.59
CA ALA D 367 53.95 -16.50 -2.39
C ALA D 367 54.78 -17.32 -1.42
N ARG D 368 54.45 -18.61 -1.29
CA ARG D 368 55.19 -19.50 -0.40
C ARG D 368 56.63 -19.64 -0.86
N GLN D 369 56.85 -19.78 -2.16
CA GLN D 369 58.21 -19.93 -2.67
C GLN D 369 59.05 -18.69 -2.40
N ALA D 370 58.46 -17.51 -2.55
CA ALA D 370 59.19 -16.25 -2.35
C ALA D 370 59.03 -15.77 -0.91
N ALA D 371 59.67 -16.50 0.01
CA ALA D 371 59.58 -16.16 1.41
C ALA D 371 60.89 -15.53 1.88
N PRO D 372 60.84 -14.46 2.69
CA PRO D 372 59.68 -13.83 3.30
C PRO D 372 58.90 -12.96 2.31
N CYS D 373 57.57 -13.03 2.35
CA CYS D 373 56.74 -12.29 1.42
C CYS D 373 55.53 -11.72 2.14
N VAL D 374 54.96 -10.67 1.55
CA VAL D 374 53.76 -10.02 2.07
C VAL D 374 52.70 -10.14 0.97
N LEU D 375 51.86 -11.16 1.07
CA LEU D 375 50.82 -11.38 0.06
C LEU D 375 49.69 -10.41 0.34
N PHE D 376 49.55 -9.40 -0.51
CA PHE D 376 48.55 -8.35 -0.35
C PHE D 376 47.41 -8.56 -1.34
N PHE D 377 46.19 -8.62 -0.82
CA PHE D 377 45.00 -8.76 -1.65
C PHE D 377 44.33 -7.40 -1.71
N ASP D 378 44.76 -6.59 -2.66
CA ASP D 378 44.24 -5.23 -2.80
C ASP D 378 42.78 -5.24 -3.25
N GLU D 379 41.97 -4.40 -2.62
CA GLU D 379 40.56 -4.24 -2.99
C GLU D 379 39.87 -5.60 -3.10
N LEU D 380 39.95 -6.34 -1.98
CA LEU D 380 39.36 -7.67 -1.85
C LEU D 380 37.85 -7.68 -1.93
N ASP D 381 37.18 -6.54 -1.76
CA ASP D 381 35.72 -6.48 -1.81
C ASP D 381 35.17 -6.38 -3.22
N SER D 382 36.02 -6.48 -4.24
CA SER D 382 35.57 -6.29 -5.62
C SER D 382 34.50 -7.29 -6.01
N ILE D 383 34.65 -8.56 -5.63
CA ILE D 383 33.66 -9.58 -6.00
C ILE D 383 32.31 -9.28 -5.37
N ALA D 384 32.30 -8.85 -4.10
CA ALA D 384 31.04 -8.52 -3.46
C ALA D 384 30.35 -7.36 -4.18
N LYS D 385 31.12 -6.34 -4.57
CA LYS D 385 30.54 -5.24 -5.32
C LYS D 385 30.00 -5.73 -6.66
N ALA D 386 30.74 -6.60 -7.33
CA ALA D 386 30.31 -7.12 -8.62
C ALA D 386 28.98 -7.86 -8.49
N ARG D 387 28.78 -8.57 -7.38
CA ARG D 387 27.52 -9.27 -7.18
C ARG D 387 26.43 -8.38 -6.61
N GLY D 388 26.76 -7.16 -6.21
CA GLY D 388 25.78 -6.25 -5.62
C GLY D 388 26.36 -5.42 -4.50
N GLY D 389 25.73 -5.50 -3.33
CA GLY D 389 26.18 -4.76 -2.16
C GLY D 389 25.02 -4.20 -1.35
N ASN D 390 23.97 -3.75 -2.03
CA ASN D 390 22.75 -3.31 -1.35
C ASN D 390 21.71 -4.41 -1.29
N ILE D 391 21.44 -5.05 -2.43
CA ILE D 391 20.60 -6.24 -2.50
C ILE D 391 21.43 -7.45 -2.89
N GLY D 392 22.23 -7.33 -3.96
CA GLY D 392 23.11 -8.36 -4.44
C GLY D 392 22.37 -9.60 -4.94
N ASP D 393 23.10 -10.70 -4.94
CA ASP D 393 22.53 -12.00 -5.30
C ASP D 393 21.62 -12.51 -4.19
N GLY D 394 20.84 -13.54 -4.52
CA GLY D 394 19.99 -14.14 -3.51
C GLY D 394 20.77 -14.84 -2.42
N GLY D 395 21.96 -15.35 -2.75
CA GLY D 395 22.77 -16.05 -1.78
C GLY D 395 23.50 -15.10 -0.85
N GLY D 396 24.28 -15.69 0.05
CA GLY D 396 25.02 -14.92 1.02
C GLY D 396 26.28 -14.31 0.46
N ALA D 397 27.17 -13.91 1.38
CA ALA D 397 28.41 -13.25 1.00
C ALA D 397 29.44 -14.22 0.42
N ALA D 398 29.27 -15.53 0.64
CA ALA D 398 30.24 -16.49 0.16
C ALA D 398 30.28 -16.52 -1.37
N ASP D 399 31.51 -16.57 -1.90
CA ASP D 399 31.75 -16.65 -3.33
C ASP D 399 32.91 -17.60 -3.57
N ARG D 400 33.09 -17.99 -4.84
CA ARG D 400 34.09 -19.00 -5.17
C ARG D 400 35.50 -18.52 -4.83
N VAL D 401 35.85 -17.30 -5.26
CA VAL D 401 37.22 -16.81 -5.08
C VAL D 401 37.55 -16.63 -3.60
N ILE D 402 36.63 -16.02 -2.84
CA ILE D 402 36.89 -15.84 -1.41
C ILE D 402 36.97 -17.18 -0.71
N ASN D 403 36.12 -18.13 -1.12
CA ASN D 403 36.19 -19.45 -0.50
C ASN D 403 37.54 -20.12 -0.76
N GLN D 404 38.05 -20.00 -1.98
CA GLN D 404 39.36 -20.56 -2.28
C GLN D 404 40.45 -19.86 -1.48
N ILE D 405 40.34 -18.54 -1.33
CA ILE D 405 41.32 -17.80 -0.54
C ILE D 405 41.28 -18.27 0.91
N LEU D 406 40.09 -18.46 1.45
CA LEU D 406 39.96 -18.97 2.82
C LEU D 406 40.56 -20.36 2.94
N THR D 407 40.33 -21.23 1.95
CA THR D 407 40.90 -22.57 2.02
C THR D 407 42.42 -22.52 1.99
N GLU D 408 42.99 -21.65 1.16
CA GLU D 408 44.43 -21.54 1.10
C GLU D 408 45.00 -20.98 2.39
N MET D 409 44.32 -19.98 2.97
CA MET D 409 44.78 -19.42 4.24
C MET D 409 44.70 -20.44 5.35
N ASP D 410 43.60 -21.21 5.40
CA ASP D 410 43.47 -22.26 6.41
C ASP D 410 44.57 -23.30 6.23
N GLY D 411 44.95 -23.58 4.99
CA GLY D 411 46.00 -24.53 4.73
C GLY D 411 47.37 -23.90 4.76
N MET D 412 47.39 -22.60 5.03
CA MET D 412 48.62 -21.81 5.10
C MET D 412 49.09 -21.79 6.56
N SER D 413 49.92 -20.82 6.92
CA SER D 413 50.48 -20.70 8.25
C SER D 413 51.58 -21.73 8.44
N THR D 414 51.58 -22.79 7.64
CA THR D 414 52.63 -23.80 7.74
C THR D 414 53.97 -23.18 7.37
N LYS D 415 53.96 -22.33 6.35
CA LYS D 415 55.17 -21.72 5.81
C LYS D 415 55.83 -20.77 6.80
N LYS D 416 55.06 -20.14 7.69
CA LYS D 416 55.62 -19.30 8.73
C LYS D 416 56.20 -18.02 8.17
N ASN D 417 56.13 -17.79 6.87
CA ASN D 417 56.69 -16.60 6.25
C ASN D 417 55.67 -15.75 5.51
N VAL D 418 54.74 -16.34 4.78
CA VAL D 418 53.79 -15.55 4.02
C VAL D 418 52.86 -14.82 4.99
N PHE D 419 52.64 -13.52 4.73
CA PHE D 419 51.78 -12.68 5.54
C PHE D 419 50.73 -12.07 4.63
N ILE D 420 49.45 -12.29 4.96
CA ILE D 420 48.35 -11.83 4.13
C ILE D 420 47.86 -10.48 4.61
N ILE D 421 47.81 -9.51 3.70
CA ILE D 421 47.31 -8.17 3.98
C ILE D 421 46.15 -7.91 3.03
N GLY D 422 45.02 -7.49 3.57
CA GLY D 422 43.83 -7.21 2.77
C GLY D 422 43.39 -5.77 2.91
N ALA D 423 43.06 -5.17 1.77
CA ALA D 423 42.59 -3.79 1.71
C ALA D 423 41.19 -3.79 1.09
N THR D 424 40.27 -3.06 1.72
CA THR D 424 38.89 -3.01 1.24
C THR D 424 38.29 -1.66 1.57
N ASN D 425 37.66 -1.04 0.57
CA ASN D 425 36.97 0.22 0.76
C ASN D 425 35.52 0.05 1.18
N ARG D 426 35.01 -1.19 1.23
CA ARG D 426 33.64 -1.47 1.62
C ARG D 426 33.66 -2.58 2.66
N PRO D 427 34.05 -2.28 3.89
CA PRO D 427 34.10 -3.32 4.94
C PRO D 427 32.76 -3.95 5.24
N ASP D 428 31.66 -3.22 5.03
CA ASP D 428 30.35 -3.76 5.33
C ASP D 428 30.01 -4.98 4.49
N ILE D 429 30.39 -4.96 3.20
CA ILE D 429 30.04 -6.06 2.31
C ILE D 429 31.06 -7.20 2.31
N ILE D 430 32.20 -7.03 2.99
CA ILE D 430 33.20 -8.09 3.01
C ILE D 430 32.64 -9.32 3.73
N ASP D 431 33.02 -10.50 3.27
CA ASP D 431 32.52 -11.72 3.87
C ASP D 431 32.98 -11.81 5.33
N PRO D 432 32.09 -12.11 6.27
CA PRO D 432 32.52 -12.21 7.67
C PRO D 432 33.54 -13.32 7.91
N ALA D 433 33.50 -14.40 7.12
CA ALA D 433 34.43 -15.50 7.33
C ALA D 433 35.87 -15.04 7.18
N ILE D 434 36.09 -13.98 6.39
CA ILE D 434 37.43 -13.43 6.22
C ILE D 434 38.01 -12.94 7.53
N LEU D 435 37.16 -12.50 8.46
CA LEU D 435 37.63 -11.90 9.70
C LEU D 435 37.72 -12.88 10.87
N ARG D 436 37.41 -14.16 10.65
CA ARG D 436 37.48 -15.13 11.73
C ARG D 436 38.94 -15.38 12.11
N PRO D 437 39.17 -15.87 13.33
CA PRO D 437 40.55 -16.12 13.75
C PRO D 437 41.23 -17.11 12.82
N GLY D 438 42.53 -16.90 12.59
CA GLY D 438 43.28 -17.65 11.62
C GLY D 438 43.21 -17.05 10.23
N ARG D 439 42.40 -16.01 10.04
CA ARG D 439 42.24 -15.26 8.81
C ARG D 439 42.63 -13.82 9.06
N LEU D 440 42.23 -12.91 8.17
CA LEU D 440 42.56 -11.50 8.34
C LEU D 440 41.72 -10.92 9.45
N ASP D 441 42.07 -11.25 10.70
CA ASP D 441 41.32 -10.82 11.87
C ASP D 441 41.72 -9.44 12.34
N GLN D 442 43.01 -9.10 12.25
CA GLN D 442 43.48 -7.80 12.71
C GLN D 442 43.01 -6.73 11.74
N LEU D 443 41.91 -6.07 12.08
CA LEU D 443 41.36 -5.00 11.27
C LEU D 443 42.03 -3.68 11.62
N ILE D 444 42.58 -3.01 10.61
CA ILE D 444 43.25 -1.73 10.80
C ILE D 444 42.54 -0.69 9.96
N TYR D 445 42.18 0.43 10.57
CA TYR D 445 41.48 1.52 9.89
C TYR D 445 42.46 2.58 9.46
N ILE D 446 42.43 2.93 8.17
CA ILE D 446 43.29 3.97 7.62
C ILE D 446 42.43 5.22 7.43
N PRO D 447 42.60 6.25 8.25
CA PRO D 447 41.77 7.45 8.12
C PRO D 447 42.35 8.40 7.09
N LEU D 448 41.56 9.43 6.78
CA LEU D 448 42.02 10.44 5.84
C LEU D 448 43.27 11.11 6.39
N PRO D 449 44.24 11.44 5.54
CA PRO D 449 45.50 12.00 6.05
C PRO D 449 45.26 13.30 6.81
N ASP D 450 46.00 13.48 7.89
CA ASP D 450 45.93 14.69 8.68
C ASP D 450 46.69 15.82 7.99
N GLU D 451 46.77 16.97 8.66
CA GLU D 451 47.49 18.11 8.09
C GLU D 451 48.96 17.77 7.88
N LYS D 452 49.60 17.18 8.89
CA LYS D 452 50.99 16.77 8.77
C LYS D 452 51.12 15.66 7.74
N SER D 453 50.18 14.72 7.76
CA SER D 453 50.19 13.64 6.78
C SER D 453 50.00 14.20 5.37
N ARG D 454 49.12 15.19 5.24
CA ARG D 454 48.90 15.82 3.94
C ARG D 454 50.16 16.52 3.46
N VAL D 455 50.89 17.18 4.37
CA VAL D 455 52.14 17.82 3.98
C VAL D 455 53.12 16.79 3.47
N ALA D 456 53.23 15.66 4.18
CA ALA D 456 54.14 14.60 3.75
C ALA D 456 53.74 14.04 2.39
N ILE D 457 52.44 13.85 2.16
CA ILE D 457 51.98 13.32 0.88
C ILE D 457 52.31 14.29 -0.24
N LEU D 458 52.10 15.60 0.00
CA LEU D 458 52.42 16.58 -1.02
C LEU D 458 53.91 16.56 -1.32
N LYS D 459 54.75 16.48 -0.28
CA LYS D 459 56.18 16.44 -0.50
C LYS D 459 56.59 15.21 -1.31
N ALA D 460 56.01 14.05 -0.98
CA ALA D 460 56.34 12.83 -1.72
C ALA D 460 55.92 12.93 -3.17
N ASN D 461 54.72 13.48 -3.43
CA ASN D 461 54.26 13.62 -4.80
C ASN D 461 55.11 14.60 -5.60
N LEU D 462 55.61 15.64 -4.94
CA LEU D 462 56.35 16.71 -5.60
C LEU D 462 57.86 16.57 -5.45
N ARG D 463 58.34 15.45 -4.93
CA ARG D 463 59.78 15.29 -4.74
C ARG D 463 60.53 15.35 -6.07
N LYS D 464 60.02 14.65 -7.09
CA LYS D 464 60.68 14.62 -8.39
C LYS D 464 60.53 15.93 -9.14
N SER D 465 59.35 16.54 -9.08
CA SER D 465 59.10 17.76 -9.83
C SER D 465 59.88 18.93 -9.25
N PRO D 466 60.39 19.83 -10.11
CA PRO D 466 61.07 21.04 -9.61
C PRO D 466 60.07 22.02 -9.02
N VAL D 467 60.06 22.17 -7.70
CA VAL D 467 59.11 23.04 -7.01
C VAL D 467 59.87 24.21 -6.41
N ALA D 468 59.44 25.41 -6.75
CA ALA D 468 60.07 26.63 -6.24
C ALA D 468 59.84 26.74 -4.74
N LYS D 469 60.87 27.20 -4.02
CA LYS D 469 60.75 27.36 -2.58
C LYS D 469 59.71 28.39 -2.20
N ASP D 470 59.32 29.27 -3.12
CA ASP D 470 58.33 30.29 -2.82
C ASP D 470 56.99 29.67 -2.43
N VAL D 471 56.57 28.62 -3.14
CA VAL D 471 55.29 27.98 -2.87
C VAL D 471 55.39 27.24 -1.55
N ASP D 472 54.66 27.70 -0.54
CA ASP D 472 54.64 27.07 0.77
C ASP D 472 53.76 25.82 0.73
N LEU D 473 54.33 24.69 1.13
CA LEU D 473 53.61 23.42 1.08
C LEU D 473 52.76 23.20 2.33
N GLU D 474 53.24 23.65 3.50
CA GLU D 474 52.47 23.46 4.72
C GLU D 474 51.15 24.20 4.63
N PHE D 475 51.16 25.41 4.07
CA PHE D 475 49.94 26.17 3.92
C PHE D 475 48.96 25.44 3.01
N LEU D 476 49.45 24.88 1.91
CA LEU D 476 48.57 24.14 1.00
C LEU D 476 47.99 22.91 1.69
N ALA D 477 48.81 22.17 2.44
CA ALA D 477 48.31 20.99 3.12
C ALA D 477 47.24 21.35 4.13
N LYS D 478 47.47 22.43 4.89
CA LYS D 478 46.52 22.86 5.91
C LYS D 478 45.24 23.36 5.28
N MET D 479 45.37 24.02 4.11
CA MET D 479 44.23 24.55 3.40
C MET D 479 43.28 23.43 3.00
N THR D 480 43.83 22.29 2.57
CA THR D 480 43.04 21.13 2.16
C THR D 480 42.47 20.47 3.40
N ASN D 481 41.23 20.82 3.75
CA ASN D 481 40.65 20.34 5.01
C ASN D 481 40.48 18.83 5.04
N GLY D 482 39.92 18.26 3.98
CA GLY D 482 39.70 16.82 3.93
C GLY D 482 40.12 16.11 2.66
N PHE D 483 41.12 16.63 1.97
CA PHE D 483 41.58 15.99 0.75
C PHE D 483 42.25 14.64 1.04
N SER D 484 41.92 13.66 0.22
CA SER D 484 42.53 12.34 0.31
C SER D 484 43.89 12.35 -0.40
N GLY D 485 44.64 11.26 -0.21
CA GLY D 485 45.92 11.17 -0.88
C GLY D 485 45.77 11.27 -2.38
N ALA D 486 44.73 10.63 -2.93
CA ALA D 486 44.49 10.72 -4.36
C ALA D 486 44.19 12.15 -4.76
N ASP D 487 43.41 12.88 -3.95
CA ASP D 487 43.09 14.27 -4.28
C ASP D 487 44.35 15.12 -4.31
N LEU D 488 45.23 14.93 -3.32
CA LEU D 488 46.48 15.69 -3.31
C LEU D 488 47.34 15.34 -4.51
N THR D 489 47.38 14.06 -4.88
CA THR D 489 48.13 13.66 -6.06
C THR D 489 47.55 14.31 -7.32
N GLU D 490 46.22 14.37 -7.42
CA GLU D 490 45.60 15.02 -8.57
C GLU D 490 45.95 16.50 -8.62
N ILE D 491 45.95 17.17 -7.46
CA ILE D 491 46.31 18.58 -7.44
C ILE D 491 47.73 18.79 -7.92
N CYS D 492 48.66 17.96 -7.43
CA CYS D 492 50.05 18.09 -7.84
C CYS D 492 50.21 17.81 -9.34
N GLN D 493 49.52 16.78 -9.84
CA GLN D 493 49.61 16.47 -11.26
C GLN D 493 49.05 17.59 -12.12
N ARG D 494 47.94 18.19 -11.68
CA ARG D 494 47.36 19.30 -12.44
C ARG D 494 48.30 20.50 -12.44
N ALA D 495 48.95 20.78 -11.30
CA ALA D 495 49.90 21.88 -11.27
C ALA D 495 51.06 21.62 -12.21
N CYS D 496 51.58 20.39 -12.22
CA CYS D 496 52.67 20.06 -13.12
C CYS D 496 52.22 20.18 -14.58
N LYS D 497 51.00 19.74 -14.88
CA LYS D 497 50.47 19.85 -16.23
C LYS D 497 50.37 21.30 -16.67
N LEU D 498 49.88 22.16 -15.77
CA LEU D 498 49.78 23.58 -16.11
C LEU D 498 51.15 24.18 -16.37
N ALA D 499 52.14 23.82 -15.55
CA ALA D 499 53.49 24.32 -15.75
C ALA D 499 54.06 23.83 -17.08
N ILE D 500 53.83 22.56 -17.40
CA ILE D 500 54.35 22.01 -18.66
C ILE D 500 53.72 22.70 -19.85
N ARG D 501 52.40 22.92 -19.81
CA ARG D 501 51.74 23.58 -20.92
C ARG D 501 52.23 24.99 -21.08
N GLU D 502 52.39 25.73 -19.97
CA GLU D 502 52.88 27.09 -20.06
C GLU D 502 54.29 27.14 -20.63
N SER D 503 55.16 26.24 -20.17
CA SER D 503 56.52 26.22 -20.68
C SER D 503 56.55 25.90 -22.16
N ILE D 504 55.77 24.92 -22.59
CA ILE D 504 55.75 24.55 -24.01
C ILE D 504 55.26 25.71 -24.85
N GLU D 505 54.15 26.32 -24.46
CA GLU D 505 53.59 27.42 -25.23
C GLU D 505 54.56 28.58 -25.32
N SER D 506 55.14 28.97 -24.18
CA SER D 506 56.11 30.05 -24.15
C SER D 506 57.34 29.80 -25.03
N GLU D 507 58.00 28.65 -24.88
CA GLU D 507 59.18 28.42 -25.73
C GLU D 507 58.79 28.31 -27.20
N ILE D 508 57.59 27.82 -27.49
CA ILE D 508 57.14 27.76 -28.88
C ILE D 508 56.99 29.17 -29.45
N ARG D 509 56.37 30.08 -28.69
CA ARG D 509 56.25 31.44 -29.18
C ARG D 509 57.62 32.06 -29.36
N ARG D 510 58.49 31.85 -28.38
CA ARG D 510 59.81 32.45 -28.42
C ARG D 510 60.56 31.96 -29.65
N GLU D 511 60.30 30.71 -30.05
CA GLU D 511 60.92 30.23 -31.28
C GLU D 511 60.29 30.93 -32.48
N ARG D 512 59.00 31.29 -32.42
CA ARG D 512 58.49 32.02 -33.58
C ARG D 512 59.21 33.33 -33.70
N GLU D 513 59.44 33.89 -32.53
CA GLU D 513 60.03 35.19 -32.43
C GLU D 513 61.41 35.18 -33.09
N ARG D 514 62.24 34.13 -32.87
CA ARG D 514 63.46 34.16 -33.67
C ARG D 514 63.16 33.94 -35.15
N GLN D 515 62.26 32.98 -35.49
CA GLN D 515 62.02 32.73 -36.89
C GLN D 515 61.44 33.95 -37.61
N THR D 516 60.48 34.64 -36.98
CA THR D 516 59.89 35.81 -37.59
C THR D 516 60.89 36.96 -37.70
N ASN D 517 61.62 37.22 -36.62
CA ASN D 517 62.58 38.32 -36.55
C ASN D 517 63.95 37.75 -36.20
N PRO D 518 64.68 37.20 -37.17
CA PRO D 518 66.03 36.69 -36.89
C PRO D 518 66.94 37.70 -36.20
N SER D 519 67.26 37.45 -34.93
CA SER D 519 68.14 38.32 -34.16
C SER D 519 69.57 38.20 -34.65
N ALA D 520 70.32 39.30 -34.62
CA ALA D 520 71.68 39.31 -35.13
C ALA D 520 72.62 38.50 -34.25
N MET D 521 72.38 38.49 -32.93
CA MET D 521 73.22 37.73 -32.01
C MET D 521 72.37 36.73 -31.23
N GLU D 522 72.76 35.46 -31.29
CA GLU D 522 72.00 34.42 -30.60
C GLU D 522 72.32 34.40 -29.12
N VAL D 523 71.33 34.68 -28.27
CA VAL D 523 71.54 34.65 -26.83
C VAL D 523 70.34 34.09 -26.09
N GLU D 524 70.24 32.76 -26.01
CA GLU D 524 69.11 32.13 -25.33
C GLU D 524 69.06 32.51 -23.85
N GLU D 525 67.89 32.91 -23.36
CA GLU D 525 67.73 33.32 -21.97
C GLU D 525 67.40 32.11 -21.10
N ASP D 526 67.53 30.91 -21.65
CA ASP D 526 67.27 29.67 -20.91
C ASP D 526 65.77 29.39 -20.87
N ASP D 527 65.29 28.72 -19.81
CA ASP D 527 63.87 28.40 -19.76
C ASP D 527 63.05 29.50 -19.10
N PRO D 528 61.95 29.94 -19.74
CA PRO D 528 61.09 30.97 -19.13
C PRO D 528 60.40 30.51 -17.86
N VAL D 529 60.19 29.21 -17.70
CA VAL D 529 59.62 28.63 -16.48
C VAL D 529 60.44 27.41 -16.09
N PRO D 530 61.48 27.58 -15.26
CA PRO D 530 62.35 26.47 -14.91
C PRO D 530 61.83 25.60 -13.78
N GLU D 531 60.89 26.09 -12.98
CA GLU D 531 60.38 25.34 -11.84
C GLU D 531 58.93 25.76 -11.58
N ILE D 532 58.20 24.91 -10.85
CA ILE D 532 56.79 25.15 -10.56
C ILE D 532 56.65 26.29 -9.56
N ARG D 533 55.81 27.27 -9.88
CA ARG D 533 55.69 28.50 -9.10
C ARG D 533 54.37 28.56 -8.36
N ARG D 534 54.20 29.64 -7.58
CA ARG D 534 52.97 29.84 -6.81
C ARG D 534 51.73 29.93 -7.71
N ASP D 535 51.82 30.64 -8.83
CA ASP D 535 50.64 30.80 -9.68
C ASP D 535 50.16 29.47 -10.26
N HIS D 536 51.10 28.60 -10.64
CA HIS D 536 50.71 27.28 -11.14
C HIS D 536 49.92 26.52 -10.08
N PHE D 537 50.42 26.53 -8.84
CA PHE D 537 49.73 25.82 -7.77
C PHE D 537 48.39 26.45 -7.43
N GLU D 538 48.29 27.78 -7.52
CA GLU D 538 47.00 28.43 -7.27
C GLU D 538 45.98 28.04 -8.33
N GLU D 539 46.39 28.05 -9.61
CA GLU D 539 45.47 27.64 -10.66
C GLU D 539 45.07 26.18 -10.51
N ALA D 540 46.03 25.31 -10.17
CA ALA D 540 45.71 23.90 -9.96
C ALA D 540 44.75 23.71 -8.80
N MET D 541 45.01 24.39 -7.67
CA MET D 541 44.13 24.28 -6.52
C MET D 541 42.74 24.82 -6.82
N ARG D 542 42.66 25.76 -7.78
CA ARG D 542 41.35 26.25 -8.20
C ARG D 542 40.46 25.09 -8.58
N PHE D 543 41.03 24.04 -9.18
CA PHE D 543 40.30 22.84 -9.57
C PHE D 543 40.41 21.73 -8.54
N ALA D 544 40.92 22.02 -7.33
CA ALA D 544 41.02 20.97 -6.33
C ALA D 544 39.63 20.48 -5.96
N ARG D 545 39.52 19.20 -5.67
CA ARG D 545 38.22 18.61 -5.36
C ARG D 545 38.38 17.54 -4.29
N ARG D 546 37.34 17.36 -3.47
CA ARG D 546 37.31 16.30 -2.46
C ARG D 546 36.61 15.06 -3.00
N SER D 547 37.40 14.06 -3.39
CA SER D 547 36.81 12.84 -3.93
C SER D 547 35.96 12.11 -2.90
N VAL D 548 36.41 12.06 -1.65
CA VAL D 548 35.75 11.30 -0.59
C VAL D 548 34.76 12.19 0.17
N SER D 549 33.47 11.88 0.04
CA SER D 549 32.44 12.61 0.76
C SER D 549 32.45 12.24 2.24
N ASP D 550 31.84 13.11 3.06
CA ASP D 550 31.78 12.87 4.50
C ASP D 550 30.80 11.77 4.89
N ASN D 551 29.88 11.39 4.00
CA ASN D 551 28.93 10.33 4.37
C ASN D 551 29.61 8.96 4.35
N ASP D 552 30.53 8.73 3.41
CA ASP D 552 31.20 7.46 3.40
C ASP D 552 32.21 7.37 4.54
N ILE D 553 32.80 8.51 4.92
CA ILE D 553 33.61 8.54 6.12
C ILE D 553 32.76 8.25 7.35
N ARG D 554 31.50 8.69 7.34
CA ARG D 554 30.61 8.39 8.45
C ARG D 554 30.34 6.89 8.52
N LYS D 555 30.15 6.24 7.37
CA LYS D 555 29.95 4.79 7.39
C LYS D 555 31.19 4.07 7.92
N TYR D 556 32.39 4.53 7.52
CA TYR D 556 33.60 3.89 8.04
C TYR D 556 33.72 4.10 9.55
N GLU D 557 33.37 5.29 10.03
CA GLU D 557 33.36 5.53 11.48
C GLU D 557 32.38 4.62 12.17
N MET D 558 31.22 4.38 11.54
CA MET D 558 30.25 3.44 12.10
C MET D 558 30.85 2.06 12.25
N PHE D 559 31.45 1.53 11.18
CA PHE D 559 32.03 0.19 11.28
C PHE D 559 33.13 0.16 12.34
N ALA D 560 33.93 1.23 12.41
CA ALA D 560 35.00 1.27 13.39
C ALA D 560 34.43 1.15 14.78
N GLN D 561 33.34 1.87 15.04
CA GLN D 561 32.72 1.77 16.35
C GLN D 561 31.79 0.58 16.41
N THR D 562 31.76 -0.20 15.33
CA THR D 562 31.07 -1.47 15.24
C THR D 562 32.01 -2.58 15.65
N LEU D 563 33.24 -2.19 15.97
CA LEU D 563 34.24 -3.08 16.53
C LEU D 563 34.57 -2.48 17.88
N GLN D 564 33.50 -2.16 18.62
CA GLN D 564 33.57 -1.48 19.91
C GLN D 564 33.90 -2.45 21.05
N GLN D 565 34.95 -2.11 21.80
CA GLN D 565 35.41 -2.90 22.93
C GLN D 565 34.50 -2.84 24.15
N SER D 566 33.19 -2.98 23.96
CA SER D 566 32.26 -3.02 25.09
C SER D 566 32.15 -1.65 25.74
N ARG D 567 31.41 -1.56 26.85
CA ARG D 567 31.31 -0.30 27.57
C ARG D 567 31.23 -0.49 29.08
N GLY D 568 31.69 -1.63 29.62
CA GLY D 568 31.62 -1.89 31.04
C GLY D 568 32.90 -2.34 31.71
N PHE D 569 33.91 -2.68 30.91
CA PHE D 569 35.17 -3.18 31.45
C PHE D 569 36.27 -2.14 31.51
N GLY D 570 36.06 -0.95 30.93
CA GLY D 570 37.09 0.06 30.89
C GLY D 570 37.79 0.30 32.21
N SER D 571 37.13 0.01 33.33
CA SER D 571 37.70 0.18 34.67
C SER D 571 38.06 -1.14 35.35
N PHE D 572 38.26 -2.21 34.58
CA PHE D 572 38.54 -3.51 35.18
C PHE D 572 39.78 -3.46 36.06
N ARG D 573 39.61 -3.83 37.33
CA ARG D 573 40.71 -3.94 38.28
C ARG D 573 40.66 -5.30 38.96
N PHE D 574 41.83 -5.91 39.14
CA PHE D 574 41.91 -7.17 39.85
C PHE D 574 41.69 -6.95 41.35
N PRO D 575 41.15 -7.95 42.06
CA PRO D 575 40.87 -7.77 43.50
C PRO D 575 42.14 -7.87 44.31
N SER D 576 42.50 -6.79 45.00
CA SER D 576 43.70 -6.77 45.82
C SER D 576 43.51 -5.90 47.05
N GLU E 180 70.41 -55.27 7.72
CA GLU E 180 69.48 -54.82 6.70
C GLU E 180 68.35 -54.00 7.31
N VAL E 181 67.32 -53.74 6.52
CA VAL E 181 66.19 -52.92 6.95
C VAL E 181 65.18 -53.81 7.65
N GLY E 182 64.60 -53.28 8.73
CA GLY E 182 63.61 -54.02 9.50
C GLY E 182 62.53 -53.11 10.08
N TYR E 183 61.77 -53.64 11.06
CA TYR E 183 60.72 -52.83 11.67
C TYR E 183 61.28 -51.58 12.33
N ASP E 184 62.50 -51.66 12.87
CA ASP E 184 63.11 -50.49 13.48
C ASP E 184 63.30 -49.37 12.47
N ASP E 185 63.74 -49.72 11.26
CA ASP E 185 63.90 -48.71 10.22
C ASP E 185 62.57 -48.10 9.84
N ILE E 186 61.52 -48.91 9.78
CA ILE E 186 60.18 -48.43 9.42
C ILE E 186 59.68 -47.55 10.55
N GLY E 187 59.65 -46.23 10.32
CA GLY E 187 59.19 -45.28 11.30
C GLY E 187 57.73 -44.90 11.13
N GLY E 188 57.30 -43.96 11.97
CA GLY E 188 55.98 -43.38 11.91
C GLY E 188 54.99 -44.00 12.87
N CYS E 189 55.19 -45.26 13.27
CA CYS E 189 54.28 -45.94 14.17
C CYS E 189 52.83 -45.71 13.77
N ARG E 190 52.56 -45.71 12.46
CA ARG E 190 51.26 -45.33 11.94
C ARG E 190 50.22 -46.44 12.08
N LYS E 191 50.63 -47.61 12.58
CA LYS E 191 49.80 -48.76 12.93
C LYS E 191 49.18 -49.48 11.74
N GLN E 192 49.63 -49.20 10.52
CA GLN E 192 49.30 -50.08 9.39
C GLN E 192 50.39 -51.11 9.13
N LEU E 193 51.62 -50.84 9.57
CA LEU E 193 52.67 -51.86 9.52
C LEU E 193 52.26 -53.08 10.35
N ALA E 194 51.63 -52.85 11.50
CA ALA E 194 51.13 -53.96 12.31
C ALA E 194 50.08 -54.76 11.54
N GLN E 195 49.17 -54.06 10.85
CA GLN E 195 48.16 -54.74 10.06
C GLN E 195 48.79 -55.57 8.96
N ILE E 196 49.78 -55.02 8.26
CA ILE E 196 50.51 -55.77 7.24
C ILE E 196 51.20 -56.98 7.83
N LYS E 197 51.81 -56.82 9.01
CA LYS E 197 52.44 -57.95 9.68
C LYS E 197 51.43 -59.06 9.94
N GLU E 198 50.31 -58.70 10.57
CA GLU E 198 49.26 -59.67 10.84
C GLU E 198 48.80 -60.31 9.54
N MET E 199 48.84 -59.55 8.45
CA MET E 199 48.46 -60.08 7.15
C MET E 199 49.45 -61.12 6.65
N VAL E 200 50.75 -60.87 6.82
CA VAL E 200 51.75 -61.62 6.06
C VAL E 200 52.57 -62.63 6.86
N GLU E 201 52.54 -62.64 8.19
CA GLU E 201 53.39 -63.62 8.88
C GLU E 201 53.03 -65.05 8.49
N LEU E 202 51.79 -65.46 8.79
CA LEU E 202 51.44 -66.86 8.55
C LEU E 202 51.63 -67.23 7.09
N PRO E 203 51.20 -66.44 6.11
CA PRO E 203 51.46 -66.83 4.73
C PRO E 203 52.95 -67.02 4.47
N LEU E 204 53.80 -66.24 5.14
CA LEU E 204 55.25 -66.26 4.96
C LEU E 204 55.99 -66.85 6.16
N ARG E 205 55.67 -66.40 7.38
CA ARG E 205 56.35 -66.90 8.56
C ARG E 205 56.03 -68.36 8.82
N HIS E 206 54.82 -68.80 8.45
CA HIS E 206 54.40 -70.20 8.61
C HIS E 206 53.83 -70.66 7.28
N PRO E 207 54.68 -70.84 6.26
CA PRO E 207 54.16 -71.25 4.96
C PRO E 207 53.71 -72.69 4.92
N ALA E 208 54.39 -73.58 5.66
CA ALA E 208 54.02 -74.98 5.67
C ALA E 208 52.64 -75.19 6.30
N LEU E 209 52.21 -74.28 7.16
CA LEU E 209 50.91 -74.45 7.82
C LEU E 209 49.77 -74.45 6.81
N PHE E 210 49.82 -73.54 5.83
CA PHE E 210 48.77 -73.47 4.83
C PHE E 210 48.72 -74.70 3.93
N LYS E 211 49.79 -75.49 3.89
CA LYS E 211 49.79 -76.69 3.08
C LYS E 211 48.85 -77.75 3.64
N ALA E 212 48.74 -77.85 4.97
CA ALA E 212 47.87 -78.83 5.59
C ALA E 212 46.50 -78.27 5.96
N ILE E 213 46.26 -76.98 5.70
CA ILE E 213 44.99 -76.34 6.01
C ILE E 213 44.45 -75.72 4.74
N GLY E 214 43.15 -75.91 4.51
CA GLY E 214 42.53 -75.33 3.33
C GLY E 214 42.05 -73.91 3.57
N VAL E 215 42.87 -72.94 3.19
CA VAL E 215 42.56 -71.52 3.36
C VAL E 215 43.29 -70.74 2.29
N LYS E 216 42.67 -69.66 1.83
CA LYS E 216 43.27 -68.82 0.80
C LYS E 216 43.95 -67.64 1.46
N PRO E 217 45.27 -67.49 1.32
CA PRO E 217 45.95 -66.34 1.93
C PRO E 217 45.80 -65.09 1.08
N PRO E 218 46.41 -63.99 1.49
CA PRO E 218 46.31 -62.76 0.71
C PRO E 218 47.19 -62.78 -0.53
N ARG E 219 46.60 -62.98 -1.71
CA ARG E 219 47.39 -63.08 -2.92
C ARG E 219 48.02 -61.74 -3.29
N GLY E 220 47.31 -60.64 -3.05
CA GLY E 220 47.84 -59.32 -3.32
C GLY E 220 47.41 -58.27 -2.32
N ILE E 221 48.33 -57.37 -1.99
CA ILE E 221 48.07 -56.29 -1.04
C ILE E 221 48.45 -54.98 -1.71
N LEU E 222 47.50 -54.03 -1.73
CA LEU E 222 47.70 -52.75 -2.41
C LEU E 222 48.00 -51.68 -1.37
N LEU E 223 49.26 -51.28 -1.27
CA LEU E 223 49.66 -50.18 -0.39
C LEU E 223 49.57 -48.87 -1.16
N TYR E 224 48.71 -47.97 -0.68
CA TYR E 224 48.52 -46.69 -1.35
C TYR E 224 48.60 -45.56 -0.34
N GLY E 225 49.07 -44.40 -0.82
CA GLY E 225 49.26 -43.23 0.02
C GLY E 225 50.10 -42.18 -0.68
N PRO E 226 50.31 -41.06 0.00
CA PRO E 226 51.12 -39.99 -0.60
C PRO E 226 52.53 -40.47 -0.87
N PRO E 227 53.15 -39.99 -1.95
CA PRO E 227 54.52 -40.43 -2.27
C PRO E 227 55.50 -40.04 -1.18
N GLY E 228 56.51 -40.89 -0.99
CA GLY E 228 57.50 -40.64 0.04
C GLY E 228 57.11 -41.09 1.42
N THR E 229 56.09 -41.93 1.55
CA THR E 229 55.64 -42.42 2.84
C THR E 229 56.32 -43.73 3.24
N GLY E 230 57.25 -44.22 2.43
CA GLY E 230 57.97 -45.43 2.79
C GLY E 230 57.30 -46.73 2.44
N LYS E 231 56.39 -46.74 1.45
CA LYS E 231 55.72 -47.97 1.07
C LYS E 231 56.73 -49.02 0.61
N THR E 232 57.66 -48.63 -0.25
CA THR E 232 58.72 -49.55 -0.66
C THR E 232 59.57 -49.97 0.52
N LEU E 233 59.87 -49.04 1.43
CA LEU E 233 60.62 -49.37 2.63
C LEU E 233 59.86 -50.38 3.48
N ILE E 234 58.54 -50.19 3.62
CA ILE E 234 57.74 -51.12 4.41
C ILE E 234 57.76 -52.51 3.78
N ALA E 235 57.60 -52.58 2.45
CA ALA E 235 57.60 -53.88 1.79
C ALA E 235 58.96 -54.57 1.96
N ARG E 236 60.05 -53.82 1.79
CA ARG E 236 61.37 -54.41 1.95
C ARG E 236 61.60 -54.89 3.39
N ALA E 237 61.16 -54.10 4.37
CA ALA E 237 61.30 -54.52 5.76
C ALA E 237 60.51 -55.78 6.05
N VAL E 238 59.28 -55.87 5.52
CA VAL E 238 58.49 -57.07 5.73
C VAL E 238 59.17 -58.28 5.10
N ALA E 239 59.70 -58.10 3.88
CA ALA E 239 60.37 -59.21 3.21
C ALA E 239 61.59 -59.66 4.01
N ASN E 240 62.34 -58.71 4.57
CA ASN E 240 63.55 -59.08 5.30
C ASN E 240 63.20 -59.75 6.62
N GLU E 241 62.20 -59.22 7.32
CA GLU E 241 61.84 -59.74 8.63
C GLU E 241 61.10 -61.07 8.55
N THR E 242 60.57 -61.43 7.38
CA THR E 242 59.90 -62.71 7.21
C THR E 242 60.70 -63.71 6.40
N GLY E 243 61.83 -63.32 5.83
CA GLY E 243 62.67 -64.22 5.07
C GLY E 243 62.22 -64.48 3.64
N ALA E 244 61.13 -63.88 3.20
CA ALA E 244 60.67 -64.09 1.83
C ALA E 244 61.60 -63.38 0.86
N PHE E 245 61.82 -64.01 -0.29
CA PHE E 245 62.67 -63.43 -1.33
C PHE E 245 61.98 -62.21 -1.93
N PHE E 246 62.53 -61.03 -1.67
CA PHE E 246 61.92 -59.79 -2.14
C PHE E 246 62.31 -59.52 -3.58
N PHE E 247 61.32 -59.29 -4.43
CA PHE E 247 61.54 -58.91 -5.82
C PHE E 247 60.86 -57.58 -6.09
N LEU E 248 61.59 -56.63 -6.68
CA LEU E 248 61.09 -55.29 -6.95
C LEU E 248 60.92 -55.10 -8.44
N ILE E 249 59.68 -54.89 -8.88
CA ILE E 249 59.39 -54.61 -10.28
C ILE E 249 59.06 -53.13 -10.43
N ASN E 250 60.07 -52.31 -10.74
CA ASN E 250 59.85 -50.89 -10.91
C ASN E 250 58.92 -50.62 -12.10
N GLY E 251 57.96 -49.72 -11.87
CA GLY E 251 56.98 -49.36 -12.87
C GLY E 251 57.61 -48.92 -14.18
N PRO E 252 58.34 -47.81 -14.12
CA PRO E 252 58.93 -47.28 -15.36
C PRO E 252 60.10 -48.11 -15.84
N GLU E 253 60.68 -48.97 -15.00
CA GLU E 253 61.76 -49.83 -15.46
C GLU E 253 61.25 -50.72 -16.59
N ILE E 254 60.11 -51.38 -16.37
CA ILE E 254 59.48 -52.17 -17.41
C ILE E 254 58.86 -51.27 -18.47
N MET E 255 58.24 -50.16 -18.07
CA MET E 255 57.63 -49.27 -19.05
C MET E 255 58.66 -48.65 -19.98
N SER E 256 59.87 -48.36 -19.48
CA SER E 256 60.93 -47.81 -20.31
C SER E 256 61.49 -48.82 -21.31
N LYS E 257 61.21 -50.10 -21.12
CA LYS E 257 61.72 -51.10 -22.05
C LYS E 257 60.94 -51.09 -23.36
N LEU E 258 61.55 -51.66 -24.39
CA LEU E 258 60.94 -51.69 -25.72
C LEU E 258 59.66 -52.51 -25.72
N ALA E 259 58.69 -52.05 -26.50
CA ALA E 259 57.41 -52.76 -26.61
C ALA E 259 57.64 -54.14 -27.21
N GLY E 260 56.90 -55.13 -26.69
CA GLY E 260 57.04 -56.50 -27.12
C GLY E 260 58.06 -57.31 -26.34
N GLU E 261 58.97 -56.65 -25.61
CA GLU E 261 59.92 -57.33 -24.76
C GLU E 261 59.79 -56.94 -23.29
N SER E 262 59.05 -55.87 -22.98
CA SER E 262 58.70 -55.56 -21.60
C SER E 262 57.81 -56.66 -21.01
N GLU E 263 56.90 -57.20 -21.83
CA GLU E 263 56.06 -58.29 -21.37
C GLU E 263 56.92 -59.48 -20.95
N SER E 264 58.02 -59.70 -21.67
CA SER E 264 58.99 -60.71 -21.28
C SER E 264 59.58 -60.39 -19.91
N ASN E 265 59.90 -59.12 -19.67
CA ASN E 265 60.45 -58.75 -18.37
C ASN E 265 59.47 -59.05 -17.24
N LEU E 266 58.20 -58.70 -17.43
CA LEU E 266 57.21 -58.96 -16.38
C LEU E 266 57.05 -60.47 -16.14
N ARG E 267 56.96 -61.24 -17.23
CA ARG E 267 56.79 -62.68 -17.09
C ARG E 267 58.00 -63.31 -16.42
N LYS E 268 59.21 -62.88 -16.79
CA LYS E 268 60.41 -63.41 -16.14
C LYS E 268 60.47 -63.02 -14.68
N ALA E 269 60.03 -61.80 -14.35
CA ALA E 269 60.01 -61.41 -12.94
C ALA E 269 59.10 -62.31 -12.13
N PHE E 270 57.90 -62.59 -12.63
CA PHE E 270 57.02 -63.51 -11.91
C PHE E 270 57.61 -64.91 -11.85
N GLU E 271 58.21 -65.41 -12.92
CA GLU E 271 58.80 -66.74 -12.86
C GLU E 271 59.93 -66.81 -11.84
N GLU E 272 60.81 -65.81 -11.82
CA GLU E 272 61.90 -65.80 -10.85
C GLU E 272 61.38 -65.73 -9.42
N ALA E 273 60.37 -64.89 -9.18
CA ALA E 273 59.76 -64.84 -7.85
C ALA E 273 59.11 -66.17 -7.50
N GLU E 274 58.54 -66.84 -8.49
CA GLU E 274 57.95 -68.16 -8.29
C GLU E 274 58.99 -69.19 -7.87
N LYS E 275 60.18 -69.10 -8.47
CA LYS E 275 61.24 -70.06 -8.15
C LYS E 275 61.68 -69.99 -6.69
N ASN E 276 61.82 -68.79 -6.15
CA ASN E 276 62.28 -68.63 -4.77
C ASN E 276 61.13 -68.59 -3.75
N ALA E 277 60.19 -69.52 -3.88
CA ALA E 277 59.07 -69.55 -2.95
C ALA E 277 59.57 -69.82 -1.53
N PRO E 278 59.04 -69.13 -0.52
CA PRO E 278 58.11 -68.01 -0.69
C PRO E 278 58.82 -66.75 -1.14
N ALA E 279 58.13 -65.90 -1.90
CA ALA E 279 58.71 -64.68 -2.40
C ALA E 279 57.68 -63.56 -2.37
N ILE E 280 58.18 -62.34 -2.32
CA ILE E 280 57.34 -61.14 -2.33
C ILE E 280 57.72 -60.35 -3.57
N ILE E 281 56.73 -60.06 -4.41
CA ILE E 281 56.93 -59.25 -5.60
C ILE E 281 56.34 -57.88 -5.34
N PHE E 282 57.19 -56.87 -5.32
CA PHE E 282 56.76 -55.50 -5.07
C PHE E 282 56.77 -54.74 -6.38
N ILE E 283 55.63 -54.15 -6.72
CA ILE E 283 55.49 -53.34 -7.93
C ILE E 283 55.38 -51.89 -7.49
N ASP E 284 56.51 -51.20 -7.49
CA ASP E 284 56.54 -49.79 -7.15
C ASP E 284 56.00 -48.95 -8.30
N GLU E 285 55.22 -47.92 -7.97
CA GLU E 285 54.60 -47.07 -8.96
C GLU E 285 53.73 -47.89 -9.91
N LEU E 286 52.78 -48.62 -9.31
CA LEU E 286 51.87 -49.44 -10.10
C LEU E 286 50.99 -48.61 -11.04
N ASP E 287 50.81 -47.32 -10.76
CA ASP E 287 49.97 -46.47 -11.59
C ASP E 287 50.61 -46.16 -12.94
N ALA E 288 51.77 -46.72 -13.26
CA ALA E 288 52.39 -46.57 -14.57
C ALA E 288 52.23 -47.82 -15.43
N ILE E 289 52.32 -49.01 -14.84
CA ILE E 289 52.13 -50.23 -15.62
C ILE E 289 50.68 -50.38 -16.04
N ALA E 290 49.74 -50.12 -15.13
CA ALA E 290 48.30 -50.26 -15.42
C ALA E 290 47.56 -49.00 -14.98
N PRO E 291 47.84 -47.86 -15.62
CA PRO E 291 47.15 -46.62 -15.24
C PRO E 291 45.74 -46.50 -15.80
N LYS E 292 45.33 -47.40 -16.69
CA LYS E 292 44.07 -47.25 -17.39
C LYS E 292 42.90 -47.27 -16.43
N ARG E 293 42.20 -46.14 -16.34
CA ARG E 293 40.99 -46.01 -15.52
C ARG E 293 39.73 -46.15 -16.36
N GLU E 294 39.76 -47.02 -17.37
CA GLU E 294 38.76 -47.20 -18.42
C GLU E 294 38.89 -46.14 -19.51
N LYS E 295 39.74 -45.13 -19.34
CA LYS E 295 40.11 -44.27 -20.47
C LYS E 295 41.05 -45.03 -21.40
N THR E 296 42.15 -45.54 -20.86
CA THR E 296 42.98 -46.55 -21.51
C THR E 296 43.45 -46.09 -22.89
N HIS E 297 44.23 -45.02 -22.90
CA HIS E 297 44.82 -44.54 -24.14
C HIS E 297 45.92 -45.48 -24.62
N GLY E 298 46.17 -45.44 -25.93
CA GLY E 298 47.25 -46.20 -26.52
C GLY E 298 46.88 -47.65 -26.80
N GLU E 299 47.87 -48.38 -27.32
CA GLU E 299 47.70 -49.78 -27.70
C GLU E 299 48.58 -50.72 -26.88
N VAL E 300 49.88 -50.45 -26.81
CA VAL E 300 50.79 -51.38 -26.14
C VAL E 300 50.52 -51.42 -24.64
N GLU E 301 50.15 -50.26 -24.06
CA GLU E 301 49.88 -50.24 -22.63
C GLU E 301 48.66 -51.08 -22.29
N ARG E 302 47.70 -51.17 -23.20
CA ARG E 302 46.59 -52.10 -23.00
C ARG E 302 47.07 -53.55 -22.97
N ARG E 303 48.00 -53.90 -23.86
CA ARG E 303 48.61 -55.22 -23.79
C ARG E 303 49.31 -55.44 -22.45
N ILE E 304 50.05 -54.45 -21.96
CA ILE E 304 50.78 -54.63 -20.71
C ILE E 304 49.81 -54.84 -19.56
N VAL E 305 48.74 -54.05 -19.52
CA VAL E 305 47.75 -54.18 -18.45
C VAL E 305 47.05 -55.53 -18.51
N SER E 306 46.64 -55.97 -19.71
CA SER E 306 45.97 -57.25 -19.84
C SER E 306 46.89 -58.42 -19.48
N GLN E 307 48.14 -58.40 -19.96
CA GLN E 307 49.06 -59.47 -19.62
C GLN E 307 49.34 -59.49 -18.12
N LEU E 308 49.52 -58.31 -17.51
CA LEU E 308 49.72 -58.27 -16.07
C LEU E 308 48.51 -58.83 -15.35
N LEU E 309 47.30 -58.53 -15.84
CA LEU E 309 46.09 -59.10 -15.28
C LEU E 309 46.11 -60.63 -15.37
N THR E 310 46.51 -61.16 -16.53
CA THR E 310 46.57 -62.60 -16.71
C THR E 310 47.55 -63.24 -15.73
N LEU E 311 48.71 -62.61 -15.55
CA LEU E 311 49.70 -63.14 -14.62
C LEU E 311 49.19 -63.09 -13.20
N MET E 312 48.62 -61.94 -12.81
CA MET E 312 48.15 -61.76 -11.44
C MET E 312 47.02 -62.74 -11.12
N ASP E 313 46.06 -62.88 -12.03
CA ASP E 313 45.01 -63.88 -11.87
C ASP E 313 45.51 -65.29 -12.17
N GLY E 314 46.69 -65.42 -12.79
CA GLY E 314 47.25 -66.71 -13.10
C GLY E 314 47.98 -67.38 -11.96
N LEU E 315 48.02 -66.77 -10.78
CA LEU E 315 48.66 -67.41 -9.63
C LEU E 315 47.89 -68.66 -9.27
N LYS E 316 48.51 -69.82 -9.43
CA LYS E 316 47.82 -71.10 -9.25
C LYS E 316 47.70 -71.49 -7.79
N GLN E 317 47.82 -70.52 -6.87
CA GLN E 317 47.72 -70.70 -5.43
C GLN E 317 48.83 -71.63 -4.93
N ARG E 318 49.71 -72.06 -5.82
CA ARG E 318 50.88 -72.83 -5.45
C ARG E 318 52.01 -71.89 -5.04
N ALA E 319 52.94 -72.41 -4.24
CA ALA E 319 53.97 -71.57 -3.65
C ALA E 319 53.31 -70.52 -2.77
N HIS E 320 54.04 -69.45 -2.44
CA HIS E 320 53.49 -68.42 -1.55
C HIS E 320 53.87 -67.03 -2.00
N VAL E 321 54.01 -66.80 -3.31
CA VAL E 321 54.37 -65.48 -3.80
C VAL E 321 53.25 -64.50 -3.45
N ILE E 322 53.60 -63.43 -2.75
CA ILE E 322 52.66 -62.37 -2.42
C ILE E 322 53.03 -61.13 -3.23
N VAL E 323 52.07 -60.59 -3.97
CA VAL E 323 52.28 -59.45 -4.84
C VAL E 323 51.76 -58.21 -4.14
N MET E 324 52.67 -57.35 -3.69
CA MET E 324 52.33 -56.06 -3.10
C MET E 324 52.67 -54.96 -4.10
N ALA E 325 51.76 -54.01 -4.24
CA ALA E 325 51.93 -52.92 -5.20
C ALA E 325 51.75 -51.58 -4.51
N ALA E 326 52.43 -50.56 -5.03
CA ALA E 326 52.36 -49.21 -4.50
C ALA E 326 51.67 -48.31 -5.52
N THR E 327 50.80 -47.43 -5.03
CA THR E 327 50.03 -46.51 -5.86
C THR E 327 49.66 -45.30 -5.02
N ASN E 328 49.64 -44.14 -5.66
CA ASN E 328 49.29 -42.91 -4.94
C ASN E 328 47.85 -42.94 -4.43
N ARG E 329 46.92 -43.39 -5.26
CA ARG E 329 45.52 -43.47 -4.91
C ARG E 329 44.92 -44.75 -5.47
N PRO E 330 43.92 -45.32 -4.78
CA PRO E 330 43.33 -46.58 -5.27
C PRO E 330 42.69 -46.43 -6.64
N ASN E 331 42.08 -45.29 -6.94
CA ASN E 331 41.34 -45.12 -8.19
C ASN E 331 42.24 -44.83 -9.39
N SER E 332 43.54 -44.62 -9.16
CA SER E 332 44.44 -44.30 -10.27
C SER E 332 44.76 -45.54 -11.11
N ILE E 333 44.82 -46.71 -10.48
CA ILE E 333 45.17 -47.94 -11.19
C ILE E 333 43.94 -48.47 -11.91
N ASP E 334 44.15 -49.43 -12.80
CA ASP E 334 43.04 -50.01 -13.54
C ASP E 334 42.08 -50.71 -12.57
N PRO E 335 40.77 -50.51 -12.72
CA PRO E 335 39.83 -51.15 -11.79
C PRO E 335 39.93 -52.67 -11.78
N ALA E 336 40.27 -53.31 -12.90
CA ALA E 336 40.36 -54.76 -12.90
C ALA E 336 41.48 -55.25 -11.98
N LEU E 337 42.44 -54.40 -11.67
CA LEU E 337 43.50 -54.73 -10.72
C LEU E 337 42.99 -54.76 -9.29
N ARG E 338 41.88 -54.05 -9.04
CA ARG E 338 41.27 -53.89 -7.74
C ARG E 338 40.30 -55.03 -7.43
N ARG E 339 40.00 -55.85 -8.44
CA ARG E 339 39.01 -56.92 -8.36
C ARG E 339 39.53 -58.08 -7.51
N PHE E 340 38.62 -59.03 -7.25
CA PHE E 340 38.92 -60.18 -6.41
C PHE E 340 40.06 -61.00 -7.00
N GLY E 341 41.03 -61.36 -6.16
CA GLY E 341 42.12 -62.24 -6.54
C GLY E 341 43.34 -61.55 -7.12
N ARG E 342 43.20 -60.31 -7.59
CA ARG E 342 44.33 -59.55 -8.13
C ARG E 342 44.93 -58.66 -7.04
N PHE E 343 44.13 -57.73 -6.50
CA PHE E 343 44.47 -56.95 -5.31
C PHE E 343 43.17 -56.83 -4.51
N ASP E 344 42.93 -57.79 -3.61
CA ASP E 344 41.67 -57.84 -2.90
C ASP E 344 41.67 -57.10 -1.57
N ARG E 345 42.81 -56.57 -1.13
CA ARG E 345 42.87 -55.87 0.14
C ARG E 345 43.87 -54.73 0.03
N GLU E 346 43.50 -53.57 0.57
CA GLU E 346 44.25 -52.34 0.41
C GLU E 346 44.55 -51.73 1.77
N VAL E 347 45.73 -51.12 1.89
CA VAL E 347 46.17 -50.45 3.10
C VAL E 347 46.64 -49.04 2.73
N ASP E 348 46.09 -48.05 3.41
CA ASP E 348 46.43 -46.65 3.19
C ASP E 348 47.47 -46.28 4.24
N ILE E 349 48.75 -46.23 3.81
CA ILE E 349 49.81 -45.88 4.74
C ILE E 349 49.60 -44.48 5.29
N GLY E 350 49.23 -43.54 4.43
CA GLY E 350 48.92 -42.19 4.85
C GLY E 350 50.08 -41.41 5.43
N ILE E 351 49.85 -40.12 5.67
CA ILE E 351 50.89 -39.24 6.21
C ILE E 351 51.17 -39.62 7.66
N PRO E 352 52.43 -39.70 8.08
CA PRO E 352 52.73 -39.91 9.50
C PRO E 352 52.26 -38.75 10.35
N ASP E 353 51.92 -39.06 11.60
CA ASP E 353 51.40 -38.10 12.56
C ASP E 353 52.51 -37.57 13.45
N ALA E 354 52.15 -36.69 14.39
CA ALA E 354 53.15 -36.09 15.27
C ALA E 354 53.98 -37.15 15.98
N THR E 355 53.32 -38.17 16.55
CA THR E 355 54.06 -39.27 17.15
C THR E 355 54.92 -40.00 16.11
N GLY E 356 54.35 -40.23 14.93
CA GLY E 356 55.11 -40.85 13.87
C GLY E 356 56.13 -39.93 13.26
N ARG E 357 55.82 -38.63 13.20
CA ARG E 357 56.82 -37.69 12.71
C ARG E 357 58.03 -37.67 13.64
N LEU E 358 57.78 -37.71 14.95
CA LEU E 358 58.86 -37.75 15.92
C LEU E 358 59.68 -39.04 15.78
N GLU E 359 59.00 -40.17 15.60
CA GLU E 359 59.76 -41.42 15.46
C GLU E 359 60.54 -41.45 14.15
N ILE E 360 59.98 -40.87 13.09
CA ILE E 360 60.71 -40.75 11.82
C ILE E 360 61.94 -39.88 12.00
N LEU E 361 61.80 -38.77 12.73
CA LEU E 361 62.94 -37.92 13.01
C LEU E 361 64.00 -38.68 13.79
N GLN E 362 63.58 -39.48 14.77
CA GLN E 362 64.54 -40.28 15.53
C GLN E 362 65.29 -41.25 14.63
N ILE E 363 64.57 -41.93 13.75
CA ILE E 363 65.21 -42.90 12.87
C ILE E 363 66.14 -42.20 11.88
N HIS E 364 65.74 -41.02 11.39
CA HIS E 364 66.56 -40.25 10.47
C HIS E 364 67.64 -39.44 11.17
N THR E 365 67.59 -39.32 12.49
CA THR E 365 68.63 -38.65 13.27
C THR E 365 69.14 -39.67 14.28
N LYS E 366 70.10 -40.50 13.86
CA LYS E 366 70.72 -41.47 14.73
C LYS E 366 72.23 -41.60 14.54
N ASN E 367 72.80 -41.07 13.46
CA ASN E 367 74.24 -41.12 13.25
C ASN E 367 74.88 -39.75 13.12
N MET E 368 74.12 -38.67 13.27
CA MET E 368 74.68 -37.33 13.13
C MET E 368 75.11 -36.73 14.46
N LYS E 369 75.00 -37.49 15.55
CA LYS E 369 75.39 -37.01 16.87
C LYS E 369 74.63 -35.72 17.20
N LEU E 370 73.32 -35.87 17.33
CA LEU E 370 72.44 -34.73 17.56
C LEU E 370 72.80 -34.04 18.87
N ALA E 371 72.68 -32.72 18.87
CA ALA E 371 73.07 -31.92 20.02
C ALA E 371 72.12 -32.14 21.20
N ASP E 372 72.58 -31.73 22.38
CA ASP E 372 71.77 -31.88 23.58
C ASP E 372 70.62 -30.89 23.62
N ASP E 373 70.85 -29.66 23.15
CA ASP E 373 69.79 -28.66 23.18
C ASP E 373 68.61 -29.09 22.31
N VAL E 374 68.90 -29.63 21.12
CA VAL E 374 67.84 -30.07 20.23
C VAL E 374 67.18 -31.32 20.81
N ASP E 375 65.85 -31.33 20.85
CA ASP E 375 65.13 -32.45 21.43
C ASP E 375 64.34 -33.27 20.42
N LEU E 376 64.02 -32.71 19.26
CA LEU E 376 63.31 -33.36 18.16
C LEU E 376 61.82 -33.44 18.48
N GLU E 377 61.40 -32.93 19.63
CA GLU E 377 59.99 -32.89 20.01
C GLU E 377 59.33 -31.62 19.50
N GLN E 378 59.94 -30.46 19.74
CA GLN E 378 59.42 -29.22 19.20
C GLN E 378 59.43 -29.24 17.69
N VAL E 379 60.50 -29.75 17.09
CA VAL E 379 60.56 -29.84 15.64
C VAL E 379 59.45 -30.78 15.15
N ALA E 380 59.25 -31.89 15.83
CA ALA E 380 58.20 -32.82 15.42
C ALA E 380 56.82 -32.17 15.47
N ASN E 381 56.51 -31.41 16.52
CA ASN E 381 55.22 -30.74 16.58
C ASN E 381 55.09 -29.70 15.46
N GLU E 382 56.14 -28.93 15.21
CA GLU E 382 56.10 -27.94 14.15
C GLU E 382 56.21 -28.56 12.76
N THR E 383 56.45 -29.86 12.68
CA THR E 383 56.67 -30.55 11.41
C THR E 383 55.38 -31.04 10.76
N HIS E 384 54.23 -30.46 11.11
CA HIS E 384 52.99 -30.90 10.51
C HIS E 384 53.04 -30.71 9.00
N GLY E 385 52.58 -31.70 8.25
CA GLY E 385 52.56 -31.63 6.81
C GLY E 385 53.70 -32.35 6.09
N HIS E 386 54.73 -32.78 6.82
CA HIS E 386 55.85 -33.45 6.19
C HIS E 386 55.57 -34.95 6.11
N VAL E 387 56.30 -35.62 5.21
CA VAL E 387 56.23 -37.07 5.06
C VAL E 387 57.60 -37.60 5.45
N GLY E 388 57.76 -38.94 5.46
CA GLY E 388 59.03 -39.50 5.85
C GLY E 388 60.17 -38.97 4.99
N ALA E 389 59.94 -38.89 3.68
CA ALA E 389 60.94 -38.30 2.80
C ALA E 389 61.17 -36.84 3.16
N ASP E 390 60.08 -36.11 3.46
CA ASP E 390 60.23 -34.72 3.87
C ASP E 390 61.02 -34.60 5.16
N LEU E 391 60.77 -35.49 6.12
CA LEU E 391 61.54 -35.46 7.36
C LEU E 391 63.01 -35.72 7.12
N ALA E 392 63.32 -36.71 6.26
CA ALA E 392 64.71 -36.98 5.94
C ALA E 392 65.36 -35.79 5.26
N ALA E 393 64.64 -35.15 4.33
CA ALA E 393 65.18 -33.98 3.65
C ALA E 393 65.43 -32.83 4.61
N LEU E 394 64.50 -32.62 5.55
CA LEU E 394 64.69 -31.56 6.54
C LEU E 394 65.90 -31.85 7.43
N CYS E 395 66.06 -33.10 7.86
CA CYS E 395 67.23 -33.45 8.67
C CYS E 395 68.51 -33.24 7.89
N SER E 396 68.53 -33.64 6.62
CA SER E 396 69.72 -33.44 5.79
C SER E 396 70.01 -31.96 5.61
N GLU E 397 68.97 -31.15 5.41
CA GLU E 397 69.17 -29.71 5.25
C GLU E 397 69.73 -29.09 6.52
N ALA E 398 69.23 -29.52 7.68
CA ALA E 398 69.78 -29.02 8.94
C ALA E 398 71.25 -29.42 9.09
N ALA E 399 71.58 -30.66 8.74
CA ALA E 399 72.97 -31.10 8.80
C ALA E 399 73.85 -30.26 7.88
N LEU E 400 73.36 -29.98 6.68
CA LEU E 400 74.12 -29.16 5.73
C LEU E 400 74.28 -27.74 6.24
N GLN E 401 73.26 -27.19 6.90
CA GLN E 401 73.41 -25.87 7.49
C GLN E 401 74.47 -25.88 8.58
N ALA E 402 74.48 -26.94 9.41
CA ALA E 402 75.51 -27.03 10.43
C ALA E 402 76.90 -27.11 9.80
N ILE E 403 77.03 -27.88 8.73
CA ILE E 403 78.33 -28.00 8.06
C ILE E 403 78.74 -26.68 7.42
N ARG E 404 77.77 -25.91 6.91
CA ARG E 404 78.09 -24.61 6.33
C ARG E 404 78.48 -23.59 7.40
N LYS E 405 77.77 -23.58 8.53
CA LYS E 405 78.06 -22.60 9.58
C LYS E 405 79.46 -22.78 10.15
N LYS E 406 79.86 -24.01 10.41
CA LYS E 406 81.17 -24.28 10.98
C LYS E 406 81.98 -25.17 10.05
N MET E 407 83.26 -25.33 10.39
CA MET E 407 84.18 -26.22 9.69
C MET E 407 84.46 -25.71 8.28
N ASP E 408 83.68 -24.74 7.81
CA ASP E 408 83.99 -24.03 6.58
C ASP E 408 84.86 -22.80 6.84
N LEU E 409 84.64 -22.13 7.98
CA LEU E 409 85.46 -20.97 8.30
C LEU E 409 86.91 -21.38 8.43
N ILE E 410 87.18 -22.52 9.08
CA ILE E 410 88.53 -23.02 9.21
C ILE E 410 89.08 -23.39 7.84
N ASP E 411 88.25 -23.99 6.99
CA ASP E 411 88.59 -24.36 5.62
C ASP E 411 89.64 -25.47 5.55
N LEU E 412 89.87 -26.17 6.67
CA LEU E 412 90.82 -27.27 6.69
C LEU E 412 90.14 -28.51 6.12
N GLU E 413 90.45 -28.85 4.88
CA GLU E 413 89.82 -29.94 4.18
C GLU E 413 90.88 -30.83 3.55
N ASP E 414 90.58 -32.12 3.44
CA ASP E 414 91.47 -33.08 2.81
C ASP E 414 90.61 -34.06 1.98
N GLU E 415 91.23 -35.15 1.56
CA GLU E 415 90.49 -36.15 0.77
C GLU E 415 89.34 -36.72 1.57
N THR E 416 89.55 -36.97 2.86
CA THR E 416 88.52 -37.48 3.74
C THR E 416 88.53 -36.66 5.03
N ILE E 417 87.40 -36.02 5.34
CA ILE E 417 87.33 -35.20 6.53
C ILE E 417 87.55 -36.06 7.76
N ASP E 418 88.32 -35.54 8.72
CA ASP E 418 88.61 -36.28 9.93
C ASP E 418 87.32 -36.57 10.70
N ALA E 419 87.20 -37.81 11.19
CA ALA E 419 85.99 -38.18 11.90
C ALA E 419 85.82 -37.37 13.18
N GLU E 420 86.91 -37.18 13.92
CA GLU E 420 86.83 -36.42 15.17
C GLU E 420 86.44 -34.97 14.90
N VAL E 421 87.02 -34.36 13.86
CA VAL E 421 86.73 -32.97 13.56
C VAL E 421 85.26 -32.81 13.21
N MET E 422 84.74 -33.71 12.38
CA MET E 422 83.32 -33.65 12.02
C MET E 422 82.42 -33.95 13.20
N ASN E 423 82.85 -34.85 14.10
CA ASN E 423 82.05 -35.17 15.28
C ASN E 423 81.99 -34.01 16.26
N SER E 424 82.99 -33.11 16.25
CA SER E 424 83.00 -32.00 17.18
C SER E 424 81.79 -31.08 17.00
N LEU E 425 81.17 -31.08 15.82
CA LEU E 425 80.02 -30.21 15.59
C LEU E 425 78.75 -30.89 16.10
N ALA E 426 77.83 -30.08 16.59
CA ALA E 426 76.54 -30.55 17.06
C ALA E 426 75.44 -29.75 16.39
N VAL E 427 74.46 -30.45 15.82
CA VAL E 427 73.35 -29.78 15.15
C VAL E 427 72.53 -29.03 16.17
N THR E 428 72.50 -27.71 16.07
CA THR E 428 71.82 -26.89 17.05
C THR E 428 70.36 -26.69 16.69
N MET E 429 69.58 -26.24 17.66
CA MET E 429 68.16 -26.00 17.42
C MET E 429 67.96 -24.95 16.33
N ASP E 430 68.84 -23.97 16.24
CA ASP E 430 68.70 -22.92 15.23
C ASP E 430 68.77 -23.51 13.83
N ASP E 431 69.68 -24.46 13.60
CA ASP E 431 69.79 -25.08 12.28
C ASP E 431 68.50 -25.80 11.92
N PHE E 432 67.94 -26.55 12.87
CA PHE E 432 66.69 -27.26 12.61
C PHE E 432 65.56 -26.27 12.34
N ARG E 433 65.54 -25.17 13.08
CA ARG E 433 64.51 -24.16 12.87
C ARG E 433 64.61 -23.58 11.46
N TRP E 434 65.82 -23.27 11.01
CA TRP E 434 65.99 -22.74 9.66
C TRP E 434 65.54 -23.77 8.63
N ALA E 435 65.91 -25.04 8.84
CA ALA E 435 65.51 -26.07 7.90
C ALA E 435 64.01 -26.19 7.84
N LEU E 436 63.34 -26.14 9.00
CA LEU E 436 61.88 -26.17 9.02
C LEU E 436 61.31 -24.98 8.27
N SER E 437 61.94 -23.81 8.41
CA SER E 437 61.51 -22.66 7.62
C SER E 437 61.70 -22.89 6.13
N GLN E 438 62.64 -23.74 5.76
CA GLN E 438 62.96 -24.04 4.36
C GLN E 438 62.51 -25.45 3.98
N SER E 439 61.34 -25.88 4.44
CA SER E 439 60.88 -27.25 4.24
C SER E 439 59.97 -27.42 3.02
N ASN E 440 58.88 -26.65 2.93
CA ASN E 440 57.95 -26.83 1.82
C ASN E 440 57.50 -28.29 1.77
N PRO E 441 56.70 -28.72 2.75
CA PRO E 441 56.25 -30.13 2.77
C PRO E 441 55.45 -30.54 1.55
N SER E 442 55.71 -31.76 1.10
CA SER E 442 55.23 -32.27 -0.19
C SER E 442 53.88 -32.96 -0.03
N ALA E 443 52.86 -32.18 0.37
CA ALA E 443 51.47 -32.61 0.51
C ALA E 443 50.86 -32.11 1.81
N LEU E 444 50.97 -30.81 2.06
CA LEU E 444 50.30 -30.21 3.20
C LEU E 444 48.78 -30.31 3.06
N ARG E 445 48.29 -30.14 1.84
CA ARG E 445 46.86 -30.14 1.54
C ARG E 445 46.20 -31.49 1.78
N GLU E 446 46.96 -32.58 1.72
CA GLU E 446 46.37 -33.90 1.89
C GLU E 446 45.63 -33.99 3.22
N THR E 447 44.45 -34.62 3.20
CA THR E 447 43.64 -34.71 4.40
C THR E 447 44.36 -35.51 5.49
N VAL E 448 44.17 -35.09 6.73
CA VAL E 448 44.82 -35.68 7.89
C VAL E 448 43.85 -36.59 8.63
N VAL E 449 44.27 -37.82 8.87
CA VAL E 449 43.54 -38.80 9.67
C VAL E 449 44.39 -39.03 10.92
N GLU E 450 44.07 -38.33 12.01
CA GLU E 450 44.89 -38.40 13.21
C GLU E 450 44.05 -38.38 14.46
N VAL E 451 44.51 -39.14 15.47
CA VAL E 451 43.90 -39.17 16.79
C VAL E 451 44.13 -37.82 17.45
N PRO E 452 43.08 -37.03 17.69
CA PRO E 452 43.29 -35.69 18.26
C PRO E 452 43.93 -35.77 19.64
N GLN E 453 44.85 -34.83 19.90
CA GLN E 453 45.51 -34.75 21.19
C GLN E 453 44.69 -33.98 22.22
N VAL E 454 43.60 -33.35 21.81
CA VAL E 454 42.78 -32.61 22.76
C VAL E 454 42.17 -33.57 23.77
N THR E 455 42.00 -33.09 25.00
CA THR E 455 41.47 -33.88 26.09
C THR E 455 40.36 -33.11 26.78
N TRP E 456 39.59 -33.81 27.61
CA TRP E 456 38.49 -33.18 28.33
C TRP E 456 38.97 -32.05 29.22
N GLU E 457 40.24 -32.06 29.61
CA GLU E 457 40.79 -31.00 30.45
C GLU E 457 40.70 -29.64 29.76
N ASP E 458 40.92 -29.61 28.43
CA ASP E 458 40.84 -28.34 27.71
C ASP E 458 39.47 -27.70 27.83
N ILE E 459 38.41 -28.50 27.92
CA ILE E 459 37.06 -27.98 28.07
C ILE E 459 36.69 -28.07 29.54
N GLY E 460 36.36 -26.93 30.13
CA GLY E 460 36.02 -26.88 31.54
C GLY E 460 34.55 -27.04 31.89
N GLY E 461 33.97 -28.19 31.62
CA GLY E 461 32.57 -28.36 31.97
C GLY E 461 31.80 -29.18 30.96
N LEU E 462 30.58 -28.76 30.65
CA LEU E 462 29.74 -29.50 29.71
C LEU E 462 29.59 -30.93 30.21
N GLU E 463 29.41 -31.07 31.52
CA GLU E 463 29.33 -32.40 32.13
C GLU E 463 28.14 -33.17 31.59
N ASP E 464 26.99 -32.52 31.45
CA ASP E 464 25.85 -33.22 30.85
C ASP E 464 26.16 -33.56 29.41
N VAL E 465 26.71 -32.60 28.66
CA VAL E 465 27.10 -32.84 27.27
C VAL E 465 28.22 -33.87 27.20
N LYS E 466 29.19 -33.77 28.11
CA LYS E 466 30.28 -34.73 28.11
C LYS E 466 29.78 -36.15 28.34
N ARG E 467 28.89 -36.31 29.32
CA ARG E 467 28.34 -37.64 29.59
C ARG E 467 27.50 -38.15 28.44
N GLU E 468 26.70 -37.27 27.83
CA GLU E 468 25.90 -37.70 26.69
C GLU E 468 26.78 -38.14 25.53
N LEU E 469 27.84 -37.38 25.24
CA LEU E 469 28.76 -37.76 24.16
C LEU E 469 29.44 -39.09 24.50
N GLN E 470 29.87 -39.24 25.75
CA GLN E 470 30.48 -40.48 26.18
C GLN E 470 29.53 -41.63 25.91
N GLU E 471 28.27 -41.46 26.30
CA GLU E 471 27.28 -42.50 26.05
C GLU E 471 27.24 -42.84 24.57
N LEU E 472 26.82 -41.86 23.77
CA LEU E 472 26.54 -42.12 22.35
C LEU E 472 27.73 -42.75 21.65
N VAL E 473 28.94 -42.28 21.91
CA VAL E 473 30.08 -42.80 21.16
C VAL E 473 30.71 -44.00 21.86
N GLN E 474 31.20 -43.80 23.09
CA GLN E 474 31.98 -44.81 23.77
C GLN E 474 31.16 -46.05 24.14
N TYR E 475 29.93 -45.89 24.65
CA TYR E 475 29.22 -47.07 25.16
C TYR E 475 29.03 -48.19 24.16
N PRO E 476 28.67 -47.96 22.89
CA PRO E 476 28.51 -49.09 21.97
C PRO E 476 29.76 -49.94 21.81
N VAL E 477 30.94 -49.34 21.89
CA VAL E 477 32.18 -50.08 21.69
C VAL E 477 32.73 -50.64 23.00
N GLU E 478 32.68 -49.87 24.08
CA GLU E 478 33.21 -50.38 25.33
C GLU E 478 32.36 -51.56 25.80
N HIS E 479 31.05 -51.48 25.63
CA HIS E 479 30.13 -52.53 26.05
C HIS E 479 29.19 -52.86 24.91
N PRO E 480 29.71 -53.38 23.79
CA PRO E 480 28.83 -53.78 22.68
C PRO E 480 27.87 -54.89 23.06
N ASP E 481 28.29 -55.78 23.97
CA ASP E 481 27.44 -56.90 24.37
C ASP E 481 26.15 -56.41 24.99
N LYS E 482 26.21 -55.38 25.82
CA LYS E 482 24.99 -54.91 26.49
C LYS E 482 24.07 -54.19 25.51
N PHE E 483 24.63 -53.52 24.51
CA PHE E 483 23.80 -52.96 23.45
C PHE E 483 23.11 -54.05 22.66
N LEU E 484 23.82 -55.15 22.37
CA LEU E 484 23.23 -56.27 21.65
C LEU E 484 22.16 -56.98 22.48
N LYS E 485 22.34 -57.03 23.79
CA LYS E 485 21.38 -57.74 24.64
C LYS E 485 19.99 -57.11 24.58
N PHE E 486 19.91 -55.79 24.61
CA PHE E 486 18.62 -55.12 24.56
C PHE E 486 18.10 -54.91 23.15
N GLY E 487 18.83 -55.34 22.14
CA GLY E 487 18.40 -55.18 20.76
C GLY E 487 18.22 -53.74 20.35
N MET E 488 19.12 -52.86 20.78
CA MET E 488 19.09 -51.45 20.45
C MET E 488 20.30 -51.09 19.61
N THR E 489 20.08 -50.39 18.50
CA THR E 489 21.20 -49.95 17.68
C THR E 489 21.54 -48.53 18.06
N PRO E 490 22.73 -48.27 18.57
CA PRO E 490 23.08 -46.90 18.98
C PRO E 490 23.12 -45.94 17.80
N SER E 491 22.71 -44.70 18.07
CA SER E 491 22.76 -43.67 17.05
C SER E 491 24.20 -43.40 16.64
N LYS E 492 24.42 -43.26 15.33
CA LYS E 492 25.76 -42.99 14.81
C LYS E 492 25.89 -41.57 14.27
N GLY E 493 25.05 -40.65 14.75
CA GLY E 493 25.13 -39.26 14.33
C GLY E 493 24.73 -38.31 15.43
N VAL E 494 25.52 -37.26 15.64
CA VAL E 494 25.25 -36.24 16.65
C VAL E 494 25.47 -34.87 16.02
N LEU E 495 24.54 -33.95 16.26
CA LEU E 495 24.62 -32.60 15.69
C LEU E 495 24.76 -31.59 16.82
N PHE E 496 25.93 -30.97 16.92
CA PHE E 496 26.16 -29.90 17.88
C PHE E 496 25.64 -28.58 17.35
N TYR E 497 24.83 -27.89 18.14
CA TYR E 497 24.32 -26.57 17.79
C TYR E 497 24.59 -25.62 18.95
N GLY E 498 25.01 -24.40 18.63
CA GLY E 498 25.33 -23.42 19.63
C GLY E 498 26.01 -22.20 19.05
N PRO E 499 26.25 -21.18 19.90
CA PRO E 499 26.88 -19.97 19.40
C PRO E 499 28.33 -20.22 19.01
N PRO E 500 28.87 -19.41 18.10
CA PRO E 500 30.26 -19.62 17.66
C PRO E 500 31.23 -19.47 18.82
N GLY E 501 32.33 -20.22 18.74
CA GLY E 501 33.40 -20.08 19.71
C GLY E 501 33.17 -20.74 21.05
N CYS E 502 32.19 -21.64 21.16
CA CYS E 502 31.91 -22.28 22.43
C CYS E 502 32.63 -23.61 22.62
N GLY E 503 33.35 -24.10 21.60
CA GLY E 503 34.09 -25.32 21.74
C GLY E 503 33.51 -26.58 21.13
N LYS E 504 32.66 -26.46 20.10
CA LYS E 504 32.11 -27.66 19.49
C LYS E 504 33.19 -28.49 18.81
N THR E 505 34.09 -27.85 18.06
CA THR E 505 35.17 -28.59 17.43
C THR E 505 36.06 -29.23 18.49
N LEU E 506 36.36 -28.48 19.56
CA LEU E 506 37.16 -29.03 20.63
C LEU E 506 36.44 -30.18 21.32
N LEU E 507 35.13 -30.07 21.51
CA LEU E 507 34.39 -31.16 22.13
C LEU E 507 34.46 -32.42 21.27
N ALA E 508 34.31 -32.26 19.95
CA ALA E 508 34.41 -33.41 19.06
C ALA E 508 35.80 -34.03 19.12
N LYS E 509 36.84 -33.20 19.15
CA LYS E 509 38.20 -33.73 19.26
C LYS E 509 38.38 -34.47 20.58
N ALA E 510 37.84 -33.92 21.67
CA ALA E 510 37.98 -34.56 22.98
C ALA E 510 37.27 -35.92 22.99
N ILE E 511 36.06 -35.98 22.43
CA ILE E 511 35.33 -37.24 22.43
C ILE E 511 36.07 -38.26 21.58
N ALA E 512 36.65 -37.83 20.46
CA ALA E 512 37.45 -38.75 19.65
C ALA E 512 38.66 -39.24 20.42
N ASN E 513 39.31 -38.34 21.17
CA ASN E 513 40.50 -38.71 21.93
C ASN E 513 40.17 -39.72 23.02
N GLU E 514 39.04 -39.54 23.70
CA GLU E 514 38.68 -40.45 24.78
C GLU E 514 38.51 -41.88 24.26
N CYS E 515 37.88 -42.04 23.10
CA CYS E 515 37.72 -43.35 22.49
C CYS E 515 38.97 -43.79 21.74
N GLN E 516 39.99 -42.94 21.63
CA GLN E 516 41.22 -43.27 20.91
C GLN E 516 40.93 -43.69 19.47
N ALA E 517 40.02 -42.97 18.83
CA ALA E 517 39.63 -43.22 17.46
C ALA E 517 40.08 -42.08 16.55
N ASN E 518 40.41 -42.41 15.31
CA ASN E 518 40.88 -41.40 14.37
C ASN E 518 39.81 -40.33 14.19
N PHE E 519 40.26 -39.10 13.98
CA PHE E 519 39.37 -37.96 13.83
C PHE E 519 39.58 -37.31 12.46
N ILE E 520 38.51 -37.16 11.71
CA ILE E 520 38.52 -36.50 10.41
C ILE E 520 37.61 -35.29 10.50
N SER E 521 38.12 -34.13 10.15
CA SER E 521 37.36 -32.89 10.23
C SER E 521 37.15 -32.31 8.84
N ILE E 522 35.88 -32.10 8.48
CA ILE E 522 35.53 -31.50 7.20
C ILE E 522 35.03 -30.09 7.45
N LYS E 523 35.91 -29.10 7.37
CA LYS E 523 35.47 -27.74 7.64
C LYS E 523 34.57 -27.23 6.52
N GLY E 524 33.94 -26.08 6.78
CA GLY E 524 33.05 -25.44 5.85
C GLY E 524 33.66 -25.06 4.53
N PRO E 525 34.89 -24.56 4.49
CA PRO E 525 35.49 -24.25 3.19
C PRO E 525 35.47 -25.44 2.24
N GLU E 526 35.73 -26.65 2.73
CA GLU E 526 35.72 -27.81 1.85
C GLU E 526 34.33 -28.05 1.26
N LEU E 527 33.29 -27.95 2.10
CA LEU E 527 31.93 -28.13 1.61
C LEU E 527 31.57 -27.05 0.59
N LEU E 528 31.96 -25.81 0.87
CA LEU E 528 31.68 -24.72 -0.06
C LEU E 528 32.41 -24.94 -1.38
N THR E 529 33.64 -25.46 -1.33
CA THR E 529 34.36 -25.75 -2.55
C THR E 529 33.65 -26.84 -3.36
N MET E 530 33.18 -27.89 -2.69
CA MET E 530 32.46 -28.94 -3.39
C MET E 530 31.16 -28.42 -4.00
N TRP E 531 30.51 -27.48 -3.30
CA TRP E 531 29.25 -26.93 -3.80
C TRP E 531 29.46 -25.99 -4.98
N PHE E 532 30.44 -25.08 -4.87
CA PHE E 532 30.70 -24.15 -5.96
C PHE E 532 31.20 -24.89 -7.20
N GLY E 533 32.07 -25.86 -7.02
CA GLY E 533 32.60 -26.63 -8.12
C GLY E 533 31.68 -27.69 -8.67
N GLU E 534 30.52 -27.89 -8.04
CA GLU E 534 29.55 -28.90 -8.48
C GLU E 534 30.21 -30.28 -8.53
N SER E 535 31.08 -30.55 -7.56
CA SER E 535 31.79 -31.83 -7.44
C SER E 535 31.46 -32.44 -6.09
N GLU E 536 30.34 -33.14 -6.01
CA GLU E 536 29.94 -33.81 -4.77
C GLU E 536 30.45 -35.24 -4.67
N ALA E 537 31.11 -35.77 -5.71
CA ALA E 537 31.67 -37.11 -5.58
C ALA E 537 32.78 -37.14 -4.54
N ASN E 538 33.28 -35.97 -4.13
CA ASN E 538 34.30 -35.93 -3.10
C ASN E 538 33.73 -36.42 -1.79
N VAL E 539 32.40 -36.29 -1.60
CA VAL E 539 31.79 -36.81 -0.39
C VAL E 539 31.96 -38.31 -0.33
N ARG E 540 31.80 -38.98 -1.48
CA ARG E 540 32.01 -40.42 -1.52
C ARG E 540 33.45 -40.76 -1.14
N GLU E 541 34.41 -40.00 -1.66
CA GLU E 541 35.80 -40.26 -1.32
C GLU E 541 36.07 -40.02 0.17
N ILE E 542 35.50 -38.94 0.72
CA ILE E 542 35.68 -38.63 2.13
C ILE E 542 35.11 -39.74 3.01
N PHE E 543 33.91 -40.22 2.68
CA PHE E 543 33.32 -41.29 3.47
C PHE E 543 34.13 -42.58 3.35
N ASP E 544 34.64 -42.88 2.16
CA ASP E 544 35.49 -44.07 2.02
C ASP E 544 36.75 -43.94 2.86
N LYS E 545 37.37 -42.76 2.88
CA LYS E 545 38.54 -42.55 3.71
C LYS E 545 38.22 -42.72 5.19
N ALA E 546 37.07 -42.18 5.62
CA ALA E 546 36.66 -42.35 7.01
C ALA E 546 36.43 -43.82 7.33
N ARG E 547 35.84 -44.55 6.38
CA ARG E 547 35.60 -45.98 6.59
C ARG E 547 36.91 -46.74 6.74
N GLN E 548 37.92 -46.41 5.92
CA GLN E 548 39.19 -47.11 6.01
C GLN E 548 39.87 -46.88 7.36
N ALA E 549 39.78 -45.65 7.89
CA ALA E 549 40.43 -45.31 9.15
C ALA E 549 39.45 -45.50 10.32
N ALA E 550 39.14 -46.77 10.59
CA ALA E 550 38.21 -47.07 11.66
C ALA E 550 38.95 -47.63 12.86
N PRO E 551 38.60 -47.20 14.09
CA PRO E 551 37.48 -46.34 14.48
C PRO E 551 37.76 -44.87 14.20
N CYS E 552 36.77 -44.14 13.67
CA CYS E 552 36.96 -42.74 13.32
C CYS E 552 35.73 -41.95 13.71
N VAL E 553 35.93 -40.65 13.88
CA VAL E 553 34.86 -39.71 14.20
C VAL E 553 34.82 -38.70 13.06
N LEU E 554 33.94 -38.93 12.08
CA LEU E 554 33.83 -38.04 10.93
C LEU E 554 33.02 -36.82 11.36
N PHE E 555 33.71 -35.68 11.50
CA PHE E 555 33.10 -34.45 11.97
C PHE E 555 32.91 -33.50 10.80
N PHE E 556 31.67 -33.03 10.61
CA PHE E 556 31.36 -32.06 9.55
C PHE E 556 31.19 -30.71 10.24
N ASP E 557 32.31 -30.01 10.39
CA ASP E 557 32.30 -28.72 11.05
C ASP E 557 31.56 -27.67 10.23
N GLU E 558 30.73 -26.87 10.92
CA GLU E 558 30.02 -25.77 10.28
C GLU E 558 29.30 -26.24 9.00
N LEU E 559 28.47 -27.27 9.19
CA LEU E 559 27.69 -27.88 8.12
C LEU E 559 26.66 -26.95 7.50
N ASP E 560 26.31 -25.85 8.15
CA ASP E 560 25.30 -24.92 7.63
C ASP E 560 25.88 -23.93 6.63
N SER E 561 27.15 -24.06 6.26
CA SER E 561 27.79 -23.09 5.39
C SER E 561 27.08 -22.97 4.04
N ILE E 562 26.67 -24.09 3.44
CA ILE E 562 26.01 -24.03 2.14
C ILE E 562 24.68 -23.29 2.23
N ALA E 563 23.92 -23.53 3.30
CA ALA E 563 22.65 -22.83 3.46
C ALA E 563 22.88 -21.33 3.57
N LYS E 564 23.90 -20.93 4.33
CA LYS E 564 24.21 -19.51 4.44
C LYS E 564 24.62 -18.94 3.09
N ALA E 565 25.42 -19.71 2.33
CA ALA E 565 25.87 -19.25 1.03
C ALA E 565 24.69 -19.03 0.09
N ARG E 566 23.66 -19.87 0.20
CA ARG E 566 22.49 -19.67 -0.65
C ARG E 566 21.50 -18.66 -0.08
N GLY E 567 21.72 -18.19 1.15
CA GLY E 567 20.82 -17.24 1.78
C GLY E 567 20.64 -17.49 3.26
N GLY E 568 19.39 -17.67 3.68
CA GLY E 568 19.07 -17.93 5.07
C GLY E 568 17.82 -17.20 5.53
N ASN E 569 17.62 -15.98 5.04
CA ASN E 569 16.39 -15.25 5.31
C ASN E 569 15.38 -15.41 4.18
N ILE E 570 15.82 -15.19 2.95
CA ILE E 570 15.03 -15.48 1.75
C ILE E 570 15.63 -16.64 0.97
N GLY E 571 16.93 -16.58 0.71
CA GLY E 571 17.69 -17.59 0.02
C GLY E 571 17.23 -17.79 -1.42
N ASP E 572 17.54 -18.98 -1.93
CA ASP E 572 17.12 -19.37 -3.26
C ASP E 572 15.62 -19.64 -3.28
N GLY E 573 15.07 -19.75 -4.50
CA GLY E 573 13.66 -20.08 -4.63
C GLY E 573 13.35 -21.49 -4.17
N GLY E 574 14.31 -22.41 -4.28
CA GLY E 574 14.11 -23.78 -3.89
C GLY E 574 14.19 -23.96 -2.37
N GLY E 575 14.02 -25.20 -1.96
CA GLY E 575 14.05 -25.53 -0.54
C GLY E 575 15.45 -25.64 0.02
N ALA E 576 15.55 -26.27 1.19
CA ALA E 576 16.83 -26.41 1.87
C ALA E 576 17.75 -27.43 1.22
N ALA E 577 17.22 -28.31 0.38
CA ALA E 577 18.04 -29.34 -0.24
C ALA E 577 19.09 -28.75 -1.16
N ASP E 578 20.31 -29.28 -1.08
CA ASP E 578 21.42 -28.86 -1.91
C ASP E 578 22.22 -30.10 -2.30
N ARG E 579 23.11 -29.94 -3.27
CA ARG E 579 23.85 -31.08 -3.81
C ARG E 579 24.73 -31.73 -2.74
N VAL E 580 25.50 -30.93 -2.02
CA VAL E 580 26.45 -31.49 -1.06
C VAL E 580 25.75 -32.17 0.09
N ILE E 581 24.71 -31.55 0.64
CA ILE E 581 23.97 -32.18 1.74
C ILE E 581 23.27 -33.44 1.25
N ASN E 582 22.75 -33.43 0.03
CA ASN E 582 22.11 -34.62 -0.50
C ASN E 582 23.12 -35.76 -0.62
N GLN E 583 24.34 -35.47 -1.10
CA GLN E 583 25.35 -36.51 -1.19
C GLN E 583 25.74 -37.01 0.20
N ILE E 584 25.82 -36.11 1.17
CA ILE E 584 26.14 -36.52 2.53
C ILE E 584 25.06 -37.43 3.07
N LEU E 585 23.80 -37.09 2.82
CA LEU E 585 22.69 -37.94 3.25
C LEU E 585 22.75 -39.30 2.57
N THR E 586 23.07 -39.33 1.29
CA THR E 586 23.16 -40.61 0.58
C THR E 586 24.27 -41.47 1.18
N GLU E 587 25.41 -40.86 1.49
CA GLU E 587 26.51 -41.62 2.06
C GLU E 587 26.16 -42.12 3.46
N MET E 588 25.50 -41.28 4.26
CA MET E 588 25.09 -41.71 5.59
C MET E 588 24.07 -42.84 5.51
N ASP E 589 23.10 -42.73 4.61
CA ASP E 589 22.12 -43.80 4.43
C ASP E 589 22.80 -45.09 4.01
N GLY E 590 23.85 -44.98 3.19
CA GLY E 590 24.58 -46.15 2.76
C GLY E 590 25.66 -46.53 3.73
N MET E 591 25.77 -45.78 4.82
CA MET E 591 26.75 -46.00 5.86
C MET E 591 26.12 -46.88 6.93
N SER E 592 26.66 -46.86 8.14
CA SER E 592 26.20 -47.69 9.25
C SER E 592 26.64 -49.13 9.05
N THR E 593 26.97 -49.50 7.81
CA THR E 593 27.45 -50.85 7.56
C THR E 593 28.77 -51.07 8.27
N LYS E 594 29.62 -50.05 8.24
CA LYS E 594 30.98 -50.12 8.79
C LYS E 594 30.98 -50.28 10.31
N LYS E 595 29.96 -49.77 11.00
CA LYS E 595 29.83 -49.99 12.43
C LYS E 595 30.88 -49.21 13.20
N ASN E 596 31.74 -48.46 12.54
CA ASN E 596 32.80 -47.71 13.22
C ASN E 596 32.75 -46.22 12.98
N VAL E 597 32.45 -45.76 11.77
CA VAL E 597 32.44 -44.33 11.52
C VAL E 597 31.28 -43.68 12.28
N PHE E 598 31.56 -42.57 12.94
CA PHE E 598 30.58 -41.82 13.72
C PHE E 598 30.55 -40.39 13.19
N ILE E 599 29.39 -39.93 12.77
CA ILE E 599 29.24 -38.60 12.17
C ILE E 599 28.85 -37.59 13.24
N ILE E 600 29.62 -36.52 13.34
CA ILE E 600 29.36 -35.42 14.26
C ILE E 600 29.21 -34.15 13.43
N GLY E 601 28.12 -33.43 13.64
CA GLY E 601 27.87 -32.19 12.91
C GLY E 601 27.76 -31.00 13.84
N ALA E 602 28.41 -29.91 13.45
CA ALA E 602 28.40 -28.66 14.20
C ALA E 602 27.82 -27.57 13.31
N THR E 603 26.89 -26.79 13.86
CA THR E 603 26.23 -25.74 13.09
C THR E 603 25.85 -24.59 14.02
N ASN E 604 26.20 -23.37 13.61
CA ASN E 604 25.84 -22.18 14.36
C ASN E 604 24.48 -21.62 13.94
N ARG E 605 23.84 -22.19 12.92
CA ARG E 605 22.53 -21.73 12.46
C ARG E 605 21.62 -22.94 12.31
N PRO E 606 21.14 -23.49 13.43
CA PRO E 606 20.28 -24.68 13.35
C PRO E 606 18.98 -24.43 12.59
N ASP E 607 18.48 -23.20 12.57
CA ASP E 607 17.23 -22.91 11.89
C ASP E 607 17.32 -23.19 10.39
N ILE E 608 18.45 -22.85 9.76
CA ILE E 608 18.58 -23.02 8.31
C ILE E 608 19.07 -24.40 7.91
N ILE E 609 19.46 -25.26 8.85
CA ILE E 609 19.95 -26.58 8.49
C ILE E 609 18.81 -27.39 7.87
N ASP E 610 19.15 -28.21 6.89
CA ASP E 610 18.15 -29.02 6.21
C ASP E 610 17.49 -29.97 7.21
N PRO E 611 16.15 -30.05 7.24
CA PRO E 611 15.49 -30.97 8.18
C PRO E 611 15.83 -32.43 7.93
N ALA E 612 16.12 -32.80 6.68
CA ALA E 612 16.42 -34.20 6.38
C ALA E 612 17.65 -34.68 7.15
N ILE E 613 18.55 -33.75 7.49
CA ILE E 613 19.74 -34.10 8.27
C ILE E 613 19.37 -34.67 9.63
N LEU E 614 18.23 -34.26 10.18
CA LEU E 614 17.85 -34.65 11.53
C LEU E 614 16.94 -35.87 11.58
N ARG E 615 16.59 -36.47 10.45
CA ARG E 615 15.72 -37.63 10.44
C ARG E 615 16.45 -38.83 11.04
N PRO E 616 15.71 -39.82 11.53
CA PRO E 616 16.36 -41.00 12.12
C PRO E 616 17.27 -41.68 11.11
N GLY E 617 18.39 -42.20 11.61
CA GLY E 617 19.43 -42.74 10.76
C GLY E 617 20.43 -41.71 10.31
N ARG E 618 20.19 -40.44 10.63
CA ARG E 618 21.05 -39.31 10.34
C ARG E 618 21.46 -38.66 11.65
N LEU E 619 21.95 -37.42 11.60
CA LEU E 619 22.36 -36.73 12.81
C LEU E 619 21.13 -36.29 13.59
N ASP E 620 20.49 -37.27 14.24
CA ASP E 620 19.24 -37.03 14.97
C ASP E 620 19.50 -36.53 16.38
N GLN E 621 20.55 -37.02 17.05
CA GLN E 621 20.84 -36.61 18.41
C GLN E 621 21.37 -35.18 18.40
N LEU E 622 20.49 -34.22 18.66
CA LEU E 622 20.87 -32.82 18.72
C LEU E 622 21.37 -32.47 20.10
N ILE E 623 22.58 -31.91 20.17
CA ILE E 623 23.20 -31.51 21.43
C ILE E 623 23.46 -30.02 21.37
N TYR E 624 23.03 -29.31 22.41
CA TYR E 624 23.19 -27.86 22.48
C TYR E 624 24.41 -27.53 23.34
N ILE E 625 25.32 -26.73 22.79
CA ILE E 625 26.51 -26.29 23.50
C ILE E 625 26.28 -24.85 23.94
N PRO E 626 26.07 -24.60 25.23
CA PRO E 626 25.80 -23.22 25.69
C PRO E 626 27.11 -22.47 25.93
N LEU E 627 26.96 -21.18 26.18
CA LEU E 627 28.11 -20.36 26.49
C LEU E 627 28.78 -20.88 27.76
N PRO E 628 30.11 -20.87 27.84
CA PRO E 628 30.78 -21.45 29.00
C PRO E 628 30.36 -20.74 30.28
N ASP E 629 30.21 -21.53 31.34
CA ASP E 629 29.86 -20.99 32.64
C ASP E 629 31.11 -20.39 33.30
N GLU E 630 30.95 -19.93 34.55
CA GLU E 630 32.07 -19.33 35.27
C GLU E 630 33.19 -20.35 35.44
N LYS E 631 32.85 -21.56 35.89
CA LYS E 631 33.85 -22.61 36.05
C LYS E 631 34.40 -23.01 34.68
N SER E 632 33.52 -23.11 33.68
CA SER E 632 33.96 -23.43 32.33
C SER E 632 34.90 -22.34 31.81
N ARG E 633 34.55 -21.08 32.08
CA ARG E 633 35.39 -19.97 31.66
C ARG E 633 36.76 -20.03 32.33
N VAL E 634 36.80 -20.41 33.61
CA VAL E 634 38.08 -20.54 34.30
C VAL E 634 38.92 -21.62 33.62
N ALA E 635 38.29 -22.75 33.29
CA ALA E 635 39.02 -23.82 32.64
C ALA E 635 39.53 -23.40 31.27
N ILE E 636 38.71 -22.66 30.51
CA ILE E 636 39.13 -22.20 29.19
C ILE E 636 40.31 -21.26 29.32
N LEU E 637 40.28 -20.35 30.29
CA LEU E 637 41.39 -19.44 30.49
C LEU E 637 42.65 -20.20 30.84
N LYS E 638 42.53 -21.20 31.72
CA LYS E 638 43.69 -21.99 32.10
C LYS E 638 44.28 -22.72 30.89
N ALA E 639 43.41 -23.31 30.07
CA ALA E 639 43.89 -24.02 28.88
C ALA E 639 44.58 -23.08 27.90
N ASN E 640 44.01 -21.89 27.69
CA ASN E 640 44.63 -20.94 26.78
C ASN E 640 45.96 -20.44 27.31
N LEU E 641 46.10 -20.30 28.63
CA LEU E 641 47.29 -19.74 29.24
C LEU E 641 48.24 -20.79 29.81
N ARG E 642 48.01 -22.06 29.51
CA ARG E 642 48.88 -23.10 30.05
C ARG E 642 50.30 -22.94 29.55
N LYS E 643 50.48 -22.69 28.26
CA LYS E 643 51.82 -22.55 27.70
C LYS E 643 52.48 -21.24 28.11
N SER E 644 51.72 -20.15 28.13
CA SER E 644 52.30 -18.85 28.43
C SER E 644 52.71 -18.76 29.90
N PRO E 645 53.83 -18.09 30.20
CA PRO E 645 54.22 -17.88 31.59
C PRO E 645 53.31 -16.86 32.27
N VAL E 646 52.45 -17.32 33.18
CA VAL E 646 51.50 -16.45 33.85
C VAL E 646 51.87 -16.36 35.32
N ALA E 647 52.04 -15.12 35.81
CA ALA E 647 52.38 -14.90 37.20
C ALA E 647 51.24 -15.32 38.11
N LYS E 648 51.59 -15.93 39.24
CA LYS E 648 50.57 -16.36 40.20
C LYS E 648 49.78 -15.20 40.76
N ASP E 649 50.30 -13.97 40.66
CA ASP E 649 49.60 -12.81 41.21
C ASP E 649 48.26 -12.61 40.51
N VAL E 650 48.22 -12.78 39.19
CA VAL E 650 47.00 -12.57 38.43
C VAL E 650 46.03 -13.70 38.73
N ASP E 651 44.93 -13.36 39.40
CA ASP E 651 43.90 -14.34 39.75
C ASP E 651 43.05 -14.66 38.53
N LEU E 652 42.97 -15.94 38.18
CA LEU E 652 42.21 -16.35 37.00
C LEU E 652 40.73 -16.55 37.29
N GLU E 653 40.39 -17.01 38.50
CA GLU E 653 38.97 -17.21 38.82
C GLU E 653 38.24 -15.87 38.79
N PHE E 654 38.87 -14.82 39.30
CA PHE E 654 38.25 -13.51 39.29
C PHE E 654 38.01 -13.04 37.87
N LEU E 655 38.99 -13.24 36.98
CA LEU E 655 38.83 -12.84 35.59
C LEU E 655 37.70 -13.63 34.93
N ALA E 656 37.63 -14.93 35.18
CA ALA E 656 36.58 -15.74 34.56
C ALA E 656 35.21 -15.28 35.04
N LYS E 657 35.08 -15.01 36.35
CA LYS E 657 33.81 -14.59 36.91
C LYS E 657 33.42 -13.21 36.40
N MET E 658 34.43 -12.35 36.20
CA MET E 658 34.19 -11.00 35.73
C MET E 658 33.56 -11.04 34.34
N THR E 659 34.01 -11.95 33.48
CA THR E 659 33.49 -12.10 32.12
C THR E 659 32.11 -12.74 32.21
N ASN E 660 31.06 -11.91 32.20
CA ASN E 660 29.72 -12.43 32.42
C ASN E 660 29.27 -13.37 31.32
N GLY E 661 29.46 -12.98 30.05
CA GLY E 661 29.03 -13.81 28.94
C GLY E 661 30.04 -14.00 27.82
N PHE E 662 31.33 -13.96 28.14
CA PHE E 662 32.34 -14.15 27.11
C PHE E 662 32.36 -15.58 26.60
N SER E 663 32.47 -15.72 25.29
CA SER E 663 32.57 -17.02 24.65
C SER E 663 34.01 -17.51 24.72
N GLY E 664 34.21 -18.78 24.36
CA GLY E 664 35.55 -19.32 24.36
C GLY E 664 36.48 -18.53 23.46
N ALA E 665 35.96 -18.11 22.30
CA ALA E 665 36.77 -17.30 21.40
C ALA E 665 37.12 -15.97 22.04
N ASP E 666 36.17 -15.36 22.76
CA ASP E 666 36.44 -14.08 23.41
C ASP E 666 37.54 -14.24 24.46
N LEU E 667 37.47 -15.31 25.25
CA LEU E 667 38.51 -15.54 26.26
C LEU E 667 39.85 -15.78 25.60
N THR E 668 39.86 -16.52 24.49
CA THR E 668 41.11 -16.73 23.77
C THR E 668 41.67 -15.41 23.26
N GLU E 669 40.81 -14.55 22.75
CA GLU E 669 41.26 -13.24 22.27
C GLU E 669 41.85 -12.41 23.40
N ILE E 670 41.21 -12.45 24.57
CA ILE E 670 41.73 -11.69 25.71
C ILE E 670 43.11 -12.21 26.09
N CYS E 671 43.27 -13.53 26.16
CA CYS E 671 44.57 -14.10 26.51
C CYS E 671 45.63 -13.74 25.47
N GLN E 672 45.27 -13.82 24.18
CA GLN E 672 46.23 -13.49 23.13
C GLN E 672 46.62 -12.03 23.19
N ARG E 673 45.66 -11.14 23.47
CA ARG E 673 45.99 -9.72 23.57
C ARG E 673 46.90 -9.46 24.76
N ALA E 674 46.65 -10.12 25.88
CA ALA E 674 47.53 -9.95 27.03
C ALA E 674 48.94 -10.42 26.71
N CYS E 675 49.06 -11.57 26.03
CA CYS E 675 50.38 -12.06 25.65
C CYS E 675 51.06 -11.10 24.69
N LYS E 676 50.30 -10.54 23.75
CA LYS E 676 50.86 -9.58 22.80
C LYS E 676 51.37 -8.34 23.51
N LEU E 677 50.60 -7.84 24.49
CA LEU E 677 51.04 -6.67 25.24
C LEU E 677 52.32 -6.97 26.00
N ALA E 678 52.39 -8.15 26.62
CA ALA E 678 53.60 -8.52 27.35
C ALA E 678 54.79 -8.62 26.42
N ILE E 679 54.59 -9.22 25.23
CA ILE E 679 55.69 -9.38 24.28
C ILE E 679 56.18 -8.02 23.80
N ARG E 680 55.25 -7.11 23.49
CA ARG E 680 55.66 -5.79 23.03
C ARG E 680 56.42 -5.05 24.12
N GLU E 681 55.93 -5.11 25.36
CA GLU E 681 56.61 -4.43 26.45
C GLU E 681 58.01 -4.99 26.66
N SER E 682 58.14 -6.32 26.63
CA SER E 682 59.46 -6.93 26.82
C SER E 682 60.42 -6.54 25.70
N ILE E 683 59.93 -6.56 24.44
CA ILE E 683 60.80 -6.20 23.33
C ILE E 683 61.24 -4.75 23.44
N GLU E 684 60.31 -3.84 23.70
CA GLU E 684 60.66 -2.42 23.79
C GLU E 684 61.64 -2.18 24.92
N SER E 685 61.38 -2.75 26.09
CA SER E 685 62.27 -2.58 27.23
C SER E 685 63.68 -3.12 26.98
N GLU E 686 63.83 -4.36 26.51
CA GLU E 686 65.18 -4.86 26.27
C GLU E 686 65.86 -4.07 25.17
N ILE E 687 65.11 -3.58 24.18
CA ILE E 687 65.71 -2.75 23.12
C ILE E 687 66.27 -1.47 23.72
N ARG E 688 65.50 -0.80 24.59
CA ARG E 688 66.02 0.42 25.20
C ARG E 688 67.24 0.10 26.03
N ARG E 689 67.17 -0.97 26.81
CA ARG E 689 68.26 -1.34 27.70
C ARG E 689 69.51 -1.59 26.88
N GLU E 690 69.35 -2.13 25.67
CA GLU E 690 70.51 -2.30 24.80
C GLU E 690 71.01 -0.95 24.34
N ARG E 691 70.13 0.05 24.15
CA ARG E 691 70.68 1.35 23.76
C ARG E 691 71.55 1.87 24.87
N GLU E 692 71.12 1.67 26.13
CA GLU E 692 71.94 2.19 27.23
C GLU E 692 73.33 1.63 27.17
N ARG E 693 73.41 0.33 27.00
CA ARG E 693 74.71 -0.25 26.96
C ARG E 693 75.50 0.38 25.83
N GLN E 694 74.85 0.58 24.68
CA GLN E 694 75.58 1.14 23.55
C GLN E 694 75.89 2.62 23.76
N THR E 695 74.92 3.39 24.27
CA THR E 695 75.15 4.81 24.50
C THR E 695 76.17 5.04 25.61
N ASN E 696 76.01 4.33 26.73
CA ASN E 696 76.87 4.48 27.89
C ASN E 696 77.50 3.13 28.22
N PRO E 697 78.57 2.73 27.51
CA PRO E 697 79.23 1.46 27.83
C PRO E 697 79.62 1.32 29.30
N SER E 698 78.95 0.42 30.00
CA SER E 698 79.24 0.17 31.41
C SER E 698 80.57 -0.56 31.57
N ALA E 699 81.30 -0.26 32.64
CA ALA E 699 82.62 -0.86 32.83
C ALA E 699 82.53 -2.35 33.14
N MET E 700 81.49 -2.76 33.86
CA MET E 700 81.30 -4.17 34.19
C MET E 700 79.97 -4.68 33.64
N GLU E 701 80.03 -5.76 32.86
CA GLU E 701 78.81 -6.30 32.27
C GLU E 701 78.05 -7.14 33.29
N VAL E 702 76.84 -6.72 33.62
CA VAL E 702 76.02 -7.48 34.57
C VAL E 702 74.54 -7.46 34.17
N GLU E 703 74.15 -8.34 33.25
CA GLU E 703 72.76 -8.40 32.80
C GLU E 703 71.81 -8.74 33.95
N GLU E 704 70.72 -7.98 34.09
CA GLU E 704 69.76 -8.19 35.17
C GLU E 704 68.70 -9.19 34.72
N ASP E 705 68.91 -9.86 33.59
CA ASP E 705 67.99 -10.87 33.08
C ASP E 705 66.82 -10.19 32.35
N ASP E 706 65.64 -10.80 32.35
CA ASP E 706 64.52 -10.19 31.63
C ASP E 706 63.72 -9.23 32.50
N PRO E 707 63.45 -8.01 32.01
CA PRO E 707 62.64 -7.06 32.78
C PRO E 707 61.20 -7.50 32.98
N VAL E 708 60.68 -8.33 32.09
CA VAL E 708 59.34 -8.91 32.22
C VAL E 708 59.41 -10.40 31.89
N PRO E 709 59.63 -11.24 32.90
CA PRO E 709 59.80 -12.68 32.66
C PRO E 709 58.49 -13.45 32.54
N GLU E 710 57.38 -12.89 33.03
CA GLU E 710 56.10 -13.58 33.00
C GLU E 710 54.98 -12.54 32.92
N ILE E 711 53.80 -13.00 32.50
CA ILE E 711 52.65 -12.12 32.31
C ILE E 711 52.11 -11.69 33.67
N ARG E 712 51.92 -10.38 33.85
CA ARG E 712 51.57 -9.79 35.14
C ARG E 712 50.12 -9.28 35.15
N ARG E 713 49.71 -8.79 36.32
CA ARG E 713 48.35 -8.25 36.46
C ARG E 713 48.09 -7.07 35.52
N ASP E 714 49.06 -6.16 35.37
CA ASP E 714 48.82 -4.97 34.53
C ASP E 714 48.60 -5.35 33.07
N HIS E 715 49.34 -6.35 32.58
CA HIS E 715 49.12 -6.81 31.21
C HIS E 715 47.70 -7.31 31.02
N PHE E 716 47.22 -8.12 31.96
CA PHE E 716 45.87 -8.65 31.86
C PHE E 716 44.82 -7.57 32.01
N GLU E 717 45.07 -6.57 32.86
CA GLU E 717 44.12 -5.47 32.98
C GLU E 717 44.02 -4.67 31.68
N GLU E 718 45.17 -4.36 31.07
CA GLU E 718 45.14 -3.64 29.80
C GLU E 718 44.46 -4.47 28.72
N ALA E 719 44.74 -5.78 28.67
CA ALA E 719 44.08 -6.65 27.69
C ALA E 719 42.58 -6.71 27.91
N MET E 720 42.15 -6.88 29.16
CA MET E 720 40.72 -6.92 29.46
C MET E 720 40.05 -5.59 29.14
N ARG E 721 40.82 -4.49 29.20
CA ARG E 721 40.27 -3.20 28.80
C ARG E 721 39.65 -3.30 27.41
N PHE E 722 40.24 -4.10 26.53
CA PHE E 722 39.74 -4.32 25.18
C PHE E 722 38.90 -5.59 25.06
N ALA E 723 38.52 -6.20 26.19
CA ALA E 723 37.71 -7.40 26.10
C ALA E 723 36.36 -7.06 25.47
N ARG E 724 35.82 -8.00 24.69
CA ARG E 724 34.57 -7.77 23.99
C ARG E 724 33.75 -9.05 23.96
N ARG E 725 32.42 -8.90 23.95
CA ARG E 725 31.51 -10.04 23.81
C ARG E 725 31.13 -10.24 22.34
N SER E 726 31.74 -11.22 21.69
CA SER E 726 31.43 -11.48 20.29
C SER E 726 29.99 -11.92 20.08
N VAL E 727 29.47 -12.74 20.98
CA VAL E 727 28.13 -13.32 20.85
C VAL E 727 27.09 -12.45 21.56
N SER E 728 26.20 -11.84 20.79
CA SER E 728 25.13 -11.03 21.36
C SER E 728 24.06 -11.92 22.01
N ASP E 729 23.26 -11.32 22.88
CA ASP E 729 22.20 -12.05 23.58
C ASP E 729 21.01 -12.39 22.68
N ASN E 730 20.87 -11.72 21.53
CA ASN E 730 19.75 -12.04 20.65
C ASN E 730 19.95 -13.36 19.93
N ASP E 731 21.20 -13.66 19.55
CA ASP E 731 21.41 -14.94 18.89
C ASP E 731 21.36 -16.07 19.90
N ILE E 732 21.76 -15.82 21.15
CA ILE E 732 21.54 -16.79 22.20
C ILE E 732 20.06 -16.99 22.42
N ARG E 733 19.26 -15.94 22.27
CA ARG E 733 17.82 -16.10 22.39
C ARG E 733 17.26 -16.99 21.30
N LYS E 734 17.76 -16.83 20.06
CA LYS E 734 17.31 -17.72 18.99
C LYS E 734 17.69 -19.17 19.26
N TYR E 735 18.91 -19.40 19.78
CA TYR E 735 19.29 -20.77 20.11
C TYR E 735 18.41 -21.34 21.21
N GLU E 736 18.08 -20.52 22.21
CA GLU E 736 17.17 -20.97 23.26
C GLU E 736 15.79 -21.30 22.67
N MET E 737 15.36 -20.51 21.69
CA MET E 737 14.10 -20.81 21.02
C MET E 737 14.15 -22.18 20.35
N PHE E 738 15.18 -22.44 19.56
CA PHE E 738 15.26 -23.75 18.89
C PHE E 738 15.33 -24.87 19.93
N ALA E 739 16.06 -24.63 21.02
CA ALA E 739 16.19 -25.66 22.04
C ALA E 739 14.81 -25.99 22.59
N GLN E 740 14.01 -24.97 22.85
CA GLN E 740 12.67 -25.22 23.34
C GLN E 740 11.72 -25.51 22.20
N THR E 741 12.28 -25.57 20.98
CA THR E 741 11.58 -25.99 19.79
C THR E 741 11.75 -27.47 19.60
N LEU E 742 12.49 -28.08 20.53
CA LEU E 742 12.65 -29.52 20.60
C LEU E 742 12.10 -29.88 21.98
N GLN E 743 10.91 -29.34 22.26
CA GLN E 743 10.24 -29.47 23.54
C GLN E 743 9.51 -30.81 23.69
N GLN E 744 9.81 -31.52 24.77
CA GLN E 744 9.23 -32.81 25.07
C GLN E 744 7.78 -32.75 25.52
N SER E 745 6.94 -31.98 24.81
CA SER E 745 5.52 -31.94 25.13
C SER E 745 5.28 -31.21 26.44
N ARG E 746 4.02 -31.19 26.91
CA ARG E 746 3.72 -30.58 28.20
C ARG E 746 2.61 -31.30 28.95
N GLY E 747 2.35 -32.57 28.65
CA GLY E 747 1.28 -33.31 29.30
C GLY E 747 1.66 -34.66 29.87
N PHE E 748 2.85 -35.16 29.52
CA PHE E 748 3.29 -36.48 29.96
C PHE E 748 4.25 -36.44 31.14
N GLY E 749 4.71 -35.27 31.54
CA GLY E 749 5.69 -35.17 32.61
C GLY E 749 5.36 -35.98 33.85
N SER E 750 4.07 -36.27 34.08
CA SER E 750 3.61 -37.05 35.22
C SER E 750 3.15 -38.46 34.84
N PHE E 751 3.59 -38.98 33.69
CA PHE E 751 3.13 -40.28 33.25
C PHE E 751 3.44 -41.37 34.28
N ARG E 752 2.39 -42.06 34.74
CA ARG E 752 2.51 -43.19 35.65
C ARG E 752 1.74 -44.38 35.09
N PHE E 753 2.32 -45.57 35.20
CA PHE E 753 1.65 -46.78 34.77
C PHE E 753 0.54 -47.13 35.76
N PRO E 754 -0.53 -47.79 35.30
CA PRO E 754 -1.66 -48.11 36.19
C PRO E 754 -1.32 -49.30 37.08
N SER E 755 -1.30 -49.06 38.38
CA SER E 755 -0.98 -50.10 39.35
C SER E 755 -1.77 -49.92 40.65
N GLU F 180 33.62 -82.86 -7.96
CA GLU F 180 33.73 -81.56 -8.61
C GLU F 180 32.68 -80.59 -8.09
N VAL F 181 32.54 -79.46 -8.77
CA VAL F 181 31.60 -78.41 -8.35
C VAL F 181 30.22 -78.71 -8.92
N GLY F 182 29.19 -78.48 -8.10
CA GLY F 182 27.83 -78.72 -8.52
C GLY F 182 26.85 -77.72 -7.93
N TYR F 183 25.55 -78.03 -7.98
CA TYR F 183 24.55 -77.12 -7.45
C TYR F 183 24.76 -76.88 -5.95
N ASP F 184 25.25 -77.88 -5.23
CA ASP F 184 25.52 -77.71 -3.81
C ASP F 184 26.57 -76.63 -3.57
N ASP F 185 27.62 -76.60 -4.39
CA ASP F 185 28.64 -75.57 -4.24
C ASP F 185 28.05 -74.19 -4.55
N ILE F 186 27.18 -74.10 -5.54
CA ILE F 186 26.57 -72.83 -5.92
C ILE F 186 25.64 -72.41 -4.80
N GLY F 187 26.03 -71.40 -4.03
CA GLY F 187 25.24 -70.90 -2.93
C GLY F 187 24.39 -69.69 -3.32
N GLY F 188 23.72 -69.14 -2.30
CA GLY F 188 22.92 -67.95 -2.42
C GLY F 188 21.44 -68.20 -2.64
N CYS F 189 21.08 -69.34 -3.20
CA CYS F 189 19.67 -69.65 -3.47
C CYS F 189 18.95 -68.45 -4.09
N ARG F 190 19.64 -67.75 -4.98
CA ARG F 190 19.13 -66.49 -5.52
C ARG F 190 18.07 -66.69 -6.60
N LYS F 191 17.80 -67.94 -6.97
CA LYS F 191 16.73 -68.39 -7.86
C LYS F 191 16.94 -68.00 -9.32
N GLN F 192 18.14 -67.56 -9.70
CA GLN F 192 18.48 -67.48 -11.12
C GLN F 192 19.22 -68.72 -11.61
N LEU F 193 19.86 -69.46 -10.69
CA LEU F 193 20.42 -70.75 -11.05
C LEU F 193 19.34 -71.70 -11.55
N ALA F 194 18.16 -71.66 -10.92
CA ALA F 194 17.04 -72.46 -11.40
C ALA F 194 16.65 -72.05 -12.81
N GLN F 195 16.60 -70.75 -13.08
CA GLN F 195 16.26 -70.28 -14.42
C GLN F 195 17.29 -70.75 -15.44
N ILE F 196 18.58 -70.66 -15.09
CA ILE F 196 19.62 -71.17 -15.98
C ILE F 196 19.49 -72.67 -16.21
N LYS F 197 19.15 -73.42 -15.16
CA LYS F 197 18.92 -74.85 -15.31
C LYS F 197 17.80 -75.12 -16.30
N GLU F 198 16.66 -74.48 -16.08
CA GLU F 198 15.53 -74.63 -16.99
C GLU F 198 15.94 -74.24 -18.40
N MET F 199 16.84 -73.27 -18.52
CA MET F 199 17.34 -72.86 -19.82
C MET F 199 18.17 -73.95 -20.49
N VAL F 200 19.04 -74.62 -19.72
CA VAL F 200 20.10 -75.40 -20.34
C VAL F 200 19.96 -76.93 -20.26
N GLU F 201 19.04 -77.49 -19.47
CA GLU F 201 18.99 -78.94 -19.42
C GLU F 201 18.70 -79.53 -20.80
N LEU F 202 17.53 -79.22 -21.36
CA LEU F 202 17.15 -79.86 -22.61
C LEU F 202 18.19 -79.61 -23.70
N PRO F 203 18.69 -78.40 -23.89
CA PRO F 203 19.73 -78.23 -24.92
C PRO F 203 20.93 -79.13 -24.65
N LEU F 204 21.25 -79.39 -23.38
CA LEU F 204 22.40 -80.19 -22.98
C LEU F 204 22.01 -81.54 -22.39
N ARG F 205 21.06 -81.55 -21.45
CA ARG F 205 20.65 -82.81 -20.81
C ARG F 205 19.94 -83.73 -21.80
N HIS F 206 19.24 -83.15 -22.78
CA HIS F 206 18.56 -83.92 -23.82
C HIS F 206 18.94 -83.34 -25.17
N PRO F 207 20.18 -83.53 -25.60
CA PRO F 207 20.61 -82.94 -26.88
C PRO F 207 20.01 -83.65 -28.07
N ALA F 208 19.83 -84.96 -28.00
CA ALA F 208 19.27 -85.72 -29.12
C ALA F 208 17.83 -85.31 -29.39
N LEU F 209 17.12 -84.80 -28.38
CA LEU F 209 15.72 -84.42 -28.57
C LEU F 209 15.59 -83.32 -29.61
N PHE F 210 16.46 -82.32 -29.57
CA PHE F 210 16.39 -81.20 -30.51
C PHE F 210 16.71 -81.64 -31.93
N LYS F 211 17.34 -82.79 -32.11
CA LYS F 211 17.64 -83.28 -33.45
C LYS F 211 16.37 -83.67 -34.21
N ALA F 212 15.39 -84.25 -33.50
CA ALA F 212 14.15 -84.66 -34.13
C ALA F 212 13.04 -83.62 -34.03
N ILE F 213 13.30 -82.50 -33.37
CA ILE F 213 12.32 -81.43 -33.19
C ILE F 213 12.90 -80.14 -33.75
N GLY F 214 12.09 -79.40 -34.50
CA GLY F 214 12.57 -78.14 -35.03
C GLY F 214 12.35 -76.99 -34.08
N VAL F 215 13.39 -76.65 -33.33
CA VAL F 215 13.33 -75.57 -32.34
C VAL F 215 14.74 -75.01 -32.18
N LYS F 216 14.82 -73.71 -31.92
CA LYS F 216 16.11 -73.05 -31.75
C LYS F 216 16.40 -72.93 -30.25
N PRO F 217 17.46 -73.55 -29.75
CA PRO F 217 17.78 -73.43 -28.33
C PRO F 217 18.48 -72.13 -28.02
N PRO F 218 18.87 -71.91 -26.77
CA PRO F 218 19.58 -70.67 -26.42
C PRO F 218 21.03 -70.69 -26.86
N ARG F 219 21.35 -69.97 -27.93
CA ARG F 219 22.71 -69.99 -28.45
C ARG F 219 23.68 -69.29 -27.51
N GLY F 220 23.22 -68.23 -26.85
CA GLY F 220 24.07 -67.53 -25.89
C GLY F 220 23.30 -66.97 -24.71
N ILE F 221 23.91 -67.04 -23.53
CA ILE F 221 23.32 -66.56 -22.29
C ILE F 221 24.30 -65.60 -21.64
N LEU F 222 23.84 -64.38 -21.34
CA LEU F 222 24.70 -63.34 -20.78
C LEU F 222 24.43 -63.22 -19.28
N LEU F 223 25.34 -63.75 -18.48
CA LEU F 223 25.26 -63.61 -17.02
C LEU F 223 25.97 -62.33 -16.60
N TYR F 224 25.23 -61.40 -16.00
CA TYR F 224 25.81 -60.14 -15.57
C TYR F 224 25.42 -59.84 -14.14
N GLY F 225 26.31 -59.13 -13.44
CA GLY F 225 26.11 -58.80 -12.05
C GLY F 225 27.40 -58.28 -11.42
N PRO F 226 27.33 -57.93 -10.14
CA PRO F 226 28.52 -57.43 -9.47
C PRO F 226 29.61 -58.48 -9.44
N PRO F 227 30.87 -58.06 -9.53
CA PRO F 227 31.98 -59.03 -9.53
C PRO F 227 32.02 -59.80 -8.22
N GLY F 228 32.45 -61.06 -8.32
CA GLY F 228 32.52 -61.92 -7.16
C GLY F 228 31.22 -62.59 -6.78
N THR F 229 30.24 -62.61 -7.67
CA THR F 229 28.96 -63.23 -7.39
C THR F 229 28.90 -64.69 -7.82
N GLY F 230 30.00 -65.24 -8.31
CA GLY F 230 30.03 -66.64 -8.67
C GLY F 230 29.53 -66.99 -10.06
N LYS F 231 29.54 -66.03 -10.99
CA LYS F 231 29.06 -66.32 -12.34
C LYS F 231 29.88 -67.44 -12.98
N THR F 232 31.20 -67.35 -12.89
CA THR F 232 32.04 -68.43 -13.39
C THR F 232 31.77 -69.74 -12.64
N LEU F 233 31.57 -69.65 -11.33
CA LEU F 233 31.23 -70.84 -10.56
C LEU F 233 29.91 -71.43 -11.03
N ILE F 234 28.92 -70.60 -11.30
CA ILE F 234 27.63 -71.08 -11.76
C ILE F 234 27.78 -71.77 -13.11
N ALA F 235 28.53 -71.16 -14.03
CA ALA F 235 28.73 -71.78 -15.34
C ALA F 235 29.44 -73.12 -15.22
N ARG F 236 30.48 -73.19 -14.40
CA ARG F 236 31.21 -74.45 -14.21
C ARG F 236 30.30 -75.51 -13.60
N ALA F 237 29.49 -75.13 -12.62
CA ALA F 237 28.58 -76.10 -12.00
C ALA F 237 27.56 -76.61 -13.01
N VAL F 238 27.02 -75.73 -13.84
CA VAL F 238 26.07 -76.16 -14.86
C VAL F 238 26.73 -77.11 -15.84
N ALA F 239 27.96 -76.79 -16.26
CA ALA F 239 28.67 -77.67 -17.18
C ALA F 239 28.92 -79.04 -16.57
N ASN F 240 29.27 -79.07 -15.28
CA ASN F 240 29.57 -80.35 -14.64
C ASN F 240 28.29 -81.16 -14.45
N GLU F 241 27.22 -80.50 -14.03
CA GLU F 241 25.98 -81.21 -13.72
C GLU F 241 25.23 -81.63 -14.97
N THR F 242 25.57 -81.07 -16.13
CA THR F 242 24.94 -81.47 -17.39
C THR F 242 25.86 -82.29 -18.29
N GLY F 243 27.13 -82.44 -17.93
CA GLY F 243 28.05 -83.23 -18.72
C GLY F 243 28.63 -82.55 -19.94
N ALA F 244 28.26 -81.30 -20.20
CA ALA F 244 28.81 -80.59 -21.34
C ALA F 244 30.27 -80.23 -21.10
N PHE F 245 31.07 -80.31 -22.15
CA PHE F 245 32.49 -79.98 -22.06
C PHE F 245 32.64 -78.48 -21.83
N PHE F 246 33.11 -78.11 -20.64
CA PHE F 246 33.23 -76.70 -20.27
C PHE F 246 34.54 -76.14 -20.81
N PHE F 247 34.44 -75.03 -21.55
CA PHE F 247 35.61 -74.31 -22.04
C PHE F 247 35.57 -72.87 -21.53
N LEU F 248 36.68 -72.42 -20.95
CA LEU F 248 36.78 -71.09 -20.36
C LEU F 248 37.69 -70.22 -21.21
N ILE F 249 37.15 -69.16 -21.78
CA ILE F 249 37.93 -68.20 -22.54
C ILE F 249 38.10 -66.93 -21.71
N ASN F 250 39.19 -66.84 -20.96
CA ASN F 250 39.45 -65.66 -20.15
C ASN F 250 39.62 -64.42 -21.01
N GLY F 251 38.97 -63.33 -20.61
CA GLY F 251 39.01 -62.08 -21.34
C GLY F 251 40.43 -61.59 -21.59
N PRO F 252 41.15 -61.30 -20.50
CA PRO F 252 42.50 -60.76 -20.67
C PRO F 252 43.49 -61.81 -21.10
N GLU F 253 43.16 -63.10 -20.98
CA GLU F 253 44.07 -64.13 -21.46
C GLU F 253 44.28 -63.96 -22.96
N ILE F 254 43.19 -63.82 -23.71
CA ILE F 254 43.27 -63.55 -25.14
C ILE F 254 43.72 -62.12 -25.39
N MET F 255 43.23 -61.17 -24.59
CA MET F 255 43.64 -59.78 -24.79
C MET F 255 45.12 -59.57 -24.54
N SER F 256 45.71 -60.30 -23.59
CA SER F 256 47.14 -60.20 -23.31
C SER F 256 48.00 -60.79 -24.42
N LYS F 257 47.41 -61.58 -25.32
CA LYS F 257 48.21 -62.18 -26.38
C LYS F 257 48.51 -61.15 -27.47
N LEU F 258 49.53 -61.46 -28.26
CA LEU F 258 49.97 -60.56 -29.32
C LEU F 258 48.89 -60.36 -30.36
N ALA F 259 48.80 -59.13 -30.88
CA ALA F 259 47.83 -58.81 -31.92
C ALA F 259 48.12 -59.63 -33.17
N GLY F 260 47.04 -60.09 -33.82
CA GLY F 260 47.15 -60.94 -34.99
C GLY F 260 47.18 -62.42 -34.69
N GLU F 261 47.48 -62.82 -33.46
CA GLU F 261 47.45 -64.21 -33.06
C GLU F 261 46.45 -64.49 -31.95
N SER F 262 45.94 -63.45 -31.29
CA SER F 262 44.82 -63.63 -30.36
C SER F 262 43.57 -64.10 -31.10
N GLU F 263 43.36 -63.58 -32.30
CA GLU F 263 42.23 -64.03 -33.11
C GLU F 263 42.33 -65.52 -33.37
N SER F 264 43.55 -66.02 -33.55
CA SER F 264 43.76 -67.45 -33.66
C SER F 264 43.34 -68.16 -32.40
N ASN F 265 43.67 -67.60 -31.23
CA ASN F 265 43.27 -68.21 -29.97
C ASN F 265 41.76 -68.32 -29.86
N LEU F 266 41.04 -67.24 -30.20
CA LEU F 266 39.57 -67.29 -30.12
C LEU F 266 38.99 -68.31 -31.09
N ARG F 267 39.50 -68.33 -32.31
CA ARG F 267 39.00 -69.26 -33.31
C ARG F 267 39.28 -70.71 -32.90
N LYS F 268 40.47 -70.97 -32.37
CA LYS F 268 40.80 -72.32 -31.91
C LYS F 268 39.95 -72.71 -30.72
N ALA F 269 39.65 -71.76 -29.83
CA ALA F 269 38.78 -72.07 -28.70
C ALA F 269 37.40 -72.51 -29.18
N PHE F 270 36.83 -71.76 -30.12
CA PHE F 270 35.53 -72.17 -30.65
C PHE F 270 35.61 -73.51 -31.37
N GLU F 271 36.67 -73.75 -32.15
CA GLU F 271 36.77 -75.04 -32.84
C GLU F 271 36.88 -76.19 -31.84
N GLU F 272 37.70 -76.03 -30.80
CA GLU F 272 37.83 -77.09 -29.80
C GLU F 272 36.52 -77.34 -29.08
N ALA F 273 35.80 -76.27 -28.72
CA ALA F 273 34.49 -76.45 -28.10
C ALA F 273 33.52 -77.11 -29.05
N GLU F 274 33.63 -76.81 -30.35
CA GLU F 274 32.80 -77.45 -31.37
C GLU F 274 33.07 -78.94 -31.44
N LYS F 275 34.34 -79.34 -31.30
CA LYS F 275 34.70 -80.75 -31.40
C LYS F 275 34.03 -81.59 -30.30
N ASN F 276 34.02 -81.09 -29.07
CA ASN F 276 33.46 -81.83 -27.94
C ASN F 276 31.97 -81.56 -27.73
N ALA F 277 31.18 -81.58 -28.80
CA ALA F 277 29.76 -81.33 -28.67
C ALA F 277 29.11 -82.42 -27.82
N PRO F 278 28.19 -82.06 -26.90
CA PRO F 278 27.86 -80.68 -26.58
C PRO F 278 28.94 -80.04 -25.70
N ALA F 279 29.12 -78.74 -25.83
CA ALA F 279 30.13 -78.03 -25.06
C ALA F 279 29.59 -76.67 -24.64
N ILE F 280 30.16 -76.14 -23.56
CA ILE F 280 29.82 -74.83 -23.05
C ILE F 280 31.08 -73.98 -23.10
N ILE F 281 30.99 -72.84 -23.78
CA ILE F 281 32.10 -71.90 -23.87
C ILE F 281 31.78 -70.72 -22.96
N PHE F 282 32.58 -70.54 -21.93
CA PHE F 282 32.39 -69.46 -20.96
C PHE F 282 33.42 -68.39 -21.23
N ILE F 283 32.97 -67.16 -21.44
CA ILE F 283 33.83 -66.02 -21.67
C ILE F 283 33.75 -65.15 -20.42
N ASP F 284 34.71 -65.35 -19.52
CA ASP F 284 34.79 -64.54 -18.31
C ASP F 284 35.33 -63.16 -18.63
N GLU F 285 34.77 -62.14 -17.99
CA GLU F 285 35.16 -60.76 -18.22
C GLU F 285 35.01 -60.41 -19.70
N LEU F 286 33.78 -60.59 -20.20
CA LEU F 286 33.49 -60.27 -21.60
C LEU F 286 33.67 -58.80 -21.92
N ASP F 287 33.60 -57.92 -20.91
CA ASP F 287 33.74 -56.49 -21.13
C ASP F 287 35.16 -56.08 -21.49
N ALA F 288 36.09 -57.02 -21.64
CA ALA F 288 37.44 -56.73 -22.11
C ALA F 288 37.65 -57.12 -23.57
N ILE F 289 37.07 -58.23 -24.01
CA ILE F 289 37.21 -58.63 -25.41
C ILE F 289 36.43 -57.69 -26.32
N ALA F 290 35.21 -57.33 -25.93
CA ALA F 290 34.34 -56.46 -26.72
C ALA F 290 33.77 -55.35 -25.85
N PRO F 291 34.64 -54.46 -25.34
CA PRO F 291 34.15 -53.37 -24.50
C PRO F 291 33.53 -52.22 -25.28
N LYS F 292 33.66 -52.21 -26.61
CA LYS F 292 33.26 -51.06 -27.39
C LYS F 292 31.76 -50.79 -27.25
N ARG F 293 31.43 -49.63 -26.67
CA ARG F 293 30.04 -49.18 -26.53
C ARG F 293 29.68 -48.16 -27.60
N GLU F 294 30.20 -48.34 -28.81
CA GLU F 294 30.15 -47.43 -29.94
C GLU F 294 31.19 -46.32 -29.81
N LYS F 295 31.90 -46.20 -28.69
CA LYS F 295 33.08 -45.36 -28.65
C LYS F 295 34.23 -46.03 -29.40
N THR F 296 34.56 -47.27 -29.01
CA THR F 296 35.37 -48.17 -29.82
C THR F 296 36.73 -47.55 -30.17
N HIS F 297 37.51 -47.29 -29.12
CA HIS F 297 38.86 -46.77 -29.32
C HIS F 297 39.77 -47.86 -29.87
N GLY F 298 40.84 -47.42 -30.54
CA GLY F 298 41.84 -48.34 -31.04
C GLY F 298 41.47 -49.00 -32.36
N GLU F 299 42.38 -49.85 -32.82
CA GLU F 299 42.24 -50.54 -34.09
C GLU F 299 42.12 -52.05 -33.93
N VAL F 300 43.05 -52.68 -33.21
CA VAL F 300 43.07 -54.14 -33.12
C VAL F 300 41.86 -54.64 -32.33
N GLU F 301 41.45 -53.88 -31.31
CA GLU F 301 40.30 -54.30 -30.52
C GLU F 301 39.02 -54.31 -31.35
N ARG F 302 38.92 -53.41 -32.33
CA ARG F 302 37.81 -53.47 -33.27
C ARG F 302 37.84 -54.76 -34.08
N ARG F 303 39.03 -55.18 -34.53
CA ARG F 303 39.16 -56.47 -35.19
C ARG F 303 38.72 -57.61 -34.28
N ILE F 304 39.12 -57.58 -33.01
CA ILE F 304 38.76 -58.67 -32.11
C ILE F 304 37.26 -58.72 -31.90
N VAL F 305 36.63 -57.55 -31.72
CA VAL F 305 35.18 -57.53 -31.53
C VAL F 305 34.45 -58.01 -32.77
N SER F 306 34.87 -57.54 -33.96
CA SER F 306 34.21 -57.98 -35.19
C SER F 306 34.39 -59.47 -35.46
N GLN F 307 35.60 -59.99 -35.26
CA GLN F 307 35.82 -61.42 -35.47
C GLN F 307 35.01 -62.23 -34.46
N LEU F 308 34.96 -61.79 -33.20
CA LEU F 308 34.16 -62.49 -32.21
C LEU F 308 32.70 -62.47 -32.63
N LEU F 309 32.22 -61.34 -33.16
CA LEU F 309 30.85 -61.25 -33.67
C LEU F 309 30.63 -62.26 -34.79
N THR F 310 31.59 -62.37 -35.72
CA THR F 310 31.45 -63.32 -36.82
C THR F 310 31.37 -64.74 -36.30
N LEU F 311 32.21 -65.08 -35.31
CA LEU F 311 32.19 -66.43 -34.76
C LEU F 311 30.87 -66.69 -34.04
N MET F 312 30.44 -65.75 -33.22
CA MET F 312 29.22 -65.92 -32.43
C MET F 312 28.01 -66.06 -33.33
N ASP F 313 27.90 -65.19 -34.35
CA ASP F 313 26.84 -65.32 -35.34
C ASP F 313 27.12 -66.45 -36.33
N GLY F 314 28.34 -66.97 -36.36
CA GLY F 314 28.68 -68.07 -37.23
C GLY F 314 28.31 -69.45 -36.75
N LEU F 315 27.68 -69.54 -35.58
CA LEU F 315 27.23 -70.85 -35.09
C LEU F 315 26.17 -71.39 -36.04
N LYS F 316 26.49 -72.49 -36.73
CA LYS F 316 25.62 -73.04 -37.76
C LYS F 316 24.48 -73.85 -37.19
N GLN F 317 24.15 -73.65 -35.92
CA GLN F 317 23.08 -74.33 -35.20
C GLN F 317 23.34 -75.84 -35.14
N ARG F 318 24.48 -76.27 -35.66
CA ARG F 318 24.92 -77.65 -35.53
C ARG F 318 25.64 -77.85 -34.21
N ALA F 319 25.66 -79.10 -33.75
CA ALA F 319 26.17 -79.40 -32.41
C ALA F 319 25.32 -78.66 -31.38
N HIS F 320 25.84 -78.50 -30.16
CA HIS F 320 25.07 -77.85 -29.11
C HIS F 320 25.92 -76.92 -28.26
N VAL F 321 26.94 -76.30 -28.84
CA VAL F 321 27.80 -75.40 -28.08
C VAL F 321 26.96 -74.23 -27.60
N ILE F 322 26.95 -73.99 -26.29
CA ILE F 322 26.28 -72.85 -25.69
C ILE F 322 27.34 -71.88 -25.18
N VAL F 323 27.26 -70.62 -25.61
CA VAL F 323 28.24 -69.60 -25.26
C VAL F 323 27.63 -68.74 -24.16
N MET F 324 28.16 -68.90 -22.94
CA MET F 324 27.79 -68.06 -21.81
C MET F 324 28.92 -67.08 -21.52
N ALA F 325 28.56 -65.82 -21.27
CA ALA F 325 29.55 -64.78 -21.03
C ALA F 325 29.23 -64.05 -19.73
N ALA F 326 30.28 -63.54 -19.09
CA ALA F 326 30.15 -62.79 -17.85
C ALA F 326 30.51 -61.34 -18.09
N THR F 327 29.73 -60.43 -17.50
CA THR F 327 29.93 -58.99 -17.64
C THR F 327 29.36 -58.30 -16.42
N ASN F 328 30.00 -57.22 -15.99
CA ASN F 328 29.53 -56.48 -14.83
C ASN F 328 28.15 -55.87 -15.07
N ARG F 329 27.96 -55.26 -16.25
CA ARG F 329 26.70 -54.64 -16.60
C ARG F 329 26.38 -54.92 -18.06
N PRO F 330 25.09 -55.01 -18.41
CA PRO F 330 24.74 -55.31 -19.81
C PRO F 330 25.22 -54.25 -20.79
N ASN F 331 25.23 -52.98 -20.39
CA ASN F 331 25.57 -51.89 -21.30
C ASN F 331 27.07 -51.73 -21.51
N SER F 332 27.89 -52.45 -20.73
CA SER F 332 29.34 -52.29 -20.85
C SER F 332 29.88 -52.97 -22.10
N ILE F 333 29.27 -54.07 -22.52
CA ILE F 333 29.74 -54.82 -23.69
C ILE F 333 29.24 -54.14 -24.95
N ASP F 334 29.79 -54.53 -26.09
CA ASP F 334 29.37 -53.97 -27.36
C ASP F 334 27.90 -54.27 -27.61
N PRO F 335 27.10 -53.31 -28.06
CA PRO F 335 25.67 -53.58 -28.28
C PRO F 335 25.43 -54.69 -29.31
N ALA F 336 26.29 -54.84 -30.31
CA ALA F 336 26.06 -55.90 -31.30
C ALA F 336 26.14 -57.29 -30.67
N LEU F 337 26.80 -57.41 -29.52
CA LEU F 337 26.85 -58.67 -28.78
C LEU F 337 25.52 -58.98 -28.13
N ARG F 338 24.72 -57.96 -27.88
CA ARG F 338 23.44 -58.03 -27.21
C ARG F 338 22.31 -58.36 -28.17
N ARG F 339 22.59 -58.32 -29.47
CA ARG F 339 21.63 -58.50 -30.54
C ARG F 339 21.18 -59.96 -30.66
N PHE F 340 20.17 -60.18 -31.49
CA PHE F 340 19.59 -61.51 -31.68
C PHE F 340 20.63 -62.49 -32.20
N GLY F 341 20.69 -63.67 -31.57
CA GLY F 341 21.54 -64.75 -32.02
C GLY F 341 22.94 -64.76 -31.44
N ARG F 342 23.40 -63.63 -30.90
CA ARG F 342 24.72 -63.55 -30.28
C ARG F 342 24.61 -63.77 -28.78
N PHE F 343 23.86 -62.89 -28.09
CA PHE F 343 23.46 -63.05 -26.69
C PHE F 343 22.03 -62.54 -26.60
N ASP F 344 21.06 -63.44 -26.80
CA ASP F 344 19.67 -63.04 -26.89
C ASP F 344 18.93 -63.08 -25.55
N ARG F 345 19.57 -63.60 -24.50
CA ARG F 345 18.90 -63.69 -23.20
C ARG F 345 19.93 -63.45 -22.11
N GLU F 346 19.52 -62.68 -21.11
CA GLU F 346 20.42 -62.22 -20.06
C GLU F 346 19.85 -62.55 -18.69
N VAL F 347 20.74 -62.88 -17.76
CA VAL F 347 20.38 -63.20 -16.37
C VAL F 347 21.25 -62.37 -15.44
N ASP F 348 20.60 -61.65 -14.53
CA ASP F 348 21.28 -60.80 -13.56
C ASP F 348 21.40 -61.62 -12.28
N ILE F 349 22.59 -62.15 -12.03
CA ILE F 349 22.80 -62.94 -10.83
C ILE F 349 22.57 -62.10 -9.58
N GLY F 350 23.09 -60.87 -9.59
CA GLY F 350 22.85 -59.93 -8.50
C GLY F 350 23.46 -60.34 -7.17
N ILE F 351 23.39 -59.43 -6.21
CA ILE F 351 23.94 -59.67 -4.87
C ILE F 351 23.10 -60.71 -4.15
N PRO F 352 23.70 -61.69 -3.49
CA PRO F 352 22.92 -62.62 -2.67
C PRO F 352 22.25 -61.91 -1.51
N ASP F 353 21.12 -62.47 -1.08
CA ASP F 353 20.29 -61.89 -0.02
C ASP F 353 20.60 -62.58 1.30
N ALA F 354 19.89 -62.17 2.35
CA ALA F 354 20.14 -62.72 3.68
C ALA F 354 20.04 -64.24 3.68
N THR F 355 18.98 -64.78 3.06
CA THR F 355 18.89 -66.23 2.93
C THR F 355 20.04 -66.78 2.12
N GLY F 356 20.38 -66.11 1.02
CA GLY F 356 21.50 -66.55 0.22
C GLY F 356 22.83 -66.25 0.87
N ARG F 357 22.91 -65.16 1.64
CA ARG F 357 24.15 -64.90 2.37
C ARG F 357 24.40 -66.00 3.39
N LEU F 358 23.33 -66.43 4.07
CA LEU F 358 23.44 -67.52 5.03
C LEU F 358 23.85 -68.82 4.35
N GLU F 359 23.27 -69.12 3.20
CA GLU F 359 23.64 -70.36 2.51
C GLU F 359 25.07 -70.28 1.99
N ILE F 360 25.51 -69.11 1.55
CA ILE F 360 26.90 -68.92 1.12
C ILE F 360 27.83 -69.12 2.30
N LEU F 361 27.46 -68.61 3.47
CA LEU F 361 28.27 -68.82 4.66
C LEU F 361 28.35 -70.31 5.00
N GLN F 362 27.23 -71.01 4.88
CA GLN F 362 27.24 -72.44 5.14
C GLN F 362 28.18 -73.17 4.19
N ILE F 363 28.12 -72.84 2.90
CA ILE F 363 28.97 -73.50 1.92
C ILE F 363 30.44 -73.15 2.16
N HIS F 364 30.73 -71.91 2.54
CA HIS F 364 32.08 -71.47 2.83
C HIS F 364 32.56 -71.86 4.22
N THR F 365 31.66 -72.31 5.09
CA THR F 365 32.01 -72.81 6.42
C THR F 365 31.49 -74.23 6.51
N LYS F 366 32.29 -75.17 6.02
CA LYS F 366 31.96 -76.59 6.11
C LYS F 366 33.13 -77.48 6.47
N ASN F 367 34.38 -77.01 6.38
CA ASN F 367 35.53 -77.81 6.75
C ASN F 367 36.36 -77.20 7.87
N MET F 368 35.94 -76.07 8.44
CA MET F 368 36.70 -75.43 9.50
C MET F 368 36.23 -75.84 10.89
N LYS F 369 35.27 -76.76 10.98
CA LYS F 369 34.77 -77.22 12.27
C LYS F 369 34.26 -76.03 13.09
N LEU F 370 33.21 -75.40 12.57
CA LEU F 370 32.65 -74.22 13.19
C LEU F 370 32.18 -74.51 14.60
N ALA F 371 32.37 -73.54 15.49
CA ALA F 371 32.04 -73.72 16.90
C ALA F 371 30.53 -73.79 17.11
N ASP F 372 30.14 -74.30 18.28
CA ASP F 372 28.72 -74.44 18.61
C ASP F 372 28.08 -73.08 18.90
N ASP F 373 28.82 -72.18 19.56
CA ASP F 373 28.24 -70.88 19.88
C ASP F 373 27.90 -70.10 18.61
N VAL F 374 28.77 -70.14 17.62
CA VAL F 374 28.53 -69.44 16.37
C VAL F 374 27.41 -70.15 15.62
N ASP F 375 26.44 -69.38 15.13
CA ASP F 375 25.31 -69.96 14.42
C ASP F 375 25.27 -69.63 12.94
N LEU F 376 25.92 -68.55 12.52
CA LEU F 376 26.01 -68.12 11.13
C LEU F 376 24.73 -67.41 10.72
N GLU F 377 23.75 -67.31 11.62
CA GLU F 377 22.50 -66.61 11.35
C GLU F 377 22.64 -65.13 11.69
N GLN F 378 23.15 -64.82 12.88
CA GLN F 378 23.39 -63.42 13.23
C GLN F 378 24.40 -62.79 12.28
N VAL F 379 25.47 -63.52 11.97
CA VAL F 379 26.45 -63.00 11.04
C VAL F 379 25.81 -62.77 9.68
N ALA F 380 24.96 -63.71 9.24
CA ALA F 380 24.30 -63.54 7.94
C ALA F 380 23.43 -62.29 7.92
N ASN F 381 22.65 -62.05 8.98
CA ASN F 381 21.83 -60.83 9.00
C ASN F 381 22.69 -59.58 9.00
N GLU F 382 23.76 -59.57 9.79
CA GLU F 382 24.65 -58.42 9.82
C GLU F 382 25.54 -58.32 8.58
N THR F 383 25.50 -59.31 7.70
CA THR F 383 26.36 -59.38 6.54
C THR F 383 25.78 -58.67 5.32
N HIS F 384 24.84 -57.75 5.50
CA HIS F 384 24.27 -57.05 4.37
C HIS F 384 25.36 -56.30 3.61
N GLY F 385 25.32 -56.39 2.28
CA GLY F 385 26.29 -55.72 1.44
C GLY F 385 27.43 -56.58 0.94
N HIS F 386 27.59 -57.79 1.45
CA HIS F 386 28.68 -58.65 1.00
C HIS F 386 28.23 -59.49 -0.20
N VAL F 387 29.22 -59.98 -0.94
CA VAL F 387 28.98 -60.87 -2.06
C VAL F 387 29.58 -62.22 -1.70
N GLY F 388 29.42 -63.22 -2.57
CA GLY F 388 29.96 -64.53 -2.25
C GLY F 388 31.45 -64.48 -1.99
N ALA F 389 32.18 -63.72 -2.81
CA ALA F 389 33.61 -63.54 -2.56
C ALA F 389 33.82 -62.83 -1.24
N ASP F 390 33.00 -61.82 -0.94
CA ASP F 390 33.11 -61.12 0.34
C ASP F 390 32.84 -62.06 1.50
N LEU F 391 31.84 -62.94 1.37
CA LEU F 391 31.54 -63.89 2.43
C LEU F 391 32.71 -64.85 2.64
N ALA F 392 33.30 -65.33 1.55
CA ALA F 392 34.46 -66.21 1.67
C ALA F 392 35.63 -65.50 2.33
N ALA F 393 35.86 -64.24 1.95
CA ALA F 393 36.95 -63.47 2.55
C ALA F 393 36.70 -63.25 4.04
N LEU F 394 35.45 -62.95 4.42
CA LEU F 394 35.15 -62.75 5.83
C LEU F 394 35.36 -64.04 6.62
N CYS F 395 34.93 -65.18 6.07
CA CYS F 395 35.15 -66.45 6.74
C CYS F 395 36.64 -66.74 6.89
N SER F 396 37.42 -66.49 5.84
CA SER F 396 38.86 -66.70 5.92
C SER F 396 39.49 -65.79 6.96
N GLU F 397 39.05 -64.54 7.01
CA GLU F 397 39.59 -63.60 8.01
C GLU F 397 39.27 -64.06 9.42
N ALA F 398 38.04 -64.54 9.64
CA ALA F 398 37.69 -65.06 10.96
C ALA F 398 38.56 -66.27 11.31
N ALA F 399 38.78 -67.16 10.35
CA ALA F 399 39.65 -68.32 10.60
C ALA F 399 41.05 -67.87 10.95
N LEU F 400 41.57 -66.87 10.24
CA LEU F 400 42.91 -66.38 10.52
C LEU F 400 42.98 -65.71 11.89
N GLN F 401 41.92 -65.01 12.29
CA GLN F 401 41.90 -64.45 13.64
C GLN F 401 41.92 -65.55 14.68
N ALA F 402 41.16 -66.63 14.45
CA ALA F 402 41.19 -67.74 15.39
C ALA F 402 42.59 -68.35 15.47
N ILE F 403 43.25 -68.50 14.32
CA ILE F 403 44.60 -69.06 14.31
C ILE F 403 45.59 -68.13 15.00
N ARG F 404 45.40 -66.82 14.87
CA ARG F 404 46.27 -65.88 15.55
C ARG F 404 46.04 -65.86 17.06
N LYS F 405 44.78 -65.92 17.48
CA LYS F 405 44.49 -65.86 18.92
C LYS F 405 45.06 -67.06 19.67
N LYS F 406 44.93 -68.25 19.10
CA LYS F 406 45.42 -69.45 19.75
C LYS F 406 46.45 -70.15 18.85
N MET F 407 47.11 -71.16 19.43
CA MET F 407 48.05 -72.02 18.72
C MET F 407 49.30 -71.23 18.32
N ASP F 408 49.25 -69.91 18.43
CA ASP F 408 50.45 -69.08 18.29
C ASP F 408 51.14 -68.88 19.63
N LEU F 409 50.36 -68.77 20.70
CA LEU F 409 50.95 -68.60 22.03
C LEU F 409 51.83 -69.79 22.36
N ILE F 410 51.35 -71.00 22.04
CA ILE F 410 52.14 -72.20 22.29
C ILE F 410 53.37 -72.20 21.39
N ASP F 411 53.22 -71.74 20.14
CA ASP F 411 54.30 -71.63 19.17
C ASP F 411 54.86 -72.98 18.76
N LEU F 412 54.15 -74.07 19.03
CA LEU F 412 54.59 -75.39 18.62
C LEU F 412 54.23 -75.59 17.15
N GLU F 413 55.23 -75.48 16.28
CA GLU F 413 55.01 -75.56 14.84
C GLU F 413 56.02 -76.53 14.23
N ASP F 414 55.60 -77.19 13.15
CA ASP F 414 56.46 -78.10 12.42
C ASP F 414 56.21 -77.90 10.92
N GLU F 415 56.71 -78.83 10.12
CA GLU F 415 56.52 -78.74 8.67
C GLU F 415 55.03 -78.79 8.33
N THR F 416 54.27 -79.64 9.01
CA THR F 416 52.84 -79.75 8.81
C THR F 416 52.16 -79.74 10.17
N ILE F 417 51.27 -78.77 10.39
CA ILE F 417 50.59 -78.67 11.67
C ILE F 417 49.75 -79.92 11.89
N ASP F 418 49.76 -80.42 13.13
CA ASP F 418 49.00 -81.62 13.44
C ASP F 418 47.52 -81.38 13.25
N ALA F 419 46.85 -82.36 12.62
CA ALA F 419 45.42 -82.21 12.35
C ALA F 419 44.62 -82.10 13.63
N GLU F 420 44.93 -82.93 14.63
CA GLU F 420 44.19 -82.88 15.88
C GLU F 420 44.40 -81.55 16.60
N VAL F 421 45.62 -81.04 16.60
CA VAL F 421 45.91 -79.78 17.28
C VAL F 421 45.12 -78.65 16.63
N MET F 422 45.12 -78.60 15.31
CA MET F 422 44.37 -77.57 14.60
C MET F 422 42.86 -77.74 14.78
N ASN F 423 42.39 -78.99 14.86
CA ASN F 423 40.96 -79.24 15.06
C ASN F 423 40.50 -78.83 16.45
N SER F 424 41.41 -78.81 17.43
CA SER F 424 41.01 -78.44 18.79
C SER F 424 40.46 -77.03 18.88
N LEU F 425 40.80 -76.16 17.93
CA LEU F 425 40.31 -74.79 17.96
C LEU F 425 38.94 -74.71 17.33
N ALA F 426 38.10 -73.81 17.87
CA ALA F 426 36.77 -73.58 17.34
C ALA F 426 36.60 -72.08 17.08
N VAL F 427 36.13 -71.74 15.88
CA VAL F 427 35.94 -70.34 15.53
C VAL F 427 34.81 -69.79 16.38
N THR F 428 35.13 -68.81 17.23
CA THR F 428 34.15 -68.27 18.16
C THR F 428 33.40 -67.10 17.52
N MET F 429 32.28 -66.75 18.14
CA MET F 429 31.47 -65.64 17.64
C MET F 429 32.27 -64.34 17.64
N ASP F 430 33.17 -64.17 18.60
CA ASP F 430 33.96 -62.93 18.67
C ASP F 430 34.83 -62.78 17.42
N ASP F 431 35.43 -63.88 16.95
CA ASP F 431 36.26 -63.80 15.76
C ASP F 431 35.44 -63.37 14.55
N PHE F 432 34.25 -63.96 14.40
CA PHE F 432 33.39 -63.59 13.28
C PHE F 432 32.96 -62.13 13.39
N ARG F 433 32.67 -61.67 14.61
CA ARG F 433 32.29 -60.28 14.80
C ARG F 433 33.42 -59.35 14.39
N TRP F 434 34.65 -59.67 14.79
CA TRP F 434 35.78 -58.83 14.39
C TRP F 434 35.94 -58.82 12.89
N ALA F 435 35.82 -60.00 12.26
CA ALA F 435 35.95 -60.07 10.81
C ALA F 435 34.88 -59.23 10.13
N LEU F 436 33.65 -59.29 10.63
CA LEU F 436 32.59 -58.46 10.07
C LEU F 436 32.93 -56.98 10.24
N SER F 437 33.51 -56.62 11.38
CA SER F 437 33.96 -55.24 11.56
C SER F 437 35.05 -54.88 10.55
N GLN F 438 35.80 -55.87 10.07
CA GLN F 438 36.90 -55.65 9.13
C GLN F 438 36.56 -56.20 7.74
N SER F 439 35.32 -55.99 7.30
CA SER F 439 34.84 -56.57 6.04
C SER F 439 34.97 -55.64 4.84
N ASN F 440 34.41 -54.42 4.92
CA ASN F 440 34.46 -53.52 3.77
C ASN F 440 33.86 -54.23 2.55
N PRO F 441 32.56 -54.46 2.55
CA PRO F 441 31.93 -55.16 1.42
C PRO F 441 32.10 -54.44 0.08
N SER F 442 32.34 -55.24 -0.95
CA SER F 442 32.75 -54.76 -2.27
C SER F 442 31.53 -54.49 -3.16
N ALA F 443 30.71 -53.53 -2.74
CA ALA F 443 29.53 -53.07 -3.48
C ALA F 443 28.32 -52.91 -2.57
N LEU F 444 28.49 -52.19 -1.46
CA LEU F 444 27.38 -51.86 -0.59
C LEU F 444 26.37 -50.98 -1.31
N ARG F 445 26.87 -50.05 -2.12
CA ARG F 445 26.05 -49.08 -2.83
C ARG F 445 25.14 -49.71 -3.87
N GLU F 446 25.50 -50.88 -4.39
CA GLU F 446 24.69 -51.49 -5.44
C GLU F 446 23.26 -51.70 -4.96
N THR F 447 22.30 -51.41 -5.85
CA THR F 447 20.90 -51.51 -5.49
C THR F 447 20.53 -52.94 -5.12
N VAL F 448 19.64 -53.06 -4.14
CA VAL F 448 19.21 -54.36 -3.61
C VAL F 448 17.84 -54.71 -4.15
N VAL F 449 17.73 -55.91 -4.71
CA VAL F 449 16.48 -56.49 -5.18
C VAL F 449 16.19 -57.68 -4.26
N GLU F 450 15.37 -57.48 -3.24
CA GLU F 450 15.15 -58.52 -2.25
C GLU F 450 13.70 -58.54 -1.78
N VAL F 451 13.21 -59.75 -1.54
CA VAL F 451 11.88 -59.98 -0.97
C VAL F 451 11.88 -59.47 0.46
N PRO F 452 11.13 -58.42 0.78
CA PRO F 452 11.18 -57.87 2.14
C PRO F 452 10.70 -58.88 3.15
N GLN F 453 11.36 -58.91 4.31
CA GLN F 453 10.99 -59.78 5.40
C GLN F 453 9.87 -59.21 6.26
N VAL F 454 9.48 -57.95 6.04
CA VAL F 454 8.42 -57.36 6.84
C VAL F 454 7.11 -58.10 6.56
N THR F 455 6.27 -58.18 7.58
CA THR F 455 5.00 -58.87 7.49
C THR F 455 3.90 -57.97 8.05
N TRP F 456 2.65 -58.37 7.77
CA TRP F 456 1.51 -57.58 8.24
C TRP F 456 1.49 -57.48 9.76
N GLU F 457 2.14 -58.41 10.46
CA GLU F 457 2.19 -58.36 11.93
C GLU F 457 2.86 -57.08 12.41
N ASP F 458 3.91 -56.64 11.71
CA ASP F 458 4.60 -55.42 12.13
C ASP F 458 3.66 -54.22 12.15
N ILE F 459 2.68 -54.17 11.25
CA ILE F 459 1.72 -53.07 11.19
C ILE F 459 0.45 -53.54 11.90
N GLY F 460 0.05 -52.81 12.94
CA GLY F 460 -1.13 -53.18 13.70
C GLY F 460 -2.43 -52.56 13.26
N GLY F 461 -2.91 -52.90 12.07
CA GLY F 461 -4.17 -52.32 11.65
C GLY F 461 -4.21 -52.00 10.18
N LEU F 462 -4.80 -50.85 9.83
CA LEU F 462 -4.91 -50.48 8.42
C LEU F 462 -5.65 -51.57 7.66
N GLU F 463 -6.69 -52.11 8.30
CA GLU F 463 -7.41 -53.24 7.71
C GLU F 463 -8.06 -52.83 6.39
N ASP F 464 -8.66 -51.64 6.34
CA ASP F 464 -9.21 -51.19 5.07
C ASP F 464 -8.09 -50.98 4.06
N VAL F 465 -7.00 -50.34 4.49
CA VAL F 465 -5.85 -50.14 3.62
C VAL F 465 -5.22 -51.47 3.27
N LYS F 466 -5.11 -52.38 4.25
CA LYS F 466 -4.51 -53.69 3.99
C LYS F 466 -5.32 -54.44 2.95
N ARG F 467 -6.65 -54.45 3.08
CA ARG F 467 -7.49 -55.16 2.13
C ARG F 467 -7.41 -54.50 0.76
N GLU F 468 -7.40 -53.17 0.70
CA GLU F 468 -7.30 -52.51 -0.60
C GLU F 468 -5.98 -52.83 -1.29
N LEU F 469 -4.88 -52.81 -0.53
CA LEU F 469 -3.59 -53.16 -1.12
C LEU F 469 -3.59 -54.61 -1.59
N GLN F 470 -4.15 -55.50 -0.77
CA GLN F 470 -4.25 -56.90 -1.16
C GLN F 470 -5.00 -57.01 -2.48
N GLU F 471 -6.13 -56.32 -2.59
CA GLU F 471 -6.86 -56.33 -3.84
C GLU F 471 -5.97 -55.91 -4.99
N LEU F 472 -5.53 -54.65 -4.95
CA LEU F 472 -4.84 -54.06 -6.09
C LEU F 472 -3.65 -54.89 -6.53
N VAL F 473 -2.86 -55.40 -5.59
CA VAL F 473 -1.65 -56.12 -5.98
C VAL F 473 -1.91 -57.62 -6.16
N GLN F 474 -2.35 -58.28 -5.09
CA GLN F 474 -2.45 -59.73 -5.10
C GLN F 474 -3.54 -60.25 -6.05
N TYR F 475 -4.73 -59.63 -6.07
CA TYR F 475 -5.81 -60.21 -6.86
C TYR F 475 -5.50 -60.46 -8.33
N PRO F 476 -4.87 -59.54 -9.07
CA PRO F 476 -4.60 -59.83 -10.49
C PRO F 476 -3.76 -61.08 -10.72
N VAL F 477 -2.86 -61.41 -9.81
CA VAL F 477 -1.99 -62.56 -9.99
C VAL F 477 -2.59 -63.82 -9.39
N GLU F 478 -3.18 -63.72 -8.21
CA GLU F 478 -3.75 -64.92 -7.61
C GLU F 478 -4.90 -65.43 -8.46
N HIS F 479 -5.72 -64.52 -8.99
CA HIS F 479 -6.87 -64.88 -9.82
C HIS F 479 -6.85 -64.05 -11.10
N PRO F 480 -5.83 -64.24 -11.94
CA PRO F 480 -5.80 -63.52 -13.23
C PRO F 480 -6.97 -63.87 -14.12
N ASP F 481 -7.45 -65.10 -14.04
CA ASP F 481 -8.55 -65.55 -14.90
C ASP F 481 -9.79 -64.71 -14.67
N LYS F 482 -10.10 -64.40 -13.41
CA LYS F 482 -11.32 -63.64 -13.12
C LYS F 482 -11.18 -62.19 -13.56
N PHE F 483 -9.97 -61.63 -13.48
CA PHE F 483 -9.73 -60.30 -14.04
C PHE F 483 -9.93 -60.30 -15.56
N LEU F 484 -9.44 -61.36 -16.23
CA LEU F 484 -9.61 -61.46 -17.67
C LEU F 484 -11.07 -61.67 -18.06
N LYS F 485 -11.84 -62.37 -17.24
CA LYS F 485 -13.24 -62.64 -17.57
C LYS F 485 -14.06 -61.36 -17.69
N PHE F 486 -13.87 -60.42 -16.78
CA PHE F 486 -14.63 -59.17 -16.80
C PHE F 486 -14.01 -58.13 -17.70
N GLY F 487 -12.89 -58.43 -18.36
CA GLY F 487 -12.25 -57.48 -19.25
C GLY F 487 -11.81 -56.20 -18.55
N MET F 488 -11.27 -56.33 -17.34
CA MET F 488 -10.79 -55.20 -16.55
C MET F 488 -9.29 -55.31 -16.37
N THR F 489 -8.57 -54.24 -16.64
CA THR F 489 -7.12 -54.25 -16.41
C THR F 489 -6.85 -53.63 -15.06
N PRO F 490 -6.28 -54.39 -14.12
CA PRO F 490 -6.03 -53.83 -12.78
C PRO F 490 -5.01 -52.71 -12.81
N SER F 491 -5.23 -51.72 -11.93
CA SER F 491 -4.30 -50.61 -11.82
C SER F 491 -2.95 -51.11 -11.34
N LYS F 492 -1.89 -50.60 -11.95
CA LYS F 492 -0.53 -50.98 -11.59
C LYS F 492 0.22 -49.86 -10.87
N GLY F 493 -0.51 -48.93 -10.25
CA GLY F 493 0.11 -47.86 -9.50
C GLY F 493 -0.72 -47.43 -8.31
N VAL F 494 -0.08 -47.27 -7.15
CA VAL F 494 -0.75 -46.84 -5.92
C VAL F 494 0.11 -45.78 -5.26
N LEU F 495 -0.52 -44.69 -4.81
CA LEU F 495 0.18 -43.58 -4.20
C LEU F 495 -0.27 -43.44 -2.74
N PHE F 496 0.63 -43.77 -1.81
CA PHE F 496 0.37 -43.59 -0.39
C PHE F 496 0.63 -42.14 0.02
N TYR F 497 -0.35 -41.53 0.68
CA TYR F 497 -0.21 -40.18 1.21
C TYR F 497 -0.60 -40.19 2.68
N GLY F 498 0.16 -39.46 3.50
CA GLY F 498 -0.08 -39.40 4.91
C GLY F 498 1.04 -38.73 5.68
N PRO F 499 0.86 -38.53 6.98
CA PRO F 499 1.89 -37.87 7.77
C PRO F 499 3.13 -38.73 7.90
N PRO F 500 4.29 -38.11 8.12
CA PRO F 500 5.54 -38.88 8.21
C PRO F 500 5.58 -39.82 9.42
N GLY F 501 6.17 -40.99 9.21
CA GLY F 501 6.31 -41.94 10.30
C GLY F 501 5.12 -42.83 10.55
N CYS F 502 4.16 -42.90 9.63
CA CYS F 502 2.97 -43.72 9.86
C CYS F 502 3.10 -45.14 9.31
N GLY F 503 4.19 -45.47 8.61
CA GLY F 503 4.39 -46.81 8.11
C GLY F 503 4.12 -47.05 6.64
N LYS F 504 4.22 -46.04 5.79
CA LYS F 504 4.00 -46.27 4.37
C LYS F 504 5.05 -47.17 3.77
N THR F 505 6.32 -46.95 4.10
CA THR F 505 7.37 -47.84 3.60
C THR F 505 7.17 -49.26 4.12
N LEU F 506 6.82 -49.38 5.41
CA LEU F 506 6.56 -50.69 5.98
C LEU F 506 5.35 -51.34 5.32
N LEU F 507 4.31 -50.56 5.02
CA LEU F 507 3.15 -51.12 4.36
C LEU F 507 3.51 -51.67 2.99
N ALA F 508 4.33 -50.91 2.24
CA ALA F 508 4.75 -51.38 0.92
C ALA F 508 5.58 -52.66 1.04
N LYS F 509 6.47 -52.71 2.03
CA LYS F 509 7.26 -53.93 2.23
C LYS F 509 6.36 -55.11 2.58
N ALA F 510 5.36 -54.88 3.43
CA ALA F 510 4.45 -55.94 3.82
C ALA F 510 3.66 -56.46 2.63
N ILE F 511 3.16 -55.54 1.79
CA ILE F 511 2.38 -55.97 0.63
C ILE F 511 3.27 -56.75 -0.33
N ALA F 512 4.53 -56.32 -0.49
CA ALA F 512 5.45 -57.07 -1.33
C ALA F 512 5.70 -58.46 -0.76
N ASN F 513 5.84 -58.54 0.57
CA ASN F 513 6.11 -59.83 1.21
C ASN F 513 4.94 -60.79 1.05
N GLU F 514 3.70 -60.28 1.17
CA GLU F 514 2.54 -61.16 1.05
C GLU F 514 2.49 -61.81 -0.33
N CYS F 515 2.77 -61.05 -1.37
CA CYS F 515 2.81 -61.59 -2.73
C CYS F 515 4.11 -62.32 -3.04
N GLN F 516 5.08 -62.30 -2.12
CA GLN F 516 6.37 -62.95 -2.33
C GLN F 516 7.04 -62.44 -3.62
N ALA F 517 6.98 -61.13 -3.84
CA ALA F 517 7.57 -60.49 -5.00
C ALA F 517 8.72 -59.60 -4.58
N ASN F 518 9.72 -59.50 -5.45
CA ASN F 518 10.89 -58.68 -5.14
C ASN F 518 10.47 -57.24 -4.90
N PHE F 519 11.18 -56.58 -3.98
CA PHE F 519 10.89 -55.20 -3.61
C PHE F 519 12.08 -54.30 -3.91
N ILE F 520 11.85 -53.23 -4.66
CA ILE F 520 12.87 -52.25 -4.99
C ILE F 520 12.39 -50.92 -4.43
N SER F 521 13.23 -50.28 -3.63
CA SER F 521 12.88 -49.00 -2.99
C SER F 521 13.78 -47.90 -3.51
N ILE F 522 13.16 -46.85 -4.06
CA ILE F 522 13.89 -45.69 -4.54
C ILE F 522 13.65 -44.53 -3.58
N LYS F 523 14.54 -44.34 -2.61
CA LYS F 523 14.32 -43.27 -1.65
C LYS F 523 14.54 -41.92 -2.31
N GLY F 524 14.13 -40.87 -1.58
CA GLY F 524 14.25 -39.50 -2.03
C GLY F 524 15.65 -39.04 -2.35
N PRO F 525 16.65 -39.43 -1.56
CA PRO F 525 18.02 -39.00 -1.91
C PRO F 525 18.41 -39.40 -3.32
N GLU F 526 18.01 -40.59 -3.79
CA GLU F 526 18.36 -41.01 -5.14
C GLU F 526 17.72 -40.09 -6.18
N LEU F 527 16.43 -39.76 -5.99
CA LEU F 527 15.75 -38.88 -6.92
C LEU F 527 16.40 -37.49 -6.91
N LEU F 528 16.74 -36.99 -5.72
CA LEU F 528 17.38 -35.68 -5.64
C LEU F 528 18.74 -35.70 -6.32
N THR F 529 19.47 -36.81 -6.20
CA THR F 529 20.75 -36.92 -6.88
C THR F 529 20.57 -36.90 -8.39
N MET F 530 19.57 -37.62 -8.89
CA MET F 530 19.31 -37.61 -10.33
C MET F 530 18.89 -36.23 -10.81
N TRP F 531 18.15 -35.50 -9.97
CA TRP F 531 17.70 -34.16 -10.36
C TRP F 531 18.83 -33.14 -10.34
N PHE F 532 19.64 -33.14 -9.27
CA PHE F 532 20.74 -32.21 -9.19
C PHE F 532 21.77 -32.47 -10.28
N GLY F 533 22.08 -33.74 -10.52
CA GLY F 533 23.05 -34.11 -11.54
C GLY F 533 22.53 -34.04 -12.96
N GLU F 534 21.25 -33.76 -13.14
CA GLU F 534 20.65 -33.69 -14.47
C GLU F 534 20.86 -35.00 -15.23
N SER F 535 20.79 -36.12 -14.51
CA SER F 535 20.95 -37.46 -15.06
C SER F 535 19.69 -38.27 -14.79
N GLU F 536 18.69 -38.11 -15.65
CA GLU F 536 17.44 -38.85 -15.52
C GLU F 536 17.45 -40.18 -16.27
N ALA F 537 18.51 -40.49 -17.03
CA ALA F 537 18.54 -41.80 -17.68
C ALA F 537 18.63 -42.92 -16.66
N ASN F 538 18.95 -42.59 -15.41
CA ASN F 538 19.01 -43.60 -14.38
C ASN F 538 17.62 -44.16 -14.14
N VAL F 539 16.58 -43.36 -14.41
CA VAL F 539 15.21 -43.86 -14.27
C VAL F 539 14.99 -45.02 -15.22
N ARG F 540 15.51 -44.90 -16.45
CA ARG F 540 15.40 -45.99 -17.41
C ARG F 540 16.10 -47.23 -16.87
N GLU F 541 17.30 -47.05 -16.31
CA GLU F 541 18.01 -48.21 -15.76
C GLU F 541 17.25 -48.83 -14.60
N ILE F 542 16.69 -48.00 -13.72
CA ILE F 542 15.93 -48.49 -12.57
C ILE F 542 14.72 -49.28 -13.02
N PHE F 543 13.98 -48.77 -14.01
CA PHE F 543 12.81 -49.48 -14.50
C PHE F 543 13.21 -50.78 -15.18
N ASP F 544 14.32 -50.80 -15.92
CA ASP F 544 14.77 -52.05 -16.52
C ASP F 544 15.13 -53.07 -15.45
N LYS F 545 15.80 -52.64 -14.39
CA LYS F 545 16.13 -53.54 -13.30
C LYS F 545 14.86 -54.08 -12.64
N ALA F 546 13.87 -53.23 -12.42
CA ALA F 546 12.61 -53.69 -11.84
C ALA F 546 11.94 -54.70 -12.77
N ARG F 547 12.00 -54.46 -14.08
CA ARG F 547 11.41 -55.36 -15.04
C ARG F 547 12.08 -56.73 -15.00
N GLN F 548 13.42 -56.75 -14.89
CA GLN F 548 14.13 -58.02 -14.85
C GLN F 548 13.75 -58.83 -13.62
N ALA F 549 13.58 -58.17 -12.47
CA ALA F 549 13.27 -58.86 -11.23
C ALA F 549 11.75 -58.90 -11.02
N ALA F 550 11.10 -59.70 -11.84
CA ALA F 550 9.65 -59.82 -11.76
C ALA F 550 9.26 -61.15 -11.13
N PRO F 551 8.27 -61.17 -10.22
CA PRO F 551 7.39 -60.08 -9.79
C PRO F 551 8.08 -59.12 -8.82
N CYS F 552 7.87 -57.83 -9.01
CA CYS F 552 8.52 -56.83 -8.17
C CYS F 552 7.54 -55.71 -7.84
N VAL F 553 7.84 -55.02 -6.75
CA VAL F 553 7.06 -53.88 -6.29
C VAL F 553 7.99 -52.68 -6.28
N LEU F 554 7.98 -51.90 -7.37
CA LEU F 554 8.84 -50.74 -7.48
C LEU F 554 8.23 -49.61 -6.67
N PHE F 555 8.86 -49.30 -5.54
CA PHE F 555 8.36 -48.29 -4.61
C PHE F 555 9.20 -47.03 -4.72
N PHE F 556 8.54 -45.90 -4.96
CA PHE F 556 9.21 -44.60 -5.05
C PHE F 556 8.92 -43.87 -3.75
N ASP F 557 9.75 -44.12 -2.74
CA ASP F 557 9.56 -43.51 -1.43
C ASP F 557 9.80 -42.01 -1.47
N GLU F 558 8.92 -41.26 -0.81
CA GLU F 558 9.06 -39.81 -0.69
C GLU F 558 9.30 -39.17 -2.07
N LEU F 559 8.37 -39.46 -2.98
CA LEU F 559 8.40 -38.96 -4.35
C LEU F 559 8.27 -37.45 -4.46
N ASP F 560 7.81 -36.76 -3.42
CA ASP F 560 7.64 -35.31 -3.46
C ASP F 560 8.92 -34.55 -3.16
N SER F 561 10.04 -35.24 -3.01
CA SER F 561 11.29 -34.58 -2.61
C SER F 561 11.71 -33.50 -3.61
N ILE F 562 11.58 -33.77 -4.92
CA ILE F 562 12.00 -32.79 -5.91
C ILE F 562 11.14 -31.54 -5.84
N ALA F 563 9.83 -31.70 -5.63
CA ALA F 563 8.97 -30.53 -5.51
C ALA F 563 9.35 -29.69 -4.31
N LYS F 564 9.65 -30.35 -3.18
CA LYS F 564 10.09 -29.61 -2.00
C LYS F 564 11.40 -28.89 -2.29
N ALA F 565 12.32 -29.57 -2.98
CA ALA F 565 13.61 -28.97 -3.29
C ALA F 565 13.44 -27.71 -4.14
N ARG F 566 12.47 -27.71 -5.05
CA ARG F 566 12.23 -26.53 -5.86
C ARG F 566 11.35 -25.50 -5.17
N GLY F 567 10.78 -25.83 -4.01
CA GLY F 567 9.91 -24.91 -3.30
C GLY F 567 8.75 -25.61 -2.63
N GLY F 568 7.53 -25.17 -2.97
CA GLY F 568 6.31 -25.75 -2.41
C GLY F 568 5.27 -24.71 -2.08
N ASN F 569 5.70 -23.54 -1.61
CA ASN F 569 4.79 -22.42 -1.39
C ASN F 569 4.78 -21.45 -2.57
N ILE F 570 5.97 -21.04 -3.00
CA ILE F 570 6.15 -20.26 -4.21
C ILE F 570 6.87 -21.08 -5.28
N GLY F 571 7.98 -21.70 -4.92
CA GLY F 571 8.78 -22.54 -5.77
C GLY F 571 9.39 -21.80 -6.95
N ASP F 572 9.69 -22.57 -7.98
CA ASP F 572 10.21 -22.02 -9.23
C ASP F 572 9.09 -21.32 -9.99
N GLY F 573 9.49 -20.54 -11.01
CA GLY F 573 8.51 -19.88 -11.84
C GLY F 573 7.69 -20.85 -12.68
N GLY F 574 8.27 -22.00 -13.02
CA GLY F 574 7.57 -22.98 -13.81
C GLY F 574 6.59 -23.79 -12.99
N GLY F 575 5.93 -24.73 -13.67
CA GLY F 575 4.94 -25.57 -13.04
C GLY F 575 5.55 -26.71 -12.25
N ALA F 576 4.71 -27.70 -11.95
CA ALA F 576 5.13 -28.84 -11.15
C ALA F 576 6.02 -29.81 -11.92
N ALA F 577 6.02 -29.74 -13.24
CA ALA F 577 6.82 -30.67 -14.04
C ALA F 577 8.31 -30.49 -13.79
N ASP F 578 9.01 -31.61 -13.66
CA ASP F 578 10.45 -31.64 -13.46
C ASP F 578 11.03 -32.79 -14.27
N ARG F 579 12.35 -32.79 -14.42
CA ARG F 579 13.00 -33.78 -15.28
C ARG F 579 12.78 -35.21 -14.76
N VAL F 580 13.01 -35.42 -13.46
CA VAL F 580 12.94 -36.78 -12.92
C VAL F 580 11.52 -37.32 -12.96
N ILE F 581 10.53 -36.51 -12.57
CA ILE F 581 9.15 -36.97 -12.63
C ILE F 581 8.72 -37.21 -14.07
N ASN F 582 9.17 -36.36 -14.99
CA ASN F 582 8.83 -36.58 -16.39
C ASN F 582 9.40 -37.91 -16.89
N GLN F 583 10.63 -38.22 -16.53
CA GLN F 583 11.22 -39.50 -16.93
C GLN F 583 10.46 -40.67 -16.31
N ILE F 584 10.06 -40.51 -15.04
CA ILE F 584 9.29 -41.56 -14.39
C ILE F 584 7.96 -41.77 -15.10
N LEU F 585 7.29 -40.69 -15.48
CA LEU F 585 6.05 -40.79 -16.22
C LEU F 585 6.27 -41.46 -17.57
N THR F 586 7.36 -41.13 -18.26
CA THR F 586 7.63 -41.76 -19.54
C THR F 586 7.85 -43.26 -19.38
N GLU F 587 8.58 -43.64 -18.34
CA GLU F 587 8.82 -45.07 -18.11
C GLU F 587 7.54 -45.79 -17.74
N MET F 588 6.70 -45.17 -16.91
CA MET F 588 5.43 -45.77 -16.55
C MET F 588 4.52 -45.91 -17.77
N ASP F 589 4.47 -44.88 -18.61
CA ASP F 589 3.65 -44.96 -19.82
C ASP F 589 4.17 -46.06 -20.73
N GLY F 590 5.48 -46.26 -20.76
CA GLY F 590 6.06 -47.30 -21.57
C GLY F 590 6.10 -48.62 -20.85
N MET F 591 5.61 -48.64 -19.63
CA MET F 591 5.56 -49.82 -18.77
C MET F 591 4.21 -50.49 -18.98
N SER F 592 3.79 -51.33 -18.02
CA SER F 592 2.55 -52.08 -18.10
C SER F 592 2.72 -53.25 -19.07
N THR F 593 3.71 -53.17 -19.97
CA THR F 593 3.93 -54.27 -20.89
C THR F 593 4.36 -55.51 -20.12
N LYS F 594 5.20 -55.30 -19.11
CA LYS F 594 5.78 -56.38 -18.32
C LYS F 594 4.73 -57.14 -17.50
N LYS F 595 3.65 -56.48 -17.11
CA LYS F 595 2.55 -57.16 -16.43
C LYS F 595 2.94 -57.58 -15.03
N ASN F 596 4.16 -57.31 -14.58
CA ASN F 596 4.61 -57.71 -13.26
C ASN F 596 5.04 -56.56 -12.37
N VAL F 597 5.73 -55.55 -12.90
CA VAL F 597 6.18 -54.45 -12.04
C VAL F 597 4.97 -53.66 -11.58
N PHE F 598 4.96 -53.34 -10.28
CA PHE F 598 3.89 -52.57 -9.64
C PHE F 598 4.52 -51.36 -8.98
N ILE F 599 4.05 -50.17 -9.35
CA ILE F 599 4.62 -48.93 -8.83
C ILE F 599 3.83 -48.46 -7.61
N ILE F 600 4.53 -48.22 -6.52
CA ILE F 600 3.95 -47.71 -5.28
C ILE F 600 4.66 -46.40 -4.95
N GLY F 601 3.89 -45.36 -4.72
CA GLY F 601 4.45 -44.04 -4.39
C GLY F 601 3.99 -43.56 -3.03
N ALA F 602 4.94 -43.03 -2.26
CA ALA F 602 4.69 -42.49 -0.94
C ALA F 602 5.09 -41.03 -0.92
N THR F 603 4.21 -40.17 -0.39
CA THR F 603 4.47 -38.74 -0.36
C THR F 603 3.82 -38.13 0.87
N ASN F 604 4.59 -37.33 1.60
CA ASN F 604 4.07 -36.62 2.76
C ASN F 604 3.49 -35.25 2.40
N ARG F 605 3.60 -34.82 1.14
CA ARG F 605 3.07 -33.54 0.69
C ARG F 605 2.27 -33.76 -0.59
N PRO F 606 1.07 -34.33 -0.46
CA PRO F 606 0.26 -34.59 -1.67
C PRO F 606 -0.10 -33.34 -2.44
N ASP F 607 -0.19 -32.19 -1.76
CA ASP F 607 -0.57 -30.95 -2.45
C ASP F 607 0.44 -30.56 -3.53
N ILE F 608 1.74 -30.73 -3.25
CA ILE F 608 2.76 -30.31 -4.20
C ILE F 608 3.11 -31.37 -5.23
N ILE F 609 2.57 -32.59 -5.11
CA ILE F 609 2.90 -33.63 -6.08
C ILE F 609 2.34 -33.24 -7.44
N ASP F 610 3.07 -33.60 -8.50
CA ASP F 610 2.64 -33.26 -9.85
C ASP F 610 1.30 -33.93 -10.15
N PRO F 611 0.31 -33.21 -10.69
CA PRO F 611 -0.97 -33.85 -11.01
C PRO F 611 -0.86 -34.95 -12.06
N ALA F 612 0.10 -34.84 -12.97
CA ALA F 612 0.24 -35.85 -14.03
C ALA F 612 0.51 -37.23 -13.43
N ILE F 613 1.10 -37.28 -12.24
CA ILE F 613 1.37 -38.55 -11.57
C ILE F 613 0.08 -39.30 -11.28
N LEU F 614 -1.03 -38.58 -11.07
CA LEU F 614 -2.29 -39.19 -10.67
C LEU F 614 -3.22 -39.50 -11.83
N ARG F 615 -2.82 -39.22 -13.07
CA ARG F 615 -3.68 -39.50 -14.21
C ARG F 615 -3.81 -41.01 -14.41
N PRO F 616 -4.87 -41.45 -15.09
CA PRO F 616 -5.04 -42.90 -15.31
C PRO F 616 -3.85 -43.47 -16.07
N GLY F 617 -3.48 -44.70 -15.72
CA GLY F 617 -2.29 -45.33 -16.23
C GLY F 617 -1.05 -45.03 -15.40
N ARG F 618 -1.19 -44.14 -14.42
CA ARG F 618 -0.15 -43.76 -13.48
C ARG F 618 -0.61 -44.13 -12.06
N LEU F 619 0.04 -43.55 -11.05
CA LEU F 619 -0.34 -43.83 -9.67
C LEU F 619 -1.66 -43.15 -9.36
N ASP F 620 -2.75 -43.70 -9.88
CA ASP F 620 -4.07 -43.11 -9.72
C ASP F 620 -4.74 -43.52 -8.42
N GLN F 621 -4.53 -44.76 -7.97
CA GLN F 621 -5.15 -45.24 -6.74
C GLN F 621 -4.47 -44.56 -5.55
N LEU F 622 -5.09 -43.50 -5.04
CA LEU F 622 -4.57 -42.79 -3.89
C LEU F 622 -5.07 -43.44 -2.61
N ILE F 623 -4.13 -43.81 -1.73
CA ILE F 623 -4.45 -44.43 -0.45
C ILE F 623 -3.92 -43.54 0.65
N TYR F 624 -4.78 -43.23 1.62
CA TYR F 624 -4.41 -42.39 2.74
C TYR F 624 -4.06 -43.24 3.94
N ILE F 625 -2.88 -43.00 4.51
CA ILE F 625 -2.40 -43.72 5.69
C ILE F 625 -2.58 -42.78 6.89
N PRO F 626 -3.54 -43.02 7.76
CA PRO F 626 -3.75 -42.13 8.91
C PRO F 626 -2.84 -42.50 10.08
N LEU F 627 -2.84 -41.62 11.07
CA LEU F 627 -2.06 -41.88 12.27
C LEU F 627 -2.54 -43.18 12.92
N PRO F 628 -1.64 -43.99 13.47
CA PRO F 628 -2.06 -45.28 14.01
C PRO F 628 -3.06 -45.10 15.14
N ASP F 629 -4.05 -45.99 15.17
CA ASP F 629 -5.05 -45.97 16.23
C ASP F 629 -4.48 -46.58 17.51
N GLU F 630 -5.34 -46.70 18.52
CA GLU F 630 -4.90 -47.27 19.80
C GLU F 630 -4.42 -48.71 19.61
N LYS F 631 -5.21 -49.52 18.91
CA LYS F 631 -4.82 -50.89 18.64
C LYS F 631 -3.59 -50.91 17.73
N SER F 632 -3.57 -50.03 16.73
CA SER F 632 -2.41 -49.95 15.84
C SER F 632 -1.18 -49.53 16.63
N ARG F 633 -1.35 -48.58 17.55
CA ARG F 633 -0.24 -48.14 18.38
C ARG F 633 0.27 -49.28 19.25
N VAL F 634 -0.63 -50.10 19.79
CA VAL F 634 -0.20 -51.25 20.59
C VAL F 634 0.64 -52.19 19.73
N ALA F 635 0.17 -52.45 18.51
CA ALA F 635 0.91 -53.34 17.62
C ALA F 635 2.28 -52.76 17.28
N ILE F 636 2.34 -51.46 17.03
CA ILE F 636 3.62 -50.83 16.71
C ILE F 636 4.58 -50.95 17.88
N LEU F 637 4.08 -50.71 19.10
CA LEU F 637 4.94 -50.84 20.27
C LEU F 637 5.45 -52.26 20.41
N LYS F 638 4.57 -53.25 20.21
CA LYS F 638 4.99 -54.63 20.32
C LYS F 638 6.06 -54.96 19.28
N ALA F 639 5.88 -54.51 18.05
CA ALA F 639 6.86 -54.76 17.00
C ALA F 639 8.20 -54.12 17.33
N ASN F 640 8.18 -52.88 17.81
CA ASN F 640 9.43 -52.21 18.17
C ASN F 640 10.13 -52.88 19.34
N LEU F 641 9.36 -53.42 20.28
CA LEU F 641 9.92 -54.00 21.50
C LEU F 641 10.01 -55.53 21.45
N ARG F 642 9.78 -56.14 20.29
CA ARG F 642 9.83 -57.59 20.20
C ARG F 642 11.21 -58.13 20.55
N LYS F 643 12.26 -57.51 20.00
CA LYS F 643 13.63 -57.96 20.25
C LYS F 643 14.09 -57.64 21.67
N SER F 644 13.76 -56.45 22.16
CA SER F 644 14.23 -56.04 23.47
C SER F 644 13.55 -56.83 24.59
N PRO F 645 14.28 -57.17 25.64
CA PRO F 645 13.68 -57.86 26.80
C PRO F 645 12.78 -56.91 27.59
N VAL F 646 11.48 -57.09 27.50
CA VAL F 646 10.51 -56.22 28.17
C VAL F 646 9.81 -57.00 29.26
N ALA F 647 9.86 -56.48 30.48
CA ALA F 647 9.22 -57.11 31.62
C ALA F 647 7.71 -57.11 31.46
N LYS F 648 7.07 -58.22 31.85
CA LYS F 648 5.62 -58.31 31.74
C LYS F 648 4.91 -57.29 32.61
N ASP F 649 5.60 -56.72 33.61
CA ASP F 649 4.96 -55.75 34.49
C ASP F 649 4.52 -54.51 33.71
N VAL F 650 5.35 -54.05 32.78
CA VAL F 650 5.03 -52.84 32.01
C VAL F 650 3.90 -53.18 31.03
N ASP F 651 2.72 -52.58 31.27
CA ASP F 651 1.56 -52.79 30.42
C ASP F 651 1.71 -51.98 29.13
N LEU F 652 1.62 -52.66 27.98
CA LEU F 652 1.79 -51.99 26.70
C LEU F 652 0.50 -51.37 26.19
N GLU F 653 -0.65 -51.99 26.47
CA GLU F 653 -1.91 -51.42 26.01
C GLU F 653 -2.15 -50.06 26.66
N PHE F 654 -1.82 -49.94 27.95
CA PHE F 654 -1.99 -48.67 28.63
C PHE F 654 -1.11 -47.60 27.99
N LEU F 655 0.13 -47.94 27.68
CA LEU F 655 1.02 -46.98 27.05
C LEU F 655 0.51 -46.57 25.67
N ALA F 656 0.02 -47.53 24.89
CA ALA F 656 -0.48 -47.19 23.56
C ALA F 656 -1.69 -46.27 23.66
N LYS F 657 -2.59 -46.56 24.61
CA LYS F 657 -3.79 -45.75 24.77
C LYS F 657 -3.45 -44.37 25.28
N MET F 658 -2.42 -44.30 26.13
CA MET F 658 -1.99 -43.03 26.71
C MET F 658 -1.53 -42.09 25.60
N THR F 659 -0.82 -42.62 24.60
CA THR F 659 -0.31 -41.84 23.48
C THR F 659 -1.48 -41.49 22.58
N ASN F 660 -2.06 -40.30 22.76
CA ASN F 660 -3.27 -39.94 22.04
C ASN F 660 -3.04 -39.86 20.53
N GLY F 661 -1.99 -39.16 20.11
CA GLY F 661 -1.71 -39.00 18.69
C GLY F 661 -0.28 -39.25 18.26
N PHE F 662 0.44 -40.13 18.96
CA PHE F 662 1.81 -40.42 18.58
C PHE F 662 1.86 -41.18 17.26
N SER F 663 2.80 -40.79 16.40
CA SER F 663 3.05 -41.47 15.15
C SER F 663 3.92 -42.69 15.37
N GLY F 664 4.05 -43.52 14.34
CA GLY F 664 4.90 -44.69 14.46
C GLY F 664 6.31 -44.31 14.80
N ALA F 665 6.81 -43.22 14.20
CA ALA F 665 8.15 -42.77 14.52
C ALA F 665 8.25 -42.34 15.97
N ASP F 666 7.21 -41.67 16.49
CA ASP F 666 7.23 -41.23 17.88
C ASP F 666 7.27 -42.43 18.81
N LEU F 667 6.48 -43.47 18.52
CA LEU F 667 6.49 -44.66 19.36
C LEU F 667 7.86 -45.34 19.29
N THR F 668 8.45 -45.38 18.10
CA THR F 668 9.79 -45.96 17.98
C THR F 668 10.79 -45.18 18.80
N GLU F 669 10.70 -43.85 18.77
CA GLU F 669 11.60 -43.02 19.57
C GLU F 669 11.43 -43.29 21.05
N ILE F 670 10.19 -43.44 21.50
CA ILE F 670 9.96 -43.71 22.92
C ILE F 670 10.58 -45.05 23.30
N CYS F 671 10.38 -46.08 22.47
CA CYS F 671 10.96 -47.38 22.78
C CYS F 671 12.48 -47.32 22.79
N GLN F 672 13.07 -46.62 21.82
CA GLN F 672 14.52 -46.51 21.76
C GLN F 672 15.07 -45.77 22.97
N ARG F 673 14.38 -44.72 23.40
CA ARG F 673 14.83 -43.98 24.58
C ARG F 673 14.74 -44.85 25.82
N ALA F 674 13.67 -45.64 25.95
CA ALA F 674 13.56 -46.54 27.10
C ALA F 674 14.69 -47.55 27.09
N CYS F 675 15.00 -48.12 25.93
CA CYS F 675 16.10 -49.08 25.83
C CYS F 675 17.43 -48.41 26.17
N LYS F 676 17.63 -47.18 25.71
CA LYS F 676 18.85 -46.45 26.01
C LYS F 676 18.99 -46.21 27.51
N LEU F 677 17.90 -45.82 28.17
CA LEU F 677 17.94 -45.60 29.60
C LEU F 677 18.29 -46.90 30.34
N ALA F 678 17.68 -48.01 29.91
CA ALA F 678 17.98 -49.29 30.55
C ALA F 678 19.45 -49.67 30.34
N ILE F 679 19.96 -49.46 29.13
CA ILE F 679 21.35 -49.81 28.85
C ILE F 679 22.30 -48.96 29.69
N ARG F 680 22.03 -47.66 29.80
CA ARG F 680 22.90 -46.81 30.60
C ARG F 680 22.87 -47.22 32.06
N GLU F 681 21.67 -47.50 32.59
CA GLU F 681 21.58 -47.90 33.99
C GLU F 681 22.32 -49.20 34.24
N SER F 682 22.16 -50.18 33.34
CA SER F 682 22.85 -51.45 33.50
C SER F 682 24.35 -51.27 33.46
N ILE F 683 24.85 -50.47 32.51
CA ILE F 683 26.28 -50.26 32.39
C ILE F 683 26.83 -49.59 33.65
N GLU F 684 26.17 -48.52 34.09
CA GLU F 684 26.65 -47.80 35.26
C GLU F 684 26.65 -48.69 36.49
N SER F 685 25.56 -49.43 36.72
CA SER F 685 25.46 -50.34 37.85
C SER F 685 26.53 -51.42 37.84
N GLU F 686 26.70 -52.16 36.74
CA GLU F 686 27.72 -53.20 36.75
C GLU F 686 29.12 -52.60 36.88
N ILE F 687 29.33 -51.40 36.34
CA ILE F 687 30.63 -50.74 36.51
C ILE F 687 30.90 -50.44 37.98
N ARG F 688 29.90 -49.91 38.68
CA ARG F 688 30.10 -49.64 40.11
C ARG F 688 30.36 -50.94 40.85
N ARG F 689 29.57 -51.96 40.54
CA ARG F 689 29.68 -53.23 41.22
C ARG F 689 31.08 -53.80 41.02
N GLU F 690 31.66 -53.55 39.84
CA GLU F 690 33.03 -53.99 39.63
C GLU F 690 33.98 -53.16 40.48
N ARG F 691 33.68 -51.87 40.74
CA ARG F 691 34.60 -51.16 41.61
C ARG F 691 34.57 -51.79 42.98
N GLU F 692 33.44 -52.51 43.24
CA GLU F 692 33.39 -53.60 44.22
C GLU F 692 34.24 -54.83 43.88
N ARG F 693 34.40 -55.23 42.62
CA ARG F 693 35.39 -56.28 42.35
C ARG F 693 36.74 -55.78 42.73
N GLN F 694 36.79 -54.55 43.18
CA GLN F 694 38.19 -54.11 43.16
C GLN F 694 38.57 -53.38 44.44
N THR F 695 37.69 -52.49 44.93
CA THR F 695 37.99 -51.76 46.15
C THR F 695 38.02 -52.68 47.36
N ASN F 696 37.03 -53.55 47.48
CA ASN F 696 36.89 -54.45 48.62
C ASN F 696 36.85 -55.89 48.10
N PRO F 697 38.00 -56.48 47.79
CA PRO F 697 38.01 -57.89 47.34
C PRO F 697 37.27 -58.84 48.28
N SER F 698 36.13 -59.36 47.83
CA SER F 698 35.34 -60.30 48.62
C SER F 698 36.05 -61.65 48.69
N ALA F 699 35.91 -62.34 49.83
CA ALA F 699 36.60 -63.60 50.02
C ALA F 699 36.02 -64.71 49.14
N MET F 700 34.72 -64.68 48.88
CA MET F 700 34.08 -65.67 48.04
C MET F 700 33.39 -65.00 46.85
N GLU F 701 33.73 -65.44 45.64
CA GLU F 701 33.15 -64.83 44.45
C GLU F 701 31.75 -65.39 44.20
N VAL F 702 30.74 -64.52 44.24
CA VAL F 702 29.37 -64.95 43.97
C VAL F 702 28.59 -63.90 43.20
N GLU F 703 28.75 -63.87 41.88
CA GLU F 703 28.04 -62.89 41.06
C GLU F 703 26.53 -63.05 41.17
N GLU F 704 25.81 -61.95 41.38
CA GLU F 704 24.36 -61.98 41.53
C GLU F 704 23.69 -61.84 40.16
N ASP F 705 24.47 -61.95 39.09
CA ASP F 705 23.95 -61.87 37.72
C ASP F 705 23.74 -60.40 37.33
N ASP F 706 22.77 -60.11 36.45
CA ASP F 706 22.58 -58.73 36.03
C ASP F 706 21.62 -57.97 36.93
N PRO F 707 22.00 -56.77 37.39
CA PRO F 707 21.11 -55.97 38.23
C PRO F 707 19.86 -55.49 37.51
N VAL F 708 19.90 -55.38 36.18
CA VAL F 708 18.75 -55.03 35.36
C VAL F 708 18.71 -55.95 34.15
N PRO F 709 18.01 -57.10 34.26
CA PRO F 709 18.01 -58.07 33.16
C PRO F 709 16.99 -57.77 32.06
N GLU F 710 15.99 -56.94 32.34
CA GLU F 710 14.95 -56.63 31.36
C GLU F 710 14.43 -55.23 31.63
N ILE F 711 13.76 -54.66 30.61
CA ILE F 711 13.24 -53.29 30.69
C ILE F 711 12.03 -53.25 31.62
N ARG F 712 12.05 -52.32 32.57
CA ARG F 712 11.05 -52.27 33.64
C ARG F 712 10.12 -51.08 33.47
N ARG F 713 9.14 -50.98 34.38
CA ARG F 713 8.19 -49.87 34.34
C ARG F 713 8.87 -48.50 34.49
N ASP F 714 9.85 -48.38 35.41
CA ASP F 714 10.48 -47.08 35.63
C ASP F 714 11.22 -46.59 34.40
N HIS F 715 11.87 -47.50 33.67
CA HIS F 715 12.55 -47.10 32.44
C HIS F 715 11.56 -46.52 31.44
N PHE F 716 10.41 -47.20 31.27
CA PHE F 716 9.41 -46.71 30.34
C PHE F 716 8.78 -45.41 30.80
N GLU F 717 8.60 -45.23 32.11
CA GLU F 717 8.06 -43.97 32.60
C GLU F 717 9.02 -42.83 32.33
N GLU F 718 10.31 -43.03 32.61
CA GLU F 718 11.29 -41.98 32.31
C GLU F 718 11.35 -41.68 30.82
N ALA F 719 11.33 -42.72 29.98
CA ALA F 719 11.34 -42.51 28.54
C ALA F 719 10.10 -41.75 28.07
N MET F 720 8.92 -42.14 28.56
CA MET F 720 7.69 -41.45 28.18
C MET F 720 7.70 -40.01 28.67
N ARG F 721 8.43 -39.73 29.75
CA ARG F 721 8.58 -38.35 30.21
C ARG F 721 9.04 -37.46 29.07
N PHE F 722 9.89 -37.99 28.19
CA PHE F 722 10.40 -37.27 27.03
C PHE F 722 9.61 -37.59 25.76
N ALA F 723 8.46 -38.26 25.88
CA ALA F 723 7.69 -38.56 24.68
C ALA F 723 7.22 -37.26 24.03
N ARG F 724 7.16 -37.26 22.70
CA ARG F 724 6.80 -36.05 21.98
C ARG F 724 5.97 -36.42 20.75
N ARG F 725 5.05 -35.52 20.35
CA ARG F 725 4.27 -35.70 19.13
C ARG F 725 4.92 -34.99 17.96
N SER F 726 5.60 -35.75 17.10
CA SER F 726 6.28 -35.16 15.96
C SER F 726 5.29 -34.50 14.99
N VAL F 727 4.14 -35.14 14.76
CA VAL F 727 3.16 -34.68 13.77
C VAL F 727 2.12 -33.78 14.44
N SER F 728 2.12 -32.50 14.07
CA SER F 728 1.14 -31.55 14.57
C SER F 728 -0.23 -31.81 13.95
N ASP F 729 -1.27 -31.30 14.62
CA ASP F 729 -2.63 -31.47 14.13
C ASP F 729 -2.96 -30.61 12.91
N ASN F 730 -2.15 -29.57 12.62
CA ASN F 730 -2.43 -28.75 11.45
C ASN F 730 -2.07 -29.48 10.16
N ASP F 731 -0.99 -30.25 10.17
CA ASP F 731 -0.65 -30.97 8.96
C ASP F 731 -1.60 -32.15 8.76
N ILE F 732 -2.09 -32.73 9.84
CA ILE F 732 -3.16 -33.72 9.73
C ILE F 732 -4.41 -33.08 9.16
N ARG F 733 -4.66 -31.81 9.51
CA ARG F 733 -5.81 -31.12 8.95
C ARG F 733 -5.64 -30.93 7.44
N LYS F 734 -4.43 -30.60 6.98
CA LYS F 734 -4.21 -30.47 5.55
C LYS F 734 -4.42 -31.81 4.84
N TYR F 735 -3.95 -32.91 5.44
CA TYR F 735 -4.17 -34.22 4.83
C TYR F 735 -5.66 -34.55 4.77
N GLU F 736 -6.39 -34.22 5.83
CA GLU F 736 -7.85 -34.43 5.82
C GLU F 736 -8.49 -33.60 4.71
N MET F 737 -7.99 -32.38 4.50
CA MET F 737 -8.51 -31.55 3.43
C MET F 737 -8.30 -32.23 2.08
N PHE F 738 -7.07 -32.68 1.79
CA PHE F 738 -6.84 -33.33 0.50
C PHE F 738 -7.72 -34.58 0.36
N ALA F 739 -7.88 -35.32 1.46
CA ALA F 739 -8.68 -36.54 1.42
C ALA F 739 -10.10 -36.19 1.02
N GLN F 740 -10.63 -35.12 1.59
CA GLN F 740 -11.98 -34.70 1.21
C GLN F 740 -11.94 -33.85 -0.04
N THR F 741 -10.75 -33.70 -0.61
CA THR F 741 -10.53 -33.05 -1.90
C THR F 741 -10.58 -34.10 -2.98
N LEU F 742 -10.79 -35.35 -2.56
CA LEU F 742 -11.03 -36.47 -3.47
C LEU F 742 -12.42 -36.97 -3.09
N GLN F 743 -13.35 -36.01 -2.98
CA GLN F 743 -14.72 -36.24 -2.55
C GLN F 743 -15.60 -36.78 -3.66
N GLN F 744 -16.25 -37.92 -3.38
CA GLN F 744 -17.13 -38.58 -4.33
C GLN F 744 -18.46 -37.86 -4.55
N SER F 745 -18.42 -36.55 -4.76
CA SER F 745 -19.64 -35.80 -5.06
C SER F 745 -20.55 -35.73 -3.84
N ARG F 746 -21.75 -35.17 -4.01
CA ARG F 746 -22.71 -35.11 -2.90
C ARG F 746 -24.15 -35.27 -3.36
N GLY F 747 -24.40 -35.85 -4.54
CA GLY F 747 -25.74 -36.02 -5.05
C GLY F 747 -26.13 -37.40 -5.52
N PHE F 748 -25.14 -38.29 -5.63
CA PHE F 748 -25.39 -39.64 -6.13
C PHE F 748 -25.49 -40.69 -5.03
N GLY F 749 -25.19 -40.34 -3.79
CA GLY F 749 -25.20 -41.30 -2.70
C GLY F 749 -26.42 -42.19 -2.66
N SER F 750 -27.54 -41.72 -3.19
CA SER F 750 -28.80 -42.47 -3.21
C SER F 750 -29.16 -42.99 -4.60
N PHE F 751 -28.19 -43.12 -5.50
CA PHE F 751 -28.49 -43.54 -6.86
C PHE F 751 -29.18 -44.91 -6.88
N ARG F 752 -30.37 -44.95 -7.47
CA ARG F 752 -31.12 -46.18 -7.66
C ARG F 752 -31.54 -46.31 -9.13
N PHE F 753 -31.44 -47.52 -9.67
CA PHE F 753 -31.89 -47.75 -11.04
C PHE F 753 -33.41 -47.76 -11.09
N PRO F 754 -34.00 -47.38 -12.23
CA PRO F 754 -35.47 -47.31 -12.34
C PRO F 754 -36.06 -48.69 -12.49
N SER F 755 -36.88 -49.10 -11.52
CA SER F 755 -37.51 -50.42 -11.55
C SER F 755 -38.90 -50.37 -10.93
N ASN G 1 -48.36 59.71 -38.82
CA ASN G 1 -49.54 60.56 -38.77
C ASN G 1 -49.18 61.98 -38.33
N ARG G 2 -48.11 62.53 -38.91
CA ARG G 2 -47.63 63.86 -38.56
C ARG G 2 -47.29 63.92 -37.08
N PRO G 3 -46.40 63.06 -36.59
CA PRO G 3 -46.12 63.03 -35.15
C PRO G 3 -45.34 64.25 -34.68
N ASN G 4 -45.13 64.36 -33.38
CA ASN G 4 -44.35 65.48 -32.84
C ASN G 4 -42.90 65.39 -33.27
N ARG G 5 -42.37 64.18 -33.38
CA ARG G 5 -41.03 63.83 -33.82
C ARG G 5 -39.99 64.08 -32.74
N LEU G 6 -40.36 64.68 -31.60
CA LEU G 6 -39.42 64.99 -30.55
C LEU G 6 -39.73 64.15 -29.32
N ILE G 7 -38.72 63.48 -28.79
CA ILE G 7 -38.84 62.65 -27.60
C ILE G 7 -37.73 62.98 -26.62
N VAL G 8 -37.94 62.62 -25.37
CA VAL G 8 -36.99 62.88 -24.29
C VAL G 8 -36.16 61.63 -24.06
N ASP G 9 -34.85 61.83 -23.91
CA ASP G 9 -33.93 60.72 -23.70
C ASP G 9 -32.72 61.22 -22.93
N GLU G 10 -31.96 60.28 -22.37
CA GLU G 10 -30.78 60.63 -21.60
C GLU G 10 -29.66 61.11 -22.53
N ALA G 11 -28.83 62.00 -21.99
CA ALA G 11 -27.72 62.61 -22.72
C ALA G 11 -26.42 61.87 -22.41
N ILE G 12 -25.69 61.51 -23.47
CA ILE G 12 -24.44 60.78 -23.31
C ILE G 12 -23.25 61.72 -23.14
N ASN G 13 -23.18 62.78 -23.95
CA ASN G 13 -22.07 63.70 -23.89
C ASN G 13 -22.26 64.72 -22.77
N GLU G 14 -21.15 65.15 -22.17
CA GLU G 14 -21.17 66.13 -21.09
C GLU G 14 -21.35 67.51 -21.71
N ASP G 15 -22.53 68.11 -21.52
CA ASP G 15 -22.78 69.44 -22.04
C ASP G 15 -24.14 69.91 -21.56
N ASN G 16 -24.29 71.21 -21.39
CA ASN G 16 -25.55 71.82 -21.02
C ASN G 16 -26.04 72.71 -22.17
N SER G 17 -27.37 72.83 -22.28
CA SER G 17 -27.99 73.60 -23.34
C SER G 17 -27.63 73.07 -24.74
N VAL G 18 -27.43 71.76 -24.85
CA VAL G 18 -27.13 71.11 -26.12
C VAL G 18 -28.04 69.91 -26.29
N VAL G 19 -28.64 69.78 -27.48
CA VAL G 19 -29.57 68.70 -27.79
C VAL G 19 -29.06 67.98 -29.04
N SER G 20 -29.04 66.65 -28.97
CA SER G 20 -28.57 65.82 -30.08
C SER G 20 -29.76 65.26 -30.85
N LEU G 21 -29.57 65.14 -32.17
CA LEU G 21 -30.59 64.55 -33.05
C LEU G 21 -29.98 63.46 -33.90
N SER G 22 -30.84 62.52 -34.30
CA SER G 22 -30.40 61.37 -35.07
C SER G 22 -29.82 61.83 -36.41
N GLN G 23 -28.67 61.26 -36.76
CA GLN G 23 -28.02 61.59 -38.03
C GLN G 23 -28.81 61.16 -39.27
N PRO G 24 -29.58 60.06 -39.26
CA PRO G 24 -30.25 59.63 -40.49
C PRO G 24 -31.19 60.65 -41.12
N LYS G 25 -31.84 61.51 -40.34
CA LYS G 25 -32.83 62.44 -40.89
C LYS G 25 -32.44 63.87 -40.56
N MET G 26 -31.96 64.61 -41.56
CA MET G 26 -31.72 66.03 -41.39
C MET G 26 -32.75 66.92 -42.08
N ASP G 27 -33.47 66.43 -43.09
CA ASP G 27 -34.42 67.29 -43.78
C ASP G 27 -35.74 67.36 -43.02
N GLU G 28 -36.11 66.29 -42.32
CA GLU G 28 -37.34 66.24 -41.55
C GLU G 28 -37.39 67.41 -40.56
N LEU G 29 -36.35 67.50 -39.73
CA LEU G 29 -36.15 68.64 -38.83
C LEU G 29 -35.66 69.86 -39.59
N GLN G 30 -35.14 69.66 -40.80
CA GLN G 30 -34.61 70.71 -41.66
C GLN G 30 -33.53 71.55 -40.99
N LEU G 31 -32.88 71.00 -39.97
CA LEU G 31 -31.79 71.69 -39.29
C LEU G 31 -30.61 70.76 -39.06
N PHE G 32 -29.44 71.24 -39.47
CA PHE G 32 -28.17 70.56 -39.29
C PHE G 32 -27.56 71.11 -38.01
N ARG G 33 -26.26 70.98 -37.80
CA ARG G 33 -25.70 71.39 -36.52
C ARG G 33 -25.65 72.90 -36.39
N GLY G 34 -25.26 73.35 -35.20
CA GLY G 34 -25.01 74.74 -34.86
C GLY G 34 -26.11 75.73 -35.18
N ASP G 35 -27.34 75.47 -34.72
CA ASP G 35 -28.42 76.42 -34.92
C ASP G 35 -29.38 76.43 -33.75
N THR G 36 -29.80 77.63 -33.32
CA THR G 36 -30.77 77.73 -32.26
C THR G 36 -32.04 76.98 -32.63
N VAL G 37 -32.58 76.22 -31.68
CA VAL G 37 -33.75 75.38 -31.89
C VAL G 37 -34.68 75.57 -30.71
N LEU G 38 -35.96 75.83 -30.99
CA LEU G 38 -36.94 76.00 -29.93
C LEU G 38 -37.63 74.67 -29.64
N LEU G 39 -38.05 74.50 -28.38
CA LEU G 39 -38.68 73.26 -27.95
C LEU G 39 -39.80 73.57 -26.98
N LYS G 40 -41.02 73.11 -27.32
CA LYS G 40 -42.19 73.26 -26.47
C LYS G 40 -42.40 71.99 -25.67
N GLY G 41 -42.52 72.14 -24.36
CA GLY G 41 -42.68 71.03 -23.44
C GLY G 41 -44.12 70.93 -22.97
N LYS G 42 -44.35 71.26 -21.70
CA LYS G 42 -45.67 71.17 -21.11
C LYS G 42 -45.88 72.38 -20.21
N LYS G 43 -47.15 72.60 -19.86
CA LYS G 43 -47.55 73.71 -18.99
C LYS G 43 -47.16 75.05 -19.61
N ARG G 44 -47.29 75.15 -20.94
CA ARG G 44 -47.01 76.40 -21.65
C ARG G 44 -45.61 76.93 -21.38
N ARG G 45 -44.60 76.07 -21.61
CA ARG G 45 -43.22 76.48 -21.49
C ARG G 45 -42.40 75.97 -22.66
N GLU G 46 -41.32 76.69 -22.94
CA GLU G 46 -40.47 76.44 -24.09
C GLU G 46 -39.04 76.75 -23.70
N ALA G 47 -38.10 76.19 -24.47
CA ALA G 47 -36.67 76.40 -24.24
C ALA G 47 -35.97 76.53 -25.58
N VAL G 48 -34.76 77.07 -25.55
CA VAL G 48 -33.95 77.26 -26.75
C VAL G 48 -32.59 76.64 -26.50
N CYS G 49 -32.10 75.89 -27.48
CA CYS G 49 -30.82 75.20 -27.34
C CYS G 49 -30.15 75.11 -28.70
N ILE G 50 -29.03 74.41 -28.74
CA ILE G 50 -28.28 74.21 -29.97
C ILE G 50 -28.36 72.73 -30.30
N VAL G 51 -28.46 72.42 -31.59
CA VAL G 51 -28.67 71.06 -32.06
C VAL G 51 -27.42 70.53 -32.72
N LEU G 52 -27.11 69.26 -32.44
CA LEU G 52 -26.02 68.57 -33.11
C LEU G 52 -26.53 67.22 -33.61
N SER G 53 -25.63 66.40 -34.15
CA SER G 53 -25.99 65.10 -34.69
C SER G 53 -25.17 64.02 -33.99
N ASP G 54 -25.84 62.93 -33.62
CA ASP G 54 -25.17 61.82 -32.94
C ASP G 54 -25.53 60.51 -33.62
N ASP G 55 -24.51 59.77 -34.06
CA ASP G 55 -24.74 58.50 -34.74
C ASP G 55 -25.39 57.47 -33.83
N THR G 56 -25.14 57.56 -32.51
CA THR G 56 -25.69 56.57 -31.59
C THR G 56 -27.15 56.84 -31.26
N CYS G 57 -27.61 58.07 -31.47
CA CYS G 57 -28.98 58.44 -31.12
C CYS G 57 -29.97 57.72 -32.03
N SER G 58 -31.03 57.20 -31.42
CA SER G 58 -32.09 56.56 -32.19
C SER G 58 -32.97 57.63 -32.85
N ASP G 59 -33.39 57.37 -34.08
CA ASP G 59 -34.18 58.35 -34.81
C ASP G 59 -35.48 58.66 -34.09
N GLU G 60 -36.04 57.69 -33.35
CA GLU G 60 -37.32 57.92 -32.69
C GLU G 60 -37.21 59.02 -31.64
N LYS G 61 -36.13 59.02 -30.86
CA LYS G 61 -36.01 59.91 -29.71
C LYS G 61 -34.86 60.88 -29.91
N ILE G 62 -34.91 61.98 -29.15
CA ILE G 62 -33.92 63.05 -29.23
C ILE G 62 -33.21 63.13 -27.88
N ARG G 63 -31.92 62.84 -27.87
CA ARG G 63 -31.14 62.92 -26.64
C ARG G 63 -31.09 64.35 -26.15
N MET G 64 -31.19 64.53 -24.83
CA MET G 64 -31.17 65.85 -24.23
C MET G 64 -30.67 65.75 -22.80
N ASN G 65 -30.03 66.82 -22.33
CA ASN G 65 -29.47 66.85 -21.00
C ASN G 65 -30.56 67.07 -19.95
N ARG G 66 -30.20 66.79 -18.68
CA ARG G 66 -31.19 66.88 -17.62
C ARG G 66 -31.56 68.32 -17.31
N VAL G 67 -30.62 69.26 -17.50
CA VAL G 67 -30.91 70.67 -17.21
C VAL G 67 -32.00 71.18 -18.14
N VAL G 68 -31.86 70.95 -19.45
CA VAL G 68 -32.87 71.38 -20.40
C VAL G 68 -34.18 70.66 -20.15
N ARG G 69 -34.11 69.37 -19.83
CA ARG G 69 -35.32 68.60 -19.56
C ARG G 69 -36.08 69.17 -18.36
N ASN G 70 -35.36 69.52 -17.30
CA ASN G 70 -36.00 70.19 -16.17
C ASN G 70 -36.57 71.54 -16.57
N ASN G 71 -35.86 72.27 -17.45
CA ASN G 71 -36.39 73.54 -17.92
C ASN G 71 -37.73 73.35 -18.62
N LEU G 72 -37.84 72.32 -19.47
CA LEU G 72 -39.08 72.02 -20.15
C LEU G 72 -40.10 71.35 -19.25
N ARG G 73 -39.67 70.80 -18.12
CA ARG G 73 -40.51 70.03 -17.20
C ARG G 73 -40.93 68.68 -17.77
N VAL G 74 -40.30 68.24 -18.85
CA VAL G 74 -40.56 66.92 -19.41
C VAL G 74 -39.69 65.90 -18.70
N ARG G 75 -40.02 64.62 -18.88
CA ARG G 75 -39.28 63.52 -18.29
C ARG G 75 -38.86 62.53 -19.37
N LEU G 76 -38.00 61.59 -19.00
CA LEU G 76 -37.49 60.61 -19.94
C LEU G 76 -38.63 59.83 -20.57
N GLY G 77 -38.53 59.62 -21.88
CA GLY G 77 -39.56 58.91 -22.61
C GLY G 77 -40.75 59.75 -23.02
N ASP G 78 -40.77 61.03 -22.65
CA ASP G 78 -41.87 61.91 -22.99
C ASP G 78 -41.75 62.38 -24.44
N VAL G 79 -42.85 62.96 -24.94
CA VAL G 79 -42.93 63.47 -26.30
C VAL G 79 -43.25 64.95 -26.24
N ILE G 80 -42.47 65.77 -26.95
CA ILE G 80 -42.62 67.21 -26.96
C ILE G 80 -42.50 67.72 -28.38
N SER G 81 -42.69 69.04 -28.53
CA SER G 81 -42.71 69.70 -29.83
C SER G 81 -41.38 70.39 -30.09
N ILE G 82 -40.86 70.24 -31.29
CA ILE G 82 -39.61 70.87 -31.69
C ILE G 82 -39.92 71.81 -32.84
N GLN G 83 -39.18 72.92 -32.91
CA GLN G 83 -39.38 73.94 -33.94
C GLN G 83 -38.05 74.55 -34.35
N PRO G 84 -37.54 74.18 -35.52
CA PRO G 84 -36.28 74.75 -36.01
C PRO G 84 -36.44 76.25 -36.24
N CYS G 85 -35.69 77.04 -35.48
CA CYS G 85 -35.73 78.49 -35.58
C CYS G 85 -34.35 79.05 -35.93
N PRO G 86 -34.04 79.24 -37.21
CA PRO G 86 -32.73 79.82 -37.54
C PRO G 86 -32.56 81.21 -36.96
N ASP G 87 -33.66 81.91 -36.73
CA ASP G 87 -33.62 83.25 -36.14
C ASP G 87 -33.14 83.20 -34.70
N VAL G 88 -32.32 84.17 -34.32
CA VAL G 88 -31.82 84.26 -32.95
C VAL G 88 -31.47 85.72 -32.70
N LYS G 89 -31.80 86.20 -31.51
CA LYS G 89 -31.59 87.60 -31.15
C LYS G 89 -30.60 87.71 -29.99
N TYR G 90 -29.59 88.54 -30.16
CA TYR G 90 -28.65 88.83 -29.08
C TYR G 90 -29.40 89.52 -27.94
N GLY G 91 -28.72 89.64 -26.79
CA GLY G 91 -29.30 90.26 -25.62
C GLY G 91 -28.49 91.45 -25.14
N LYS G 92 -29.07 92.16 -24.17
CA LYS G 92 -28.43 93.32 -23.55
C LYS G 92 -28.57 93.20 -22.05
N ARG G 93 -27.44 93.27 -21.35
CA ARG G 93 -27.39 93.15 -19.89
C ARG G 93 -28.31 92.04 -19.40
N ILE G 94 -28.01 90.82 -19.85
CA ILE G 94 -28.76 89.65 -19.40
C ILE G 94 -28.71 89.56 -17.89
N HIS G 95 -29.85 89.31 -17.27
CA HIS G 95 -29.97 89.35 -15.82
C HIS G 95 -30.01 87.93 -15.28
N VAL G 96 -29.42 87.75 -14.09
CA VAL G 96 -29.36 86.47 -13.43
C VAL G 96 -29.45 86.70 -11.92
N LEU G 97 -30.10 85.77 -11.23
CA LEU G 97 -30.24 85.83 -9.79
C LEU G 97 -29.92 84.48 -9.18
N PRO G 98 -29.35 84.47 -7.97
CA PRO G 98 -29.21 83.20 -7.25
C PRO G 98 -30.58 82.61 -6.96
N ILE G 99 -30.68 81.29 -7.04
CA ILE G 99 -31.96 80.61 -6.91
C ILE G 99 -31.82 79.45 -5.92
N ASP G 100 -32.97 79.01 -5.41
CA ASP G 100 -33.02 77.89 -4.48
C ASP G 100 -32.23 78.17 -3.21
N ASP G 101 -31.99 77.15 -2.39
CA ASP G 101 -31.28 77.29 -1.13
C ASP G 101 -29.77 77.29 -1.29
N THR G 102 -29.26 77.15 -2.51
CA THR G 102 -27.81 77.16 -2.72
C THR G 102 -27.24 78.52 -2.30
N VAL G 103 -26.49 78.54 -1.20
CA VAL G 103 -25.98 79.78 -0.64
C VAL G 103 -24.82 79.44 0.28
N GLU G 104 -24.01 80.45 0.59
CA GLU G 104 -22.82 80.37 1.45
C GLU G 104 -21.64 79.76 0.71
N GLY G 105 -21.80 79.35 -0.54
CA GLY G 105 -20.70 78.83 -1.33
C GLY G 105 -19.84 79.87 -2.01
N ILE G 106 -20.17 81.15 -1.87
CA ILE G 106 -19.44 82.24 -2.50
C ILE G 106 -19.26 83.36 -1.49
N THR G 107 -18.09 83.99 -1.51
CA THR G 107 -17.79 85.11 -0.62
C THR G 107 -17.21 86.26 -1.43
N GLY G 108 -17.52 87.48 -0.98
CA GLY G 108 -17.07 88.66 -1.71
C GLY G 108 -17.64 88.68 -3.12
N ASN G 109 -16.77 88.89 -4.10
CA ASN G 109 -17.18 88.84 -5.49
C ASN G 109 -17.75 87.47 -5.82
N LEU G 110 -18.90 87.45 -6.50
CA LEU G 110 -19.62 86.22 -6.76
C LEU G 110 -19.96 85.97 -8.23
N PHE G 111 -19.59 86.87 -9.14
CA PHE G 111 -19.91 86.69 -10.55
C PHE G 111 -18.73 86.29 -11.42
N GLU G 112 -17.50 86.67 -11.05
CA GLU G 112 -16.35 86.26 -11.85
C GLU G 112 -16.05 84.78 -11.72
N VAL G 113 -16.37 84.18 -10.57
CA VAL G 113 -15.99 82.80 -10.29
C VAL G 113 -16.78 81.83 -11.16
N TYR G 114 -18.09 82.06 -11.32
CA TYR G 114 -18.96 81.06 -11.93
C TYR G 114 -19.45 81.47 -13.32
N LEU G 115 -20.11 82.61 -13.45
CA LEU G 115 -20.73 82.94 -14.74
C LEU G 115 -19.68 83.19 -15.82
N LYS G 116 -18.69 84.02 -15.53
CA LYS G 116 -17.74 84.44 -16.57
C LYS G 116 -17.06 83.27 -17.26
N PRO G 117 -16.52 82.28 -16.55
CA PRO G 117 -15.82 81.18 -17.23
C PRO G 117 -16.73 80.35 -18.12
N TYR G 118 -18.04 80.37 -17.87
CA TYR G 118 -19.00 79.53 -18.59
C TYR G 118 -19.66 80.23 -19.76
N PHE G 119 -20.07 81.50 -19.61
CA PHE G 119 -20.72 82.19 -20.72
C PHE G 119 -19.74 82.82 -21.69
N LEU G 120 -18.44 82.68 -21.44
CA LEU G 120 -17.40 83.23 -22.30
C LEU G 120 -17.23 82.35 -23.54
N GLU G 121 -17.71 82.83 -24.69
CA GLU G 121 -17.64 82.14 -25.97
C GLU G 121 -18.56 80.93 -26.06
N ALA G 122 -19.42 80.72 -25.07
CA ALA G 122 -20.33 79.58 -25.13
C ALA G 122 -21.46 79.82 -26.13
N TYR G 123 -21.95 81.06 -26.21
CA TYR G 123 -23.05 81.40 -27.12
C TYR G 123 -24.30 80.59 -26.76
N ARG G 124 -24.53 80.41 -25.48
CA ARG G 124 -25.71 79.66 -25.03
C ARG G 124 -26.94 80.56 -25.03
N PRO G 125 -27.98 80.24 -25.80
CA PRO G 125 -29.20 81.06 -25.80
C PRO G 125 -29.92 80.93 -24.47
N ILE G 126 -30.15 82.08 -23.81
CA ILE G 126 -30.80 82.13 -22.51
C ILE G 126 -32.21 82.69 -22.71
N ARG G 127 -33.19 82.04 -22.09
CA ARG G 127 -34.57 82.49 -22.16
C ARG G 127 -35.05 82.94 -20.78
N LYS G 128 -36.04 83.84 -20.77
CA LYS G 128 -36.59 84.34 -19.52
C LYS G 128 -37.12 83.20 -18.65
N GLY G 129 -36.82 83.28 -17.36
CA GLY G 129 -37.37 82.36 -16.39
C GLY G 129 -36.90 80.93 -16.54
N ASP G 130 -35.62 80.73 -16.79
CA ASP G 130 -35.04 79.40 -16.83
C ASP G 130 -33.88 79.34 -15.85
N ILE G 131 -33.59 78.13 -15.36
CA ILE G 131 -32.54 77.88 -14.39
C ILE G 131 -31.45 77.07 -15.07
N PHE G 132 -30.22 77.57 -15.02
CA PHE G 132 -29.08 76.86 -15.60
C PHE G 132 -28.03 76.61 -14.53
N LEU G 133 -27.39 75.45 -14.59
CA LEU G 133 -26.50 74.99 -13.54
C LEU G 133 -25.06 75.28 -13.92
N VAL G 134 -24.31 75.83 -12.96
CA VAL G 134 -22.90 76.15 -13.12
C VAL G 134 -22.11 75.31 -12.12
N ARG G 135 -21.08 74.64 -12.62
CA ARG G 135 -20.24 73.76 -11.83
C ARG G 135 -18.92 74.47 -11.55
N GLY G 136 -18.51 74.49 -10.28
CA GLY G 136 -17.25 75.09 -9.89
C GLY G 136 -17.07 75.15 -8.39
N GLY G 137 -15.81 75.31 -7.96
CA GLY G 137 -15.50 75.39 -6.55
C GLY G 137 -15.97 74.18 -5.78
N MET G 138 -15.86 72.99 -6.38
CA MET G 138 -16.36 71.77 -5.76
C MET G 138 -17.81 71.94 -5.32
N ARG G 139 -18.58 72.60 -6.18
CA ARG G 139 -19.97 72.95 -5.88
C ARG G 139 -20.73 73.11 -7.19
N ALA G 140 -22.06 73.12 -7.07
CA ALA G 140 -22.96 73.32 -8.21
C ALA G 140 -24.03 74.31 -7.79
N VAL G 141 -24.17 75.40 -8.55
CA VAL G 141 -25.11 76.47 -8.24
C VAL G 141 -26.01 76.68 -9.44
N GLU G 142 -27.32 76.69 -9.21
CA GLU G 142 -28.28 76.94 -10.28
C GLU G 142 -28.69 78.40 -10.26
N PHE G 143 -28.58 79.06 -11.41
CA PHE G 143 -28.87 80.48 -11.56
C PHE G 143 -30.12 80.67 -12.38
N LYS G 144 -31.00 81.53 -11.89
CA LYS G 144 -32.25 81.87 -12.57
C LYS G 144 -32.07 83.10 -13.43
N VAL G 145 -32.75 83.11 -14.58
CA VAL G 145 -32.74 84.25 -15.48
C VAL G 145 -34.11 84.91 -15.34
N VAL G 146 -34.15 85.99 -14.55
CA VAL G 146 -35.41 86.65 -14.21
C VAL G 146 -35.64 87.86 -15.09
N GLU G 147 -34.57 88.55 -15.49
CA GLU G 147 -34.68 89.76 -16.28
C GLU G 147 -33.80 89.67 -17.51
N THR G 148 -34.24 90.30 -18.59
CA THR G 148 -33.49 90.31 -19.83
C THR G 148 -34.02 91.42 -20.72
N ASP G 149 -33.11 92.20 -21.30
CA ASP G 149 -33.52 93.33 -22.14
C ASP G 149 -34.38 92.89 -23.31
N PRO G 150 -33.97 91.93 -24.13
CA PRO G 150 -34.84 91.41 -25.18
C PRO G 150 -35.73 90.28 -24.67
N SER G 151 -36.86 90.12 -25.34
CA SER G 151 -37.83 89.09 -24.96
C SER G 151 -38.26 88.30 -26.18
N PRO G 152 -38.67 87.04 -25.99
CA PRO G 152 -38.64 86.39 -24.67
C PRO G 152 -37.29 85.75 -24.35
N TYR G 153 -36.46 85.56 -25.37
CA TYR G 153 -35.17 84.90 -25.23
C TYR G 153 -34.14 85.62 -26.07
N CYS G 154 -32.86 85.43 -25.71
CA CYS G 154 -31.77 86.05 -26.44
C CYS G 154 -30.53 85.16 -26.35
N ILE G 155 -29.81 85.05 -27.46
CA ILE G 155 -28.57 84.29 -27.49
C ILE G 155 -27.46 85.15 -26.88
N VAL G 156 -26.75 84.60 -25.89
CA VAL G 156 -25.72 85.36 -25.20
C VAL G 156 -24.50 85.48 -26.10
N ALA G 157 -23.96 86.69 -26.19
CA ALA G 157 -22.78 86.98 -26.98
C ALA G 157 -21.81 87.81 -26.14
N PRO G 158 -20.52 87.81 -26.49
CA PRO G 158 -19.52 88.55 -25.72
C PRO G 158 -19.53 90.06 -26.00
N ASP G 159 -20.73 90.64 -26.00
CA ASP G 159 -20.88 92.08 -26.18
C ASP G 159 -21.98 92.65 -25.28
N THR G 160 -22.55 91.85 -24.40
CA THR G 160 -23.63 92.27 -23.51
C THR G 160 -23.13 92.29 -22.08
N VAL G 161 -23.29 93.43 -21.41
CA VAL G 161 -22.89 93.51 -20.01
C VAL G 161 -23.76 92.58 -19.17
N ILE G 162 -23.30 92.32 -17.95
CA ILE G 162 -23.99 91.46 -17.00
C ILE G 162 -24.40 92.29 -15.81
N HIS G 163 -25.69 92.25 -15.46
CA HIS G 163 -26.19 92.98 -14.31
C HIS G 163 -25.95 92.17 -13.05
N CYS G 164 -25.45 92.83 -12.00
CA CYS G 164 -25.04 92.17 -10.78
C CYS G 164 -26.08 92.39 -9.69
N GLU G 165 -26.53 91.30 -9.09
CA GLU G 165 -27.45 91.35 -7.95
C GLU G 165 -26.84 90.75 -6.69
N GLY G 166 -26.33 89.53 -6.76
CA GLY G 166 -25.70 88.92 -5.60
C GLY G 166 -26.64 88.63 -4.45
N GLU G 167 -27.95 88.64 -4.70
CA GLU G 167 -28.94 88.39 -3.65
C GLU G 167 -29.75 87.14 -4.02
N PRO G 168 -29.48 86.00 -3.40
CA PRO G 168 -30.24 84.79 -3.73
C PRO G 168 -31.73 84.95 -3.46
N ILE G 169 -32.54 84.36 -4.34
CA ILE G 169 -34.00 84.42 -4.24
C ILE G 169 -34.56 83.01 -4.33
N LYS G 170 -35.47 82.68 -3.42
CA LYS G 170 -36.07 81.36 -3.38
C LYS G 170 -36.82 81.05 -4.68
N ARG G 171 -36.52 79.89 -5.27
CA ARG G 171 -37.18 79.44 -6.49
C ARG G 171 -38.54 78.81 -6.20
N GLU G 172 -39.42 78.84 -7.19
CA GLU G 172 -40.75 78.28 -7.00
C GLU G 172 -40.64 76.80 -6.61
N ASP G 173 -41.41 76.42 -5.59
CA ASP G 173 -41.35 75.07 -5.02
C ASP G 173 -41.73 73.95 -5.97
N GLU G 174 -42.70 74.15 -6.87
CA GLU G 174 -43.11 73.04 -7.74
C GLU G 174 -41.94 72.59 -8.62
N GLU G 175 -41.01 73.50 -8.89
CA GLU G 175 -39.84 73.19 -9.70
C GLU G 175 -38.91 72.28 -8.93
N GLU G 176 -38.25 71.37 -9.66
CA GLU G 176 -37.35 70.38 -9.07
C GLU G 176 -35.89 70.81 -9.11
N SER G 177 -35.28 70.89 -7.93
CA SER G 177 -33.87 71.23 -7.82
C SER G 177 -33.03 70.22 -8.61
N LEU G 178 -32.06 70.72 -9.37
CA LEU G 178 -31.22 69.82 -10.16
C LEU G 178 -30.16 69.11 -9.33
N ASN G 179 -29.94 69.52 -8.08
CA ASN G 179 -29.04 68.80 -7.19
C ASN G 179 -29.57 67.42 -6.81
N GLU G 180 -30.84 67.13 -7.09
CA GLU G 180 -31.40 65.83 -6.78
C GLU G 180 -30.78 64.76 -7.67
N VAL G 181 -30.91 63.50 -7.24
CA VAL G 181 -30.28 62.39 -7.95
C VAL G 181 -31.01 62.12 -9.27
N GLY G 182 -30.26 61.58 -10.23
CA GLY G 182 -30.83 61.25 -11.53
C GLY G 182 -30.09 60.11 -12.21
N TYR G 183 -30.42 59.86 -13.48
CA TYR G 183 -29.76 58.81 -14.24
C TYR G 183 -28.26 59.08 -14.37
N ASP G 184 -27.88 60.34 -14.58
CA ASP G 184 -26.47 60.66 -14.73
C ASP G 184 -25.67 60.38 -13.45
N ASP G 185 -26.25 60.68 -12.29
CA ASP G 185 -25.54 60.42 -11.05
C ASP G 185 -25.32 58.94 -10.81
N ILE G 186 -26.12 58.07 -11.42
CA ILE G 186 -26.02 56.62 -11.27
C ILE G 186 -25.29 56.05 -12.47
N GLY G 187 -23.99 55.79 -12.32
CA GLY G 187 -23.23 55.14 -13.37
C GLY G 187 -22.48 53.95 -12.80
N GLY G 188 -21.88 53.19 -13.70
CA GLY G 188 -21.08 52.05 -13.35
C GLY G 188 -21.82 50.72 -13.46
N CYS G 189 -23.15 50.78 -13.50
CA CYS G 189 -24.01 49.61 -13.57
C CYS G 189 -24.50 49.35 -14.99
N ARG G 190 -24.52 50.39 -15.82
CA ARG G 190 -25.14 50.43 -17.13
C ARG G 190 -26.46 49.67 -17.28
N LYS G 191 -26.42 48.54 -17.98
CA LYS G 191 -27.61 47.75 -18.34
C LYS G 191 -28.44 47.10 -17.24
N GLN G 192 -28.09 47.25 -15.97
CA GLN G 192 -29.10 46.98 -14.95
C GLN G 192 -30.08 48.13 -14.79
N LEU G 193 -29.58 49.37 -14.90
CA LEU G 193 -30.47 50.53 -14.82
C LEU G 193 -31.46 50.53 -15.96
N ALA G 194 -31.06 50.06 -17.14
CA ALA G 194 -31.99 49.93 -18.25
C ALA G 194 -33.09 48.92 -17.94
N GLN G 195 -32.71 47.79 -17.33
CA GLN G 195 -33.71 46.80 -16.96
C GLN G 195 -34.69 47.36 -15.94
N ILE G 196 -34.19 48.09 -14.94
CA ILE G 196 -35.10 48.68 -13.95
C ILE G 196 -36.00 49.74 -14.58
N LYS G 197 -35.44 50.55 -15.49
CA LYS G 197 -36.27 51.56 -16.16
C LYS G 197 -37.37 50.91 -16.98
N GLU G 198 -37.05 49.89 -17.76
CA GLU G 198 -38.09 49.17 -18.50
C GLU G 198 -39.10 48.54 -17.55
N MET G 199 -38.61 47.99 -16.44
CA MET G 199 -39.47 47.34 -15.47
C MET G 199 -40.49 48.33 -14.90
N VAL G 200 -40.05 49.56 -14.63
CA VAL G 200 -40.84 50.52 -13.86
C VAL G 200 -41.56 51.55 -14.72
N GLU G 201 -41.26 51.63 -16.02
CA GLU G 201 -41.83 52.66 -16.87
C GLU G 201 -43.34 52.64 -16.87
N LEU G 202 -43.94 51.55 -17.37
CA LEU G 202 -45.39 51.51 -17.52
C LEU G 202 -46.11 51.68 -16.19
N PRO G 203 -45.77 50.95 -15.13
CA PRO G 203 -46.51 51.14 -13.87
C PRO G 203 -46.51 52.58 -13.38
N LEU G 204 -45.41 53.31 -13.54
CA LEU G 204 -45.29 54.68 -13.06
C LEU G 204 -45.42 55.72 -14.15
N ARG G 205 -44.77 55.51 -15.30
CA ARG G 205 -44.80 56.52 -16.35
C ARG G 205 -46.16 56.57 -17.06
N HIS G 206 -46.85 55.44 -17.16
CA HIS G 206 -48.16 55.36 -17.80
C HIS G 206 -49.12 54.62 -16.86
N PRO G 207 -49.57 55.27 -15.80
CA PRO G 207 -50.36 54.54 -14.80
C PRO G 207 -51.76 54.23 -15.28
N ALA G 208 -52.42 55.17 -15.95
CA ALA G 208 -53.81 54.95 -16.36
C ALA G 208 -53.96 53.79 -17.32
N LEU G 209 -52.88 53.37 -17.99
CA LEU G 209 -52.97 52.28 -18.95
C LEU G 209 -53.40 50.99 -18.26
N PHE G 210 -52.87 50.74 -17.06
CA PHE G 210 -53.14 49.47 -16.38
C PHE G 210 -54.55 49.40 -15.83
N LYS G 211 -55.23 50.54 -15.68
CA LYS G 211 -56.61 50.51 -15.24
C LYS G 211 -57.56 50.11 -16.36
N ALA G 212 -57.21 50.39 -17.61
CA ALA G 212 -58.03 50.00 -18.76
C ALA G 212 -57.59 48.68 -19.38
N ILE G 213 -56.50 48.09 -18.89
CA ILE G 213 -56.01 46.80 -19.38
C ILE G 213 -55.79 45.89 -18.19
N GLY G 214 -56.19 44.63 -18.32
CA GLY G 214 -56.00 43.72 -17.22
C GLY G 214 -54.71 42.91 -17.28
N VAL G 215 -53.68 43.43 -16.61
CA VAL G 215 -52.37 42.78 -16.54
C VAL G 215 -51.72 43.27 -15.27
N LYS G 216 -50.77 42.50 -14.74
CA LYS G 216 -50.11 42.89 -13.51
C LYS G 216 -48.70 43.38 -13.78
N PRO G 217 -48.39 44.65 -13.51
CA PRO G 217 -47.02 45.11 -13.64
C PRO G 217 -46.19 44.68 -12.44
N PRO G 218 -44.87 44.76 -12.54
CA PRO G 218 -43.99 44.42 -11.41
C PRO G 218 -44.17 45.35 -10.21
N ARG G 219 -44.61 44.80 -9.08
CA ARG G 219 -44.83 45.64 -7.91
C ARG G 219 -43.84 45.33 -6.80
N GLY G 220 -42.84 44.50 -7.08
CA GLY G 220 -41.82 44.15 -6.11
C GLY G 220 -40.50 43.84 -6.79
N ILE G 221 -39.47 44.64 -6.50
CA ILE G 221 -38.16 44.47 -7.12
C ILE G 221 -37.12 44.42 -6.01
N LEU G 222 -36.28 43.39 -6.05
CA LEU G 222 -35.20 43.22 -5.08
C LEU G 222 -33.88 43.61 -5.73
N LEU G 223 -33.41 44.82 -5.43
CA LEU G 223 -32.06 45.24 -5.82
C LEU G 223 -31.09 44.69 -4.79
N TYR G 224 -30.21 43.78 -5.22
CA TYR G 224 -29.30 43.14 -4.30
C TYR G 224 -27.87 43.21 -4.84
N GLY G 225 -26.92 43.35 -3.91
CA GLY G 225 -25.53 43.48 -4.27
C GLY G 225 -24.68 43.89 -3.09
N PRO G 226 -23.37 43.98 -3.30
CA PRO G 226 -22.48 44.38 -2.21
C PRO G 226 -22.83 45.79 -1.75
N PRO G 227 -22.64 46.08 -0.47
CA PRO G 227 -22.96 47.42 0.03
C PRO G 227 -22.17 48.49 -0.69
N GLY G 228 -22.80 49.65 -0.89
CA GLY G 228 -22.16 50.74 -1.57
C GLY G 228 -22.25 50.70 -3.08
N THR G 229 -23.06 49.82 -3.65
CA THR G 229 -23.17 49.68 -5.10
C THR G 229 -24.19 50.64 -5.71
N GLY G 230 -24.82 51.49 -4.91
CA GLY G 230 -25.74 52.48 -5.44
C GLY G 230 -27.18 52.05 -5.54
N LYS G 231 -27.59 51.01 -4.80
CA LYS G 231 -28.98 50.57 -4.87
C LYS G 231 -29.94 51.68 -4.44
N THR G 232 -29.61 52.37 -3.34
CA THR G 232 -30.41 53.53 -2.94
C THR G 232 -30.39 54.61 -4.01
N LEU G 233 -29.25 54.80 -4.68
CA LEU G 233 -29.19 55.73 -5.79
C LEU G 233 -30.16 55.33 -6.88
N ILE G 234 -30.18 54.05 -7.23
CA ILE G 234 -31.08 53.58 -8.30
C ILE G 234 -32.52 53.83 -7.91
N ALA G 235 -32.88 53.50 -6.66
CA ALA G 235 -34.26 53.70 -6.22
C ALA G 235 -34.65 55.17 -6.28
N ARG G 236 -33.79 56.05 -5.75
CA ARG G 236 -34.12 57.47 -5.73
C ARG G 236 -34.21 58.04 -7.13
N ALA G 237 -33.29 57.64 -8.03
CA ALA G 237 -33.33 58.14 -9.40
C ALA G 237 -34.58 57.67 -10.13
N VAL G 238 -34.95 56.40 -9.95
CA VAL G 238 -36.16 55.91 -10.60
C VAL G 238 -37.37 56.67 -10.09
N ALA G 239 -37.42 56.91 -8.77
CA ALA G 239 -38.56 57.63 -8.21
C ALA G 239 -38.62 59.06 -8.76
N ASN G 240 -37.48 59.73 -8.85
CA ASN G 240 -37.49 61.12 -9.29
C ASN G 240 -37.79 61.23 -10.78
N GLU G 241 -37.13 60.41 -11.59
CA GLU G 241 -37.29 60.49 -13.04
C GLU G 241 -38.72 60.13 -13.46
N THR G 242 -39.30 59.12 -12.82
CA THR G 242 -40.67 58.75 -13.16
C THR G 242 -41.70 59.62 -12.44
N GLY G 243 -41.28 60.48 -11.53
CA GLY G 243 -42.19 61.32 -10.78
C GLY G 243 -42.88 60.65 -9.61
N ALA G 244 -42.59 59.38 -9.35
CA ALA G 244 -43.25 58.67 -8.27
C ALA G 244 -42.82 59.24 -6.92
N PHE G 245 -43.71 59.12 -5.94
CA PHE G 245 -43.44 59.58 -4.59
C PHE G 245 -42.58 58.54 -3.88
N PHE G 246 -41.33 58.90 -3.60
CA PHE G 246 -40.37 57.97 -3.01
C PHE G 246 -40.51 57.99 -1.50
N PHE G 247 -40.65 56.80 -0.91
CA PHE G 247 -40.73 56.62 0.53
C PHE G 247 -39.65 55.65 0.96
N LEU G 248 -38.88 56.02 1.99
CA LEU G 248 -37.74 55.23 2.45
C LEU G 248 -38.11 54.52 3.74
N ILE G 249 -38.11 53.20 3.71
CA ILE G 249 -38.31 52.38 4.91
C ILE G 249 -36.93 51.86 5.29
N ASN G 250 -36.25 52.62 6.15
CA ASN G 250 -34.91 52.22 6.60
C ASN G 250 -35.00 50.93 7.42
N GLY G 251 -34.06 50.03 7.17
CA GLY G 251 -34.04 48.76 7.86
C GLY G 251 -34.07 48.93 9.36
N PRO G 252 -33.04 49.55 9.92
CA PRO G 252 -32.99 49.75 11.38
C PRO G 252 -33.89 50.87 11.86
N GLU G 253 -34.47 51.66 10.96
CA GLU G 253 -35.38 52.74 11.39
C GLU G 253 -36.59 52.17 12.11
N ILE G 254 -37.25 51.19 11.49
CA ILE G 254 -38.41 50.56 12.14
C ILE G 254 -37.95 49.64 13.26
N MET G 255 -36.83 48.94 13.06
CA MET G 255 -36.37 47.96 14.04
C MET G 255 -35.87 48.60 15.32
N SER G 256 -35.46 49.87 15.28
CA SER G 256 -35.08 50.55 16.51
C SER G 256 -36.28 50.99 17.33
N LYS G 257 -37.45 51.07 16.71
CA LYS G 257 -38.66 51.47 17.43
C LYS G 257 -39.10 50.36 18.39
N LEU G 258 -39.80 50.76 19.45
CA LEU G 258 -40.24 49.81 20.46
C LEU G 258 -41.16 48.76 19.84
N ALA G 259 -41.00 47.53 20.30
CA ALA G 259 -41.83 46.42 19.80
C ALA G 259 -43.29 46.70 20.07
N GLY G 260 -44.14 46.39 19.08
CA GLY G 260 -45.56 46.59 19.17
C GLY G 260 -46.05 47.87 18.52
N GLU G 261 -45.17 48.85 18.30
CA GLU G 261 -45.55 50.05 17.58
C GLU G 261 -44.63 50.32 16.40
N SER G 262 -43.58 49.52 16.19
CA SER G 262 -42.83 49.59 14.95
C SER G 262 -43.65 49.05 13.79
N GLU G 263 -44.44 48.00 14.05
CA GLU G 263 -45.39 47.55 13.04
C GLU G 263 -46.35 48.67 12.67
N SER G 264 -46.70 49.52 13.64
CA SER G 264 -47.52 50.67 13.33
C SER G 264 -46.83 51.59 12.33
N ASN G 265 -45.52 51.80 12.51
CA ASN G 265 -44.77 52.62 11.57
C ASN G 265 -44.74 51.99 10.17
N LEU G 266 -44.52 50.68 10.10
CA LEU G 266 -44.49 50.01 8.82
C LEU G 266 -45.84 50.11 8.11
N ARG G 267 -46.93 49.86 8.84
CA ARG G 267 -48.25 49.92 8.26
C ARG G 267 -48.61 51.34 7.85
N LYS G 268 -48.23 52.32 8.66
CA LYS G 268 -48.48 53.72 8.31
C LYS G 268 -47.72 54.11 7.04
N ALA G 269 -46.47 53.65 6.92
CA ALA G 269 -45.71 53.93 5.72
C ALA G 269 -46.36 53.32 4.48
N PHE G 270 -46.80 52.06 4.60
CA PHE G 270 -47.47 51.42 3.47
C PHE G 270 -48.76 52.17 3.11
N GLU G 271 -49.54 52.56 4.11
CA GLU G 271 -50.78 53.29 3.84
C GLU G 271 -50.49 54.63 3.19
N GLU G 272 -49.47 55.35 3.67
CA GLU G 272 -49.13 56.63 3.07
C GLU G 272 -48.68 56.47 1.62
N ALA G 273 -47.88 55.44 1.34
CA ALA G 273 -47.47 55.20 -0.04
C ALA G 273 -48.68 54.87 -0.92
N GLU G 274 -49.60 54.08 -0.41
CA GLU G 274 -50.82 53.76 -1.16
C GLU G 274 -51.65 55.02 -1.40
N LYS G 275 -51.68 55.92 -0.42
CA LYS G 275 -52.50 57.12 -0.52
C LYS G 275 -52.10 58.00 -1.70
N ASN G 276 -50.79 58.20 -1.90
CA ASN G 276 -50.32 59.02 -3.01
C ASN G 276 -49.87 58.12 -4.16
N ALA G 277 -50.65 58.15 -5.26
CA ALA G 277 -50.39 57.41 -6.49
C ALA G 277 -49.57 58.27 -7.45
N PRO G 278 -48.76 57.65 -8.32
CA PRO G 278 -48.00 56.43 -8.08
C PRO G 278 -46.85 56.70 -7.12
N ALA G 279 -46.40 55.68 -6.39
CA ALA G 279 -45.36 55.86 -5.39
C ALA G 279 -44.45 54.64 -5.36
N ILE G 280 -43.27 54.83 -4.79
CA ILE G 280 -42.28 53.78 -4.62
C ILE G 280 -41.92 53.68 -3.15
N ILE G 281 -42.00 52.47 -2.60
CA ILE G 281 -41.61 52.19 -1.23
C ILE G 281 -40.29 51.45 -1.28
N PHE G 282 -39.22 52.09 -0.79
CA PHE G 282 -37.89 51.49 -0.80
C PHE G 282 -37.57 51.01 0.61
N ILE G 283 -37.48 49.69 0.78
CA ILE G 283 -37.10 49.09 2.05
C ILE G 283 -35.59 48.92 2.02
N ASP G 284 -34.87 49.88 2.62
CA ASP G 284 -33.42 49.81 2.69
C ASP G 284 -33.00 48.83 3.78
N GLU G 285 -31.99 48.02 3.47
CA GLU G 285 -31.53 46.98 4.39
C GLU G 285 -32.68 46.04 4.77
N LEU G 286 -33.29 45.45 3.74
CA LEU G 286 -34.41 44.55 3.95
C LEU G 286 -33.99 43.31 4.75
N ASP G 287 -32.72 42.94 4.69
CA ASP G 287 -32.27 41.77 5.44
C ASP G 287 -32.27 42.00 6.95
N ALA G 288 -32.67 43.19 7.42
CA ALA G 288 -32.85 43.45 8.84
C ALA G 288 -34.30 43.43 9.29
N ILE G 289 -35.23 43.77 8.39
CA ILE G 289 -36.64 43.77 8.77
C ILE G 289 -37.24 42.38 8.64
N ALA G 290 -36.96 41.69 7.54
CA ALA G 290 -37.51 40.35 7.29
C ALA G 290 -36.38 39.40 6.95
N PRO G 291 -35.57 39.05 7.94
CA PRO G 291 -34.47 38.10 7.71
C PRO G 291 -34.95 36.67 7.86
N LYS G 292 -34.01 35.74 7.85
CA LYS G 292 -34.32 34.32 7.87
C LYS G 292 -35.14 33.97 9.11
N ARG G 293 -36.34 33.42 8.89
CA ARG G 293 -37.20 32.96 9.98
C ARG G 293 -36.47 31.93 10.84
N GLU G 294 -37.19 30.91 11.32
CA GLU G 294 -36.76 30.04 12.41
C GLU G 294 -35.34 30.32 12.92
N LYS G 295 -34.36 30.53 12.05
CA LYS G 295 -33.10 31.06 12.57
C LYS G 295 -33.32 32.52 12.97
N THR G 296 -34.41 32.78 13.71
CA THR G 296 -34.66 34.06 14.37
C THR G 296 -35.77 33.76 15.38
N HIS G 297 -35.36 33.35 16.57
CA HIS G 297 -36.24 33.08 17.69
C HIS G 297 -36.60 34.32 18.54
N GLY G 298 -36.25 35.52 18.10
CA GLY G 298 -36.59 36.69 18.90
C GLY G 298 -38.01 36.65 19.45
N GLU G 299 -38.99 36.60 18.54
CA GLU G 299 -40.43 36.57 18.84
C GLU G 299 -41.14 37.70 18.13
N VAL G 300 -40.61 38.92 18.25
CA VAL G 300 -41.22 40.04 17.53
C VAL G 300 -40.66 40.11 16.13
N GLU G 301 -39.52 39.48 15.88
CA GLU G 301 -39.00 39.37 14.52
C GLU G 301 -39.96 38.61 13.61
N ARG G 302 -40.50 37.50 14.10
CA ARG G 302 -41.49 36.75 13.34
C ARG G 302 -42.73 37.59 13.08
N ARG G 303 -43.19 38.34 14.08
CA ARG G 303 -44.34 39.21 13.91
C ARG G 303 -44.07 40.28 12.86
N ILE G 304 -42.89 40.90 12.90
CA ILE G 304 -42.56 41.93 11.92
C ILE G 304 -42.50 41.34 10.51
N VAL G 305 -41.89 40.16 10.37
CA VAL G 305 -41.80 39.52 9.06
C VAL G 305 -43.19 39.19 8.55
N SER G 306 -44.06 38.69 9.41
CA SER G 306 -45.43 38.37 9.00
C SER G 306 -46.19 39.63 8.62
N GLN G 307 -45.98 40.73 9.35
CA GLN G 307 -46.61 41.99 9.00
C GLN G 307 -46.14 42.46 7.62
N LEU G 308 -44.84 42.35 7.36
CA LEU G 308 -44.32 42.72 6.04
C LEU G 308 -44.92 41.84 4.94
N LEU G 309 -45.04 40.54 5.21
CA LEU G 309 -45.66 39.64 4.23
C LEU G 309 -47.10 40.02 3.96
N THR G 310 -47.86 40.34 5.01
CA THR G 310 -49.25 40.73 4.82
C THR G 310 -49.34 42.03 4.04
N LEU G 311 -48.44 42.98 4.32
CA LEU G 311 -48.44 44.24 3.57
C LEU G 311 -48.13 43.99 2.10
N MET G 312 -47.13 43.16 1.80
CA MET G 312 -46.77 42.91 0.42
C MET G 312 -47.89 42.18 -0.31
N ASP G 313 -48.40 41.10 0.30
CA ASP G 313 -49.55 40.39 -0.26
C ASP G 313 -50.83 41.19 -0.11
N GLY G 314 -50.83 42.22 0.74
CA GLY G 314 -51.97 43.09 0.88
C GLY G 314 -52.09 44.15 -0.18
N LEU G 315 -51.15 44.20 -1.13
CA LEU G 315 -51.25 45.15 -2.22
C LEU G 315 -52.43 44.77 -3.10
N LYS G 316 -53.50 45.54 -3.00
CA LYS G 316 -54.78 45.23 -3.61
C LYS G 316 -54.86 45.63 -5.08
N GLN G 317 -53.72 45.80 -5.75
CA GLN G 317 -53.59 46.27 -7.12
C GLN G 317 -54.14 47.67 -7.29
N ARG G 318 -54.47 48.33 -6.18
CA ARG G 318 -54.86 49.74 -6.20
C ARG G 318 -53.62 50.63 -6.24
N ALA G 319 -53.80 51.83 -6.78
CA ALA G 319 -52.68 52.74 -6.99
C ALA G 319 -51.62 52.10 -7.89
N HIS G 320 -50.40 52.61 -7.81
CA HIS G 320 -49.28 52.09 -8.60
C HIS G 320 -48.02 52.02 -7.76
N VAL G 321 -48.15 51.56 -6.51
CA VAL G 321 -47.02 51.51 -5.60
C VAL G 321 -46.09 50.38 -6.02
N ILE G 322 -44.81 50.71 -6.22
CA ILE G 322 -43.78 49.73 -6.50
C ILE G 322 -42.92 49.59 -5.25
N VAL G 323 -42.81 48.37 -4.74
CA VAL G 323 -42.06 48.10 -3.52
C VAL G 323 -40.70 47.58 -3.94
N MET G 324 -39.69 48.44 -3.88
CA MET G 324 -38.31 48.06 -4.13
C MET G 324 -37.59 47.83 -2.80
N ALA G 325 -36.66 46.89 -2.80
CA ALA G 325 -35.94 46.53 -1.58
C ALA G 325 -34.46 46.41 -1.88
N ALA G 326 -33.65 46.65 -0.85
CA ALA G 326 -32.20 46.55 -0.94
C ALA G 326 -31.71 45.44 -0.03
N THR G 327 -30.82 44.59 -0.56
CA THR G 327 -30.27 43.50 0.22
C THR G 327 -28.89 43.16 -0.33
N ASN G 328 -28.01 42.71 0.56
CA ASN G 328 -26.66 42.33 0.13
C ASN G 328 -26.70 41.14 -0.82
N ARG G 329 -27.53 40.14 -0.52
CA ARG G 329 -27.62 38.93 -1.33
C ARG G 329 -29.01 38.35 -1.20
N PRO G 330 -29.50 37.65 -2.22
CA PRO G 330 -30.85 37.07 -2.15
C PRO G 330 -31.00 36.00 -1.09
N ASN G 331 -29.90 35.40 -0.63
CA ASN G 331 -29.95 34.30 0.32
C ASN G 331 -29.98 34.77 1.76
N SER G 332 -29.96 36.08 2.01
CA SER G 332 -29.98 36.60 3.37
C SER G 332 -31.38 36.91 3.88
N ILE G 333 -32.35 37.11 2.99
CA ILE G 333 -33.71 37.45 3.39
C ILE G 333 -34.54 36.18 3.50
N ASP G 334 -35.67 36.29 4.19
CA ASP G 334 -36.55 35.15 4.35
C ASP G 334 -37.05 34.68 2.99
N PRO G 335 -36.99 33.38 2.70
CA PRO G 335 -37.43 32.91 1.37
C PRO G 335 -38.88 33.23 1.07
N ALA G 336 -39.75 33.28 2.09
CA ALA G 336 -41.15 33.58 1.85
C ALA G 336 -41.34 34.98 1.26
N LEU G 337 -40.34 35.86 1.44
CA LEU G 337 -40.41 37.18 0.83
C LEU G 337 -40.21 37.11 -0.67
N ARG G 338 -39.46 36.12 -1.13
CA ARG G 338 -39.11 36.01 -2.53
C ARG G 338 -40.21 35.32 -3.32
N ARG G 339 -41.36 35.01 -2.71
CA ARG G 339 -42.37 34.28 -3.46
C ARG G 339 -43.02 35.17 -4.51
N PHE G 340 -43.90 34.55 -5.30
CA PHE G 340 -44.58 35.29 -6.34
C PHE G 340 -45.52 36.36 -5.75
N GLY G 341 -45.50 37.53 -6.37
CA GLY G 341 -46.35 38.64 -6.00
C GLY G 341 -45.74 39.57 -4.97
N ARG G 342 -44.79 39.08 -4.18
CA ARG G 342 -44.11 39.89 -3.16
C ARG G 342 -42.83 40.50 -3.69
N PHE G 343 -41.85 39.66 -4.02
CA PHE G 343 -40.64 40.09 -4.74
C PHE G 343 -40.33 39.01 -5.79
N ASP G 344 -40.91 39.17 -6.97
CA ASP G 344 -40.81 38.18 -8.04
C ASP G 344 -39.67 38.45 -8.99
N ARG G 345 -38.92 39.53 -8.79
CA ARG G 345 -37.87 39.93 -9.72
C ARG G 345 -36.73 40.60 -8.96
N GLU G 346 -35.51 40.20 -9.32
CA GLU G 346 -34.30 40.62 -8.63
C GLU G 346 -33.28 41.15 -9.61
N VAL G 347 -32.61 42.25 -9.24
CA VAL G 347 -31.56 42.86 -10.05
C VAL G 347 -30.27 42.85 -9.24
N ASP G 348 -29.22 42.25 -9.81
CA ASP G 348 -27.91 42.17 -9.18
C ASP G 348 -27.08 43.37 -9.64
N ILE G 349 -27.02 44.41 -8.81
CA ILE G 349 -26.25 45.59 -9.17
C ILE G 349 -24.76 45.23 -9.32
N GLY G 350 -24.23 44.51 -8.34
CA GLY G 350 -22.86 44.03 -8.43
C GLY G 350 -21.82 45.13 -8.49
N ILE G 351 -20.54 44.75 -8.41
CA ILE G 351 -19.44 45.70 -8.48
C ILE G 351 -19.38 46.30 -9.89
N PRO G 352 -18.98 47.55 -10.05
CA PRO G 352 -18.82 48.11 -11.39
C PRO G 352 -17.61 47.52 -12.09
N ASP G 353 -17.46 47.86 -13.36
CA ASP G 353 -16.35 47.41 -14.18
C ASP G 353 -15.31 48.51 -14.29
N ALA G 354 -14.25 48.23 -15.05
CA ALA G 354 -13.24 49.26 -15.30
C ALA G 354 -13.87 50.50 -15.91
N THR G 355 -14.70 50.30 -16.94
CA THR G 355 -15.45 51.43 -17.50
C THR G 355 -16.46 51.97 -16.50
N GLY G 356 -17.08 51.08 -15.73
CA GLY G 356 -17.98 51.54 -14.68
C GLY G 356 -17.27 52.36 -13.62
N ARG G 357 -16.10 51.90 -13.18
CA ARG G 357 -15.32 52.66 -12.22
C ARG G 357 -14.91 54.01 -12.79
N LEU G 358 -14.49 54.02 -14.06
CA LEU G 358 -14.14 55.27 -14.72
C LEU G 358 -15.31 56.24 -14.70
N GLU G 359 -16.49 55.77 -15.12
CA GLU G 359 -17.66 56.63 -15.16
C GLU G 359 -18.01 57.15 -13.78
N ILE G 360 -17.98 56.27 -12.77
CA ILE G 360 -18.22 56.71 -11.40
C ILE G 360 -17.24 57.79 -11.01
N LEU G 361 -15.99 57.68 -11.48
CA LEU G 361 -15.00 58.71 -11.20
C LEU G 361 -15.41 60.04 -11.81
N GLN G 362 -15.88 60.04 -13.05
CA GLN G 362 -16.31 61.32 -13.62
C GLN G 362 -17.52 61.89 -12.88
N ILE G 363 -18.49 61.05 -12.50
CA ILE G 363 -19.63 61.58 -11.74
C ILE G 363 -19.17 62.17 -10.41
N HIS G 364 -18.24 61.50 -9.73
CA HIS G 364 -17.79 62.00 -8.44
C HIS G 364 -16.71 63.06 -8.55
N THR G 365 -16.08 63.20 -9.72
CA THR G 365 -15.10 64.25 -9.98
C THR G 365 -15.61 65.17 -11.08
N LYS G 366 -16.42 66.16 -10.71
CA LYS G 366 -16.92 67.11 -11.69
C LYS G 366 -17.00 68.56 -11.22
N ASN G 367 -16.90 68.84 -9.93
CA ASN G 367 -16.85 70.20 -9.43
C ASN G 367 -15.49 70.54 -8.82
N MET G 368 -14.60 69.56 -8.73
CA MET G 368 -13.35 69.64 -7.99
C MET G 368 -12.18 70.25 -8.76
N LYS G 369 -12.33 70.65 -10.02
CA LYS G 369 -11.17 71.09 -10.81
C LYS G 369 -10.10 70.00 -10.91
N LEU G 370 -10.47 68.90 -11.56
CA LEU G 370 -9.56 67.78 -11.62
C LEU G 370 -8.30 68.31 -12.30
N ALA G 371 -7.13 67.85 -11.84
CA ALA G 371 -5.92 68.44 -12.37
C ALA G 371 -5.71 68.06 -13.83
N ASP G 372 -4.88 68.83 -14.50
CA ASP G 372 -4.62 68.57 -15.91
C ASP G 372 -3.72 67.35 -16.04
N ASP G 373 -2.92 67.09 -15.01
CA ASP G 373 -2.01 65.95 -15.02
C ASP G 373 -2.78 64.65 -15.07
N VAL G 374 -3.90 64.59 -14.35
CA VAL G 374 -4.71 63.38 -14.25
C VAL G 374 -5.62 63.26 -15.46
N ASP G 375 -5.97 62.01 -15.80
CA ASP G 375 -6.95 61.74 -16.82
C ASP G 375 -8.07 60.82 -16.36
N LEU G 376 -7.99 60.25 -15.17
CA LEU G 376 -8.97 59.38 -14.54
C LEU G 376 -8.98 57.96 -15.11
N GLU G 377 -8.16 57.64 -16.11
CA GLU G 377 -8.13 56.26 -16.60
C GLU G 377 -7.19 55.38 -15.79
N GLN G 378 -6.01 55.88 -15.43
CA GLN G 378 -5.08 55.09 -14.62
C GLN G 378 -5.68 54.78 -13.26
N VAL G 379 -6.33 55.77 -12.64
CA VAL G 379 -6.98 55.53 -11.35
C VAL G 379 -8.06 54.48 -11.49
N ALA G 380 -8.87 54.57 -12.55
CA ALA G 380 -9.92 53.59 -12.76
C ALA G 380 -9.36 52.19 -12.93
N ASN G 381 -8.29 52.05 -13.71
CA ASN G 381 -7.67 50.73 -13.89
C ASN G 381 -7.11 50.20 -12.57
N GLU G 382 -6.48 51.07 -11.78
CA GLU G 382 -5.89 50.65 -10.51
C GLU G 382 -6.91 50.49 -9.40
N THR G 383 -8.17 50.88 -9.62
CA THR G 383 -9.20 50.84 -8.60
C THR G 383 -9.97 49.52 -8.58
N HIS G 384 -9.38 48.45 -9.12
CA HIS G 384 -10.06 47.16 -9.14
C HIS G 384 -10.40 46.71 -7.73
N GLY G 385 -11.63 46.22 -7.55
CA GLY G 385 -12.10 45.75 -6.26
C GLY G 385 -12.96 46.75 -5.51
N HIS G 386 -13.04 47.98 -6.00
CA HIS G 386 -13.80 49.05 -5.36
C HIS G 386 -15.22 49.11 -5.90
N VAL G 387 -16.10 49.74 -5.12
CA VAL G 387 -17.48 49.95 -5.54
C VAL G 387 -17.67 51.45 -5.73
N GLY G 388 -18.86 51.84 -6.20
CA GLY G 388 -19.10 53.26 -6.46
C GLY G 388 -18.89 54.11 -5.22
N ALA G 389 -19.35 53.64 -4.07
CA ALA G 389 -19.13 54.37 -2.83
C ALA G 389 -17.64 54.48 -2.51
N ASP G 390 -16.89 53.42 -2.77
CA ASP G 390 -15.45 53.47 -2.54
C ASP G 390 -14.81 54.53 -3.43
N LEU G 391 -15.25 54.61 -4.69
CA LEU G 391 -14.70 55.61 -5.60
C LEU G 391 -15.05 57.01 -5.12
N ALA G 392 -16.27 57.21 -4.63
CA ALA G 392 -16.64 58.50 -4.07
C ALA G 392 -15.76 58.86 -2.87
N ALA G 393 -15.50 57.89 -2.01
CA ALA G 393 -14.63 58.14 -0.86
C ALA G 393 -13.21 58.47 -1.31
N LEU G 394 -12.72 57.78 -2.34
CA LEU G 394 -11.39 58.06 -2.87
C LEU G 394 -11.32 59.47 -3.43
N CYS G 395 -12.35 59.88 -4.17
CA CYS G 395 -12.38 61.23 -4.72
C CYS G 395 -12.42 62.27 -3.61
N SER G 396 -13.22 62.03 -2.57
CA SER G 396 -13.27 62.96 -1.45
C SER G 396 -11.93 63.03 -0.74
N GLU G 397 -11.25 61.90 -0.58
CA GLU G 397 -9.94 61.89 0.06
C GLU G 397 -8.92 62.66 -0.78
N ALA G 398 -8.96 62.48 -2.10
CA ALA G 398 -8.06 63.24 -2.97
C ALA G 398 -8.33 64.74 -2.88
N ALA G 399 -9.61 65.12 -2.86
CA ALA G 399 -9.95 66.54 -2.72
C ALA G 399 -9.44 67.09 -1.39
N LEU G 400 -9.61 66.33 -0.31
CA LEU G 400 -9.15 66.79 0.99
C LEU G 400 -7.63 66.89 1.04
N GLN G 401 -6.93 65.94 0.42
CA GLN G 401 -5.47 66.02 0.36
C GLN G 401 -5.01 67.24 -0.42
N ALA G 402 -5.69 67.54 -1.54
CA ALA G 402 -5.35 68.74 -2.30
C ALA G 402 -5.60 69.99 -1.48
N ILE G 403 -6.71 70.03 -0.75
CA ILE G 403 -7.03 71.19 0.08
C ILE G 403 -5.99 71.33 1.20
N ARG G 404 -5.50 70.21 1.73
CA ARG G 404 -4.49 70.26 2.79
C ARG G 404 -3.14 70.77 2.27
N LYS G 405 -2.67 70.24 1.13
CA LYS G 405 -1.36 70.67 0.64
C LYS G 405 -1.33 72.16 0.37
N LYS G 406 -2.16 72.62 -0.57
CA LYS G 406 -2.28 74.04 -0.84
C LYS G 406 -3.37 74.61 0.06
N MET G 407 -3.80 75.84 -0.19
CA MET G 407 -4.92 76.39 0.56
C MET G 407 -4.59 76.38 2.05
N ASP G 408 -5.03 75.33 2.74
CA ASP G 408 -4.94 75.31 4.20
C ASP G 408 -3.52 75.49 4.72
N LEU G 409 -2.50 75.35 3.86
CA LEU G 409 -1.14 75.64 4.30
C LEU G 409 -1.02 77.09 4.78
N ILE G 410 -1.60 78.03 4.03
CA ILE G 410 -1.58 79.42 4.45
C ILE G 410 -2.39 79.61 5.73
N ASP G 411 -3.50 78.89 5.86
CA ASP G 411 -4.40 78.95 7.01
C ASP G 411 -5.32 80.16 6.98
N LEU G 412 -5.45 80.82 5.82
CA LEU G 412 -6.38 81.94 5.68
C LEU G 412 -7.78 81.38 5.47
N GLU G 413 -8.43 81.06 6.60
CA GLU G 413 -9.74 80.42 6.61
C GLU G 413 -10.73 81.27 7.39
N ASP G 414 -11.95 81.36 6.86
CA ASP G 414 -13.04 82.04 7.55
C ASP G 414 -14.30 81.19 7.53
N GLU G 415 -15.44 81.76 7.92
CA GLU G 415 -16.67 80.99 7.95
C GLU G 415 -16.98 80.38 6.58
N THR G 416 -16.69 81.11 5.50
CA THR G 416 -16.85 80.59 4.15
C THR G 416 -15.75 81.19 3.29
N ILE G 417 -14.69 80.40 3.05
CA ILE G 417 -13.57 80.89 2.28
C ILE G 417 -14.03 81.24 0.86
N ASP G 418 -13.30 82.18 0.25
CA ASP G 418 -13.65 82.63 -1.10
C ASP G 418 -13.54 81.46 -2.09
N ALA G 419 -14.53 81.34 -2.96
CA ALA G 419 -14.57 80.21 -3.89
C ALA G 419 -13.39 80.24 -4.84
N GLU G 420 -13.07 81.40 -5.41
CA GLU G 420 -12.18 81.41 -6.56
C GLU G 420 -10.80 80.86 -6.18
N VAL G 421 -10.36 81.08 -4.94
CA VAL G 421 -9.07 80.54 -4.51
C VAL G 421 -9.11 79.02 -4.57
N MET G 422 -10.23 78.42 -4.16
CA MET G 422 -10.38 76.97 -4.27
C MET G 422 -10.41 76.56 -5.74
N ASN G 423 -10.99 77.40 -6.60
CA ASN G 423 -10.91 77.16 -8.02
C ASN G 423 -9.46 77.16 -8.50
N SER G 424 -8.61 77.94 -7.83
CA SER G 424 -7.19 77.99 -8.21
C SER G 424 -6.50 76.65 -8.05
N LEU G 425 -6.92 75.85 -7.06
CA LEU G 425 -6.28 74.57 -6.79
C LEU G 425 -6.95 73.45 -7.57
N ALA G 426 -6.13 72.62 -8.22
CA ALA G 426 -6.58 71.47 -8.99
C ALA G 426 -6.05 70.20 -8.34
N VAL G 427 -6.91 69.20 -8.21
CA VAL G 427 -6.53 67.95 -7.57
C VAL G 427 -5.54 67.24 -8.49
N THR G 428 -4.26 67.24 -8.11
CA THR G 428 -3.18 66.68 -8.92
C THR G 428 -3.15 65.16 -8.83
N MET G 429 -2.47 64.55 -9.81
CA MET G 429 -2.39 63.09 -9.87
C MET G 429 -1.67 62.52 -8.66
N ASP G 430 -0.76 63.28 -8.05
CA ASP G 430 -0.13 62.82 -6.82
C ASP G 430 -1.18 62.58 -5.74
N ASP G 431 -2.19 63.46 -5.68
CA ASP G 431 -3.27 63.27 -4.72
C ASP G 431 -4.02 61.97 -4.99
N PHE G 432 -4.27 61.67 -6.26
CA PHE G 432 -4.98 60.43 -6.58
C PHE G 432 -4.13 59.22 -6.26
N ARG G 433 -2.82 59.31 -6.50
CA ARG G 433 -1.93 58.21 -6.14
C ARG G 433 -1.97 57.96 -4.64
N TRP G 434 -1.91 59.04 -3.84
CA TRP G 434 -1.99 58.90 -2.39
C TRP G 434 -3.32 58.29 -1.98
N ALA G 435 -4.42 58.75 -2.60
CA ALA G 435 -5.73 58.21 -2.27
C ALA G 435 -5.79 56.72 -2.57
N LEU G 436 -5.25 56.32 -3.72
CA LEU G 436 -5.22 54.90 -4.06
C LEU G 436 -4.39 54.13 -3.05
N SER G 437 -3.32 54.76 -2.56
CA SER G 437 -2.51 54.14 -1.52
C SER G 437 -3.28 54.05 -0.21
N GLN G 438 -4.34 54.82 -0.06
CA GLN G 438 -5.14 54.85 1.16
C GLN G 438 -6.60 54.47 0.86
N SER G 439 -6.81 53.53 -0.06
CA SER G 439 -8.15 53.15 -0.49
C SER G 439 -8.70 51.97 0.33
N ASN G 440 -7.98 50.85 0.31
CA ASN G 440 -8.33 49.68 1.13
C ASN G 440 -9.74 49.14 0.89
N PRO G 441 -10.01 48.51 -0.25
CA PRO G 441 -11.31 47.82 -0.40
C PRO G 441 -11.42 46.68 0.59
N SER G 442 -12.62 46.51 1.17
CA SER G 442 -13.90 47.03 0.68
C SER G 442 -14.35 46.50 -0.68
N ALA G 443 -14.73 45.22 -0.70
CA ALA G 443 -15.35 44.55 -1.85
C ALA G 443 -14.36 43.98 -2.86
N LEU G 444 -13.08 43.88 -2.48
CA LEU G 444 -12.12 43.21 -3.36
C LEU G 444 -12.41 41.72 -3.50
N ARG G 445 -13.10 41.13 -2.54
CA ARG G 445 -13.38 39.69 -2.56
C ARG G 445 -14.42 39.30 -3.59
N GLU G 446 -15.41 40.16 -3.83
CA GLU G 446 -16.54 39.78 -4.68
C GLU G 446 -16.09 39.40 -6.08
N THR G 447 -16.75 38.38 -6.64
CA THR G 447 -16.45 37.94 -7.99
C THR G 447 -16.78 39.03 -8.99
N VAL G 448 -15.98 39.12 -10.05
CA VAL G 448 -16.12 40.18 -11.05
C VAL G 448 -16.66 39.57 -12.34
N VAL G 449 -17.77 40.12 -12.82
CA VAL G 449 -18.41 39.77 -14.09
C VAL G 449 -18.20 40.94 -15.04
N GLU G 450 -17.29 40.82 -16.00
CA GLU G 450 -17.00 41.96 -16.86
C GLU G 450 -16.97 41.54 -18.32
N VAL G 451 -17.32 42.49 -19.19
CA VAL G 451 -17.18 42.27 -20.63
C VAL G 451 -15.67 42.39 -20.89
N PRO G 452 -14.97 41.30 -21.21
CA PRO G 452 -13.51 41.41 -21.36
C PRO G 452 -13.15 42.42 -22.44
N GLN G 453 -12.09 43.19 -22.18
CA GLN G 453 -11.63 44.21 -23.10
C GLN G 453 -10.58 43.71 -24.08
N VAL G 454 -10.18 42.45 -24.00
CA VAL G 454 -9.21 41.89 -24.93
C VAL G 454 -9.93 41.58 -26.25
N THR G 455 -9.25 41.84 -27.35
CA THR G 455 -9.79 41.61 -28.68
C THR G 455 -8.93 40.59 -29.42
N TRP G 456 -9.39 40.23 -30.62
CA TRP G 456 -8.65 39.27 -31.43
C TRP G 456 -7.26 39.76 -31.77
N GLU G 457 -7.06 41.08 -31.78
CA GLU G 457 -5.71 41.61 -32.05
C GLU G 457 -4.74 41.15 -30.97
N ASP G 458 -5.18 41.15 -29.71
CA ASP G 458 -4.31 40.73 -28.62
C ASP G 458 -3.85 39.29 -28.79
N ILE G 459 -4.65 38.45 -29.43
CA ILE G 459 -4.30 37.05 -29.65
C ILE G 459 -3.77 36.89 -31.07
N GLY G 460 -2.52 36.47 -31.18
CA GLY G 460 -1.88 36.33 -32.47
C GLY G 460 -2.28 35.03 -33.15
N GLY G 461 -2.50 35.11 -34.46
CA GLY G 461 -2.82 33.92 -35.24
C GLY G 461 -4.05 33.21 -34.72
N LEU G 462 -3.95 31.89 -34.59
CA LEU G 462 -5.07 31.08 -34.14
C LEU G 462 -6.30 31.29 -35.02
N GLU G 463 -6.07 31.37 -36.33
CA GLU G 463 -7.17 31.65 -37.26
C GLU G 463 -8.22 30.55 -37.23
N ASP G 464 -7.79 29.28 -37.27
CA ASP G 464 -8.75 28.18 -37.24
C ASP G 464 -9.51 28.16 -35.92
N VAL G 465 -8.78 28.30 -34.80
CA VAL G 465 -9.42 28.30 -33.49
C VAL G 465 -10.34 29.51 -33.36
N LYS G 466 -9.89 30.66 -33.86
CA LYS G 466 -10.73 31.85 -33.79
C LYS G 466 -12.02 31.65 -34.59
N ARG G 467 -11.91 31.04 -35.77
CA ARG G 467 -13.10 30.79 -36.60
C ARG G 467 -14.09 29.86 -35.92
N GLU G 468 -13.61 28.74 -35.35
CA GLU G 468 -14.53 27.84 -34.67
C GLU G 468 -15.16 28.50 -33.45
N LEU G 469 -14.39 29.26 -32.69
CA LEU G 469 -14.99 29.92 -31.55
C LEU G 469 -16.08 30.87 -32.03
N GLN G 470 -15.80 31.61 -33.11
CA GLN G 470 -16.83 32.47 -33.69
C GLN G 470 -18.06 31.66 -34.08
N GLU G 471 -17.86 30.54 -34.78
CA GLU G 471 -18.97 29.69 -35.14
C GLU G 471 -19.81 29.36 -33.91
N LEU G 472 -19.21 28.62 -32.98
CA LEU G 472 -19.94 28.08 -31.84
C LEU G 472 -20.65 29.15 -31.04
N VAL G 473 -19.99 30.27 -30.77
CA VAL G 473 -20.60 31.26 -29.88
C VAL G 473 -21.45 32.24 -30.69
N GLN G 474 -20.85 32.91 -31.67
CA GLN G 474 -21.53 34.00 -32.35
C GLN G 474 -22.64 33.51 -33.26
N TYR G 475 -22.44 32.42 -34.02
CA TYR G 475 -23.47 32.02 -34.97
C TYR G 475 -24.82 31.74 -34.33
N PRO G 476 -24.92 31.01 -33.22
CA PRO G 476 -26.25 30.78 -32.63
C PRO G 476 -26.95 32.07 -32.25
N VAL G 477 -26.23 33.03 -31.66
CA VAL G 477 -26.86 34.28 -31.25
C VAL G 477 -27.21 35.15 -32.45
N GLU G 478 -26.30 35.25 -33.42
CA GLU G 478 -26.55 36.13 -34.56
C GLU G 478 -27.68 35.61 -35.45
N HIS G 479 -27.76 34.30 -35.67
CA HIS G 479 -28.74 33.71 -36.57
C HIS G 479 -29.46 32.56 -35.89
N PRO G 480 -30.26 32.85 -34.86
CA PRO G 480 -31.04 31.77 -34.22
C PRO G 480 -32.03 31.13 -35.17
N ASP G 481 -32.63 31.92 -36.07
CA ASP G 481 -33.63 31.38 -36.97
C ASP G 481 -33.05 30.28 -37.85
N LYS G 482 -31.83 30.48 -38.36
CA LYS G 482 -31.22 29.48 -39.23
C LYS G 482 -30.86 28.21 -38.48
N PHE G 483 -30.48 28.34 -37.20
CA PHE G 483 -30.25 27.15 -36.39
C PHE G 483 -31.56 26.41 -36.12
N LEU G 484 -32.66 27.16 -35.96
CA LEU G 484 -33.97 26.55 -35.78
C LEU G 484 -34.44 25.86 -37.05
N LYS G 485 -34.10 26.41 -38.21
CA LYS G 485 -34.55 25.85 -39.48
C LYS G 485 -34.03 24.42 -39.70
N PHE G 486 -32.76 24.18 -39.39
CA PHE G 486 -32.15 22.89 -39.65
C PHE G 486 -32.37 21.89 -38.51
N GLY G 487 -33.08 22.27 -37.47
CA GLY G 487 -33.35 21.36 -36.36
C GLY G 487 -32.13 20.92 -35.60
N MET G 488 -31.14 21.80 -35.45
CA MET G 488 -29.93 21.49 -34.71
C MET G 488 -29.84 22.41 -33.51
N THR G 489 -29.58 21.82 -32.34
CA THR G 489 -29.42 22.61 -31.13
C THR G 489 -27.94 22.88 -30.90
N PRO G 490 -27.51 24.14 -30.92
CA PRO G 490 -26.09 24.44 -30.69
C PRO G 490 -25.58 23.90 -29.37
N SER G 491 -24.41 23.30 -29.42
CA SER G 491 -23.77 22.80 -28.21
C SER G 491 -23.35 23.98 -27.34
N LYS G 492 -23.44 23.79 -26.02
CA LYS G 492 -23.06 24.82 -25.05
C LYS G 492 -21.96 24.27 -24.15
N GLY G 493 -20.74 24.30 -24.65
CA GLY G 493 -19.59 23.83 -23.91
C GLY G 493 -18.37 23.63 -24.79
N VAL G 494 -17.27 24.27 -24.44
CA VAL G 494 -16.02 24.13 -25.17
C VAL G 494 -14.93 23.74 -24.18
N LEU G 495 -13.90 23.05 -24.66
CA LEU G 495 -12.78 22.66 -23.81
C LEU G 495 -11.49 22.91 -24.54
N PHE G 496 -10.77 23.95 -24.13
CA PHE G 496 -9.44 24.23 -24.67
C PHE G 496 -8.40 23.36 -23.99
N TYR G 497 -7.60 22.65 -24.78
CA TYR G 497 -6.50 21.86 -24.25
C TYR G 497 -5.24 22.20 -25.04
N GLY G 498 -4.11 22.21 -24.33
CA GLY G 498 -2.84 22.52 -24.95
C GLY G 498 -1.77 22.78 -23.91
N PRO G 499 -0.56 23.14 -24.36
CA PRO G 499 0.52 23.40 -23.42
C PRO G 499 0.25 24.67 -22.63
N PRO G 500 0.78 24.78 -21.42
CA PRO G 500 0.52 25.96 -20.59
C PRO G 500 1.07 27.23 -21.22
N GLY G 501 0.38 28.34 -20.99
CA GLY G 501 0.85 29.64 -21.45
C GLY G 501 0.59 29.95 -22.90
N CYS G 502 -0.26 29.20 -23.59
CA CYS G 502 -0.52 29.45 -25.00
C CYS G 502 -1.66 30.44 -25.23
N GLY G 503 -2.27 30.96 -24.17
CA GLY G 503 -3.30 31.97 -24.30
C GLY G 503 -4.72 31.46 -24.40
N LYS G 504 -5.04 30.42 -23.63
CA LYS G 504 -6.42 29.94 -23.61
C LYS G 504 -7.35 30.91 -22.88
N THR G 505 -6.90 31.45 -21.75
CA THR G 505 -7.71 32.44 -21.04
C THR G 505 -7.96 33.67 -21.89
N LEU G 506 -6.92 34.16 -22.56
CA LEU G 506 -7.10 35.31 -23.45
C LEU G 506 -8.03 34.98 -24.60
N LEU G 507 -7.94 33.76 -25.14
CA LEU G 507 -8.84 33.38 -26.23
C LEU G 507 -10.30 33.39 -25.75
N ALA G 508 -10.55 32.84 -24.56
CA ALA G 508 -11.90 32.86 -24.02
C ALA G 508 -12.38 34.29 -23.79
N LYS G 509 -11.50 35.15 -23.26
CA LYS G 509 -11.88 36.53 -23.04
C LYS G 509 -12.18 37.23 -24.37
N ALA G 510 -11.39 36.95 -25.40
CA ALA G 510 -11.62 37.56 -26.70
C ALA G 510 -12.96 37.12 -27.29
N ILE G 511 -13.27 35.83 -27.17
CA ILE G 511 -14.56 35.36 -27.70
C ILE G 511 -15.71 35.99 -26.94
N ALA G 512 -15.54 36.18 -25.63
CA ALA G 512 -16.57 36.86 -24.85
C ALA G 512 -16.71 38.31 -25.29
N ASN G 513 -15.57 38.97 -25.57
CA ASN G 513 -15.58 40.37 -25.95
C ASN G 513 -16.24 40.58 -27.31
N GLU G 514 -16.02 39.66 -28.25
CA GLU G 514 -16.62 39.80 -29.56
C GLU G 514 -18.14 39.80 -29.47
N CYS G 515 -18.70 38.95 -28.63
CA CYS G 515 -20.15 38.89 -28.45
C CYS G 515 -20.65 39.92 -27.44
N GLN G 516 -19.77 40.70 -26.83
CA GLN G 516 -20.15 41.68 -25.82
C GLN G 516 -20.88 41.03 -24.65
N ALA G 517 -20.44 39.82 -24.30
CA ALA G 517 -21.02 39.04 -23.22
C ALA G 517 -20.15 39.08 -21.98
N ASN G 518 -20.79 39.17 -20.82
CA ASN G 518 -20.06 39.18 -19.57
C ASN G 518 -19.18 37.94 -19.47
N PHE G 519 -18.07 38.06 -18.76
CA PHE G 519 -17.11 36.97 -18.62
C PHE G 519 -16.87 36.67 -17.15
N ILE G 520 -17.06 35.41 -16.76
CA ILE G 520 -16.82 34.94 -15.41
C ILE G 520 -15.73 33.89 -15.48
N SER G 521 -14.65 34.10 -14.75
CA SER G 521 -13.50 33.20 -14.76
C SER G 521 -13.39 32.50 -13.42
N ILE G 522 -13.46 31.18 -13.43
CA ILE G 522 -13.32 30.36 -12.23
C ILE G 522 -11.95 29.69 -12.33
N LYS G 523 -10.96 30.26 -11.65
CA LYS G 523 -9.60 29.76 -11.73
C LYS G 523 -9.47 28.46 -10.93
N GLY G 524 -8.32 27.80 -11.10
CA GLY G 524 -8.03 26.57 -10.38
C GLY G 524 -8.00 26.70 -8.88
N PRO G 525 -7.45 27.78 -8.32
CA PRO G 525 -7.47 27.93 -6.86
C PRO G 525 -8.88 27.90 -6.29
N GLU G 526 -9.86 28.49 -6.98
CA GLU G 526 -11.23 28.47 -6.45
C GLU G 526 -11.79 27.05 -6.40
N LEU G 527 -11.58 26.26 -7.46
CA LEU G 527 -12.04 24.88 -7.45
C LEU G 527 -11.33 24.08 -6.37
N LEU G 528 -10.02 24.29 -6.20
CA LEU G 528 -9.29 23.58 -5.16
C LEU G 528 -9.76 23.99 -3.77
N THR G 529 -10.14 25.26 -3.60
CA THR G 529 -10.68 25.70 -2.32
C THR G 529 -12.02 25.02 -2.04
N MET G 530 -12.87 24.92 -3.05
CA MET G 530 -14.15 24.23 -2.86
C MET G 530 -13.93 22.75 -2.56
N TRP G 531 -12.86 22.17 -3.12
CA TRP G 531 -12.58 20.75 -2.89
C TRP G 531 -12.01 20.50 -1.50
N PHE G 532 -10.99 21.25 -1.11
CA PHE G 532 -10.39 21.05 0.21
C PHE G 532 -11.39 21.34 1.32
N GLY G 533 -12.13 22.44 1.20
CA GLY G 533 -13.13 22.77 2.20
C GLY G 533 -14.37 21.91 2.16
N GLU G 534 -14.45 20.98 1.22
CA GLU G 534 -15.61 20.10 1.07
C GLU G 534 -16.89 20.91 0.92
N SER G 535 -16.79 22.11 0.35
CA SER G 535 -17.93 22.97 0.06
C SER G 535 -18.06 23.06 -1.45
N GLU G 536 -18.71 22.07 -2.04
CA GLU G 536 -18.98 22.10 -3.47
C GLU G 536 -20.32 22.72 -3.82
N ALA G 537 -21.12 23.11 -2.82
CA ALA G 537 -22.38 23.76 -3.12
C ALA G 537 -22.19 25.17 -3.67
N ASN G 538 -20.99 25.74 -3.53
CA ASN G 538 -20.78 27.08 -4.06
C ASN G 538 -20.75 27.09 -5.58
N VAL G 539 -20.58 25.91 -6.18
CA VAL G 539 -20.62 25.84 -7.64
C VAL G 539 -22.03 26.22 -8.10
N ARG G 540 -23.03 25.82 -7.33
CA ARG G 540 -24.39 26.20 -7.68
C ARG G 540 -24.53 27.71 -7.66
N GLU G 541 -23.94 28.36 -6.66
CA GLU G 541 -24.00 29.81 -6.60
C GLU G 541 -23.30 30.41 -7.81
N ILE G 542 -22.17 29.82 -8.21
CA ILE G 542 -21.47 30.33 -9.38
C ILE G 542 -22.38 30.27 -10.59
N PHE G 543 -23.06 29.15 -10.77
CA PHE G 543 -23.92 29.02 -11.94
C PHE G 543 -25.09 29.99 -11.85
N ASP G 544 -25.58 30.24 -10.64
CA ASP G 544 -26.66 31.22 -10.50
C ASP G 544 -26.16 32.60 -10.91
N LYS G 545 -24.93 32.93 -10.54
CA LYS G 545 -24.37 34.21 -10.96
C LYS G 545 -24.29 34.26 -12.47
N ALA G 546 -23.89 33.15 -13.10
CA ALA G 546 -23.82 33.13 -14.55
C ALA G 546 -25.21 33.38 -15.14
N ARG G 547 -26.23 32.79 -14.52
CA ARG G 547 -27.58 32.99 -15.01
C ARG G 547 -27.98 34.45 -14.88
N GLN G 548 -27.66 35.08 -13.74
CA GLN G 548 -28.02 36.48 -13.54
C GLN G 548 -27.33 37.39 -14.54
N ALA G 549 -26.11 37.06 -14.93
CA ALA G 549 -25.32 37.88 -15.84
C ALA G 549 -25.53 37.48 -17.31
N ALA G 550 -26.45 36.58 -17.58
CA ALA G 550 -26.66 36.14 -18.96
C ALA G 550 -27.12 37.31 -19.82
N PRO G 551 -26.66 37.42 -21.06
CA PRO G 551 -25.79 36.40 -21.65
C PRO G 551 -24.35 36.48 -21.11
N CYS G 552 -23.77 35.32 -20.81
CA CYS G 552 -22.45 35.27 -20.18
C CYS G 552 -21.67 34.08 -20.73
N VAL G 553 -20.36 34.12 -20.53
CA VAL G 553 -19.46 33.05 -20.92
C VAL G 553 -18.74 32.59 -19.64
N LEU G 554 -19.21 31.49 -19.07
CA LEU G 554 -18.61 30.93 -17.84
C LEU G 554 -17.40 30.10 -18.23
N PHE G 555 -16.21 30.60 -17.89
CA PHE G 555 -14.96 29.94 -18.24
C PHE G 555 -14.35 29.31 -17.00
N PHE G 556 -14.03 28.02 -17.08
CA PHE G 556 -13.41 27.28 -15.98
C PHE G 556 -11.95 27.06 -16.36
N ASP G 557 -11.11 28.04 -16.04
CA ASP G 557 -9.70 27.94 -16.38
C ASP G 557 -9.03 26.83 -15.59
N GLU G 558 -8.13 26.10 -16.25
CA GLU G 558 -7.36 25.04 -15.59
C GLU G 558 -8.25 24.15 -14.71
N LEU G 559 -9.22 23.56 -15.39
CA LEU G 559 -10.20 22.66 -14.77
C LEU G 559 -9.60 21.38 -14.22
N ASP G 560 -8.36 21.04 -14.60
CA ASP G 560 -7.76 19.79 -14.15
C ASP G 560 -7.05 19.89 -12.81
N SER G 561 -7.18 21.02 -12.11
CA SER G 561 -6.44 21.21 -10.86
C SER G 561 -6.82 20.16 -9.82
N ILE G 562 -8.12 19.85 -9.70
CA ILE G 562 -8.57 18.89 -8.71
C ILE G 562 -8.03 17.49 -9.02
N ALA G 563 -7.98 17.11 -10.29
CA ALA G 563 -7.44 15.82 -10.65
C ALA G 563 -5.96 15.71 -10.27
N LYS G 564 -5.20 16.79 -10.52
CA LYS G 564 -3.80 16.81 -10.13
C LYS G 564 -3.64 16.71 -8.62
N ALA G 565 -4.50 17.42 -7.88
CA ALA G 565 -4.42 17.40 -6.42
C ALA G 565 -4.61 16.01 -5.85
N ARG G 566 -5.40 15.16 -6.51
CA ARG G 566 -5.63 13.81 -6.02
C ARG G 566 -4.55 12.83 -6.44
N GLY G 567 -3.42 13.30 -6.96
CA GLY G 567 -2.36 12.39 -7.36
C GLY G 567 -1.83 12.61 -8.76
N GLY G 568 -2.39 13.59 -9.48
CA GLY G 568 -1.94 13.86 -10.83
C GLY G 568 -2.53 12.94 -11.86
N ASN G 569 -1.73 12.03 -12.39
CA ASN G 569 -2.21 11.02 -13.34
C ASN G 569 -2.50 9.69 -12.68
N ILE G 570 -1.58 9.18 -11.85
CA ILE G 570 -1.84 7.94 -11.13
C ILE G 570 -3.05 8.11 -10.23
N GLY G 571 -3.19 9.27 -9.59
CA GLY G 571 -4.31 9.55 -8.72
C GLY G 571 -4.35 8.69 -7.48
N ASP G 572 -5.54 8.66 -6.87
CA ASP G 572 -5.81 7.87 -5.69
C ASP G 572 -6.40 6.54 -6.12
N GLY G 573 -6.91 5.75 -5.16
CA GLY G 573 -7.54 4.49 -5.52
C GLY G 573 -8.84 4.67 -6.25
N GLY G 574 -9.50 5.82 -6.10
CA GLY G 574 -10.76 6.06 -6.75
C GLY G 574 -10.59 6.42 -8.22
N GLY G 575 -11.70 6.74 -8.86
CA GLY G 575 -11.71 7.09 -10.26
C GLY G 575 -11.58 8.57 -10.49
N ALA G 576 -11.95 9.00 -11.71
CA ALA G 576 -11.85 10.39 -12.08
C ALA G 576 -12.89 11.28 -11.43
N ALA G 577 -13.93 10.70 -10.84
CA ALA G 577 -15.00 11.50 -10.25
C ALA G 577 -14.55 12.19 -8.98
N ASP G 578 -14.97 13.45 -8.82
CA ASP G 578 -14.66 14.24 -7.64
C ASP G 578 -15.85 15.15 -7.35
N ARG G 579 -15.88 15.69 -6.13
CA ARG G 579 -17.04 16.45 -5.68
C ARG G 579 -17.28 17.68 -6.54
N VAL G 580 -16.25 18.48 -6.75
CA VAL G 580 -16.43 19.75 -7.47
C VAL G 580 -16.81 19.51 -8.92
N ILE G 581 -16.13 18.58 -9.58
CA ILE G 581 -16.46 18.28 -10.97
C ILE G 581 -17.84 17.67 -11.05
N ASN G 582 -18.22 16.86 -10.07
CA ASN G 582 -19.57 16.29 -10.07
C ASN G 582 -20.63 17.39 -9.96
N GLN G 583 -20.40 18.39 -9.09
CA GLN G 583 -21.36 19.48 -8.99
C GLN G 583 -21.40 20.27 -10.29
N ILE G 584 -20.24 20.45 -10.93
CA ILE G 584 -20.19 21.15 -12.21
C ILE G 584 -20.99 20.40 -13.26
N LEU G 585 -20.85 19.07 -13.30
CA LEU G 585 -21.62 18.26 -14.24
C LEU G 585 -23.11 18.36 -13.99
N THR G 586 -23.52 18.30 -12.72
CA THR G 586 -24.94 18.42 -12.41
C THR G 586 -25.48 19.76 -12.88
N GLU G 587 -24.74 20.83 -12.59
CA GLU G 587 -25.20 22.18 -12.96
C GLU G 587 -25.23 22.33 -14.48
N MET G 588 -24.23 21.77 -15.17
CA MET G 588 -24.18 21.86 -16.63
C MET G 588 -25.34 21.11 -17.26
N ASP G 589 -25.70 19.94 -16.70
CA ASP G 589 -26.85 19.23 -17.21
C ASP G 589 -28.12 20.03 -16.97
N GLY G 590 -28.28 20.60 -15.78
CA GLY G 590 -29.43 21.44 -15.56
C GLY G 590 -29.33 22.81 -16.22
N MET G 591 -28.12 23.23 -16.60
CA MET G 591 -27.92 24.52 -17.25
C MET G 591 -28.03 24.41 -18.77
N SER G 592 -29.21 23.97 -19.23
CA SER G 592 -29.44 23.82 -20.66
C SER G 592 -30.49 24.76 -21.21
N THR G 593 -31.50 25.11 -20.40
CA THR G 593 -32.55 26.01 -20.86
C THR G 593 -32.07 27.46 -20.99
N LYS G 594 -31.01 27.83 -20.27
CA LYS G 594 -30.65 29.25 -20.20
C LYS G 594 -30.26 29.79 -21.57
N LYS G 595 -29.51 29.02 -22.35
CA LYS G 595 -29.10 29.42 -23.69
C LYS G 595 -28.07 30.54 -23.68
N ASN G 596 -28.27 31.54 -22.83
CA ASN G 596 -27.31 32.65 -22.78
C ASN G 596 -25.95 32.18 -22.27
N VAL G 597 -25.91 31.48 -21.14
CA VAL G 597 -24.63 31.13 -20.55
C VAL G 597 -23.89 30.15 -21.46
N PHE G 598 -22.60 30.38 -21.66
CA PHE G 598 -21.76 29.52 -22.47
C PHE G 598 -20.57 29.08 -21.63
N ILE G 599 -20.37 27.78 -21.53
CA ILE G 599 -19.35 27.22 -20.65
C ILE G 599 -18.12 26.88 -21.46
N ILE G 600 -16.97 27.43 -21.07
CA ILE G 600 -15.69 27.19 -21.72
C ILE G 600 -14.75 26.63 -20.66
N GLY G 601 -14.07 25.54 -20.99
CA GLY G 601 -13.14 24.92 -20.08
C GLY G 601 -11.73 24.90 -20.66
N ALA G 602 -10.74 25.03 -19.78
CA ALA G 602 -9.34 25.00 -20.14
C ALA G 602 -8.61 24.01 -19.25
N THR G 603 -7.73 23.21 -19.86
CA THR G 603 -7.00 22.20 -19.11
C THR G 603 -5.70 21.89 -19.82
N ASN G 604 -4.60 21.91 -19.06
CA ASN G 604 -3.29 21.57 -19.58
C ASN G 604 -2.99 20.08 -19.49
N ARG G 605 -3.87 19.29 -18.87
CA ARG G 605 -3.71 17.85 -18.74
C ARG G 605 -5.00 17.18 -19.17
N PRO G 606 -5.27 17.13 -20.47
CA PRO G 606 -6.53 16.51 -20.94
C PRO G 606 -6.62 15.03 -20.59
N ASP G 607 -5.49 14.35 -20.44
CA ASP G 607 -5.52 12.91 -20.16
C ASP G 607 -6.20 12.61 -18.83
N ILE G 608 -5.94 13.42 -17.80
CA ILE G 608 -6.50 13.16 -16.47
C ILE G 608 -7.89 13.76 -16.29
N ILE G 609 -8.40 14.50 -17.28
CA ILE G 609 -9.72 15.09 -17.14
C ILE G 609 -10.77 13.98 -17.07
N ASP G 610 -11.83 14.24 -16.31
CA ASP G 610 -12.90 13.26 -16.16
C ASP G 610 -13.58 13.02 -17.50
N PRO G 611 -13.73 11.77 -17.95
CA PRO G 611 -14.39 11.54 -19.25
C PRO G 611 -15.82 12.06 -19.28
N ALA G 612 -16.53 12.04 -18.15
CA ALA G 612 -17.91 12.52 -18.14
C ALA G 612 -18.01 13.99 -18.54
N ILE G 613 -16.91 14.73 -18.41
CA ILE G 613 -16.90 16.14 -18.83
C ILE G 613 -17.19 16.25 -20.32
N LEU G 614 -16.79 15.27 -21.11
CA LEU G 614 -16.86 15.35 -22.56
C LEU G 614 -18.12 14.74 -23.15
N ARG G 615 -19.02 14.22 -22.32
CA ARG G 615 -20.25 13.63 -22.84
C ARG G 615 -21.16 14.70 -23.43
N PRO G 616 -22.06 14.31 -24.33
CA PRO G 616 -22.96 15.29 -24.94
C PRO G 616 -23.77 16.03 -23.90
N GLY G 617 -24.03 17.31 -24.16
CA GLY G 617 -24.61 18.21 -23.18
C GLY G 617 -23.58 18.82 -22.26
N ARG G 618 -22.33 18.42 -22.38
CA ARG G 618 -21.17 18.90 -21.64
C ARG G 618 -20.20 19.52 -22.63
N LEU G 619 -18.96 19.73 -22.19
CA LEU G 619 -17.98 20.38 -23.05
C LEU G 619 -17.57 19.42 -24.15
N ASP G 620 -18.46 19.25 -25.13
CA ASP G 620 -18.22 18.31 -26.24
C ASP G 620 -17.09 18.80 -27.15
N GLN G 621 -17.11 20.08 -27.52
CA GLN G 621 -16.19 20.60 -28.51
C GLN G 621 -14.81 20.78 -27.90
N LEU G 622 -13.91 19.84 -28.18
CA LEU G 622 -12.53 19.93 -27.75
C LEU G 622 -11.73 20.71 -28.78
N ILE G 623 -10.99 21.72 -28.34
CA ILE G 623 -10.19 22.56 -29.21
C ILE G 623 -8.74 22.51 -28.72
N TYR G 624 -7.82 22.22 -29.64
CA TYR G 624 -6.40 22.13 -29.31
C TYR G 624 -5.75 23.50 -29.53
N ILE G 625 -5.23 24.07 -28.46
CA ILE G 625 -4.53 25.35 -28.54
C ILE G 625 -3.03 25.07 -28.62
N PRO G 626 -2.45 25.01 -29.81
CA PRO G 626 -1.04 24.65 -29.94
C PRO G 626 -0.12 25.86 -29.73
N LEU G 627 1.17 25.57 -29.70
CA LEU G 627 2.16 26.62 -29.53
C LEU G 627 2.07 27.61 -30.68
N PRO G 628 2.25 28.90 -30.42
CA PRO G 628 2.09 29.89 -31.49
C PRO G 628 3.08 29.68 -32.62
N ASP G 629 2.63 29.96 -33.85
CA ASP G 629 3.48 29.85 -35.03
C ASP G 629 4.36 31.09 -35.12
N GLU G 630 5.11 31.20 -36.24
CA GLU G 630 5.96 32.37 -36.42
C GLU G 630 5.14 33.65 -36.48
N LYS G 631 4.05 33.65 -37.25
CA LYS G 631 3.17 34.81 -37.29
C LYS G 631 2.51 35.05 -35.95
N SER G 632 2.07 33.97 -35.29
CA SER G 632 1.47 34.10 -33.96
C SER G 632 2.50 34.64 -32.97
N ARG G 633 3.74 34.18 -33.06
CA ARG G 633 4.78 34.68 -32.16
C ARG G 633 5.03 36.16 -32.41
N VAL G 634 5.06 36.58 -33.68
CA VAL G 634 5.25 37.99 -33.98
C VAL G 634 4.11 38.82 -33.40
N ALA G 635 2.87 38.34 -33.56
CA ALA G 635 1.72 39.06 -33.03
C ALA G 635 1.79 39.15 -31.51
N ILE G 636 2.18 38.06 -30.84
CA ILE G 636 2.28 38.06 -29.39
C ILE G 636 3.34 39.06 -28.94
N LEU G 637 4.49 39.07 -29.61
CA LEU G 637 5.54 40.01 -29.25
C LEU G 637 5.07 41.44 -29.44
N LYS G 638 4.39 41.72 -30.55
CA LYS G 638 3.89 43.07 -30.78
C LYS G 638 2.90 43.48 -29.71
N ALA G 639 1.98 42.58 -29.34
CA ALA G 639 0.98 42.89 -28.33
C ALA G 639 1.62 43.15 -26.97
N ASN G 640 2.63 42.35 -26.59
CA ASN G 640 3.28 42.55 -25.31
C ASN G 640 4.02 43.87 -25.25
N LEU G 641 4.65 44.28 -26.36
CA LEU G 641 5.49 45.46 -26.38
C LEU G 641 4.75 46.72 -26.83
N ARG G 642 3.43 46.66 -26.99
CA ARG G 642 2.70 47.83 -27.44
C ARG G 642 2.81 48.98 -26.44
N LYS G 643 2.61 48.69 -25.16
CA LYS G 643 2.72 49.74 -24.15
C LYS G 643 4.16 50.24 -24.03
N SER G 644 5.13 49.33 -24.03
CA SER G 644 6.51 49.74 -23.84
C SER G 644 7.02 50.50 -25.06
N PRO G 645 7.84 51.54 -24.87
CA PRO G 645 8.43 52.24 -26.01
C PRO G 645 9.60 51.46 -26.62
N VAL G 646 9.37 50.89 -27.80
CA VAL G 646 10.36 50.06 -28.48
C VAL G 646 10.87 50.81 -29.71
N ALA G 647 12.19 50.90 -29.84
CA ALA G 647 12.77 51.58 -30.99
C ALA G 647 12.46 50.84 -32.29
N LYS G 648 12.25 51.59 -33.37
CA LYS G 648 11.94 50.96 -34.65
C LYS G 648 13.11 50.16 -35.19
N ASP G 649 14.33 50.42 -34.74
CA ASP G 649 15.49 49.70 -35.27
C ASP G 649 15.45 48.22 -34.92
N VAL G 650 14.84 47.84 -33.79
CA VAL G 650 14.81 46.44 -33.37
C VAL G 650 13.86 45.68 -34.29
N ASP G 651 14.38 44.68 -34.99
CA ASP G 651 13.57 43.85 -35.88
C ASP G 651 12.86 42.76 -35.08
N LEU G 652 11.59 43.03 -34.75
CA LEU G 652 10.84 42.10 -33.91
C LEU G 652 10.55 40.78 -34.62
N GLU G 653 10.42 40.82 -35.96
CA GLU G 653 10.16 39.59 -36.70
C GLU G 653 11.33 38.62 -36.57
N PHE G 654 12.56 39.13 -36.59
CA PHE G 654 13.71 38.25 -36.40
C PHE G 654 13.66 37.57 -35.04
N LEU G 655 13.31 38.34 -34.00
CA LEU G 655 13.20 37.76 -32.67
C LEU G 655 12.11 36.70 -32.63
N ALA G 656 10.97 36.97 -33.26
CA ALA G 656 9.88 35.99 -33.26
C ALA G 656 10.29 34.71 -33.98
N LYS G 657 10.97 34.83 -35.11
CA LYS G 657 11.35 33.65 -35.88
C LYS G 657 12.46 32.86 -35.20
N MET G 658 13.38 33.55 -34.51
CA MET G 658 14.42 32.85 -33.77
C MET G 658 13.87 32.03 -32.61
N THR G 659 12.75 32.47 -32.04
CA THR G 659 12.10 31.73 -30.95
C THR G 659 11.39 30.55 -31.57
N ASN G 660 12.10 29.42 -31.64
CA ASN G 660 11.63 28.24 -32.34
C ASN G 660 10.31 27.73 -31.78
N GLY G 661 10.30 27.37 -30.50
CA GLY G 661 9.09 26.82 -29.92
C GLY G 661 8.70 27.44 -28.60
N PHE G 662 8.98 28.73 -28.43
CA PHE G 662 8.59 29.42 -27.21
C PHE G 662 7.08 29.58 -27.14
N SER G 663 6.53 29.40 -25.95
CA SER G 663 5.12 29.63 -25.72
C SER G 663 4.87 31.13 -25.52
N GLY G 664 3.60 31.50 -25.48
CA GLY G 664 3.27 32.90 -25.23
C GLY G 664 3.82 33.39 -23.91
N ALA G 665 3.80 32.53 -22.89
CA ALA G 665 4.36 32.91 -21.60
C ALA G 665 5.85 33.20 -21.71
N ASP G 666 6.57 32.39 -22.49
CA ASP G 666 8.01 32.61 -22.63
C ASP G 666 8.30 33.93 -23.34
N LEU G 667 7.53 34.25 -24.38
CA LEU G 667 7.72 35.52 -25.07
C LEU G 667 7.40 36.69 -24.15
N THR G 668 6.33 36.57 -23.36
CA THR G 668 6.01 37.61 -22.41
C THR G 668 7.13 37.78 -21.38
N GLU G 669 7.70 36.67 -20.93
CA GLU G 669 8.81 36.72 -19.98
C GLU G 669 10.01 37.43 -20.60
N ILE G 670 10.32 37.13 -21.86
CA ILE G 670 11.44 37.78 -22.53
C ILE G 670 11.19 39.29 -22.63
N CYS G 671 9.97 39.67 -23.00
CA CYS G 671 9.66 41.09 -23.11
C CYS G 671 9.77 41.77 -21.75
N GLN G 672 9.26 41.12 -20.70
CA GLN G 672 9.35 41.69 -19.36
C GLN G 672 10.79 41.85 -18.92
N ARG G 673 11.64 40.85 -19.23
CA ARG G 673 13.04 40.95 -18.87
C ARG G 673 13.72 42.09 -19.62
N ALA G 674 13.39 42.27 -20.89
CA ALA G 674 13.96 43.38 -21.65
C ALA G 674 13.54 44.72 -21.05
N CYS G 675 12.26 44.85 -20.68
CA CYS G 675 11.79 46.08 -20.06
C CYS G 675 12.49 46.32 -18.73
N LYS G 676 12.68 45.25 -17.94
CA LYS G 676 13.37 45.39 -16.65
C LYS G 676 14.81 45.83 -16.86
N LEU G 677 15.48 45.26 -17.87
CA LEU G 677 16.86 45.66 -18.15
C LEU G 677 16.92 47.13 -18.55
N ALA G 678 15.99 47.57 -19.40
CA ALA G 678 15.96 48.97 -19.79
C ALA G 678 15.72 49.88 -18.59
N ILE G 679 14.78 49.49 -17.72
CA ILE G 679 14.48 50.30 -16.55
C ILE G 679 15.68 50.38 -15.61
N ARG G 680 16.35 49.25 -15.38
CA ARG G 680 17.50 49.26 -14.49
C ARG G 680 18.60 50.14 -15.06
N GLU G 681 18.85 50.05 -16.36
CA GLU G 681 19.89 50.87 -16.96
C GLU G 681 19.54 52.34 -16.84
N SER G 682 18.28 52.69 -17.12
CA SER G 682 17.87 54.09 -17.04
C SER G 682 18.00 54.62 -15.62
N ILE G 683 17.59 53.83 -14.63
CA ILE G 683 17.67 54.29 -13.25
C ILE G 683 19.12 54.46 -12.81
N GLU G 684 19.97 53.49 -13.15
CA GLU G 684 21.37 53.60 -12.75
C GLU G 684 22.06 54.77 -13.44
N SER G 685 21.89 54.91 -14.75
CA SER G 685 22.55 55.99 -15.47
C SER G 685 22.06 57.37 -15.04
N GLU G 686 20.73 57.55 -14.93
CA GLU G 686 20.22 58.85 -14.51
C GLU G 686 20.69 59.15 -13.09
N ILE G 687 20.66 58.16 -12.20
CA ILE G 687 21.09 58.37 -10.83
C ILE G 687 22.58 58.70 -10.77
N ARG G 688 23.42 57.89 -11.41
CA ARG G 688 24.86 58.15 -11.31
C ARG G 688 25.22 59.50 -11.92
N ARG G 689 24.46 59.93 -12.93
CA ARG G 689 24.67 61.26 -13.50
C ARG G 689 24.27 62.34 -12.50
N GLU G 690 23.14 62.13 -11.84
CA GLU G 690 22.66 63.10 -10.86
C GLU G 690 23.57 63.14 -9.65
N ARG G 691 24.08 61.99 -9.23
CA ARG G 691 24.99 61.93 -8.08
C ARG G 691 26.24 62.74 -8.36
N GLU G 692 26.83 62.56 -9.54
CA GLU G 692 27.99 63.37 -9.88
C GLU G 692 27.62 64.84 -10.02
N ARG G 693 26.51 65.12 -10.70
CA ARG G 693 26.10 66.50 -10.95
C ARG G 693 25.74 67.25 -9.67
N GLN G 694 25.15 66.56 -8.69
CA GLN G 694 24.72 67.23 -7.47
C GLN G 694 25.88 67.75 -6.63
N THR G 695 27.09 67.19 -6.81
CA THR G 695 28.22 67.67 -6.02
C THR G 695 28.50 69.15 -6.27
N ASN G 696 28.56 69.56 -7.53
CA ASN G 696 28.78 70.99 -7.77
C ASN G 696 27.41 71.60 -8.04
N PRO G 697 26.94 72.55 -7.23
CA PRO G 697 25.66 73.20 -7.54
C PRO G 697 25.59 73.89 -8.89
N SER G 698 24.65 73.48 -9.75
CA SER G 698 24.51 74.12 -11.06
C SER G 698 25.72 73.89 -11.94
N ALA G 699 26.68 73.08 -11.48
CA ALA G 699 27.90 72.78 -12.24
C ALA G 699 27.69 72.56 -13.74
N MET G 700 27.12 71.44 -14.15
CA MET G 700 26.98 71.22 -15.59
C MET G 700 25.76 71.92 -16.14
N GLU G 701 25.66 71.97 -17.48
CA GLU G 701 24.55 72.62 -18.15
C GLU G 701 23.21 72.04 -17.67
N VAL G 702 22.12 72.72 -18.02
CA VAL G 702 20.76 72.33 -17.65
C VAL G 702 20.17 71.43 -18.71
N GLU G 703 21.01 70.94 -19.63
CA GLU G 703 20.54 70.07 -20.70
C GLU G 703 19.73 68.91 -20.12
N GLU G 704 18.55 68.70 -20.69
CA GLU G 704 17.60 67.65 -20.29
C GLU G 704 17.79 66.37 -21.10
N ASP G 705 18.81 65.60 -20.72
CA ASP G 705 19.15 64.34 -21.37
C ASP G 705 18.31 63.15 -20.91
N ASP G 706 17.97 62.28 -21.85
CA ASP G 706 17.27 61.03 -21.58
C ASP G 706 18.30 59.97 -21.92
N PRO G 707 18.96 59.35 -20.94
CA PRO G 707 19.99 58.36 -21.28
C PRO G 707 19.47 57.17 -22.05
N VAL G 708 18.36 56.59 -21.63
CA VAL G 708 17.70 55.52 -22.38
C VAL G 708 16.23 55.88 -22.53
N PRO G 709 15.78 56.30 -23.71
CA PRO G 709 14.37 56.66 -23.89
C PRO G 709 13.55 55.58 -24.57
N GLU G 710 14.15 54.43 -24.88
CA GLU G 710 13.44 53.34 -25.51
C GLU G 710 14.24 52.06 -25.34
N ILE G 711 13.54 50.93 -25.37
CA ILE G 711 14.19 49.63 -25.27
C ILE G 711 15.08 49.44 -26.48
N ARG G 712 16.38 49.26 -26.27
CA ARG G 712 17.32 49.18 -27.36
C ARG G 712 17.55 47.73 -27.78
N ARG G 713 18.33 47.55 -28.86
CA ARG G 713 18.64 46.20 -29.31
C ARG G 713 19.41 45.44 -28.25
N ASP G 714 20.38 46.09 -27.63
CA ASP G 714 21.21 45.40 -26.65
C ASP G 714 20.35 44.86 -25.52
N HIS G 715 19.27 45.58 -25.17
CA HIS G 715 18.36 45.06 -24.17
C HIS G 715 17.72 43.76 -24.64
N PHE G 716 17.42 43.65 -25.94
CA PHE G 716 16.80 42.43 -26.44
C PHE G 716 17.79 41.26 -26.47
N GLU G 717 19.06 41.52 -26.80
CA GLU G 717 20.08 40.47 -26.63
C GLU G 717 20.24 40.09 -25.17
N GLU G 718 20.21 41.08 -24.29
CA GLU G 718 20.30 40.83 -22.86
C GLU G 718 19.18 39.91 -22.41
N ALA G 719 17.97 40.17 -22.91
CA ALA G 719 16.80 39.35 -22.59
C ALA G 719 16.92 37.94 -23.16
N MET G 720 17.35 37.83 -24.41
CA MET G 720 17.49 36.50 -25.02
C MET G 720 18.57 35.66 -24.38
N ARG G 721 19.58 36.27 -23.78
CA ARG G 721 20.54 35.44 -23.05
C ARG G 721 19.86 34.57 -22.01
N PHE G 722 18.76 35.05 -21.43
CA PHE G 722 18.04 34.27 -20.43
C PHE G 722 16.82 33.57 -21.00
N ALA G 723 16.70 33.52 -22.32
CA ALA G 723 15.57 32.87 -22.97
C ALA G 723 15.44 31.42 -22.54
N ARG G 724 14.21 30.99 -22.24
CA ARG G 724 13.95 29.66 -21.72
C ARG G 724 12.77 29.03 -22.45
N ARG G 725 12.85 27.71 -22.66
CA ARG G 725 11.76 26.93 -23.28
C ARG G 725 10.93 26.29 -22.18
N SER G 726 9.78 26.91 -21.88
CA SER G 726 8.92 26.39 -20.82
C SER G 726 8.34 25.02 -21.17
N VAL G 727 7.89 24.85 -22.41
CA VAL G 727 7.20 23.63 -22.84
C VAL G 727 8.19 22.66 -23.48
N SER G 728 8.45 21.55 -22.79
CA SER G 728 9.30 20.51 -23.35
C SER G 728 8.59 19.79 -24.49
N ASP G 729 9.38 19.24 -25.41
CA ASP G 729 8.80 18.55 -26.56
C ASP G 729 8.08 17.26 -26.17
N ASN G 730 8.34 16.72 -24.97
CA ASN G 730 7.66 15.49 -24.58
C ASN G 730 6.21 15.75 -24.23
N ASP G 731 5.92 16.85 -23.55
CA ASP G 731 4.52 17.07 -23.23
C ASP G 731 3.74 17.64 -24.41
N ILE G 732 4.42 18.26 -25.37
CA ILE G 732 3.80 18.56 -26.65
C ILE G 732 3.48 17.26 -27.37
N ARG G 733 4.37 16.28 -27.22
CA ARG G 733 4.11 14.95 -27.76
C ARG G 733 2.84 14.38 -27.14
N LYS G 734 2.66 14.58 -25.83
CA LYS G 734 1.46 14.08 -25.16
C LYS G 734 0.20 14.80 -25.65
N TYR G 735 0.29 16.11 -25.90
CA TYR G 735 -0.88 16.83 -26.41
C TYR G 735 -1.26 16.34 -27.79
N GLU G 736 -0.27 16.19 -28.68
CA GLU G 736 -0.56 15.67 -30.01
C GLU G 736 -1.08 14.25 -29.92
N MET G 737 -0.63 13.49 -28.92
CA MET G 737 -1.14 12.13 -28.71
C MET G 737 -2.62 12.15 -28.36
N PHE G 738 -3.01 13.03 -27.44
CA PHE G 738 -4.43 13.12 -27.10
C PHE G 738 -5.25 13.64 -28.29
N ALA G 739 -4.66 14.51 -29.11
CA ALA G 739 -5.37 14.99 -30.29
C ALA G 739 -5.56 13.88 -31.31
N GLN G 740 -4.57 12.99 -31.44
CA GLN G 740 -4.72 11.85 -32.34
C GLN G 740 -5.77 10.89 -31.83
N THR G 741 -5.75 10.60 -30.53
CA THR G 741 -6.74 9.70 -29.95
C THR G 741 -8.14 10.24 -30.17
N LEU G 742 -8.30 11.56 -30.18
CA LEU G 742 -9.58 12.20 -30.42
C LEU G 742 -9.93 12.25 -31.91
N GLN G 743 -8.99 11.89 -32.79
CA GLN G 743 -9.24 11.92 -34.22
C GLN G 743 -10.31 10.91 -34.63
N GLN G 744 -11.04 11.24 -35.68
CA GLN G 744 -12.18 10.45 -36.14
C GLN G 744 -11.82 9.11 -36.79
N SER G 745 -11.06 8.29 -36.10
CA SER G 745 -10.68 6.94 -36.55
C SER G 745 -10.04 7.04 -37.94
N ARG G 746 -10.27 6.07 -38.82
CA ARG G 746 -9.67 6.02 -40.15
C ARG G 746 -10.52 5.14 -41.05
N GLY G 747 -10.37 5.36 -42.36
CA GLY G 747 -11.10 4.61 -43.37
C GLY G 747 -12.39 5.21 -43.87
N PHE G 748 -12.86 6.30 -43.26
CA PHE G 748 -14.10 6.93 -43.72
C PHE G 748 -13.85 8.20 -44.51
N GLY G 749 -12.59 8.49 -44.85
CA GLY G 749 -12.30 9.66 -45.66
C GLY G 749 -12.90 9.56 -47.05
N SER G 750 -12.76 8.40 -47.67
CA SER G 750 -13.21 8.17 -49.04
C SER G 750 -14.70 7.89 -49.13
N PHE G 751 -15.40 7.85 -47.99
CA PHE G 751 -16.83 7.53 -47.98
C PHE G 751 -17.57 8.42 -48.96
N ARG G 752 -18.40 7.81 -49.80
CA ARG G 752 -19.17 8.55 -50.77
C ARG G 752 -20.48 7.82 -50.97
N PHE G 753 -21.58 8.56 -51.10
CA PHE G 753 -22.87 7.91 -51.33
C PHE G 753 -22.90 7.35 -52.75
N PRO G 754 -23.64 6.27 -52.99
CA PRO G 754 -23.63 5.68 -54.33
C PRO G 754 -24.36 6.56 -55.33
N SER G 755 -23.75 6.73 -56.49
CA SER G 755 -24.32 7.56 -57.56
C SER G 755 -25.38 6.80 -58.34
N ASN H 1 -84.44 3.52 -16.40
CA ASN H 1 -85.78 3.89 -15.95
C ASN H 1 -86.20 5.24 -16.52
N ARG H 2 -85.98 5.41 -17.82
CA ARG H 2 -86.31 6.66 -18.50
C ARG H 2 -85.56 7.82 -17.85
N PRO H 3 -84.23 7.76 -17.79
CA PRO H 3 -83.47 8.81 -17.10
C PRO H 3 -83.48 10.13 -17.86
N ASN H 4 -82.91 11.18 -17.25
CA ASN H 4 -82.84 12.47 -17.92
C ASN H 4 -81.91 12.40 -19.12
N ARG H 5 -80.84 11.60 -19.03
CA ARG H 5 -79.84 11.33 -20.05
C ARG H 5 -78.86 12.48 -20.19
N LEU H 6 -79.05 13.60 -19.50
CA LEU H 6 -78.18 14.76 -19.64
C LEU H 6 -77.45 14.99 -18.32
N ILE H 7 -76.13 15.11 -18.40
CA ILE H 7 -75.28 15.35 -17.24
C ILE H 7 -74.32 16.49 -17.55
N VAL H 8 -73.78 17.08 -16.48
CA VAL H 8 -72.88 18.21 -16.58
C VAL H 8 -71.45 17.70 -16.48
N ASP H 9 -70.57 18.21 -17.35
CA ASP H 9 -69.18 17.79 -17.37
C ASP H 9 -68.33 18.92 -17.92
N GLU H 10 -67.03 18.82 -17.70
CA GLU H 10 -66.11 19.84 -18.18
C GLU H 10 -65.95 19.75 -19.70
N ALA H 11 -65.68 20.91 -20.31
CA ALA H 11 -65.53 21.03 -21.75
C ALA H 11 -64.05 21.01 -22.13
N ILE H 12 -63.71 20.18 -23.11
CA ILE H 12 -62.33 20.05 -23.53
C ILE H 12 -61.99 21.05 -24.64
N ASN H 13 -62.87 21.21 -25.63
CA ASN H 13 -62.60 22.12 -26.74
C ASN H 13 -62.93 23.56 -26.36
N GLU H 14 -62.17 24.50 -26.92
CA GLU H 14 -62.38 25.92 -26.67
C GLU H 14 -63.56 26.40 -27.50
N ASP H 15 -64.68 26.68 -26.85
CA ASP H 15 -65.86 27.17 -27.56
C ASP H 15 -66.91 27.56 -26.54
N ASN H 16 -67.74 28.53 -26.90
CA ASN H 16 -68.87 28.95 -26.09
C ASN H 16 -70.17 28.65 -26.83
N SER H 17 -71.22 28.38 -26.06
CA SER H 17 -72.53 28.03 -26.61
C SER H 17 -72.47 26.76 -27.47
N VAL H 18 -71.59 25.83 -27.12
CA VAL H 18 -71.45 24.56 -27.83
C VAL H 18 -71.45 23.43 -26.80
N VAL H 19 -72.24 22.39 -27.06
CA VAL H 19 -72.37 21.24 -26.17
C VAL H 19 -72.04 19.98 -26.96
N SER H 20 -71.21 19.12 -26.38
CA SER H 20 -70.79 17.88 -27.00
C SER H 20 -71.58 16.70 -26.44
N LEU H 21 -71.87 15.73 -27.30
CA LEU H 21 -72.57 14.51 -26.92
C LEU H 21 -71.79 13.29 -27.37
N SER H 22 -72.00 12.19 -26.64
CA SER H 22 -71.29 10.95 -26.92
C SER H 22 -71.63 10.45 -28.31
N GLN H 23 -70.61 10.05 -29.06
CA GLN H 23 -70.82 9.51 -30.40
C GLN H 23 -71.59 8.19 -30.44
N PRO H 24 -71.47 7.29 -29.45
CA PRO H 24 -72.14 5.99 -29.57
C PRO H 24 -73.66 6.05 -29.75
N LYS H 25 -74.35 7.05 -29.21
CA LYS H 25 -75.80 7.10 -29.26
C LYS H 25 -76.26 8.39 -29.94
N MET H 26 -76.73 8.28 -31.18
CA MET H 26 -77.35 9.41 -31.85
C MET H 26 -78.87 9.33 -31.93
N ASP H 27 -79.46 8.13 -31.87
CA ASP H 27 -80.91 8.04 -32.00
C ASP H 27 -81.61 8.35 -30.68
N GLU H 28 -80.97 8.05 -29.56
CA GLU H 28 -81.53 8.30 -28.24
C GLU H 28 -81.90 9.77 -28.11
N LEU H 29 -80.91 10.64 -28.34
CA LEU H 29 -81.11 12.08 -28.41
C LEU H 29 -81.76 12.48 -29.72
N GLN H 30 -81.72 11.61 -30.72
CA GLN H 30 -82.29 11.82 -32.05
C GLN H 30 -81.79 13.09 -32.72
N LEU H 31 -80.61 13.55 -32.31
CA LEU H 31 -80.00 14.73 -32.91
C LEU H 31 -78.52 14.51 -33.17
N PHE H 32 -78.13 14.78 -34.40
CA PHE H 32 -76.76 14.70 -34.86
C PHE H 32 -76.18 16.11 -34.73
N ARG H 33 -75.08 16.43 -35.42
CA ARG H 33 -74.46 17.71 -35.20
C ARG H 33 -75.27 18.86 -35.81
N GLY H 34 -74.82 20.08 -35.53
CA GLY H 34 -75.36 21.30 -36.09
C GLY H 34 -76.85 21.54 -35.95
N ASP H 35 -77.40 21.44 -34.74
CA ASP H 35 -78.81 21.72 -34.54
C ASP H 35 -79.06 22.36 -33.18
N THR H 36 -79.91 23.38 -33.15
CA THR H 36 -80.28 24.00 -31.89
C THR H 36 -80.87 22.96 -30.94
N VAL H 37 -80.45 23.01 -29.69
CA VAL H 37 -80.85 22.04 -28.67
C VAL H 37 -81.18 22.82 -27.41
N LEU H 38 -82.36 22.53 -26.82
CA LEU H 38 -82.77 23.19 -25.60
C LEU H 38 -82.35 22.35 -24.40
N LEU H 39 -82.08 23.03 -23.28
CA LEU H 39 -81.63 22.36 -22.07
C LEU H 39 -82.25 23.02 -20.86
N LYS H 40 -82.97 22.23 -20.06
CA LYS H 40 -83.57 22.68 -18.81
C LYS H 40 -82.66 22.33 -17.64
N GLY H 41 -82.35 23.33 -16.82
CA GLY H 41 -81.46 23.19 -15.70
C GLY H 41 -82.25 23.15 -14.40
N LYS H 42 -82.15 24.22 -13.62
CA LYS H 42 -82.80 24.32 -12.33
C LYS H 42 -83.35 25.73 -12.15
N LYS H 43 -84.25 25.86 -11.18
CA LYS H 43 -84.87 27.15 -10.86
C LYS H 43 -85.63 27.71 -12.05
N ARG H 44 -86.27 26.82 -12.82
CA ARG H 44 -87.09 27.22 -13.98
C ARG H 44 -86.31 28.06 -14.98
N ARG H 45 -85.17 27.52 -15.43
CA ARG H 45 -84.38 28.17 -16.47
C ARG H 45 -83.93 27.16 -17.50
N GLU H 46 -83.69 27.68 -18.71
CA GLU H 46 -83.36 26.87 -19.87
C GLU H 46 -82.40 27.65 -20.74
N ALA H 47 -81.67 26.92 -21.58
CA ALA H 47 -80.70 27.52 -22.50
C ALA H 47 -80.78 26.81 -23.84
N VAL H 48 -80.23 27.45 -24.87
CA VAL H 48 -80.21 26.90 -26.21
C VAL H 48 -78.77 26.93 -26.72
N CYS H 49 -78.35 25.83 -27.32
CA CYS H 49 -76.97 25.72 -27.80
C CYS H 49 -76.95 24.85 -29.04
N ILE H 50 -75.74 24.56 -29.53
CA ILE H 50 -75.54 23.72 -30.70
C ILE H 50 -74.85 22.47 -30.21
N VAL H 51 -75.21 21.33 -30.80
CA VAL H 51 -74.72 20.03 -30.36
C VAL H 51 -73.76 19.45 -31.38
N LEU H 52 -72.68 18.86 -30.88
CA LEU H 52 -71.74 18.13 -31.72
C LEU H 52 -71.48 16.76 -31.11
N SER H 53 -70.56 16.00 -31.70
CA SER H 53 -70.22 14.66 -31.24
C SER H 53 -68.74 14.59 -30.90
N ASP H 54 -68.43 13.97 -29.76
CA ASP H 54 -67.04 13.83 -29.34
C ASP H 54 -66.76 12.39 -28.94
N ASP H 55 -65.75 11.79 -29.58
CA ASP H 55 -65.42 10.40 -29.31
C ASP H 55 -64.93 10.21 -27.87
N THR H 56 -64.31 11.24 -27.29
CA THR H 56 -63.78 11.10 -25.94
C THR H 56 -64.86 11.23 -24.88
N CYS H 57 -66.00 11.82 -25.21
CA CYS H 57 -67.05 12.02 -24.23
C CYS H 57 -67.66 10.71 -23.81
N SER H 58 -67.89 10.55 -22.51
CA SER H 58 -68.55 9.37 -22.00
C SER H 58 -70.05 9.45 -22.26
N ASP H 59 -70.65 8.31 -22.61
CA ASP H 59 -72.06 8.31 -22.93
C ASP H 59 -72.92 8.77 -21.76
N GLU H 60 -72.46 8.50 -20.53
CA GLU H 60 -73.25 8.86 -19.36
C GLU H 60 -73.45 10.37 -19.26
N LYS H 61 -72.40 11.15 -19.51
CA LYS H 61 -72.41 12.58 -19.28
C LYS H 61 -72.24 13.34 -20.58
N ILE H 62 -72.65 14.60 -20.55
CA ILE H 62 -72.62 15.50 -21.71
C ILE H 62 -71.66 16.64 -21.40
N ARG H 63 -70.57 16.70 -22.16
CA ARG H 63 -69.60 17.78 -21.96
C ARG H 63 -70.25 19.13 -22.31
N MET H 64 -69.92 20.14 -21.51
CA MET H 64 -70.48 21.47 -21.73
C MET H 64 -69.53 22.51 -21.15
N ASN H 65 -69.55 23.70 -21.75
CA ASN H 65 -68.67 24.77 -21.33
C ASN H 65 -69.18 25.43 -20.05
N ARG H 66 -68.30 26.21 -19.42
CA ARG H 66 -68.65 26.82 -18.14
C ARG H 66 -69.66 27.94 -18.32
N VAL H 67 -69.63 28.63 -19.46
CA VAL H 67 -70.57 29.74 -19.68
C VAL H 67 -72.00 29.21 -19.72
N VAL H 68 -72.24 28.17 -20.53
CA VAL H 68 -73.57 27.59 -20.61
C VAL H 68 -73.98 27.00 -19.26
N ARG H 69 -73.03 26.36 -18.57
CA ARG H 69 -73.33 25.78 -17.27
C ARG H 69 -73.77 26.85 -16.28
N ASN H 70 -73.09 27.99 -16.25
CA ASN H 70 -73.51 29.10 -15.42
C ASN H 70 -74.87 29.63 -15.86
N ASN H 71 -75.14 29.64 -17.18
CA ASN H 71 -76.45 30.08 -17.64
C ASN H 71 -77.54 29.17 -17.09
N LEU H 72 -77.31 27.86 -17.10
CA LEU H 72 -78.28 26.92 -16.55
C LEU H 72 -78.26 26.89 -15.03
N ARG H 73 -77.22 27.40 -14.39
CA ARG H 73 -77.01 27.35 -12.94
C ARG H 73 -76.71 25.94 -12.44
N VAL H 74 -76.40 25.01 -13.33
CA VAL H 74 -76.01 23.67 -12.94
C VAL H 74 -74.51 23.64 -12.66
N ARG H 75 -74.06 22.58 -12.01
CA ARG H 75 -72.66 22.40 -11.68
C ARG H 75 -72.17 21.05 -12.20
N LEU H 76 -70.85 20.86 -12.16
CA LEU H 76 -70.25 19.63 -12.65
C LEU H 76 -70.83 18.42 -11.93
N GLY H 77 -71.12 17.37 -12.70
CA GLY H 77 -71.70 16.17 -12.16
C GLY H 77 -73.19 16.20 -11.95
N ASP H 78 -73.84 17.33 -12.26
CA ASP H 78 -75.28 17.46 -12.11
C ASP H 78 -76.01 16.79 -13.26
N VAL H 79 -77.31 16.60 -13.07
CA VAL H 79 -78.18 15.98 -14.06
C VAL H 79 -79.27 16.98 -14.43
N ILE H 80 -79.47 17.18 -15.73
CA ILE H 80 -80.45 18.14 -16.25
C ILE H 80 -81.20 17.51 -17.42
N SER H 81 -82.18 18.25 -17.93
CA SER H 81 -83.07 17.80 -18.98
C SER H 81 -82.63 18.36 -20.33
N ILE H 82 -82.61 17.51 -21.35
CA ILE H 82 -82.25 17.92 -22.70
C ILE H 82 -83.46 17.68 -23.59
N GLN H 83 -83.62 18.55 -24.59
CA GLN H 83 -84.75 18.46 -25.51
C GLN H 83 -84.33 18.87 -26.92
N PRO H 84 -84.18 17.90 -27.82
CA PRO H 84 -83.81 18.20 -29.20
C PRO H 84 -84.90 19.03 -29.87
N CYS H 85 -84.55 20.26 -30.25
CA CYS H 85 -85.49 21.17 -30.90
C CYS H 85 -84.98 21.58 -32.26
N PRO H 86 -85.34 20.87 -33.34
CA PRO H 86 -84.88 21.31 -34.67
C PRO H 86 -85.37 22.70 -35.01
N ASP H 87 -86.49 23.12 -34.44
CA ASP H 87 -87.04 24.45 -34.68
C ASP H 87 -86.13 25.52 -34.09
N VAL H 88 -85.98 26.62 -34.83
CA VAL H 88 -85.19 27.74 -34.38
C VAL H 88 -85.71 28.98 -35.08
N LYS H 89 -85.79 30.09 -34.34
CA LYS H 89 -86.33 31.34 -34.85
C LYS H 89 -85.28 32.42 -34.86
N TYR H 90 -85.11 33.07 -36.01
CA TYR H 90 -84.22 34.21 -36.09
C TYR H 90 -84.74 35.34 -35.20
N GLY H 91 -83.91 36.37 -35.01
CA GLY H 91 -84.25 37.50 -34.17
C GLY H 91 -84.21 38.81 -34.93
N LYS H 92 -84.69 39.86 -34.26
CA LYS H 92 -84.70 41.21 -34.80
C LYS H 92 -84.16 42.16 -33.74
N ARG H 93 -83.14 42.93 -34.10
CA ARG H 93 -82.50 43.89 -33.20
C ARG H 93 -82.30 43.28 -31.81
N ILE H 94 -81.53 42.20 -31.78
CA ILE H 94 -81.20 41.56 -30.51
C ILE H 94 -80.54 42.59 -29.58
N HIS H 95 -80.98 42.61 -28.33
CA HIS H 95 -80.55 43.63 -27.39
C HIS H 95 -79.52 43.04 -26.43
N VAL H 96 -78.56 43.88 -26.04
CA VAL H 96 -77.50 43.48 -25.11
C VAL H 96 -77.15 44.67 -24.25
N LEU H 97 -76.79 44.40 -23.00
CA LEU H 97 -76.39 45.42 -22.05
C LEU H 97 -75.13 45.00 -21.33
N PRO H 98 -74.28 45.95 -20.97
CA PRO H 98 -73.15 45.62 -20.09
C PRO H 98 -73.67 45.15 -18.75
N ILE H 99 -72.98 44.17 -18.17
CA ILE H 99 -73.42 43.54 -16.94
C ILE H 99 -72.27 43.47 -15.95
N ASP H 100 -72.62 43.30 -14.68
CA ASP H 100 -71.65 43.18 -13.60
C ASP H 100 -70.80 44.43 -13.49
N ASP H 101 -69.71 44.35 -12.72
CA ASP H 101 -68.83 45.48 -12.49
C ASP H 101 -67.80 45.67 -13.60
N THR H 102 -67.80 44.83 -14.62
CA THR H 102 -66.87 44.99 -15.73
C THR H 102 -67.11 46.32 -16.44
N VAL H 103 -66.19 47.26 -16.29
CA VAL H 103 -66.36 48.61 -16.81
C VAL H 103 -64.99 49.27 -16.89
N GLU H 104 -64.90 50.34 -17.68
CA GLU H 104 -63.70 51.13 -17.92
C GLU H 104 -62.75 50.43 -18.90
N GLY H 105 -63.09 49.24 -19.39
CA GLY H 105 -62.29 48.56 -20.38
C GLY H 105 -62.55 48.96 -21.81
N ILE H 106 -63.50 49.86 -22.05
CA ILE H 106 -63.86 50.32 -23.39
C ILE H 106 -64.03 51.83 -23.36
N THR H 107 -63.58 52.49 -24.43
CA THR H 107 -63.71 53.93 -24.57
C THR H 107 -64.29 54.26 -25.93
N GLY H 108 -65.07 55.35 -25.98
CA GLY H 108 -65.73 55.73 -27.21
C GLY H 108 -66.66 54.64 -27.69
N ASN H 109 -66.53 54.27 -28.96
CA ASN H 109 -67.32 53.17 -29.51
C ASN H 109 -67.02 51.89 -28.74
N LEU H 110 -68.09 51.16 -28.38
CA LEU H 110 -67.94 49.98 -27.53
C LEU H 110 -68.60 48.72 -28.08
N PHE H 111 -69.21 48.78 -29.27
CA PHE H 111 -69.85 47.59 -29.83
C PHE H 111 -69.09 46.96 -30.99
N GLU H 112 -68.30 47.71 -31.75
CA GLU H 112 -67.54 47.11 -32.83
C GLU H 112 -66.40 46.26 -32.33
N VAL H 113 -65.84 46.60 -31.17
CA VAL H 113 -64.64 45.92 -30.67
C VAL H 113 -64.95 44.49 -30.25
N TYR H 114 -66.07 44.26 -29.57
CA TYR H 114 -66.33 42.98 -28.93
C TYR H 114 -67.42 42.17 -29.61
N LEU H 115 -68.63 42.72 -29.73
CA LEU H 115 -69.74 41.92 -30.23
C LEU H 115 -69.55 41.55 -31.70
N LYS H 116 -69.24 42.52 -32.55
CA LYS H 116 -69.20 42.27 -33.98
C LYS H 116 -68.27 41.13 -34.36
N PRO H 117 -67.03 41.07 -33.88
CA PRO H 117 -66.13 39.99 -34.30
C PRO H 117 -66.61 38.61 -33.87
N TYR H 118 -67.46 38.53 -32.85
CA TYR H 118 -67.91 37.26 -32.30
C TYR H 118 -69.24 36.77 -32.86
N PHE H 119 -70.22 37.65 -33.02
CA PHE H 119 -71.51 37.21 -33.53
C PHE H 119 -71.55 37.16 -35.07
N LEU H 120 -70.45 37.51 -35.73
CA LEU H 120 -70.36 37.48 -37.18
C LEU H 120 -70.17 36.05 -37.67
N GLU H 121 -71.22 35.47 -38.25
CA GLU H 121 -71.24 34.11 -38.79
C GLU H 121 -71.21 33.04 -37.71
N ALA H 122 -71.32 33.42 -36.44
CA ALA H 122 -71.32 32.41 -35.37
C ALA H 122 -72.63 31.64 -35.33
N TYR H 123 -73.74 32.32 -35.57
CA TYR H 123 -75.06 31.69 -35.52
C TYR H 123 -75.34 31.14 -34.13
N ARG H 124 -74.93 31.87 -33.11
CA ARG H 124 -75.14 31.44 -31.74
C ARG H 124 -76.56 31.79 -31.29
N PRO H 125 -77.38 30.81 -30.92
CA PRO H 125 -78.75 31.12 -30.45
C PRO H 125 -78.70 31.83 -29.10
N ILE H 126 -79.29 33.02 -29.04
CA ILE H 126 -79.31 33.84 -27.83
C ILE H 126 -80.71 33.79 -27.24
N ARG H 127 -80.79 33.59 -25.93
CA ARG H 127 -82.07 33.56 -25.23
C ARG H 127 -82.17 34.74 -24.27
N LYS H 128 -83.40 35.15 -23.98
CA LYS H 128 -83.62 36.26 -23.05
C LYS H 128 -83.01 35.99 -21.69
N GLY H 129 -82.36 37.01 -21.15
CA GLY H 129 -81.84 36.95 -19.79
C GLY H 129 -80.72 35.97 -19.60
N ASP H 130 -79.77 35.92 -20.53
CA ASP H 130 -78.57 35.11 -20.38
C ASP H 130 -77.35 35.99 -20.53
N ILE H 131 -76.25 35.57 -19.92
CA ILE H 131 -74.98 36.31 -19.93
C ILE H 131 -73.99 35.49 -20.73
N PHE H 132 -73.39 36.12 -21.75
CA PHE H 132 -72.37 35.46 -22.56
C PHE H 132 -71.07 36.27 -22.52
N LEU H 133 -69.96 35.56 -22.48
CA LEU H 133 -68.66 36.16 -22.25
C LEU H 133 -67.94 36.40 -23.58
N VAL H 134 -67.38 37.60 -23.73
CA VAL H 134 -66.63 37.99 -24.92
C VAL H 134 -65.19 38.28 -24.49
N ARG H 135 -64.25 37.69 -25.20
CA ARG H 135 -62.83 37.83 -24.90
C ARG H 135 -62.21 38.77 -25.93
N GLY H 136 -61.47 39.76 -25.44
CA GLY H 136 -60.79 40.71 -26.31
C GLY H 136 -60.13 41.83 -25.54
N GLY H 137 -59.18 42.50 -26.19
CA GLY H 137 -58.47 43.62 -25.58
C GLY H 137 -57.81 43.23 -24.28
N MET H 138 -57.24 42.02 -24.22
CA MET H 138 -56.63 41.52 -22.99
C MET H 138 -57.61 41.65 -21.83
N ARG H 139 -58.88 41.34 -22.11
CA ARG H 139 -59.95 41.50 -21.14
C ARG H 139 -61.07 40.54 -21.48
N ALA H 140 -61.98 40.36 -20.52
CA ALA H 140 -63.16 39.51 -20.70
C ALA H 140 -64.36 40.26 -20.15
N VAL H 141 -65.39 40.43 -20.98
CA VAL H 141 -66.58 41.18 -20.60
C VAL H 141 -67.80 40.30 -20.81
N GLU H 142 -68.65 40.20 -19.80
CA GLU H 142 -69.87 39.42 -19.90
C GLU H 142 -71.03 40.35 -20.23
N PHE H 143 -71.77 40.01 -21.28
CA PHE H 143 -72.88 40.82 -21.79
C PHE H 143 -74.19 40.11 -21.52
N LYS H 144 -75.15 40.86 -21.00
CA LYS H 144 -76.48 40.36 -20.71
C LYS H 144 -77.42 40.63 -21.87
N VAL H 145 -78.33 39.69 -22.12
CA VAL H 145 -79.34 39.83 -23.16
C VAL H 145 -80.66 40.10 -22.43
N VAL H 146 -81.04 41.38 -22.39
CA VAL H 146 -82.20 41.81 -21.61
C VAL H 146 -83.42 41.97 -22.50
N GLU H 147 -83.22 42.37 -23.75
CA GLU H 147 -84.31 42.63 -24.67
C GLU H 147 -84.08 41.87 -25.97
N THR H 148 -85.19 41.46 -26.60
CA THR H 148 -85.11 40.75 -27.87
C THR H 148 -86.49 40.77 -28.52
N ASP H 149 -86.51 41.08 -29.82
CA ASP H 149 -87.79 41.17 -30.52
C ASP H 149 -88.57 39.87 -30.46
N PRO H 150 -88.01 38.73 -30.83
CA PRO H 150 -88.72 37.46 -30.66
C PRO H 150 -88.48 36.87 -29.27
N SER H 151 -89.43 36.04 -28.85
CA SER H 151 -89.37 35.42 -27.54
C SER H 151 -89.65 33.93 -27.65
N PRO H 152 -89.12 33.13 -26.72
CA PRO H 152 -88.23 33.62 -25.67
C PRO H 152 -86.76 33.68 -26.12
N TYR H 153 -86.44 33.00 -27.21
CA TYR H 153 -85.07 32.92 -27.70
C TYR H 153 -85.07 33.03 -29.22
N CYS H 154 -83.93 33.41 -29.77
CA CYS H 154 -83.78 33.55 -31.22
C CYS H 154 -82.36 33.26 -31.62
N ILE H 155 -82.18 32.55 -32.73
CA ILE H 155 -80.86 32.28 -33.28
C ILE H 155 -80.35 33.51 -34.00
N VAL H 156 -79.16 33.97 -33.64
CA VAL H 156 -78.62 35.18 -34.24
C VAL H 156 -78.17 34.89 -35.66
N ALA H 157 -78.53 35.76 -36.60
CA ALA H 157 -78.17 35.65 -38.00
C ALA H 157 -77.66 37.00 -38.49
N PRO H 158 -76.87 37.01 -39.56
CA PRO H 158 -76.31 38.27 -40.10
C PRO H 158 -77.33 39.09 -40.89
N ASP H 159 -78.53 39.24 -40.32
CA ASP H 159 -79.56 40.07 -40.95
C ASP H 159 -80.34 40.86 -39.90
N THR H 160 -79.95 40.81 -38.64
CA THR H 160 -80.64 41.51 -37.56
C THR H 160 -79.76 42.63 -37.03
N VAL H 161 -80.31 43.85 -37.00
CA VAL H 161 -79.55 44.97 -36.45
C VAL H 161 -79.30 44.75 -34.97
N ILE H 162 -78.37 45.53 -34.43
CA ILE H 162 -77.99 45.46 -33.02
C ILE H 162 -78.33 46.79 -32.38
N HIS H 163 -79.10 46.74 -31.29
CA HIS H 163 -79.46 47.94 -30.56
C HIS H 163 -78.34 48.33 -29.60
N CYS H 164 -77.99 49.61 -29.59
CA CYS H 164 -76.85 50.10 -28.85
C CYS H 164 -77.32 50.81 -27.58
N GLU H 165 -76.76 50.39 -26.44
CA GLU H 165 -77.02 51.04 -25.16
C GLU H 165 -75.77 51.65 -24.55
N GLY H 166 -74.70 50.87 -24.42
CA GLY H 166 -73.46 51.40 -23.88
C GLY H 166 -73.53 51.82 -22.43
N GLU H 167 -74.56 51.38 -21.70
CA GLU H 167 -74.73 51.74 -20.29
C GLU H 167 -74.69 50.47 -19.45
N PRO H 168 -73.59 50.18 -18.76
CA PRO H 168 -73.53 48.97 -17.94
C PRO H 168 -74.58 48.97 -16.85
N ILE H 169 -75.13 47.78 -16.59
CA ILE H 169 -76.17 47.59 -15.57
C ILE H 169 -75.75 46.45 -14.65
N LYS H 170 -75.86 46.69 -13.34
CA LYS H 170 -75.49 45.68 -12.35
C LYS H 170 -76.32 44.41 -12.51
N ARG H 171 -75.63 43.27 -12.57
CA ARG H 171 -76.28 41.96 -12.68
C ARG H 171 -76.77 41.47 -11.32
N GLU H 172 -77.79 40.61 -11.35
CA GLU H 172 -78.32 40.08 -10.09
C GLU H 172 -77.21 39.38 -9.31
N ASP H 173 -77.16 39.67 -8.01
CA ASP H 173 -76.10 39.17 -7.14
C ASP H 173 -76.05 37.66 -6.97
N GLU H 174 -77.19 36.96 -6.96
CA GLU H 174 -77.14 35.51 -6.74
C GLU H 174 -76.37 34.83 -7.87
N GLU H 175 -76.36 35.45 -9.04
CA GLU H 175 -75.64 34.91 -10.19
C GLU H 175 -74.14 35.02 -9.97
N GLU H 176 -73.40 34.02 -10.47
CA GLU H 176 -71.96 33.95 -10.29
C GLU H 176 -71.19 34.51 -11.48
N SER H 177 -70.36 35.52 -11.21
CA SER H 177 -69.52 36.11 -12.24
C SER H 177 -68.62 35.05 -12.84
N LEU H 178 -68.50 35.06 -14.17
CA LEU H 178 -67.67 34.06 -14.84
C LEU H 178 -66.19 34.38 -14.75
N ASN H 179 -65.81 35.58 -14.31
CA ASN H 179 -64.41 35.90 -14.07
C ASN H 179 -63.82 35.12 -12.90
N GLU H 180 -64.65 34.47 -12.09
CA GLU H 180 -64.15 33.68 -10.98
C GLU H 180 -63.40 32.44 -11.48
N VAL H 181 -62.59 31.87 -10.60
CA VAL H 181 -61.74 30.75 -10.98
C VAL H 181 -62.58 29.49 -11.18
N GLY H 182 -62.09 28.60 -12.03
CA GLY H 182 -62.77 27.34 -12.30
C GLY H 182 -61.82 26.24 -12.72
N TYR H 183 -62.38 25.11 -13.17
CA TYR H 183 -61.56 24.00 -13.63
C TYR H 183 -60.71 24.39 -14.83
N ASP H 184 -61.26 25.19 -15.75
CA ASP H 184 -60.51 25.58 -16.94
C ASP H 184 -59.31 26.46 -16.57
N ASP H 185 -59.46 27.36 -15.60
CA ASP H 185 -58.34 28.20 -15.22
C ASP H 185 -57.20 27.40 -14.60
N ILE H 186 -57.50 26.22 -14.05
CA ILE H 186 -56.51 25.35 -13.42
C ILE H 186 -56.08 24.28 -14.40
N GLY H 187 -54.94 24.47 -15.07
CA GLY H 187 -54.40 23.46 -15.94
C GLY H 187 -52.95 23.19 -15.59
N GLY H 188 -52.41 22.16 -16.22
CA GLY H 188 -51.01 21.79 -16.06
C GLY H 188 -50.80 20.68 -15.07
N CYS H 189 -51.80 20.40 -14.23
CA CYS H 189 -51.73 19.38 -13.20
C CYS H 189 -52.46 18.11 -13.62
N ARG H 190 -53.39 18.22 -14.54
CA ARG H 190 -54.35 17.20 -14.94
C ARG H 190 -54.88 16.31 -13.82
N LYS H 191 -54.44 15.05 -13.79
CA LYS H 191 -54.95 14.02 -12.88
C LYS H 191 -54.75 14.18 -11.38
N GLN H 192 -54.12 15.26 -10.91
CA GLN H 192 -54.29 15.57 -9.48
C GLN H 192 -55.62 16.28 -9.22
N LEU H 193 -56.04 17.15 -10.15
CA LEU H 193 -57.33 17.80 -9.99
C LEU H 193 -58.47 16.81 -10.03
N ALA H 194 -58.34 15.73 -10.81
CA ALA H 194 -59.33 14.67 -10.80
C ALA H 194 -59.39 13.98 -9.45
N GLN H 195 -58.23 13.71 -8.85
CA GLN H 195 -58.21 13.09 -7.54
C GLN H 195 -58.86 13.99 -6.50
N ILE H 196 -58.57 15.30 -6.54
CA ILE H 196 -59.20 16.20 -5.57
C ILE H 196 -60.71 16.30 -5.80
N LYS H 197 -61.14 16.32 -7.06
CA LYS H 197 -62.57 16.37 -7.34
C LYS H 197 -63.28 15.13 -6.82
N GLU H 198 -62.72 13.94 -7.08
CA GLU H 198 -63.31 12.72 -6.53
C GLU H 198 -63.30 12.76 -5.01
N MET H 199 -62.22 13.26 -4.43
CA MET H 199 -62.07 13.33 -2.99
C MET H 199 -63.17 14.19 -2.38
N VAL H 200 -63.50 15.30 -3.03
CA VAL H 200 -64.35 16.34 -2.43
C VAL H 200 -65.79 16.29 -2.92
N GLU H 201 -66.11 15.49 -3.93
CA GLU H 201 -67.45 15.49 -4.51
C GLU H 201 -68.51 15.16 -3.47
N LEU H 202 -68.46 13.95 -2.91
CA LEU H 202 -69.54 13.52 -2.01
C LEU H 202 -69.65 14.41 -0.79
N PRO H 203 -68.58 14.73 -0.07
CA PRO H 203 -68.75 15.60 1.11
C PRO H 203 -69.44 16.91 0.81
N LEU H 204 -69.15 17.52 -0.35
CA LEU H 204 -69.69 18.83 -0.72
C LEU H 204 -70.82 18.74 -1.73
N ARG H 205 -70.67 17.92 -2.78
CA ARG H 205 -71.67 17.87 -3.82
C ARG H 205 -72.93 17.13 -3.37
N HIS H 206 -72.78 16.14 -2.48
CA HIS H 206 -73.90 15.37 -1.95
C HIS H 206 -73.80 15.33 -0.43
N PRO H 207 -74.11 16.43 0.25
CA PRO H 207 -73.87 16.47 1.70
C PRO H 207 -74.85 15.64 2.49
N ALA H 208 -76.13 15.66 2.12
CA ALA H 208 -77.15 14.94 2.90
C ALA H 208 -76.92 13.44 2.91
N LEU H 209 -76.15 12.91 1.96
CA LEU H 209 -75.92 11.48 1.91
C LEU H 209 -75.19 11.00 3.16
N PHE H 210 -74.21 11.78 3.63
CA PHE H 210 -73.40 11.34 4.76
C PHE H 210 -74.16 11.38 6.08
N LYS H 211 -75.25 12.12 6.14
CA LYS H 211 -76.07 12.14 7.35
C LYS H 211 -76.91 10.87 7.48
N ALA H 212 -77.30 10.26 6.36
CA ALA H 212 -78.07 9.02 6.37
C ALA H 212 -77.20 7.78 6.27
N ILE H 213 -75.89 7.93 6.08
CA ILE H 213 -74.97 6.82 6.00
C ILE H 213 -73.82 7.09 6.95
N GLY H 214 -73.40 6.06 7.68
CA GLY H 214 -72.30 6.25 8.61
C GLY H 214 -70.94 5.92 8.05
N VAL H 215 -70.26 6.96 7.54
CA VAL H 215 -68.92 6.83 6.99
C VAL H 215 -68.27 8.19 7.10
N LYS H 216 -66.94 8.23 7.11
CA LYS H 216 -66.25 9.50 7.25
C LYS H 216 -65.64 9.93 5.93
N PRO H 217 -66.09 11.04 5.35
CA PRO H 217 -65.42 11.54 4.15
C PRO H 217 -64.13 12.27 4.52
N PRO H 218 -63.29 12.52 3.53
CA PRO H 218 -62.04 13.27 3.76
C PRO H 218 -62.29 14.70 4.21
N ARG H 219 -61.83 15.04 5.42
CA ARG H 219 -62.06 16.39 5.93
C ARG H 219 -60.76 17.16 6.06
N GLY H 220 -59.66 16.60 5.57
CA GLY H 220 -58.37 17.25 5.63
C GLY H 220 -57.50 16.83 4.46
N ILE H 221 -57.14 17.80 3.60
CA ILE H 221 -56.33 17.52 2.41
C ILE H 221 -55.14 18.47 2.41
N LEU H 222 -53.95 17.92 2.26
CA LEU H 222 -52.72 18.70 2.20
C LEU H 222 -52.27 18.78 0.74
N LEU H 223 -52.54 19.91 0.10
CA LEU H 223 -51.98 20.20 -1.23
C LEU H 223 -50.57 20.74 -1.03
N TYR H 224 -49.56 20.01 -1.49
CA TYR H 224 -48.18 20.41 -1.26
C TYR H 224 -47.41 20.38 -2.59
N GLY H 225 -46.48 21.30 -2.72
CA GLY H 225 -45.70 21.44 -3.93
C GLY H 225 -44.90 22.72 -3.96
N PRO H 226 -44.10 22.89 -5.01
CA PRO H 226 -43.32 24.12 -5.11
C PRO H 226 -44.23 25.33 -5.20
N PRO H 227 -43.78 26.47 -4.67
CA PRO H 227 -44.64 27.67 -4.72
C PRO H 227 -44.98 28.05 -6.15
N GLY H 228 -46.18 28.57 -6.33
CA GLY H 228 -46.64 28.96 -7.65
C GLY H 228 -47.25 27.86 -8.49
N THR H 229 -47.49 26.69 -7.91
CA THR H 229 -48.04 25.56 -8.65
C THR H 229 -49.56 25.56 -8.73
N GLY H 230 -50.22 26.59 -8.20
CA GLY H 230 -51.66 26.69 -8.32
C GLY H 230 -52.47 26.03 -7.22
N LYS H 231 -51.87 25.76 -6.06
CA LYS H 231 -52.60 25.13 -4.97
C LYS H 231 -53.79 25.99 -4.54
N THR H 232 -53.57 27.30 -4.40
CA THR H 232 -54.67 28.20 -4.10
C THR H 232 -55.71 28.19 -5.22
N LEU H 233 -55.25 28.09 -6.47
CA LEU H 233 -56.18 27.96 -7.58
C LEU H 233 -57.04 26.72 -7.42
N ILE H 234 -56.43 25.60 -7.08
CA ILE H 234 -57.17 24.34 -6.93
C ILE H 234 -58.20 24.49 -5.82
N ALA H 235 -57.80 25.06 -4.69
CA ALA H 235 -58.74 25.23 -3.58
C ALA H 235 -59.91 26.11 -3.98
N ARG H 236 -59.63 27.26 -4.59
CA ARG H 236 -60.70 28.18 -4.97
C ARG H 236 -61.63 27.55 -6.00
N ALA H 237 -61.07 26.84 -6.99
CA ALA H 237 -61.90 26.22 -8.01
C ALA H 237 -62.78 25.13 -7.42
N VAL H 238 -62.22 24.31 -6.52
CA VAL H 238 -63.03 23.27 -5.89
C VAL H 238 -64.16 23.89 -5.08
N ALA H 239 -63.85 24.97 -4.35
CA ALA H 239 -64.88 25.63 -3.56
C ALA H 239 -65.98 26.20 -4.45
N ASN H 240 -65.60 26.83 -5.56
CA ASN H 240 -66.61 27.46 -6.41
C ASN H 240 -67.44 26.43 -7.16
N GLU H 241 -66.77 25.43 -7.74
CA GLU H 241 -67.47 24.43 -8.54
C GLU H 241 -68.43 23.61 -7.70
N THR H 242 -68.01 23.24 -6.48
CA THR H 242 -68.89 22.47 -5.60
C THR H 242 -69.88 23.36 -4.84
N GLY H 243 -69.74 24.68 -4.94
CA GLY H 243 -70.63 25.59 -4.23
C GLY H 243 -70.27 25.81 -2.78
N ALA H 244 -69.21 25.19 -2.28
CA ALA H 244 -68.86 25.34 -0.87
C ALA H 244 -68.39 26.76 -0.58
N PHE H 245 -68.59 27.18 0.66
CA PHE H 245 -68.17 28.51 1.11
C PHE H 245 -66.67 28.47 1.39
N PHE H 246 -65.89 29.17 0.56
CA PHE H 246 -64.44 29.15 0.67
C PHE H 246 -63.97 30.19 1.68
N PHE H 247 -63.16 29.76 2.63
CA PHE H 247 -62.57 30.64 3.63
C PHE H 247 -61.06 30.50 3.58
N LEU H 248 -60.36 31.63 3.53
CA LEU H 248 -58.91 31.66 3.38
C LEU H 248 -58.26 32.00 4.71
N ILE H 249 -57.48 31.08 5.26
CA ILE H 249 -56.70 31.32 6.46
C ILE H 249 -55.26 31.53 5.99
N ASN H 250 -54.91 32.79 5.73
CA ASN H 250 -53.56 33.10 5.27
C ASN H 250 -52.55 32.78 6.36
N GLY H 251 -51.43 32.18 5.97
CA GLY H 251 -50.40 31.81 6.90
C GLY H 251 -49.97 32.97 7.77
N PRO H 252 -49.39 34.01 7.15
CA PRO H 252 -48.94 35.17 7.92
C PRO H 252 -50.07 36.09 8.34
N GLU H 253 -51.29 35.88 7.85
CA GLU H 253 -52.42 36.72 8.27
C GLU H 253 -52.68 36.59 9.76
N ILE H 254 -52.79 35.36 10.25
CA ILE H 254 -52.99 35.15 11.68
C ILE H 254 -51.70 35.40 12.44
N MET H 255 -50.56 35.02 11.86
CA MET H 255 -49.29 35.13 12.56
C MET H 255 -48.84 36.58 12.73
N SER H 256 -49.32 37.50 11.89
CA SER H 256 -49.00 38.91 12.10
C SER H 256 -49.81 39.53 13.22
N LYS H 257 -50.93 38.91 13.60
CA LYS H 257 -51.75 39.44 14.68
C LYS H 257 -51.04 39.27 16.02
N LEU H 258 -51.39 40.14 16.96
CA LEU H 258 -50.76 40.11 18.28
C LEU H 258 -51.01 38.78 18.96
N ALA H 259 -49.99 38.29 19.65
CA ALA H 259 -50.11 37.03 20.38
C ALA H 259 -51.22 37.10 21.42
N GLY H 260 -51.99 36.01 21.52
CA GLY H 260 -53.10 35.92 22.44
C GLY H 260 -54.45 36.23 21.84
N GLU H 261 -54.49 36.93 20.70
CA GLU H 261 -55.74 37.16 20.00
C GLU H 261 -55.70 36.71 18.55
N SER H 262 -54.55 36.24 18.07
CA SER H 262 -54.51 35.56 16.77
C SER H 262 -55.20 34.21 16.85
N GLU H 263 -55.05 33.51 17.98
CA GLU H 263 -55.83 32.30 18.20
C GLU H 263 -57.31 32.61 18.14
N SER H 264 -57.70 33.80 18.61
CA SER H 264 -59.10 34.19 18.48
C SER H 264 -59.52 34.26 17.03
N ASN H 265 -58.66 34.80 16.17
CA ASN H 265 -58.96 34.85 14.74
C ASN H 265 -59.08 33.45 14.15
N LEU H 266 -58.16 32.55 14.52
CA LEU H 266 -58.22 31.19 14.00
C LEU H 266 -59.51 30.49 14.42
N ARG H 267 -59.85 30.60 15.72
CA ARG H 267 -61.05 29.96 16.22
C ARG H 267 -62.31 30.57 15.61
N LYS H 268 -62.33 31.89 15.43
CA LYS H 268 -63.47 32.54 14.79
C LYS H 268 -63.63 32.08 13.35
N ALA H 269 -62.51 31.93 12.63
CA ALA H 269 -62.58 31.44 11.27
C ALA H 269 -63.13 30.02 11.22
N PHE H 270 -62.66 29.15 12.12
CA PHE H 270 -63.17 27.78 12.15
C PHE H 270 -64.66 27.77 12.47
N GLU H 271 -65.08 28.59 13.45
CA GLU H 271 -66.50 28.65 13.81
C GLU H 271 -67.34 29.15 12.66
N GLU H 272 -66.86 30.18 11.95
CA GLU H 272 -67.61 30.71 10.82
C GLU H 272 -67.73 29.67 9.71
N ALA H 273 -66.65 28.94 9.43
CA ALA H 273 -66.72 27.88 8.43
C ALA H 273 -67.71 26.80 8.83
N GLU H 274 -67.71 26.42 10.11
CA GLU H 274 -68.67 25.44 10.60
C GLU H 274 -70.09 25.95 10.48
N LYS H 275 -70.29 27.25 10.72
CA LYS H 275 -71.64 27.83 10.70
C LYS H 275 -72.30 27.68 9.35
N ASN H 276 -71.58 27.94 8.27
CA ASN H 276 -72.13 27.82 6.92
C ASN H 276 -71.71 26.49 6.30
N ALA H 277 -72.69 25.58 6.14
CA ALA H 277 -72.53 24.27 5.55
C ALA H 277 -72.81 24.33 4.05
N PRO H 278 -72.18 23.47 3.23
CA PRO H 278 -70.82 22.96 3.38
C PRO H 278 -69.80 24.06 3.08
N ALA H 279 -68.61 23.97 3.66
CA ALA H 279 -67.61 25.01 3.48
C ALA H 279 -66.23 24.39 3.41
N ILE H 280 -65.28 25.16 2.88
CA ILE H 280 -63.89 24.76 2.75
C ILE H 280 -63.03 25.81 3.46
N ILE H 281 -62.16 25.35 4.34
CA ILE H 281 -61.21 26.21 5.03
C ILE H 281 -59.83 25.93 4.43
N PHE H 282 -59.28 26.92 3.75
CA PHE H 282 -57.98 26.80 3.09
C PHE H 282 -56.94 27.53 3.93
N ILE H 283 -56.04 26.76 4.54
CA ILE H 283 -54.93 27.33 5.31
C ILE H 283 -53.77 27.50 4.34
N ASP H 284 -53.60 28.72 3.82
CA ASP H 284 -52.51 29.02 2.92
C ASP H 284 -51.22 29.19 3.71
N GLU H 285 -50.13 28.64 3.19
CA GLU H 285 -48.84 28.67 3.88
C GLU H 285 -48.96 28.07 5.28
N LEU H 286 -49.42 26.82 5.30
CA LEU H 286 -49.60 26.12 6.57
C LEU H 286 -48.27 25.92 7.30
N ASP H 287 -47.16 25.89 6.57
CA ASP H 287 -45.86 25.72 7.22
C ASP H 287 -45.44 26.94 8.04
N ALA H 288 -46.26 27.99 8.09
CA ALA H 288 -46.02 29.13 8.95
C ALA H 288 -46.87 29.13 10.21
N ILE H 289 -48.08 28.56 10.15
CA ILE H 289 -48.94 28.53 11.33
C ILE H 289 -48.57 27.36 12.25
N ALA H 290 -48.38 26.17 11.68
CA ALA H 290 -48.06 24.98 12.46
C ALA H 290 -46.81 24.32 11.91
N PRO H 291 -45.65 24.95 12.10
CA PRO H 291 -44.40 24.36 11.63
C PRO H 291 -43.82 23.39 12.65
N LYS H 292 -42.59 22.95 12.41
CA LYS H 292 -41.97 21.93 13.23
C LYS H 292 -41.88 22.39 14.68
N ARG H 293 -42.48 21.62 15.58
CA ARG H 293 -42.41 21.89 17.01
C ARG H 293 -40.97 21.95 17.49
N GLU H 294 -40.70 21.44 18.70
CA GLU H 294 -39.46 21.71 19.44
C GLU H 294 -38.44 22.54 18.67
N LYS H 295 -38.18 22.27 17.38
CA LYS H 295 -37.42 23.26 16.63
C LYS H 295 -38.29 24.49 16.41
N THR H 296 -38.95 24.96 17.48
CA THR H 296 -39.64 26.25 17.50
C THR H 296 -39.88 26.53 18.99
N HIS H 297 -38.90 27.18 19.61
CA HIS H 297 -38.95 27.61 21.00
C HIS H 297 -39.63 28.96 21.23
N GLY H 298 -40.26 29.55 20.22
CA GLY H 298 -40.91 30.84 20.43
C GLY H 298 -41.69 30.90 21.74
N GLU H 299 -42.69 30.03 21.87
CA GLU H 299 -43.58 29.93 23.04
C GLU H 299 -45.03 30.04 22.60
N VAL H 300 -45.33 31.07 21.80
CA VAL H 300 -46.69 31.20 21.30
C VAL H 300 -46.87 30.39 20.04
N GLU H 301 -45.77 30.00 19.38
CA GLU H 301 -45.85 29.09 18.27
C GLU H 301 -46.42 27.74 18.68
N ARG H 302 -45.96 27.22 19.81
CA ARG H 302 -46.49 25.96 20.34
C ARG H 302 -47.98 26.10 20.65
N ARG H 303 -48.37 27.22 21.26
CA ARG H 303 -49.77 27.46 21.56
C ARG H 303 -50.61 27.51 20.29
N ILE H 304 -50.12 28.18 19.25
CA ILE H 304 -50.87 28.26 17.99
C ILE H 304 -50.99 26.88 17.35
N VAL H 305 -49.91 26.12 17.36
CA VAL H 305 -49.95 24.78 16.78
C VAL H 305 -50.94 23.91 17.54
N SER H 306 -50.94 24.00 18.87
CA SER H 306 -51.87 23.21 19.66
C SER H 306 -53.31 23.64 19.41
N GLN H 307 -53.54 24.94 19.26
CA GLN H 307 -54.88 25.42 18.92
C GLN H 307 -55.34 24.88 17.58
N LEU H 308 -54.43 24.87 16.59
CA LEU H 308 -54.78 24.31 15.28
C LEU H 308 -55.08 22.83 15.40
N LEU H 309 -54.29 22.09 16.19
CA LEU H 309 -54.55 20.67 16.40
C LEU H 309 -55.92 20.45 17.04
N THR H 310 -56.24 21.24 18.05
CA THR H 310 -57.54 21.10 18.70
C THR H 310 -58.68 21.40 17.74
N LEU H 311 -58.50 22.43 16.90
CA LEU H 311 -59.53 22.76 15.92
C LEU H 311 -59.71 21.63 14.91
N MET H 312 -58.61 21.07 14.42
CA MET H 312 -58.71 19.98 13.44
C MET H 312 -59.34 18.74 14.07
N ASP H 313 -58.84 18.33 15.23
CA ASP H 313 -59.44 17.23 15.97
C ASP H 313 -60.77 17.61 16.57
N GLY H 314 -61.07 18.91 16.65
CA GLY H 314 -62.34 19.37 17.14
C GLY H 314 -63.46 19.32 16.13
N LEU H 315 -63.18 18.88 14.90
CA LEU H 315 -64.22 18.74 13.90
C LEU H 315 -65.16 17.62 14.33
N LYS H 316 -66.34 17.99 14.78
CA LYS H 316 -67.30 17.08 15.40
C LYS H 316 -68.13 16.32 14.39
N GLN H 317 -67.66 16.19 13.16
CA GLN H 317 -68.37 15.57 12.03
C GLN H 317 -69.66 16.30 11.70
N ARG H 318 -69.89 17.45 12.32
CA ARG H 318 -71.00 18.33 11.98
C ARG H 318 -70.67 19.15 10.75
N ALA H 319 -71.72 19.56 10.03
CA ALA H 319 -71.55 20.25 8.75
C ALA H 319 -70.74 19.40 7.77
N HIS H 320 -70.14 20.06 6.78
CA HIS H 320 -69.33 19.38 5.77
C HIS H 320 -68.08 20.19 5.46
N VAL H 321 -67.45 20.72 6.50
CA VAL H 321 -66.27 21.56 6.31
C VAL H 321 -65.09 20.68 5.90
N ILE H 322 -64.45 21.04 4.81
CA ILE H 322 -63.23 20.38 4.34
C ILE H 322 -62.07 21.33 4.58
N VAL H 323 -61.08 20.89 5.34
CA VAL H 323 -59.93 21.72 5.68
C VAL H 323 -58.80 21.34 4.73
N MET H 324 -58.58 22.19 3.73
CA MET H 324 -57.46 22.02 2.81
C MET H 324 -56.33 22.95 3.23
N ALA H 325 -55.10 22.50 3.00
CA ALA H 325 -53.92 23.26 3.42
C ALA H 325 -52.91 23.27 2.29
N ALA H 326 -52.10 24.33 2.26
CA ALA H 326 -51.05 24.50 1.27
C ALA H 326 -49.69 24.48 1.96
N THR H 327 -48.75 23.72 1.41
CA THR H 327 -47.42 23.63 1.97
C THR H 327 -46.44 23.30 0.85
N ASN H 328 -45.21 23.79 0.99
CA ASN H 328 -44.19 23.50 -0.01
C ASN H 328 -43.85 22.03 -0.06
N ARG H 329 -43.73 21.38 1.09
CA ARG H 329 -43.38 19.98 1.18
C ARG H 329 -43.96 19.38 2.45
N PRO H 330 -44.28 18.09 2.45
CA PRO H 330 -44.87 17.47 3.64
C PRO H 330 -43.93 17.46 4.85
N ASN H 331 -42.63 17.59 4.64
CA ASN H 331 -41.66 17.51 5.71
C ASN H 331 -41.42 18.83 6.41
N SER H 332 -42.11 19.90 6.00
CA SER H 332 -41.92 21.21 6.61
C SER H 332 -42.91 21.49 7.72
N ILE H 333 -44.04 20.80 7.76
CA ILE H 333 -45.07 21.04 8.78
C ILE H 333 -44.86 20.08 9.93
N ASP H 334 -45.47 20.40 11.07
CA ASP H 334 -45.36 19.57 12.25
C ASP H 334 -45.93 18.19 11.95
N PRO H 335 -45.22 17.11 12.28
CA PRO H 335 -45.76 15.77 11.97
C PRO H 335 -47.09 15.48 12.64
N ALA H 336 -47.35 16.05 13.81
CA ALA H 336 -48.62 15.80 14.48
C ALA H 336 -49.80 16.29 13.66
N LEU H 337 -49.55 17.22 12.72
CA LEU H 337 -50.62 17.68 11.84
C LEU H 337 -51.00 16.62 10.83
N ARG H 338 -50.04 15.77 10.46
CA ARG H 338 -50.24 14.78 9.43
C ARG H 338 -50.90 13.53 9.98
N ARG H 339 -51.31 13.53 11.25
CA ARG H 339 -51.88 12.29 11.78
C ARG H 339 -53.26 12.02 11.20
N PHE H 340 -53.81 10.87 11.59
CA PHE H 340 -55.13 10.50 11.10
C PHE H 340 -56.20 11.44 11.63
N GLY H 341 -57.12 11.81 10.75
CA GLY H 341 -58.25 12.65 11.08
C GLY H 341 -57.99 14.13 10.91
N ARG H 342 -56.73 14.56 10.94
CA ARG H 342 -56.36 15.95 10.76
C ARG H 342 -56.00 16.28 9.31
N PHE H 343 -54.93 15.66 8.81
CA PHE H 343 -54.59 15.69 7.38
C PHE H 343 -54.11 14.29 6.99
N ASP H 344 -55.06 13.45 6.61
CA ASP H 344 -54.79 12.04 6.32
C ASP H 344 -54.49 11.79 4.85
N ARG H 345 -54.54 12.82 4.00
CA ARG H 345 -54.37 12.65 2.58
C ARG H 345 -53.67 13.87 1.98
N GLU H 346 -52.71 13.60 1.11
CA GLU H 346 -51.83 14.62 0.54
C GLU H 346 -51.80 14.50 -0.99
N VAL H 347 -51.84 15.64 -1.66
CA VAL H 347 -51.76 15.71 -3.11
C VAL H 347 -50.53 16.54 -3.50
N ASP H 348 -49.65 15.94 -4.29
CA ASP H 348 -48.43 16.61 -4.76
C ASP H 348 -48.73 17.26 -6.09
N ILE H 349 -48.99 18.57 -6.08
CA ILE H 349 -49.28 19.28 -7.32
C ILE H 349 -48.08 19.23 -8.25
N GLY H 350 -46.90 19.54 -7.72
CA GLY H 350 -45.67 19.44 -8.49
C GLY H 350 -45.61 20.35 -9.70
N ILE H 351 -44.46 20.41 -10.33
CA ILE H 351 -44.26 21.23 -11.53
C ILE H 351 -45.10 20.66 -12.67
N PRO H 352 -45.62 21.49 -13.56
CA PRO H 352 -46.35 20.95 -14.73
C PRO H 352 -45.38 20.32 -15.72
N ASP H 353 -45.96 19.67 -16.73
CA ASP H 353 -45.20 19.02 -17.78
C ASP H 353 -45.16 19.91 -19.02
N ALA H 354 -44.52 19.40 -20.07
CA ALA H 354 -44.50 20.13 -21.34
C ALA H 354 -45.93 20.41 -21.81
N THR H 355 -46.78 19.39 -21.80
CA THR H 355 -48.18 19.61 -22.12
C THR H 355 -48.86 20.47 -21.06
N GLY H 356 -48.49 20.29 -19.78
CA GLY H 356 -49.02 21.14 -18.74
C GLY H 356 -48.60 22.60 -18.92
N ARG H 357 -47.34 22.83 -19.24
CA ARG H 357 -46.88 24.19 -19.52
C ARG H 357 -47.60 24.78 -20.71
N LEU H 358 -47.78 23.99 -21.77
CA LEU H 358 -48.53 24.46 -22.93
C LEU H 358 -49.94 24.88 -22.54
N GLU H 359 -50.64 24.02 -21.81
CA GLU H 359 -52.01 24.34 -21.41
C GLU H 359 -52.05 25.60 -20.55
N ILE H 360 -51.13 25.71 -19.60
CA ILE H 360 -51.06 26.92 -18.78
C ILE H 360 -50.86 28.15 -19.66
N LEU H 361 -50.08 27.98 -20.73
CA LEU H 361 -49.88 29.09 -21.68
C LEU H 361 -51.19 29.49 -22.33
N GLN H 362 -51.99 28.51 -22.77
CA GLN H 362 -53.29 28.88 -23.36
C GLN H 362 -54.20 29.56 -22.34
N ILE H 363 -54.24 29.05 -21.10
CA ILE H 363 -55.09 29.72 -20.11
C ILE H 363 -54.63 31.15 -19.86
N HIS H 364 -53.31 31.36 -19.78
CA HIS H 364 -52.80 32.70 -19.51
C HIS H 364 -52.72 33.56 -20.77
N THR H 365 -52.78 32.97 -21.96
CA THR H 365 -52.81 33.71 -23.21
C THR H 365 -54.14 33.44 -23.92
N LYS H 366 -55.16 34.21 -23.57
CA LYS H 366 -56.45 34.07 -24.25
C LYS H 366 -57.19 35.37 -24.53
N ASN H 367 -56.82 36.49 -23.92
CA ASN H 367 -57.40 37.79 -24.22
C ASN H 367 -56.42 38.71 -24.91
N MET H 368 -55.16 38.30 -25.05
CA MET H 368 -54.05 39.13 -25.46
C MET H 368 -53.86 39.24 -26.98
N LYS H 369 -54.68 38.60 -27.82
CA LYS H 369 -54.41 38.57 -29.25
C LYS H 369 -53.03 37.98 -29.58
N LEU H 370 -52.88 36.70 -29.25
CA LEU H 370 -51.59 36.09 -29.44
C LEU H 370 -51.26 36.23 -30.92
N ALA H 371 -49.99 36.47 -31.22
CA ALA H 371 -49.67 36.75 -32.61
C ALA H 371 -49.84 35.51 -33.48
N ASP H 372 -49.96 35.74 -34.78
CA ASP H 372 -50.14 34.62 -35.70
C ASP H 372 -48.82 33.87 -35.85
N ASP H 373 -47.71 34.59 -35.67
CA ASP H 373 -46.40 34.00 -35.81
C ASP H 373 -46.18 32.91 -34.76
N VAL H 374 -46.67 33.15 -33.54
CA VAL H 374 -46.49 32.23 -32.43
C VAL H 374 -47.52 31.11 -32.50
N ASP H 375 -47.15 29.96 -31.93
CA ASP H 375 -48.07 28.84 -31.79
C ASP H 375 -48.15 28.32 -30.35
N LEU H 376 -47.28 28.79 -29.45
CA LEU H 376 -47.23 28.44 -28.04
C LEU H 376 -46.60 27.07 -27.77
N GLU H 377 -46.20 26.31 -28.79
CA GLU H 377 -45.54 25.03 -28.53
C GLU H 377 -44.04 25.19 -28.30
N GLN H 378 -43.37 26.03 -29.10
CA GLN H 378 -41.94 26.25 -28.89
C GLN H 378 -41.67 26.88 -27.53
N VAL H 379 -42.50 27.85 -27.13
CA VAL H 379 -42.34 28.46 -25.82
C VAL H 379 -42.53 27.43 -24.72
N ALA H 380 -43.54 26.57 -24.87
CA ALA H 380 -43.79 25.55 -23.86
C ALA H 380 -42.61 24.58 -23.75
N ASN H 381 -42.06 24.17 -24.90
CA ASN H 381 -40.90 23.27 -24.85
C ASN H 381 -39.71 23.95 -24.21
N GLU H 382 -39.48 25.23 -24.52
CA GLU H 382 -38.34 25.96 -23.97
C GLU H 382 -38.55 26.42 -22.54
N THR H 383 -39.77 26.27 -22.00
CA THR H 383 -40.10 26.75 -20.66
C THR H 383 -39.84 25.71 -19.58
N HIS H 384 -38.99 24.72 -19.85
CA HIS H 384 -38.72 23.69 -18.85
C HIS H 384 -38.15 24.30 -17.58
N GLY H 385 -38.67 23.84 -16.44
CA GLY H 385 -38.25 24.34 -15.14
C GLY H 385 -39.17 25.36 -14.53
N HIS H 386 -40.15 25.85 -15.28
CA HIS H 386 -41.09 26.86 -14.84
C HIS H 386 -42.34 26.23 -14.24
N VAL H 387 -43.05 27.02 -13.45
CA VAL H 387 -44.32 26.59 -12.87
C VAL H 387 -45.42 27.44 -13.49
N GLY H 388 -46.67 27.14 -13.14
CA GLY H 388 -47.78 27.87 -13.73
C GLY H 388 -47.68 29.37 -13.49
N ALA H 389 -47.30 29.76 -12.28
CA ALA H 389 -47.12 31.17 -11.98
C ALA H 389 -46.01 31.78 -12.84
N ASP H 390 -44.93 31.03 -13.05
CA ASP H 390 -43.86 31.51 -13.91
C ASP H 390 -44.37 31.74 -15.32
N LEU H 391 -45.19 30.82 -15.82
CA LEU H 391 -45.74 30.97 -17.16
C LEU H 391 -46.65 32.20 -17.24
N ALA H 392 -47.44 32.43 -16.19
CA ALA H 392 -48.28 33.63 -16.16
C ALA H 392 -47.42 34.88 -16.18
N ALA H 393 -46.33 34.89 -15.41
CA ALA H 393 -45.44 36.05 -15.41
C ALA H 393 -44.79 36.25 -16.77
N LEU H 394 -44.42 35.16 -17.44
CA LEU H 394 -43.84 35.24 -18.77
C LEU H 394 -44.85 35.81 -19.76
N CYS H 395 -46.10 35.37 -19.69
CA CYS H 395 -47.12 35.90 -20.58
C CYS H 395 -47.36 37.39 -20.32
N SER H 396 -47.39 37.78 -19.04
CA SER H 396 -47.57 39.20 -18.72
C SER H 396 -46.40 40.02 -19.23
N GLU H 397 -45.19 39.49 -19.11
CA GLU H 397 -44.01 40.21 -19.60
C GLU H 397 -44.06 40.34 -21.12
N ALA H 398 -44.47 39.29 -21.82
CA ALA H 398 -44.60 39.38 -23.28
C ALA H 398 -45.66 40.41 -23.66
N ALA H 399 -46.79 40.43 -22.96
CA ALA H 399 -47.82 41.42 -23.25
C ALA H 399 -47.30 42.83 -23.02
N LEU H 400 -46.55 43.04 -21.92
CA LEU H 400 -46.02 44.37 -21.64
C LEU H 400 -44.99 44.78 -22.67
N GLN H 401 -44.16 43.84 -23.13
CA GLN H 401 -43.19 44.15 -24.17
C GLN H 401 -43.88 44.53 -25.47
N ALA H 402 -44.95 43.80 -25.83
CA ALA H 402 -45.71 44.15 -27.02
C ALA H 402 -46.33 45.53 -26.88
N ILE H 403 -46.87 45.85 -25.70
CA ILE H 403 -47.47 47.16 -25.48
C ILE H 403 -46.42 48.25 -25.56
N ARG H 404 -45.21 47.96 -25.10
CA ARG H 404 -44.12 48.94 -25.16
C ARG H 404 -43.66 49.20 -26.59
N LYS H 405 -43.44 48.15 -27.38
CA LYS H 405 -42.94 48.35 -28.73
C LYS H 405 -43.91 49.18 -29.56
N LYS H 406 -45.12 48.68 -29.76
CA LYS H 406 -46.16 49.42 -30.44
C LYS H 406 -46.93 50.22 -29.40
N MET H 407 -48.08 50.78 -29.80
CA MET H 407 -48.92 51.47 -28.82
C MET H 407 -48.13 52.57 -28.13
N ASP H 408 -47.55 52.26 -26.97
CA ASP H 408 -46.93 53.28 -26.14
C ASP H 408 -45.83 54.06 -26.86
N LEU H 409 -45.35 53.57 -28.00
CA LEU H 409 -44.39 54.36 -28.78
C LEU H 409 -44.99 55.70 -29.18
N ILE H 410 -46.25 55.69 -29.63
CA ILE H 410 -46.92 56.94 -29.99
C ILE H 410 -47.13 57.81 -28.76
N ASP H 411 -47.43 57.18 -27.61
CA ASP H 411 -47.67 57.85 -26.34
C ASP H 411 -49.07 58.46 -26.26
N LEU H 412 -49.98 58.07 -27.14
CA LEU H 412 -51.37 58.54 -27.09
C LEU H 412 -52.10 57.73 -26.02
N GLU H 413 -51.96 58.18 -24.78
CA GLU H 413 -52.50 57.47 -23.61
C GLU H 413 -53.43 58.39 -22.83
N ASP H 414 -54.55 57.83 -22.37
CA ASP H 414 -55.47 58.56 -21.51
C ASP H 414 -55.86 57.70 -20.31
N GLU H 415 -56.86 58.13 -19.55
CA GLU H 415 -57.28 57.37 -18.38
C GLU H 415 -57.64 55.94 -18.74
N THR H 416 -58.27 55.75 -19.90
CA THR H 416 -58.57 54.40 -20.39
C THR H 416 -58.46 54.43 -21.90
N ILE H 417 -57.33 53.93 -22.42
CA ILE H 417 -57.11 53.96 -23.86
C ILE H 417 -58.17 53.11 -24.56
N ASP H 418 -58.45 53.46 -25.81
CA ASP H 418 -59.46 52.75 -26.59
C ASP H 418 -59.05 51.29 -26.77
N ALA H 419 -60.01 50.39 -26.58
CA ALA H 419 -59.70 48.95 -26.63
C ALA H 419 -59.23 48.55 -28.02
N GLU H 420 -59.91 49.01 -29.08
CA GLU H 420 -59.71 48.39 -30.38
C GLU H 420 -58.27 48.55 -30.84
N VAL H 421 -57.63 49.67 -30.48
CA VAL H 421 -56.23 49.87 -30.85
C VAL H 421 -55.37 48.78 -30.23
N MET H 422 -55.65 48.45 -28.97
CA MET H 422 -54.94 47.34 -28.32
C MET H 422 -55.25 46.03 -29.02
N ASN H 423 -56.49 45.88 -29.50
CA ASN H 423 -56.82 44.72 -30.32
C ASN H 423 -55.97 44.68 -31.58
N SER H 424 -55.58 45.86 -32.08
CA SER H 424 -54.75 45.92 -33.29
C SER H 424 -53.39 45.26 -33.08
N LEU H 425 -52.84 45.32 -31.87
CA LEU H 425 -51.52 44.77 -31.58
C LEU H 425 -51.62 43.33 -31.14
N ALA H 426 -50.79 42.47 -31.73
CA ALA H 426 -50.71 41.07 -31.40
C ALA H 426 -49.33 40.75 -30.84
N VAL H 427 -49.29 39.99 -29.74
CA VAL H 427 -48.03 39.67 -29.09
C VAL H 427 -47.24 38.73 -30.01
N THR H 428 -46.20 39.26 -30.64
CA THR H 428 -45.40 38.55 -31.61
C THR H 428 -44.42 37.58 -30.94
N MET H 429 -43.96 36.61 -31.73
CA MET H 429 -43.04 35.60 -31.21
C MET H 429 -41.74 36.21 -30.72
N ASP H 430 -41.32 37.33 -31.28
CA ASP H 430 -40.14 38.01 -30.76
C ASP H 430 -40.35 38.39 -29.30
N ASP H 431 -41.56 38.83 -28.96
CA ASP H 431 -41.87 39.15 -27.57
C ASP H 431 -41.72 37.93 -26.67
N PHE H 432 -42.19 36.77 -27.14
CA PHE H 432 -42.08 35.56 -26.35
C PHE H 432 -40.63 35.13 -26.21
N ARG H 433 -39.84 35.30 -27.28
CA ARG H 433 -38.41 34.99 -27.19
C ARG H 433 -37.75 35.87 -26.14
N TRP H 434 -38.06 37.17 -26.16
CA TRP H 434 -37.48 38.07 -25.17
C TRP H 434 -37.91 37.69 -23.76
N ALA H 435 -39.20 37.34 -23.59
CA ALA H 435 -39.68 36.93 -22.28
C ALA H 435 -38.95 35.69 -21.80
N LEU H 436 -38.75 34.71 -22.68
CA LEU H 436 -38.01 33.52 -22.31
C LEU H 436 -36.59 33.88 -21.93
N SER H 437 -36.01 34.87 -22.62
CA SER H 437 -34.68 35.35 -22.27
C SER H 437 -34.69 36.04 -20.92
N GLN H 438 -35.85 36.46 -20.44
CA GLN H 438 -35.99 37.16 -19.17
C GLN H 438 -36.91 36.40 -18.22
N SER H 439 -36.83 35.08 -18.24
CA SER H 439 -37.72 34.24 -17.43
C SER H 439 -37.10 33.89 -16.07
N ASN H 440 -35.93 33.27 -16.08
CA ASN H 440 -35.17 32.97 -14.86
C ASN H 440 -35.94 32.15 -13.83
N PRO H 441 -36.18 30.86 -14.07
CA PRO H 441 -36.75 30.02 -13.00
C PRO H 441 -35.78 29.92 -11.82
N SER H 442 -36.31 29.96 -10.60
CA SER H 442 -37.72 29.71 -10.26
C SER H 442 -38.22 28.30 -10.56
N ALA H 443 -37.74 27.35 -9.76
CA ALA H 443 -38.20 25.96 -9.77
C ALA H 443 -37.53 25.05 -10.81
N LEU H 444 -36.43 25.51 -11.40
CA LEU H 444 -35.67 24.64 -12.29
C LEU H 444 -35.05 23.46 -11.55
N ARG H 445 -34.82 23.59 -10.24
CA ARG H 445 -34.16 22.55 -9.46
C ARG H 445 -35.06 21.34 -9.22
N GLU H 446 -36.37 21.56 -9.07
CA GLU H 446 -37.25 20.47 -8.66
C GLU H 446 -37.22 19.31 -9.66
N THR H 447 -37.30 18.10 -9.11
CA THR H 447 -37.31 16.90 -9.95
C THR H 447 -38.57 16.88 -10.80
N VAL H 448 -38.45 16.35 -12.02
CA VAL H 448 -39.56 16.35 -12.97
C VAL H 448 -40.04 14.92 -13.15
N VAL H 449 -41.34 14.72 -12.92
CA VAL H 449 -42.06 13.46 -13.11
C VAL H 449 -42.97 13.63 -14.32
N GLU H 450 -42.60 13.06 -15.47
CA GLU H 450 -43.40 13.30 -16.67
C GLU H 450 -43.67 11.99 -17.39
N VAL H 451 -44.81 11.95 -18.09
CA VAL H 451 -45.11 10.82 -18.96
C VAL H 451 -44.22 11.03 -20.18
N PRO H 452 -43.18 10.20 -20.39
CA PRO H 452 -42.27 10.47 -21.50
C PRO H 452 -43.00 10.47 -22.83
N GLN H 453 -42.62 11.39 -23.71
CA GLN H 453 -43.25 11.54 -25.01
C GLN H 453 -42.56 10.73 -26.10
N VAL H 454 -41.50 10.01 -25.79
CA VAL H 454 -40.83 9.16 -26.77
C VAL H 454 -41.62 7.89 -26.96
N THR H 455 -41.71 7.43 -28.19
CA THR H 455 -42.45 6.22 -28.53
C THR H 455 -41.51 5.19 -29.13
N TRP H 456 -42.07 4.01 -29.40
CA TRP H 456 -41.27 2.93 -29.97
C TRP H 456 -40.70 3.32 -31.33
N GLU H 457 -41.35 4.24 -32.03
CA GLU H 457 -40.81 4.69 -33.31
C GLU H 457 -39.44 5.34 -33.12
N ASP H 458 -39.29 6.13 -32.07
CA ASP H 458 -38.01 6.79 -31.80
C ASP H 458 -36.88 5.79 -31.62
N ILE H 459 -37.19 4.60 -31.11
CA ILE H 459 -36.18 3.56 -30.89
C ILE H 459 -36.25 2.57 -32.04
N GLY H 460 -35.14 2.46 -32.76
CA GLY H 460 -35.09 1.58 -33.92
C GLY H 460 -34.84 0.13 -33.52
N GLY H 461 -35.54 -0.77 -34.20
CA GLY H 461 -35.35 -2.19 -33.95
C GLY H 461 -35.60 -2.57 -32.51
N LEU H 462 -34.69 -3.35 -31.93
CA LEU H 462 -34.83 -3.82 -30.55
C LEU H 462 -36.16 -4.55 -30.36
N GLU H 463 -36.54 -5.36 -31.35
CA GLU H 463 -37.82 -6.05 -31.28
C GLU H 463 -37.90 -7.00 -30.09
N ASP H 464 -36.86 -7.81 -29.87
CA ASP H 464 -36.87 -8.72 -28.73
C ASP H 464 -36.90 -7.97 -27.41
N VAL H 465 -36.06 -6.94 -27.28
CA VAL H 465 -36.02 -6.14 -26.07
C VAL H 465 -37.35 -5.42 -25.88
N LYS H 466 -37.91 -4.90 -26.96
CA LYS H 466 -39.19 -4.21 -26.87
C LYS H 466 -40.28 -5.17 -26.40
N ARG H 467 -40.28 -6.40 -26.92
CA ARG H 467 -41.27 -7.39 -26.52
C ARG H 467 -41.18 -7.76 -25.05
N GLU H 468 -39.96 -8.00 -24.56
CA GLU H 468 -39.82 -8.33 -23.13
C GLU H 468 -40.21 -7.16 -22.25
N LEU H 469 -39.83 -5.94 -22.64
CA LEU H 469 -40.24 -4.82 -21.83
C LEU H 469 -41.75 -4.74 -21.79
N GLN H 470 -42.40 -4.93 -22.95
CA GLN H 470 -43.86 -4.96 -22.97
C GLN H 470 -44.39 -6.04 -22.03
N GLU H 471 -43.84 -7.26 -22.11
CA GLU H 471 -44.26 -8.32 -21.22
C GLU H 471 -44.20 -7.85 -19.77
N LEU H 472 -42.98 -7.58 -19.30
CA LEU H 472 -42.76 -7.30 -17.89
C LEU H 472 -43.62 -6.15 -17.38
N VAL H 473 -43.70 -5.05 -18.13
CA VAL H 473 -44.40 -3.89 -17.61
C VAL H 473 -45.89 -3.95 -17.93
N GLN H 474 -46.22 -4.07 -19.22
CA GLN H 474 -47.62 -3.94 -19.64
C GLN H 474 -48.45 -5.15 -19.24
N TYR H 475 -47.94 -6.37 -19.37
CA TYR H 475 -48.79 -7.53 -19.09
C TYR H 475 -49.34 -7.55 -17.67
N PRO H 476 -48.56 -7.28 -16.63
CA PRO H 476 -49.15 -7.30 -15.28
C PRO H 476 -50.28 -6.30 -15.10
N VAL H 477 -50.12 -5.09 -15.65
CA VAL H 477 -51.16 -4.07 -15.50
C VAL H 477 -52.38 -4.39 -16.36
N GLU H 478 -52.15 -4.83 -17.61
CA GLU H 478 -53.27 -5.08 -18.50
C GLU H 478 -54.10 -6.28 -18.06
N HIS H 479 -53.45 -7.35 -17.60
CA HIS H 479 -54.13 -8.59 -17.23
C HIS H 479 -53.70 -9.04 -15.83
N PRO H 480 -54.06 -8.28 -14.80
CA PRO H 480 -53.73 -8.73 -13.43
C PRO H 480 -54.41 -10.04 -13.07
N ASP H 481 -55.64 -10.25 -13.55
CA ASP H 481 -56.36 -11.46 -13.19
C ASP H 481 -55.62 -12.71 -13.65
N LYS H 482 -55.06 -12.67 -14.86
CA LYS H 482 -54.37 -13.84 -15.38
C LYS H 482 -53.07 -14.11 -14.62
N PHE H 483 -52.39 -13.05 -14.16
CA PHE H 483 -51.22 -13.25 -13.32
C PHE H 483 -51.61 -13.82 -11.96
N LEU H 484 -52.78 -13.42 -11.45
CA LEU H 484 -53.27 -13.97 -10.20
C LEU H 484 -53.68 -15.44 -10.35
N LYS H 485 -54.19 -15.81 -11.52
CA LYS H 485 -54.64 -17.19 -11.74
C LYS H 485 -53.51 -18.19 -11.63
N PHE H 486 -52.35 -17.88 -12.19
CA PHE H 486 -51.23 -18.82 -12.21
C PHE H 486 -50.36 -18.75 -10.96
N GLY H 487 -50.73 -17.91 -10.00
CA GLY H 487 -49.96 -17.80 -8.76
C GLY H 487 -48.55 -17.32 -8.93
N MET H 488 -48.31 -16.41 -9.88
CA MET H 488 -46.99 -15.84 -10.12
C MET H 488 -47.02 -14.35 -9.84
N THR H 489 -46.06 -13.88 -9.05
CA THR H 489 -45.97 -12.46 -8.76
C THR H 489 -44.99 -11.81 -9.74
N PRO H 490 -45.44 -10.87 -10.57
CA PRO H 490 -44.53 -10.22 -11.52
C PRO H 490 -43.36 -9.56 -10.82
N SER H 491 -42.18 -9.76 -11.38
CA SER H 491 -40.98 -9.12 -10.87
C SER H 491 -41.06 -7.62 -11.12
N LYS H 492 -40.52 -6.84 -10.19
CA LYS H 492 -40.51 -5.38 -10.29
C LYS H 492 -39.07 -4.90 -10.24
N GLY H 493 -38.40 -4.97 -11.39
CA GLY H 493 -37.03 -4.54 -11.51
C GLY H 493 -36.37 -5.05 -12.78
N VAL H 494 -35.84 -4.13 -13.59
CA VAL H 494 -35.13 -4.49 -14.82
C VAL H 494 -33.77 -3.83 -14.77
N LEU H 495 -32.80 -4.42 -15.47
CA LEU H 495 -31.46 -3.87 -15.53
C LEU H 495 -30.95 -3.95 -16.97
N PHE H 496 -30.91 -2.81 -17.64
CA PHE H 496 -30.34 -2.72 -18.98
C PHE H 496 -28.82 -2.61 -18.89
N TYR H 497 -28.12 -3.50 -19.61
CA TYR H 497 -26.67 -3.44 -19.70
C TYR H 497 -26.26 -3.50 -21.16
N GLY H 498 -25.21 -2.77 -21.50
CA GLY H 498 -24.72 -2.73 -22.86
C GLY H 498 -23.73 -1.60 -23.07
N PRO H 499 -23.25 -1.43 -24.30
CA PRO H 499 -22.29 -0.36 -24.56
C PRO H 499 -22.96 1.00 -24.43
N PRO H 500 -22.18 2.04 -24.11
CA PRO H 500 -22.78 3.36 -23.94
C PRO H 500 -23.38 3.90 -25.23
N GLY H 501 -24.44 4.69 -25.09
CA GLY H 501 -25.05 5.33 -26.23
C GLY H 501 -25.96 4.47 -27.08
N CYS H 502 -26.38 3.31 -26.60
CA CYS H 502 -27.23 2.43 -27.38
C CYS H 502 -28.71 2.71 -27.18
N GLY H 503 -29.07 3.68 -26.35
CA GLY H 503 -30.45 4.07 -26.16
C GLY H 503 -31.19 3.36 -25.05
N LYS H 504 -30.53 3.13 -23.92
CA LYS H 504 -31.20 2.53 -22.78
C LYS H 504 -32.17 3.51 -22.12
N THR H 505 -31.76 4.78 -21.98
CA THR H 505 -32.65 5.78 -21.41
C THR H 505 -33.88 5.96 -22.28
N LEU H 506 -33.69 6.04 -23.60
CA LEU H 506 -34.83 6.17 -24.50
C LEU H 506 -35.73 4.94 -24.44
N LEU H 507 -35.14 3.74 -24.30
CA LEU H 507 -35.95 2.54 -24.20
C LEU H 507 -36.81 2.58 -22.94
N ALA H 508 -36.22 3.00 -21.81
CA ALA H 508 -37.01 3.10 -20.58
C ALA H 508 -38.11 4.15 -20.73
N LYS H 509 -37.80 5.28 -21.36
CA LYS H 509 -38.81 6.31 -21.57
C LYS H 509 -39.94 5.79 -22.45
N ALA H 510 -39.59 5.02 -23.49
CA ALA H 510 -40.61 4.48 -24.39
C ALA H 510 -41.51 3.49 -23.65
N ILE H 511 -40.92 2.63 -22.83
CA ILE H 511 -41.73 1.68 -22.08
C ILE H 511 -42.66 2.41 -21.12
N ALA H 512 -42.17 3.48 -20.50
CA ALA H 512 -43.02 4.28 -19.64
C ALA H 512 -44.14 4.95 -20.43
N ASN H 513 -43.83 5.43 -21.64
CA ASN H 513 -44.82 6.11 -22.46
C ASN H 513 -45.92 5.17 -22.92
N GLU H 514 -45.55 3.93 -23.26
CA GLU H 514 -46.56 2.97 -23.71
C GLU H 514 -47.61 2.72 -22.64
N CYS H 515 -47.18 2.61 -21.38
CA CYS H 515 -48.10 2.41 -20.27
C CYS H 515 -48.71 3.71 -19.76
N GLN H 516 -48.32 4.86 -20.32
CA GLN H 516 -48.80 6.16 -19.86
C GLN H 516 -48.49 6.38 -18.38
N ALA H 517 -47.33 5.90 -17.96
CA ALA H 517 -46.89 6.01 -16.58
C ALA H 517 -45.83 7.09 -16.43
N ASN H 518 -45.90 7.83 -15.33
CA ASN H 518 -44.91 8.87 -15.07
C ASN H 518 -43.51 8.27 -15.09
N PHE H 519 -42.53 9.08 -15.45
CA PHE H 519 -41.14 8.64 -15.55
C PHE H 519 -40.26 9.52 -14.68
N ILE H 520 -39.50 8.89 -13.79
CA ILE H 520 -38.55 9.58 -12.93
C ILE H 520 -37.17 9.03 -13.26
N SER H 521 -36.25 9.91 -13.64
CA SER H 521 -34.90 9.52 -14.04
C SER H 521 -33.90 10.02 -13.00
N ILE H 522 -33.17 9.09 -12.40
CA ILE H 522 -32.13 9.40 -11.43
C ILE H 522 -30.80 9.16 -12.11
N LYS H 523 -30.19 10.24 -12.62
CA LYS H 523 -28.94 10.11 -13.36
C LYS H 523 -27.79 9.82 -12.41
N GLY H 524 -26.63 9.49 -13.00
CA GLY H 524 -25.43 9.22 -12.25
C GLY H 524 -24.92 10.36 -11.41
N PRO H 525 -24.97 11.60 -11.90
CA PRO H 525 -24.54 12.73 -11.06
C PRO H 525 -25.31 12.82 -9.76
N GLU H 526 -26.61 12.54 -9.76
CA GLU H 526 -27.37 12.60 -8.52
C GLU H 526 -26.90 11.57 -7.51
N LEU H 527 -26.67 10.33 -7.95
CA LEU H 527 -26.18 9.30 -7.06
C LEU H 527 -24.79 9.66 -6.54
N LEU H 528 -23.93 10.19 -7.41
CA LEU H 528 -22.59 10.58 -6.97
C LEU H 528 -22.67 11.73 -5.98
N THR H 529 -23.62 12.66 -6.16
CA THR H 529 -23.80 13.74 -5.20
C THR H 529 -24.24 13.20 -3.85
N MET H 530 -25.17 12.25 -3.84
CA MET H 530 -25.58 11.66 -2.58
C MET H 530 -24.44 10.90 -1.93
N TRP H 531 -23.54 10.32 -2.73
CA TRP H 531 -22.41 9.58 -2.18
C TRP H 531 -21.33 10.50 -1.61
N PHE H 532 -20.92 11.51 -2.38
CA PHE H 532 -19.88 12.42 -1.90
C PHE H 532 -20.35 13.20 -0.67
N GLY H 533 -21.58 13.71 -0.71
CA GLY H 533 -22.10 14.43 0.42
C GLY H 533 -22.50 13.56 1.60
N GLU H 534 -22.35 12.24 1.48
CA GLU H 534 -22.71 11.30 2.54
C GLU H 534 -24.16 11.48 2.97
N SER H 535 -25.00 11.92 2.04
CA SER H 535 -26.43 12.07 2.28
C SER H 535 -27.14 11.05 1.40
N GLU H 536 -27.24 9.82 1.90
CA GLU H 536 -27.97 8.78 1.20
C GLU H 536 -29.42 8.69 1.64
N ALA H 537 -29.85 9.48 2.61
CA ALA H 537 -31.26 9.46 3.00
C ALA H 537 -32.16 10.08 1.95
N ASN H 538 -31.60 10.81 0.98
CA ASN H 538 -32.46 11.39 -0.05
C ASN H 538 -32.99 10.33 -0.99
N VAL H 539 -32.40 9.13 -0.98
CA VAL H 539 -32.93 8.06 -1.80
C VAL H 539 -34.32 7.71 -1.31
N ARG H 540 -34.51 7.77 0.02
CA ARG H 540 -35.83 7.50 0.56
C ARG H 540 -36.83 8.51 0.02
N GLU H 541 -36.42 9.78 -0.04
CA GLU H 541 -37.31 10.80 -0.58
C GLU H 541 -37.62 10.51 -2.05
N ILE H 542 -36.62 10.05 -2.80
CA ILE H 542 -36.85 9.72 -4.19
C ILE H 542 -37.92 8.64 -4.29
N PHE H 543 -37.79 7.61 -3.46
CA PHE H 543 -38.76 6.53 -3.54
C PHE H 543 -40.14 7.01 -3.11
N ASP H 544 -40.19 7.94 -2.15
CA ASP H 544 -41.49 8.47 -1.76
C ASP H 544 -42.12 9.23 -2.92
N LYS H 545 -41.29 9.97 -3.67
CA LYS H 545 -41.82 10.66 -4.84
C LYS H 545 -42.36 9.65 -5.84
N ALA H 546 -41.64 8.54 -6.02
CA ALA H 546 -42.11 7.51 -6.93
C ALA H 546 -43.47 6.98 -6.46
N ARG H 547 -43.61 6.80 -5.15
CA ARG H 547 -44.88 6.32 -4.62
C ARG H 547 -45.99 7.32 -4.89
N GLN H 548 -45.71 8.62 -4.69
CA GLN H 548 -46.74 9.63 -4.91
C GLN H 548 -47.16 9.71 -6.37
N ALA H 549 -46.23 9.44 -7.29
CA ALA H 549 -46.50 9.52 -8.72
C ALA H 549 -46.96 8.19 -9.30
N ALA H 550 -47.17 7.18 -8.46
CA ALA H 550 -47.56 5.88 -8.98
C ALA H 550 -48.92 5.99 -9.68
N PRO H 551 -49.11 5.26 -10.80
CA PRO H 551 -48.10 4.34 -11.30
C PRO H 551 -46.93 5.07 -11.96
N CYS H 552 -45.71 4.61 -11.70
CA CYS H 552 -44.51 5.28 -12.17
C CYS H 552 -43.45 4.25 -12.53
N VAL H 553 -42.47 4.69 -13.31
CA VAL H 553 -41.32 3.87 -13.69
C VAL H 553 -40.07 4.60 -13.21
N LEU H 554 -39.53 4.16 -12.08
CA LEU H 554 -38.33 4.77 -11.51
C LEU H 554 -37.11 4.18 -12.20
N PHE H 555 -36.43 4.99 -13.00
CA PHE H 555 -35.28 4.56 -13.78
C PHE H 555 -34.01 5.13 -13.17
N PHE H 556 -33.05 4.25 -12.88
CA PHE H 556 -31.75 4.65 -12.33
C PHE H 556 -30.73 4.53 -13.44
N ASP H 557 -30.59 5.60 -14.23
CA ASP H 557 -29.65 5.57 -15.34
C ASP H 557 -28.22 5.51 -14.85
N GLU H 558 -27.39 4.75 -15.54
CA GLU H 558 -25.97 4.65 -15.21
C GLU H 558 -25.74 4.48 -13.69
N LEU H 559 -26.34 3.39 -13.20
CA LEU H 559 -26.27 3.02 -11.80
C LEU H 559 -24.86 2.66 -11.33
N ASP H 560 -23.92 2.41 -12.23
CA ASP H 560 -22.58 2.00 -11.84
C ASP H 560 -21.64 3.16 -11.55
N SER H 561 -22.14 4.39 -11.52
CA SER H 561 -21.27 5.54 -11.33
C SER H 561 -20.53 5.49 -10.00
N ILE H 562 -21.22 5.10 -8.94
CA ILE H 562 -20.59 5.05 -7.62
C ILE H 562 -19.49 3.99 -7.57
N ALA H 563 -19.71 2.84 -8.22
CA ALA H 563 -18.67 1.82 -8.25
C ALA H 563 -17.44 2.32 -8.97
N LYS H 564 -17.62 3.03 -10.09
CA LYS H 564 -16.49 3.60 -10.80
C LYS H 564 -15.77 4.64 -9.95
N ALA H 565 -16.52 5.46 -9.22
CA ALA H 565 -15.92 6.50 -8.39
C ALA H 565 -15.01 5.91 -7.32
N ARG H 566 -15.31 4.71 -6.83
CA ARG H 566 -14.48 4.08 -5.80
C ARG H 566 -13.28 3.35 -6.38
N GLY H 567 -12.95 3.53 -7.65
CA GLY H 567 -11.81 2.84 -8.22
C GLY H 567 -12.08 2.12 -9.52
N GLY H 568 -13.32 2.16 -9.99
CA GLY H 568 -13.67 1.50 -11.23
C GLY H 568 -13.93 0.02 -11.07
N ASN H 569 -13.00 -0.81 -11.54
CA ASN H 569 -13.10 -2.26 -11.38
C ASN H 569 -12.26 -2.76 -10.21
N ILE H 570 -11.00 -2.33 -10.11
CA ILE H 570 -10.17 -2.73 -8.97
C ILE H 570 -10.80 -2.24 -7.68
N GLY H 571 -11.35 -1.02 -7.69
CA GLY H 571 -12.00 -0.44 -6.54
C GLY H 571 -11.05 -0.17 -5.38
N ASP H 572 -11.65 0.00 -4.21
CA ASP H 572 -10.94 0.23 -2.97
C ASP H 572 -10.72 -1.10 -2.27
N GLY H 573 -10.25 -1.07 -1.02
CA GLY H 573 -10.08 -2.30 -0.28
C GLY H 573 -11.39 -2.97 0.09
N GLY H 574 -12.48 -2.21 0.13
CA GLY H 574 -13.77 -2.76 0.48
C GLY H 574 -14.41 -3.51 -0.67
N GLY H 575 -15.63 -3.98 -0.45
CA GLY H 575 -16.36 -4.72 -1.43
C GLY H 575 -17.23 -3.85 -2.30
N ALA H 576 -18.20 -4.49 -2.96
CA ALA H 576 -19.11 -3.78 -3.86
C ALA H 576 -20.14 -2.94 -3.12
N ALA H 577 -20.31 -3.13 -1.82
CA ALA H 577 -21.33 -2.38 -1.09
C ALA H 577 -20.95 -0.92 -0.92
N ASP H 578 -21.94 -0.04 -1.07
CA ASP H 578 -21.76 1.38 -0.90
C ASP H 578 -23.03 1.96 -0.31
N ARG H 579 -22.92 3.18 0.22
CA ARG H 579 -24.04 3.78 0.97
C ARG H 579 -25.27 3.96 0.08
N VAL H 580 -25.09 4.57 -1.10
CA VAL H 580 -26.23 4.90 -1.94
C VAL H 580 -26.91 3.63 -2.46
N ILE H 581 -26.11 2.67 -2.92
CA ILE H 581 -26.69 1.44 -3.42
C ILE H 581 -27.34 0.66 -2.28
N ASN H 582 -26.75 0.72 -1.09
CA ASN H 582 -27.39 0.06 0.06
C ASN H 582 -28.74 0.67 0.37
N GLN H 583 -28.85 2.00 0.32
CA GLN H 583 -30.15 2.63 0.56
C GLN H 583 -31.13 2.24 -0.54
N ILE H 584 -30.65 2.15 -1.77
CA ILE H 584 -31.52 1.75 -2.87
C ILE H 584 -32.03 0.32 -2.66
N LEU H 585 -31.14 -0.57 -2.22
CA LEU H 585 -31.55 -1.95 -1.93
C LEU H 585 -32.59 -2.00 -0.81
N THR H 586 -32.36 -1.24 0.26
CA THR H 586 -33.33 -1.24 1.36
C THR H 586 -34.69 -0.75 0.87
N GLU H 587 -34.71 0.33 0.09
CA GLU H 587 -35.96 0.88 -0.40
C GLU H 587 -36.63 -0.08 -1.36
N MET H 588 -35.86 -0.74 -2.22
CA MET H 588 -36.41 -1.71 -3.18
C MET H 588 -37.02 -2.89 -2.45
N ASP H 589 -36.37 -3.37 -1.39
CA ASP H 589 -36.96 -4.45 -0.61
C ASP H 589 -38.25 -4.00 0.05
N GLY H 590 -38.25 -2.80 0.63
CA GLY H 590 -39.50 -2.30 1.19
C GLY H 590 -40.49 -1.83 0.14
N MET H 591 -40.02 -1.56 -1.08
CA MET H 591 -40.90 -1.09 -2.16
C MET H 591 -41.47 -2.26 -2.96
N SER H 592 -42.21 -3.12 -2.26
CA SER H 592 -42.81 -4.28 -2.91
C SER H 592 -44.33 -4.24 -2.94
N THR H 593 -44.96 -3.64 -1.92
CA THR H 593 -46.41 -3.56 -1.88
C THR H 593 -46.99 -2.57 -2.87
N LYS H 594 -46.20 -1.59 -3.32
CA LYS H 594 -46.75 -0.51 -4.12
C LYS H 594 -47.31 -1.02 -5.44
N LYS H 595 -46.61 -1.95 -6.08
CA LYS H 595 -47.04 -2.53 -7.34
C LYS H 595 -46.98 -1.55 -8.51
N ASN H 596 -47.40 -0.30 -8.30
CA ASN H 596 -47.36 0.68 -9.36
C ASN H 596 -45.93 1.00 -9.78
N VAL H 597 -45.07 1.32 -8.82
CA VAL H 597 -43.72 1.76 -9.18
C VAL H 597 -42.95 0.61 -9.81
N PHE H 598 -42.25 0.89 -10.90
CA PHE H 598 -41.44 -0.10 -11.60
C PHE H 598 -40.02 0.44 -11.70
N ILE H 599 -39.05 -0.33 -11.22
CA ILE H 599 -37.67 0.12 -11.13
C ILE H 599 -36.89 -0.44 -12.31
N ILE H 600 -36.27 0.45 -13.08
CA ILE H 600 -35.45 0.10 -14.23
C ILE H 600 -34.05 0.65 -13.99
N GLY H 601 -33.04 -0.19 -14.18
CA GLY H 601 -31.66 0.22 -14.00
C GLY H 601 -30.88 0.10 -15.28
N ALA H 602 -29.93 0.99 -15.46
CA ALA H 602 -29.05 1.01 -16.63
C ALA H 602 -27.61 1.10 -16.15
N THR H 603 -26.72 0.32 -16.77
CA THR H 603 -25.32 0.30 -16.38
C THR H 603 -24.47 -0.13 -17.56
N ASN H 604 -23.43 0.64 -17.85
CA ASN H 604 -22.48 0.31 -18.90
C ASN H 604 -21.35 -0.59 -18.41
N ARG H 605 -21.27 -0.86 -17.11
CA ARG H 605 -20.25 -1.72 -16.53
C ARG H 605 -20.92 -2.75 -15.63
N PRO H 606 -21.57 -3.75 -16.22
CA PRO H 606 -22.27 -4.76 -15.40
C PRO H 606 -21.32 -5.54 -14.50
N ASP H 607 -20.06 -5.66 -14.87
CA ASP H 607 -19.12 -6.45 -14.08
C ASP H 607 -18.92 -5.87 -12.69
N ILE H 608 -18.84 -4.54 -12.58
CA ILE H 608 -18.59 -3.90 -11.28
C ILE H 608 -19.87 -3.64 -10.49
N ILE H 609 -21.05 -3.92 -11.07
CA ILE H 609 -22.28 -3.71 -10.34
C ILE H 609 -22.34 -4.62 -9.12
N ASP H 610 -22.96 -4.13 -8.06
CA ASP H 610 -23.07 -4.92 -6.83
C ASP H 610 -23.92 -6.16 -7.10
N PRO H 611 -23.44 -7.36 -6.73
CA PRO H 611 -24.26 -8.55 -6.97
C PRO H 611 -25.59 -8.53 -6.26
N ALA H 612 -25.67 -7.89 -5.09
CA ALA H 612 -26.93 -7.83 -4.35
C ALA H 612 -28.02 -7.14 -5.15
N ILE H 613 -27.65 -6.31 -6.13
CA ILE H 613 -28.63 -5.66 -6.98
C ILE H 613 -29.46 -6.68 -7.74
N LEU H 614 -28.88 -7.83 -8.07
CA LEU H 614 -29.52 -8.80 -8.95
C LEU H 614 -30.28 -9.89 -8.19
N ARG H 615 -30.30 -9.84 -6.86
CA ARG H 615 -31.01 -10.86 -6.09
C ARG H 615 -32.51 -10.73 -6.29
N PRO H 616 -33.26 -11.82 -6.07
CA PRO H 616 -34.71 -11.76 -6.26
C PRO H 616 -35.35 -10.69 -5.39
N GLY H 617 -36.39 -10.06 -5.92
CA GLY H 617 -36.96 -8.89 -5.32
C GLY H 617 -36.27 -7.60 -5.71
N ARG H 618 -35.18 -7.71 -6.46
CA ARG H 618 -34.36 -6.62 -6.98
C ARG H 618 -34.41 -6.70 -8.51
N LEU H 619 -33.49 -5.99 -9.16
CA LEU H 619 -33.51 -5.95 -10.61
C LEU H 619 -33.05 -7.29 -11.15
N ASP H 620 -33.94 -8.29 -11.07
CA ASP H 620 -33.62 -9.65 -11.51
C ASP H 620 -33.45 -9.73 -13.02
N GLN H 621 -34.36 -9.13 -13.77
CA GLN H 621 -34.39 -9.28 -15.23
C GLN H 621 -33.29 -8.44 -15.85
N LEU H 622 -32.20 -9.10 -16.23
CA LEU H 622 -31.10 -8.45 -16.94
C LEU H 622 -31.39 -8.48 -18.44
N ILE H 623 -31.30 -7.32 -19.09
CA ILE H 623 -31.55 -7.21 -20.52
C ILE H 623 -30.32 -6.59 -21.18
N TYR H 624 -29.83 -7.25 -22.22
CA TYR H 624 -28.65 -6.78 -22.94
C TYR H 624 -29.08 -5.89 -24.09
N ILE H 625 -28.66 -4.62 -24.04
CA ILE H 625 -28.95 -3.67 -25.10
C ILE H 625 -27.76 -3.61 -26.03
N PRO H 626 -27.74 -4.37 -27.12
CA PRO H 626 -26.57 -4.41 -28.00
C PRO H 626 -26.56 -3.26 -29.00
N LEU H 627 -25.45 -3.17 -29.73
CA LEU H 627 -25.31 -2.12 -30.74
C LEU H 627 -26.41 -2.29 -31.80
N PRO H 628 -26.95 -1.19 -32.31
CA PRO H 628 -28.05 -1.29 -33.27
C PRO H 628 -27.64 -2.03 -34.53
N ASP H 629 -28.57 -2.79 -35.09
CA ASP H 629 -28.35 -3.53 -36.32
C ASP H 629 -28.50 -2.58 -37.51
N GLU H 630 -28.46 -3.12 -38.72
CA GLU H 630 -28.61 -2.29 -39.90
C GLU H 630 -29.98 -1.62 -39.93
N LYS H 631 -31.04 -2.39 -39.66
CA LYS H 631 -32.37 -1.80 -39.60
C LYS H 631 -32.48 -0.83 -38.43
N SER H 632 -31.91 -1.20 -37.28
CA SER H 632 -31.92 -0.30 -36.14
C SER H 632 -31.15 0.99 -36.45
N ARG H 633 -30.01 0.86 -37.14
CA ARG H 633 -29.25 2.04 -37.51
C ARG H 633 -30.04 2.93 -38.46
N VAL H 634 -30.75 2.33 -39.42
CA VAL H 634 -31.57 3.12 -40.34
C VAL H 634 -32.65 3.85 -39.56
N ALA H 635 -33.30 3.16 -38.63
CA ALA H 635 -34.36 3.79 -37.84
C ALA H 635 -33.80 4.93 -36.99
N ILE H 636 -32.62 4.73 -36.39
CA ILE H 636 -32.02 5.79 -35.58
C ILE H 636 -31.70 6.99 -36.44
N LEU H 637 -31.13 6.76 -37.64
CA LEU H 637 -30.80 7.88 -38.52
C LEU H 637 -32.07 8.63 -38.92
N LYS H 638 -33.14 7.90 -39.26
CA LYS H 638 -34.38 8.55 -39.64
C LYS H 638 -34.93 9.38 -38.48
N ALA H 639 -34.91 8.83 -37.27
CA ALA H 639 -35.42 9.56 -36.11
C ALA H 639 -34.63 10.81 -35.83
N ASN H 640 -33.30 10.73 -35.94
CA ASN H 640 -32.47 11.91 -35.68
C ASN H 640 -32.72 13.01 -36.71
N LEU H 641 -32.92 12.63 -37.97
CA LEU H 641 -33.04 13.60 -39.06
C LEU H 641 -34.48 13.99 -39.36
N ARG H 642 -35.44 13.56 -38.54
CA ARG H 642 -36.84 13.90 -38.82
C ARG H 642 -37.07 15.39 -38.78
N LYS H 643 -36.56 16.06 -37.73
CA LYS H 643 -36.73 17.51 -37.65
C LYS H 643 -35.97 18.23 -38.75
N SER H 644 -34.74 17.82 -39.02
CA SER H 644 -33.92 18.51 -40.01
C SER H 644 -34.46 18.27 -41.41
N PRO H 645 -34.43 19.28 -42.29
CA PRO H 645 -34.86 19.07 -43.68
C PRO H 645 -33.78 18.35 -44.50
N VAL H 646 -34.05 17.09 -44.82
CA VAL H 646 -33.10 16.24 -45.55
C VAL H 646 -33.65 16.00 -46.95
N ALA H 647 -32.82 16.23 -47.96
CA ALA H 647 -33.23 16.00 -49.34
C ALA H 647 -33.49 14.53 -49.59
N LYS H 648 -34.49 14.24 -50.43
CA LYS H 648 -34.80 12.85 -50.75
C LYS H 648 -33.69 12.15 -51.52
N ASP H 649 -32.82 12.91 -52.16
CA ASP H 649 -31.76 12.29 -52.97
C ASP H 649 -30.78 11.51 -52.10
N VAL H 650 -30.57 11.92 -50.85
CA VAL H 650 -29.59 11.25 -49.98
C VAL H 650 -30.16 9.90 -49.57
N ASP H 651 -29.45 8.83 -49.92
CA ASP H 651 -29.86 7.46 -49.57
C ASP H 651 -29.41 7.15 -48.14
N LEU H 652 -30.34 7.31 -47.20
CA LEU H 652 -30.02 7.11 -45.79
C LEU H 652 -29.71 5.65 -45.47
N GLU H 653 -30.31 4.71 -46.21
CA GLU H 653 -30.04 3.30 -45.97
C GLU H 653 -28.58 2.96 -46.26
N PHE H 654 -28.01 3.56 -47.32
CA PHE H 654 -26.61 3.32 -47.61
C PHE H 654 -25.73 3.82 -46.46
N LEU H 655 -26.06 4.99 -45.91
CA LEU H 655 -25.29 5.51 -44.78
C LEU H 655 -25.41 4.59 -43.58
N ALA H 656 -26.62 4.09 -43.31
CA ALA H 656 -26.81 3.21 -42.16
C ALA H 656 -26.03 1.92 -42.33
N LYS H 657 -26.04 1.34 -43.53
CA LYS H 657 -25.34 0.07 -43.76
C LYS H 657 -23.83 0.24 -43.76
N MET H 658 -23.34 1.39 -44.24
CA MET H 658 -21.90 1.64 -44.21
C MET H 658 -21.38 1.79 -42.78
N THR H 659 -22.21 2.26 -41.86
CA THR H 659 -21.84 2.39 -40.46
C THR H 659 -21.86 0.99 -39.84
N ASN H 660 -20.70 0.34 -39.90
CA ASN H 660 -20.59 -1.07 -39.50
C ASN H 660 -21.02 -1.28 -38.06
N GLY H 661 -20.34 -0.64 -37.12
CA GLY H 661 -20.65 -0.85 -35.72
C GLY H 661 -20.82 0.43 -34.92
N PHE H 662 -21.33 1.47 -35.55
CA PHE H 662 -21.55 2.73 -34.84
C PHE H 662 -22.70 2.57 -33.85
N SER H 663 -22.54 3.17 -32.68
CA SER H 663 -23.59 3.21 -31.70
C SER H 663 -24.60 4.31 -32.04
N GLY H 664 -25.71 4.33 -31.31
CA GLY H 664 -26.68 5.39 -31.54
C GLY H 664 -26.10 6.77 -31.32
N ALA H 665 -25.22 6.90 -30.32
CA ALA H 665 -24.57 8.18 -30.07
C ALA H 665 -23.73 8.60 -31.26
N ASP H 666 -23.01 7.66 -31.88
CA ASP H 666 -22.18 8.00 -33.03
C ASP H 666 -23.03 8.45 -34.21
N LEU H 667 -24.15 7.78 -34.46
CA LEU H 667 -25.03 8.20 -35.54
C LEU H 667 -25.61 9.58 -35.27
N THR H 668 -26.00 9.83 -34.02
CA THR H 668 -26.50 11.16 -33.67
C THR H 668 -25.43 12.22 -33.86
N GLU H 669 -24.19 11.89 -33.50
CA GLU H 669 -23.09 12.82 -33.70
C GLU H 669 -22.88 13.11 -35.19
N ILE H 670 -22.95 12.08 -36.02
CA ILE H 670 -22.79 12.29 -37.47
C ILE H 670 -23.90 13.19 -38.00
N CYS H 671 -25.14 12.94 -37.57
CA CYS H 671 -26.25 13.78 -38.02
C CYS H 671 -26.08 15.22 -37.56
N GLN H 672 -25.65 15.40 -36.31
CA GLN H 672 -25.45 16.75 -35.79
C GLN H 672 -24.34 17.46 -36.57
N ARG H 673 -23.27 16.75 -36.89
CA ARG H 673 -22.19 17.36 -37.67
C ARG H 673 -22.66 17.75 -39.06
N ALA H 674 -23.48 16.90 -39.68
CA ALA H 674 -24.02 17.24 -40.99
C ALA H 674 -24.90 18.49 -40.92
N CYS H 675 -25.74 18.57 -39.89
CA CYS H 675 -26.58 19.76 -39.72
C CYS H 675 -25.73 20.99 -39.48
N LYS H 676 -24.67 20.86 -38.69
CA LYS H 676 -23.78 22.00 -38.43
C LYS H 676 -23.09 22.44 -39.70
N LEU H 677 -22.66 21.49 -40.53
CA LEU H 677 -22.02 21.85 -41.79
C LEU H 677 -23.00 22.58 -42.70
N ALA H 678 -24.23 22.10 -42.77
CA ALA H 678 -25.25 22.77 -43.58
C ALA H 678 -25.52 24.17 -43.08
N ILE H 679 -25.62 24.34 -41.76
CA ILE H 679 -25.90 25.66 -41.19
C ILE H 679 -24.74 26.61 -41.45
N ARG H 680 -23.49 26.13 -41.28
CA ARG H 680 -22.36 27.00 -41.53
C ARG H 680 -22.31 27.44 -42.99
N GLU H 681 -22.56 26.50 -43.91
CA GLU H 681 -22.54 26.85 -45.32
C GLU H 681 -23.62 27.86 -45.64
N SER H 682 -24.83 27.65 -45.10
CA SER H 682 -25.92 28.57 -45.36
C SER H 682 -25.62 29.96 -44.82
N ILE H 683 -25.07 30.03 -43.61
CA ILE H 683 -24.78 31.34 -43.02
C ILE H 683 -23.70 32.05 -43.80
N GLU H 684 -22.63 31.33 -44.17
CA GLU H 684 -21.56 31.97 -44.91
C GLU H 684 -22.01 32.43 -46.29
N SER H 685 -22.71 31.57 -47.04
CA SER H 685 -23.15 31.94 -48.38
C SER H 685 -24.17 33.07 -48.37
N GLU H 686 -25.17 33.01 -47.49
CA GLU H 686 -26.15 34.09 -47.44
C GLU H 686 -25.47 35.38 -47.02
N ILE H 687 -24.58 35.32 -46.04
CA ILE H 687 -23.89 36.51 -45.58
C ILE H 687 -23.01 37.08 -46.69
N ARG H 688 -22.15 36.27 -47.30
CA ARG H 688 -21.25 36.80 -48.33
C ARG H 688 -22.03 37.37 -49.50
N ARG H 689 -23.20 36.79 -49.80
CA ARG H 689 -24.05 37.34 -50.84
C ARG H 689 -24.62 38.69 -50.42
N GLU H 690 -25.06 38.78 -49.17
CA GLU H 690 -25.61 40.04 -48.66
C GLU H 690 -24.54 41.11 -48.57
N ARG H 691 -23.33 40.73 -48.16
CA ARG H 691 -22.23 41.67 -48.05
C ARG H 691 -21.92 42.28 -49.40
N GLU H 692 -21.83 41.45 -50.44
CA GLU H 692 -21.60 42.01 -51.77
C GLU H 692 -22.80 42.83 -52.22
N ARG H 693 -24.01 42.31 -52.01
CA ARG H 693 -25.23 42.99 -52.48
C ARG H 693 -25.46 44.33 -51.78
N GLN H 694 -25.10 44.43 -50.50
CA GLN H 694 -25.36 45.66 -49.74
C GLN H 694 -24.52 46.83 -50.25
N THR H 695 -23.40 46.58 -50.93
CA THR H 695 -22.58 47.69 -51.41
C THR H 695 -23.36 48.58 -52.37
N ASN H 696 -24.04 48.00 -53.35
CA ASN H 696 -24.83 48.83 -54.25
C ASN H 696 -26.26 48.77 -53.75
N PRO H 697 -26.86 49.90 -53.35
CA PRO H 697 -28.28 49.86 -52.95
C PRO H 697 -29.25 49.37 -54.02
N SER H 698 -29.98 48.30 -53.73
CA SER H 698 -30.96 47.79 -54.69
C SER H 698 -30.28 47.25 -55.96
N ALA H 699 -28.94 47.22 -55.98
CA ALA H 699 -28.18 46.73 -57.13
C ALA H 699 -28.75 45.49 -57.81
N MET H 700 -28.65 44.31 -57.19
CA MET H 700 -29.14 43.12 -57.88
C MET H 700 -30.64 42.96 -57.70
N GLU H 701 -31.24 42.05 -58.46
CA GLU H 701 -32.66 41.78 -58.39
C GLU H 701 -33.08 41.44 -56.95
N VAL H 702 -34.39 41.44 -56.72
CA VAL H 702 -34.99 41.17 -55.41
C VAL H 702 -35.27 39.68 -55.29
N GLU H 703 -34.72 38.87 -56.19
CA GLU H 703 -34.93 37.43 -56.16
C GLU H 703 -34.59 36.88 -54.78
N GLU H 704 -35.53 36.09 -54.23
CA GLU H 704 -35.43 35.46 -52.92
C GLU H 704 -34.83 34.07 -52.98
N ASP H 705 -33.51 34.02 -53.12
CA ASP H 705 -32.75 32.77 -53.21
C ASP H 705 -32.46 32.12 -51.86
N ASP H 706 -32.53 30.78 -51.83
CA ASP H 706 -32.18 29.99 -50.65
C ASP H 706 -30.95 29.23 -51.11
N PRO H 707 -29.75 29.64 -50.69
CA PRO H 707 -28.55 28.94 -51.18
C PRO H 707 -28.49 27.47 -50.79
N VAL H 708 -28.77 27.15 -49.54
CA VAL H 708 -28.89 25.76 -49.10
C VAL H 708 -30.20 25.60 -48.36
N PRO H 709 -31.21 24.97 -48.95
CA PRO H 709 -32.49 24.80 -48.26
C PRO H 709 -32.69 23.41 -47.66
N GLU H 710 -31.68 22.54 -47.77
CA GLU H 710 -31.78 21.20 -47.21
C GLU H 710 -30.37 20.61 -47.10
N ILE H 711 -30.21 19.67 -46.16
CA ILE H 711 -28.93 18.99 -45.99
C ILE H 711 -28.64 18.20 -47.25
N ARG H 712 -27.52 18.49 -47.90
CA ARG H 712 -27.21 17.86 -49.19
C ARG H 712 -26.35 16.62 -48.97
N ARG H 713 -26.08 15.91 -50.07
CA ARG H 713 -25.22 14.73 -49.99
C ARG H 713 -23.83 15.11 -49.54
N ASP H 714 -23.29 16.21 -50.10
CA ASP H 714 -21.93 16.60 -49.76
C ASP H 714 -21.80 16.85 -48.27
N HIS H 715 -22.86 17.35 -47.64
CA HIS H 715 -22.83 17.52 -46.19
C HIS H 715 -22.69 16.16 -45.50
N PHE H 716 -23.32 15.11 -46.05
CA PHE H 716 -23.20 13.81 -45.41
C PHE H 716 -21.82 13.20 -45.60
N GLU H 717 -21.19 13.40 -46.77
CA GLU H 717 -19.78 13.01 -46.91
C GLU H 717 -18.89 13.80 -45.96
N GLU H 718 -19.18 15.10 -45.82
CA GLU H 718 -18.43 15.95 -44.93
C GLU H 718 -18.52 15.42 -43.50
N ALA H 719 -19.72 15.00 -43.10
CA ALA H 719 -19.94 14.41 -41.78
C ALA H 719 -19.22 13.09 -41.61
N MET H 720 -19.32 12.21 -42.61
CA MET H 720 -18.66 10.91 -42.50
C MET H 720 -17.15 11.00 -42.49
N ARG H 721 -16.56 12.06 -43.06
CA ARG H 721 -15.12 12.19 -42.92
C ARG H 721 -14.70 12.20 -41.46
N PHE H 722 -15.54 12.70 -40.57
CA PHE H 722 -15.22 12.73 -39.15
C PHE H 722 -15.88 11.60 -38.37
N ALA H 723 -16.43 10.61 -39.07
CA ALA H 723 -17.09 9.48 -38.42
C ALA H 723 -16.14 8.77 -37.47
N ARG H 724 -16.65 8.44 -36.28
CA ARG H 724 -15.85 7.85 -35.22
C ARG H 724 -16.59 6.66 -34.61
N ARG H 725 -15.83 5.63 -34.23
CA ARG H 725 -16.35 4.45 -33.54
C ARG H 725 -16.16 4.61 -32.04
N SER H 726 -17.23 5.00 -31.35
CA SER H 726 -17.14 5.22 -29.91
C SER H 726 -16.87 3.93 -29.15
N VAL H 727 -17.53 2.84 -29.52
CA VAL H 727 -17.47 1.58 -28.80
C VAL H 727 -16.42 0.67 -29.44
N SER H 728 -15.33 0.43 -28.73
CA SER H 728 -14.29 -0.48 -29.20
C SER H 728 -14.80 -1.92 -29.12
N ASP H 729 -14.25 -2.78 -29.97
CA ASP H 729 -14.67 -4.18 -29.99
C ASP H 729 -14.27 -4.91 -28.71
N ASN H 730 -13.32 -4.40 -27.94
CA ASN H 730 -12.91 -5.10 -26.72
C ASN H 730 -13.98 -4.98 -25.63
N ASP H 731 -14.60 -3.81 -25.49
CA ASP H 731 -15.61 -3.72 -24.46
C ASP H 731 -16.93 -4.33 -24.89
N ILE H 732 -17.18 -4.43 -26.19
CA ILE H 732 -18.28 -5.26 -26.67
C ILE H 732 -17.99 -6.71 -26.34
N ARG H 733 -16.72 -7.10 -26.43
CA ARG H 733 -16.31 -8.43 -26.03
C ARG H 733 -16.65 -8.64 -24.56
N LYS H 734 -16.40 -7.62 -23.73
CA LYS H 734 -16.70 -7.73 -22.30
C LYS H 734 -18.21 -7.85 -22.06
N TYR H 735 -19.02 -7.12 -22.83
CA TYR H 735 -20.47 -7.22 -22.65
C TYR H 735 -20.97 -8.61 -23.03
N GLU H 736 -20.51 -9.13 -24.16
CA GLU H 736 -20.89 -10.48 -24.55
C GLU H 736 -20.38 -11.49 -23.55
N MET H 737 -19.23 -11.21 -22.93
CA MET H 737 -18.71 -12.09 -21.88
C MET H 737 -19.64 -12.15 -20.68
N PHE H 738 -20.11 -10.98 -20.23
CA PHE H 738 -21.04 -10.96 -19.11
C PHE H 738 -22.36 -11.62 -19.50
N ALA H 739 -22.78 -11.48 -20.77
CA ALA H 739 -24.01 -12.13 -21.20
C ALA H 739 -23.86 -13.64 -21.22
N GLN H 740 -22.67 -14.14 -21.59
CA GLN H 740 -22.43 -15.58 -21.56
C GLN H 740 -22.42 -16.08 -20.13
N THR H 741 -21.75 -15.36 -19.23
CA THR H 741 -21.70 -15.77 -17.84
C THR H 741 -23.11 -15.85 -17.26
N LEU H 742 -23.99 -14.98 -17.71
CA LEU H 742 -25.38 -14.98 -17.27
C LEU H 742 -26.21 -16.06 -17.96
N GLN H 743 -25.66 -16.74 -18.97
CA GLN H 743 -26.38 -17.77 -19.69
C GLN H 743 -26.68 -18.96 -18.78
N GLN H 744 -27.80 -19.63 -19.07
CA GLN H 744 -28.31 -20.73 -18.25
C GLN H 744 -27.50 -22.02 -18.32
N SER H 745 -26.20 -21.93 -18.06
CA SER H 745 -25.31 -23.10 -18.02
C SER H 745 -25.42 -23.88 -19.34
N ARG H 746 -25.33 -25.20 -19.30
CA ARG H 746 -25.36 -26.05 -20.49
C ARG H 746 -25.78 -27.46 -20.09
N GLY H 747 -26.29 -28.19 -21.07
CA GLY H 747 -26.73 -29.56 -20.88
C GLY H 747 -28.20 -29.76 -20.58
N PHE H 748 -28.96 -28.71 -20.35
CA PHE H 748 -30.39 -28.84 -20.06
C PHE H 748 -31.25 -28.48 -21.25
N GLY H 749 -30.66 -28.27 -22.42
CA GLY H 749 -31.45 -27.98 -23.60
C GLY H 749 -32.33 -29.15 -24.01
N SER H 750 -31.77 -30.36 -23.98
CA SER H 750 -32.47 -31.56 -24.41
C SER H 750 -33.39 -32.12 -23.34
N PHE H 751 -33.44 -31.50 -22.17
CA PHE H 751 -34.26 -31.98 -21.06
C PHE H 751 -35.69 -32.23 -21.55
N ARG H 752 -36.22 -33.40 -21.23
CA ARG H 752 -37.57 -33.74 -21.61
C ARG H 752 -38.15 -34.65 -20.54
N PHE H 753 -39.41 -34.45 -20.19
CA PHE H 753 -40.02 -35.33 -19.19
C PHE H 753 -40.23 -36.71 -19.79
N PRO H 754 -40.21 -37.77 -18.99
CA PRO H 754 -40.35 -39.12 -19.55
C PRO H 754 -41.76 -39.37 -20.04
N SER H 755 -41.86 -39.95 -21.23
CA SER H 755 -43.16 -40.24 -21.84
C SER H 755 -43.75 -41.53 -21.28
N ASN I 1 -68.12 -26.45 45.46
CA ASN I 1 -69.13 -26.16 46.47
C ASN I 1 -70.45 -25.72 45.84
N ARG I 2 -70.89 -26.47 44.83
CA ARG I 2 -72.11 -26.16 44.11
C ARG I 2 -72.02 -24.76 43.51
N PRO I 3 -71.03 -24.49 42.67
CA PRO I 3 -70.86 -23.13 42.14
C PRO I 3 -71.95 -22.76 41.14
N ASN I 4 -71.94 -21.51 40.68
CA ASN I 4 -72.90 -21.09 39.68
C ASN I 4 -72.66 -21.78 38.35
N ARG I 5 -71.39 -22.03 38.02
CA ARG I 5 -70.90 -22.74 36.84
C ARG I 5 -70.94 -21.85 35.60
N LEU I 6 -71.49 -20.63 35.69
CA LEU I 6 -71.60 -19.76 34.53
C LEU I 6 -70.74 -18.53 34.74
N ILE I 7 -69.90 -18.23 33.75
CA ILE I 7 -69.01 -17.08 33.78
C ILE I 7 -69.14 -16.32 32.47
N VAL I 8 -68.71 -15.05 32.51
CA VAL I 8 -68.78 -14.17 31.36
C VAL I 8 -67.42 -14.15 30.68
N ASP I 9 -67.42 -14.23 29.35
CA ASP I 9 -66.19 -14.25 28.58
C ASP I 9 -66.48 -13.69 27.19
N GLU I 10 -65.41 -13.33 26.49
CA GLU I 10 -65.54 -12.77 25.15
C GLU I 10 -65.94 -13.87 24.16
N ALA I 11 -66.67 -13.45 23.12
CA ALA I 11 -67.17 -14.35 22.09
C ALA I 11 -66.25 -14.33 20.87
N ILE I 12 -65.88 -15.51 20.40
CA ILE I 12 -64.98 -15.61 19.26
C ILE I 12 -65.74 -15.64 17.93
N ASN I 13 -66.83 -16.41 17.86
CA ASN I 13 -67.59 -16.50 16.63
C ASN I 13 -68.55 -15.32 16.48
N GLU I 14 -68.79 -14.93 15.22
CA GLU I 14 -69.69 -13.83 14.92
C GLU I 14 -71.12 -14.33 15.00
N ASP I 15 -71.85 -13.91 16.03
CA ASP I 15 -73.24 -14.32 16.19
C ASP I 15 -73.84 -13.56 17.36
N ASN I 16 -75.14 -13.32 17.28
CA ASN I 16 -75.89 -12.70 18.35
C ASN I 16 -76.90 -13.69 18.92
N SER I 17 -77.21 -13.56 20.21
CA SER I 17 -78.13 -14.45 20.90
C SER I 17 -77.65 -15.90 20.87
N VAL I 18 -76.34 -16.11 20.89
CA VAL I 18 -75.74 -17.45 20.90
C VAL I 18 -74.68 -17.50 21.99
N VAL I 19 -74.72 -18.55 22.81
CA VAL I 19 -73.79 -18.73 23.92
C VAL I 19 -73.10 -20.08 23.75
N SER I 20 -71.78 -20.07 23.91
CA SER I 20 -70.97 -21.28 23.77
C SER I 20 -70.61 -21.85 25.14
N LEU I 21 -70.56 -23.18 25.21
CA LEU I 21 -70.19 -23.88 26.43
C LEU I 21 -69.07 -24.88 26.15
N SER I 22 -68.29 -25.15 27.19
CA SER I 22 -67.14 -26.04 27.07
C SER I 22 -67.61 -27.44 26.67
N GLN I 23 -66.92 -28.02 25.69
CA GLN I 23 -67.25 -29.37 25.25
C GLN I 23 -67.01 -30.45 26.30
N PRO I 24 -66.02 -30.35 27.20
CA PRO I 24 -65.77 -31.46 28.13
C PRO I 24 -66.95 -31.86 29.01
N LYS I 25 -67.82 -30.94 29.39
CA LYS I 25 -68.92 -31.25 30.31
C LYS I 25 -70.26 -30.94 29.67
N MET I 26 -70.99 -31.99 29.27
CA MET I 26 -72.36 -31.81 28.80
C MET I 26 -73.42 -32.24 29.81
N ASP I 27 -73.10 -33.13 30.76
CA ASP I 27 -74.12 -33.59 31.69
C ASP I 27 -74.31 -32.59 32.83
N GLU I 28 -73.26 -31.88 33.21
CA GLU I 28 -73.32 -30.90 34.29
C GLU I 28 -74.41 -29.87 33.99
N LEU I 29 -74.31 -29.24 32.82
CA LEU I 29 -75.34 -28.36 32.30
C LEU I 29 -76.53 -29.13 31.77
N GLN I 30 -76.34 -30.42 31.51
CA GLN I 30 -77.38 -31.33 31.01
C GLN I 30 -78.04 -30.83 29.72
N LEU I 31 -77.32 -29.99 28.98
CA LEU I 31 -77.81 -29.48 27.71
C LEU I 31 -76.73 -29.52 26.64
N PHE I 32 -77.07 -30.11 25.51
CA PHE I 32 -76.22 -30.20 24.34
C PHE I 32 -76.60 -29.03 23.44
N ARG I 33 -76.28 -29.07 22.16
CA ARG I 33 -76.52 -27.91 21.32
C ARG I 33 -78.01 -27.73 21.03
N GLY I 34 -78.31 -26.61 20.37
CA GLY I 34 -79.63 -26.27 19.88
C GLY I 34 -80.79 -26.32 20.88
N ASP I 35 -80.66 -25.65 22.01
CA ASP I 35 -81.76 -25.62 22.97
C ASP I 35 -81.82 -24.28 23.70
N THR I 36 -83.02 -23.74 23.86
CA THR I 36 -83.18 -22.50 24.61
C THR I 36 -82.62 -22.68 26.01
N VAL I 37 -81.89 -21.67 26.48
CA VAL I 37 -81.23 -21.69 27.77
C VAL I 37 -81.46 -20.35 28.44
N LEU I 38 -81.90 -20.38 29.70
CA LEU I 38 -82.12 -19.16 30.44
C LEU I 38 -80.88 -18.79 31.26
N LEU I 39 -80.69 -17.50 31.46
CA LEU I 39 -79.51 -17.00 32.17
C LEU I 39 -79.90 -15.83 33.05
N LYS I 40 -79.63 -15.95 34.35
CA LYS I 40 -79.87 -14.90 35.32
C LYS I 40 -78.58 -14.13 35.56
N GLY I 41 -78.66 -12.81 35.44
CA GLY I 41 -77.53 -11.93 35.59
C GLY I 41 -77.58 -11.21 36.90
N LYS I 42 -77.86 -9.91 36.87
CA LYS I 42 -77.90 -9.08 38.06
C LYS I 42 -79.07 -8.10 37.94
N LYS I 43 -79.42 -7.51 39.07
CA LYS I 43 -80.52 -6.55 39.15
C LYS I 43 -81.84 -7.16 38.69
N ARG I 44 -82.05 -8.43 39.03
CA ARG I 44 -83.29 -9.14 38.72
C ARG I 44 -83.61 -9.11 37.23
N ARG I 45 -82.65 -9.56 36.41
CA ARG I 45 -82.86 -9.68 34.98
C ARG I 45 -82.32 -11.00 34.47
N GLU I 46 -82.91 -11.45 33.37
CA GLU I 46 -82.63 -12.75 32.77
C GLU I 46 -82.73 -12.62 31.26
N ALA I 47 -82.09 -13.56 30.57
CA ALA I 47 -82.10 -13.60 29.12
C ALA I 47 -82.23 -15.05 28.65
N VAL I 48 -82.60 -15.21 27.38
CA VAL I 48 -82.76 -16.53 26.78
C VAL I 48 -81.95 -16.57 25.50
N CYS I 49 -81.20 -17.65 25.31
CA CYS I 49 -80.35 -17.77 24.13
C CYS I 49 -80.27 -19.24 23.74
N ILE I 50 -79.42 -19.52 22.75
CA ILE I 50 -79.21 -20.88 22.26
C ILE I 50 -77.78 -21.26 22.62
N VAL I 51 -77.58 -22.51 22.99
CA VAL I 51 -76.29 -22.99 23.47
C VAL I 51 -75.65 -23.89 22.44
N LEU I 52 -74.33 -23.72 22.27
CA LEU I 52 -73.55 -24.61 21.44
C LEU I 52 -72.31 -25.06 22.21
N SER I 53 -71.42 -25.81 21.55
CA SER I 53 -70.22 -26.32 22.17
C SER I 53 -69.00 -25.83 21.40
N ASP I 54 -67.98 -25.38 22.14
CA ASP I 54 -66.75 -24.90 21.53
C ASP I 54 -65.55 -25.55 22.20
N ASP I 55 -64.71 -26.20 21.38
CA ASP I 55 -63.53 -26.88 21.90
C ASP I 55 -62.54 -25.90 22.52
N THR I 56 -62.50 -24.67 22.04
CA THR I 56 -61.54 -23.70 22.55
C THR I 56 -61.99 -23.09 23.87
N CYS I 57 -63.28 -23.16 24.18
CA CYS I 57 -63.79 -22.55 25.40
C CYS I 57 -63.26 -23.28 26.63
N SER I 58 -62.85 -22.52 27.63
CA SER I 58 -62.42 -23.10 28.89
C SER I 58 -63.63 -23.54 29.70
N ASP I 59 -63.51 -24.68 30.37
CA ASP I 59 -64.64 -25.20 31.13
C ASP I 59 -65.07 -24.24 32.23
N GLU I 60 -64.14 -23.47 32.78
CA GLU I 60 -64.48 -22.56 33.87
C GLU I 60 -65.48 -21.51 33.43
N LYS I 61 -65.29 -20.94 32.23
CA LYS I 61 -66.07 -19.80 31.78
C LYS I 61 -66.90 -20.17 30.55
N ILE I 62 -67.94 -19.36 30.32
CA ILE I 62 -68.87 -19.56 29.23
C ILE I 62 -68.76 -18.37 28.28
N ARG I 63 -68.31 -18.63 27.05
CA ARG I 63 -68.20 -17.56 26.07
C ARG I 63 -69.58 -17.02 25.73
N MET I 64 -69.67 -15.70 25.57
CA MET I 64 -70.94 -15.06 25.24
C MET I 64 -70.68 -13.75 24.52
N ASN I 65 -71.62 -13.38 23.67
CA ASN I 65 -71.49 -12.16 22.87
C ASN I 65 -71.77 -10.92 23.72
N ARG I 66 -71.36 -9.76 23.19
CA ARG I 66 -71.51 -8.53 23.94
C ARG I 66 -72.97 -8.08 24.04
N VAL I 67 -73.79 -8.41 23.03
CA VAL I 67 -75.20 -8.02 23.06
C VAL I 67 -75.92 -8.70 24.23
N VAL I 68 -75.75 -10.02 24.34
CA VAL I 68 -76.38 -10.75 25.43
C VAL I 68 -75.82 -10.29 26.77
N ARG I 69 -74.51 -10.05 26.82
CA ARG I 69 -73.89 -9.59 28.06
C ARG I 69 -74.47 -8.26 28.51
N ASN I 70 -74.65 -7.32 27.58
CA ASN I 70 -75.32 -6.06 27.90
C ASN I 70 -76.77 -6.30 28.33
N ASN I 71 -77.44 -7.26 27.70
CA ASN I 71 -78.81 -7.57 28.12
C ASN I 71 -78.85 -8.02 29.57
N LEU I 72 -77.89 -8.87 29.97
CA LEU I 72 -77.81 -9.33 31.35
C LEU I 72 -77.22 -8.28 32.28
N ARG I 73 -76.54 -7.26 31.74
CA ARG I 73 -75.84 -6.24 32.50
C ARG I 73 -74.59 -6.78 33.20
N VAL I 74 -74.14 -7.98 32.85
CA VAL I 74 -72.91 -8.54 33.39
C VAL I 74 -71.73 -8.05 32.56
N ARG I 75 -70.52 -8.22 33.10
CA ARG I 75 -69.31 -7.82 32.42
C ARG I 75 -68.35 -9.00 32.35
N LEU I 76 -67.29 -8.83 31.57
CA LEU I 76 -66.31 -9.89 31.39
C LEU I 76 -65.73 -10.34 32.72
N GLY I 77 -65.59 -11.66 32.89
CA GLY I 77 -65.08 -12.21 34.12
C GLY I 77 -66.09 -12.35 35.23
N ASP I 78 -67.33 -11.94 35.00
CA ASP I 78 -68.37 -12.03 36.01
C ASP I 78 -68.93 -13.45 36.09
N VAL I 79 -69.68 -13.72 37.16
CA VAL I 79 -70.28 -15.02 37.40
C VAL I 79 -71.78 -14.83 37.50
N ILE I 80 -72.53 -15.63 36.75
CA ILE I 80 -73.98 -15.55 36.70
C ILE I 80 -74.58 -16.95 36.76
N SER I 81 -75.90 -17.01 36.79
CA SER I 81 -76.65 -18.25 36.94
C SER I 81 -77.18 -18.73 35.59
N ILE I 82 -77.04 -20.01 35.32
CA ILE I 82 -77.53 -20.60 34.09
C ILE I 82 -78.58 -21.63 34.45
N GLN I 83 -79.58 -21.79 33.58
CA GLN I 83 -80.68 -22.73 33.82
C GLN I 83 -81.14 -23.35 32.51
N PRO I 84 -80.78 -24.61 32.28
CA PRO I 84 -81.22 -25.30 31.07
C PRO I 84 -82.73 -25.43 31.04
N CYS I 85 -83.36 -24.79 30.06
CA CYS I 85 -84.82 -24.82 29.92
C CYS I 85 -85.21 -25.39 28.56
N PRO I 86 -85.45 -26.70 28.45
CA PRO I 86 -85.87 -27.24 27.16
C PRO I 86 -87.18 -26.64 26.68
N ASP I 87 -88.01 -26.19 27.62
CA ASP I 87 -89.29 -25.56 27.28
C ASP I 87 -89.06 -24.23 26.57
N VAL I 88 -89.90 -23.97 25.56
CA VAL I 88 -89.83 -22.71 24.82
C VAL I 88 -91.21 -22.47 24.22
N LYS I 89 -91.64 -21.22 24.26
CA LYS I 89 -92.97 -20.84 23.79
C LYS I 89 -92.87 -19.89 22.62
N TYR I 90 -93.58 -20.21 21.53
CA TYR I 90 -93.66 -19.31 20.40
C TYR I 90 -94.37 -18.02 20.81
N GLY I 91 -94.32 -17.02 19.94
CA GLY I 91 -94.93 -15.74 20.21
C GLY I 91 -95.97 -15.36 19.17
N LYS I 92 -96.69 -14.28 19.45
CA LYS I 92 -97.70 -13.74 18.56
C LYS I 92 -97.50 -12.24 18.44
N ARG I 93 -97.36 -11.76 17.21
CA ARG I 93 -97.15 -10.34 16.91
C ARG I 93 -96.14 -9.73 17.89
N ILE I 94 -94.93 -10.29 17.85
CA ILE I 94 -93.84 -9.76 18.66
C ILE I 94 -93.63 -8.28 18.35
N HIS I 95 -93.51 -7.47 19.39
CA HIS I 95 -93.45 -6.03 19.25
C HIS I 95 -92.01 -5.54 19.39
N VAL I 96 -91.69 -4.49 18.63
CA VAL I 96 -90.36 -3.91 18.64
C VAL I 96 -90.49 -2.41 18.42
N LEU I 97 -89.61 -1.65 19.06
CA LEU I 97 -89.60 -0.21 18.94
C LEU I 97 -88.18 0.28 18.71
N PRO I 98 -88.01 1.36 17.93
CA PRO I 98 -86.68 1.98 17.85
C PRO I 98 -86.27 2.50 19.23
N ILE I 99 -84.98 2.37 19.52
CA ILE I 99 -84.46 2.72 20.84
C ILE I 99 -83.23 3.61 20.69
N ASP I 100 -82.92 4.31 21.78
CA ASP I 100 -81.75 5.19 21.83
C ASP I 100 -81.84 6.29 20.79
N ASP I 101 -80.74 7.01 20.56
CA ASP I 101 -80.71 8.12 19.63
C ASP I 101 -80.51 7.69 18.18
N THR I 102 -80.38 6.39 17.91
CA THR I 102 -80.23 5.91 16.54
C THR I 102 -81.46 6.28 15.73
N VAL I 103 -81.31 7.22 14.79
CA VAL I 103 -82.44 7.73 14.02
C VAL I 103 -81.88 8.41 12.77
N GLU I 104 -82.75 8.60 11.78
CA GLU I 104 -82.46 9.22 10.49
C GLU I 104 -81.75 8.26 9.55
N GLY I 105 -81.45 7.03 9.99
CA GLY I 105 -80.84 6.03 9.13
C GLY I 105 -81.80 5.25 8.28
N ILE I 106 -83.10 5.51 8.39
CA ILE I 106 -84.12 4.79 7.62
C ILE I 106 -85.14 5.80 7.12
N THR I 107 -85.61 5.59 5.89
CA THR I 107 -86.61 6.46 5.29
C THR I 107 -87.74 5.59 4.70
N GLY I 108 -88.95 6.14 4.74
CA GLY I 108 -90.11 5.40 4.27
C GLY I 108 -90.30 4.13 5.07
N ASN I 109 -90.45 3.02 4.37
CA ASN I 109 -90.56 1.73 5.04
C ASN I 109 -89.30 1.44 5.84
N LEU I 110 -89.48 0.99 7.08
CA LEU I 110 -88.37 0.82 8.00
C LEU I 110 -88.27 -0.57 8.62
N PHE I 111 -89.18 -1.50 8.30
CA PHE I 111 -89.14 -2.83 8.89
C PHE I 111 -88.64 -3.92 7.95
N GLU I 112 -88.83 -3.77 6.64
CA GLU I 112 -88.33 -4.79 5.71
C GLU I 112 -86.81 -4.78 5.61
N VAL I 113 -86.20 -3.61 5.80
CA VAL I 113 -84.75 -3.48 5.58
C VAL I 113 -83.96 -4.22 6.64
N TYR I 114 -84.37 -4.13 7.91
CA TYR I 114 -83.54 -4.61 9.01
C TYR I 114 -84.09 -5.86 9.68
N LEU I 115 -85.32 -5.82 10.19
CA LEU I 115 -85.83 -6.95 10.96
C LEU I 115 -85.99 -8.20 10.11
N LYS I 116 -86.68 -8.07 8.97
CA LYS I 116 -87.03 -9.24 8.16
C LYS I 116 -85.83 -10.10 7.80
N PRO I 117 -84.73 -9.53 7.28
CA PRO I 117 -83.60 -10.37 6.88
C PRO I 117 -82.96 -11.12 8.04
N TYR I 118 -83.14 -10.63 9.27
CA TYR I 118 -82.49 -11.19 10.44
C TYR I 118 -83.34 -12.20 11.20
N PHE I 119 -84.63 -11.92 11.40
CA PHE I 119 -85.48 -12.85 12.13
C PHE I 119 -86.05 -13.96 11.25
N LEU I 120 -85.72 -13.96 9.97
CA LEU I 120 -86.18 -14.99 9.03
C LEU I 120 -85.37 -16.26 9.21
N GLU I 121 -85.99 -17.29 9.81
CA GLU I 121 -85.38 -18.59 10.07
C GLU I 121 -84.32 -18.56 11.15
N ALA I 122 -84.15 -17.44 11.85
CA ALA I 122 -83.15 -17.36 12.91
C ALA I 122 -83.60 -18.13 14.14
N TYR I 123 -84.90 -18.07 14.46
CA TYR I 123 -85.44 -18.74 15.64
C TYR I 123 -84.79 -18.20 16.91
N ARG I 124 -84.55 -16.89 16.95
CA ARG I 124 -83.93 -16.27 18.10
C ARG I 124 -84.98 -16.00 19.18
N PRO I 125 -84.85 -16.58 20.38
CA PRO I 125 -85.83 -16.32 21.45
C PRO I 125 -85.71 -14.89 21.92
N ILE I 126 -86.83 -14.15 21.87
CA ILE I 126 -86.88 -12.75 22.27
C ILE I 126 -87.63 -12.65 23.59
N ARG I 127 -87.07 -11.89 24.54
CA ARG I 127 -87.70 -11.69 25.83
C ARG I 127 -88.13 -10.23 25.98
N LYS I 128 -89.14 -10.00 26.82
CA LYS I 128 -89.62 -8.64 27.06
C LYS I 128 -88.52 -7.74 27.59
N GLY I 129 -88.46 -6.52 27.05
CA GLY I 129 -87.55 -5.51 27.55
C GLY I 129 -86.09 -5.80 27.33
N ASP I 130 -85.74 -6.30 26.15
CA ASP I 130 -84.35 -6.50 25.77
C ASP I 130 -84.07 -5.75 24.48
N ILE I 131 -82.80 -5.38 24.28
CA ILE I 131 -82.35 -4.63 23.12
C ILE I 131 -81.45 -5.54 22.30
N PHE I 132 -81.78 -5.70 21.02
CA PHE I 132 -80.96 -6.50 20.12
C PHE I 132 -80.52 -5.66 18.94
N LEU I 133 -79.28 -5.89 18.49
CA LEU I 133 -78.63 -5.05 17.50
C LEU I 133 -78.76 -5.66 16.12
N VAL I 134 -79.14 -4.84 15.15
CA VAL I 134 -79.28 -5.25 13.75
C VAL I 134 -78.28 -4.46 12.93
N ARG I 135 -77.51 -5.17 12.11
CA ARG I 135 -76.48 -4.57 11.27
C ARG I 135 -76.98 -4.51 9.84
N GLY I 136 -76.87 -3.35 9.22
CA GLY I 136 -77.28 -3.17 7.83
C GLY I 136 -77.20 -1.73 7.38
N GLY I 137 -77.17 -1.53 6.07
CA GLY I 137 -77.10 -0.20 5.49
C GLY I 137 -75.92 0.59 5.98
N MET I 138 -74.78 -0.07 6.16
CA MET I 138 -73.59 0.58 6.70
C MET I 138 -73.93 1.28 8.02
N ARG I 139 -74.73 0.61 8.83
CA ARG I 139 -75.24 1.18 10.07
C ARG I 139 -75.59 0.04 11.03
N ALA I 140 -75.77 0.40 12.29
CA ALA I 140 -76.16 -0.54 13.34
C ALA I 140 -77.25 0.11 14.17
N VAL I 141 -78.40 -0.56 14.29
CA VAL I 141 -79.55 -0.03 15.00
C VAL I 141 -79.97 -1.03 16.06
N GLU I 142 -80.14 -0.57 17.29
CA GLU I 142 -80.58 -1.42 18.38
C GLU I 142 -82.09 -1.26 18.57
N PHE I 143 -82.79 -2.39 18.58
CA PHE I 143 -84.24 -2.43 18.67
C PHE I 143 -84.66 -2.99 20.02
N LYS I 144 -85.59 -2.31 20.68
CA LYS I 144 -86.14 -2.72 21.96
C LYS I 144 -87.39 -3.56 21.76
N VAL I 145 -87.57 -4.56 22.61
CA VAL I 145 -88.75 -5.40 22.61
C VAL I 145 -89.58 -4.97 23.81
N VAL I 146 -90.60 -4.16 23.57
CA VAL I 146 -91.38 -3.55 24.64
C VAL I 146 -92.68 -4.32 24.85
N GLU I 147 -93.24 -4.89 23.78
CA GLU I 147 -94.51 -5.58 23.85
C GLU I 147 -94.39 -6.97 23.22
N THR I 148 -95.15 -7.91 23.77
CA THR I 148 -95.14 -9.27 23.24
C THR I 148 -96.37 -10.00 23.76
N ASP I 149 -97.06 -10.71 22.86
CA ASP I 149 -98.29 -11.40 23.26
C ASP I 149 -98.04 -12.41 24.37
N PRO I 150 -97.09 -13.33 24.25
CA PRO I 150 -96.77 -14.22 25.37
C PRO I 150 -95.74 -13.61 26.30
N SER I 151 -95.76 -14.06 27.54
CA SER I 151 -94.86 -13.55 28.56
C SER I 151 -94.21 -14.70 29.31
N PRO I 152 -93.00 -14.49 29.86
CA PRO I 152 -92.27 -13.23 29.68
C PRO I 152 -91.44 -13.19 28.39
N TYR I 153 -91.21 -14.36 27.80
CA TYR I 153 -90.37 -14.48 26.61
C TYR I 153 -91.00 -15.47 25.65
N CYS I 154 -90.63 -15.37 24.38
CA CYS I 154 -91.14 -16.25 23.35
C CYS I 154 -90.10 -16.44 22.26
N ILE I 155 -89.97 -17.67 21.77
CA ILE I 155 -89.06 -17.96 20.67
C ILE I 155 -89.72 -17.53 19.37
N VAL I 156 -89.02 -16.71 18.59
CA VAL I 156 -89.58 -16.20 17.34
C VAL I 156 -89.61 -17.30 16.30
N ALA I 157 -90.73 -17.44 15.62
CA ALA I 157 -90.92 -18.41 14.57
C ALA I 157 -91.55 -17.73 13.36
N PRO I 158 -91.41 -18.32 12.16
CA PRO I 158 -91.96 -17.72 10.94
C PRO I 158 -93.47 -17.93 10.79
N ASP I 159 -94.20 -17.68 11.88
CA ASP I 159 -95.65 -17.76 11.85
C ASP I 159 -96.30 -16.66 12.67
N THR I 160 -95.52 -15.72 13.20
CA THR I 160 -96.03 -14.63 14.03
C THR I 160 -95.88 -13.31 13.27
N VAL I 161 -96.98 -12.58 13.15
CA VAL I 161 -96.92 -11.28 12.50
C VAL I 161 -96.05 -10.33 13.33
N ILE I 162 -95.66 -9.23 12.70
CA ILE I 162 -94.82 -8.21 13.33
C ILE I 162 -95.62 -6.92 13.40
N HIS I 163 -95.73 -6.35 14.60
CA HIS I 163 -96.44 -5.09 14.77
C HIS I 163 -95.52 -3.93 14.44
N CYS I 164 -96.04 -2.97 13.67
CA CYS I 164 -95.25 -1.87 13.15
C CYS I 164 -95.52 -0.61 13.93
N GLU I 165 -94.46 0.03 14.42
CA GLU I 165 -94.56 1.31 15.10
C GLU I 165 -93.81 2.41 14.38
N GLY I 166 -92.53 2.20 14.07
CA GLY I 166 -91.77 3.19 13.33
C GLY I 166 -91.53 4.48 14.08
N GLU I 167 -91.73 4.49 15.40
CA GLU I 167 -91.54 5.68 16.22
C GLU I 167 -90.44 5.42 17.24
N PRO I 168 -89.24 5.94 17.05
CA PRO I 168 -88.16 5.70 18.01
C PRO I 168 -88.50 6.24 19.39
N ILE I 169 -88.08 5.50 20.42
CA ILE I 169 -88.32 5.87 21.80
C ILE I 169 -87.01 5.84 22.57
N LYS I 170 -86.75 6.88 23.35
CA LYS I 170 -85.51 6.98 24.12
C LYS I 170 -85.39 5.83 25.11
N ARG I 171 -84.25 5.14 25.10
CA ARG I 171 -83.96 4.04 26.01
C ARG I 171 -83.51 4.56 27.37
N GLU I 172 -83.72 3.75 28.41
CA GLU I 172 -83.32 4.16 29.75
C GLU I 172 -81.83 4.46 29.78
N ASP I 173 -81.48 5.59 30.41
CA ASP I 173 -80.11 6.08 30.43
C ASP I 173 -79.10 5.16 31.13
N GLU I 174 -79.50 4.47 32.21
CA GLU I 174 -78.51 3.65 32.91
C GLU I 174 -77.97 2.56 32.01
N GLU I 175 -78.76 2.15 31.01
CA GLU I 175 -78.36 1.12 30.07
C GLU I 175 -77.28 1.67 29.14
N GLU I 176 -76.34 0.79 28.76
CA GLU I 176 -75.21 1.16 27.93
C GLU I 176 -75.45 0.87 26.45
N SER I 177 -75.36 1.91 25.64
CA SER I 177 -75.50 1.78 24.20
C SER I 177 -74.45 0.82 23.67
N LEU I 178 -74.86 -0.09 22.78
CA LEU I 178 -73.93 -1.07 22.23
C LEU I 178 -73.03 -0.48 21.16
N ASN I 179 -73.32 0.72 20.66
CA ASN I 179 -72.43 1.40 19.73
C ASN I 179 -71.11 1.81 20.37
N GLU I 180 -71.00 1.76 21.70
CA GLU I 180 -69.76 2.11 22.37
C GLU I 180 -68.68 1.07 22.09
N VAL I 181 -67.43 1.47 22.32
CA VAL I 181 -66.30 0.61 21.98
C VAL I 181 -66.22 -0.55 22.96
N GLY I 182 -65.65 -1.66 22.49
CA GLY I 182 -65.48 -2.85 23.31
C GLY I 182 -64.30 -3.70 22.88
N TYR I 183 -64.20 -4.90 23.46
CA TYR I 183 -63.12 -5.81 23.10
C TYR I 183 -63.19 -6.20 21.63
N ASP I 184 -64.40 -6.43 21.11
CA ASP I 184 -64.55 -6.83 19.72
C ASP I 184 -64.08 -5.74 18.76
N ASP I 185 -64.37 -4.47 19.08
CA ASP I 185 -63.93 -3.39 18.20
C ASP I 185 -62.41 -3.26 18.15
N ILE I 186 -61.72 -3.75 19.17
CA ILE I 186 -60.26 -3.69 19.25
C ILE I 186 -59.68 -5.02 18.83
N GLY I 187 -59.24 -5.13 17.56
CA GLY I 187 -58.57 -6.32 17.10
C GLY I 187 -57.25 -5.95 16.45
N GLY I 188 -56.48 -6.98 16.13
CA GLY I 188 -55.22 -6.83 15.46
C GLY I 188 -54.03 -6.86 16.38
N CYS I 189 -54.26 -6.65 17.67
CA CYS I 189 -53.21 -6.61 18.69
C CYS I 189 -53.12 -7.93 19.46
N ARG I 190 -54.21 -8.69 19.48
CA ARG I 190 -54.42 -9.86 20.31
C ARG I 190 -53.84 -9.79 21.73
N LYS I 191 -52.77 -10.54 21.98
CA LYS I 191 -52.18 -10.71 23.30
C LYS I 191 -51.57 -9.50 24.02
N GLN I 192 -51.58 -8.31 23.43
CA GLN I 192 -51.38 -7.14 24.26
C GLN I 192 -52.64 -6.74 25.02
N LEU I 193 -53.80 -6.89 24.38
CA LEU I 193 -55.06 -6.60 25.07
C LEU I 193 -55.28 -7.54 26.24
N ALA I 194 -54.83 -8.79 26.13
CA ALA I 194 -54.90 -9.71 27.25
C ALA I 194 -54.02 -9.26 28.40
N GLN I 195 -52.82 -8.78 28.09
CA GLN I 195 -51.95 -8.26 29.14
C GLN I 195 -52.56 -7.06 29.83
N ILE I 196 -53.15 -6.14 29.07
CA ILE I 196 -53.78 -4.97 29.69
C ILE I 196 -54.99 -5.38 30.52
N LYS I 197 -55.78 -6.34 30.04
CA LYS I 197 -56.94 -6.80 30.81
C LYS I 197 -56.49 -7.42 32.13
N GLU I 198 -55.49 -8.30 32.10
CA GLU I 198 -54.98 -8.87 33.34
C GLU I 198 -54.42 -7.77 34.24
N MET I 199 -53.74 -6.79 33.65
CA MET I 199 -53.14 -5.70 34.41
C MET I 199 -54.21 -4.92 35.16
N VAL I 200 -55.35 -4.68 34.51
CA VAL I 200 -56.35 -3.73 35.01
C VAL I 200 -57.52 -4.41 35.71
N GLU I 201 -57.65 -5.73 35.63
CA GLU I 201 -58.82 -6.42 36.19
C GLU I 201 -58.98 -6.14 37.68
N LEU I 202 -58.02 -6.56 38.49
CA LEU I 202 -58.19 -6.44 39.95
C LEU I 202 -58.36 -5.00 40.38
N PRO I 203 -57.52 -4.05 39.97
CA PRO I 203 -57.71 -2.67 40.43
C PRO I 203 -59.11 -2.13 40.15
N LEU I 204 -59.69 -2.46 39.01
CA LEU I 204 -60.99 -1.94 38.60
C LEU I 204 -62.13 -2.95 38.77
N ARG I 205 -61.91 -4.21 38.38
CA ARG I 205 -62.99 -5.19 38.45
C ARG I 205 -63.26 -5.64 39.89
N HIS I 206 -62.24 -5.66 40.74
CA HIS I 206 -62.37 -6.04 42.15
C HIS I 206 -61.71 -4.98 43.01
N PRO I 207 -62.34 -3.82 43.16
CA PRO I 207 -61.65 -2.72 43.87
C PRO I 207 -61.56 -2.94 45.37
N ALA I 208 -62.62 -3.44 45.99
CA ALA I 208 -62.63 -3.60 47.44
C ALA I 208 -61.55 -4.56 47.93
N LEU I 209 -61.05 -5.43 47.06
CA LEU I 209 -60.04 -6.40 47.48
C LEU I 209 -58.78 -5.70 47.95
N PHE I 210 -58.37 -4.64 47.26
CA PHE I 210 -57.11 -3.97 47.57
C PHE I 210 -57.19 -3.17 48.86
N LYS I 211 -58.38 -2.85 49.33
CA LYS I 211 -58.53 -2.17 50.61
C LYS I 211 -58.32 -3.11 51.79
N ALA I 212 -58.64 -4.39 51.62
CA ALA I 212 -58.44 -5.38 52.68
C ALA I 212 -57.13 -6.13 52.55
N ILE I 213 -56.36 -5.88 51.50
CA ILE I 213 -55.06 -6.50 51.29
C ILE I 213 -54.05 -5.42 50.98
N GLY I 214 -52.86 -5.52 51.57
CA GLY I 214 -51.85 -4.51 51.32
C GLY I 214 -50.90 -4.84 50.19
N VAL I 215 -51.22 -4.36 49.00
CA VAL I 215 -50.40 -4.56 47.81
C VAL I 215 -50.72 -3.41 46.87
N LYS I 216 -49.79 -3.10 45.97
CA LYS I 216 -50.01 -2.00 45.05
C LYS I 216 -50.32 -2.50 43.65
N PRO I 217 -51.52 -2.25 43.14
CA PRO I 217 -51.80 -2.60 41.75
C PRO I 217 -51.19 -1.60 40.79
N PRO I 218 -51.10 -1.94 39.51
CA PRO I 218 -50.57 -1.01 38.51
C PRO I 218 -51.44 0.24 38.34
N ARG I 219 -50.87 1.41 38.63
CA ARG I 219 -51.65 2.64 38.53
C ARG I 219 -51.14 3.52 37.40
N GLY I 220 -50.20 3.03 36.60
CA GLY I 220 -49.65 3.78 35.49
C GLY I 220 -49.23 2.86 34.37
N ILE I 221 -49.86 2.98 33.20
CA ILE I 221 -49.57 2.13 32.06
C ILE I 221 -49.30 3.02 30.85
N LEU I 222 -48.17 2.78 30.19
CA LEU I 222 -47.79 3.52 28.99
C LEU I 222 -48.05 2.65 27.77
N LEU I 223 -49.16 2.91 27.08
CA LEU I 223 -49.43 2.30 25.78
C LEU I 223 -48.68 3.10 24.72
N TYR I 224 -47.71 2.48 24.07
CA TYR I 224 -46.88 3.20 23.11
C TYR I 224 -46.80 2.41 21.80
N GLY I 225 -46.75 3.14 20.70
CA GLY I 225 -46.72 2.54 19.39
C GLY I 225 -46.93 3.56 18.29
N PRO I 226 -46.86 3.11 17.04
CA PRO I 226 -47.07 4.03 15.93
C PRO I 226 -48.48 4.61 15.99
N PRO I 227 -48.65 5.85 15.53
CA PRO I 227 -49.99 6.45 15.57
C PRO I 227 -50.99 5.64 14.76
N GLY I 228 -52.22 5.61 15.25
CA GLY I 228 -53.27 4.87 14.59
C GLY I 228 -53.35 3.40 14.95
N THR I 229 -52.62 2.96 15.97
CA THR I 229 -52.60 1.55 16.36
C THR I 229 -53.71 1.19 17.33
N GLY I 230 -54.60 2.13 17.67
CA GLY I 230 -55.72 1.81 18.52
C GLY I 230 -55.50 1.96 20.01
N LYS I 231 -54.47 2.72 20.42
CA LYS I 231 -54.22 2.90 21.85
C LYS I 231 -55.42 3.54 22.55
N THR I 232 -55.99 4.58 21.93
CA THR I 232 -57.20 5.17 22.48
C THR I 232 -58.35 4.17 22.49
N LEU I 233 -58.43 3.32 21.47
CA LEU I 233 -59.43 2.25 21.48
C LEU I 233 -59.24 1.33 22.68
N ILE I 234 -57.99 0.93 22.95
CA ILE I 234 -57.72 0.04 24.07
C ILE I 234 -58.13 0.70 25.38
N ALA I 235 -57.76 1.98 25.55
CA ALA I 235 -58.11 2.66 26.78
C ALA I 235 -59.63 2.75 26.96
N ARG I 236 -60.34 3.15 25.91
CA ARG I 236 -61.79 3.29 26.02
C ARG I 236 -62.45 1.95 26.29
N ALA I 237 -62.01 0.90 25.60
CA ALA I 237 -62.60 -0.42 25.81
C ALA I 237 -62.35 -0.93 27.22
N VAL I 238 -61.12 -0.74 27.74
CA VAL I 238 -60.85 -1.17 29.10
C VAL I 238 -61.72 -0.41 30.08
N ALA I 239 -61.88 0.90 29.86
CA ALA I 239 -62.70 1.69 30.76
C ALA I 239 -64.16 1.23 30.72
N ASN I 240 -64.68 0.95 29.53
CA ASN I 240 -66.09 0.58 29.41
C ASN I 240 -66.33 -0.82 29.95
N GLU I 241 -65.48 -1.78 29.58
CA GLU I 241 -65.69 -3.17 29.98
C GLU I 241 -65.55 -3.33 31.49
N THR I 242 -64.59 -2.64 32.10
CA THR I 242 -64.42 -2.72 33.55
C THR I 242 -65.37 -1.80 34.30
N GLY I 243 -66.10 -0.93 33.60
CA GLY I 243 -67.01 0.00 34.24
C GLY I 243 -66.36 1.24 34.79
N ALA I 244 -65.05 1.39 34.65
CA ALA I 244 -64.36 2.55 35.20
C ALA I 244 -64.76 3.82 34.45
N PHE I 245 -64.71 4.94 35.17
CA PHE I 245 -65.03 6.24 34.60
C PHE I 245 -63.84 6.73 33.77
N PHE I 246 -64.02 6.78 32.46
CA PHE I 246 -62.93 7.14 31.56
C PHE I 246 -62.86 8.66 31.41
N PHE I 247 -61.66 9.20 31.62
CA PHE I 247 -61.39 10.63 31.47
C PHE I 247 -60.26 10.81 30.47
N LEU I 248 -60.46 11.69 29.49
CA LEU I 248 -59.50 11.90 28.42
C LEU I 248 -58.76 13.21 28.64
N ILE I 249 -57.45 13.12 28.83
CA ILE I 249 -56.59 14.30 28.94
C ILE I 249 -55.87 14.40 27.60
N ASN I 250 -56.46 15.14 26.67
CA ASN I 250 -55.87 15.32 25.36
C ASN I 250 -54.55 16.09 25.47
N GLY I 251 -53.55 15.63 24.74
CA GLY I 251 -52.25 16.24 24.77
C GLY I 251 -52.31 17.74 24.51
N PRO I 252 -52.75 18.12 23.31
CA PRO I 252 -52.84 19.55 22.98
C PRO I 252 -54.04 20.24 23.61
N GLU I 253 -54.96 19.49 24.23
CA GLU I 253 -56.11 20.13 24.88
C GLU I 253 -55.66 21.04 26.01
N ILE I 254 -54.82 20.52 26.91
CA ILE I 254 -54.31 21.34 28.00
C ILE I 254 -53.27 22.31 27.49
N MET I 255 -52.44 21.88 26.53
CA MET I 255 -51.35 22.71 26.05
C MET I 255 -51.83 23.90 25.24
N SER I 256 -53.03 23.84 24.66
CA SER I 256 -53.57 25.01 23.98
C SER I 256 -54.09 26.06 24.95
N LYS I 257 -54.38 25.67 26.19
CA LYS I 257 -54.88 26.62 27.19
C LYS I 257 -53.78 27.59 27.59
N LEU I 258 -54.20 28.77 28.03
CA LEU I 258 -53.24 29.80 28.42
C LEU I 258 -52.37 29.33 29.57
N ALA I 259 -51.09 29.70 29.50
CA ALA I 259 -50.15 29.32 30.55
C ALA I 259 -50.59 29.87 31.90
N GLY I 260 -50.47 29.04 32.94
CA GLY I 260 -50.85 29.39 34.28
C GLY I 260 -52.22 28.90 34.70
N GLU I 261 -53.09 28.57 33.74
CA GLU I 261 -54.38 27.98 34.06
C GLU I 261 -54.62 26.66 33.34
N SER I 262 -53.69 26.24 32.47
CA SER I 262 -53.74 24.88 31.94
C SER I 262 -53.40 23.87 33.03
N GLU I 263 -52.44 24.21 33.90
CA GLU I 263 -52.19 23.39 35.07
C GLU I 263 -53.45 23.25 35.91
N SER I 264 -54.27 24.30 35.95
CA SER I 264 -55.54 24.20 36.65
C SER I 264 -56.43 23.13 36.02
N ASN I 265 -56.45 23.07 34.68
CA ASN I 265 -57.23 22.04 34.01
C ASN I 265 -56.70 20.65 34.31
N LEU I 266 -55.37 20.48 34.30
CA LEU I 266 -54.79 19.17 34.60
C LEU I 266 -55.13 18.74 36.02
N ARG I 267 -54.96 19.64 36.99
CA ARG I 267 -55.24 19.32 38.37
C ARG I 267 -56.72 19.05 38.59
N LYS I 268 -57.59 19.82 37.94
CA LYS I 268 -59.02 19.57 38.05
C LYS I 268 -59.40 18.22 37.47
N ALA I 269 -58.78 17.84 36.34
CA ALA I 269 -59.05 16.53 35.77
C ALA I 269 -58.61 15.42 36.72
N PHE I 270 -57.42 15.55 37.30
CA PHE I 270 -56.96 14.54 38.25
C PHE I 270 -57.89 14.45 39.46
N GLU I 271 -58.31 15.60 39.98
CA GLU I 271 -59.21 15.60 41.13
C GLU I 271 -60.54 14.97 40.79
N GLU I 272 -61.08 15.27 39.61
CA GLU I 272 -62.35 14.68 39.19
C GLU I 272 -62.23 13.16 39.04
N ALA I 273 -61.12 12.70 38.46
CA ALA I 273 -60.91 11.26 38.34
C ALA I 273 -60.82 10.60 39.71
N GLU I 274 -60.11 11.25 40.63
CA GLU I 274 -60.02 10.72 41.99
C GLU I 274 -61.39 10.68 42.67
N LYS I 275 -62.22 11.70 42.40
CA LYS I 275 -63.52 11.81 43.04
C LYS I 275 -64.41 10.61 42.74
N ASN I 276 -64.46 10.18 41.48
CA ASN I 276 -65.28 9.03 41.09
C ASN I 276 -64.41 7.78 40.99
N ALA I 277 -64.61 6.85 41.93
CA ALA I 277 -63.94 5.57 42.01
C ALA I 277 -64.73 4.51 41.27
N PRO I 278 -64.08 3.48 40.72
CA PRO I 278 -62.75 3.52 40.11
C PRO I 278 -62.79 4.26 38.78
N ALA I 279 -61.68 4.85 38.36
CA ALA I 279 -61.66 5.64 37.14
C ALA I 279 -60.33 5.45 36.42
N ILE I 280 -60.32 5.80 35.14
CA ILE I 280 -59.14 5.73 34.30
C ILE I 280 -58.90 7.11 33.71
N ILE I 281 -57.68 7.61 33.84
CA ILE I 281 -57.26 8.87 33.26
C ILE I 281 -56.35 8.55 32.09
N PHE I 282 -56.80 8.86 30.88
CA PHE I 282 -56.04 8.59 29.66
C PHE I 282 -55.43 9.89 29.18
N ILE I 283 -54.10 9.97 29.24
CA ILE I 283 -53.37 11.12 28.73
C ILE I 283 -53.00 10.81 27.29
N ASP I 284 -53.82 11.31 26.36
CA ASP I 284 -53.55 11.11 24.94
C ASP I 284 -52.44 12.05 24.48
N GLU I 285 -51.53 11.53 23.66
CA GLU I 285 -50.38 12.30 23.19
C GLU I 285 -49.58 12.84 24.38
N LEU I 286 -49.15 11.92 25.24
CA LEU I 286 -48.40 12.31 26.42
C LEU I 286 -47.06 12.96 26.05
N ASP I 287 -46.52 12.64 24.87
CA ASP I 287 -45.26 13.26 24.47
C ASP I 287 -45.39 14.74 24.17
N ALA I 288 -46.58 15.32 24.32
CA ALA I 288 -46.77 16.76 24.19
C ALA I 288 -46.91 17.47 25.52
N ILE I 289 -47.44 16.79 26.55
CA ILE I 289 -47.59 17.41 27.86
C ILE I 289 -46.31 17.34 28.65
N ALA I 290 -45.66 16.18 28.68
CA ALA I 290 -44.43 15.98 29.45
C ALA I 290 -43.36 15.39 28.54
N PRO I 291 -42.84 16.20 27.62
CA PRO I 291 -41.76 15.73 26.74
C PRO I 291 -40.40 15.91 27.38
N LYS I 292 -39.36 15.68 26.59
CA LYS I 292 -38.00 15.70 27.09
C LYS I 292 -37.67 17.05 27.71
N ARG I 293 -37.31 17.04 29.00
CA ARG I 293 -36.89 18.24 29.70
C ARG I 293 -35.72 18.91 29.01
N GLU I 294 -34.78 19.47 29.77
CA GLU I 294 -33.78 20.43 29.26
C GLU I 294 -33.85 20.67 27.76
N LYS I 295 -33.97 19.64 26.93
CA LYS I 295 -34.30 19.94 25.53
C LYS I 295 -35.74 20.45 25.47
N THR I 296 -36.09 21.37 26.36
CA THR I 296 -37.34 22.13 26.31
C THR I 296 -37.13 23.32 27.25
N HIS I 297 -36.59 24.40 26.69
CA HIS I 297 -36.37 25.64 27.39
C HIS I 297 -37.57 26.59 27.42
N GLY I 298 -38.75 26.15 26.98
CA GLY I 298 -39.90 27.04 27.00
C GLY I 298 -40.00 27.85 28.29
N GLU I 299 -40.14 27.14 29.42
CA GLU I 299 -40.29 27.70 30.77
C GLU I 299 -41.55 27.18 31.42
N VAL I 300 -42.67 27.26 30.72
CA VAL I 300 -43.91 26.71 31.27
C VAL I 300 -44.01 25.22 30.97
N GLU I 301 -43.24 24.74 30.00
CA GLU I 301 -43.17 23.30 29.75
C GLU I 301 -42.61 22.57 30.95
N ARG I 302 -41.55 23.10 31.55
CA ARG I 302 -40.98 22.50 32.75
C ARG I 302 -41.99 22.52 33.89
N ARG I 303 -42.72 23.62 34.04
CA ARG I 303 -43.75 23.70 35.07
C ARG I 303 -44.85 22.66 34.85
N ILE I 304 -45.29 22.49 33.60
CA ILE I 304 -46.34 21.52 33.32
C ILE I 304 -45.84 20.11 33.59
N VAL I 305 -44.60 19.81 33.19
CA VAL I 305 -44.05 18.48 33.42
C VAL I 305 -43.95 18.21 34.91
N SER I 306 -43.51 19.20 35.69
CA SER I 306 -43.40 19.03 37.13
C SER I 306 -44.77 18.86 37.77
N GLN I 307 -45.77 19.58 37.28
CA GLN I 307 -47.14 19.40 37.77
C GLN I 307 -47.63 18.00 37.49
N LEU I 308 -47.36 17.49 36.29
CA LEU I 308 -47.75 16.11 35.96
C LEU I 308 -47.04 15.12 36.86
N LEU I 309 -45.75 15.34 37.12
CA LEU I 309 -45.01 14.46 38.02
C LEU I 309 -45.59 14.48 39.42
N THR I 310 -45.94 15.66 39.92
CA THR I 310 -46.52 15.76 41.25
C THR I 310 -47.87 15.05 41.30
N LEU I 311 -48.67 15.20 40.25
CA LEU I 311 -49.96 14.52 40.19
C LEU I 311 -49.78 13.01 40.19
N MET I 312 -48.86 12.50 39.38
CA MET I 312 -48.65 11.05 39.31
C MET I 312 -48.12 10.53 40.64
N ASP I 313 -47.07 11.16 41.18
CA ASP I 313 -46.56 10.80 42.50
C ASP I 313 -47.52 11.22 43.61
N GLY I 314 -48.47 12.09 43.31
CA GLY I 314 -49.48 12.48 44.28
C GLY I 314 -50.61 11.51 44.43
N LEU I 315 -50.60 10.41 43.67
CA LEU I 315 -51.64 9.39 43.83
C LEU I 315 -51.46 8.73 45.19
N LYS I 316 -52.36 9.06 46.11
CA LYS I 316 -52.27 8.68 47.51
C LYS I 316 -52.77 7.28 47.79
N GLN I 317 -52.82 6.42 46.76
CA GLN I 317 -53.38 5.06 46.83
C GLN I 317 -54.86 5.06 47.19
N ARG I 318 -55.48 6.23 47.23
CA ARG I 318 -56.91 6.36 47.40
C ARG I 318 -57.63 6.12 46.08
N ALA I 319 -58.89 5.67 46.18
CA ALA I 319 -59.64 5.29 44.99
C ALA I 319 -58.94 4.19 44.21
N HIS I 320 -59.26 4.06 42.94
CA HIS I 320 -58.66 3.06 42.06
C HIS I 320 -58.38 3.65 40.69
N VAL I 321 -57.86 4.88 40.67
CA VAL I 321 -57.59 5.56 39.41
C VAL I 321 -56.38 4.91 38.74
N ILE I 322 -56.55 4.52 37.49
CA ILE I 322 -55.46 4.00 36.67
C ILE I 322 -55.13 5.06 35.62
N VAL I 323 -53.87 5.50 35.60
CA VAL I 323 -53.42 6.54 34.69
C VAL I 323 -52.75 5.85 33.51
N MET I 324 -53.47 5.76 32.40
CA MET I 324 -52.93 5.24 31.16
C MET I 324 -52.51 6.40 30.26
N ALA I 325 -51.45 6.19 29.48
CA ALA I 325 -50.93 7.24 28.62
C ALA I 325 -50.63 6.66 27.24
N ALA I 326 -50.69 7.53 26.23
CA ALA I 326 -50.41 7.17 24.86
C ALA I 326 -49.19 7.93 24.38
N THR I 327 -48.27 7.21 23.73
CA THR I 327 -47.06 7.83 23.20
C THR I 327 -46.59 7.02 22.00
N ASN I 328 -45.95 7.70 21.05
CA ASN I 328 -45.43 7.02 19.88
C ASN I 328 -44.33 6.04 20.25
N ARG I 329 -43.43 6.45 21.15
CA ARG I 329 -42.30 5.62 21.55
C ARG I 329 -41.89 5.98 22.96
N PRO I 330 -41.34 5.03 23.72
CA PRO I 330 -40.95 5.34 25.10
C PRO I 330 -39.83 6.36 25.21
N ASN I 331 -39.07 6.57 24.15
CA ASN I 331 -37.92 7.47 24.18
C ASN I 331 -38.28 8.91 23.89
N SER I 332 -39.57 9.21 23.65
CA SER I 332 -39.99 10.56 23.34
C SER I 332 -40.45 11.34 24.57
N ILE I 333 -40.83 10.66 25.64
CA ILE I 333 -41.32 11.32 26.84
C ILE I 333 -40.17 11.53 27.82
N ASP I 334 -40.38 12.42 28.78
CA ASP I 334 -39.35 12.70 29.77
C ASP I 334 -39.05 11.43 30.57
N PRO I 335 -37.77 11.08 30.74
CA PRO I 335 -37.46 9.84 31.48
C PRO I 335 -37.99 9.83 32.89
N ALA I 336 -38.07 10.99 33.55
CA ALA I 336 -38.57 11.03 34.92
C ALA I 336 -40.02 10.55 35.00
N LEU I 337 -40.76 10.56 33.88
CA LEU I 337 -42.11 10.04 33.86
C LEU I 337 -42.12 8.53 33.95
N ARG I 338 -41.07 7.90 33.45
CA ARG I 338 -41.00 6.46 33.37
C ARG I 338 -40.52 5.85 34.67
N ARG I 339 -40.33 6.65 35.73
CA ARG I 339 -39.79 6.06 36.95
C ARG I 339 -40.83 5.18 37.64
N PHE I 340 -40.39 4.56 38.73
CA PHE I 340 -41.28 3.69 39.48
C PHE I 340 -42.41 4.49 40.13
N GLY I 341 -43.61 3.93 40.05
CA GLY I 341 -44.79 4.50 40.66
C GLY I 341 -45.56 5.44 39.75
N ARG I 342 -44.91 6.02 38.75
CA ARG I 342 -45.56 6.92 37.80
C ARG I 342 -46.03 6.20 36.55
N PHE I 343 -45.08 5.65 35.78
CA PHE I 343 -45.39 4.73 34.67
C PHE I 343 -44.36 3.60 34.71
N ASP I 344 -44.67 2.56 35.46
CA ASP I 344 -43.75 1.46 35.70
C ASP I 344 -43.93 0.31 34.71
N ARG I 345 -44.89 0.41 33.80
CA ARG I 345 -45.20 -0.67 32.89
C ARG I 345 -45.66 -0.12 31.54
N GLU I 346 -45.14 -0.71 30.47
CA GLU I 346 -45.34 -0.23 29.11
C GLU I 346 -45.81 -1.37 28.21
N VAL I 347 -46.77 -1.08 27.35
CA VAL I 347 -47.29 -2.04 26.38
C VAL I 347 -47.06 -1.49 24.98
N ASP I 348 -46.37 -2.28 24.14
CA ASP I 348 -46.08 -1.90 22.76
C ASP I 348 -47.18 -2.45 21.87
N ILE I 349 -48.14 -1.60 21.51
CA ILE I 349 -49.23 -2.05 20.65
C ILE I 349 -48.69 -2.49 19.30
N GLY I 350 -47.85 -1.66 18.70
CA GLY I 350 -47.19 -2.01 17.45
C GLY I 350 -48.15 -2.23 16.29
N ILE I 351 -47.60 -2.39 15.10
CA ILE I 351 -48.40 -2.63 13.90
C ILE I 351 -49.08 -4.00 14.00
N PRO I 352 -50.27 -4.18 13.46
CA PRO I 352 -50.90 -5.50 13.47
C PRO I 352 -50.21 -6.43 12.49
N ASP I 353 -50.61 -7.69 12.53
CA ASP I 353 -50.06 -8.72 11.65
C ASP I 353 -51.03 -8.98 10.51
N ALA I 354 -50.66 -9.93 9.65
CA ALA I 354 -51.55 -10.32 8.56
C ALA I 354 -52.90 -10.76 9.11
N THR I 355 -52.90 -11.62 10.13
CA THR I 355 -54.15 -11.98 10.79
C THR I 355 -54.75 -10.79 11.51
N GLY I 356 -53.90 -9.95 12.12
CA GLY I 356 -54.41 -8.74 12.75
C GLY I 356 -55.05 -7.79 11.75
N ARG I 357 -54.40 -7.60 10.60
CA ARG I 357 -54.99 -6.76 9.55
C ARG I 357 -56.30 -7.35 9.06
N LEU I 358 -56.35 -8.68 8.88
CA LEU I 358 -57.59 -9.32 8.48
C LEU I 358 -58.70 -9.05 9.48
N GLU I 359 -58.42 -9.27 10.77
CA GLU I 359 -59.42 -9.06 11.80
C GLU I 359 -59.89 -7.61 11.81
N ILE I 360 -58.95 -6.67 11.73
CA ILE I 360 -59.32 -5.26 11.67
C ILE I 360 -60.24 -5.01 10.48
N LEU I 361 -59.99 -5.71 9.37
CA LEU I 361 -60.85 -5.57 8.21
C LEU I 361 -62.27 -6.04 8.52
N GLN I 362 -62.42 -7.17 9.21
CA GLN I 362 -63.78 -7.59 9.55
C GLN I 362 -64.45 -6.62 10.51
N ILE I 363 -63.73 -6.10 11.51
CA ILE I 363 -64.35 -5.12 12.40
C ILE I 363 -64.78 -3.88 11.64
N HIS I 364 -63.95 -3.40 10.70
CA HIS I 364 -64.30 -2.20 9.96
C HIS I 364 -65.21 -2.48 8.78
N THR I 365 -65.34 -3.72 8.34
CA THR I 365 -66.28 -4.11 7.29
C THR I 365 -67.32 -5.07 7.86
N LYS I 366 -68.38 -4.51 8.44
CA LYS I 366 -69.46 -5.35 8.96
C LYS I 366 -70.87 -4.81 8.74
N ASN I 367 -71.05 -3.54 8.39
CA ASN I 367 -72.35 -3.00 8.06
C ASN I 367 -72.46 -2.64 6.58
N MET I 368 -71.37 -2.75 5.83
CA MET I 368 -71.24 -2.26 4.47
C MET I 368 -71.74 -3.21 3.38
N LYS I 369 -72.24 -4.39 3.70
CA LYS I 369 -72.57 -5.38 2.65
C LYS I 369 -71.36 -5.72 1.78
N LEU I 370 -70.37 -6.32 2.41
CA LEU I 370 -69.14 -6.60 1.69
C LEU I 370 -69.54 -7.49 0.51
N ALA I 371 -68.90 -7.28 -0.64
CA ALA I 371 -69.37 -7.99 -1.81
C ALA I 371 -69.06 -9.48 -1.70
N ASP I 372 -69.77 -10.27 -2.51
CA ASP I 372 -69.55 -11.70 -2.47
C ASP I 372 -68.24 -12.05 -3.15
N ASP I 373 -67.81 -11.19 -4.08
CA ASP I 373 -66.57 -11.42 -4.80
C ASP I 373 -65.38 -11.39 -3.85
N VAL I 374 -65.42 -10.47 -2.88
CA VAL I 374 -64.32 -10.28 -1.94
C VAL I 374 -64.41 -11.31 -0.82
N ASP I 375 -63.25 -11.62 -0.24
CA ASP I 375 -63.17 -12.47 0.94
C ASP I 375 -62.38 -11.83 2.08
N LEU I 376 -61.73 -10.70 1.85
CA LEU I 376 -60.96 -9.94 2.83
C LEU I 376 -59.58 -10.56 3.14
N GLU I 377 -59.23 -11.71 2.57
CA GLU I 377 -57.91 -12.25 2.82
C GLU I 377 -56.85 -11.67 1.89
N GLN I 378 -57.17 -11.52 0.60
CA GLN I 378 -56.20 -10.93 -0.33
C GLN I 378 -55.89 -9.49 0.05
N VAL I 379 -56.90 -8.72 0.44
CA VAL I 379 -56.67 -7.35 0.87
C VAL I 379 -55.79 -7.32 2.10
N ALA I 380 -56.04 -8.21 3.06
CA ALA I 380 -55.23 -8.26 4.27
C ALA I 380 -53.78 -8.60 3.95
N ASN I 381 -53.56 -9.57 3.06
CA ASN I 381 -52.19 -9.91 2.68
C ASN I 381 -51.50 -8.74 1.97
N GLU I 382 -52.22 -8.05 1.10
CA GLU I 382 -51.64 -6.93 0.36
C GLU I 382 -51.54 -5.65 1.18
N THR I 383 -52.10 -5.62 2.38
CA THR I 383 -52.14 -4.43 3.21
C THR I 383 -50.92 -4.33 4.14
N HIS I 384 -49.83 -5.01 3.82
CA HIS I 384 -48.66 -4.96 4.68
C HIS I 384 -48.15 -3.53 4.82
N GLY I 385 -47.82 -3.15 6.04
CA GLY I 385 -47.33 -1.81 6.34
C GLY I 385 -48.38 -0.87 6.90
N HIS I 386 -49.64 -1.28 6.90
CA HIS I 386 -50.75 -0.46 7.37
C HIS I 386 -51.04 -0.74 8.84
N VAL I 387 -51.72 0.21 9.46
CA VAL I 387 -52.15 0.07 10.85
C VAL I 387 -53.66 -0.02 10.87
N GLY I 388 -54.25 -0.25 12.05
CA GLY I 388 -55.69 -0.39 12.13
C GLY I 388 -56.42 0.81 11.57
N ALA I 389 -55.94 2.02 11.89
CA ALA I 389 -56.55 3.22 11.35
C ALA I 389 -56.44 3.27 9.83
N ASP I 390 -55.30 2.83 9.28
CA ASP I 390 -55.16 2.78 7.84
C ASP I 390 -56.17 1.83 7.23
N LEU I 391 -56.40 0.69 7.88
CA LEU I 391 -57.38 -0.26 7.36
C LEU I 391 -58.77 0.33 7.41
N ALA I 392 -59.10 1.06 8.49
CA ALA I 392 -60.39 1.72 8.55
C ALA I 392 -60.55 2.75 7.43
N ALA I 393 -59.49 3.51 7.16
CA ALA I 393 -59.54 4.49 6.08
C ALA I 393 -59.71 3.80 4.73
N LEU I 394 -59.03 2.67 4.54
CA LEU I 394 -59.18 1.91 3.30
C LEU I 394 -60.61 1.40 3.14
N CYS I 395 -61.19 0.89 4.22
CA CYS I 395 -62.57 0.41 4.14
C CYS I 395 -63.53 1.55 3.83
N SER I 396 -63.32 2.71 4.46
CA SER I 396 -64.17 3.86 4.18
C SER I 396 -64.02 4.32 2.74
N GLU I 397 -62.79 4.29 2.21
CA GLU I 397 -62.58 4.67 0.82
C GLU I 397 -63.25 3.70 -0.13
N ALA I 398 -63.17 2.40 0.16
CA ALA I 398 -63.86 1.41 -0.66
C ALA I 398 -65.37 1.63 -0.62
N ALA I 399 -65.93 1.89 0.56
CA ALA I 399 -67.35 2.15 0.66
C ALA I 399 -67.75 3.38 -0.14
N LEU I 400 -66.94 4.45 -0.06
CA LEU I 400 -67.25 5.66 -0.81
C LEU I 400 -67.15 5.43 -2.32
N GLN I 401 -66.17 4.64 -2.75
CA GLN I 401 -66.05 4.32 -4.17
C GLN I 401 -67.25 3.51 -4.65
N ALA I 402 -67.71 2.56 -3.84
CA ALA I 402 -68.90 1.80 -4.20
C ALA I 402 -70.12 2.70 -4.28
N ILE I 403 -70.25 3.63 -3.34
CA ILE I 403 -71.38 4.56 -3.34
C ILE I 403 -71.32 5.47 -4.57
N ARG I 404 -70.10 5.85 -4.98
CA ARG I 404 -69.96 6.70 -6.16
C ARG I 404 -70.31 5.97 -7.45
N LYS I 405 -69.80 4.74 -7.63
CA LYS I 405 -70.08 4.03 -8.89
C LYS I 405 -71.58 3.81 -9.07
N LYS I 406 -72.21 3.08 -8.17
CA LYS I 406 -73.65 2.89 -8.20
C LYS I 406 -74.29 4.01 -7.39
N MET I 407 -75.58 3.88 -7.10
CA MET I 407 -76.22 4.85 -6.22
C MET I 407 -76.06 6.25 -6.80
N ASP I 408 -75.03 6.98 -6.35
CA ASP I 408 -74.91 8.39 -6.70
C ASP I 408 -74.86 8.64 -8.19
N LEU I 409 -74.64 7.61 -9.02
CA LEU I 409 -74.73 7.79 -10.45
C LEU I 409 -76.11 8.29 -10.86
N ILE I 410 -77.16 7.72 -10.30
CA ILE I 410 -78.51 8.18 -10.59
C ILE I 410 -78.72 9.59 -10.06
N ASP I 411 -78.14 9.90 -8.90
CA ASP I 411 -78.24 11.20 -8.25
C ASP I 411 -79.56 11.39 -7.51
N LEU I 412 -80.31 10.31 -7.27
CA LEU I 412 -81.55 10.38 -6.50
C LEU I 412 -81.19 10.42 -5.02
N GLU I 413 -80.90 11.63 -4.54
CA GLU I 413 -80.42 11.85 -3.18
C GLU I 413 -81.34 12.84 -2.47
N ASP I 414 -81.63 12.55 -1.20
CA ASP I 414 -82.41 13.46 -0.36
C ASP I 414 -81.72 13.63 0.99
N GLU I 415 -82.41 14.26 1.95
CA GLU I 415 -81.81 14.49 3.26
C GLU I 415 -81.35 13.18 3.89
N THR I 416 -82.11 12.09 3.68
CA THR I 416 -81.71 10.77 4.17
C THR I 416 -82.20 9.75 3.15
N ILE I 417 -81.29 9.29 2.29
CA ILE I 417 -81.69 8.34 1.26
C ILE I 417 -82.20 7.04 1.90
N ASP I 418 -83.07 6.35 1.18
CA ASP I 418 -83.65 5.12 1.69
C ASP I 418 -82.55 4.08 1.92
N ALA I 419 -82.62 3.39 3.07
CA ALA I 419 -81.57 2.44 3.42
C ALA I 419 -81.51 1.29 2.44
N GLU I 420 -82.66 0.73 2.05
CA GLU I 420 -82.62 -0.57 1.40
C GLU I 420 -81.87 -0.48 0.07
N VAL I 421 -81.95 0.66 -0.60
CA VAL I 421 -81.21 0.82 -1.87
C VAL I 421 -79.71 0.70 -1.60
N MET I 422 -79.25 1.30 -0.50
CA MET I 422 -77.85 1.15 -0.12
C MET I 422 -77.55 -0.30 0.22
N ASN I 423 -78.51 -0.99 0.83
CA ASN I 423 -78.34 -2.43 1.03
C ASN I 423 -78.19 -3.15 -0.29
N SER I 424 -78.80 -2.63 -1.35
CA SER I 424 -78.69 -3.27 -2.67
C SER I 424 -77.26 -3.29 -3.18
N LEU I 425 -76.47 -2.28 -2.84
CA LEU I 425 -75.10 -2.18 -3.33
C LEU I 425 -74.13 -2.88 -2.38
N ALA I 426 -73.25 -3.70 -2.95
CA ALA I 426 -72.22 -4.42 -2.19
C ALA I 426 -70.86 -3.94 -2.65
N VAL I 427 -69.97 -3.69 -1.69
CA VAL I 427 -68.63 -3.19 -2.01
C VAL I 427 -67.87 -4.31 -2.70
N THR I 428 -67.67 -4.17 -4.01
CA THR I 428 -67.03 -5.19 -4.84
C THR I 428 -65.51 -5.16 -4.68
N MET I 429 -64.89 -6.28 -5.07
CA MET I 429 -63.44 -6.42 -4.94
C MET I 429 -62.70 -5.39 -5.77
N ASP I 430 -63.29 -4.93 -6.87
CA ASP I 430 -62.66 -3.86 -7.63
C ASP I 430 -62.50 -2.61 -6.78
N ASP I 431 -63.50 -2.33 -5.93
CA ASP I 431 -63.39 -1.20 -5.01
C ASP I 431 -62.22 -1.37 -4.06
N PHE I 432 -62.04 -2.59 -3.54
CA PHE I 432 -60.93 -2.82 -2.62
C PHE I 432 -59.59 -2.72 -3.33
N ARG I 433 -59.52 -3.20 -4.58
CA ARG I 433 -58.30 -3.05 -5.36
C ARG I 433 -57.97 -1.58 -5.54
N TRP I 434 -58.96 -0.77 -5.90
CA TRP I 434 -58.73 0.66 -6.06
C TRP I 434 -58.29 1.30 -4.74
N ALA I 435 -58.92 0.91 -3.64
CA ALA I 435 -58.54 1.46 -2.34
C ALA I 435 -57.09 1.10 -2.01
N LEU I 436 -56.70 -0.15 -2.28
CA LEU I 436 -55.32 -0.54 -2.05
C LEU I 436 -54.38 0.26 -2.93
N SER I 437 -54.82 0.58 -4.14
CA SER I 437 -54.04 1.42 -5.03
C SER I 437 -53.95 2.85 -4.50
N GLN I 438 -54.86 3.23 -3.61
CA GLN I 438 -54.90 4.57 -3.04
C GLN I 438 -54.75 4.53 -1.52
N SER I 439 -53.89 3.62 -1.02
CA SER I 439 -53.73 3.44 0.42
C SER I 439 -52.59 4.29 0.97
N ASN I 440 -51.38 4.09 0.45
CA ASN I 440 -50.22 4.90 0.79
C ASN I 440 -49.88 4.91 2.28
N PRO I 441 -49.37 3.81 2.85
CA PRO I 441 -48.88 3.88 4.24
C PRO I 441 -47.69 4.82 4.34
N SER I 442 -47.64 5.61 5.42
CA SER I 442 -48.37 5.39 6.68
C SER I 442 -47.98 4.11 7.44
N ALA I 443 -46.77 4.12 8.00
CA ALA I 443 -46.27 3.07 8.89
C ALA I 443 -45.64 1.87 8.19
N LEU I 444 -45.35 1.99 6.89
CA LEU I 444 -44.63 0.93 6.20
C LEU I 444 -43.20 0.78 6.73
N ARG I 445 -42.64 1.83 7.32
CA ARG I 445 -41.25 1.81 7.79
C ARG I 445 -41.08 0.95 9.05
N GLU I 446 -42.07 0.95 9.93
CA GLU I 446 -41.91 0.31 11.24
C GLU I 446 -41.56 -1.17 11.10
N THR I 447 -40.68 -1.64 11.99
CA THR I 447 -40.29 -3.03 12.01
C THR I 447 -41.48 -3.91 12.33
N VAL I 448 -41.54 -5.10 11.73
CA VAL I 448 -42.67 -6.00 11.91
C VAL I 448 -42.23 -7.20 12.73
N VAL I 449 -42.94 -7.44 13.82
CA VAL I 449 -42.77 -8.58 14.73
C VAL I 449 -43.97 -9.50 14.53
N GLU I 450 -43.80 -10.62 13.82
CA GLU I 450 -44.94 -11.47 13.54
C GLU I 450 -44.63 -12.92 13.83
N VAL I 451 -45.67 -13.68 14.19
CA VAL I 451 -45.54 -15.11 14.33
C VAL I 451 -45.46 -15.65 12.92
N PRO I 452 -44.33 -16.14 12.43
CA PRO I 452 -44.25 -16.56 11.03
C PRO I 452 -45.26 -17.64 10.71
N GLN I 453 -45.87 -17.54 9.53
CA GLN I 453 -46.89 -18.50 9.10
C GLN I 453 -46.32 -19.68 8.32
N VAL I 454 -45.01 -19.73 8.10
CA VAL I 454 -44.40 -20.85 7.40
C VAL I 454 -44.27 -22.01 8.37
N THR I 455 -44.51 -23.21 7.87
CA THR I 455 -44.45 -24.42 8.67
C THR I 455 -43.39 -25.35 8.11
N TRP I 456 -43.17 -26.46 8.82
CA TRP I 456 -42.17 -27.43 8.38
C TRP I 456 -42.50 -28.00 7.01
N GLU I 457 -43.78 -28.00 6.63
CA GLU I 457 -44.13 -28.48 5.31
C GLU I 457 -43.48 -27.63 4.23
N ASP I 458 -43.46 -26.31 4.42
CA ASP I 458 -42.85 -25.42 3.45
C ASP I 458 -41.38 -25.74 3.23
N ILE I 459 -40.70 -26.25 4.24
CA ILE I 459 -39.28 -26.59 4.14
C ILE I 459 -39.16 -28.09 3.89
N GLY I 460 -38.58 -28.44 2.76
CA GLY I 460 -38.44 -29.84 2.40
C GLY I 460 -37.24 -30.50 3.09
N GLY I 461 -37.46 -31.73 3.53
CA GLY I 461 -36.37 -32.49 4.14
C GLY I 461 -35.80 -31.78 5.35
N LEU I 462 -34.47 -31.72 5.42
CA LEU I 462 -33.77 -31.11 6.55
C LEU I 462 -34.21 -31.73 7.87
N GLU I 463 -34.35 -33.07 7.87
CA GLU I 463 -34.84 -33.75 9.06
C GLU I 463 -33.88 -33.59 10.23
N ASP I 464 -32.58 -33.75 10.00
CA ASP I 464 -31.61 -33.59 11.09
C ASP I 464 -31.59 -32.15 11.59
N VAL I 465 -31.57 -31.19 10.67
CA VAL I 465 -31.57 -29.79 11.06
C VAL I 465 -32.88 -29.43 11.76
N LYS I 466 -33.99 -29.95 11.25
CA LYS I 466 -35.27 -29.69 11.88
C LYS I 466 -35.29 -30.24 13.30
N ARG I 467 -34.76 -31.44 13.50
CA ARG I 467 -34.72 -32.05 14.84
C ARG I 467 -33.88 -31.24 15.82
N GLU I 468 -32.69 -30.80 15.40
CA GLU I 468 -31.86 -30.01 16.32
C GLU I 468 -32.51 -28.67 16.61
N LEU I 469 -33.12 -28.04 15.61
CA LEU I 469 -33.77 -26.77 15.91
C LEU I 469 -34.89 -27.01 16.91
N GLN I 470 -35.65 -28.09 16.74
CA GLN I 470 -36.68 -28.43 17.72
C GLN I 470 -36.06 -28.62 19.10
N GLU I 471 -34.98 -29.38 19.18
CA GLU I 471 -34.31 -29.57 20.46
C GLU I 471 -34.01 -28.22 21.10
N LEU I 472 -33.14 -27.45 20.45
CA LEU I 472 -32.62 -26.22 21.04
C LEU I 472 -33.73 -25.26 21.44
N VAL I 473 -34.72 -25.06 20.58
CA VAL I 473 -35.72 -24.04 20.87
C VAL I 473 -36.86 -24.63 21.71
N GLN I 474 -37.51 -25.68 21.21
CA GLN I 474 -38.72 -26.17 21.83
C GLN I 474 -38.45 -26.88 23.16
N TYR I 475 -37.40 -27.70 23.25
CA TYR I 475 -37.21 -28.47 24.47
C TYR I 475 -37.06 -27.61 25.71
N PRO I 476 -36.27 -26.53 25.71
CA PRO I 476 -36.19 -25.71 26.93
C PRO I 476 -37.51 -25.14 27.38
N VAL I 477 -38.33 -24.67 26.44
CA VAL I 477 -39.63 -24.09 26.79
C VAL I 477 -40.61 -25.16 27.22
N GLU I 478 -40.66 -26.29 26.49
CA GLU I 478 -41.64 -27.32 26.81
C GLU I 478 -41.34 -28.01 28.15
N HIS I 479 -40.07 -28.27 28.44
CA HIS I 479 -39.67 -29.00 29.65
C HIS I 479 -38.59 -28.24 30.40
N PRO I 480 -38.90 -27.07 30.95
CA PRO I 480 -37.90 -26.35 31.74
C PRO I 480 -37.46 -27.12 32.97
N ASP I 481 -38.38 -27.86 33.60
CA ASP I 481 -38.04 -28.58 34.82
C ASP I 481 -36.94 -29.59 34.56
N LYS I 482 -37.01 -30.31 33.43
CA LYS I 482 -36.01 -31.32 33.14
C LYS I 482 -34.64 -30.70 32.84
N PHE I 483 -34.62 -29.52 32.22
CA PHE I 483 -33.37 -28.81 32.02
C PHE I 483 -32.80 -28.34 33.35
N LEU I 484 -33.67 -27.95 34.27
CA LEU I 484 -33.23 -27.56 35.61
C LEU I 484 -32.69 -28.74 36.40
N LYS I 485 -33.27 -29.92 36.20
CA LYS I 485 -32.86 -31.10 36.95
C LYS I 485 -31.40 -31.48 36.68
N PHE I 486 -30.97 -31.42 35.42
CA PHE I 486 -29.62 -31.83 35.06
C PHE I 486 -28.59 -30.73 35.20
N GLY I 487 -28.99 -29.55 35.67
CA GLY I 487 -28.06 -28.46 35.86
C GLY I 487 -27.41 -27.96 34.60
N MET I 488 -28.13 -27.96 33.49
CA MET I 488 -27.62 -27.48 32.21
C MET I 488 -28.43 -26.26 31.78
N THR I 489 -27.74 -25.19 31.40
CA THR I 489 -28.42 -24.00 30.92
C THR I 489 -28.48 -24.03 29.40
N PRO I 490 -29.66 -24.08 28.80
CA PRO I 490 -29.76 -24.11 27.35
C PRO I 490 -29.07 -22.93 26.69
N SER I 491 -28.31 -23.21 25.63
CA SER I 491 -27.67 -22.16 24.87
C SER I 491 -28.71 -21.34 24.15
N LYS I 492 -28.44 -20.04 24.02
CA LYS I 492 -29.35 -19.12 23.34
C LYS I 492 -28.60 -18.46 22.19
N GLY I 493 -28.51 -19.18 21.08
CA GLY I 493 -27.83 -18.68 19.89
C GLY I 493 -27.54 -19.78 18.89
N VAL I 494 -28.00 -19.62 17.66
CA VAL I 494 -27.75 -20.57 16.59
C VAL I 494 -27.15 -19.82 15.42
N LEU I 495 -26.37 -20.51 14.60
CA LEU I 495 -25.77 -19.89 13.42
C LEU I 495 -25.90 -20.85 12.24
N PHE I 496 -26.80 -20.54 11.32
CA PHE I 496 -26.94 -21.30 10.09
C PHE I 496 -25.90 -20.86 9.08
N TYR I 497 -25.15 -21.81 8.54
CA TYR I 497 -24.18 -21.54 7.49
C TYR I 497 -24.40 -22.52 6.35
N GLY I 498 -24.22 -22.04 5.12
CA GLY I 498 -24.40 -22.87 3.95
C GLY I 498 -24.45 -22.04 2.69
N PRO I 499 -24.66 -22.69 1.55
CA PRO I 499 -24.72 -21.95 0.29
C PRO I 499 -25.96 -21.07 0.24
N PRO I 500 -25.91 -19.97 -0.52
CA PRO I 500 -27.06 -19.06 -0.58
C PRO I 500 -28.28 -19.74 -1.19
N GLY I 501 -29.46 -19.33 -0.72
CA GLY I 501 -30.71 -19.82 -1.27
C GLY I 501 -31.15 -21.18 -0.81
N CYS I 502 -30.57 -21.72 0.25
CA CYS I 502 -30.94 -23.05 0.72
C CYS I 502 -32.08 -23.03 1.73
N GLY I 503 -32.61 -21.85 2.06
CA GLY I 503 -33.76 -21.75 2.94
C GLY I 503 -33.46 -21.59 4.41
N LYS I 504 -32.42 -20.82 4.74
CA LYS I 504 -32.12 -20.57 6.15
C LYS I 504 -33.15 -19.64 6.78
N THR I 505 -33.55 -18.60 6.06
CA THR I 505 -34.58 -17.70 6.59
C THR I 505 -35.89 -18.44 6.81
N LEU I 506 -36.29 -19.28 5.85
CA LEU I 506 -37.50 -20.05 6.02
C LEU I 506 -37.38 -21.03 7.17
N LEU I 507 -36.20 -21.62 7.36
CA LEU I 507 -36.02 -22.54 8.48
C LEU I 507 -36.18 -21.81 9.81
N ALA I 508 -35.61 -20.61 9.92
CA ALA I 508 -35.77 -19.83 11.15
C ALA I 508 -37.22 -19.47 11.37
N LYS I 509 -37.91 -19.07 10.29
CA LYS I 509 -39.33 -18.72 10.42
C LYS I 509 -40.14 -19.93 10.86
N ALA I 510 -39.82 -21.11 10.31
CA ALA I 510 -40.55 -22.31 10.68
C ALA I 510 -40.33 -22.66 12.14
N ILE I 511 -39.09 -22.54 12.63
CA ILE I 511 -38.82 -22.85 14.03
C ILE I 511 -39.56 -21.86 14.92
N ALA I 512 -39.62 -20.59 14.51
CA ALA I 512 -40.39 -19.61 15.28
C ALA I 512 -41.88 -19.95 15.27
N ASN I 513 -42.39 -20.40 14.12
CA ASN I 513 -43.81 -20.73 14.00
C ASN I 513 -44.19 -21.93 14.85
N GLU I 514 -43.31 -22.93 14.93
CA GLU I 514 -43.62 -24.11 15.73
C GLU I 514 -43.82 -23.73 17.19
N CYS I 515 -42.98 -22.84 17.72
CA CYS I 515 -43.11 -22.39 19.10
C CYS I 515 -44.12 -21.27 19.27
N GLN I 516 -44.74 -20.80 18.18
CA GLN I 516 -45.70 -19.69 18.24
C GLN I 516 -45.06 -18.44 18.84
N ALA I 517 -43.79 -18.23 18.51
CA ALA I 517 -43.02 -17.09 19.01
C ALA I 517 -42.86 -16.04 17.93
N ASN I 518 -42.96 -14.77 18.33
CA ASN I 518 -42.78 -13.68 17.38
C ASN I 518 -41.43 -13.81 16.70
N PHE I 519 -41.36 -13.30 15.47
CA PHE I 519 -40.15 -13.39 14.67
C PHE I 519 -39.73 -12.00 14.22
N ILE I 520 -38.48 -11.64 14.52
CA ILE I 520 -37.89 -10.37 14.11
C ILE I 520 -36.70 -10.69 13.21
N SER I 521 -36.72 -10.17 11.99
CA SER I 521 -35.68 -10.44 11.00
C SER I 521 -34.88 -9.16 10.76
N ILE I 522 -33.58 -9.22 11.01
CA ILE I 522 -32.67 -8.11 10.78
C ILE I 522 -31.83 -8.48 9.55
N LYS I 523 -32.23 -7.98 8.39
CA LYS I 523 -31.56 -8.33 7.16
C LYS I 523 -30.20 -7.62 7.08
N GLY I 524 -29.40 -8.02 6.07
CA GLY I 524 -28.11 -7.43 5.84
C GLY I 524 -28.13 -5.95 5.53
N PRO I 525 -29.09 -5.47 4.74
CA PRO I 525 -29.13 -4.02 4.48
C PRO I 525 -29.26 -3.19 5.75
N GLU I 526 -30.00 -3.67 6.75
CA GLU I 526 -30.13 -2.90 7.99
C GLU I 526 -28.79 -2.80 8.72
N LEU I 527 -28.07 -3.91 8.81
CA LEU I 527 -26.76 -3.88 9.46
C LEU I 527 -25.80 -2.98 8.69
N LEU I 528 -25.82 -3.06 7.37
CA LEU I 528 -24.96 -2.20 6.57
C LEU I 528 -25.33 -0.73 6.73
N THR I 529 -26.63 -0.44 6.87
CA THR I 529 -27.04 0.94 7.12
C THR I 529 -26.53 1.44 8.46
N MET I 530 -26.62 0.59 9.49
CA MET I 530 -26.08 0.99 10.79
C MET I 530 -24.58 1.18 10.74
N TRP I 531 -23.90 0.41 9.88
CA TRP I 531 -22.44 0.52 9.77
C TRP I 531 -22.02 1.77 9.00
N PHE I 532 -22.61 2.00 7.83
CA PHE I 532 -22.24 3.18 7.04
C PHE I 532 -22.59 4.46 7.77
N GLY I 533 -23.77 4.53 8.37
CA GLY I 533 -24.16 5.71 9.11
C GLY I 533 -23.48 5.86 10.45
N GLU I 534 -22.63 4.92 10.83
CA GLU I 534 -21.94 4.95 12.11
C GLU I 534 -22.91 5.07 13.27
N SER I 535 -24.12 4.54 13.10
CA SER I 535 -25.14 4.52 14.13
C SER I 535 -25.36 3.06 14.51
N GLU I 536 -24.50 2.55 15.40
CA GLU I 536 -24.66 1.19 15.91
C GLU I 536 -25.47 1.13 17.19
N ALA I 537 -25.89 2.28 17.73
CA ALA I 537 -26.72 2.25 18.92
C ALA I 537 -28.13 1.73 18.63
N ASN I 538 -28.53 1.66 17.36
CA ASN I 538 -29.87 1.17 17.06
C ASN I 538 -29.96 -0.33 17.30
N VAL I 539 -28.82 -1.01 17.41
CA VAL I 539 -28.85 -2.43 17.72
C VAL I 539 -29.45 -2.61 19.11
N ARG I 540 -29.13 -1.68 20.02
CA ARG I 540 -29.71 -1.76 21.34
C ARG I 540 -31.22 -1.65 21.26
N GLU I 541 -31.72 -0.74 20.41
CA GLU I 541 -33.17 -0.62 20.26
C GLU I 541 -33.74 -1.90 19.70
N ILE I 542 -33.04 -2.54 18.76
CA ILE I 542 -33.53 -3.79 18.22
C ILE I 542 -33.67 -4.81 19.33
N PHE I 543 -32.66 -4.91 20.18
CA PHE I 543 -32.73 -5.90 21.24
C PHE I 543 -33.84 -5.55 22.22
N ASP I 544 -34.07 -4.26 22.46
CA ASP I 544 -35.16 -3.90 23.34
C ASP I 544 -36.49 -4.32 22.73
N LYS I 545 -36.63 -4.17 21.42
CA LYS I 545 -37.85 -4.64 20.77
C LYS I 545 -38.00 -6.14 20.95
N ALA I 546 -36.89 -6.88 20.82
CA ALA I 546 -36.95 -8.31 21.03
C ALA I 546 -37.42 -8.61 22.44
N ARG I 547 -36.93 -7.85 23.41
CA ARG I 547 -37.35 -8.07 24.79
C ARG I 547 -38.84 -7.81 24.96
N GLN I 548 -39.33 -6.72 24.34
CA GLN I 548 -40.76 -6.40 24.47
C GLN I 548 -41.63 -7.46 23.83
N ALA I 549 -41.17 -8.10 22.76
CA ALA I 549 -41.93 -9.11 22.05
C ALA I 549 -41.68 -10.52 22.56
N ALA I 550 -40.92 -10.66 23.64
CA ALA I 550 -40.60 -11.98 24.14
C ALA I 550 -41.89 -12.68 24.58
N PRO I 551 -42.01 -14.00 24.33
CA PRO I 551 -40.93 -14.78 23.73
C PRO I 551 -40.78 -14.51 22.25
N CYS I 552 -39.54 -14.38 21.77
CA CYS I 552 -39.27 -14.01 20.40
C CYS I 552 -38.03 -14.73 19.90
N VAL I 553 -37.89 -14.77 18.58
CA VAL I 553 -36.73 -15.37 17.92
C VAL I 553 -36.10 -14.28 17.06
N LEU I 554 -35.03 -13.67 17.57
CA LEU I 554 -34.32 -12.61 16.85
C LEU I 554 -33.37 -13.23 15.86
N PHE I 555 -33.67 -13.12 14.57
CA PHE I 555 -32.88 -13.71 13.50
C PHE I 555 -32.10 -12.63 12.78
N PHE I 556 -30.78 -12.83 12.67
CA PHE I 556 -29.90 -11.90 11.98
C PHE I 556 -29.50 -12.55 10.66
N ASP I 557 -30.35 -12.35 9.64
CA ASP I 557 -30.08 -12.95 8.34
C ASP I 557 -28.84 -12.35 7.70
N GLU I 558 -28.05 -13.19 7.05
CA GLU I 558 -26.85 -12.73 6.33
C GLU I 558 -26.03 -11.74 7.17
N LEU I 559 -25.62 -12.25 8.33
CA LEU I 559 -24.82 -11.50 9.29
C LEU I 559 -23.44 -11.13 8.78
N ASP I 560 -22.96 -11.74 7.70
CA ASP I 560 -21.61 -11.47 7.22
C ASP I 560 -21.53 -10.28 6.27
N SER I 561 -22.62 -9.52 6.10
CA SER I 561 -22.62 -8.42 5.14
C SER I 561 -21.56 -7.38 5.48
N ILE I 562 -21.42 -7.03 6.76
CA ILE I 562 -20.45 -6.01 7.16
C ILE I 562 -19.03 -6.48 6.89
N ALA I 563 -18.73 -7.75 7.13
CA ALA I 563 -17.40 -8.26 6.84
C ALA I 563 -17.09 -8.17 5.35
N LYS I 564 -18.07 -8.50 4.51
CA LYS I 564 -17.87 -8.38 3.06
C LYS I 564 -17.65 -6.94 2.66
N ALA I 565 -18.42 -6.02 3.26
CA ALA I 565 -18.30 -4.60 2.93
C ALA I 565 -16.90 -4.06 3.21
N ARG I 566 -16.22 -4.60 4.22
CA ARG I 566 -14.87 -4.13 4.55
C ARG I 566 -13.78 -4.78 3.71
N GLY I 567 -14.14 -5.49 2.63
CA GLY I 567 -13.14 -6.12 1.80
C GLY I 567 -13.37 -7.58 1.50
N GLY I 568 -14.46 -8.14 2.03
CA GLY I 568 -14.76 -9.54 1.79
C GLY I 568 -14.00 -10.48 2.70
N ASN I 569 -13.02 -11.19 2.13
CA ASN I 569 -12.16 -12.07 2.91
C ASN I 569 -10.83 -11.43 3.27
N ILE I 570 -10.16 -10.80 2.29
CA ILE I 570 -8.91 -10.11 2.60
C ILE I 570 -9.17 -8.98 3.60
N GLY I 571 -10.30 -8.29 3.44
CA GLY I 571 -10.67 -7.22 4.34
C GLY I 571 -9.74 -6.02 4.28
N ASP I 572 -9.82 -5.21 5.33
CA ASP I 572 -9.00 -4.02 5.50
C ASP I 572 -7.78 -4.40 6.35
N GLY I 573 -7.01 -3.40 6.78
CA GLY I 573 -5.88 -3.69 7.63
C GLY I 573 -6.27 -4.16 9.02
N GLY I 574 -7.48 -3.83 9.46
CA GLY I 574 -7.95 -4.23 10.77
C GLY I 574 -8.36 -5.68 10.81
N GLY I 575 -8.88 -6.09 11.97
CA GLY I 575 -9.32 -7.45 12.18
C GLY I 575 -10.78 -7.64 11.88
N ALA I 576 -11.33 -8.75 12.39
CA ALA I 576 -12.73 -9.08 12.16
C ALA I 576 -13.70 -8.20 12.94
N ALA I 577 -13.22 -7.45 13.94
CA ALA I 577 -14.11 -6.64 14.76
C ALA I 577 -14.65 -5.45 13.99
N ASP I 578 -15.94 -5.17 14.18
CA ASP I 578 -16.61 -4.03 13.56
C ASP I 578 -17.63 -3.48 14.54
N ARG I 579 -18.08 -2.26 14.28
CA ARG I 579 -18.96 -1.56 15.22
C ARG I 579 -20.27 -2.32 15.44
N VAL I 580 -20.95 -2.68 14.34
CA VAL I 580 -22.26 -3.30 14.47
C VAL I 580 -22.17 -4.66 15.14
N ILE I 581 -21.21 -5.48 14.72
CA ILE I 581 -21.06 -6.79 15.33
C ILE I 581 -20.64 -6.65 16.78
N ASN I 582 -19.81 -5.65 17.09
CA ASN I 582 -19.45 -5.43 18.49
C ASN I 582 -20.66 -5.07 19.34
N GLN I 583 -21.55 -4.22 18.82
CA GLN I 583 -22.75 -3.89 19.57
C GLN I 583 -23.63 -5.13 19.73
N ILE I 584 -23.70 -5.96 18.69
CA ILE I 584 -24.48 -7.19 18.78
C ILE I 584 -23.91 -8.11 19.86
N LEU I 585 -22.58 -8.24 19.92
CA LEU I 585 -21.94 -9.05 20.94
C LEU I 585 -22.22 -8.52 22.34
N THR I 586 -22.13 -7.20 22.52
CA THR I 586 -22.41 -6.63 23.83
C THR I 586 -23.85 -6.93 24.25
N GLU I 587 -24.79 -6.74 23.33
CA GLU I 587 -26.19 -6.96 23.64
C GLU I 587 -26.45 -8.44 23.92
N MET I 588 -25.82 -9.33 23.15
CA MET I 588 -26.00 -10.76 23.35
C MET I 588 -25.45 -11.19 24.71
N ASP I 589 -24.31 -10.64 25.11
CA ASP I 589 -23.79 -10.95 26.43
C ASP I 589 -24.73 -10.45 27.51
N GLY I 590 -25.23 -9.23 27.37
CA GLY I 590 -26.22 -8.75 28.33
C GLY I 590 -27.59 -9.37 28.16
N MET I 591 -27.87 -9.94 26.99
CA MET I 591 -29.18 -10.56 26.72
C MET I 591 -29.17 -12.04 27.12
N SER I 592 -28.94 -12.29 28.40
CA SER I 592 -28.91 -13.66 28.91
C SER I 592 -30.02 -13.96 29.89
N THR I 593 -30.44 -12.98 30.68
CA THR I 593 -31.50 -13.20 31.66
C THR I 593 -32.87 -13.34 31.01
N LYS I 594 -33.06 -12.82 29.80
CA LYS I 594 -34.40 -12.76 29.23
C LYS I 594 -34.98 -14.15 29.02
N LYS I 595 -34.17 -15.09 28.54
CA LYS I 595 -34.59 -16.47 28.32
C LYS I 595 -35.58 -16.60 27.15
N ASN I 596 -36.53 -15.69 27.05
CA ASN I 596 -37.49 -15.76 25.96
C ASN I 596 -36.84 -15.54 24.60
N VAL I 597 -36.04 -14.47 24.46
CA VAL I 597 -35.49 -14.14 23.17
C VAL I 597 -34.48 -15.21 22.75
N PHE I 598 -34.56 -15.64 21.50
CA PHE I 598 -33.65 -16.63 20.94
C PHE I 598 -33.00 -16.04 19.70
N ILE I 599 -31.68 -16.03 19.66
CA ILE I 599 -30.94 -15.37 18.60
C ILE I 599 -30.49 -16.43 17.59
N ILE I 600 -30.87 -16.23 16.33
CA ILE I 600 -30.50 -17.10 15.23
C ILE I 600 -29.75 -16.27 14.20
N GLY I 601 -28.59 -16.76 13.76
CA GLY I 601 -27.80 -16.07 12.77
C GLY I 601 -27.64 -16.91 11.51
N ALA I 602 -27.57 -16.22 10.38
CA ALA I 602 -27.39 -16.84 9.08
C ALA I 602 -26.24 -16.15 8.35
N THR I 603 -25.38 -16.93 7.71
CA THR I 603 -24.23 -16.38 7.02
C THR I 603 -23.81 -17.33 5.91
N ASN I 604 -23.64 -16.79 4.70
CA ASN I 604 -23.15 -17.55 3.57
C ASN I 604 -21.63 -17.58 3.48
N ARG I 605 -20.93 -16.84 4.34
CA ARG I 605 -19.48 -16.81 4.36
C ARG I 605 -19.00 -17.01 5.79
N PRO I 606 -19.09 -18.25 6.30
CA PRO I 606 -18.67 -18.50 7.68
C PRO I 606 -17.20 -18.20 7.93
N ASP I 607 -16.36 -18.29 6.90
CA ASP I 607 -14.93 -18.08 7.08
C ASP I 607 -14.63 -16.66 7.55
N ILE I 608 -15.32 -15.65 7.00
CA ILE I 608 -15.05 -14.27 7.35
C ILE I 608 -15.82 -13.80 8.58
N ILE I 609 -16.69 -14.64 9.14
CA ILE I 609 -17.43 -14.25 10.33
C ILE I 609 -16.46 -14.02 11.50
N ASP I 610 -16.81 -13.07 12.35
CA ASP I 610 -15.97 -12.76 13.50
C ASP I 610 -15.92 -13.97 14.44
N PRO I 611 -14.74 -14.43 14.84
CA PRO I 611 -14.69 -15.59 15.75
C PRO I 611 -15.38 -15.33 17.07
N ALA I 612 -15.38 -14.10 17.56
CA ALA I 612 -16.04 -13.81 18.83
C ALA I 612 -17.52 -14.12 18.79
N ILE I 613 -18.11 -14.17 17.59
CA ILE I 613 -19.52 -14.52 17.47
C ILE I 613 -19.79 -15.92 17.99
N LEU I 614 -18.81 -16.81 17.89
CA LEU I 614 -18.99 -18.23 18.19
C LEU I 614 -18.61 -18.59 19.62
N ARG I 615 -18.16 -17.64 20.43
CA ARG I 615 -17.76 -17.94 21.79
C ARG I 615 -18.98 -18.30 22.63
N PRO I 616 -18.77 -19.03 23.73
CA PRO I 616 -19.92 -19.43 24.57
C PRO I 616 -20.68 -18.22 25.08
N GLY I 617 -22.00 -18.38 25.19
CA GLY I 617 -22.89 -17.27 25.45
C GLY I 617 -23.30 -16.54 24.19
N ARG I 618 -22.74 -16.90 23.06
CA ARG I 618 -23.01 -16.37 21.73
C ARG I 618 -23.57 -17.50 20.87
N LEU I 619 -23.59 -17.28 19.56
CA LEU I 619 -24.15 -18.28 18.67
C LEU I 619 -23.23 -19.49 18.60
N ASP I 620 -23.24 -20.28 19.66
CA ASP I 620 -22.36 -21.45 19.75
C ASP I 620 -22.75 -22.53 18.76
N GLN I 621 -24.04 -22.84 18.66
CA GLN I 621 -24.51 -23.97 17.86
C GLN I 621 -24.46 -23.61 16.38
N LEU I 622 -23.43 -24.10 15.69
CA LEU I 622 -23.31 -23.93 14.25
C LEU I 622 -24.05 -25.06 13.55
N ILE I 623 -24.91 -24.71 12.60
CA ILE I 623 -25.70 -25.68 11.86
C ILE I 623 -25.42 -25.48 10.37
N TYR I 624 -25.08 -26.56 9.68
CA TYR I 624 -24.78 -26.50 8.26
C TYR I 624 -26.05 -26.78 7.47
N ILE I 625 -26.49 -25.80 6.69
CA ILE I 625 -27.67 -25.95 5.83
C ILE I 625 -27.20 -26.32 4.43
N PRO I 626 -27.14 -27.60 4.08
CA PRO I 626 -26.61 -28.00 2.79
C PRO I 626 -27.66 -27.92 1.68
N LEU I 627 -27.21 -28.14 0.46
CA LEU I 627 -28.11 -28.12 -0.68
C LEU I 627 -29.18 -29.19 -0.53
N PRO I 628 -30.41 -28.91 -0.94
CA PRO I 628 -31.49 -29.89 -0.73
C PRO I 628 -31.22 -31.19 -1.47
N ASP I 629 -31.64 -32.29 -0.85
CA ASP I 629 -31.49 -33.61 -1.45
C ASP I 629 -32.61 -33.83 -2.46
N GLU I 630 -32.70 -35.05 -3.00
CA GLU I 630 -33.75 -35.35 -3.97
C GLU I 630 -35.13 -35.19 -3.35
N LYS I 631 -35.33 -35.74 -2.15
CA LYS I 631 -36.61 -35.58 -1.46
C LYS I 631 -36.83 -34.11 -1.08
N SER I 632 -35.78 -33.44 -0.61
CA SER I 632 -35.90 -32.02 -0.29
C SER I 632 -36.23 -31.21 -1.55
N ARG I 633 -35.60 -31.55 -2.67
CA ARG I 633 -35.90 -30.85 -3.91
C ARG I 633 -37.36 -31.07 -4.32
N VAL I 634 -37.85 -32.30 -4.18
CA VAL I 634 -39.24 -32.57 -4.51
C VAL I 634 -40.16 -31.76 -3.62
N ALA I 635 -39.87 -31.70 -2.33
CA ALA I 635 -40.70 -30.94 -1.40
C ALA I 635 -40.68 -29.45 -1.75
N ILE I 636 -39.50 -28.92 -2.09
CA ILE I 636 -39.40 -27.51 -2.46
C ILE I 636 -40.21 -27.23 -3.71
N LEU I 637 -40.11 -28.10 -4.70
CA LEU I 637 -40.87 -27.89 -5.93
C LEU I 637 -42.37 -27.94 -5.65
N LYS I 638 -42.81 -28.88 -4.82
CA LYS I 638 -44.23 -28.96 -4.49
C LYS I 638 -44.69 -27.70 -3.77
N ALA I 639 -43.90 -27.22 -2.81
CA ALA I 639 -44.27 -26.02 -2.06
C ALA I 639 -44.35 -24.80 -2.97
N ASN I 640 -43.40 -24.65 -3.89
CA ASN I 640 -43.42 -23.50 -4.79
C ASN I 640 -44.64 -23.53 -5.71
N LEU I 641 -45.02 -24.71 -6.18
CA LEU I 641 -46.09 -24.84 -7.16
C LEU I 641 -47.46 -25.09 -6.54
N ARG I 642 -47.58 -25.00 -5.21
CA ARG I 642 -48.87 -25.27 -4.59
C ARG I 642 -49.92 -24.26 -5.05
N LYS I 643 -49.57 -22.96 -5.03
CA LYS I 643 -50.53 -21.96 -5.47
C LYS I 643 -50.82 -22.08 -6.96
N SER I 644 -49.80 -22.30 -7.78
CA SER I 644 -50.01 -22.34 -9.22
C SER I 644 -50.77 -23.61 -9.61
N PRO I 645 -51.67 -23.53 -10.59
CA PRO I 645 -52.38 -24.74 -11.06
C PRO I 645 -51.49 -25.58 -11.97
N VAL I 646 -51.04 -26.72 -11.46
CA VAL I 646 -50.13 -27.61 -12.19
C VAL I 646 -50.89 -28.87 -12.56
N ALA I 647 -50.82 -29.25 -13.84
CA ALA I 647 -51.48 -30.46 -14.30
C ALA I 647 -50.87 -31.71 -13.67
N LYS I 648 -51.72 -32.70 -13.37
CA LYS I 648 -51.23 -33.93 -12.76
C LYS I 648 -50.32 -34.72 -13.69
N ASP I 649 -50.39 -34.48 -14.99
CA ASP I 649 -49.56 -35.23 -15.92
C ASP I 649 -48.08 -34.95 -15.73
N VAL I 650 -47.71 -33.75 -15.28
CA VAL I 650 -46.29 -33.40 -15.14
C VAL I 650 -45.73 -34.15 -13.94
N ASP I 651 -44.71 -34.98 -14.17
CA ASP I 651 -44.06 -35.74 -13.11
C ASP I 651 -43.03 -34.86 -12.41
N LEU I 652 -43.44 -34.29 -11.27
CA LEU I 652 -42.57 -33.37 -10.56
C LEU I 652 -41.35 -34.07 -9.96
N GLU I 653 -41.49 -35.35 -9.60
CA GLU I 653 -40.35 -36.09 -9.05
C GLU I 653 -39.23 -36.23 -10.06
N PHE I 654 -39.58 -36.44 -11.34
CA PHE I 654 -38.55 -36.51 -12.36
C PHE I 654 -37.80 -35.19 -12.46
N LEU I 655 -38.52 -34.07 -12.40
CA LEU I 655 -37.87 -32.77 -12.45
C LEU I 655 -36.96 -32.57 -11.25
N ALA I 656 -37.42 -32.97 -10.07
CA ALA I 656 -36.60 -32.81 -8.87
C ALA I 656 -35.33 -33.64 -8.96
N LYS I 657 -35.45 -34.88 -9.43
CA LYS I 657 -34.28 -35.76 -9.50
C LYS I 657 -33.30 -35.33 -10.60
N MET I 658 -33.82 -34.78 -11.71
CA MET I 658 -32.94 -34.30 -12.76
C MET I 658 -32.12 -33.09 -12.31
N THR I 659 -32.65 -32.30 -11.38
CA THR I 659 -31.94 -31.14 -10.83
C THR I 659 -30.91 -31.67 -9.86
N ASN I 660 -29.70 -31.90 -10.39
CA ASN I 660 -28.64 -32.57 -9.63
C ASN I 660 -28.28 -31.79 -8.38
N GLY I 661 -27.84 -30.55 -8.54
CA GLY I 661 -27.41 -29.78 -7.39
C GLY I 661 -27.99 -28.37 -7.33
N PHE I 662 -29.22 -28.21 -7.82
CA PHE I 662 -29.86 -26.91 -7.76
C PHE I 662 -30.22 -26.56 -6.32
N SER I 663 -30.03 -25.29 -5.97
CA SER I 663 -30.44 -24.79 -4.67
C SER I 663 -31.93 -24.49 -4.67
N GLY I 664 -32.47 -24.19 -3.49
CA GLY I 664 -33.87 -23.84 -3.42
C GLY I 664 -34.20 -22.63 -4.26
N ALA I 665 -33.28 -21.65 -4.31
CA ALA I 665 -33.49 -20.47 -5.13
C ALA I 665 -33.59 -20.84 -6.60
N ASP I 666 -32.75 -21.77 -7.06
CA ASP I 666 -32.78 -22.17 -8.46
C ASP I 666 -34.10 -22.87 -8.80
N LEU I 667 -34.59 -23.73 -7.91
CA LEU I 667 -35.87 -24.39 -8.16
C LEU I 667 -37.01 -23.38 -8.17
N THR I 668 -36.97 -22.41 -7.26
CA THR I 668 -37.99 -21.37 -7.27
C THR I 668 -37.93 -20.57 -8.55
N GLU I 669 -36.72 -20.27 -9.03
CA GLU I 669 -36.58 -19.54 -10.29
C GLU I 669 -37.15 -20.35 -11.45
N ILE I 670 -36.89 -21.66 -11.48
CA ILE I 670 -37.44 -22.49 -12.55
C ILE I 670 -38.97 -22.48 -12.51
N CYS I 671 -39.54 -22.61 -11.30
CA CYS I 671 -40.99 -22.59 -11.19
C CYS I 671 -41.56 -21.24 -11.62
N GLN I 672 -40.90 -20.15 -11.24
CA GLN I 672 -41.37 -18.82 -11.64
C GLN I 672 -41.30 -18.65 -13.14
N ARG I 673 -40.23 -19.15 -13.76
CA ARG I 673 -40.12 -19.05 -15.21
C ARG I 673 -41.20 -19.87 -15.91
N ALA I 674 -41.51 -21.05 -15.38
CA ALA I 674 -42.59 -21.85 -15.96
C ALA I 674 -43.93 -21.13 -15.85
N CYS I 675 -44.20 -20.53 -14.68
CA CYS I 675 -45.44 -19.78 -14.51
C CYS I 675 -45.48 -18.59 -15.46
N LYS I 676 -44.35 -17.90 -15.64
CA LYS I 676 -44.31 -16.76 -16.56
C LYS I 676 -44.57 -17.21 -17.98
N LEU I 677 -44.00 -18.35 -18.38
CA LEU I 677 -44.22 -18.86 -19.73
C LEU I 677 -45.69 -19.20 -19.93
N ALA I 678 -46.31 -19.84 -18.94
CA ALA I 678 -47.73 -20.16 -19.03
C ALA I 678 -48.57 -18.90 -19.13
N ILE I 679 -48.26 -17.88 -18.33
CA ILE I 679 -49.02 -16.65 -18.35
C ILE I 679 -48.87 -15.94 -19.69
N ARG I 680 -47.65 -15.89 -20.24
CA ARG I 680 -47.45 -15.24 -21.52
C ARG I 680 -48.22 -15.96 -22.61
N GLU I 681 -48.17 -17.29 -22.61
CA GLU I 681 -48.89 -18.04 -23.64
C GLU I 681 -50.39 -17.80 -23.52
N SER I 682 -50.92 -17.82 -22.29
CA SER I 682 -52.35 -17.60 -22.10
C SER I 682 -52.76 -16.21 -22.57
N ILE I 683 -51.96 -15.19 -22.23
CA ILE I 683 -52.33 -13.84 -22.61
C ILE I 683 -52.26 -13.66 -24.12
N GLU I 684 -51.21 -14.20 -24.76
CA GLU I 684 -51.11 -14.06 -26.20
C GLU I 684 -52.22 -14.81 -26.93
N SER I 685 -52.47 -16.06 -26.54
CA SER I 685 -53.51 -16.85 -27.22
C SER I 685 -54.90 -16.28 -27.01
N GLU I 686 -55.26 -15.91 -25.77
CA GLU I 686 -56.58 -15.35 -25.53
C GLU I 686 -56.72 -14.04 -26.28
N ILE I 687 -55.67 -13.20 -26.26
CA ILE I 687 -55.73 -11.91 -26.96
C ILE I 687 -55.86 -12.12 -28.46
N ARG I 688 -55.00 -12.93 -29.06
CA ARG I 688 -55.05 -13.11 -30.51
C ARG I 688 -56.39 -13.70 -30.95
N ARG I 689 -56.98 -14.55 -30.09
CA ARG I 689 -58.30 -15.09 -30.38
C ARG I 689 -59.35 -13.99 -30.32
N GLU I 690 -59.25 -13.13 -29.30
CA GLU I 690 -60.21 -12.04 -29.14
C GLU I 690 -60.05 -11.02 -30.27
N ARG I 691 -58.81 -10.75 -30.67
CA ARG I 691 -58.56 -9.79 -31.74
C ARG I 691 -59.21 -10.26 -33.03
N GLU I 692 -59.03 -11.54 -33.36
CA GLU I 692 -59.70 -12.05 -34.56
C GLU I 692 -61.22 -12.05 -34.38
N ARG I 693 -61.69 -12.51 -33.22
CA ARG I 693 -63.12 -12.62 -32.97
C ARG I 693 -63.83 -11.27 -32.95
N GLN I 694 -63.15 -10.22 -32.46
CA GLN I 694 -63.79 -8.92 -32.35
C GLN I 694 -64.09 -8.30 -33.72
N THR I 695 -63.40 -8.71 -34.77
CA THR I 695 -63.66 -8.12 -36.08
C THR I 695 -65.10 -8.36 -36.52
N ASN I 696 -65.59 -9.58 -36.41
CA ASN I 696 -66.99 -9.80 -36.78
C ASN I 696 -67.80 -9.79 -35.48
N PRO I 697 -68.74 -8.87 -35.31
CA PRO I 697 -69.58 -8.90 -34.10
C PRO I 697 -70.36 -10.20 -33.89
N SER I 698 -70.13 -10.87 -32.77
CA SER I 698 -70.88 -12.10 -32.48
C SER I 698 -70.54 -13.21 -33.48
N ALA I 699 -69.59 -12.97 -34.37
CA ALA I 699 -69.19 -13.96 -35.38
C ALA I 699 -69.09 -15.39 -34.89
N MET I 700 -68.09 -15.74 -34.09
CA MET I 700 -67.99 -17.14 -33.68
C MET I 700 -68.88 -17.43 -32.48
N GLU I 701 -69.04 -18.71 -32.16
CA GLU I 701 -69.87 -19.14 -31.04
C GLU I 701 -69.44 -18.45 -29.75
N VAL I 702 -70.28 -18.56 -28.72
CA VAL I 702 -70.05 -17.95 -27.42
C VAL I 702 -69.31 -18.94 -26.52
N GLU I 703 -68.78 -20.01 -27.11
CA GLU I 703 -68.05 -21.01 -26.33
C GLU I 703 -66.96 -20.34 -25.48
N GLU I 704 -66.95 -20.69 -24.19
CA GLU I 704 -66.02 -20.17 -23.19
C GLU I 704 -64.78 -21.04 -23.06
N ASP I 705 -63.86 -20.90 -24.01
CA ASP I 705 -62.61 -21.66 -24.04
C ASP I 705 -61.52 -21.10 -23.14
N ASP I 706 -60.76 -21.99 -22.51
CA ASP I 706 -59.59 -21.64 -21.70
C ASP I 706 -58.43 -22.23 -22.48
N PRO I 707 -57.67 -21.40 -23.22
CA PRO I 707 -56.59 -21.97 -24.02
C PRO I 707 -55.52 -22.69 -23.21
N VAL I 708 -55.06 -22.09 -22.12
CA VAL I 708 -54.15 -22.75 -21.20
C VAL I 708 -54.71 -22.61 -19.79
N PRO I 709 -55.26 -23.67 -19.20
CA PRO I 709 -55.81 -23.56 -17.84
C PRO I 709 -54.91 -24.13 -16.77
N GLU I 710 -53.71 -24.59 -17.14
CA GLU I 710 -52.77 -25.13 -16.17
C GLU I 710 -51.38 -25.16 -16.81
N ILE I 711 -50.36 -25.11 -15.96
CA ILE I 711 -48.98 -25.18 -16.42
C ILE I 711 -48.76 -26.56 -17.05
N ARG I 712 -48.39 -26.58 -18.32
CA ARG I 712 -48.27 -27.84 -19.03
C ARG I 712 -46.83 -28.36 -18.98
N ARG I 713 -46.62 -29.56 -19.53
CA ARG I 713 -45.28 -30.13 -19.55
C ARG I 713 -44.34 -29.26 -20.38
N ASP I 714 -44.82 -28.80 -21.54
CA ASP I 714 -43.96 -28.02 -22.41
C ASP I 714 -43.47 -26.77 -21.71
N HIS I 715 -44.30 -26.20 -20.82
CA HIS I 715 -43.83 -25.08 -20.03
C HIS I 715 -42.67 -25.47 -19.14
N PHE I 716 -42.69 -26.70 -18.60
CA PHE I 716 -41.59 -27.13 -17.74
C PHE I 716 -40.32 -27.39 -18.53
N GLU I 717 -40.42 -27.93 -19.75
CA GLU I 717 -39.24 -28.01 -20.61
C GLU I 717 -38.74 -26.62 -20.98
N GLU I 718 -39.67 -25.70 -21.24
CA GLU I 718 -39.30 -24.33 -21.56
C GLU I 718 -38.53 -23.71 -20.41
N ALA I 719 -38.98 -23.97 -19.18
CA ALA I 719 -38.29 -23.48 -17.99
C ALA I 719 -36.92 -24.11 -17.81
N MET I 720 -36.83 -25.44 -17.98
CA MET I 720 -35.55 -26.12 -17.81
C MET I 720 -34.53 -25.72 -18.86
N ARG I 721 -34.96 -25.29 -20.05
CA ARG I 721 -33.96 -24.80 -20.99
C ARG I 721 -33.12 -23.68 -20.39
N PHE I 722 -33.69 -22.89 -19.48
CA PHE I 722 -32.95 -21.81 -18.86
C PHE I 722 -32.46 -22.16 -17.46
N ALA I 723 -32.51 -23.45 -17.11
CA ALA I 723 -32.07 -23.90 -15.79
C ALA I 723 -30.62 -23.51 -15.54
N ARG I 724 -30.34 -23.01 -14.33
CA ARG I 724 -29.02 -22.51 -13.99
C ARG I 724 -28.61 -23.03 -12.62
N ARG I 725 -27.31 -23.31 -12.47
CA ARG I 725 -26.73 -23.75 -11.19
C ARG I 725 -26.12 -22.54 -10.48
N SER I 726 -26.86 -22.01 -9.51
CA SER I 726 -26.39 -20.82 -8.78
C SER I 726 -25.14 -21.12 -7.96
N VAL I 727 -25.11 -22.27 -7.28
CA VAL I 727 -24.03 -22.61 -6.36
C VAL I 727 -22.99 -23.46 -7.07
N SER I 728 -21.80 -22.89 -7.28
CA SER I 728 -20.70 -23.62 -7.87
C SER I 728 -20.17 -24.66 -6.87
N ASP I 729 -19.58 -25.73 -7.40
CA ASP I 729 -19.04 -26.77 -6.54
C ASP I 729 -17.84 -26.30 -5.72
N ASN I 730 -17.19 -25.21 -6.10
CA ASN I 730 -16.04 -24.75 -5.34
C ASN I 730 -16.46 -24.13 -4.02
N ASP I 731 -17.54 -23.36 -4.01
CA ASP I 731 -17.92 -22.77 -2.74
C ASP I 731 -18.66 -23.76 -1.86
N ILE I 732 -19.26 -24.80 -2.43
CA ILE I 732 -19.72 -25.94 -1.64
C ILE I 732 -18.52 -26.63 -1.02
N ARG I 733 -17.42 -26.70 -1.77
CA ARG I 733 -16.18 -27.23 -1.24
C ARG I 733 -15.75 -26.41 -0.03
N LYS I 734 -15.88 -25.09 -0.12
CA LYS I 734 -15.50 -24.23 1.01
C LYS I 734 -16.41 -24.44 2.21
N TYR I 735 -17.71 -24.65 1.98
CA TYR I 735 -18.62 -24.90 3.11
C TYR I 735 -18.28 -26.21 3.80
N GLU I 736 -18.06 -27.26 3.01
CA GLU I 736 -17.67 -28.54 3.61
C GLU I 736 -16.32 -28.42 4.31
N MET I 737 -15.45 -27.55 3.79
CA MET I 737 -14.15 -27.32 4.44
C MET I 737 -14.35 -26.70 5.83
N PHE I 738 -15.21 -25.68 5.91
CA PHE I 738 -15.46 -25.09 7.22
C PHE I 738 -16.15 -26.08 8.15
N ALA I 739 -17.00 -26.96 7.60
CA ALA I 739 -17.65 -27.95 8.45
C ALA I 739 -16.64 -28.98 8.96
N GLN I 740 -15.64 -29.32 8.16
CA GLN I 740 -14.60 -30.23 8.61
C GLN I 740 -13.75 -29.57 9.69
N THR I 741 -13.37 -28.31 9.48
CA THR I 741 -12.57 -27.61 10.47
C THR I 741 -13.31 -27.53 11.80
N LEU I 742 -14.63 -27.44 11.75
CA LEU I 742 -15.46 -27.43 12.95
C LEU I 742 -15.65 -28.81 13.55
N GLN I 743 -15.23 -29.86 12.85
CA GLN I 743 -15.38 -31.23 13.34
C GLN I 743 -14.56 -31.46 14.60
N GLN I 744 -15.06 -32.36 15.45
CA GLN I 744 -14.46 -32.64 16.75
C GLN I 744 -13.13 -33.39 16.72
N SER I 745 -12.17 -32.88 15.96
CA SER I 745 -10.82 -33.47 15.87
C SER I 745 -10.93 -34.94 15.47
N ARG I 746 -10.05 -35.80 15.99
CA ARG I 746 -10.02 -37.22 15.66
C ARG I 746 -9.32 -37.98 16.77
N GLY I 747 -9.61 -39.28 16.83
CA GLY I 747 -9.02 -40.17 17.82
C GLY I 747 -9.83 -40.40 19.07
N PHE I 748 -10.93 -39.68 19.29
CA PHE I 748 -11.74 -39.86 20.47
C PHE I 748 -13.02 -40.63 20.19
N GLY I 749 -13.16 -41.19 18.98
CA GLY I 749 -14.33 -41.98 18.68
C GLY I 749 -14.41 -43.24 19.51
N SER I 750 -13.28 -43.93 19.66
CA SER I 750 -13.21 -45.20 20.38
C SER I 750 -13.14 -45.02 21.89
N PHE I 751 -13.11 -43.78 22.37
CA PHE I 751 -12.99 -43.52 23.80
C PHE I 751 -14.03 -44.31 24.56
N ARG I 752 -13.59 -45.01 25.62
CA ARG I 752 -14.49 -45.78 26.44
C ARG I 752 -13.96 -45.77 27.86
N PHE I 753 -14.84 -45.65 28.85
CA PHE I 753 -14.38 -45.66 30.22
C PHE I 753 -13.92 -47.08 30.59
N PRO I 754 -12.97 -47.23 31.51
CA PRO I 754 -12.48 -48.57 31.83
C PRO I 754 -13.52 -49.37 32.58
N SER I 755 -13.68 -50.63 32.18
CA SER I 755 -14.65 -51.52 32.80
C SER I 755 -14.08 -52.13 34.08
N ASN J 1 -15.85 0.02 84.55
CA ASN J 1 -16.36 0.72 85.72
C ASN J 1 -17.79 0.30 86.04
N ARG J 2 -18.03 -1.01 86.04
CA ARG J 2 -19.36 -1.55 86.30
C ARG J 2 -20.35 -1.01 85.28
N PRO J 3 -20.12 -1.20 83.99
CA PRO J 3 -21.01 -0.62 82.98
C PRO J 3 -22.36 -1.30 82.94
N ASN J 4 -23.27 -0.77 82.12
CA ASN J 4 -24.59 -1.38 81.98
C ASN J 4 -24.49 -2.74 81.31
N ARG J 5 -23.56 -2.89 80.37
CA ARG J 5 -23.22 -4.09 79.62
C ARG J 5 -24.24 -4.36 78.52
N LEU J 6 -25.33 -3.60 78.43
CA LEU J 6 -26.36 -3.84 77.43
C LEU J 6 -26.39 -2.68 76.44
N ILE J 7 -26.35 -3.00 75.15
CA ILE J 7 -26.39 -2.01 74.09
C ILE J 7 -27.42 -2.44 73.05
N VAL J 8 -27.86 -1.47 72.26
CA VAL J 8 -28.86 -1.69 71.22
C VAL J 8 -28.16 -1.88 69.89
N ASP J 9 -28.60 -2.87 69.12
CA ASP J 9 -28.00 -3.18 67.84
C ASP J 9 -29.05 -3.84 66.94
N GLU J 10 -28.77 -3.86 65.65
CA GLU J 10 -29.68 -4.46 64.71
C GLU J 10 -29.68 -5.98 64.83
N ALA J 11 -30.83 -6.57 64.51
CA ALA J 11 -31.04 -8.01 64.61
C ALA J 11 -30.85 -8.67 63.24
N ILE J 12 -30.04 -9.73 63.21
CA ILE J 12 -29.76 -10.42 61.95
C ILE J 12 -30.78 -11.52 61.67
N ASN J 13 -31.13 -12.31 62.69
CA ASN J 13 -32.08 -13.40 62.50
C ASN J 13 -33.52 -12.90 62.54
N GLU J 14 -34.38 -13.57 61.77
CA GLU J 14 -35.79 -13.22 61.73
C GLU J 14 -36.48 -13.80 62.96
N ASP J 15 -36.87 -12.94 63.89
CA ASP J 15 -37.56 -13.38 65.09
C ASP J 15 -38.01 -12.17 65.88
N ASN J 16 -39.10 -12.33 66.61
CA ASN J 16 -39.60 -11.29 67.50
C ASN J 16 -39.54 -11.79 68.95
N SER J 17 -39.36 -10.84 69.87
CA SER J 17 -39.22 -11.15 71.29
C SER J 17 -38.03 -12.07 71.57
N VAL J 18 -36.95 -11.92 70.78
CA VAL J 18 -35.74 -12.70 70.96
C VAL J 18 -34.54 -11.76 70.93
N VAL J 19 -33.64 -11.91 71.89
CA VAL J 19 -32.46 -11.06 72.03
C VAL J 19 -31.22 -11.94 72.03
N SER J 20 -30.22 -11.57 71.24
CA SER J 20 -28.98 -12.32 71.12
C SER J 20 -27.88 -11.67 71.96
N LEU J 21 -27.02 -12.51 72.54
CA LEU J 21 -25.89 -12.05 73.32
C LEU J 21 -24.60 -12.70 72.82
N SER J 22 -23.50 -11.99 73.04
CA SER J 22 -22.19 -12.46 72.58
C SER J 22 -21.84 -13.78 73.25
N GLN J 23 -21.36 -14.72 72.44
CA GLN J 23 -20.96 -16.02 72.97
C GLN J 23 -19.75 -15.97 73.90
N PRO J 24 -18.78 -15.06 73.74
CA PRO J 24 -17.59 -15.11 74.61
C PRO J 24 -17.86 -15.00 76.10
N LYS J 25 -18.90 -14.28 76.53
CA LYS J 25 -19.15 -14.07 77.96
C LYS J 25 -20.53 -14.59 78.33
N MET J 26 -20.58 -15.72 79.03
CA MET J 26 -21.83 -16.21 79.59
C MET J 26 -21.95 -16.01 81.09
N ASP J 27 -20.84 -15.88 81.83
CA ASP J 27 -20.95 -15.76 83.28
C ASP J 27 -21.25 -14.32 83.68
N GLU J 28 -20.78 -13.36 82.90
CA GLU J 28 -21.02 -11.94 83.18
C GLU J 28 -22.53 -11.67 83.29
N LEU J 29 -23.26 -12.05 82.25
CA LEU J 29 -24.72 -12.02 82.24
C LEU J 29 -25.30 -13.16 83.07
N GLN J 30 -24.49 -14.18 83.33
CA GLN J 30 -24.86 -15.38 84.10
C GLN J 30 -26.11 -16.07 83.54
N LEU J 31 -26.38 -15.86 82.25
CA LEU J 31 -27.51 -16.52 81.60
C LEU J 31 -27.11 -17.07 80.24
N PHE J 32 -27.41 -18.34 80.04
CA PHE J 32 -27.19 -19.06 78.80
C PHE J 32 -28.50 -18.98 78.01
N ARG J 33 -28.71 -19.83 77.03
CA ARG J 33 -29.89 -19.68 76.19
C ARG J 33 -31.16 -20.07 76.94
N GLY J 34 -32.29 -19.83 76.27
CA GLY J 34 -33.62 -20.22 76.72
C GLY J 34 -34.03 -19.80 78.11
N ASP J 35 -33.92 -18.51 78.45
CA ASP J 35 -34.37 -18.03 79.74
C ASP J 35 -34.94 -16.63 79.64
N THR J 36 -36.07 -16.40 80.32
CA THR J 36 -36.64 -15.05 80.36
C THR J 36 -35.62 -14.07 80.91
N VAL J 37 -35.52 -12.91 80.27
CA VAL J 37 -34.55 -11.88 80.61
C VAL J 37 -35.27 -10.54 80.60
N LEU J 38 -35.11 -9.76 81.68
CA LEU J 38 -35.72 -8.45 81.77
C LEU J 38 -34.76 -7.39 81.27
N LEU J 39 -35.32 -6.31 80.70
CA LEU J 39 -34.51 -5.24 80.14
C LEU J 39 -35.16 -3.90 80.44
N LYS J 40 -34.41 -3.02 81.09
CA LYS J 40 -34.86 -1.66 81.40
C LYS J 40 -34.31 -0.71 80.35
N GLY J 41 -35.20 0.09 79.77
CA GLY J 41 -34.86 1.02 78.71
C GLY J 41 -34.84 2.43 79.25
N LYS J 42 -35.83 3.23 78.85
CA LYS J 42 -35.92 4.62 79.25
C LYS J 42 -37.37 4.97 79.55
N LYS J 43 -37.56 6.09 80.23
CA LYS J 43 -38.88 6.59 80.59
C LYS J 43 -39.63 5.57 81.47
N ARG J 44 -38.88 4.90 82.35
CA ARG J 44 -39.46 3.95 83.30
C ARG J 44 -40.26 2.85 82.60
N ARG J 45 -39.62 2.17 81.65
CA ARG J 45 -40.22 1.04 80.97
C ARG J 45 -39.24 -0.12 80.86
N GLU J 46 -39.80 -1.31 80.79
CA GLU J 46 -39.04 -2.55 80.79
C GLU J 46 -39.75 -3.56 79.88
N ALA J 47 -39.00 -4.56 79.44
CA ALA J 47 -39.51 -5.60 78.57
C ALA J 47 -38.91 -6.94 78.99
N VAL J 48 -39.55 -8.02 78.55
CA VAL J 48 -39.09 -9.37 78.85
C VAL J 48 -38.97 -10.14 77.55
N CYS J 49 -37.87 -10.85 77.39
CA CYS J 49 -37.61 -11.59 76.16
C CYS J 49 -36.83 -12.86 76.49
N ILE J 50 -36.43 -13.58 75.44
CA ILE J 50 -35.65 -14.79 75.58
C ILE J 50 -34.28 -14.50 75.00
N VAL J 51 -33.24 -15.06 75.62
CA VAL J 51 -31.86 -14.77 75.25
C VAL J 51 -31.24 -15.98 74.58
N LEU J 52 -30.47 -15.72 73.52
CA LEU J 52 -29.69 -16.76 72.87
C LEU J 52 -28.26 -16.27 72.70
N SER J 53 -27.43 -17.06 72.02
CA SER J 53 -26.03 -16.72 71.80
C SER J 53 -25.74 -16.68 70.31
N ASP J 54 -25.00 -15.65 69.88
CA ASP J 54 -24.65 -15.50 68.47
C ASP J 54 -23.16 -15.22 68.35
N ASP J 55 -22.48 -16.07 67.56
CA ASP J 55 -21.04 -15.93 67.38
C ASP J 55 -20.69 -14.62 66.67
N THR J 56 -21.58 -14.12 65.82
CA THR J 56 -21.27 -12.90 65.08
C THR J 56 -21.47 -11.64 65.92
N CYS J 57 -22.22 -11.74 67.00
CA CYS J 57 -22.51 -10.57 67.82
C CYS J 57 -21.25 -10.09 68.54
N SER J 58 -21.04 -8.78 68.54
CA SER J 58 -19.91 -8.21 69.26
C SER J 58 -20.22 -8.18 70.75
N ASP J 59 -19.20 -8.46 71.56
CA ASP J 59 -19.41 -8.51 73.00
C ASP J 59 -19.88 -7.18 73.55
N GLU J 60 -19.48 -6.07 72.93
CA GLU J 60 -19.86 -4.75 73.43
C GLU J 60 -21.37 -4.55 73.39
N LYS J 61 -22.01 -4.97 72.30
CA LYS J 61 -23.42 -4.67 72.07
C LYS J 61 -24.24 -5.95 72.03
N ILE J 62 -25.54 -5.78 72.24
CA ILE J 62 -26.50 -6.89 72.30
C ILE J 62 -27.47 -6.72 71.14
N ARG J 63 -27.46 -7.66 70.20
CA ARG J 63 -28.38 -7.60 69.07
C ARG J 63 -29.81 -7.76 69.57
N MET J 64 -30.72 -6.99 68.97
CA MET J 64 -32.12 -7.04 69.36
C MET J 64 -32.99 -6.61 68.18
N ASN J 65 -34.20 -7.14 68.13
CA ASN J 65 -35.13 -6.85 67.05
C ASN J 65 -35.75 -5.47 67.22
N ARG J 66 -36.36 -4.97 66.14
CA ARG J 66 -36.92 -3.63 66.16
C ARG J 66 -38.18 -3.56 67.01
N VAL J 67 -38.94 -4.66 67.09
CA VAL J 67 -40.17 -4.66 67.89
C VAL J 67 -39.84 -4.45 69.36
N VAL J 68 -38.90 -5.24 69.89
CA VAL J 68 -38.50 -5.09 71.29
C VAL J 68 -37.88 -3.72 71.53
N ARG J 69 -37.08 -3.25 70.57
CA ARG J 69 -36.45 -1.94 70.71
C ARG J 69 -37.50 -0.84 70.81
N ASN J 70 -38.52 -0.89 69.97
CA ASN J 70 -39.63 0.05 70.08
C ASN J 70 -40.36 -0.10 71.41
N ASN J 71 -40.50 -1.33 71.89
CA ASN J 71 -41.14 -1.53 73.19
C ASN J 71 -40.35 -0.82 74.28
N LEU J 72 -39.03 -0.93 74.25
CA LEU J 72 -38.18 -0.25 75.23
C LEU J 72 -38.04 1.24 74.95
N ARG J 73 -38.36 1.68 73.73
CA ARG J 73 -38.18 3.06 73.29
C ARG J 73 -36.73 3.45 73.10
N VAL J 74 -35.82 2.47 73.10
CA VAL J 74 -34.41 2.71 72.84
C VAL J 74 -34.16 2.71 71.33
N ARG J 75 -33.01 3.22 70.92
CA ARG J 75 -32.63 3.27 69.52
C ARG J 75 -31.27 2.61 69.33
N LEU J 76 -30.90 2.40 68.07
CA LEU J 76 -29.63 1.74 67.76
C LEU J 76 -28.47 2.50 68.37
N GLY J 77 -27.52 1.75 68.95
CA GLY J 77 -26.37 2.34 69.59
C GLY J 77 -26.59 2.82 71.00
N ASP J 78 -27.81 2.69 71.51
CA ASP J 78 -28.12 3.13 72.86
C ASP J 78 -27.64 2.10 73.88
N VAL J 79 -27.62 2.52 75.15
CA VAL J 79 -27.19 1.69 76.26
C VAL J 79 -28.34 1.56 77.24
N ILE J 80 -28.66 0.34 77.64
CA ILE J 80 -29.77 0.06 78.55
C ILE J 80 -29.33 -0.97 79.58
N SER J 81 -30.23 -1.26 80.51
CA SER J 81 -29.97 -2.15 81.64
C SER J 81 -30.55 -3.52 81.37
N ILE J 82 -29.79 -4.56 81.67
CA ILE J 82 -30.23 -5.94 81.49
C ILE J 82 -30.23 -6.60 82.87
N GLN J 83 -31.18 -7.52 83.08
CA GLN J 83 -31.31 -8.20 84.36
C GLN J 83 -31.76 -9.65 84.14
N PRO J 84 -30.83 -10.60 84.29
CA PRO J 84 -31.19 -12.01 84.15
C PRO J 84 -32.19 -12.43 85.20
N CYS J 85 -33.38 -12.81 84.76
CA CYS J 85 -34.45 -13.23 85.66
C CYS J 85 -34.89 -14.65 85.34
N PRO J 86 -34.32 -15.67 85.99
CA PRO J 86 -34.78 -17.04 85.73
C PRO J 86 -36.24 -17.22 86.06
N ASP J 87 -36.77 -16.43 86.99
CA ASP J 87 -38.16 -16.50 87.38
C ASP J 87 -39.07 -16.05 86.24
N VAL J 88 -40.18 -16.75 86.07
CA VAL J 88 -41.16 -16.41 85.05
C VAL J 88 -42.51 -16.95 85.50
N LYS J 89 -43.56 -16.16 85.29
CA LYS J 89 -44.90 -16.50 85.74
C LYS J 89 -45.83 -16.65 84.55
N TYR J 90 -46.55 -17.78 84.50
CA TYR J 90 -47.56 -17.98 83.49
C TYR J 90 -48.68 -16.96 83.67
N GLY J 91 -49.57 -16.88 82.68
CA GLY J 91 -50.66 -15.94 82.70
C GLY J 91 -52.01 -16.64 82.61
N LYS J 92 -53.06 -15.85 82.80
CA LYS J 92 -54.44 -16.32 82.71
C LYS J 92 -55.24 -15.33 81.87
N ARG J 93 -55.89 -15.85 80.83
CA ARG J 93 -56.69 -15.04 79.90
C ARG J 93 -55.97 -13.75 79.56
N ILE J 94 -54.79 -13.90 78.95
CA ILE J 94 -54.03 -12.75 78.49
C ILE J 94 -54.88 -11.92 77.54
N HIS J 95 -54.88 -10.61 77.75
CA HIS J 95 -55.76 -9.72 77.01
C HIS J 95 -54.98 -9.00 75.90
N VAL J 96 -55.66 -8.75 74.79
CA VAL J 96 -55.05 -8.08 73.65
C VAL J 96 -56.13 -7.23 72.97
N LEU J 97 -55.72 -6.09 72.44
CA LEU J 97 -56.61 -5.18 71.74
C LEU J 97 -55.98 -4.73 70.44
N PRO J 98 -56.77 -4.51 69.40
CA PRO J 98 -56.24 -3.87 68.19
C PRO J 98 -55.74 -2.47 68.53
N ILE J 99 -54.64 -2.07 67.89
CA ILE J 99 -54.00 -0.81 68.19
C ILE J 99 -53.71 -0.06 66.90
N ASP J 100 -53.50 1.25 67.05
CA ASP J 100 -53.17 2.12 65.93
C ASP J 100 -54.28 2.12 64.88
N ASP J 101 -54.01 2.67 63.70
CA ASP J 101 -55.00 2.77 62.64
C ASP J 101 -55.13 1.51 61.81
N THR J 102 -54.36 0.46 62.12
CA THR J 102 -54.47 -0.79 61.39
C THR J 102 -55.87 -1.38 61.57
N VAL J 103 -56.67 -1.37 60.50
CA VAL J 103 -58.07 -1.79 60.57
C VAL J 103 -58.53 -2.10 59.15
N GLU J 104 -59.64 -2.84 59.06
CA GLU J 104 -60.28 -3.27 57.82
C GLU J 104 -59.54 -4.44 57.18
N GLY J 105 -58.44 -4.91 57.77
CA GLY J 105 -57.73 -6.06 57.26
C GLY J 105 -58.26 -7.40 57.71
N ILE J 106 -59.30 -7.40 58.55
CA ILE J 106 -59.88 -8.63 59.08
C ILE J 106 -61.40 -8.52 59.02
N THR J 107 -62.06 -9.62 58.68
CA THR J 107 -63.51 -9.67 58.63
C THR J 107 -64.02 -10.88 59.39
N GLY J 108 -65.19 -10.73 60.00
CA GLY J 108 -65.75 -11.80 60.81
C GLY J 108 -64.83 -12.14 61.96
N ASN J 109 -64.54 -13.44 62.12
CA ASN J 109 -63.59 -13.87 63.14
C ASN J 109 -62.23 -13.23 62.90
N LEU J 110 -61.63 -12.70 63.97
CA LEU J 110 -60.40 -11.95 63.85
C LEU J 110 -59.27 -12.43 64.76
N PHE J 111 -59.47 -13.46 65.57
CA PHE J 111 -58.43 -13.96 66.46
C PHE J 111 -57.78 -15.26 66.02
N GLU J 112 -58.49 -16.12 65.29
CA GLU J 112 -57.87 -17.35 64.83
C GLU J 112 -56.83 -17.11 63.74
N VAL J 113 -57.01 -16.06 62.94
CA VAL J 113 -56.16 -15.84 61.78
C VAL J 113 -54.75 -15.43 62.21
N TYR J 114 -54.63 -14.56 63.21
CA TYR J 114 -53.35 -13.94 63.53
C TYR J 114 -52.74 -14.43 64.83
N LEU J 115 -53.45 -14.30 65.95
CA LEU J 115 -52.84 -14.62 67.24
C LEU J 115 -52.55 -16.11 67.37
N LYS J 116 -53.52 -16.96 67.08
CA LYS J 116 -53.38 -18.39 67.34
C LYS J 116 -52.15 -18.99 66.66
N PRO J 117 -51.90 -18.74 65.38
CA PRO J 117 -50.73 -19.37 64.73
C PRO J 117 -49.41 -18.92 65.33
N TYR J 118 -49.37 -17.77 65.98
CA TYR J 118 -48.13 -17.19 66.50
C TYR J 118 -47.87 -17.52 67.96
N PHE J 119 -48.88 -17.46 68.83
CA PHE J 119 -48.65 -17.75 70.24
C PHE J 119 -48.72 -19.23 70.56
N LEU J 120 -48.96 -20.07 69.55
CA LEU J 120 -49.02 -21.52 69.73
C LEU J 120 -47.62 -22.10 69.84
N GLU J 121 -47.23 -22.50 71.05
CA GLU J 121 -45.93 -23.07 71.36
C GLU J 121 -44.78 -22.08 71.29
N ALA J 122 -45.08 -20.79 71.11
CA ALA J 122 -44.02 -19.79 71.06
C ALA J 122 -43.43 -19.53 72.44
N TYR J 123 -44.26 -19.53 73.48
CA TYR J 123 -43.80 -19.26 74.84
C TYR J 123 -43.19 -17.86 74.94
N ARG J 124 -43.79 -16.91 74.25
CA ARG J 124 -43.30 -15.54 74.27
C ARG J 124 -43.81 -14.82 75.52
N PRO J 125 -42.93 -14.35 76.39
CA PRO J 125 -43.38 -13.62 77.59
C PRO J 125 -43.98 -12.28 77.19
N ILE J 126 -45.23 -12.04 77.59
CA ILE J 126 -45.95 -10.82 77.27
C ILE J 126 -46.05 -9.97 78.54
N ARG J 127 -45.77 -8.68 78.41
CA ARG J 127 -45.86 -7.76 79.53
C ARG J 127 -46.98 -6.75 79.28
N LYS J 128 -47.53 -6.21 80.38
CA LYS J 128 -48.58 -5.22 80.27
C LYS J 128 -48.14 -4.01 79.46
N GLY J 129 -49.03 -3.55 78.59
CA GLY J 129 -48.81 -2.32 77.84
C GLY J 129 -47.66 -2.38 76.85
N ASP J 130 -47.56 -3.48 76.11
CA ASP J 130 -46.59 -3.59 75.04
C ASP J 130 -47.32 -3.94 73.74
N ILE J 131 -46.70 -3.56 72.62
CA ILE J 131 -47.26 -3.78 71.30
C ILE J 131 -46.38 -4.79 70.58
N PHE J 132 -47.00 -5.86 70.09
CA PHE J 132 -46.28 -6.88 69.34
C PHE J 132 -46.89 -7.06 67.96
N LEU J 133 -46.04 -7.27 66.96
CA LEU J 133 -46.45 -7.25 65.57
C LEU J 133 -46.68 -8.67 65.08
N VAL J 134 -47.79 -8.88 64.39
CA VAL J 134 -48.18 -10.16 63.81
C VAL J 134 -48.24 -9.99 62.30
N ARG J 135 -47.57 -10.90 61.59
CA ARG J 135 -47.51 -10.87 60.14
C ARG J 135 -48.42 -11.95 59.59
N GLY J 136 -49.28 -11.57 58.63
CA GLY J 136 -50.18 -12.51 58.00
C GLY J 136 -51.15 -11.84 57.06
N GLY J 137 -51.73 -12.61 56.15
CA GLY J 137 -52.70 -12.11 55.20
C GLY J 137 -52.14 -10.97 54.36
N MET J 138 -50.86 -11.07 53.98
CA MET J 138 -50.21 -10.00 53.23
C MET J 138 -50.38 -8.67 53.95
N ARG J 139 -50.25 -8.72 55.28
CA ARG J 139 -50.49 -7.56 56.13
C ARG J 139 -49.71 -7.73 57.43
N ALA J 140 -49.59 -6.62 58.16
CA ALA J 140 -48.92 -6.61 59.46
C ALA J 140 -49.77 -5.81 60.43
N VAL J 141 -50.14 -6.42 61.55
CA VAL J 141 -51.02 -5.80 62.53
C VAL J 141 -50.32 -5.81 63.88
N GLU J 142 -50.27 -4.66 64.55
CA GLU J 142 -49.67 -4.57 65.87
C GLU J 142 -50.76 -4.63 66.92
N PHE J 143 -50.59 -5.54 67.87
CA PHE J 143 -51.57 -5.80 68.93
C PHE J 143 -51.03 -5.31 70.26
N LYS J 144 -51.86 -4.58 71.00
CA LYS J 144 -51.53 -4.08 72.31
C LYS J 144 -52.00 -5.03 73.40
N VAL J 145 -51.21 -5.15 74.46
CA VAL J 145 -51.55 -5.97 75.61
C VAL J 145 -51.95 -4.99 76.72
N VAL J 146 -53.26 -4.82 76.90
CA VAL J 146 -53.78 -3.81 77.82
C VAL J 146 -54.16 -4.46 79.16
N GLU J 147 -54.62 -5.70 79.11
CA GLU J 147 -55.08 -6.39 80.32
C GLU J 147 -54.40 -7.74 80.44
N THR J 148 -54.17 -8.17 81.68
CA THR J 148 -53.55 -9.45 81.94
C THR J 148 -53.81 -9.83 83.39
N ASP J 149 -54.21 -11.10 83.61
CA ASP J 149 -54.52 -11.53 84.97
C ASP J 149 -53.33 -11.39 85.90
N PRO J 150 -52.15 -11.91 85.58
CA PRO J 150 -50.97 -11.66 86.41
C PRO J 150 -50.26 -10.37 86.03
N SER J 151 -49.54 -9.81 86.99
CA SER J 151 -48.83 -8.57 86.78
C SER J 151 -47.40 -8.69 87.30
N PRO J 152 -46.47 -7.92 86.72
CA PRO J 152 -46.77 -7.04 85.59
C PRO J 152 -46.67 -7.74 84.24
N TYR J 153 -46.03 -8.90 84.22
CA TYR J 153 -45.80 -9.65 82.99
C TYR J 153 -46.01 -11.14 83.26
N CYS J 154 -46.28 -11.88 82.18
CA CYS J 154 -46.49 -13.31 82.28
C CYS J 154 -46.05 -13.98 81.00
N ILE J 155 -45.41 -15.15 81.14
CA ILE J 155 -44.99 -15.93 79.98
C ILE J 155 -46.20 -16.69 79.45
N VAL J 156 -46.48 -16.55 78.16
CA VAL J 156 -47.65 -17.18 77.57
C VAL J 156 -47.39 -18.68 77.42
N ALA J 157 -48.36 -19.48 77.83
CA ALA J 157 -48.30 -20.93 77.73
C ALA J 157 -49.60 -21.44 77.14
N PRO J 158 -49.59 -22.65 76.55
CA PRO J 158 -50.80 -23.22 75.94
C PRO J 158 -51.80 -23.76 76.94
N ASP J 159 -52.07 -22.99 78.00
CA ASP J 159 -53.06 -23.36 78.99
C ASP J 159 -53.88 -22.16 79.45
N THR J 160 -53.69 -20.99 78.85
CA THR J 160 -54.40 -19.78 79.23
C THR J 160 -55.36 -19.38 78.11
N VAL J 161 -56.63 -19.19 78.47
CA VAL J 161 -57.59 -18.74 77.47
C VAL J 161 -57.23 -17.34 76.99
N ILE J 162 -57.84 -16.96 75.87
CA ILE J 162 -57.63 -15.64 75.26
C ILE J 162 -58.94 -14.88 75.29
N HIS J 163 -58.92 -13.68 75.84
CA HIS J 163 -60.10 -12.84 75.90
C HIS J 163 -60.27 -12.10 74.57
N CYS J 164 -61.50 -12.10 74.05
CA CYS J 164 -61.78 -11.55 72.73
C CYS J 164 -62.45 -10.20 72.87
N GLU J 165 -61.89 -9.20 72.17
CA GLU J 165 -62.47 -7.87 72.11
C GLU J 165 -62.86 -7.48 70.69
N GLY J 166 -61.94 -7.59 69.74
CA GLY J 166 -62.26 -7.27 68.36
C GLY J 166 -62.59 -5.82 68.10
N GLU J 167 -62.23 -4.93 69.03
CA GLU J 167 -62.51 -3.50 68.89
C GLU J 167 -61.19 -2.72 68.89
N PRO J 168 -60.72 -2.27 67.73
CA PRO J 168 -59.45 -1.53 67.69
C PRO J 168 -59.51 -0.26 68.53
N ILE J 169 -58.40 0.05 69.19
CA ILE J 169 -58.27 1.23 70.04
C ILE J 169 -57.03 2.00 69.63
N LYS J 170 -57.18 3.32 69.47
CA LYS J 170 -56.07 4.17 69.07
C LYS J 170 -54.93 4.12 70.09
N ARG J 171 -53.72 3.88 69.60
CA ARG J 171 -52.52 3.84 70.43
C ARG J 171 -52.00 5.24 70.73
N GLU J 172 -51.28 5.37 71.86
CA GLU J 172 -50.75 6.68 72.22
C GLU J 172 -49.85 7.20 71.11
N ASP J 173 -50.04 8.49 70.77
CA ASP J 173 -49.35 9.11 69.65
C ASP J 173 -47.83 9.20 69.80
N GLU J 174 -47.30 9.39 71.00
CA GLU J 174 -45.85 9.54 71.12
C GLU J 174 -45.14 8.27 70.68
N GLU J 175 -45.83 7.13 70.79
CA GLU J 175 -45.29 5.84 70.37
C GLU J 175 -45.18 5.79 68.86
N GLU J 176 -44.14 5.11 68.38
CA GLU J 176 -43.85 5.01 66.94
C GLU J 176 -44.39 3.72 66.33
N SER J 177 -45.26 3.88 65.33
CA SER J 177 -45.81 2.74 64.61
C SER J 177 -44.68 1.92 63.99
N LEU J 178 -44.77 0.60 64.12
CA LEU J 178 -43.72 -0.25 63.58
C LEU J 178 -43.82 -0.43 62.07
N ASN J 179 -44.94 -0.02 61.45
CA ASN J 179 -45.05 -0.04 60.00
C ASN J 179 -44.12 0.97 59.33
N GLU J 180 -43.52 1.89 60.09
CA GLU J 180 -42.60 2.85 59.50
C GLU J 180 -41.31 2.16 59.05
N VAL J 181 -40.58 2.85 58.18
CA VAL J 181 -39.39 2.27 57.59
C VAL J 181 -38.27 2.18 58.62
N GLY J 182 -37.38 1.21 58.43
CA GLY J 182 -36.24 1.01 59.31
C GLY J 182 -35.06 0.38 58.63
N TYR J 183 -34.05 -0.01 59.41
CA TYR J 183 -32.87 -0.67 58.86
C TYR J 183 -33.23 -1.98 58.19
N ASP J 184 -34.15 -2.75 58.78
CA ASP J 184 -34.53 -4.03 58.20
C ASP J 184 -35.20 -3.87 56.84
N ASP J 185 -36.05 -2.84 56.69
CA ASP J 185 -36.71 -2.64 55.40
C ASP J 185 -35.72 -2.28 54.30
N ILE J 186 -34.56 -1.75 54.66
CA ILE J 186 -33.53 -1.35 53.71
C ILE J 186 -32.47 -2.44 53.61
N GLY J 187 -32.57 -3.31 52.61
CA GLY J 187 -31.55 -4.30 52.38
C GLY J 187 -31.08 -4.24 50.95
N GLY J 188 -30.02 -5.01 50.68
CA GLY J 188 -29.47 -5.14 49.35
C GLY J 188 -28.26 -4.25 49.13
N CYS J 189 -28.07 -3.24 49.97
CA CYS J 189 -26.97 -2.29 49.87
C CYS J 189 -25.84 -2.63 50.83
N ARG J 190 -26.15 -3.35 51.90
CA ARG J 190 -25.29 -3.61 53.05
C ARG J 190 -24.40 -2.45 53.50
N LYS J 191 -23.09 -2.56 53.24
CA LYS J 191 -22.08 -1.62 53.72
C LYS J 191 -22.11 -0.18 53.22
N GLN J 192 -23.05 0.22 52.37
CA GLN J 192 -23.29 1.65 52.24
C GLN J 192 -24.14 2.19 53.38
N LEU J 193 -25.12 1.40 53.84
CA LEU J 193 -25.93 1.83 54.97
C LEU J 193 -25.10 1.97 56.23
N ALA J 194 -24.07 1.13 56.39
CA ALA J 194 -23.15 1.28 57.51
C ALA J 194 -22.38 2.59 57.43
N GLN J 195 -21.92 2.94 56.23
CA GLN J 195 -21.22 4.20 56.05
C GLN J 195 -22.12 5.38 56.38
N ILE J 196 -23.38 5.35 55.91
CA ILE J 196 -24.28 6.45 56.22
C ILE J 196 -24.60 6.51 57.72
N LYS J 197 -24.77 5.36 58.36
CA LYS J 197 -25.02 5.35 59.79
C LYS J 197 -23.86 5.95 60.58
N GLU J 198 -22.63 5.53 60.24
CA GLU J 198 -21.46 6.13 60.90
C GLU J 198 -21.39 7.62 60.61
N MET J 199 -21.70 8.00 59.37
CA MET J 199 -21.65 9.40 58.97
C MET J 199 -22.59 10.24 59.81
N VAL J 200 -23.79 9.72 60.08
CA VAL J 200 -24.89 10.50 60.65
C VAL J 200 -25.06 10.31 62.15
N GLU J 201 -24.39 9.33 62.75
CA GLU J 201 -24.60 9.01 64.15
C GLU J 201 -24.34 10.22 65.05
N LEU J 202 -23.10 10.70 65.08
CA LEU J 202 -22.75 11.77 66.02
C LEU J 202 -23.57 13.03 65.79
N PRO J 203 -23.70 13.55 64.57
CA PRO J 203 -24.48 14.78 64.40
C PRO J 203 -25.90 14.66 64.94
N LEU J 204 -26.55 13.51 64.76
CA LEU J 204 -27.93 13.32 65.18
C LEU J 204 -28.07 12.52 66.48
N ARG J 205 -27.31 11.43 66.63
CA ARG J 205 -27.46 10.60 67.81
C ARG J 205 -26.86 11.24 69.05
N HIS J 206 -25.81 12.03 68.89
CA HIS J 206 -25.15 12.74 70.00
C HIS J 206 -25.00 14.21 69.62
N PRO J 207 -26.08 14.98 69.65
CA PRO J 207 -25.98 16.36 69.15
C PRO J 207 -25.23 17.29 70.08
N ALA J 208 -25.46 17.16 71.40
CA ALA J 208 -24.83 18.08 72.34
C ALA J 208 -23.31 17.98 72.33
N LEU J 209 -22.75 16.88 71.82
CA LEU J 209 -21.30 16.72 71.82
C LEU J 209 -20.64 17.79 70.96
N PHE J 210 -21.25 18.11 69.81
CA PHE J 210 -20.64 19.04 68.87
C PHE J 210 -20.69 20.48 69.37
N LYS J 211 -21.56 20.78 70.32
CA LYS J 211 -21.60 22.12 70.90
C LYS J 211 -20.45 22.35 71.88
N ALA J 212 -19.97 21.30 72.53
CA ALA J 212 -18.85 21.41 73.46
C ALA J 212 -17.52 21.08 72.82
N ILE J 213 -17.51 20.65 71.56
CA ILE J 213 -16.29 20.35 70.83
C ILE J 213 -16.33 21.09 69.50
N GLY J 214 -15.20 21.68 69.10
CA GLY J 214 -15.18 22.39 67.84
C GLY J 214 -14.73 21.57 66.66
N VAL J 215 -15.69 20.99 65.94
CA VAL J 215 -15.41 20.18 64.76
C VAL J 215 -16.68 20.23 63.91
N LYS J 216 -16.53 20.00 62.61
CA LYS J 216 -17.70 20.06 61.73
C LYS J 216 -18.13 18.67 61.31
N PRO J 217 -19.33 18.23 61.70
CA PRO J 217 -19.82 16.96 61.19
C PRO J 217 -20.35 17.09 59.78
N PRO J 218 -20.55 15.98 59.08
CA PRO J 218 -21.10 16.00 57.72
C PRO J 218 -22.53 16.56 57.67
N ARG J 219 -22.72 17.68 56.97
CA ARG J 219 -24.05 18.28 56.91
C ARG J 219 -24.62 18.20 55.50
N GLY J 220 -23.96 17.49 54.59
CA GLY J 220 -24.43 17.33 53.24
C GLY J 220 -23.99 16.00 52.66
N ILE J 221 -24.94 15.13 52.33
CA ILE J 221 -24.65 13.81 51.81
C ILE J 221 -25.43 13.62 50.52
N LEU J 222 -24.74 13.22 49.46
CA LEU J 222 -25.35 12.96 48.17
C LEU J 222 -25.47 11.45 47.96
N LEU J 223 -26.66 10.91 48.19
CA LEU J 223 -26.98 9.54 47.83
C LEU J 223 -27.31 9.49 46.35
N TYR J 224 -26.49 8.81 45.56
CA TYR J 224 -26.68 8.78 44.12
C TYR J 224 -26.64 7.35 43.62
N GLY J 225 -27.45 7.08 42.60
CA GLY J 225 -27.55 5.76 42.04
C GLY J 225 -28.72 5.63 41.08
N PRO J 226 -28.87 4.45 40.47
CA PRO J 226 -29.97 4.26 39.55
C PRO J 226 -31.29 4.40 40.28
N PRO J 227 -32.33 4.88 39.59
CA PRO J 227 -33.63 5.06 40.25
C PRO J 227 -34.16 3.73 40.78
N GLY J 228 -34.85 3.81 41.92
CA GLY J 228 -35.39 2.62 42.54
C GLY J 228 -34.43 1.86 43.44
N THR J 229 -33.27 2.42 43.75
CA THR J 229 -32.27 1.74 44.58
C THR J 229 -32.49 1.95 46.07
N GLY J 230 -33.55 2.64 46.46
CA GLY J 230 -33.85 2.81 47.87
C GLY J 230 -33.22 4.00 48.56
N LYS J 231 -32.80 5.01 47.80
CA LYS J 231 -32.20 6.19 48.42
C LYS J 231 -33.18 6.88 49.37
N THR J 232 -34.43 7.04 48.94
CA THR J 232 -35.45 7.57 49.84
C THR J 232 -35.65 6.67 51.05
N LEU J 233 -35.58 5.35 50.84
CA LEU J 233 -35.65 4.43 51.97
C LEU J 233 -34.52 4.70 52.96
N ILE J 234 -33.30 4.86 52.45
CA ILE J 234 -32.16 5.10 53.32
C ILE J 234 -32.36 6.39 54.11
N ALA J 235 -32.80 7.45 53.43
CA ALA J 235 -33.01 8.72 54.12
C ALA J 235 -34.06 8.59 55.21
N ARG J 236 -35.20 7.98 54.88
CA ARG J 236 -36.28 7.85 55.86
C ARG J 236 -35.85 6.99 57.04
N ALA J 237 -35.15 5.88 56.77
CA ALA J 237 -34.72 5.02 57.86
C ALA J 237 -33.71 5.71 58.76
N VAL J 238 -32.78 6.45 58.17
CA VAL J 238 -31.81 7.17 58.99
C VAL J 238 -32.51 8.21 59.85
N ALA J 239 -33.49 8.91 59.27
CA ALA J 239 -34.22 9.92 60.04
C ALA J 239 -34.99 9.28 61.18
N ASN J 240 -35.64 8.14 60.93
CA ASN J 240 -36.47 7.52 61.97
C ASN J 240 -35.60 6.89 63.06
N GLU J 241 -34.57 6.16 62.66
CA GLU J 241 -33.73 5.46 63.63
C GLU J 241 -32.98 6.44 64.52
N THR J 242 -32.48 7.53 63.95
CA THR J 242 -31.78 8.52 64.76
C THR J 242 -32.73 9.49 65.45
N GLY J 243 -34.02 9.43 65.15
CA GLY J 243 -34.99 10.33 65.75
C GLY J 243 -35.06 11.71 65.12
N ALA J 244 -34.26 11.97 64.09
CA ALA J 244 -34.27 13.29 63.46
C ALA J 244 -35.59 13.54 62.75
N PHE J 245 -35.95 14.82 62.66
CA PHE J 245 -37.17 15.24 61.98
C PHE J 245 -36.92 15.23 60.48
N PHE J 246 -37.56 14.30 59.78
CA PHE J 246 -37.34 14.13 58.34
C PHE J 246 -38.24 15.08 57.57
N PHE J 247 -37.63 15.84 56.65
CA PHE J 247 -38.36 16.75 55.77
C PHE J 247 -38.02 16.41 54.33
N LEU J 248 -39.06 16.28 53.51
CA LEU J 248 -38.90 15.86 52.11
C LEU J 248 -39.07 17.07 51.19
N ILE J 249 -38.01 17.40 50.47
CA ILE J 249 -38.05 18.45 49.45
C ILE J 249 -38.11 17.73 48.11
N ASN J 250 -39.31 17.46 47.63
CA ASN J 250 -39.49 16.78 46.36
C ASN J 250 -38.96 17.64 45.23
N GLY J 251 -38.24 17.02 44.29
CA GLY J 251 -37.67 17.73 43.17
C GLY J 251 -38.71 18.55 42.43
N PRO J 252 -39.70 17.88 41.83
CA PRO J 252 -40.74 18.60 41.09
C PRO J 252 -41.77 19.26 41.98
N GLU J 253 -41.75 19.01 43.29
CA GLU J 253 -42.70 19.66 44.18
C GLU J 253 -42.50 21.17 44.19
N ILE J 254 -41.26 21.62 44.38
CA ILE J 254 -40.99 23.05 44.36
C ILE J 254 -41.01 23.56 42.93
N MET J 255 -40.52 22.76 41.98
CA MET J 255 -40.42 23.22 40.61
C MET J 255 -41.77 23.36 39.92
N SER J 256 -42.80 22.67 40.41
CA SER J 256 -44.13 22.87 39.85
C SER J 256 -44.78 24.16 40.36
N LYS J 257 -44.29 24.71 41.46
CA LYS J 257 -44.84 25.95 41.99
C LYS J 257 -44.50 27.12 41.09
N LEU J 258 -45.34 28.14 41.13
CA LEU J 258 -45.13 29.32 40.29
C LEU J 258 -43.79 29.98 40.60
N ALA J 259 -43.13 30.45 39.55
CA ALA J 259 -41.85 31.12 39.71
C ALA J 259 -41.99 32.36 40.59
N GLY J 260 -41.01 32.55 41.48
CA GLY J 260 -41.01 33.66 42.41
C GLY J 260 -41.54 33.34 43.79
N GLU J 261 -42.31 32.26 43.93
CA GLU J 261 -42.76 31.82 45.25
C GLU J 261 -42.40 30.37 45.53
N SER J 262 -41.81 29.65 44.56
CA SER J 262 -41.23 28.34 44.86
C SER J 262 -39.99 28.50 45.71
N GLU J 263 -39.19 29.54 45.45
CA GLU J 263 -38.09 29.86 46.35
C GLU J 263 -38.59 30.09 47.76
N SER J 264 -39.79 30.68 47.89
CA SER J 264 -40.37 30.84 49.21
C SER J 264 -40.60 29.49 49.87
N ASN J 265 -41.07 28.50 49.11
CA ASN J 265 -41.27 27.16 49.65
C ASN J 265 -39.94 26.54 50.08
N LEU J 266 -38.90 26.69 49.25
CA LEU J 266 -37.60 26.13 49.60
C LEU J 266 -37.05 26.77 50.88
N ARG J 267 -37.12 28.09 50.96
CA ARG J 267 -36.60 28.79 52.13
C ARG J 267 -37.42 28.46 53.37
N LYS J 268 -38.74 28.34 53.23
CA LYS J 268 -39.57 27.96 54.36
C LYS J 268 -39.24 26.55 54.84
N ALA J 269 -39.00 25.64 53.91
CA ALA J 269 -38.61 24.28 54.30
C ALA J 269 -37.28 24.28 55.04
N PHE J 270 -36.30 25.03 54.55
CA PHE J 270 -35.03 25.10 55.24
C PHE J 270 -35.18 25.71 56.63
N GLU J 271 -35.97 26.77 56.74
CA GLU J 271 -36.20 27.39 58.05
C GLU J 271 -36.88 26.44 59.00
N GLU J 272 -37.90 25.71 58.51
CA GLU J 272 -38.60 24.75 59.37
C GLU J 272 -37.67 23.65 59.84
N ALA J 273 -36.81 23.14 58.94
CA ALA J 273 -35.85 22.12 59.34
C ALA J 273 -34.88 22.66 60.39
N GLU J 274 -34.42 23.90 60.21
CA GLU J 274 -33.54 24.52 61.19
C GLU J 274 -34.24 24.69 62.53
N LYS J 275 -35.53 25.02 62.49
CA LYS J 275 -36.29 25.27 63.71
C LYS J 275 -36.32 24.07 64.63
N ASN J 276 -36.57 22.87 64.09
CA ASN J 276 -36.62 21.65 64.90
C ASN J 276 -35.28 20.92 64.79
N ALA J 277 -34.52 20.89 65.89
CA ALA J 277 -33.24 20.22 66.03
C ALA J 277 -33.45 18.81 66.56
N PRO J 278 -32.57 17.86 66.23
CA PRO J 278 -31.88 17.73 64.95
C PRO J 278 -32.85 17.29 63.86
N ALA J 279 -32.56 17.62 62.60
CA ALA J 279 -33.48 17.30 61.51
C ALA J 279 -32.68 16.94 60.27
N ILE J 280 -33.36 16.28 59.34
CA ILE J 280 -32.79 15.88 58.06
C ILE J 280 -33.65 16.45 56.95
N ILE J 281 -33.03 17.14 56.00
CA ILE J 281 -33.71 17.67 54.83
C ILE J 281 -33.29 16.82 53.64
N PHE J 282 -34.25 16.08 53.09
CA PHE J 282 -33.99 15.20 51.96
C PHE J 282 -34.52 15.86 50.69
N ILE J 283 -33.60 16.24 49.81
CA ILE J 283 -33.95 16.81 48.52
C ILE J 283 -34.04 15.65 47.53
N ASP J 284 -35.25 15.17 47.29
CA ASP J 284 -35.48 14.10 46.34
C ASP J 284 -35.42 14.63 44.92
N GLU J 285 -34.76 13.89 44.04
CA GLU J 285 -34.58 14.32 42.65
C GLU J 285 -33.90 15.69 42.60
N LEU J 286 -32.73 15.75 43.23
CA LEU J 286 -31.97 17.00 43.27
C LEU J 286 -31.54 17.45 41.88
N ASP J 287 -31.42 16.53 40.93
CA ASP J 287 -31.03 16.91 39.57
C ASP J 287 -32.12 17.69 38.85
N ALA J 288 -33.26 17.94 39.49
CA ALA J 288 -34.30 18.80 38.92
C ALA J 288 -34.33 20.18 39.53
N ILE J 289 -33.92 20.33 40.78
CA ILE J 289 -33.92 21.64 41.42
C ILE J 289 -32.66 22.42 41.07
N ALA J 290 -31.50 21.78 41.14
CA ALA J 290 -30.22 22.44 40.88
C ALA J 290 -29.44 21.62 39.86
N PRO J 291 -29.90 21.63 38.60
CA PRO J 291 -29.18 20.91 37.55
C PRO J 291 -28.07 21.76 36.95
N LYS J 292 -27.49 21.27 35.86
CA LYS J 292 -26.34 21.91 35.25
C LYS J 292 -26.70 23.33 34.83
N ARG J 293 -25.94 24.30 35.37
CA ARG J 293 -26.11 25.70 35.00
C ARG J 293 -25.93 25.90 33.51
N GLU J 294 -25.31 27.01 33.10
CA GLU J 294 -25.36 27.52 31.72
C GLU J 294 -26.11 26.60 30.75
N LYS J 295 -25.89 25.29 30.76
CA LYS J 295 -26.82 24.45 30.00
C LYS J 295 -28.18 24.45 30.72
N THR J 296 -28.64 25.64 31.10
CA THR J 296 -30.00 25.86 31.59
C THR J 296 -30.21 27.37 31.51
N HIS J 297 -30.68 27.82 30.35
CA HIS J 297 -31.02 29.22 30.10
C HIS J 297 -32.42 29.63 30.52
N GLY J 298 -33.17 28.78 31.23
CA GLY J 298 -34.50 29.17 31.64
C GLY J 298 -34.58 30.60 32.15
N GLU J 299 -33.84 30.89 33.22
CA GLU J 299 -33.77 32.19 33.90
C GLU J 299 -34.12 32.04 35.37
N VAL J 300 -35.23 31.36 35.67
CA VAL J 300 -35.58 31.13 37.06
C VAL J 300 -34.88 29.89 37.58
N GLU J 301 -34.40 29.03 36.68
CA GLU J 301 -33.58 27.89 37.08
C GLU J 301 -32.30 28.35 37.76
N ARG J 302 -31.63 29.35 37.18
CA ARG J 302 -30.43 29.91 37.78
C ARG J 302 -30.74 30.51 39.15
N ARG J 303 -31.86 31.22 39.27
CA ARG J 303 -32.26 31.79 40.55
C ARG J 303 -32.50 30.71 41.59
N ILE J 304 -33.18 29.63 41.20
CA ILE J 304 -33.45 28.54 42.14
C ILE J 304 -32.16 27.87 42.57
N VAL J 305 -31.25 27.64 41.63
CA VAL J 305 -29.97 27.02 41.96
C VAL J 305 -29.19 27.90 42.92
N SER J 306 -29.18 29.22 42.66
CA SER J 306 -28.46 30.13 43.54
C SER J 306 -29.10 30.18 44.92
N GLN J 307 -30.44 30.13 44.99
CA GLN J 307 -31.11 30.08 46.28
C GLN J 307 -30.73 28.82 47.04
N LEU J 308 -30.68 27.68 46.35
CA LEU J 308 -30.26 26.44 47.00
C LEU J 308 -28.81 26.54 47.48
N LEU J 309 -27.93 27.14 46.68
CA LEU J 309 -26.54 27.32 47.10
C LEU J 309 -26.46 28.20 48.34
N THR J 310 -27.22 29.30 48.37
CA THR J 310 -27.20 30.17 49.53
C THR J 310 -27.72 29.44 50.77
N LEU J 311 -28.78 28.65 50.60
CA LEU J 311 -29.31 27.89 51.73
C LEU J 311 -28.28 26.89 52.25
N MET J 312 -27.61 26.16 51.35
CA MET J 312 -26.63 25.18 51.79
C MET J 312 -25.44 25.86 52.46
N ASP J 313 -24.88 26.89 51.82
CA ASP J 313 -23.81 27.67 52.42
C ASP J 313 -24.34 28.54 53.56
N GLY J 314 -25.65 28.73 53.65
CA GLY J 314 -26.24 29.47 54.74
C GLY J 314 -26.41 28.68 56.02
N LEU J 315 -26.03 27.40 56.02
CA LEU J 315 -26.09 26.61 57.23
C LEU J 315 -25.08 27.15 58.23
N LYS J 316 -25.57 27.84 59.25
CA LYS J 316 -24.76 28.59 60.20
C LYS J 316 -24.18 27.73 61.30
N GLN J 317 -24.08 26.41 61.09
CA GLN J 317 -23.65 25.42 62.06
C GLN J 317 -24.56 25.37 63.27
N ARG J 318 -25.68 26.07 63.22
CA ARG J 318 -26.72 25.98 64.23
C ARG J 318 -27.58 24.75 64.02
N ALA J 319 -28.17 24.26 65.11
CA ALA J 319 -28.92 23.00 65.07
C ALA J 319 -28.04 21.86 64.58
N HIS J 320 -28.68 20.80 64.09
CA HIS J 320 -27.97 19.63 63.58
C HIS J 320 -28.62 19.13 62.30
N VAL J 321 -29.00 20.05 61.42
CA VAL J 321 -29.68 19.68 60.19
C VAL J 321 -28.68 19.02 59.24
N ILE J 322 -29.04 17.83 58.77
CA ILE J 322 -28.26 17.12 57.76
C ILE J 322 -29.03 17.17 56.45
N VAL J 323 -28.41 17.71 55.42
CA VAL J 323 -29.05 17.87 54.11
C VAL J 323 -28.60 16.71 53.24
N MET J 324 -29.46 15.73 53.09
CA MET J 324 -29.22 14.61 52.18
C MET J 324 -29.96 14.85 50.87
N ALA J 325 -29.37 14.37 49.78
CA ALA J 325 -29.93 14.58 48.46
C ALA J 325 -29.90 13.29 47.66
N ALA J 326 -30.83 13.15 46.73
CA ALA J 326 -30.92 12.00 45.86
C ALA J 326 -30.68 12.42 44.42
N THR J 327 -29.84 11.67 43.72
CA THR J 327 -29.53 11.96 42.33
C THR J 327 -29.16 10.66 41.63
N ASN J 328 -29.47 10.59 40.33
CA ASN J 328 -29.13 9.41 39.56
C ASN J 328 -27.62 9.22 39.46
N ARG J 329 -26.89 10.32 39.23
CA ARG J 329 -25.45 10.26 39.06
C ARG J 329 -24.84 11.59 39.49
N PRO J 330 -23.61 11.59 40.00
CA PRO J 330 -22.99 12.85 40.42
C PRO J 330 -22.77 13.85 39.32
N ASN J 331 -22.75 13.41 38.06
CA ASN J 331 -22.46 14.27 36.94
C ASN J 331 -23.69 14.98 36.38
N SER J 332 -24.86 14.74 36.97
CA SER J 332 -26.09 15.38 36.49
C SER J 332 -26.42 16.67 37.22
N ILE J 333 -25.89 16.89 38.42
CA ILE J 333 -26.19 18.07 39.19
C ILE J 333 -25.13 19.13 38.92
N ASP J 334 -25.45 20.38 39.26
CA ASP J 334 -24.53 21.47 39.06
C ASP J 334 -23.25 21.24 39.87
N PRO J 335 -22.07 21.38 39.27
CA PRO J 335 -20.85 21.11 40.03
C PRO J 335 -20.69 22.00 41.26
N ALA J 336 -21.20 23.24 41.22
CA ALA J 336 -21.07 24.12 42.37
C ALA J 336 -21.77 23.55 43.59
N LEU J 337 -22.73 22.63 43.40
CA LEU J 337 -23.39 21.99 44.53
C LEU J 337 -22.46 21.01 45.22
N ARG J 338 -21.53 20.44 44.49
CA ARG J 338 -20.64 19.42 45.00
C ARG J 338 -19.45 20.02 45.73
N ARG J 339 -19.41 21.36 45.90
CA ARG J 339 -18.23 21.92 46.53
C ARG J 339 -18.19 21.61 48.01
N PHE J 340 -17.09 22.03 48.65
CA PHE J 340 -16.93 21.79 50.06
C PHE J 340 -17.98 22.55 50.89
N GLY J 341 -18.53 21.87 51.89
CA GLY J 341 -19.48 22.45 52.80
C GLY J 341 -20.93 22.30 52.37
N ARG J 342 -21.17 22.11 51.08
CA ARG J 342 -22.52 21.93 50.55
C ARG J 342 -22.89 20.46 50.41
N PHE J 343 -22.18 19.73 49.54
CA PHE J 343 -22.26 18.27 49.48
C PHE J 343 -20.84 17.74 49.29
N ASP J 344 -20.16 17.50 50.39
CA ASP J 344 -18.76 17.10 50.39
C ASP J 344 -18.57 15.59 50.40
N ARG J 345 -19.65 14.83 50.45
CA ARG J 345 -19.56 13.37 50.56
C ARG J 345 -20.72 12.72 49.82
N GLU J 346 -20.39 11.66 49.07
CA GLU J 346 -21.32 10.99 48.18
C GLU J 346 -21.30 9.49 48.43
N VAL J 347 -22.48 8.88 48.43
CA VAL J 347 -22.64 7.44 48.61
C VAL J 347 -23.33 6.88 47.37
N ASP J 348 -22.67 5.90 46.73
CA ASP J 348 -23.19 5.24 45.54
C ASP J 348 -23.98 4.01 45.98
N ILE J 349 -25.31 4.14 46.04
CA ILE J 349 -26.13 3.00 46.45
C ILE J 349 -25.99 1.86 45.45
N GLY J 350 -26.11 2.18 44.16
CA GLY J 350 -25.89 1.19 43.11
C GLY J 350 -26.88 0.04 43.15
N ILE J 351 -26.83 -0.82 42.13
CA ILE J 351 -27.70 -1.99 42.04
C ILE J 351 -27.32 -2.97 43.14
N PRO J 352 -28.27 -3.72 43.69
CA PRO J 352 -27.92 -4.74 44.67
C PRO J 352 -27.23 -5.92 44.01
N ASP J 353 -26.75 -6.84 44.85
CA ASP J 353 -26.07 -8.03 44.39
C ASP J 353 -27.03 -9.21 44.45
N ALA J 354 -26.52 -10.40 44.09
CA ALA J 354 -27.33 -11.61 44.20
C ALA J 354 -27.82 -11.80 45.62
N THR J 355 -26.93 -11.67 46.60
CA THR J 355 -27.35 -11.70 48.00
C THR J 355 -28.23 -10.50 48.33
N GLY J 356 -27.90 -9.33 47.77
CA GLY J 356 -28.75 -8.17 47.98
C GLY J 356 -30.14 -8.35 47.40
N ARG J 357 -30.23 -8.90 46.19
CA ARG J 357 -31.53 -9.19 45.60
C ARG J 357 -32.29 -10.20 46.43
N LEU J 358 -31.61 -11.24 46.91
CA LEU J 358 -32.25 -12.23 47.78
C LEU J 358 -32.83 -11.56 49.02
N GLU J 359 -32.02 -10.74 49.70
CA GLU J 359 -32.49 -10.08 50.91
C GLU J 359 -33.68 -9.17 50.62
N ILE J 360 -33.61 -8.41 49.53
CA ILE J 360 -34.73 -7.57 49.14
C ILE J 360 -35.97 -8.42 48.93
N LEU J 361 -35.79 -9.62 48.39
CA LEU J 361 -36.92 -10.53 48.21
C LEU J 361 -37.54 -10.91 49.54
N GLN J 362 -36.71 -11.24 50.55
CA GLN J 362 -37.29 -11.56 51.85
C GLN J 362 -38.01 -10.35 52.46
N ILE J 363 -37.43 -9.15 52.36
CA ILE J 363 -38.12 -7.98 52.91
C ILE J 363 -39.46 -7.76 52.21
N HIS J 364 -39.49 -7.92 50.88
CA HIS J 364 -40.73 -7.70 50.15
C HIS J 364 -41.66 -8.91 50.17
N THR J 365 -41.16 -10.08 50.53
CA THR J 365 -41.98 -11.29 50.68
C THR J 365 -41.95 -11.75 52.14
N LYS J 366 -42.82 -11.17 52.96
CA LYS J 366 -42.90 -11.59 54.35
C LYS J 366 -44.30 -11.67 54.94
N ASN J 367 -45.32 -11.10 54.30
CA ASN J 367 -46.70 -11.23 54.75
C ASN J 367 -47.53 -12.05 53.78
N MET J 368 -46.96 -12.43 52.64
CA MET J 368 -47.67 -13.02 51.52
C MET J 368 -47.87 -14.53 51.59
N LYS J 369 -47.40 -15.23 52.63
CA LYS J 369 -47.43 -16.70 52.63
C LYS J 369 -46.69 -17.29 51.43
N LEU J 370 -45.38 -17.06 51.41
CA LEU J 370 -44.62 -17.51 50.27
C LEU J 370 -44.81 -19.02 50.19
N ALA J 371 -44.91 -19.55 48.97
CA ALA J 371 -45.24 -20.97 48.89
C ALA J 371 -44.09 -21.83 49.39
N ASP J 372 -44.43 -23.08 49.69
CA ASP J 372 -43.41 -23.98 50.19
C ASP J 372 -42.51 -24.42 49.05
N ASP J 373 -43.05 -24.42 47.83
CA ASP J 373 -42.30 -24.83 46.65
C ASP J 373 -41.13 -23.89 46.42
N VAL J 374 -41.34 -22.60 46.65
CA VAL J 374 -40.33 -21.58 46.39
C VAL J 374 -39.37 -21.50 47.57
N ASP J 375 -38.14 -21.08 47.28
CA ASP J 375 -37.15 -20.80 48.30
C ASP J 375 -36.55 -19.41 48.19
N LEU J 376 -36.83 -18.66 47.12
CA LEU J 376 -36.36 -17.30 46.88
C LEU J 376 -34.91 -17.23 46.41
N GLU J 377 -34.19 -18.34 46.31
CA GLU J 377 -32.82 -18.25 45.80
C GLU J 377 -32.76 -18.30 44.28
N GLN J 378 -33.56 -19.17 43.65
CA GLN J 378 -33.56 -19.23 42.19
C GLN J 378 -34.06 -17.92 41.60
N VAL J 379 -35.09 -17.33 42.19
CA VAL J 379 -35.59 -16.05 41.70
C VAL J 379 -34.52 -14.97 41.85
N ALA J 380 -33.82 -14.96 42.99
CA ALA J 380 -32.76 -13.97 43.18
C ALA J 380 -31.65 -14.14 42.16
N ASN J 381 -31.25 -15.38 41.88
CA ASN J 381 -30.21 -15.60 40.88
C ASN J 381 -30.67 -15.17 39.50
N GLU J 382 -31.93 -15.45 39.15
CA GLU J 382 -32.45 -15.09 37.84
C GLU J 382 -32.84 -13.63 37.73
N THR J 383 -32.81 -12.88 38.82
CA THR J 383 -33.25 -11.49 38.84
C THR J 383 -32.10 -10.52 38.54
N HIS J 384 -31.03 -10.98 37.91
CA HIS J 384 -29.91 -10.10 37.61
C HIS J 384 -30.35 -8.94 36.74
N GLY J 385 -29.88 -7.73 37.10
CA GLY J 385 -30.22 -6.53 36.39
C GLY J 385 -31.32 -5.70 37.04
N HIS J 386 -31.98 -6.24 38.06
CA HIS J 386 -33.08 -5.58 38.74
C HIS J 386 -32.58 -4.79 39.94
N VAL J 387 -33.40 -3.84 40.37
CA VAL J 387 -33.10 -3.05 41.56
C VAL J 387 -34.12 -3.41 42.63
N GLY J 388 -33.96 -2.85 43.83
CA GLY J 388 -34.88 -3.19 44.91
C GLY J 388 -36.33 -2.90 44.56
N ALA J 389 -36.58 -1.76 43.90
CA ALA J 389 -37.93 -1.45 43.48
C ALA J 389 -38.44 -2.47 42.47
N ASP J 390 -37.58 -2.91 41.56
CA ASP J 390 -37.97 -3.93 40.60
C ASP J 390 -38.36 -5.22 41.32
N LEU J 391 -37.60 -5.59 42.35
CA LEU J 391 -37.92 -6.80 43.10
C LEU J 391 -39.26 -6.64 43.82
N ALA J 392 -39.52 -5.46 44.37
CA ALA J 392 -40.81 -5.23 45.00
C ALA J 392 -41.94 -5.34 43.99
N ALA J 393 -41.75 -4.80 42.80
CA ALA J 393 -42.77 -4.92 41.76
C ALA J 393 -42.98 -6.37 41.36
N LEU J 394 -41.89 -7.13 41.25
CA LEU J 394 -42.01 -8.55 40.93
C LEU J 394 -42.77 -9.30 42.00
N CYS J 395 -42.48 -9.02 43.27
CA CYS J 395 -43.21 -9.67 44.35
C CYS J 395 -44.69 -9.30 44.32
N SER J 396 -45.00 -8.04 44.07
CA SER J 396 -46.40 -7.62 43.98
C SER J 396 -47.10 -8.30 42.81
N GLU J 397 -46.40 -8.44 41.69
CA GLU J 397 -47.00 -9.11 40.53
C GLU J 397 -47.24 -10.58 40.82
N ALA J 398 -46.30 -11.24 41.51
CA ALA J 398 -46.51 -12.63 41.89
C ALA J 398 -47.70 -12.78 42.83
N ALA J 399 -47.81 -11.87 43.80
CA ALA J 399 -48.95 -11.91 44.72
C ALA J 399 -50.26 -11.72 43.97
N LEU J 400 -50.29 -10.78 43.02
CA LEU J 400 -51.51 -10.54 42.26
C LEU J 400 -51.85 -11.73 41.39
N GLN J 401 -50.85 -12.38 40.78
CA GLN J 401 -51.10 -13.57 39.99
C GLN J 401 -51.65 -14.71 40.85
N ALA J 402 -51.11 -14.88 42.05
CA ALA J 402 -51.63 -15.89 42.95
C ALA J 402 -53.07 -15.58 43.34
N ILE J 403 -53.36 -14.31 43.61
CA ILE J 403 -54.73 -13.92 43.97
C ILE J 403 -55.67 -14.15 42.80
N ARG J 404 -55.19 -13.93 41.57
CA ARG J 404 -56.03 -14.15 40.39
C ARG J 404 -56.33 -15.63 40.16
N LYS J 405 -55.30 -16.49 40.23
CA LYS J 405 -55.54 -17.91 39.97
C LYS J 405 -56.55 -18.50 40.94
N LYS J 406 -56.22 -18.49 42.23
CA LYS J 406 -57.14 -18.94 43.25
C LYS J 406 -57.97 -17.73 43.70
N MET J 407 -58.70 -17.87 44.81
CA MET J 407 -59.41 -16.73 45.35
C MET J 407 -60.35 -16.15 44.30
N ASP J 408 -59.90 -15.13 43.57
CA ASP J 408 -60.77 -14.39 42.68
C ASP J 408 -61.44 -15.27 41.62
N LEU J 409 -60.97 -16.50 41.42
CA LEU J 409 -61.67 -17.41 40.53
C LEU J 409 -63.11 -17.63 40.99
N ILE J 410 -63.30 -17.84 42.29
CA ILE J 410 -64.65 -18.01 42.83
C ILE J 410 -65.45 -16.72 42.68
N ASP J 411 -64.79 -15.57 42.87
CA ASP J 411 -65.39 -14.25 42.79
C ASP J 411 -66.17 -13.88 44.04
N LEU J 412 -65.96 -14.59 45.14
CA LEU J 412 -66.61 -14.25 46.40
C LEU J 412 -65.84 -13.11 47.04
N GLU J 413 -66.17 -11.89 46.63
CA GLU J 413 -65.46 -10.68 47.04
C GLU J 413 -66.44 -9.70 47.67
N ASP J 414 -66.00 -9.06 48.75
CA ASP J 414 -66.79 -8.01 49.40
C ASP J 414 -65.91 -6.80 49.68
N GLU J 415 -66.42 -5.84 50.46
CA GLU J 415 -65.63 -4.64 50.76
C GLU J 415 -64.29 -5.00 51.38
N THR J 416 -64.27 -6.03 52.23
CA THR J 416 -63.02 -6.51 52.82
C THR J 416 -63.13 -8.02 52.96
N ILE J 417 -62.53 -8.76 52.03
CA ILE J 417 -62.63 -10.21 52.07
C ILE J 417 -61.98 -10.74 53.35
N ASP J 418 -62.44 -11.90 53.80
CA ASP J 418 -61.93 -12.50 55.02
C ASP J 418 -60.45 -12.82 54.87
N ALA J 419 -59.67 -12.48 55.90
CA ALA J 419 -58.22 -12.67 55.81
C ALA J 419 -57.84 -14.14 55.67
N GLU J 420 -58.47 -15.01 56.45
CA GLU J 420 -57.92 -16.36 56.58
C GLU J 420 -57.93 -17.08 55.23
N VAL J 421 -58.92 -16.80 54.39
CA VAL J 421 -58.95 -17.43 53.06
C VAL J 421 -57.72 -17.02 52.27
N MET J 422 -57.33 -15.74 52.37
CA MET J 422 -56.11 -15.29 51.72
C MET J 422 -54.90 -15.97 52.34
N ASN J 423 -54.94 -16.21 53.65
CA ASN J 423 -53.90 -17.01 54.28
C ASN J 423 -53.84 -18.41 53.68
N SER J 424 -54.98 -18.93 53.22
CA SER J 424 -55.03 -20.26 52.62
C SER J 424 -54.18 -20.35 51.36
N LEU J 425 -54.08 -19.25 50.61
CA LEU J 425 -53.34 -19.24 49.35
C LEU J 425 -51.89 -18.85 49.57
N ALA J 426 -50.98 -19.64 48.98
CA ALA J 426 -49.55 -19.39 49.05
C ALA J 426 -49.02 -19.11 47.65
N VAL J 427 -48.18 -18.07 47.53
CA VAL J 427 -47.65 -17.68 46.23
C VAL J 427 -46.70 -18.79 45.77
N THR J 428 -47.13 -19.57 44.78
CA THR J 428 -46.38 -20.71 44.29
C THR J 428 -45.25 -20.28 43.36
N MET J 429 -44.28 -21.18 43.18
CA MET J 429 -43.11 -20.89 42.35
C MET J 429 -43.51 -20.62 40.90
N ASP J 430 -44.61 -21.20 40.44
CA ASP J 430 -45.09 -20.88 39.10
C ASP J 430 -45.40 -19.40 38.97
N ASP J 431 -45.96 -18.81 40.03
CA ASP J 431 -46.22 -17.38 40.04
C ASP J 431 -44.93 -16.59 39.90
N PHE J 432 -43.89 -17.01 40.62
CA PHE J 432 -42.61 -16.30 40.54
C PHE J 432 -41.99 -16.46 39.15
N ARG J 433 -42.12 -17.64 38.56
CA ARG J 433 -41.62 -17.83 37.20
C ARG J 433 -42.33 -16.90 36.23
N TRP J 434 -43.65 -16.79 36.35
CA TRP J 434 -44.41 -15.90 35.48
C TRP J 434 -43.98 -14.44 35.71
N ALA J 435 -43.79 -14.06 36.98
CA ALA J 435 -43.36 -12.69 37.27
C ALA J 435 -42.00 -12.42 36.65
N LEU J 436 -41.07 -13.37 36.75
CA LEU J 436 -39.76 -13.20 36.14
C LEU J 436 -39.91 -13.08 34.63
N SER J 437 -40.86 -13.81 34.05
CA SER J 437 -41.14 -13.70 32.63
C SER J 437 -41.73 -12.34 32.28
N GLN J 438 -42.27 -11.63 33.28
CA GLN J 438 -42.89 -10.33 33.08
C GLN J 438 -42.19 -9.25 33.91
N SER J 439 -40.87 -9.35 34.03
CA SER J 439 -40.11 -8.43 34.87
C SER J 439 -39.59 -7.23 34.07
N ASN J 440 -38.81 -7.48 33.02
CA ASN J 440 -38.33 -6.45 32.11
C ASN J 440 -37.55 -5.32 32.79
N PRO J 441 -36.33 -5.57 33.25
CA PRO J 441 -35.50 -4.45 33.73
C PRO J 441 -35.18 -3.49 32.60
N SER J 442 -35.21 -2.19 32.89
CA SER J 442 -35.14 -1.59 34.22
C SER J 442 -33.82 -1.85 34.98
N ALA J 443 -32.75 -1.20 34.50
CA ALA J 443 -31.44 -1.19 35.15
C ALA J 443 -30.53 -2.37 34.81
N LEU J 444 -30.87 -3.14 33.78
CA LEU J 444 -29.98 -4.20 33.32
C LEU J 444 -28.68 -3.64 32.75
N ARG J 445 -28.69 -2.39 32.27
CA ARG J 445 -27.51 -1.80 31.65
C ARG J 445 -26.42 -1.46 32.65
N GLU J 446 -26.80 -1.04 33.86
CA GLU J 446 -25.82 -0.52 34.81
C GLU J 446 -24.74 -1.56 35.12
N THR J 447 -23.51 -1.06 35.27
CA THR J 447 -22.38 -1.93 35.62
C THR J 447 -22.58 -2.53 37.00
N VAL J 448 -22.14 -3.77 37.17
CA VAL J 448 -22.35 -4.50 38.41
C VAL J 448 -21.01 -4.64 39.13
N VAL J 449 -20.97 -4.19 40.38
CA VAL J 449 -19.83 -4.28 41.29
C VAL J 449 -20.20 -5.30 42.37
N GLU J 450 -19.68 -6.52 42.30
CA GLU J 450 -20.10 -7.54 43.26
C GLU J 450 -18.90 -8.26 43.85
N VAL J 451 -19.05 -8.73 45.08
CA VAL J 451 -18.04 -9.57 45.70
C VAL J 451 -18.20 -10.93 45.01
N PRO J 452 -17.27 -11.36 44.17
CA PRO J 452 -17.49 -12.62 43.44
C PRO J 452 -17.68 -13.79 44.40
N GLN J 453 -18.60 -14.68 44.04
CA GLN J 453 -18.92 -15.84 44.87
C GLN J 453 -18.11 -17.08 44.51
N VAL J 454 -17.23 -16.99 43.52
CA VAL J 454 -16.38 -18.13 43.17
C VAL J 454 -15.24 -18.21 44.16
N THR J 455 -14.88 -19.42 44.54
CA THR J 455 -13.81 -19.67 45.49
C THR J 455 -12.71 -20.48 44.83
N TRP J 456 -11.63 -20.70 45.59
CA TRP J 456 -10.50 -21.45 45.07
C TRP J 456 -10.90 -22.87 44.71
N GLU J 457 -11.95 -23.40 45.33
CA GLU J 457 -12.41 -24.74 44.97
C GLU J 457 -12.86 -24.79 43.52
N ASP J 458 -13.55 -23.74 43.06
CA ASP J 458 -14.02 -23.70 41.68
C ASP J 458 -12.86 -23.76 40.69
N ILE J 459 -11.68 -23.26 41.06
CA ILE J 459 -10.52 -23.28 40.19
C ILE J 459 -9.62 -24.44 40.61
N GLY J 460 -9.43 -25.37 39.68
CA GLY J 460 -8.62 -26.55 39.96
C GLY J 460 -7.13 -26.27 39.86
N GLY J 461 -6.38 -26.84 40.79
CA GLY J 461 -4.94 -26.70 40.76
C GLY J 461 -4.49 -25.25 40.80
N LEU J 462 -3.56 -24.89 39.93
CA LEU J 462 -3.01 -23.54 39.87
C LEU J 462 -2.46 -23.13 41.25
N GLU J 463 -1.77 -24.05 41.90
CA GLU J 463 -1.26 -23.79 43.24
C GLU J 463 -0.24 -22.65 43.25
N ASP J 464 0.70 -22.66 42.30
CA ASP J 464 1.69 -21.59 42.23
C ASP J 464 1.04 -20.25 41.92
N VAL J 465 0.14 -20.24 40.93
CA VAL J 465 -0.55 -19.01 40.56
C VAL J 465 -1.44 -18.55 41.72
N LYS J 466 -2.11 -19.48 42.38
CA LYS J 466 -2.95 -19.11 43.52
C LYS J 466 -2.11 -18.50 44.63
N ARG J 467 -0.93 -19.06 44.90
CA ARG J 467 -0.06 -18.52 45.94
C ARG J 467 0.42 -17.12 45.63
N GLU J 468 0.86 -16.87 44.38
CA GLU J 468 1.32 -15.52 44.05
C GLU J 468 0.16 -14.53 44.10
N LEU J 469 -1.02 -14.93 43.63
CA LEU J 469 -2.13 -14.00 43.71
C LEU J 469 -2.41 -13.68 45.17
N GLN J 470 -2.39 -14.70 46.03
CA GLN J 470 -2.55 -14.44 47.46
C GLN J 470 -1.48 -13.47 47.96
N GLU J 471 -0.22 -13.71 47.62
CA GLU J 471 0.85 -12.80 48.01
C GLU J 471 0.48 -11.38 47.63
N LEU J 472 0.41 -11.13 46.32
CA LEU J 472 0.26 -9.77 45.81
C LEU J 472 -0.95 -9.06 46.39
N VAL J 473 -2.11 -9.74 46.45
CA VAL J 473 -3.31 -9.04 46.87
C VAL J 473 -3.46 -9.09 48.38
N GLN J 474 -3.48 -10.29 48.96
CA GLN J 474 -3.82 -10.42 50.37
C GLN J 474 -2.71 -9.92 51.28
N TYR J 475 -1.44 -10.20 50.99
CA TYR J 475 -0.39 -9.83 51.92
C TYR J 475 -0.35 -8.34 52.21
N PRO J 476 -0.43 -7.44 51.23
CA PRO J 476 -0.40 -6.00 51.56
C PRO J 476 -1.52 -5.58 52.48
N VAL J 477 -2.73 -6.08 52.25
CA VAL J 477 -3.87 -5.71 53.09
C VAL J 477 -3.78 -6.33 54.48
N GLU J 478 -3.41 -7.62 54.54
CA GLU J 478 -3.37 -8.29 55.84
C GLU J 478 -2.25 -7.76 56.73
N HIS J 479 -1.08 -7.47 56.17
CA HIS J 479 0.08 -7.04 56.95
C HIS J 479 0.68 -5.77 56.34
N PRO J 480 -0.05 -4.66 56.39
CA PRO J 480 0.53 -3.40 55.89
C PRO J 480 1.76 -2.98 56.68
N ASP J 481 1.78 -3.22 57.99
CA ASP J 481 2.91 -2.78 58.81
C ASP J 481 4.20 -3.43 58.34
N LYS J 482 4.16 -4.73 58.00
CA LYS J 482 5.38 -5.41 57.59
C LYS J 482 5.86 -4.93 56.23
N PHE J 483 4.94 -4.55 55.34
CA PHE J 483 5.33 -3.96 54.07
C PHE J 483 5.95 -2.59 54.29
N LEU J 484 5.44 -1.84 55.27
CA LEU J 484 6.01 -0.55 55.61
C LEU J 484 7.39 -0.68 56.24
N LYS J 485 7.61 -1.75 57.01
CA LYS J 485 8.89 -1.94 57.69
C LYS J 485 10.05 -2.09 56.70
N PHE J 486 9.86 -2.85 55.63
CA PHE J 486 10.93 -3.12 54.68
C PHE J 486 11.07 -2.05 53.61
N GLY J 487 10.25 -1.00 53.66
CA GLY J 487 10.33 0.07 52.68
C GLY J 487 10.02 -0.34 51.26
N MET J 488 9.10 -1.28 51.07
CA MET J 488 8.70 -1.74 49.75
C MET J 488 7.24 -1.38 49.53
N THR J 489 6.96 -0.78 48.37
CA THR J 489 5.58 -0.45 48.02
C THR J 489 4.99 -1.55 47.15
N PRO J 490 3.96 -2.24 47.61
CA PRO J 490 3.37 -3.32 46.81
C PRO J 490 2.92 -2.82 45.44
N SER J 491 3.24 -3.62 44.42
CA SER J 491 2.78 -3.30 43.07
C SER J 491 1.28 -3.47 42.99
N LYS J 492 0.65 -2.61 42.19
CA LYS J 492 -0.80 -2.66 41.98
C LYS J 492 -1.09 -2.86 40.50
N GLY J 493 -0.99 -4.12 40.07
CA GLY J 493 -1.25 -4.47 38.68
C GLY J 493 -0.76 -5.86 38.35
N VAL J 494 -1.65 -6.72 37.85
CA VAL J 494 -1.28 -8.06 37.43
C VAL J 494 -1.76 -8.25 36.00
N LEU J 495 -1.08 -9.14 35.28
CA LEU J 495 -1.46 -9.43 33.90
C LEU J 495 -1.42 -10.94 33.67
N PHE J 496 -2.59 -11.56 33.58
CA PHE J 496 -2.69 -12.98 33.26
C PHE J 496 -2.59 -13.17 31.76
N TYR J 497 -1.68 -14.05 31.33
CA TYR J 497 -1.54 -14.40 29.92
C TYR J 497 -1.54 -15.92 29.80
N GLY J 498 -2.15 -16.43 28.73
CA GLY J 498 -2.22 -17.83 28.50
C GLY J 498 -3.22 -18.18 27.41
N PRO J 499 -3.40 -19.48 27.14
CA PRO J 499 -4.35 -19.87 26.10
C PRO J 499 -5.78 -19.56 26.53
N PRO J 500 -6.68 -19.33 25.57
CA PRO J 500 -8.06 -18.99 25.93
C PRO J 500 -8.75 -20.13 26.67
N GLY J 501 -9.66 -19.75 27.56
CA GLY J 501 -10.47 -20.73 28.27
C GLY J 501 -9.79 -21.43 29.43
N CYS J 502 -8.66 -20.93 29.92
CA CYS J 502 -7.96 -21.58 31.02
C CYS J 502 -8.41 -21.08 32.39
N GLY J 503 -9.37 -20.16 32.44
CA GLY J 503 -9.92 -19.71 33.70
C GLY J 503 -9.25 -18.51 34.32
N LYS J 504 -8.85 -17.54 33.49
CA LYS J 504 -8.27 -16.31 34.04
C LYS J 504 -9.32 -15.44 34.72
N THR J 505 -10.50 -15.32 34.12
CA THR J 505 -11.57 -14.54 34.74
C THR J 505 -11.98 -15.16 36.06
N LEU J 506 -12.12 -16.49 36.10
CA LEU J 506 -12.46 -17.15 37.36
C LEU J 506 -11.35 -16.97 38.39
N LEU J 507 -10.09 -17.01 37.96
CA LEU J 507 -9.01 -16.80 38.91
C LEU J 507 -9.07 -15.41 39.52
N ALA J 508 -9.32 -14.39 38.69
CA ALA J 508 -9.45 -13.03 39.20
C ALA J 508 -10.63 -12.93 40.17
N LYS J 509 -11.76 -13.55 39.80
CA LYS J 509 -12.92 -13.52 40.69
C LYS J 509 -12.62 -14.20 42.01
N ALA J 510 -11.89 -15.32 41.97
CA ALA J 510 -11.55 -16.03 43.19
C ALA J 510 -10.65 -15.19 44.08
N ILE J 511 -9.65 -14.52 43.48
CA ILE J 511 -8.77 -13.69 44.29
C ILE J 511 -9.55 -12.53 44.90
N ALA J 512 -10.50 -11.97 44.16
CA ALA J 512 -11.35 -10.92 44.72
C ALA J 512 -12.21 -11.46 45.85
N ASN J 513 -12.73 -12.67 45.71
CA ASN J 513 -13.60 -13.28 46.72
C ASN J 513 -12.83 -13.57 48.00
N GLU J 514 -11.58 -14.01 47.89
CA GLU J 514 -10.80 -14.32 49.08
C GLU J 514 -10.62 -13.08 49.94
N CYS J 515 -10.36 -11.92 49.32
CA CYS J 515 -10.21 -10.68 50.06
C CYS J 515 -11.54 -10.00 50.36
N GLN J 516 -12.66 -10.58 49.91
CA GLN J 516 -13.98 -9.98 50.11
C GLN J 516 -14.06 -8.57 49.52
N ALA J 517 -13.40 -8.40 48.38
CA ALA J 517 -13.35 -7.12 47.69
C ALA J 517 -14.27 -7.12 46.47
N ASN J 518 -14.93 -6.00 46.24
CA ASN J 518 -15.81 -5.89 45.08
C ASN J 518 -15.03 -6.19 43.82
N PHE J 519 -15.73 -6.69 42.80
CA PHE J 519 -15.12 -7.07 41.54
C PHE J 519 -15.81 -6.35 40.39
N ILE J 520 -15.02 -5.64 39.58
CA ILE J 520 -15.51 -4.95 38.40
C ILE J 520 -14.82 -5.56 37.20
N SER J 521 -15.59 -6.07 36.24
CA SER J 521 -15.05 -6.72 35.06
C SER J 521 -15.34 -5.87 33.84
N ILE J 522 -14.28 -5.47 33.14
CA ILE J 522 -14.38 -4.69 31.92
C ILE J 522 -14.03 -5.63 30.77
N LYS J 523 -15.04 -6.19 30.12
CA LYS J 523 -14.80 -7.16 29.06
C LYS J 523 -14.29 -6.47 27.80
N GLY J 524 -13.85 -7.27 26.83
CA GLY J 524 -13.37 -6.77 25.57
C GLY J 524 -14.39 -5.99 24.76
N PRO J 525 -15.65 -6.41 24.72
CA PRO J 525 -16.64 -5.62 23.98
C PRO J 525 -16.75 -4.19 24.48
N GLU J 526 -16.63 -3.96 25.79
CA GLU J 526 -16.71 -2.59 26.30
C GLU J 526 -15.55 -1.73 25.80
N LEU J 527 -14.33 -2.28 25.85
CA LEU J 527 -13.19 -1.53 25.34
C LEU J 527 -13.32 -1.26 23.85
N LEU J 528 -13.79 -2.26 23.09
CA LEU J 528 -13.98 -2.06 21.66
C LEU J 528 -15.06 -1.03 21.38
N THR J 529 -16.11 -0.98 22.21
CA THR J 529 -17.13 0.04 22.06
C THR J 529 -16.57 1.42 22.32
N MET J 530 -15.75 1.56 23.36
CA MET J 530 -15.11 2.85 23.62
C MET J 530 -14.18 3.26 22.49
N TRP J 531 -13.55 2.27 21.84
CA TRP J 531 -12.62 2.56 20.75
C TRP J 531 -13.35 2.95 19.47
N PHE J 532 -14.34 2.17 19.06
CA PHE J 532 -15.07 2.49 17.83
C PHE J 532 -15.82 3.81 17.96
N GLY J 533 -16.49 4.03 19.09
CA GLY J 533 -17.19 5.27 19.30
C GLY J 533 -16.30 6.46 19.59
N GLU J 534 -14.98 6.25 19.65
CA GLU J 534 -14.03 7.32 19.95
C GLU J 534 -14.38 8.02 21.26
N SER J 535 -14.98 7.29 22.18
CA SER J 535 -15.31 7.80 23.51
C SER J 535 -14.45 7.03 24.51
N GLU J 536 -13.22 7.48 24.68
CA GLU J 536 -12.33 6.88 25.67
C GLU J 536 -12.40 7.58 27.02
N ALA J 537 -13.18 8.66 27.16
CA ALA J 537 -13.32 9.30 28.45
C ALA J 537 -14.12 8.47 29.44
N ASN J 538 -14.83 7.44 28.96
CA ASN J 538 -15.59 6.61 29.89
C ASN J 538 -14.68 5.75 30.74
N VAL J 539 -13.42 5.59 30.32
CA VAL J 539 -12.48 4.84 31.14
C VAL J 539 -12.28 5.58 32.45
N ARG J 540 -12.29 6.91 32.40
CA ARG J 540 -12.15 7.68 33.64
C ARG J 540 -13.33 7.39 34.55
N GLU J 541 -14.54 7.30 33.97
CA GLU J 541 -15.69 6.98 34.80
C GLU J 541 -15.54 5.60 35.40
N ILE J 542 -15.01 4.65 34.63
CA ILE J 542 -14.81 3.31 35.16
C ILE J 542 -13.90 3.36 36.36
N PHE J 543 -12.81 4.11 36.24
CA PHE J 543 -11.87 4.16 37.36
C PHE J 543 -12.50 4.87 38.54
N ASP J 544 -13.35 5.86 38.30
CA ASP J 544 -14.03 6.51 39.41
C ASP J 544 -14.93 5.53 40.12
N LYS J 545 -15.61 4.67 39.35
CA LYS J 545 -16.45 3.65 39.97
C LYS J 545 -15.59 2.72 40.81
N ALA J 546 -14.41 2.37 40.31
CA ALA J 546 -13.52 1.51 41.09
C ALA J 546 -13.14 2.21 42.39
N ARG J 547 -12.90 3.51 42.32
CA ARG J 547 -12.55 4.25 43.53
C ARG J 547 -13.71 4.24 44.51
N GLN J 548 -14.94 4.44 44.02
CA GLN J 548 -16.10 4.46 44.92
C GLN J 548 -16.33 3.11 45.57
N ALA J 549 -16.01 2.02 44.88
CA ALA J 549 -16.21 0.68 45.39
C ALA J 549 -15.00 0.13 46.12
N ALA J 550 -13.97 0.95 46.33
CA ALA J 550 -12.77 0.46 46.99
C ALA J 550 -13.10 0.04 48.42
N PRO J 551 -12.50 -1.05 48.91
CA PRO J 551 -11.48 -1.79 48.15
C PRO J 551 -12.09 -2.62 47.03
N CYS J 552 -11.46 -2.61 45.86
CA CYS J 552 -12.00 -3.27 44.68
C CYS J 552 -10.87 -3.86 43.86
N VAL J 553 -11.23 -4.80 42.99
CA VAL J 553 -10.30 -5.43 42.06
C VAL J 553 -10.81 -5.16 40.65
N LEU J 554 -10.24 -4.18 39.98
CA LEU J 554 -10.63 -3.81 38.63
C LEU J 554 -9.94 -4.75 37.64
N PHE J 555 -10.71 -5.63 37.02
CA PHE J 555 -10.18 -6.62 36.09
C PHE J 555 -10.53 -6.23 34.67
N PHE J 556 -9.52 -6.17 33.80
CA PHE J 556 -9.70 -5.86 32.39
C PHE J 556 -9.52 -7.15 31.60
N ASP J 557 -10.62 -7.90 31.46
CA ASP J 557 -10.54 -9.17 30.76
C ASP J 557 -10.26 -8.95 29.28
N GLU J 558 -9.44 -9.82 28.71
CA GLU J 558 -9.13 -9.77 27.28
C GLU J 558 -8.82 -8.34 26.81
N LEU J 559 -7.80 -7.79 27.45
CA LEU J 559 -7.32 -6.44 27.19
C LEU J 559 -6.74 -6.26 25.79
N ASP J 560 -6.44 -7.34 25.07
CA ASP J 560 -5.83 -7.22 23.75
C ASP J 560 -6.82 -7.06 22.61
N SER J 561 -8.11 -6.89 22.93
CA SER J 561 -9.12 -6.82 21.88
C SER J 561 -8.88 -5.66 20.92
N ILE J 562 -8.51 -4.49 21.47
CA ILE J 562 -8.28 -3.32 20.62
C ILE J 562 -7.09 -3.53 19.69
N ALA J 563 -6.03 -4.17 20.19
CA ALA J 563 -4.88 -4.44 19.33
C ALA J 563 -5.26 -5.37 18.18
N LYS J 564 -6.07 -6.40 18.47
CA LYS J 564 -6.54 -7.28 17.41
C LYS J 564 -7.40 -6.54 16.40
N ALA J 565 -8.27 -5.65 16.89
CA ALA J 565 -9.15 -4.90 16.00
C ALA J 565 -8.37 -4.05 15.01
N ARG J 566 -7.19 -3.56 15.38
CA ARG J 566 -6.39 -2.74 14.49
C ARG J 566 -5.54 -3.55 13.52
N GLY J 567 -5.77 -4.86 13.41
CA GLY J 567 -4.99 -5.67 12.50
C GLY J 567 -4.39 -6.92 13.11
N GLY J 568 -4.63 -7.15 14.39
CA GLY J 568 -4.11 -8.33 15.04
C GLY J 568 -2.67 -8.18 15.48
N ASN J 569 -1.76 -8.86 14.78
CA ASN J 569 -0.33 -8.74 15.05
C ASN J 569 0.36 -7.77 14.10
N ILE J 570 0.11 -7.89 12.79
CA ILE J 570 0.69 -6.95 11.84
C ILE J 570 0.22 -5.55 12.15
N GLY J 571 -1.06 -5.41 12.51
CA GLY J 571 -1.64 -4.12 12.85
C GLY J 571 -1.71 -3.16 11.67
N ASP J 572 -1.86 -1.89 12.03
CA ASP J 572 -1.92 -0.79 11.08
C ASP J 572 -0.52 -0.20 10.92
N GLY J 573 -0.41 0.94 10.24
CA GLY J 573 0.90 1.58 10.12
C GLY J 573 1.41 2.15 11.43
N GLY J 574 0.51 2.43 12.37
CA GLY J 574 0.90 2.99 13.64
C GLY J 574 1.49 1.95 14.57
N GLY J 575 1.79 2.38 15.79
CA GLY J 575 2.38 1.52 16.79
C GLY J 575 1.33 0.87 17.67
N ALA J 576 1.79 0.38 18.82
CA ALA J 576 0.90 -0.30 19.76
C ALA J 576 -0.02 0.65 20.51
N ALA J 577 0.24 1.95 20.47
CA ALA J 577 -0.57 2.89 21.23
C ALA J 577 -1.95 3.06 20.62
N ASP J 578 -2.97 3.13 21.48
CA ASP J 578 -4.35 3.32 21.06
C ASP J 578 -5.04 4.17 22.11
N ARG J 579 -6.20 4.73 21.73
CA ARG J 579 -6.87 5.69 22.60
C ARG J 579 -7.29 5.06 23.93
N VAL J 580 -7.96 3.91 23.89
CA VAL J 580 -8.48 3.31 25.11
C VAL J 580 -7.36 2.87 26.03
N ILE J 581 -6.33 2.21 25.48
CA ILE J 581 -5.22 1.78 26.31
C ILE J 581 -4.46 2.99 26.85
N ASN J 582 -4.35 4.06 26.06
CA ASN J 582 -3.72 5.26 26.56
C ASN J 582 -4.48 5.85 27.73
N GLN J 583 -5.81 5.89 27.65
CA GLN J 583 -6.58 6.40 28.78
C GLN J 583 -6.40 5.49 30.00
N ILE J 584 -6.35 4.18 29.77
CA ILE J 584 -6.13 3.24 30.86
C ILE J 584 -4.79 3.49 31.52
N LEU J 585 -3.75 3.71 30.72
CA LEU J 585 -2.42 4.01 31.27
C LEU J 585 -2.42 5.30 32.08
N THR J 586 -3.07 6.35 31.56
CA THR J 586 -3.13 7.60 32.30
C THR J 586 -3.82 7.39 33.64
N GLU J 587 -4.95 6.69 33.64
CA GLU J 587 -5.69 6.47 34.87
C GLU J 587 -4.90 5.60 35.84
N MET J 588 -4.20 4.59 35.33
CA MET J 588 -3.39 3.72 36.18
C MET J 588 -2.25 4.48 36.81
N ASP J 589 -1.63 5.39 36.05
CA ASP J 589 -0.57 6.21 36.64
C ASP J 589 -1.14 7.12 37.72
N GLY J 590 -2.29 7.75 37.45
CA GLY J 590 -2.91 8.55 38.48
C GLY J 590 -3.58 7.73 39.57
N MET J 591 -3.87 6.45 39.30
CA MET J 591 -4.53 5.59 40.28
C MET J 591 -3.50 4.86 41.14
N SER J 592 -2.70 5.64 41.87
CA SER J 592 -1.68 5.06 42.73
C SER J 592 -1.93 5.33 44.21
N THR J 593 -2.52 6.47 44.55
CA THR J 593 -2.78 6.79 45.95
C THR J 593 -3.92 5.96 46.54
N LYS J 594 -4.81 5.42 45.71
CA LYS J 594 -6.01 4.78 46.24
C LYS J 594 -5.67 3.58 47.10
N LYS J 595 -4.71 2.76 46.66
CA LYS J 595 -4.27 1.59 47.39
C LYS J 595 -5.31 0.47 47.41
N ASN J 596 -6.59 0.83 47.59
CA ASN J 596 -7.64 -0.19 47.61
C ASN J 596 -7.80 -0.85 46.25
N VAL J 597 -7.92 -0.07 45.18
CA VAL J 597 -8.21 -0.65 43.89
C VAL J 597 -7.01 -1.46 43.41
N PHE J 598 -7.28 -2.65 42.88
CA PHE J 598 -6.24 -3.53 42.36
C PHE J 598 -6.59 -3.87 40.92
N ILE J 599 -5.67 -3.61 40.00
CA ILE J 599 -5.92 -3.77 38.58
C ILE J 599 -5.35 -5.11 38.11
N ILE J 600 -6.20 -5.93 37.52
CA ILE J 600 -5.83 -7.23 36.98
C ILE J 600 -6.17 -7.23 35.50
N GLY J 601 -5.22 -7.64 34.67
CA GLY J 601 -5.42 -7.71 33.24
C GLY J 601 -5.28 -9.13 32.72
N ALA J 602 -6.06 -9.45 31.69
CA ALA J 602 -6.04 -10.74 31.05
C ALA J 602 -5.91 -10.56 29.54
N THR J 603 -5.07 -11.36 28.91
CA THR J 603 -4.83 -11.24 27.48
C THR J 603 -4.37 -12.58 26.93
N ASN J 604 -5.02 -13.02 25.85
CA ASN J 604 -4.64 -14.24 25.16
C ASN J 604 -3.57 -14.02 24.10
N ARG J 605 -3.20 -12.77 23.85
CA ARG J 605 -2.17 -12.43 22.87
C ARG J 605 -1.18 -11.47 23.50
N PRO J 606 -0.32 -11.97 24.39
CA PRO J 606 0.64 -11.07 25.05
C PRO J 606 1.61 -10.40 24.09
N ASP J 607 1.86 -11.02 22.94
CA ASP J 607 2.83 -10.45 22.00
C ASP J 607 2.37 -9.09 21.46
N ILE J 608 1.07 -8.94 21.18
CA ILE J 608 0.56 -7.70 20.61
C ILE J 608 0.20 -6.66 21.68
N ILE J 609 0.29 -7.02 22.96
CA ILE J 609 -0.04 -6.06 24.01
C ILE J 609 0.95 -4.90 23.97
N ASP J 610 0.45 -3.71 24.32
CA ASP J 610 1.29 -2.52 24.32
C ASP J 610 2.40 -2.69 25.37
N PRO J 611 3.66 -2.46 25.01
CA PRO J 611 4.73 -2.60 26.03
C PRO J 611 4.57 -1.65 27.19
N ALA J 612 4.01 -0.46 26.96
CA ALA J 612 3.84 0.50 28.04
C ALA J 612 2.96 -0.05 29.15
N ILE J 613 2.11 -1.03 28.85
CA ILE J 613 1.28 -1.66 29.86
C ILE J 613 2.12 -2.30 30.96
N LEU J 614 3.31 -2.77 30.61
CA LEU J 614 4.13 -3.56 31.53
C LEU J 614 5.16 -2.73 32.28
N ARG J 615 5.21 -1.41 32.06
CA ARG J 615 6.18 -0.58 32.76
C ARG J 615 5.84 -0.48 34.24
N PRO J 616 6.82 -0.16 35.08
CA PRO J 616 6.56 -0.08 36.52
C PRO J 616 5.48 0.95 36.82
N GLY J 617 4.69 0.65 37.84
CA GLY J 617 3.49 1.40 38.13
C GLY J 617 2.28 0.94 37.34
N ARG J 618 2.48 0.00 36.43
CA ARG J 618 1.48 -0.62 35.58
C ARG J 618 1.44 -2.11 35.90
N LEU J 619 0.80 -2.89 35.03
CA LEU J 619 0.67 -4.32 35.30
C LEU J 619 2.03 -4.99 35.15
N ASP J 620 2.90 -4.79 36.14
CA ASP J 620 4.24 -5.33 36.11
C ASP J 620 4.24 -6.86 36.22
N GLN J 621 3.47 -7.39 37.16
CA GLN J 621 3.51 -8.82 37.47
C GLN J 621 2.79 -9.62 36.40
N LEU J 622 3.55 -10.22 35.49
CA LEU J 622 3.01 -11.09 34.46
C LEU J 622 2.90 -12.51 35.01
N ILE J 623 1.73 -13.12 34.87
CA ILE J 623 1.47 -14.46 35.36
C ILE J 623 0.99 -15.31 34.20
N TYR J 624 1.62 -16.46 34.00
CA TYR J 624 1.27 -17.36 32.91
C TYR J 624 0.24 -18.37 33.41
N ILE J 625 -0.94 -18.35 32.81
CA ILE J 625 -2.00 -19.29 33.16
C ILE J 625 -1.97 -20.43 32.14
N PRO J 626 -1.28 -21.53 32.44
CA PRO J 626 -1.15 -22.61 31.46
C PRO J 626 -2.36 -23.54 31.47
N LEU J 627 -2.36 -24.46 30.52
CA LEU J 627 -3.43 -25.43 30.41
C LEU J 627 -3.50 -26.28 31.68
N PRO J 628 -4.69 -26.63 32.15
CA PRO J 628 -4.80 -27.36 33.41
C PRO J 628 -4.10 -28.72 33.34
N ASP J 629 -3.52 -29.11 34.46
CA ASP J 629 -2.85 -30.41 34.56
C ASP J 629 -3.89 -31.50 34.79
N GLU J 630 -3.43 -32.72 35.05
CA GLU J 630 -4.36 -33.82 35.30
C GLU J 630 -5.20 -33.55 36.53
N LYS J 631 -4.57 -33.12 37.62
CA LYS J 631 -5.32 -32.78 38.83
C LYS J 631 -6.21 -31.57 38.59
N SER J 632 -5.69 -30.57 37.87
CA SER J 632 -6.50 -29.41 37.54
C SER J 632 -7.68 -29.80 36.67
N ARG J 633 -7.46 -30.70 35.71
CA ARG J 633 -8.56 -31.16 34.86
C ARG J 633 -9.61 -31.89 35.68
N VAL J 634 -9.17 -32.74 36.62
CA VAL J 634 -10.12 -33.44 37.48
C VAL J 634 -10.94 -32.44 38.29
N ALA J 635 -10.28 -31.44 38.85
CA ALA J 635 -10.99 -30.43 39.65
C ALA J 635 -11.98 -29.66 38.78
N ILE J 636 -11.59 -29.30 37.57
CA ILE J 636 -12.49 -28.57 36.67
C ILE J 636 -13.71 -29.43 36.33
N LEU J 637 -13.48 -30.71 36.04
CA LEU J 637 -14.60 -31.59 35.73
C LEU J 637 -15.54 -31.71 36.91
N LYS J 638 -14.98 -31.87 38.12
CA LYS J 638 -15.82 -31.98 39.30
C LYS J 638 -16.63 -30.71 39.51
N ALA J 639 -16.01 -29.55 39.35
CA ALA J 639 -16.70 -28.29 39.55
C ALA J 639 -17.82 -28.10 38.53
N ASN J 640 -17.58 -28.46 37.27
CA ASN J 640 -18.62 -28.31 36.24
C ASN J 640 -19.81 -29.22 36.52
N LEU J 641 -19.55 -30.44 36.99
CA LEU J 641 -20.59 -31.44 37.18
C LEU J 641 -21.19 -31.45 38.58
N ARG J 642 -20.84 -30.48 39.43
CA ARG J 642 -21.37 -30.49 40.78
C ARG J 642 -22.89 -30.33 40.78
N LYS J 643 -23.40 -29.38 40.01
CA LYS J 643 -24.85 -29.19 39.96
C LYS J 643 -25.54 -30.38 39.31
N SER J 644 -24.99 -30.90 38.21
CA SER J 644 -25.63 -31.99 37.50
C SER J 644 -25.57 -33.28 38.32
N PRO J 645 -26.62 -34.10 38.30
CA PRO J 645 -26.57 -35.40 38.99
C PRO J 645 -25.78 -36.43 38.20
N VAL J 646 -24.59 -36.75 38.70
CA VAL J 646 -23.68 -37.68 38.03
C VAL J 646 -23.60 -38.97 38.84
N ALA J 647 -23.80 -40.10 38.18
CA ALA J 647 -23.73 -41.39 38.86
C ALA J 647 -22.31 -41.66 39.37
N LYS J 648 -22.21 -42.30 40.54
CA LYS J 648 -20.90 -42.62 41.11
C LYS J 648 -20.12 -43.61 40.27
N ASP J 649 -20.81 -44.38 39.41
CA ASP J 649 -20.10 -45.39 38.63
C ASP J 649 -19.15 -44.76 37.62
N VAL J 650 -19.43 -43.55 37.13
CA VAL J 650 -18.58 -42.92 36.12
C VAL J 650 -17.29 -42.46 36.80
N ASP J 651 -16.17 -42.99 36.32
CA ASP J 651 -14.84 -42.63 36.85
C ASP J 651 -14.38 -41.32 36.21
N LEU J 652 -14.58 -40.21 36.92
CA LEU J 652 -14.25 -38.91 36.38
C LEU J 652 -12.75 -38.73 36.23
N GLU J 653 -11.94 -39.37 37.08
CA GLU J 653 -10.50 -39.25 36.97
C GLU J 653 -9.99 -39.82 35.66
N PHE J 654 -10.58 -40.94 35.21
CA PHE J 654 -10.18 -41.50 33.93
C PHE J 654 -10.48 -40.52 32.80
N LEU J 655 -11.63 -39.87 32.84
CA LEU J 655 -11.97 -38.89 31.82
C LEU J 655 -11.00 -37.71 31.85
N ALA J 656 -10.65 -37.25 33.06
CA ALA J 656 -9.72 -36.13 33.16
C ALA J 656 -8.34 -36.49 32.61
N LYS J 657 -7.86 -37.70 32.92
CA LYS J 657 -6.53 -38.10 32.47
C LYS J 657 -6.51 -38.38 30.96
N MET J 658 -7.60 -38.90 30.41
CA MET J 658 -7.66 -39.12 28.97
C MET J 658 -7.63 -37.82 28.18
N THR J 659 -8.14 -36.74 28.76
CA THR J 659 -8.13 -35.42 28.13
C THR J 659 -6.70 -34.89 28.24
N ASN J 660 -5.90 -35.18 27.22
CA ASN J 660 -4.48 -34.87 27.25
C ASN J 660 -4.22 -33.38 27.44
N GLY J 661 -4.70 -32.56 26.51
CA GLY J 661 -4.44 -31.14 26.59
C GLY J 661 -5.66 -30.27 26.42
N PHE J 662 -6.81 -30.75 26.88
CA PHE J 662 -8.03 -29.96 26.80
C PHE J 662 -7.96 -28.77 27.75
N SER J 663 -8.45 -27.62 27.30
CA SER J 663 -8.55 -26.46 28.16
C SER J 663 -9.80 -26.56 29.02
N GLY J 664 -9.92 -25.63 29.97
CA GLY J 664 -11.10 -25.62 30.81
C GLY J 664 -12.38 -25.46 30.00
N ALA J 665 -12.32 -24.64 28.95
CA ALA J 665 -13.48 -24.47 28.08
C ALA J 665 -13.87 -25.77 27.42
N ASP J 666 -12.89 -26.56 26.97
CA ASP J 666 -13.19 -27.83 26.32
C ASP J 666 -13.84 -28.80 27.29
N LEU J 667 -13.34 -28.87 28.52
CA LEU J 667 -13.95 -29.74 29.52
C LEU J 667 -15.37 -29.30 29.85
N THR J 668 -15.59 -27.99 29.95
CA THR J 668 -16.94 -27.49 30.20
C THR J 668 -17.86 -27.84 29.03
N GLU J 669 -17.35 -27.74 27.80
CA GLU J 669 -18.13 -28.10 26.63
C GLU J 669 -18.50 -29.57 26.65
N ILE J 670 -17.55 -30.44 27.03
CA ILE J 670 -17.83 -31.87 27.10
C ILE J 670 -18.91 -32.14 28.14
N CYS J 671 -18.79 -31.50 29.31
CA CYS J 671 -19.80 -31.70 30.36
C CYS J 671 -21.17 -31.21 29.89
N GLN J 672 -21.21 -30.05 29.23
CA GLN J 672 -22.48 -29.53 28.74
C GLN J 672 -23.08 -30.46 27.70
N ARG J 673 -22.26 -31.02 26.83
CA ARG J 673 -22.77 -31.95 25.83
C ARG J 673 -23.32 -33.21 26.48
N ALA J 674 -22.63 -33.71 27.51
CA ALA J 674 -23.14 -34.89 28.22
C ALA J 674 -24.48 -34.58 28.88
N CYS J 675 -24.60 -33.41 29.51
CA CYS J 675 -25.87 -33.04 30.13
C CYS J 675 -26.97 -32.91 29.08
N LYS J 676 -26.64 -32.33 27.92
CA LYS J 676 -27.62 -32.20 26.85
C LYS J 676 -28.07 -33.55 26.35
N LEU J 677 -27.13 -34.49 26.21
CA LEU J 677 -27.48 -35.83 25.76
C LEU J 677 -28.40 -36.51 26.77
N ALA J 678 -28.08 -36.37 28.06
CA ALA J 678 -28.94 -36.94 29.09
C ALA J 678 -30.33 -36.34 29.06
N ILE J 679 -30.42 -35.01 28.90
CA ILE J 679 -31.71 -34.35 28.88
C ILE J 679 -32.52 -34.78 27.65
N ARG J 680 -31.88 -34.87 26.50
CA ARG J 680 -32.61 -35.29 25.31
C ARG J 680 -33.13 -36.71 25.46
N GLU J 681 -32.31 -37.61 26.00
CA GLU J 681 -32.74 -38.98 26.18
C GLU J 681 -33.91 -39.04 27.15
N SER J 682 -33.81 -38.30 28.27
CA SER J 682 -34.90 -38.31 29.24
C SER J 682 -36.18 -37.77 28.66
N ILE J 683 -36.10 -36.68 27.88
CA ILE J 683 -37.32 -36.10 27.31
C ILE J 683 -37.93 -37.04 26.29
N GLU J 684 -37.11 -37.63 25.42
CA GLU J 684 -37.65 -38.53 24.41
C GLU J 684 -38.25 -39.79 25.05
N SER J 685 -37.55 -40.42 25.98
CA SER J 685 -38.06 -41.64 26.60
C SER J 685 -39.32 -41.38 27.42
N GLU J 686 -39.33 -40.33 28.26
CA GLU J 686 -40.53 -40.05 29.05
C GLU J 686 -41.69 -39.72 28.13
N ILE J 687 -41.43 -38.92 27.09
CA ILE J 687 -42.49 -38.56 26.15
C ILE J 687 -43.03 -39.78 25.42
N ARG J 688 -42.14 -40.57 24.82
CA ARG J 688 -42.61 -41.72 24.05
C ARG J 688 -43.38 -42.70 24.94
N ARG J 689 -42.97 -42.80 26.21
CA ARG J 689 -43.70 -43.64 27.15
C ARG J 689 -45.07 -43.06 27.43
N GLU J 690 -45.15 -41.75 27.62
CA GLU J 690 -46.42 -41.09 27.89
C GLU J 690 -47.33 -41.15 26.67
N ARG J 691 -46.76 -40.99 25.48
CA ARG J 691 -47.55 -41.05 24.25
C ARG J 691 -48.21 -42.41 24.11
N GLU J 692 -47.45 -43.49 24.32
CA GLU J 692 -48.05 -44.81 24.27
C GLU J 692 -49.07 -44.99 25.40
N ARG J 693 -48.70 -44.58 26.61
CA ARG J 693 -49.56 -44.78 27.78
C ARG J 693 -50.86 -43.98 27.69
N GLN J 694 -50.83 -42.79 27.09
CA GLN J 694 -52.03 -41.96 27.03
C GLN J 694 -53.11 -42.55 26.14
N THR J 695 -52.76 -43.44 25.21
CA THR J 695 -53.78 -44.02 24.34
C THR J 695 -54.83 -44.78 25.14
N ASN J 696 -54.41 -45.64 26.06
CA ASN J 696 -55.41 -46.32 26.87
C ASN J 696 -55.50 -45.57 28.19
N PRO J 697 -56.67 -45.01 28.54
CA PRO J 697 -56.79 -44.35 29.85
C PRO J 697 -56.51 -45.25 31.05
N SER J 698 -55.52 -44.87 31.87
CA SER J 698 -55.22 -45.67 33.06
C SER J 698 -54.69 -47.05 32.70
N ALA J 699 -54.48 -47.33 31.41
CA ALA J 699 -53.97 -48.62 30.96
C ALA J 699 -52.87 -49.23 31.81
N MET J 700 -51.65 -48.70 31.77
CA MET J 700 -50.59 -49.34 32.54
C MET J 700 -50.60 -48.88 33.99
N GLU J 701 -49.84 -49.55 34.84
CA GLU J 701 -49.76 -49.22 36.25
C GLU J 701 -49.39 -47.76 36.45
N VAL J 702 -49.54 -47.28 37.68
CA VAL J 702 -49.26 -45.90 38.07
C VAL J 702 -47.81 -45.78 38.53
N GLU J 703 -47.01 -46.82 38.28
CA GLU J 703 -45.61 -46.81 38.68
C GLU J 703 -44.92 -45.54 38.19
N GLU J 704 -44.22 -44.87 39.11
CA GLU J 704 -43.50 -43.62 38.86
C GLU J 704 -42.04 -43.86 38.49
N ASP J 705 -41.83 -44.24 37.23
CA ASP J 705 -40.51 -44.53 36.69
C ASP J 705 -39.72 -43.29 36.27
N ASP J 706 -38.42 -43.30 36.52
CA ASP J 706 -37.50 -42.26 36.08
C ASP J 706 -36.62 -42.97 35.07
N PRO J 707 -36.84 -42.77 33.76
CA PRO J 707 -36.01 -43.50 32.79
C PRO J 707 -34.53 -43.19 32.87
N VAL J 708 -34.16 -41.93 32.97
CA VAL J 708 -32.77 -41.54 33.20
C VAL J 708 -32.74 -40.57 34.37
N PRO J 709 -32.28 -41.00 35.54
CA PRO J 709 -32.24 -40.08 36.69
C PRO J 709 -30.85 -39.52 36.97
N GLU J 710 -29.86 -39.84 36.14
CA GLU J 710 -28.50 -39.35 36.32
C GLU J 710 -27.74 -39.52 35.03
N ILE J 711 -26.73 -38.68 34.84
CA ILE J 711 -25.88 -38.78 33.66
C ILE J 711 -25.13 -40.11 33.71
N ARG J 712 -25.32 -40.95 32.70
CA ARG J 712 -24.74 -42.28 32.72
C ARG J 712 -23.39 -42.30 32.01
N ARG J 713 -22.73 -43.46 32.05
CA ARG J 713 -21.44 -43.60 31.38
C ARG J 713 -21.61 -43.39 29.88
N ASP J 714 -22.65 -44.00 29.30
CA ASP J 714 -22.83 -43.90 27.86
C ASP J 714 -22.96 -42.45 27.43
N HIS J 715 -23.57 -41.61 28.27
CA HIS J 715 -23.62 -40.19 27.96
C HIS J 715 -22.21 -39.60 27.89
N PHE J 716 -21.29 -40.06 28.75
CA PHE J 716 -19.94 -39.52 28.72
C PHE J 716 -19.17 -40.00 27.49
N GLU J 717 -19.37 -41.24 27.06
CA GLU J 717 -18.80 -41.67 25.77
C GLU J 717 -19.41 -40.88 24.62
N GLU J 718 -20.71 -40.63 24.69
CA GLU J 718 -21.40 -39.84 23.67
C GLU J 718 -20.78 -38.45 23.58
N ALA J 719 -20.49 -37.85 24.74
CA ALA J 719 -19.86 -36.54 24.80
C ALA J 719 -18.44 -36.58 24.26
N MET J 720 -17.65 -37.58 24.65
CA MET J 720 -16.27 -37.65 24.18
C MET J 720 -16.16 -37.92 22.69
N ARG J 721 -17.17 -38.54 22.08
CA ARG J 721 -17.10 -38.66 20.63
C ARG J 721 -16.95 -37.31 19.95
N PHE J 722 -17.49 -36.26 20.55
CA PHE J 722 -17.38 -34.93 19.97
C PHE J 722 -16.30 -34.09 20.63
N ALA J 723 -15.43 -34.72 21.44
CA ALA J 723 -14.37 -34.01 22.13
C ALA J 723 -13.47 -33.28 21.14
N ARG J 724 -13.13 -32.03 21.47
CA ARG J 724 -12.35 -31.17 20.58
C ARG J 724 -11.24 -30.48 21.35
N ARG J 725 -10.09 -30.30 20.69
CA ARG J 725 -8.95 -29.58 21.25
C ARG J 725 -8.97 -28.14 20.77
N SER J 726 -9.45 -27.23 21.63
CA SER J 726 -9.56 -25.82 21.25
C SER J 726 -8.19 -25.20 21.04
N VAL J 727 -7.24 -25.49 21.91
CA VAL J 727 -5.92 -24.85 21.90
C VAL J 727 -4.94 -25.72 21.12
N SER J 728 -4.52 -25.23 19.96
CA SER J 728 -3.50 -25.92 19.18
C SER J 728 -2.14 -25.81 19.86
N ASP J 729 -1.27 -26.80 19.60
CA ASP J 729 0.05 -26.78 20.21
C ASP J 729 0.93 -25.65 19.70
N ASN J 730 0.60 -25.04 18.55
CA ASN J 730 1.42 -23.96 18.05
C ASN J 730 1.24 -22.69 18.87
N ASP J 731 0.01 -22.39 19.28
CA ASP J 731 -0.14 -21.17 20.06
C ASP J 731 0.26 -21.37 21.50
N ILE J 732 0.23 -22.61 22.00
CA ILE J 732 0.88 -22.91 23.28
C ILE J 732 2.37 -22.71 23.14
N ARG J 733 2.91 -23.05 21.98
CA ARG J 733 4.31 -22.79 21.70
C ARG J 733 4.58 -21.29 21.79
N LYS J 734 3.67 -20.48 21.26
CA LYS J 734 3.84 -19.03 21.31
C LYS J 734 3.77 -18.51 22.75
N TYR J 735 2.89 -19.08 23.58
CA TYR J 735 2.80 -18.64 24.97
C TYR J 735 4.08 -18.98 25.72
N GLU J 736 4.58 -20.20 25.55
CA GLU J 736 5.83 -20.57 26.19
C GLU J 736 6.97 -19.72 25.65
N MET J 737 6.90 -19.31 24.39
CA MET J 737 7.91 -18.43 23.81
C MET J 737 7.92 -17.08 24.51
N PHE J 738 6.74 -16.49 24.71
CA PHE J 738 6.69 -15.23 25.43
C PHE J 738 7.12 -15.39 26.87
N ALA J 739 6.85 -16.54 27.48
CA ALA J 739 7.29 -16.76 28.85
C ALA J 739 8.80 -16.88 28.93
N GLN J 740 9.43 -17.49 27.92
CA GLN J 740 10.89 -17.57 27.87
C GLN J 740 11.49 -16.19 27.68
N THR J 741 10.93 -15.40 26.76
CA THR J 741 11.44 -14.06 26.52
C THR J 741 11.37 -13.23 27.79
N LEU J 742 10.36 -13.48 28.62
CA LEU J 742 10.21 -12.77 29.89
C LEU J 742 11.11 -13.35 30.98
N GLN J 743 11.79 -14.47 30.71
CA GLN J 743 12.67 -15.09 31.69
C GLN J 743 13.87 -14.18 32.00
N GLN J 744 14.36 -14.30 33.23
CA GLN J 744 15.43 -13.45 33.73
C GLN J 744 16.81 -13.72 33.15
N SER J 745 16.92 -13.71 31.82
CA SER J 745 18.19 -13.90 31.11
C SER J 745 18.85 -15.20 31.57
N ARG J 746 20.18 -15.24 31.67
CA ARG J 746 20.92 -16.43 32.04
C ARG J 746 22.28 -16.02 32.58
N GLY J 747 22.89 -16.92 33.35
CA GLY J 747 24.19 -16.72 33.94
C GLY J 747 24.22 -16.15 35.34
N PHE J 748 23.08 -15.73 35.89
CA PHE J 748 23.05 -15.19 37.24
C PHE J 748 22.50 -16.17 38.26
N GLY J 749 22.28 -17.43 37.85
CA GLY J 749 21.81 -18.43 38.80
C GLY J 749 22.82 -18.71 39.89
N SER J 750 24.09 -18.84 39.51
CA SER J 750 25.15 -19.19 40.44
C SER J 750 25.67 -17.98 41.23
N PHE J 751 25.12 -16.79 40.98
CA PHE J 751 25.57 -15.58 41.65
C PHE J 751 25.60 -15.80 43.16
N ARG J 752 26.71 -15.44 43.79
CA ARG J 752 26.83 -15.58 45.22
C ARG J 752 27.73 -14.46 45.72
N PHE J 753 27.40 -13.86 46.86
CA PHE J 753 28.25 -12.81 47.40
C PHE J 753 29.55 -13.42 47.91
N PRO J 754 30.66 -12.67 47.89
CA PRO J 754 31.92 -13.27 48.32
C PRO J 754 31.95 -13.50 49.83
N SER J 755 32.43 -14.67 50.23
CA SER J 755 32.50 -15.04 51.63
C SER J 755 33.74 -14.43 52.29
N ASN K 1 20.17 56.07 62.07
CA ASN K 1 19.81 57.27 62.81
C ASN K 1 19.15 56.91 64.15
N ARG K 2 19.77 55.97 64.87
CA ARG K 2 19.24 55.50 66.15
C ARG K 2 17.83 54.95 65.97
N PRO K 3 17.64 53.96 65.10
CA PRO K 3 16.28 53.47 64.84
C PRO K 3 15.71 52.69 66.01
N ASN K 4 14.44 52.29 65.89
CA ASN K 4 13.81 51.52 66.96
C ASN K 4 14.45 50.13 67.06
N ARG K 5 14.85 49.56 65.92
CA ARG K 5 15.53 48.28 65.75
C ARG K 5 14.55 47.12 65.88
N LEU K 6 13.29 47.35 66.23
CA LEU K 6 12.33 46.27 66.42
C LEU K 6 11.25 46.37 65.35
N ILE K 7 10.99 45.25 64.67
CA ILE K 7 9.98 45.18 63.63
C ILE K 7 9.12 43.94 63.87
N VAL K 8 7.94 43.95 63.27
CA VAL K 8 6.96 42.87 63.41
C VAL K 8 7.09 41.95 62.21
N ASP K 9 7.08 40.64 62.46
CA ASP K 9 7.21 39.66 61.40
C ASP K 9 6.53 38.37 61.84
N GLU K 10 6.26 37.50 60.87
CA GLU K 10 5.61 36.24 61.17
C GLU K 10 6.57 35.29 61.89
N ALA K 11 5.99 34.43 62.71
CA ALA K 11 6.73 33.46 63.52
C ALA K 11 6.76 32.11 62.84
N ILE K 12 7.95 31.51 62.73
CA ILE K 12 8.10 30.23 62.07
C ILE K 12 7.93 29.07 63.05
N ASN K 13 8.52 29.17 64.24
CA ASN K 13 8.43 28.10 65.22
C ASN K 13 7.12 28.18 66.00
N GLU K 14 6.62 27.00 66.40
CA GLU K 14 5.38 26.92 67.17
C GLU K 14 5.70 27.24 68.62
N ASP K 15 5.25 28.41 69.09
CA ASP K 15 5.47 28.80 70.47
C ASP K 15 4.72 30.10 70.74
N ASN K 16 4.30 30.26 71.98
CA ASN K 16 3.66 31.50 72.43
C ASN K 16 4.54 32.19 73.46
N SER K 17 4.45 33.52 73.50
CA SER K 17 5.26 34.33 74.41
C SER K 17 6.76 34.15 74.16
N VAL K 18 7.14 33.91 72.91
CA VAL K 18 8.54 33.76 72.52
C VAL K 18 8.81 34.63 71.31
N VAL K 19 9.90 35.40 71.35
CA VAL K 19 10.30 36.31 70.28
C VAL K 19 11.70 35.96 69.83
N SER K 20 11.89 35.87 68.52
CA SER K 20 13.18 35.53 67.94
C SER K 20 13.88 36.78 67.43
N LEU K 21 15.22 36.79 67.56
CA LEU K 21 16.05 37.89 67.07
C LEU K 21 17.15 37.36 66.19
N SER K 22 17.60 38.22 65.28
CA SER K 22 18.64 37.85 64.32
C SER K 22 19.93 37.49 65.05
N GLN K 23 20.53 36.38 64.64
CA GLN K 23 21.78 35.95 65.23
C GLN K 23 22.96 36.88 64.98
N PRO K 24 23.05 37.59 63.84
CA PRO K 24 24.25 38.41 63.59
C PRO K 24 24.54 39.48 64.64
N LYS K 25 23.54 40.05 65.29
CA LYS K 25 23.76 41.15 66.24
C LYS K 25 23.23 40.78 67.62
N MET K 26 24.13 40.48 68.54
CA MET K 26 23.73 40.28 69.93
C MET K 26 24.09 41.45 70.85
N ASP K 27 25.08 42.28 70.49
CA ASP K 27 25.45 43.37 71.39
C ASP K 27 24.53 44.57 71.24
N GLU K 28 24.00 44.77 70.04
CA GLU K 28 23.09 45.88 69.77
C GLU K 28 21.91 45.83 70.73
N LEU K 29 21.22 44.69 70.74
CA LEU K 29 20.16 44.42 71.71
C LEU K 29 20.73 44.09 73.08
N GLN K 30 22.02 43.75 73.13
CA GLN K 30 22.74 43.39 74.35
C GLN K 30 22.07 42.27 75.15
N LEU K 31 21.28 41.45 74.46
CA LEU K 31 20.62 40.32 75.10
C LEU K 31 20.73 39.08 74.23
N PHE K 32 21.19 38.01 74.86
CA PHE K 32 21.31 36.69 74.25
C PHE K 32 20.05 35.92 74.62
N ARG K 33 20.05 34.60 74.53
CA ARG K 33 18.80 33.87 74.74
C ARG K 33 18.40 33.87 76.21
N GLY K 34 17.21 33.33 76.47
CA GLY K 34 16.67 33.11 77.79
C GLY K 34 16.63 34.29 78.75
N ASP K 35 16.06 35.42 78.32
CA ASP K 35 15.94 36.56 79.21
C ASP K 35 14.66 37.35 78.94
N THR K 36 13.97 37.75 80.00
CA THR K 36 12.78 38.57 79.85
C THR K 36 13.13 39.84 79.08
N VAL K 37 12.26 40.21 78.14
CA VAL K 37 12.47 41.34 77.26
C VAL K 37 11.16 42.10 77.17
N LEU K 38 11.21 43.41 77.38
CA LEU K 38 10.02 44.24 77.30
C LEU K 38 9.89 44.82 75.89
N LEU K 39 8.64 45.04 75.47
CA LEU K 39 8.36 45.54 74.13
C LEU K 39 7.21 46.53 74.17
N LYS K 40 7.46 47.75 73.70
CA LYS K 40 6.46 48.79 73.61
C LYS K 40 5.88 48.83 72.20
N GLY K 41 4.56 48.77 72.11
CA GLY K 41 3.85 48.74 70.85
C GLY K 41 3.23 50.09 70.55
N LYS K 42 1.90 50.15 70.63
CA LYS K 42 1.16 51.36 70.34
C LYS K 42 0.03 51.51 71.36
N LYS K 43 -0.53 52.71 71.42
CA LYS K 43 -1.63 53.02 72.33
C LYS K 43 -1.23 52.79 73.79
N ARG K 44 0.02 53.11 74.12
CA ARG K 44 0.53 53.01 75.48
C ARG K 44 0.36 51.61 76.06
N ARG K 45 0.88 50.61 75.33
CA ARG K 45 0.86 49.23 75.81
C ARG K 45 2.21 48.58 75.57
N GLU K 46 2.50 47.59 76.40
CA GLU K 46 3.77 46.90 76.43
C GLU K 46 3.54 45.44 76.77
N ALA K 47 4.51 44.60 76.41
CA ALA K 47 4.44 43.17 76.69
C ALA K 47 5.82 42.68 77.11
N VAL K 48 5.85 41.50 77.73
CA VAL K 48 7.09 40.89 78.17
C VAL K 48 7.15 39.47 77.63
N CYS K 49 8.30 39.10 77.09
CA CYS K 49 8.46 37.78 76.48
C CYS K 49 9.90 37.31 76.68
N ILE K 50 10.23 36.17 76.08
CA ILE K 50 11.55 35.59 76.17
C ILE K 50 12.14 35.66 74.77
N VAL K 51 13.45 35.94 74.68
CA VAL K 51 14.12 36.15 73.42
C VAL K 51 15.04 34.98 73.11
N LEU K 52 15.04 34.59 71.83
CA LEU K 52 15.97 33.57 71.35
C LEU K 52 16.63 34.09 70.08
N SER K 53 17.44 33.24 69.44
CA SER K 53 18.15 33.60 68.22
C SER K 53 17.78 32.65 67.11
N ASP K 54 17.53 33.20 65.91
CA ASP K 54 17.18 32.39 64.76
C ASP K 54 18.03 32.79 63.56
N ASP K 55 18.73 31.81 62.99
CA ASP K 55 19.60 32.08 61.85
C ASP K 55 18.82 32.54 60.63
N THR K 56 17.57 32.10 60.50
CA THR K 56 16.77 32.48 59.33
C THR K 56 16.20 33.88 59.44
N CYS K 57 16.12 34.43 60.65
CA CYS K 57 15.53 35.74 60.84
C CYS K 57 16.40 36.82 60.23
N SER K 58 15.77 37.76 59.53
CA SER K 58 16.49 38.89 58.97
C SER K 58 16.82 39.89 60.07
N ASP K 59 18.01 40.49 60.00
CA ASP K 59 18.43 41.41 61.04
C ASP K 59 17.49 42.61 61.12
N GLU K 60 16.89 43.01 60.00
CA GLU K 60 16.03 44.18 60.00
C GLU K 60 14.81 43.98 60.91
N LYS K 61 14.20 42.80 60.85
CA LYS K 61 12.93 42.55 61.53
C LYS K 61 13.10 41.48 62.60
N ILE K 62 12.16 41.47 63.54
CA ILE K 62 12.15 40.56 64.67
C ILE K 62 10.92 39.67 64.56
N ARG K 63 11.15 38.37 64.37
CA ARG K 63 10.04 37.42 64.28
C ARG K 63 9.29 37.37 65.61
N MET K 64 7.97 37.29 65.53
CA MET K 64 7.14 37.24 66.73
C MET K 64 5.83 36.54 66.41
N ASN K 65 5.27 35.88 67.43
CA ASN K 65 4.04 35.14 67.26
C ASN K 65 2.83 36.07 67.20
N ARG K 66 1.70 35.52 66.74
CA ARG K 66 0.51 36.34 66.57
C ARG K 66 -0.11 36.73 67.90
N VAL K 67 0.03 35.88 68.92
CA VAL K 67 -0.55 36.19 70.23
C VAL K 67 0.11 37.43 70.82
N VAL K 68 1.44 37.45 70.84
CA VAL K 68 2.15 38.62 71.35
C VAL K 68 1.87 39.84 70.50
N ARG K 69 1.81 39.67 69.18
CA ARG K 69 1.52 40.79 68.29
C ARG K 69 0.16 41.39 68.59
N ASN K 70 -0.85 40.54 68.80
CA ASN K 70 -2.17 41.04 69.21
C ASN K 70 -2.10 41.72 70.57
N ASN K 71 -1.29 41.20 71.48
CA ASN K 71 -1.14 41.84 72.77
C ASN K 71 -0.60 43.26 72.62
N LEU K 72 0.40 43.43 71.75
CA LEU K 72 0.96 44.75 71.49
C LEU K 72 0.06 45.59 70.59
N ARG K 73 -0.88 44.99 69.88
CA ARG K 73 -1.74 45.64 68.91
C ARG K 73 -1.00 46.08 67.65
N VAL K 74 0.22 45.59 67.46
CA VAL K 74 0.98 45.88 66.25
C VAL K 74 0.61 44.86 65.17
N ARG K 75 0.98 45.16 63.93
CA ARG K 75 0.71 44.29 62.81
C ARG K 75 2.00 43.98 62.06
N LEU K 76 1.92 43.04 61.13
CA LEU K 76 3.09 42.62 60.37
C LEU K 76 3.70 43.81 59.64
N GLY K 77 5.03 43.90 59.67
CA GLY K 77 5.74 44.98 59.03
C GLY K 77 5.81 46.25 59.83
N ASP K 78 5.22 46.29 61.03
CA ASP K 78 5.23 47.46 61.87
C ASP K 78 6.57 47.58 62.60
N VAL K 79 6.80 48.75 63.18
CA VAL K 79 8.02 49.05 63.92
C VAL K 79 7.63 49.43 65.34
N ILE K 80 8.28 48.80 66.31
CA ILE K 80 8.00 49.02 67.73
C ILE K 80 9.30 49.12 68.49
N SER K 81 9.18 49.41 69.79
CA SER K 81 10.31 49.64 70.68
C SER K 81 10.61 48.40 71.49
N ILE K 82 11.89 48.05 71.60
CA ILE K 82 12.33 46.90 72.38
C ILE K 82 13.23 47.41 73.49
N GLN K 83 13.18 46.74 74.64
CA GLN K 83 13.98 47.14 75.81
C GLN K 83 14.44 45.91 76.57
N PRO K 84 15.72 45.57 76.46
CA PRO K 84 16.25 44.42 77.20
C PRO K 84 16.17 44.68 78.69
N CYS K 85 15.38 43.85 79.39
CA CYS K 85 15.22 43.98 80.84
C CYS K 85 15.63 42.70 81.54
N PRO K 86 16.88 42.59 81.98
CA PRO K 86 17.28 41.36 82.70
C PRO K 86 16.47 41.17 83.98
N ASP K 87 15.97 42.26 84.55
CA ASP K 87 15.15 42.19 85.76
C ASP K 87 13.82 41.51 85.47
N VAL K 88 13.39 40.69 86.43
CA VAL K 88 12.10 40.01 86.31
C VAL K 88 11.63 39.68 87.72
N LYS K 89 10.33 39.86 87.96
CA LYS K 89 9.75 39.66 89.28
C LYS K 89 8.74 38.52 89.25
N TYR K 90 8.89 37.58 90.17
CA TYR K 90 7.91 36.52 90.32
C TYR K 90 6.57 37.12 90.76
N GLY K 91 5.52 36.29 90.71
CA GLY K 91 4.19 36.72 91.06
C GLY K 91 3.61 35.91 92.21
N LYS K 92 2.46 36.36 92.70
CA LYS K 92 1.73 35.70 93.76
C LYS K 92 0.27 35.61 93.37
N ARG K 93 -0.28 34.39 93.39
CA ARG K 93 -1.68 34.13 93.02
C ARG K 93 -2.07 34.92 91.77
N ILE K 94 -1.36 34.63 90.68
CA ILE K 94 -1.67 35.26 89.40
C ILE K 94 -3.13 34.98 89.05
N HIS K 95 -3.83 36.01 88.61
CA HIS K 95 -5.26 35.92 88.38
C HIS K 95 -5.54 35.81 86.88
N VAL K 96 -6.58 35.04 86.55
CA VAL K 96 -6.98 34.83 85.16
C VAL K 96 -8.50 34.70 85.12
N LEU K 97 -9.08 35.21 84.03
CA LEU K 97 -10.52 35.15 83.83
C LEU K 97 -10.82 34.68 82.41
N PRO K 98 -11.91 33.93 82.22
CA PRO K 98 -12.36 33.63 80.87
C PRO K 98 -12.70 34.92 80.14
N ILE K 99 -12.40 34.97 78.85
CA ILE K 99 -12.58 36.17 78.06
C ILE K 99 -13.30 35.84 76.76
N ASP K 100 -13.88 36.88 76.16
CA ASP K 100 -14.58 36.76 74.89
C ASP K 100 -15.76 35.80 75.00
N ASP K 101 -16.33 35.39 73.87
CA ASP K 101 -17.49 34.52 73.84
C ASP K 101 -17.14 33.04 73.96
N THR K 102 -15.85 32.70 74.08
CA THR K 102 -15.45 31.31 74.25
C THR K 102 -16.03 30.75 75.54
N VAL K 103 -17.01 29.84 75.41
CA VAL K 103 -17.72 29.32 76.57
C VAL K 103 -18.40 28.03 76.16
N GLU K 104 -18.78 27.22 77.15
CA GLU K 104 -19.44 25.92 77.01
C GLU K 104 -18.45 24.83 76.62
N GLY K 105 -17.16 25.15 76.43
CA GLY K 105 -16.16 24.15 76.14
C GLY K 105 -15.58 23.46 77.35
N ILE K 106 -16.00 23.82 78.55
CA ILE K 106 -15.49 23.24 79.78
C ILE K 106 -16.66 22.97 80.71
N THR K 107 -16.60 21.84 81.42
CA THR K 107 -17.63 21.47 82.39
C THR K 107 -16.98 21.07 83.71
N GLY K 108 -17.68 21.36 84.80
CA GLY K 108 -17.14 21.09 86.11
C GLY K 108 -15.85 21.85 86.34
N ASN K 109 -14.82 21.13 86.79
CA ASN K 109 -13.50 21.75 86.96
C ASN K 109 -13.01 22.30 85.63
N LEU K 110 -12.50 23.53 85.65
CA LEU K 110 -12.10 24.21 84.43
C LEU K 110 -10.69 24.76 84.42
N PHE K 111 -9.91 24.57 85.50
CA PHE K 111 -8.55 25.09 85.55
C PHE K 111 -7.47 24.02 85.40
N GLU K 112 -7.73 22.77 85.79
CA GLU K 112 -6.72 21.73 85.62
C GLU K 112 -6.54 21.34 84.16
N VAL K 113 -7.59 21.47 83.35
CA VAL K 113 -7.53 20.99 81.97
C VAL K 113 -6.62 21.85 81.11
N TYR K 114 -6.69 23.18 81.28
CA TYR K 114 -6.03 24.08 80.34
C TYR K 114 -4.82 24.79 80.95
N LEU K 115 -4.99 25.52 82.05
CA LEU K 115 -3.89 26.33 82.56
C LEU K 115 -2.73 25.46 83.06
N LYS K 116 -3.04 24.48 83.91
CA LYS K 116 -1.99 23.71 84.57
C LYS K 116 -1.00 23.08 83.60
N PRO K 117 -1.44 22.40 82.54
CA PRO K 117 -0.47 21.76 81.64
C PRO K 117 0.42 22.75 80.91
N TYR K 118 0.00 24.00 80.79
CA TYR K 118 0.74 25.01 80.03
C TYR K 118 1.66 25.87 80.88
N PHE K 119 1.22 26.32 82.05
CA PHE K 119 2.07 27.16 82.89
C PHE K 119 3.02 26.35 83.76
N LEU K 120 3.00 25.02 83.66
CA LEU K 120 3.88 24.16 84.43
C LEU K 120 5.26 24.12 83.80
N GLU K 121 6.22 24.78 84.44
CA GLU K 121 7.62 24.87 84.00
C GLU K 121 7.81 25.74 82.77
N ALA K 122 6.76 26.43 82.32
CA ALA K 122 6.91 27.29 81.14
C ALA K 122 7.68 28.56 81.48
N TYR K 123 7.47 29.11 82.67
CA TYR K 123 8.14 30.35 83.08
C TYR K 123 7.78 31.49 82.14
N ARG K 124 6.52 31.55 81.72
CA ARG K 124 6.08 32.58 80.82
C ARG K 124 5.74 33.85 81.61
N PRO K 125 6.41 34.97 81.36
CA PRO K 125 6.09 36.22 82.08
C PRO K 125 4.73 36.74 81.67
N ILE K 126 3.85 36.92 82.66
CA ILE K 126 2.48 37.37 82.44
C ILE K 126 2.38 38.83 82.91
N ARG K 127 1.76 39.67 82.09
CA ARG K 127 1.56 41.06 82.45
C ARG K 127 0.07 41.36 82.61
N LYS K 128 -0.23 42.37 83.42
CA LYS K 128 -1.62 42.76 83.64
C LYS K 128 -2.33 43.11 82.34
N GLY K 129 -3.57 42.62 82.21
CA GLY K 129 -4.40 42.99 81.09
C GLY K 129 -3.92 42.49 79.75
N ASP K 130 -3.48 41.24 79.69
CA ASP K 130 -3.11 40.61 78.43
C ASP K 130 -3.90 39.32 78.27
N ILE K 131 -4.11 38.91 77.02
CA ILE K 131 -4.87 37.72 76.69
C ILE K 131 -3.90 36.71 76.09
N PHE K 132 -3.88 35.51 76.66
CA PHE K 132 -3.04 34.43 76.14
C PHE K 132 -3.89 33.22 75.80
N LEU K 133 -3.52 32.55 74.70
CA LEU K 133 -4.34 31.49 74.13
C LEU K 133 -3.84 30.13 74.58
N VAL K 134 -4.77 29.28 75.00
CA VAL K 134 -4.49 27.92 75.45
C VAL K 134 -5.18 26.97 74.50
N ARG K 135 -4.44 25.98 74.01
CA ARG K 135 -4.95 25.00 73.07
C ARG K 135 -5.16 23.68 73.81
N GLY K 136 -6.34 23.09 73.63
CA GLY K 136 -6.67 21.83 74.25
C GLY K 136 -8.12 21.43 74.05
N GLY K 137 -8.39 20.14 74.21
CA GLY K 137 -9.75 19.62 74.06
C GLY K 137 -10.33 19.92 72.71
N MET K 138 -9.51 19.84 71.66
CA MET K 138 -9.95 20.18 70.31
C MET K 138 -10.59 21.57 70.30
N ARG K 139 -9.99 22.49 71.04
CA ARG K 139 -10.53 23.83 71.23
C ARG K 139 -9.39 24.78 71.56
N ALA K 140 -9.69 26.08 71.46
CA ALA K 140 -8.75 27.14 71.79
C ALA K 140 -9.47 28.18 72.62
N VAL K 141 -8.95 28.47 73.81
CA VAL K 141 -9.59 29.41 74.73
C VAL K 141 -8.58 30.50 75.09
N GLU K 142 -8.98 31.75 74.96
CA GLU K 142 -8.12 32.86 75.33
C GLU K 142 -8.47 33.34 76.74
N PHE K 143 -7.45 33.43 77.59
CA PHE K 143 -7.61 33.79 78.99
C PHE K 143 -7.02 35.17 79.24
N LYS K 144 -7.77 36.01 79.93
CA LYS K 144 -7.35 37.35 80.29
C LYS K 144 -6.71 37.36 81.67
N VAL K 145 -5.69 38.19 81.84
CA VAL K 145 -5.02 38.37 83.12
C VAL K 145 -5.47 39.72 83.64
N VAL K 146 -6.43 39.71 84.56
CA VAL K 146 -7.06 40.93 85.04
C VAL K 146 -6.46 41.36 86.39
N GLU K 147 -6.06 40.38 87.20
CA GLU K 147 -5.54 40.65 88.53
C GLU K 147 -4.20 39.95 88.72
N THR K 148 -3.32 40.59 89.50
CA THR K 148 -2.01 40.02 89.79
C THR K 148 -1.44 40.72 91.00
N ASP K 149 -0.88 39.93 91.93
CA ASP K 149 -0.34 40.53 93.16
C ASP K 149 0.76 41.52 92.87
N PRO K 150 1.80 41.19 92.10
CA PRO K 150 2.80 42.18 91.71
C PRO K 150 2.39 42.94 90.46
N SER K 151 2.93 44.15 90.33
CA SER K 151 2.61 45.00 89.20
C SER K 151 3.89 45.57 88.60
N PRO K 152 3.88 45.89 87.29
CA PRO K 152 2.73 45.63 86.42
C PRO K 152 2.72 44.22 85.84
N TYR K 153 3.87 43.55 85.89
CA TYR K 153 4.01 42.22 85.31
C TYR K 153 4.84 41.34 86.24
N CYS K 154 4.69 40.03 86.08
CA CYS K 154 5.43 39.08 86.90
C CYS K 154 5.68 37.81 86.10
N ILE K 155 6.88 37.25 86.24
CA ILE K 155 7.22 35.98 85.60
C ILE K 155 6.62 34.85 86.41
N VAL K 156 5.85 33.98 85.74
CA VAL K 156 5.18 32.90 86.43
C VAL K 156 6.19 31.82 86.81
N ALA K 157 6.14 31.36 88.05
CA ALA K 157 7.00 30.32 88.56
C ALA K 157 6.16 29.28 89.29
N PRO K 158 6.67 28.06 89.45
CA PRO K 158 5.92 26.99 90.12
C PRO K 158 5.91 27.11 91.63
N ASP K 159 5.64 28.32 92.13
CA ASP K 159 5.52 28.56 93.55
C ASP K 159 4.40 29.54 93.87
N THR K 160 3.62 29.95 92.89
CA THR K 160 2.52 30.90 93.08
C THR K 160 1.20 30.20 92.87
N VAL K 161 0.31 30.32 93.86
CA VAL K 161 -1.01 29.72 93.72
C VAL K 161 -1.77 30.41 92.59
N ILE K 162 -2.85 29.76 92.16
CA ILE K 162 -3.70 30.28 91.09
C ILE K 162 -5.08 30.54 91.66
N HIS K 163 -5.58 31.76 91.47
CA HIS K 163 -6.91 32.12 91.95
C HIS K 163 -7.96 31.66 90.94
N CYS K 164 -9.02 31.06 91.44
CA CYS K 164 -10.03 30.43 90.60
C CYS K 164 -11.28 31.32 90.55
N GLU K 165 -11.73 31.62 89.33
CA GLU K 165 -12.96 32.37 89.11
C GLU K 165 -13.99 31.56 88.35
N GLY K 166 -13.64 31.00 87.20
CA GLY K 166 -14.55 30.19 86.44
C GLY K 166 -15.74 30.93 85.89
N GLU K 167 -15.69 32.26 85.85
CA GLU K 167 -16.79 33.09 85.33
C GLU K 167 -16.31 33.88 84.13
N PRO K 168 -16.68 33.48 82.91
CA PRO K 168 -16.22 34.22 81.73
C PRO K 168 -16.71 35.66 81.73
N ILE K 169 -15.85 36.55 81.25
CA ILE K 169 -16.15 37.98 81.20
C ILE K 169 -15.88 38.49 79.78
N LYS K 170 -16.83 39.24 79.23
CA LYS K 170 -16.70 39.77 77.88
C LYS K 170 -15.49 40.67 77.76
N ARG K 171 -14.66 40.41 76.74
CA ARG K 171 -13.46 41.21 76.47
C ARG K 171 -13.82 42.50 75.70
N GLU K 172 -12.98 43.52 75.85
CA GLU K 172 -13.24 44.78 75.16
C GLU K 172 -13.33 44.55 73.66
N ASP K 173 -14.36 45.14 73.04
CA ASP K 173 -14.65 44.93 71.63
C ASP K 173 -13.56 45.40 70.65
N GLU K 174 -12.85 46.49 70.96
CA GLU K 174 -11.85 46.96 69.99
C GLU K 174 -10.76 45.92 69.79
N GLU K 175 -10.54 45.09 70.80
CA GLU K 175 -9.53 44.04 70.73
C GLU K 175 -9.99 42.95 69.76
N GLU K 176 -9.02 42.37 69.04
CA GLU K 176 -9.28 41.36 68.03
C GLU K 176 -9.14 39.94 68.56
N SER K 177 -10.22 39.16 68.47
CA SER K 177 -10.19 37.77 68.89
C SER K 177 -9.13 37.01 68.10
N LEU K 178 -8.35 36.18 68.79
CA LEU K 178 -7.30 35.43 68.12
C LEU K 178 -7.83 34.23 67.35
N ASN K 179 -9.09 33.85 67.55
CA ASN K 179 -9.71 32.80 66.74
C ASN K 179 -9.89 33.20 65.29
N GLU K 180 -9.74 34.48 64.96
CA GLU K 180 -9.87 34.92 63.57
C GLU K 180 -8.71 34.40 62.73
N VAL K 181 -8.91 34.41 61.41
CA VAL K 181 -7.94 33.84 60.49
C VAL K 181 -6.71 34.73 60.42
N GLY K 182 -5.57 34.12 60.12
CA GLY K 182 -4.32 34.84 59.98
C GLY K 182 -3.34 34.17 59.03
N TYR K 183 -2.11 34.67 58.99
CA TYR K 183 -1.08 34.07 58.14
C TYR K 183 -0.80 32.62 58.54
N ASP K 184 -0.78 32.34 59.84
CA ASP K 184 -0.50 30.97 60.28
C ASP K 184 -1.58 30.00 59.84
N ASP K 185 -2.85 30.41 59.88
CA ASP K 185 -3.92 29.52 59.45
C ASP K 185 -3.84 29.19 57.96
N ILE K 186 -3.20 30.03 57.18
CA ILE K 186 -3.06 29.85 55.74
C ILE K 186 -1.68 29.26 55.44
N GLY K 187 -1.61 27.95 55.26
CA GLY K 187 -0.37 27.32 54.86
C GLY K 187 -0.60 26.45 53.65
N GLY K 188 0.50 25.94 53.10
CA GLY K 188 0.48 25.05 51.97
C GLY K 188 0.74 25.74 50.64
N CYS K 189 0.58 27.06 50.61
CA CYS K 189 0.77 27.87 49.41
C CYS K 189 2.12 28.55 49.37
N ARG K 190 2.73 28.74 50.54
CA ARG K 190 3.92 29.55 50.76
C ARG K 190 4.03 30.84 49.95
N LYS K 191 4.93 30.85 48.97
CA LYS K 191 5.27 32.03 48.17
C LYS K 191 4.20 32.66 47.29
N GLN K 192 2.98 32.15 47.23
CA GLN K 192 1.91 32.98 46.71
C GLN K 192 1.40 33.97 47.75
N LEU K 193 1.34 33.56 49.01
CA LEU K 193 0.94 34.47 50.07
C LEU K 193 1.91 35.62 50.21
N ALA K 194 3.20 35.37 49.98
CA ALA K 194 4.18 36.45 49.99
C ALA K 194 3.92 37.44 48.86
N GLN K 195 3.60 36.94 47.67
CA GLN K 195 3.28 37.82 46.55
C GLN K 195 2.05 38.66 46.86
N ILE K 196 1.00 38.06 47.43
CA ILE K 196 -0.18 38.83 47.76
C ILE K 196 0.11 39.87 48.85
N LYS K 197 0.92 39.49 49.85
CA LYS K 197 1.27 40.44 50.90
C LYS K 197 2.04 41.64 50.33
N GLU K 198 3.03 41.38 49.48
CA GLU K 198 3.75 42.47 48.85
C GLU K 198 2.81 43.31 47.99
N MET K 199 1.90 42.65 47.29
CA MET K 199 0.95 43.32 46.41
C MET K 199 0.08 44.29 47.20
N VAL K 200 -0.35 43.87 48.40
CA VAL K 200 -1.39 44.58 49.14
C VAL K 200 -0.84 45.46 50.26
N GLU K 201 0.45 45.36 50.58
CA GLU K 201 1.00 46.10 51.72
C GLU K 201 0.80 47.60 51.58
N LEU K 202 1.41 48.21 50.56
CA LEU K 202 1.37 49.66 50.44
C LEU K 202 -0.05 50.19 50.32
N PRO K 203 -0.90 49.66 49.44
CA PRO K 203 -2.27 50.22 49.35
C PRO K 203 -3.00 50.22 50.67
N LEU K 204 -2.84 49.18 51.49
CA LEU K 204 -3.55 49.06 52.75
C LEU K 204 -2.70 49.39 53.97
N ARG K 205 -1.45 48.92 54.01
CA ARG K 205 -0.62 49.15 55.19
C ARG K 205 -0.13 50.58 55.27
N HIS K 206 0.09 51.22 54.13
CA HIS K 206 0.55 52.61 54.07
C HIS K 206 -0.34 53.39 53.10
N PRO K 207 -1.57 53.72 53.52
CA PRO K 207 -2.51 54.32 52.57
C PRO K 207 -2.18 55.76 52.24
N ALA K 208 -1.78 56.56 53.24
CA ALA K 208 -1.53 57.97 53.01
C ALA K 208 -0.40 58.21 52.03
N LEU K 209 0.48 57.22 51.82
CA LEU K 209 1.59 57.40 50.90
C LEU K 209 1.10 57.66 49.48
N PHE K 210 0.06 56.95 49.05
CA PHE K 210 -0.40 57.05 47.68
C PHE K 210 -1.11 58.37 47.40
N LYS K 211 -1.56 59.07 48.45
CA LYS K 211 -2.17 60.38 48.25
C LYS K 211 -1.13 61.46 47.98
N ALA K 212 0.09 61.30 48.50
CA ALA K 212 1.16 62.26 48.27
C ALA K 212 2.07 61.85 47.11
N ILE K 213 1.86 60.69 46.52
CA ILE K 213 2.64 60.21 45.39
C ILE K 213 1.68 59.77 44.30
N GLY K 214 1.98 60.13 43.06
CA GLY K 214 1.10 59.73 41.97
C GLY K 214 1.48 58.44 41.29
N VAL K 215 0.89 57.35 41.75
CA VAL K 215 1.10 56.02 41.19
C VAL K 215 -0.13 55.20 41.51
N LYS K 216 -0.37 54.15 40.71
CA LYS K 216 -1.56 53.35 40.93
C LYS K 216 -1.20 52.01 41.56
N PRO K 217 -1.65 51.73 42.77
CA PRO K 217 -1.43 50.41 43.34
C PRO K 217 -2.40 49.40 42.77
N PRO K 218 -2.15 48.12 42.97
CA PRO K 218 -3.06 47.06 42.50
C PRO K 218 -4.42 47.11 43.18
N ARG K 219 -5.49 47.35 42.40
CA ARG K 219 -6.81 47.44 43.01
C ARG K 219 -7.70 46.28 42.58
N GLY K 220 -7.13 45.30 41.88
CA GLY K 220 -7.87 44.14 41.43
C GLY K 220 -6.98 42.92 41.35
N ILE K 221 -7.27 41.90 42.16
CA ILE K 221 -6.47 40.68 42.20
C ILE K 221 -7.39 39.49 42.02
N LEU K 222 -7.05 38.62 41.08
CA LEU K 222 -7.81 37.41 40.81
C LEU K 222 -7.07 36.21 41.42
N LEU K 223 -7.52 35.76 42.58
CA LEU K 223 -7.05 34.50 43.16
C LEU K 223 -7.81 33.36 42.50
N TYR K 224 -7.11 32.51 41.76
CA TYR K 224 -7.77 31.44 41.02
C TYR K 224 -7.07 30.12 41.29
N GLY K 225 -7.87 29.05 41.33
CA GLY K 225 -7.36 27.74 41.62
C GLY K 225 -8.46 26.74 41.88
N PRO K 226 -8.10 25.48 42.10
CA PRO K 226 -9.11 24.47 42.36
C PRO K 226 -9.87 24.81 43.64
N PRO K 227 -11.14 24.44 43.71
CA PRO K 227 -11.93 24.76 44.91
C PRO K 227 -11.31 24.12 46.15
N GLY K 228 -11.43 24.83 47.27
CA GLY K 228 -10.88 24.34 48.52
C GLY K 228 -9.42 24.65 48.74
N THR K 229 -8.80 25.49 47.91
CA THR K 229 -7.39 25.81 48.03
C THR K 229 -7.10 26.95 49.00
N GLY K 230 -8.13 27.50 49.65
CA GLY K 230 -7.93 28.53 50.65
C GLY K 230 -7.94 29.95 50.14
N LYS K 231 -8.52 30.20 48.96
CA LYS K 231 -8.56 31.56 48.43
C LYS K 231 -9.31 32.49 49.38
N THR K 232 -10.45 32.05 49.89
CA THR K 232 -11.17 32.83 50.89
C THR K 232 -10.33 33.01 52.15
N LEU K 233 -9.57 31.99 52.53
CA LEU K 233 -8.66 32.13 53.66
C LEU K 233 -7.65 33.24 53.39
N ILE K 234 -7.06 33.25 52.19
CA ILE K 234 -6.07 34.26 51.86
C ILE K 234 -6.68 35.66 51.93
N ALA K 235 -7.87 35.81 51.36
CA ALA K 235 -8.53 37.12 51.37
C ALA K 235 -8.80 37.58 52.80
N ARG K 236 -9.37 36.70 53.62
CA ARG K 236 -9.70 37.08 55.00
C ARG K 236 -8.45 37.40 55.79
N ALA K 237 -7.38 36.60 55.64
CA ALA K 237 -6.15 36.86 56.37
C ALA K 237 -5.52 38.17 55.94
N VAL K 238 -5.51 38.47 54.64
CA VAL K 238 -4.95 39.73 54.19
C VAL K 238 -5.75 40.90 54.75
N ALA K 239 -7.07 40.77 54.75
CA ALA K 239 -7.91 41.84 55.29
C ALA K 239 -7.65 42.04 56.77
N ASN K 240 -7.54 40.96 57.54
CA ASN K 240 -7.37 41.10 58.97
C ASN K 240 -5.98 41.61 59.32
N GLU K 241 -4.94 41.04 58.70
CA GLU K 241 -3.58 41.42 59.03
C GLU K 241 -3.29 42.86 58.66
N THR K 242 -3.80 43.32 57.51
CA THR K 242 -3.60 44.70 57.10
C THR K 242 -4.59 45.65 57.76
N GLY K 243 -5.58 45.14 58.47
CA GLY K 243 -6.58 45.97 59.10
C GLY K 243 -7.69 46.45 58.18
N ALA K 244 -7.67 46.07 56.90
CA ALA K 244 -8.69 46.53 55.97
C ALA K 244 -10.04 45.94 56.31
N PHE K 245 -11.09 46.67 55.97
CA PHE K 245 -12.46 46.22 56.20
C PHE K 245 -12.84 45.22 55.11
N PHE K 246 -13.01 43.96 55.50
CA PHE K 246 -13.28 42.88 54.56
C PHE K 246 -14.77 42.79 54.28
N PHE K 247 -15.13 42.81 53.01
CA PHE K 247 -16.52 42.66 52.56
C PHE K 247 -16.61 41.49 51.61
N LEU K 248 -17.57 40.60 51.85
CA LEU K 248 -17.72 39.37 51.08
C LEU K 248 -18.90 39.51 50.13
N ILE K 249 -18.63 39.46 48.83
CA ILE K 249 -19.66 39.44 47.80
C ILE K 249 -19.76 38.00 47.33
N ASN K 250 -20.64 37.23 47.96
CA ASN K 250 -20.82 35.84 47.58
C ASN K 250 -21.39 35.74 46.18
N GLY K 251 -20.85 34.81 45.40
CA GLY K 251 -21.29 34.63 44.03
C GLY K 251 -22.79 34.45 43.92
N PRO K 252 -23.31 33.37 44.51
CA PRO K 252 -24.75 33.12 44.45
C PRO K 252 -25.56 33.99 45.40
N GLU K 253 -24.91 34.74 46.30
CA GLU K 253 -25.64 35.61 47.20
C GLU K 253 -26.40 36.69 46.44
N ILE K 254 -25.71 37.38 45.53
CA ILE K 254 -26.37 38.40 44.73
C ILE K 254 -27.23 37.74 43.65
N MET K 255 -26.75 36.63 43.08
CA MET K 255 -27.46 35.99 41.99
C MET K 255 -28.76 35.33 42.42
N SER K 256 -28.90 35.00 43.70
CA SER K 256 -30.17 34.47 44.17
C SER K 256 -31.22 35.57 44.37
N LYS K 257 -30.79 36.83 44.48
CA LYS K 257 -31.73 37.92 44.65
C LYS K 257 -32.52 38.16 43.36
N LEU K 258 -33.70 38.72 43.52
CA LEU K 258 -34.57 38.97 42.37
C LEU K 258 -33.90 39.91 41.39
N ALA K 259 -34.09 39.63 40.10
CA ALA K 259 -33.52 40.47 39.05
C ALA K 259 -34.03 41.90 39.17
N GLY K 260 -33.12 42.86 38.97
CA GLY K 260 -33.43 44.27 39.06
C GLY K 260 -33.10 44.91 40.39
N GLU K 261 -32.97 44.12 41.46
CA GLU K 261 -32.53 44.65 42.74
C GLU K 261 -31.31 43.92 43.29
N SER K 262 -30.83 42.88 42.60
CA SER K 262 -29.52 42.32 42.95
C SER K 262 -28.41 43.27 42.57
N GLU K 263 -28.56 43.97 41.44
CA GLU K 263 -27.63 45.04 41.10
C GLU K 263 -27.60 46.09 42.20
N SER K 264 -28.75 46.32 42.84
CA SER K 264 -28.78 47.24 43.96
C SER K 264 -27.89 46.73 45.09
N ASN K 265 -27.93 45.43 45.36
CA ASN K 265 -27.05 44.87 46.39
C ASN K 265 -25.58 45.01 46.02
N LEU K 266 -25.24 44.75 44.76
CA LEU K 266 -23.85 44.88 44.33
C LEU K 266 -23.36 46.32 44.47
N ARG K 267 -24.18 47.26 44.00
CA ARG K 267 -23.80 48.67 44.07
C ARG K 267 -23.72 49.14 45.52
N LYS K 268 -24.63 48.70 46.37
CA LYS K 268 -24.58 49.06 47.78
C LYS K 268 -23.33 48.51 48.44
N ALA K 269 -22.96 47.28 48.11
CA ALA K 269 -21.73 46.70 48.65
C ALA K 269 -20.51 47.49 48.22
N PHE K 270 -20.45 47.86 46.94
CA PHE K 270 -19.32 48.66 46.47
C PHE K 270 -19.27 50.02 47.17
N GLU K 271 -20.43 50.66 47.32
CA GLU K 271 -20.48 51.95 47.99
C GLU K 271 -20.04 51.83 49.45
N GLU K 272 -20.50 50.79 50.14
CA GLU K 272 -20.12 50.59 51.53
C GLU K 272 -18.62 50.36 51.65
N ALA K 273 -18.05 49.55 50.75
CA ALA K 273 -16.61 49.34 50.79
C ALA K 273 -15.85 50.64 50.55
N GLU K 274 -16.33 51.45 49.61
CA GLU K 274 -15.70 52.75 49.35
C GLU K 274 -15.81 53.66 50.56
N LYS K 275 -16.94 53.59 51.27
CA LYS K 275 -17.18 54.47 52.41
C LYS K 275 -16.14 54.28 53.51
N ASN K 276 -15.81 53.04 53.84
CA ASN K 276 -14.81 52.75 54.87
C ASN K 276 -13.46 52.45 54.23
N ALA K 277 -12.51 53.37 54.39
CA ALA K 277 -11.14 53.28 53.91
C ALA K 277 -10.25 52.64 54.97
N PRO K 278 -9.17 51.94 54.58
CA PRO K 278 -9.09 51.09 53.39
C PRO K 278 -9.91 49.83 53.57
N ALA K 279 -10.37 49.23 52.47
CA ALA K 279 -11.24 48.07 52.55
C ALA K 279 -10.92 47.11 51.41
N ILE K 280 -11.36 45.86 51.58
CA ILE K 280 -11.18 44.82 50.59
C ILE K 280 -12.55 44.24 50.25
N ILE K 281 -12.87 44.18 48.97
CA ILE K 281 -14.10 43.59 48.48
C ILE K 281 -13.74 42.25 47.85
N PHE K 282 -14.19 41.16 48.47
CA PHE K 282 -13.89 39.81 47.98
C PHE K 282 -15.13 39.27 47.28
N ILE K 283 -15.03 39.10 45.96
CA ILE K 283 -16.10 38.51 45.17
C ILE K 283 -15.84 37.01 45.12
N ASP K 284 -16.51 36.26 45.99
CA ASP K 284 -16.37 34.81 46.02
C ASP K 284 -17.19 34.20 44.90
N GLU K 285 -16.60 33.21 44.23
CA GLU K 285 -17.24 32.57 43.08
C GLU K 285 -17.59 33.61 42.02
N LEU K 286 -16.55 34.33 41.57
CA LEU K 286 -16.75 35.36 40.57
C LEU K 286 -17.24 34.79 39.25
N ASP K 287 -16.94 33.51 38.97
CA ASP K 287 -17.40 32.90 37.74
C ASP K 287 -18.90 32.70 37.69
N ALA K 288 -19.63 33.08 38.74
CA ALA K 288 -21.09 33.06 38.73
C ALA K 288 -21.72 34.43 38.53
N ILE K 289 -21.04 35.50 38.96
CA ILE K 289 -21.59 36.84 38.78
C ILE K 289 -21.29 37.38 37.40
N ALA K 290 -20.05 37.24 36.94
CA ALA K 290 -19.63 37.76 35.63
C ALA K 290 -18.97 36.64 34.84
N PRO K 291 -19.75 35.68 34.38
CA PRO K 291 -19.21 34.59 33.56
C PRO K 291 -19.16 34.98 32.09
N LYS K 292 -18.85 34.00 31.25
CA LYS K 292 -18.64 34.24 29.83
C LYS K 292 -19.89 34.85 29.22
N ARG K 293 -19.73 36.04 28.63
CA ARG K 293 -20.82 36.71 27.92
C ARG K 293 -21.37 35.82 26.81
N GLU K 294 -21.75 36.42 25.67
CA GLU K 294 -22.59 35.79 24.65
C GLU K 294 -22.94 34.33 24.95
N LYS K 295 -21.99 33.49 25.37
CA LYS K 295 -22.43 32.20 25.89
C LYS K 295 -23.14 32.42 27.23
N THR K 296 -24.04 33.40 27.28
CA THR K 296 -24.96 33.62 28.40
C THR K 296 -26.04 34.55 27.85
N HIS K 297 -27.07 33.95 27.26
CA HIS K 297 -28.23 34.65 26.74
C HIS K 297 -29.32 34.94 27.77
N GLY K 298 -29.08 34.70 29.06
CA GLY K 298 -30.12 34.99 30.05
C GLY K 298 -30.83 36.30 29.80
N GLU K 299 -30.08 37.41 29.83
CA GLU K 299 -30.56 38.78 29.65
C GLU K 299 -30.17 39.64 30.84
N VAL K 300 -30.45 39.15 32.04
CA VAL K 300 -30.04 39.91 33.22
C VAL K 300 -28.61 39.57 33.60
N GLU K 301 -28.09 38.45 33.10
CA GLU K 301 -26.68 38.12 33.28
C GLU K 301 -25.79 39.17 32.62
N ARG K 302 -26.13 39.59 31.41
CA ARG K 302 -25.38 40.64 30.74
C ARG K 302 -25.45 41.95 31.52
N ARG K 303 -26.63 42.28 32.04
CA ARG K 303 -26.78 43.48 32.84
C ARG K 303 -25.93 43.43 34.10
N ILE K 304 -25.91 42.27 34.78
CA ILE K 304 -25.10 42.14 35.99
C ILE K 304 -23.62 42.25 35.67
N VAL K 305 -23.19 41.61 34.58
CA VAL K 305 -21.78 41.69 34.19
C VAL K 305 -21.40 43.13 33.87
N SER K 306 -22.27 43.84 33.16
CA SER K 306 -21.99 45.24 32.82
C SER K 306 -21.95 46.11 34.07
N GLN K 307 -22.85 45.84 35.03
CA GLN K 307 -22.82 46.58 36.28
C GLN K 307 -21.51 46.33 37.02
N LEU K 308 -21.05 45.08 37.05
CA LEU K 308 -19.77 44.77 37.69
C LEU K 308 -18.62 45.49 36.98
N LEU K 309 -18.65 45.51 35.64
CA LEU K 309 -17.62 46.21 34.90
C LEU K 309 -17.63 47.70 35.22
N THR K 310 -18.81 48.30 35.28
CA THR K 310 -18.88 49.73 35.61
C THR K 310 -18.36 49.99 37.01
N LEU K 311 -18.69 49.11 37.96
CA LEU K 311 -18.20 49.27 39.32
C LEU K 311 -16.69 49.17 39.37
N MET K 312 -16.11 48.18 38.68
CA MET K 312 -14.67 48.02 38.70
C MET K 312 -13.97 49.20 38.03
N ASP K 313 -14.42 49.56 36.82
CA ASP K 313 -13.91 50.75 36.15
C ASP K 313 -14.37 52.03 36.83
N GLY K 314 -15.39 51.94 37.68
CA GLY K 314 -15.85 53.09 38.43
C GLY K 314 -15.03 53.42 39.65
N LEU K 315 -13.99 52.63 39.93
CA LEU K 315 -13.11 52.93 41.06
C LEU K 315 -12.35 54.21 40.74
N LYS K 316 -12.73 55.29 41.41
CA LYS K 316 -12.25 56.63 41.12
C LYS K 316 -10.91 56.93 41.77
N GLN K 317 -10.13 55.91 42.13
CA GLN K 317 -8.87 56.01 42.85
C GLN K 317 -9.05 56.63 44.23
N ARG K 318 -10.29 56.84 44.65
CA ARG K 318 -10.60 57.29 46.00
C ARG K 318 -10.55 56.12 46.97
N ALA K 319 -10.27 56.43 48.23
CA ALA K 319 -10.07 55.39 49.24
C ALA K 319 -8.95 54.44 48.85
N HIS K 320 -8.95 53.25 49.42
CA HIS K 320 -7.94 52.23 49.14
C HIS K 320 -8.58 50.86 49.00
N VAL K 321 -9.72 50.79 48.33
CA VAL K 321 -10.44 49.53 48.20
C VAL K 321 -9.69 48.63 47.24
N ILE K 322 -9.40 47.41 47.68
CA ILE K 322 -8.80 46.38 46.84
C ILE K 322 -9.87 45.35 46.55
N VAL K 323 -10.13 45.11 45.27
CA VAL K 323 -11.16 44.17 44.84
C VAL K 323 -10.48 42.87 44.50
N MET K 324 -10.56 41.90 45.40
CA MET K 324 -10.06 40.56 45.17
C MET K 324 -11.21 39.65 44.77
N ALA K 325 -10.91 38.68 43.90
CA ALA K 325 -11.93 37.78 43.38
C ALA K 325 -11.42 36.35 43.43
N ALA K 326 -12.36 35.41 43.55
CA ALA K 326 -12.05 33.98 43.57
C ALA K 326 -12.67 33.31 42.35
N THR K 327 -11.89 32.48 41.68
CA THR K 327 -12.36 31.77 40.50
C THR K 327 -11.57 30.47 40.37
N ASN K 328 -12.24 29.44 39.82
CA ASN K 328 -11.56 28.17 39.63
C ASN K 328 -10.43 28.29 38.63
N ARG K 329 -10.65 29.01 37.53
CA ARG K 329 -9.65 29.16 36.48
C ARG K 329 -9.85 30.49 35.78
N PRO K 330 -8.79 31.10 35.26
CA PRO K 330 -8.93 32.39 34.58
C PRO K 330 -9.79 32.33 33.33
N ASN K 331 -9.97 31.15 32.73
CA ASN K 331 -10.70 31.01 31.49
C ASN K 331 -12.19 30.85 31.68
N SER K 332 -12.68 30.87 32.93
CA SER K 332 -14.10 30.71 33.20
C SER K 332 -14.84 32.03 33.30
N ILE K 333 -14.14 33.13 33.58
CA ILE K 333 -14.79 34.43 33.76
C ILE K 333 -14.77 35.18 32.43
N ASP K 334 -15.61 36.20 32.34
CA ASP K 334 -15.68 36.99 31.12
C ASP K 334 -14.33 37.66 30.86
N PRO K 335 -13.79 37.59 29.64
CA PRO K 335 -12.47 38.19 29.40
C PRO K 335 -12.44 39.68 29.66
N ALA K 336 -13.56 40.39 29.45
CA ALA K 336 -13.56 41.83 29.70
C ALA K 336 -13.28 42.16 31.15
N LEU K 337 -13.47 41.19 32.06
CA LEU K 337 -13.15 41.41 33.47
C LEU K 337 -11.64 41.43 33.68
N ARG K 338 -10.91 40.72 32.84
CA ARG K 338 -9.48 40.57 33.00
C ARG K 338 -8.72 41.72 32.38
N ARG K 339 -9.42 42.76 31.90
CA ARG K 339 -8.68 43.84 31.25
C ARG K 339 -7.91 44.67 32.26
N PHE K 340 -7.16 45.63 31.72
CA PHE K 340 -6.37 46.49 32.59
C PHE K 340 -7.27 47.38 33.46
N GLY K 341 -6.88 47.50 34.73
CA GLY K 341 -7.57 48.35 35.69
C GLY K 341 -8.66 47.64 36.46
N ARG K 342 -9.21 46.55 35.91
CA ARG K 342 -10.26 45.78 36.57
C ARG K 342 -9.69 44.61 37.36
N PHE K 343 -9.08 43.65 36.66
CA PHE K 343 -8.29 42.58 37.29
C PHE K 343 -7.03 42.38 36.45
N ASP K 344 -5.99 43.14 36.76
CA ASP K 344 -4.76 43.15 35.99
C ASP K 344 -3.72 42.16 36.51
N ARG K 345 -4.01 41.45 37.60
CA ARG K 345 -3.05 40.57 38.22
C ARG K 345 -3.75 39.35 38.83
N GLU K 346 -3.16 38.18 38.60
CA GLU K 346 -3.76 36.90 38.96
C GLU K 346 -2.76 36.06 39.73
N VAL K 347 -3.24 35.40 40.79
CA VAL K 347 -2.43 34.51 41.61
C VAL K 347 -3.03 33.12 41.55
N ASP K 348 -2.23 32.14 41.14
CA ASP K 348 -2.64 30.74 41.04
C ASP K 348 -2.31 30.04 42.36
N ILE K 349 -3.31 29.91 43.24
CA ILE K 349 -3.08 29.25 44.52
C ILE K 349 -2.67 27.80 44.30
N GLY K 350 -3.41 27.08 43.45
CA GLY K 350 -3.05 25.73 43.10
C GLY K 350 -3.05 24.76 44.26
N ILE K 351 -2.89 23.47 43.96
CA ILE K 351 -2.84 22.44 45.00
C ILE K 351 -1.57 22.61 45.82
N PRO K 352 -1.61 22.29 47.12
CA PRO K 352 -0.38 22.35 47.92
C PRO K 352 0.57 21.23 47.56
N ASP K 353 1.77 21.29 48.12
CA ASP K 353 2.79 20.29 47.90
C ASP K 353 2.83 19.32 49.08
N ALA K 354 3.77 18.37 49.03
CA ALA K 354 3.96 17.46 50.14
C ALA K 354 4.25 18.23 51.42
N THR K 355 5.17 19.19 51.36
CA THR K 355 5.40 20.06 52.51
C THR K 355 4.18 20.93 52.79
N GLY K 356 3.51 21.40 51.73
CA GLY K 356 2.29 22.16 51.94
C GLY K 356 1.20 21.34 52.60
N ARG K 357 1.01 20.11 52.15
CA ARG K 357 0.04 19.23 52.79
C ARG K 357 0.41 18.96 54.24
N LEU K 358 1.69 18.73 54.50
CA LEU K 358 2.15 18.54 55.89
C LEU K 358 1.80 19.75 56.74
N GLU K 359 2.13 20.95 56.27
CA GLU K 359 1.85 22.15 57.03
C GLU K 359 0.36 22.32 57.27
N ILE K 360 -0.45 22.10 56.23
CA ILE K 360 -1.90 22.16 56.40
C ILE K 360 -2.34 21.18 57.47
N LEU K 361 -1.70 20.01 57.53
CA LEU K 361 -2.03 19.03 58.55
C LEU K 361 -1.74 19.59 59.95
N GLN K 362 -0.59 20.23 60.14
CA GLN K 362 -0.34 20.82 61.46
C GLN K 362 -1.33 21.92 61.81
N ILE K 363 -1.67 22.79 60.85
CA ILE K 363 -2.67 23.83 61.15
C ILE K 363 -4.01 23.20 61.52
N HIS K 364 -4.42 22.16 60.81
CA HIS K 364 -5.71 21.54 61.09
C HIS K 364 -5.65 20.55 62.25
N THR K 365 -4.46 20.09 62.63
CA THR K 365 -4.27 19.21 63.79
C THR K 365 -3.44 19.93 64.83
N LYS K 366 -4.09 20.71 65.68
CA LYS K 366 -3.37 21.39 66.76
C LYS K 366 -4.11 21.46 68.09
N ASN K 367 -5.42 21.19 68.14
CA ASN K 367 -6.16 21.14 69.39
C ASN K 367 -6.62 19.72 69.71
N MET K 368 -6.41 18.79 68.80
CA MET K 368 -6.98 17.44 68.84
C MET K 368 -6.19 16.42 69.66
N LYS K 369 -5.06 16.78 70.27
CA LYS K 369 -4.20 15.77 70.91
C LYS K 369 -3.76 14.67 69.95
N LEU K 370 -2.98 15.09 68.95
CA LEU K 370 -2.58 14.14 67.94
C LEU K 370 -1.85 13.01 68.66
N ALA K 371 -2.06 11.78 68.21
CA ALA K 371 -1.49 10.69 68.98
C ALA K 371 0.03 10.67 68.88
N ASP K 372 0.66 9.97 69.82
CA ASP K 372 2.11 9.91 69.82
C ASP K 372 2.59 8.99 68.71
N ASP K 373 1.74 8.04 68.33
CA ASP K 373 2.08 7.08 67.29
C ASP K 373 2.27 7.80 65.95
N VAL K 374 1.43 8.80 65.69
CA VAL K 374 1.46 9.52 64.43
C VAL K 374 2.54 10.59 64.46
N ASP K 375 3.04 10.94 63.28
CA ASP K 375 3.97 12.04 63.12
C ASP K 375 3.53 13.05 62.06
N LEU K 376 2.48 12.75 61.29
CA LEU K 376 1.90 13.60 60.24
C LEU K 376 2.72 13.61 58.95
N GLU K 377 3.87 12.94 58.88
CA GLU K 377 4.60 12.92 57.62
C GLU K 377 4.11 11.84 56.67
N GLN K 378 3.83 10.64 57.19
CA GLN K 378 3.31 9.58 56.34
C GLN K 378 1.96 9.95 55.75
N VAL K 379 1.09 10.55 56.55
CA VAL K 379 -0.21 10.98 56.05
C VAL K 379 -0.04 12.04 54.96
N ALA K 380 0.88 12.98 55.18
CA ALA K 380 1.11 14.01 54.17
C ALA K 380 1.63 13.42 52.87
N ASN K 381 2.55 12.45 52.96
CA ASN K 381 3.06 11.82 51.74
C ASN K 381 1.95 11.04 51.03
N GLU K 382 1.10 10.36 51.78
CA GLU K 382 0.03 9.57 51.18
C GLU K 382 -1.16 10.41 50.75
N THR K 383 -1.18 11.70 51.09
CA THR K 383 -2.31 12.56 50.80
C THR K 383 -2.19 13.26 49.44
N HIS K 384 -1.38 12.71 48.53
CA HIS K 384 -1.22 13.33 47.22
C HIS K 384 -2.55 13.43 46.50
N GLY K 385 -2.80 14.60 45.89
CA GLY K 385 -4.04 14.86 45.18
C GLY K 385 -5.06 15.65 45.96
N HIS K 386 -4.83 15.86 47.25
CA HIS K 386 -5.75 16.56 48.12
C HIS K 386 -5.42 18.04 48.18
N VAL K 387 -6.42 18.83 48.59
CA VAL K 387 -6.24 20.26 48.78
C VAL K 387 -6.36 20.56 50.27
N GLY K 388 -6.13 21.81 50.66
CA GLY K 388 -6.18 22.15 52.08
C GLY K 388 -7.51 21.79 52.71
N ALA K 389 -8.60 22.06 52.00
CA ALA K 389 -9.92 21.71 52.52
C ALA K 389 -10.05 20.19 52.67
N ASP K 390 -9.51 19.43 51.72
CA ASP K 390 -9.54 17.97 51.85
C ASP K 390 -8.77 17.53 53.09
N LEU K 391 -7.63 18.15 53.36
CA LEU K 391 -6.86 17.79 54.54
C LEU K 391 -7.63 18.12 55.81
N ALA K 392 -8.32 19.26 55.83
CA ALA K 392 -9.16 19.61 56.97
C ALA K 392 -10.26 18.57 57.17
N ALA K 393 -10.89 18.15 56.09
CA ALA K 393 -11.94 17.14 56.18
C ALA K 393 -11.37 15.82 56.70
N LEU K 394 -10.18 15.46 56.23
CA LEU K 394 -9.54 14.23 56.70
C LEU K 394 -9.24 14.31 58.19
N CYS K 395 -8.73 15.46 58.65
CA CYS K 395 -8.46 15.62 60.07
C CYS K 395 -9.74 15.54 60.89
N SER K 396 -10.81 16.18 60.41
CA SER K 396 -12.08 16.10 61.12
C SER K 396 -12.61 14.68 61.16
N GLU K 397 -12.46 13.94 60.07
CA GLU K 397 -12.90 12.54 60.04
C GLU K 397 -12.09 11.69 61.02
N ALA K 398 -10.77 11.92 61.08
CA ALA K 398 -9.95 11.19 62.04
C ALA K 398 -10.37 11.52 63.47
N ALA K 399 -10.62 12.79 63.75
CA ALA K 399 -11.07 13.17 65.10
C ALA K 399 -12.39 12.50 65.43
N LEU K 400 -13.33 12.47 64.48
CA LEU K 400 -14.63 11.85 64.74
C LEU K 400 -14.47 10.35 64.94
N GLN K 401 -13.61 9.70 64.17
CA GLN K 401 -13.36 8.28 64.36
C GLN K 401 -12.77 7.99 65.74
N ALA K 402 -11.83 8.84 66.18
CA ALA K 402 -11.26 8.66 67.52
C ALA K 402 -12.34 8.85 68.58
N ILE K 403 -13.20 9.84 68.40
CA ILE K 403 -14.27 10.08 69.36
C ILE K 403 -15.24 8.91 69.39
N ARG K 404 -15.48 8.29 68.23
CA ARG K 404 -16.38 7.15 68.16
C ARG K 404 -15.80 5.91 68.84
N LYS K 405 -14.53 5.59 68.57
CA LYS K 405 -13.95 4.38 69.17
C LYS K 405 -13.96 4.47 70.69
N LYS K 406 -13.25 5.44 71.24
CA LYS K 406 -13.26 5.67 72.68
C LYS K 406 -14.39 6.63 73.00
N MET K 407 -14.43 7.16 74.22
CA MET K 407 -15.42 8.18 74.54
C MET K 407 -16.82 7.64 74.29
N ASP K 408 -17.37 7.91 73.10
CA ASP K 408 -18.77 7.62 72.82
C ASP K 408 -19.11 6.15 73.01
N LEU K 409 -18.12 5.26 73.10
CA LEU K 409 -18.41 3.86 73.42
C LEU K 409 -19.13 3.75 74.75
N ILE K 410 -18.66 4.47 75.77
CA ILE K 410 -19.32 4.45 77.06
C ILE K 410 -20.71 5.07 76.96
N ASP K 411 -20.85 6.11 76.15
CA ASP K 411 -22.10 6.83 75.94
C ASP K 411 -22.42 7.81 77.07
N LEU K 412 -21.44 8.14 77.91
CA LEU K 412 -21.63 9.12 78.97
C LEU K 412 -21.52 10.52 78.35
N GLU K 413 -22.64 10.98 77.81
CA GLU K 413 -22.71 12.24 77.08
C GLU K 413 -23.75 13.15 77.69
N ASP K 414 -23.42 14.44 77.79
CA ASP K 414 -24.37 15.45 78.26
C ASP K 414 -24.36 16.65 77.33
N GLU K 415 -25.00 17.75 77.74
CA GLU K 415 -25.05 18.92 76.89
C GLU K 415 -23.65 19.40 76.52
N THR K 416 -22.70 19.30 77.45
CA THR K 416 -21.31 19.65 77.17
C THR K 416 -20.43 18.70 77.98
N ILE K 417 -19.91 17.66 77.32
CA ILE K 417 -19.09 16.68 78.03
C ILE K 417 -17.85 17.36 78.59
N ASP K 418 -17.32 16.77 79.67
CA ASP K 418 -16.15 17.33 80.33
C ASP K 418 -14.95 17.31 79.37
N ALA K 419 -14.21 18.42 79.34
CA ALA K 419 -13.10 18.54 78.39
C ALA K 419 -12.03 17.50 78.67
N GLU K 420 -11.65 17.32 79.94
CA GLU K 420 -10.41 16.61 80.21
C GLU K 420 -10.48 15.18 79.70
N VAL K 421 -11.67 14.57 79.73
CA VAL K 421 -11.82 13.21 79.22
C VAL K 421 -11.48 13.18 77.74
N MET K 422 -11.92 14.21 77.00
CA MET K 422 -11.56 14.30 75.59
C MET K 422 -10.06 14.52 75.44
N ASN K 423 -9.46 15.27 76.37
CA ASN K 423 -8.02 15.38 76.39
C ASN K 423 -7.37 14.01 76.58
N SER K 424 -8.04 13.11 77.29
CA SER K 424 -7.49 11.78 77.52
C SER K 424 -7.31 11.01 76.22
N LEU K 425 -8.17 11.23 75.23
CA LEU K 425 -8.11 10.51 73.96
C LEU K 425 -7.23 11.23 72.95
N ALA K 426 -6.34 10.48 72.32
CA ALA K 426 -5.43 10.98 71.30
C ALA K 426 -5.75 10.31 69.98
N VAL K 427 -5.81 11.10 68.91
CA VAL K 427 -6.15 10.56 67.59
C VAL K 427 -4.98 9.68 67.13
N THR K 428 -5.18 8.37 67.15
CA THR K 428 -4.15 7.40 66.83
C THR K 428 -3.95 7.27 65.32
N MET K 429 -2.79 6.73 64.95
CA MET K 429 -2.45 6.58 63.53
C MET K 429 -3.42 5.66 62.81
N ASP K 430 -4.04 4.72 63.51
CA ASP K 430 -5.06 3.90 62.88
C ASP K 430 -6.21 4.77 62.39
N ASP K 431 -6.57 5.79 63.16
CA ASP K 431 -7.61 6.72 62.73
C ASP K 431 -7.21 7.43 61.45
N PHE K 432 -5.95 7.86 61.36
CA PHE K 432 -5.50 8.55 60.15
C PHE K 432 -5.47 7.60 58.97
N ARG K 433 -5.08 6.34 59.19
CA ARG K 433 -5.11 5.36 58.11
C ARG K 433 -6.53 5.18 57.60
N TRP K 434 -7.49 5.05 58.52
CA TRP K 434 -8.89 4.91 58.11
C TRP K 434 -9.36 6.14 57.35
N ALA K 435 -8.99 7.33 57.83
CA ALA K 435 -9.39 8.55 57.14
C ALA K 435 -8.81 8.59 55.74
N LEU K 436 -7.54 8.21 55.58
CA LEU K 436 -6.95 8.16 54.25
C LEU K 436 -7.67 7.15 53.39
N SER K 437 -8.13 6.05 53.98
CA SER K 437 -8.92 5.08 53.25
C SER K 437 -10.28 5.64 52.87
N GLN K 438 -10.72 6.71 53.54
CA GLN K 438 -12.01 7.33 53.28
C GLN K 438 -11.85 8.78 52.86
N SER K 439 -10.81 9.08 52.08
CA SER K 439 -10.50 10.45 51.69
C SER K 439 -11.14 10.82 50.35
N ASN K 440 -10.82 10.07 49.30
CA ASN K 440 -11.44 10.23 47.99
C ASN K 440 -11.31 11.64 47.40
N PRO K 441 -10.11 12.05 46.96
CA PRO K 441 -10.01 13.32 46.22
C PRO K 441 -10.77 13.25 44.91
N SER K 442 -11.47 14.33 44.55
CA SER K 442 -11.26 15.69 45.06
C SER K 442 -9.90 16.31 44.75
N ALA K 443 -9.70 16.63 43.47
CA ALA K 443 -8.54 17.37 42.97
C ALA K 443 -7.31 16.51 42.67
N LEU K 444 -7.48 15.20 42.59
CA LEU K 444 -6.38 14.33 42.16
C LEU K 444 -6.01 14.58 40.71
N ARG K 445 -6.93 15.10 39.90
CA ARG K 445 -6.68 15.30 38.48
C ARG K 445 -5.73 16.47 38.21
N GLU K 446 -5.80 17.52 39.02
CA GLU K 446 -5.05 18.75 38.72
C GLU K 446 -3.55 18.49 38.62
N THR K 447 -2.92 19.17 37.68
CA THR K 447 -1.47 19.06 37.49
C THR K 447 -0.75 19.56 38.73
N VAL K 448 0.38 18.94 39.07
CA VAL K 448 1.13 19.27 40.27
C VAL K 448 2.42 19.95 39.86
N VAL K 449 2.64 21.15 40.41
CA VAL K 449 3.86 21.96 40.24
C VAL K 449 4.59 21.95 41.57
N GLU K 450 5.67 21.17 41.70
CA GLU K 450 6.33 21.07 42.99
C GLU K 450 7.83 21.24 42.85
N VAL K 451 8.45 21.75 43.90
CA VAL K 451 9.91 21.81 43.96
C VAL K 451 10.35 20.38 44.22
N PRO K 452 10.96 19.67 43.27
CA PRO K 452 11.28 18.26 43.51
C PRO K 452 12.20 18.09 44.71
N GLN K 453 11.95 17.05 45.49
CA GLN K 453 12.72 16.77 46.70
C GLN K 453 13.91 15.85 46.46
N VAL K 454 14.11 15.39 45.23
CA VAL K 454 15.25 14.54 44.92
C VAL K 454 16.49 15.42 44.80
N THR K 455 17.61 14.93 45.30
CA THR K 455 18.86 15.65 45.27
C THR K 455 19.89 14.86 44.47
N TRP K 456 21.06 15.46 44.31
CA TRP K 456 22.13 14.81 43.54
C TRP K 456 22.55 13.51 44.19
N GLU K 457 22.36 13.36 45.51
CA GLU K 457 22.70 12.11 46.17
C GLU K 457 21.86 10.97 45.60
N ASP K 458 20.58 11.22 45.35
CA ASP K 458 19.71 10.18 44.79
C ASP K 458 20.21 9.68 43.44
N ILE K 459 20.88 10.53 42.67
CA ILE K 459 21.40 10.15 41.37
C ILE K 459 22.88 9.82 41.51
N GLY K 460 23.24 8.58 41.19
CA GLY K 460 24.62 8.14 41.34
C GLY K 460 25.47 8.57 40.16
N GLY K 461 26.70 8.98 40.46
CA GLY K 461 27.63 9.36 39.40
C GLY K 461 27.08 10.47 38.52
N LEU K 462 27.22 10.29 37.21
CA LEU K 462 26.78 11.29 36.24
C LEU K 462 27.44 12.64 36.52
N GLU K 463 28.73 12.61 36.86
CA GLU K 463 29.43 13.84 37.22
C GLU K 463 29.48 14.83 36.06
N ASP K 464 29.80 14.35 34.85
CA ASP K 464 29.84 15.24 33.70
C ASP K 464 28.47 15.80 33.38
N VAL K 465 27.46 14.93 33.37
CA VAL K 465 26.08 15.37 33.10
C VAL K 465 25.61 16.31 34.19
N LYS K 466 25.93 16.00 35.44
CA LYS K 466 25.54 16.87 36.55
C LYS K 466 26.18 18.25 36.40
N ARG K 467 27.46 18.29 36.00
CA ARG K 467 28.15 19.57 35.82
C ARG K 467 27.53 20.41 34.72
N GLU K 468 27.24 19.79 33.57
CA GLU K 468 26.63 20.57 32.49
C GLU K 468 25.24 21.04 32.87
N LEU K 469 24.46 20.20 33.54
CA LEU K 469 23.14 20.66 33.94
C LEU K 469 23.29 21.85 34.88
N GLN K 470 24.24 21.77 35.82
CA GLN K 470 24.50 22.92 36.69
C GLN K 470 24.87 24.14 35.88
N GLU K 471 25.78 24.00 34.92
CA GLU K 471 26.15 25.12 34.06
C GLU K 471 24.90 25.74 33.46
N LEU K 472 24.22 24.98 32.61
CA LEU K 472 23.10 25.51 31.83
C LEU K 472 22.03 26.16 32.70
N VAL K 473 21.64 25.50 33.78
CA VAL K 473 20.52 26.03 34.55
C VAL K 473 21.00 27.03 35.60
N GLN K 474 21.91 26.60 36.47
CA GLN K 474 22.28 27.43 37.61
C GLN K 474 23.11 28.65 37.21
N TYR K 475 24.08 28.50 36.30
CA TYR K 475 24.95 29.63 36.00
C TYR K 475 24.19 30.86 35.52
N PRO K 476 23.23 30.77 34.59
CA PRO K 476 22.53 31.99 34.17
C PRO K 476 21.81 32.69 35.31
N VAL K 477 21.17 31.94 36.19
CA VAL K 477 20.44 32.55 37.31
C VAL K 477 21.39 33.11 38.35
N GLU K 478 22.45 32.36 38.69
CA GLU K 478 23.37 32.82 39.73
C GLU K 478 24.17 34.04 39.31
N HIS K 479 24.62 34.08 38.05
CA HIS K 479 25.48 35.16 37.56
C HIS K 479 24.93 35.72 36.26
N PRO K 480 23.76 36.37 36.31
CA PRO K 480 23.24 37.00 35.08
C PRO K 480 24.15 38.09 34.55
N ASP K 481 24.80 38.84 35.44
CA ASP K 481 25.65 39.94 35.00
C ASP K 481 26.78 39.45 34.12
N LYS K 482 27.40 38.32 34.49
CA LYS K 482 28.52 37.81 33.71
C LYS K 482 28.07 37.28 32.36
N PHE K 483 26.86 36.72 32.28
CA PHE K 483 26.32 36.32 30.98
C PHE K 483 26.02 37.54 30.12
N LEU K 484 25.58 38.63 30.75
CA LEU K 484 25.34 39.88 30.02
C LEU K 484 26.64 40.50 29.53
N LYS K 485 27.71 40.36 30.31
CA LYS K 485 28.99 40.96 29.94
C LYS K 485 29.54 40.41 28.64
N PHE K 486 29.45 39.10 28.43
CA PHE K 486 30.02 38.47 27.24
C PHE K 486 29.08 38.47 26.05
N GLY K 487 27.91 39.06 26.18
CA GLY K 487 26.96 39.12 25.08
C GLY K 487 26.46 37.78 24.60
N MET K 488 26.29 36.83 25.50
CA MET K 488 25.79 35.50 25.16
C MET K 488 24.45 35.28 25.85
N THR K 489 23.47 34.83 25.08
CA THR K 489 22.16 34.52 25.65
C THR K 489 22.08 33.05 25.99
N PRO K 490 21.93 32.67 27.25
CA PRO K 490 21.85 31.26 27.62
C PRO K 490 20.72 30.55 26.88
N SER K 491 21.04 29.35 26.38
CA SER K 491 20.03 28.53 25.73
C SER K 491 19.03 28.05 26.76
N LYS K 492 17.78 27.93 26.33
CA LYS K 492 16.69 27.47 27.19
C LYS K 492 16.06 26.23 26.57
N GLY K 493 16.71 25.09 26.78
CA GLY K 493 16.23 23.82 26.26
C GLY K 493 17.29 22.74 26.31
N VAL K 494 16.98 21.63 26.97
CA VAL K 494 17.88 20.48 27.05
C VAL K 494 17.13 19.25 26.56
N LEU K 495 17.88 18.27 26.06
CA LEU K 495 17.27 17.03 25.59
C LEU K 495 18.11 15.86 26.06
N PHE K 496 17.61 15.14 27.06
CA PHE K 496 18.26 13.92 27.53
C PHE K 496 17.90 12.75 26.63
N TYR K 497 18.91 12.04 26.14
CA TYR K 497 18.70 10.85 25.34
C TYR K 497 19.56 9.72 25.90
N GLY K 498 19.03 8.51 25.87
CA GLY K 498 19.74 7.35 26.38
C GLY K 498 18.82 6.15 26.53
N PRO K 499 19.36 5.04 27.03
CA PRO K 499 18.54 3.86 27.21
C PRO K 499 17.49 4.07 28.29
N PRO K 500 16.37 3.37 28.22
CA PRO K 500 15.31 3.56 29.22
C PRO K 500 15.77 3.16 30.62
N GLY K 501 15.23 3.86 31.61
CA GLY K 501 15.50 3.53 32.99
C GLY K 501 16.82 4.00 33.54
N CYS K 502 17.52 4.92 32.87
CA CYS K 502 18.80 5.39 33.35
C CYS K 502 18.69 6.60 34.28
N GLY K 503 17.48 7.06 34.55
CA GLY K 503 17.29 8.15 35.50
C GLY K 503 17.28 9.54 34.91
N LYS K 504 16.68 9.71 33.73
CA LYS K 504 16.57 11.04 33.16
C LYS K 504 15.56 11.89 33.91
N THR K 505 14.42 11.31 34.28
CA THR K 505 13.42 12.05 35.05
C THR K 505 13.99 12.48 36.40
N LEU K 506 14.70 11.59 37.07
CA LEU K 506 15.31 11.94 38.35
C LEU K 506 16.38 13.01 38.16
N LEU K 507 17.14 12.95 37.07
CA LEU K 507 18.15 13.97 36.82
C LEU K 507 17.49 15.34 36.64
N ALA K 508 16.40 15.40 35.88
CA ALA K 508 15.69 16.66 35.71
C ALA K 508 15.14 17.16 37.03
N LYS K 509 14.57 16.26 37.84
CA LYS K 509 14.05 16.65 39.14
C LYS K 509 15.17 17.18 40.03
N ALA K 510 16.34 16.54 39.99
CA ALA K 510 17.45 16.99 40.82
C ALA K 510 17.93 18.37 40.39
N ILE K 511 18.01 18.61 39.08
CA ILE K 511 18.44 19.92 38.61
C ILE K 511 17.43 20.98 39.03
N ALA K 512 16.14 20.63 38.98
CA ALA K 512 15.12 21.58 39.44
C ALA K 512 15.25 21.83 40.94
N ASN K 513 15.55 20.79 41.71
CA ASN K 513 15.67 20.91 43.16
C ASN K 513 16.85 21.77 43.55
N GLU K 514 17.97 21.65 42.83
CA GLU K 514 19.15 22.44 43.16
C GLU K 514 18.86 23.93 43.04
N CYS K 515 18.13 24.33 42.00
CA CYS K 515 17.76 25.73 41.82
C CYS K 515 16.52 26.12 42.61
N GLN K 516 15.90 25.19 43.33
CA GLN K 516 14.68 25.47 44.09
C GLN K 516 13.57 25.99 43.18
N ALA K 517 13.51 25.45 41.97
CA ALA K 517 12.53 25.85 40.98
C ALA K 517 11.43 24.79 40.85
N ASN K 518 10.20 25.27 40.68
CA ASN K 518 9.08 24.35 40.53
C ASN K 518 9.34 23.42 39.36
N PHE K 519 8.78 22.21 39.42
CA PHE K 519 8.96 21.19 38.40
C PHE K 519 7.62 20.74 37.87
N ILE K 520 7.45 20.82 36.55
CA ILE K 520 6.26 20.36 35.86
C ILE K 520 6.67 19.24 34.92
N SER K 521 6.06 18.07 35.07
CA SER K 521 6.40 16.90 34.27
C SER K 521 5.23 16.56 33.36
N ILE K 522 5.48 16.58 32.05
CA ILE K 522 4.50 16.22 31.05
C ILE K 522 4.89 14.85 30.51
N LYS K 523 4.26 13.81 31.03
CA LYS K 523 4.61 12.45 30.63
C LYS K 523 4.10 12.15 29.23
N GLY K 524 4.53 11.00 28.69
CA GLY K 524 4.10 10.55 27.38
C GLY K 524 2.63 10.31 27.24
N PRO K 525 1.96 9.73 28.24
CA PRO K 525 0.50 9.56 28.13
C PRO K 525 -0.25 10.85 27.90
N GLU K 526 0.19 11.95 28.52
CA GLU K 526 -0.49 13.23 28.31
C GLU K 526 -0.35 13.71 26.86
N LEU K 527 0.85 13.61 26.30
CA LEU K 527 1.03 14.01 24.90
C LEU K 527 0.22 13.12 23.97
N LEU K 528 0.21 11.81 24.25
CA LEU K 528 -0.58 10.90 23.42
C LEU K 528 -2.07 11.19 23.54
N THR K 529 -2.53 11.59 24.73
CA THR K 529 -3.93 11.96 24.90
C THR K 529 -4.25 13.20 24.08
N MET K 530 -3.36 14.20 24.11
CA MET K 530 -3.60 15.39 23.30
C MET K 530 -3.58 15.07 21.82
N TRP K 531 -2.79 14.08 21.41
CA TRP K 531 -2.71 13.70 20.01
C TRP K 531 -3.93 12.92 19.54
N PHE K 532 -4.33 11.88 20.30
CA PHE K 532 -5.49 11.09 19.91
C PHE K 532 -6.76 11.93 19.93
N GLY K 533 -6.95 12.73 20.97
CA GLY K 533 -8.12 13.59 21.03
C GLY K 533 -8.08 14.78 20.11
N GLU K 534 -7.00 14.95 19.36
CA GLU K 534 -6.84 16.08 18.45
C GLU K 534 -7.03 17.41 19.17
N SER K 535 -6.68 17.43 20.46
CA SER K 535 -6.72 18.65 21.27
C SER K 535 -5.28 19.01 21.62
N GLU K 536 -4.60 19.69 20.71
CA GLU K 536 -3.25 20.16 20.97
C GLU K 536 -3.21 21.57 21.54
N ALA K 537 -4.37 22.23 21.69
CA ALA K 537 -4.36 23.55 22.30
C ALA K 537 -4.08 23.51 23.79
N ASN K 538 -4.15 22.33 24.42
CA ASN K 538 -3.86 22.26 25.84
C ASN K 538 -2.37 22.45 26.10
N VAL K 539 -1.54 22.32 25.07
CA VAL K 539 -0.12 22.57 25.26
C VAL K 539 0.07 24.03 25.62
N ARG K 540 -0.74 24.91 25.02
CA ARG K 540 -0.65 26.31 25.36
C ARG K 540 -0.97 26.51 26.82
N GLU K 541 -1.99 25.81 27.32
CA GLU K 541 -2.32 25.94 28.74
C GLU K 541 -1.17 25.45 29.59
N ILE K 542 -0.51 24.36 29.17
CA ILE K 542 0.62 23.86 29.92
C ILE K 542 1.69 24.93 30.02
N PHE K 543 1.99 25.59 28.90
CA PHE K 543 3.03 26.60 28.92
C PHE K 543 2.60 27.78 29.78
N ASP K 544 1.31 28.11 29.77
CA ASP K 544 0.85 29.19 30.63
C ASP K 544 1.06 28.83 32.08
N LYS K 545 0.79 27.57 32.43
CA LYS K 545 1.04 27.14 33.80
C LYS K 545 2.52 27.28 34.13
N ALA K 546 3.39 26.92 33.18
CA ALA K 546 4.81 27.07 33.42
C ALA K 546 5.14 28.53 33.67
N ARG K 547 4.53 29.42 32.91
CA ARG K 547 4.78 30.84 33.10
C ARG K 547 4.33 31.29 34.48
N GLN K 548 3.15 30.84 34.92
CA GLN K 548 2.64 31.23 36.22
C GLN K 548 3.53 30.73 37.36
N ALA K 549 4.15 29.56 37.18
CA ALA K 549 4.99 28.96 38.20
C ALA K 549 6.45 29.36 38.07
N ALA K 550 6.77 30.27 37.16
CA ALA K 550 8.16 30.64 36.95
C ALA K 550 8.71 31.29 38.23
N PRO K 551 9.97 31.01 38.58
CA PRO K 551 10.85 30.18 37.75
C PRO K 551 10.50 28.71 37.83
N CYS K 552 10.51 28.02 36.70
CA CYS K 552 10.08 26.63 36.62
C CYS K 552 10.94 25.88 35.61
N VAL K 553 10.91 24.56 35.72
CA VAL K 553 11.61 23.67 34.79
C VAL K 553 10.56 22.77 34.16
N LEU K 554 10.14 23.09 32.94
CA LEU K 554 9.13 22.30 32.23
C LEU K 554 9.83 21.12 31.57
N PHE K 555 9.57 19.91 32.08
CA PHE K 555 10.19 18.70 31.58
C PHE K 555 9.18 17.89 30.79
N PHE K 556 9.54 17.53 29.56
CA PHE K 556 8.71 16.72 28.68
C PHE K 556 9.31 15.32 28.64
N ASP K 557 8.93 14.49 29.61
CA ASP K 557 9.47 13.14 29.66
C ASP K 557 9.00 12.31 28.48
N GLU K 558 9.89 11.48 27.95
CA GLU K 558 9.54 10.58 26.86
C GLU K 558 8.74 11.29 25.75
N LEU K 559 9.37 12.33 25.23
CA LEU K 559 8.83 13.16 24.17
C LEU K 559 8.60 12.42 22.86
N ASP K 560 9.19 11.24 22.68
CA ASP K 560 9.07 10.53 21.41
C ASP K 560 7.85 9.63 21.33
N SER K 561 6.94 9.71 22.30
CA SER K 561 5.80 8.80 22.31
C SER K 561 4.92 8.98 21.08
N ILE K 562 4.69 10.23 20.66
CA ILE K 562 3.84 10.48 19.50
C ILE K 562 4.47 9.94 18.22
N ALA K 563 5.79 10.06 18.08
CA ALA K 563 6.45 9.51 16.91
C ALA K 563 6.31 8.00 16.85
N LYS K 564 6.46 7.33 18.00
CA LYS K 564 6.25 5.88 18.05
C LYS K 564 4.82 5.51 17.70
N ALA K 565 3.85 6.28 18.20
CA ALA K 565 2.45 5.98 17.94
C ALA K 565 2.13 6.03 16.45
N ARG K 566 2.82 6.87 15.68
CA ARG K 566 2.56 6.97 14.25
C ARG K 566 3.30 5.91 13.44
N GLY K 567 3.87 4.89 14.07
CA GLY K 567 4.58 3.86 13.34
C GLY K 567 5.97 3.55 13.84
N GLY K 568 6.41 4.25 14.88
CA GLY K 568 7.73 4.01 15.42
C GLY K 568 8.83 4.71 14.66
N ASN K 569 9.63 3.96 13.91
CA ASN K 569 10.67 4.52 13.07
C ASN K 569 10.23 4.65 11.62
N ILE K 570 9.65 3.60 11.05
CA ILE K 570 9.15 3.69 9.68
C ILE K 570 8.08 4.77 9.58
N GLY K 571 7.22 4.86 10.60
CA GLY K 571 6.17 5.84 10.65
C GLY K 571 5.11 5.67 9.58
N ASP K 572 4.37 6.75 9.36
CA ASP K 572 3.33 6.82 8.35
C ASP K 572 3.92 7.41 7.07
N GLY K 573 3.06 7.72 6.09
CA GLY K 573 3.56 8.34 4.88
C GLY K 573 4.08 9.75 5.08
N GLY K 574 3.62 10.42 6.14
CA GLY K 574 4.03 11.78 6.41
C GLY K 574 5.42 11.84 7.03
N GLY K 575 5.83 13.05 7.38
CA GLY K 575 7.13 13.29 7.97
C GLY K 575 7.10 13.25 9.49
N ALA K 576 8.14 13.81 10.08
CA ALA K 576 8.27 13.83 11.54
C ALA K 576 7.32 14.81 12.21
N ALA K 577 6.72 15.73 11.46
CA ALA K 577 5.85 16.74 12.07
C ALA K 577 4.54 16.13 12.55
N ASP K 578 4.11 16.58 13.73
CA ASP K 578 2.85 16.14 14.31
C ASP K 578 2.23 17.31 15.06
N ARG K 579 0.94 17.19 15.37
CA ARG K 579 0.21 18.31 15.95
C ARG K 579 0.78 18.73 17.30
N VAL K 580 0.98 17.78 18.21
CA VAL K 580 1.41 18.12 19.56
C VAL K 580 2.82 18.70 19.55
N ILE K 581 3.73 18.08 18.81
CA ILE K 581 5.09 18.58 18.75
C ILE K 581 5.11 19.94 18.06
N ASN K 582 4.25 20.14 17.05
CA ASN K 582 4.18 21.45 16.41
C ASN K 582 3.72 22.52 17.39
N GLN K 583 2.72 22.22 18.23
CA GLN K 583 2.29 23.20 19.22
C GLN K 583 3.40 23.46 20.22
N ILE K 584 4.15 22.42 20.59
CA ILE K 584 5.26 22.59 21.52
C ILE K 584 6.32 23.50 20.91
N LEU K 585 6.63 23.30 19.62
CA LEU K 585 7.59 24.16 18.93
C LEU K 585 7.12 25.61 18.88
N THR K 586 5.84 25.82 18.56
CA THR K 586 5.33 27.19 18.53
C THR K 586 5.45 27.85 19.89
N GLU K 587 5.07 27.13 20.95
CA GLU K 587 5.13 27.69 22.29
C GLU K 587 6.57 27.95 22.71
N MET K 588 7.49 27.04 22.36
CA MET K 588 8.90 27.21 22.70
C MET K 588 9.48 28.41 22.00
N ASP K 589 9.12 28.62 20.73
CA ASP K 589 9.59 29.81 20.03
C ASP K 589 9.04 31.07 20.69
N GLY K 590 7.75 31.08 21.03
CA GLY K 590 7.22 32.22 21.74
C GLY K 590 7.62 32.28 23.19
N MET K 591 8.08 31.16 23.76
CA MET K 591 8.50 31.12 25.17
C MET K 591 9.98 31.45 25.31
N SER K 592 10.36 32.65 24.89
CA SER K 592 11.74 33.08 24.97
C SER K 592 11.95 34.24 25.92
N THR K 593 10.98 35.13 26.04
CA THR K 593 11.11 36.29 26.94
C THR K 593 11.03 35.90 28.41
N LYS K 594 10.41 34.76 28.73
CA LYS K 594 10.12 34.45 30.13
C LYS K 594 11.40 34.30 30.94
N LYS K 595 12.41 33.64 30.37
CA LYS K 595 13.69 33.44 31.02
C LYS K 595 13.62 32.47 32.20
N ASN K 596 12.57 32.59 33.02
CA ASN K 596 12.43 31.69 34.16
C ASN K 596 12.21 30.25 33.72
N VAL K 597 11.26 30.01 32.83
CA VAL K 597 10.92 28.64 32.48
C VAL K 597 12.08 28.01 31.73
N PHE K 598 12.41 26.77 32.09
CA PHE K 598 13.48 26.01 31.45
C PHE K 598 12.91 24.70 30.95
N ILE K 599 13.07 24.42 29.66
CA ILE K 599 12.45 23.26 29.03
C ILE K 599 13.47 22.15 28.94
N ILE K 600 13.15 20.99 29.49
CA ILE K 600 13.99 19.80 29.47
C ILE K 600 13.19 18.69 28.79
N GLY K 601 13.81 18.02 27.82
CA GLY K 601 13.17 16.92 27.12
C GLY K 601 13.92 15.63 27.31
N ALA K 602 13.17 14.54 27.34
CA ALA K 602 13.72 13.19 27.49
C ALA K 602 13.14 12.30 26.41
N THR K 603 13.99 11.48 25.79
CA THR K 603 13.55 10.60 24.72
C THR K 603 14.48 9.39 24.63
N ASN K 604 13.88 8.21 24.60
CA ASN K 604 14.63 6.97 24.45
C ASN K 604 14.87 6.60 22.99
N ARG K 605 14.29 7.34 22.05
CA ARG K 605 14.46 7.10 20.62
C ARG K 605 14.82 8.41 19.94
N PRO K 606 16.07 8.86 20.11
CA PRO K 606 16.46 10.14 19.49
C PRO K 606 16.39 10.12 17.98
N ASP K 607 16.51 8.95 17.36
CA ASP K 607 16.51 8.87 15.90
C ASP K 607 15.18 9.34 15.32
N ILE K 608 14.06 8.97 15.95
CA ILE K 608 12.75 9.32 15.41
C ILE K 608 12.28 10.69 15.87
N ILE K 609 13.02 11.37 16.74
CA ILE K 609 12.60 12.68 17.19
C ILE K 609 12.60 13.66 16.02
N ASP K 610 11.67 14.60 16.05
CA ASP K 610 11.56 15.59 14.98
C ASP K 610 12.82 16.45 14.95
N PRO K 611 13.47 16.60 13.79
CA PRO K 611 14.67 17.44 13.75
C PRO K 611 14.43 18.88 14.17
N ALA K 612 13.24 19.41 13.90
CA ALA K 612 12.95 20.80 14.26
C ALA K 612 13.05 21.02 15.76
N ILE K 613 12.94 19.95 16.56
CA ILE K 613 13.08 20.07 18.00
C ILE K 613 14.47 20.58 18.37
N LEU K 614 15.48 20.25 17.57
CA LEU K 614 16.87 20.53 17.91
C LEU K 614 17.39 21.84 17.32
N ARG K 615 16.56 22.59 16.60
CA ARG K 615 17.00 23.85 16.01
C ARG K 615 17.25 24.89 17.12
N PRO K 616 18.07 25.89 16.83
CA PRO K 616 18.37 26.90 17.84
C PRO K 616 17.10 27.60 18.32
N GLY K 617 17.10 27.95 19.60
CA GLY K 617 15.89 28.41 20.26
C GLY K 617 15.02 27.30 20.78
N ARG K 618 15.39 26.05 20.49
CA ARG K 618 14.73 24.83 20.91
C ARG K 618 15.71 24.03 21.77
N LEU K 619 15.40 22.76 21.99
CA LEU K 619 16.25 21.94 22.84
C LEU K 619 17.57 21.65 22.13
N ASP K 620 18.43 22.67 22.06
CA ASP K 620 19.71 22.55 21.37
C ASP K 620 20.65 21.59 22.08
N GLN K 621 20.77 21.73 23.40
CA GLN K 621 21.77 20.98 24.17
C GLN K 621 21.32 19.54 24.33
N LEU K 622 21.89 18.65 23.53
CA LEU K 622 21.65 17.22 23.63
C LEU K 622 22.62 16.62 24.65
N ILE K 623 22.09 15.87 25.60
CA ILE K 623 22.89 15.24 26.64
C ILE K 623 22.62 13.74 26.61
N TYR K 624 23.69 12.95 26.56
CA TYR K 624 23.57 11.50 26.52
C TYR K 624 23.63 10.95 27.94
N ILE K 625 22.54 10.30 28.36
CA ILE K 625 22.47 9.68 29.68
C ILE K 625 22.81 8.20 29.52
N PRO K 626 24.06 7.80 29.71
CA PRO K 626 24.44 6.40 29.49
C PRO K 626 24.13 5.52 30.70
N LEU K 627 24.33 4.23 30.50
CA LEU K 627 24.11 3.27 31.56
C LEU K 627 25.03 3.57 32.75
N PRO K 628 24.56 3.41 33.98
CA PRO K 628 25.39 3.77 35.13
C PRO K 628 26.67 2.95 35.19
N ASP K 629 27.74 3.59 35.64
CA ASP K 629 29.02 2.92 35.81
C ASP K 629 29.03 2.12 37.11
N GLU K 630 30.17 1.55 37.47
CA GLU K 630 30.25 0.78 38.71
C GLU K 630 29.94 1.66 39.92
N LYS K 631 30.56 2.85 39.98
CA LYS K 631 30.26 3.77 41.08
C LYS K 631 28.82 4.25 41.01
N SER K 632 28.33 4.53 39.81
CA SER K 632 26.93 4.94 39.66
C SER K 632 26.00 3.81 40.08
N ARG K 633 26.34 2.57 39.72
CA ARG K 633 25.52 1.43 40.14
C ARG K 633 25.52 1.29 41.66
N VAL K 634 26.67 1.47 42.30
CA VAL K 634 26.73 1.39 43.75
C VAL K 634 25.86 2.46 44.37
N ALA K 635 25.94 3.69 43.84
CA ALA K 635 25.13 4.78 44.37
C ALA K 635 23.64 4.51 44.19
N ILE K 636 23.25 3.97 43.03
CA ILE K 636 21.85 3.66 42.79
C ILE K 636 21.37 2.60 43.76
N LEU K 637 22.18 1.55 43.98
CA LEU K 637 21.78 0.50 44.90
C LEU K 637 21.64 1.06 46.31
N LYS K 638 22.57 1.91 46.74
CA LYS K 638 22.47 2.49 48.07
C LYS K 638 21.22 3.34 48.21
N ALA K 639 20.92 4.15 47.19
CA ALA K 639 19.74 5.01 47.24
C ALA K 639 18.45 4.19 47.30
N ASN K 640 18.38 3.11 46.52
CA ASN K 640 17.18 2.28 46.53
C ASN K 640 16.97 1.60 47.88
N LEU K 641 18.05 1.16 48.51
CA LEU K 641 17.97 0.39 49.74
C LEU K 641 18.08 1.24 51.00
N ARG K 642 18.06 2.56 50.88
CA ARG K 642 18.18 3.42 52.06
C ARG K 642 17.01 3.20 53.01
N LYS K 643 15.79 3.20 52.49
CA LYS K 643 14.63 2.99 53.35
C LYS K 643 14.61 1.58 53.92
N SER K 644 14.91 0.58 53.10
CA SER K 644 14.83 -0.80 53.56
C SER K 644 15.95 -1.08 54.56
N PRO K 645 15.69 -1.88 55.59
CA PRO K 645 16.74 -2.27 56.54
C PRO K 645 17.64 -3.36 55.96
N VAL K 646 18.86 -2.99 55.60
CA VAL K 646 19.81 -3.91 54.97
C VAL K 646 20.93 -4.20 55.97
N ALA K 647 21.23 -5.48 56.17
CA ALA K 647 22.30 -5.85 57.09
C ALA K 647 23.65 -5.39 56.56
N LYS K 648 24.54 -4.99 57.49
CA LYS K 648 25.87 -4.54 57.08
C LYS K 648 26.71 -5.65 56.46
N ASP K 649 26.36 -6.91 56.73
CA ASP K 649 27.17 -8.01 56.21
C ASP K 649 27.11 -8.08 54.68
N VAL K 650 26.00 -7.66 54.07
CA VAL K 650 25.85 -7.77 52.62
C VAL K 650 26.75 -6.72 51.96
N ASP K 651 27.69 -7.18 51.14
CA ASP K 651 28.61 -6.29 50.43
C ASP K 651 27.93 -5.76 49.17
N LEU K 652 27.39 -4.54 49.28
CA LEU K 652 26.64 -3.95 48.17
C LEU K 652 27.55 -3.63 46.99
N GLU K 653 28.82 -3.31 47.25
CA GLU K 653 29.74 -3.01 46.16
C GLU K 653 29.95 -4.22 45.26
N PHE K 654 30.04 -5.40 45.85
CA PHE K 654 30.18 -6.61 45.05
C PHE K 654 28.97 -6.80 44.13
N LEU K 655 27.76 -6.56 44.67
CA LEU K 655 26.56 -6.67 43.86
C LEU K 655 26.58 -5.65 42.72
N ALA K 656 26.99 -4.42 43.02
CA ALA K 656 27.03 -3.39 41.99
C ALA K 656 28.02 -3.75 40.88
N LYS K 657 29.19 -4.24 41.26
CA LYS K 657 30.21 -4.57 40.27
C LYS K 657 29.84 -5.80 39.45
N MET K 658 29.17 -6.77 40.06
CA MET K 658 28.72 -7.95 39.33
C MET K 658 27.67 -7.61 38.28
N THR K 659 26.88 -6.57 38.51
CA THR K 659 25.87 -6.11 37.56
C THR K 659 26.60 -5.38 36.45
N ASN K 660 26.97 -6.13 35.41
CA ASN K 660 27.81 -5.61 34.34
C ASN K 660 27.18 -4.40 33.66
N GLY K 661 26.00 -4.60 33.06
CA GLY K 661 25.38 -3.52 32.33
C GLY K 661 23.92 -3.29 32.69
N PHE K 662 23.56 -3.53 33.94
CA PHE K 662 22.18 -3.30 34.36
C PHE K 662 21.89 -1.81 34.41
N SER K 663 20.69 -1.45 33.96
CA SER K 663 20.24 -0.07 34.06
C SER K 663 19.73 0.22 35.48
N GLY K 664 19.44 1.49 35.74
CA GLY K 664 18.90 1.84 37.04
C GLY K 664 17.60 1.12 37.33
N ALA K 665 16.76 0.95 36.30
CA ALA K 665 15.51 0.24 36.48
C ALA K 665 15.77 -1.21 36.90
N ASP K 666 16.76 -1.85 36.29
CA ASP K 666 17.06 -3.24 36.64
C ASP K 666 17.54 -3.36 38.08
N LEU K 667 18.40 -2.43 38.52
CA LEU K 667 18.85 -2.46 39.91
C LEU K 667 17.71 -2.23 40.87
N THR K 668 16.81 -1.30 40.54
CA THR K 668 15.64 -1.07 41.37
C THR K 668 14.76 -2.31 41.43
N GLU K 669 14.60 -2.99 40.29
CA GLU K 669 13.82 -4.23 40.27
C GLU K 669 14.45 -5.29 41.16
N ILE K 670 15.78 -5.42 41.10
CA ILE K 670 16.46 -6.40 41.95
C ILE K 670 16.24 -6.08 43.41
N CYS K 671 16.38 -4.80 43.79
CA CYS K 671 16.16 -4.41 45.18
C CYS K 671 14.72 -4.68 45.60
N GLN K 672 13.77 -4.37 44.74
CA GLN K 672 12.36 -4.61 45.07
C GLN K 672 12.10 -6.11 45.25
N ARG K 673 12.69 -6.94 44.39
CA ARG K 673 12.52 -8.38 44.51
C ARG K 673 13.13 -8.89 45.82
N ALA K 674 14.29 -8.37 46.20
CA ALA K 674 14.89 -8.77 47.47
C ALA K 674 14.00 -8.37 48.64
N CYS K 675 13.45 -7.16 48.61
CA CYS K 675 12.55 -6.73 49.68
C CYS K 675 11.31 -7.61 49.71
N LYS K 676 10.77 -7.96 48.55
CA LYS K 676 9.58 -8.82 48.50
C LYS K 676 9.90 -10.19 49.07
N LEU K 677 11.07 -10.74 48.75
CA LEU K 677 11.46 -12.03 49.29
C LEU K 677 11.57 -11.98 50.80
N ALA K 678 12.19 -10.91 51.32
CA ALA K 678 12.30 -10.76 52.77
C ALA K 678 10.95 -10.65 53.42
N ILE K 679 10.04 -9.87 52.82
CA ILE K 679 8.70 -9.70 53.39
C ILE K 679 7.94 -11.02 53.38
N ARG K 680 8.02 -11.77 52.27
CA ARG K 680 7.31 -13.04 52.22
C ARG K 680 7.84 -14.01 53.26
N GLU K 681 9.17 -14.07 53.41
CA GLU K 681 9.73 -14.97 54.40
C GLU K 681 9.30 -14.57 55.80
N SER K 682 9.33 -13.27 56.10
CA SER K 682 8.94 -12.81 57.43
C SER K 682 7.48 -13.12 57.71
N ILE K 683 6.60 -12.90 56.73
CA ILE K 683 5.18 -13.15 56.95
C ILE K 683 4.93 -14.64 57.12
N GLU K 684 5.54 -15.48 56.30
CA GLU K 684 5.32 -16.91 56.44
C GLU K 684 5.87 -17.45 57.75
N SER K 685 7.10 -17.08 58.12
CA SER K 685 7.69 -17.58 59.36
C SER K 685 6.95 -17.09 60.60
N GLU K 686 6.62 -15.79 60.67
CA GLU K 686 5.90 -15.29 61.83
C GLU K 686 4.53 -15.94 61.91
N ILE K 687 3.85 -16.08 60.76
CA ILE K 687 2.53 -16.70 60.75
C ILE K 687 2.61 -18.16 61.17
N ARG K 688 3.49 -18.95 60.56
CA ARG K 688 3.55 -20.36 60.89
C ARG K 688 3.93 -20.57 62.36
N ARG K 689 4.74 -19.65 62.91
CA ARG K 689 5.07 -19.72 64.33
C ARG K 689 3.85 -19.41 65.17
N GLU K 690 3.08 -18.40 64.78
CA GLU K 690 1.89 -18.03 65.51
C GLU K 690 0.82 -19.11 65.42
N ARG K 691 0.69 -19.73 64.23
CA ARG K 691 -0.29 -20.78 64.05
C ARG K 691 -0.01 -21.95 64.97
N GLU K 692 1.26 -22.37 65.05
CA GLU K 692 1.60 -23.43 65.98
C GLU K 692 1.40 -22.98 67.43
N ARG K 693 1.87 -21.77 67.75
CA ARG K 693 1.80 -21.26 69.12
C ARG K 693 0.37 -21.06 69.59
N GLN K 694 -0.53 -20.65 68.71
CA GLN K 694 -1.91 -20.37 69.12
C GLN K 694 -2.66 -21.62 69.56
N THR K 695 -2.23 -22.81 69.13
CA THR K 695 -2.93 -24.02 69.54
C THR K 695 -2.93 -24.19 71.05
N ASN K 696 -1.77 -24.05 71.69
CA ASN K 696 -1.77 -24.15 73.15
C ASN K 696 -1.81 -22.74 73.70
N PRO K 697 -2.83 -22.35 74.45
CA PRO K 697 -2.83 -21.01 75.06
C PRO K 697 -1.65 -20.71 75.98
N SER K 698 -0.87 -19.68 75.64
CA SER K 698 0.27 -19.31 76.50
C SER K 698 1.34 -20.41 76.52
N ALA K 699 1.17 -21.46 75.71
CA ALA K 699 2.12 -22.56 75.64
C ALA K 699 3.60 -22.16 75.67
N MET K 700 4.13 -21.57 74.61
CA MET K 700 5.55 -21.24 74.64
C MET K 700 5.80 -19.91 75.34
N GLU K 701 7.07 -19.63 75.62
CA GLU K 701 7.45 -18.39 76.30
C GLU K 701 6.93 -17.17 75.54
N VAL K 702 6.98 -16.02 76.19
CA VAL K 702 6.51 -14.75 75.65
C VAL K 702 7.63 -14.05 74.91
N GLU K 703 8.73 -14.77 74.66
CA GLU K 703 9.87 -14.18 73.96
C GLU K 703 9.42 -13.52 72.66
N GLU K 704 9.86 -12.27 72.47
CA GLU K 704 9.54 -11.44 71.31
C GLU K 704 10.58 -11.58 70.20
N ASP K 705 10.50 -12.67 69.46
CA ASP K 705 11.41 -12.97 68.36
C ASP K 705 11.08 -12.27 67.05
N ASP K 706 12.11 -11.84 66.34
CA ASP K 706 11.97 -11.24 65.01
C ASP K 706 12.64 -12.25 64.10
N PRO K 707 11.89 -13.07 63.37
CA PRO K 707 12.56 -14.09 62.53
C PRO K 707 13.46 -13.52 61.46
N VAL K 708 13.00 -12.51 60.74
CA VAL K 708 13.84 -11.80 59.78
C VAL K 708 13.72 -10.31 60.06
N PRO K 709 14.73 -9.68 60.65
CA PRO K 709 14.65 -8.24 60.92
C PRO K 709 15.40 -7.38 59.93
N GLU K 710 16.00 -7.98 58.89
CA GLU K 710 16.73 -7.23 57.89
C GLU K 710 16.90 -8.11 56.66
N ILE K 711 17.05 -7.46 55.50
CA ILE K 711 17.28 -8.18 54.26
C ILE K 711 18.62 -8.90 54.35
N ARG K 712 18.61 -10.22 54.23
CA ARG K 712 19.83 -10.99 54.41
C ARG K 712 20.54 -11.23 53.08
N ARG K 713 21.72 -11.85 53.15
CA ARG K 713 22.46 -12.15 51.94
C ARG K 713 21.67 -13.09 51.05
N ASP K 714 21.07 -14.13 51.64
CA ASP K 714 20.35 -15.11 50.85
C ASP K 714 19.24 -14.45 50.07
N HIS K 715 18.62 -13.41 50.64
CA HIS K 715 17.62 -12.68 49.88
C HIS K 715 18.25 -12.03 48.64
N PHE K 716 19.49 -11.55 48.75
CA PHE K 716 20.12 -10.92 47.58
C PHE K 716 20.50 -11.95 46.52
N GLU K 717 20.94 -13.14 46.92
CA GLU K 717 21.12 -14.22 45.94
C GLU K 717 19.78 -14.62 45.32
N GLU K 718 18.73 -14.67 46.13
CA GLU K 718 17.40 -14.99 45.63
C GLU K 718 16.97 -13.98 44.57
N ALA K 719 17.25 -12.69 44.83
CA ALA K 719 16.95 -11.63 43.88
C ALA K 719 17.78 -11.73 42.62
N MET K 720 19.08 -11.98 42.75
CA MET K 720 19.93 -12.08 41.58
C MET K 720 19.62 -13.28 40.71
N ARG K 721 19.05 -14.34 41.27
CA ARG K 721 18.63 -15.43 40.40
C ARG K 721 17.69 -14.95 39.31
N PHE K 722 16.88 -13.93 39.59
CA PHE K 722 15.95 -13.40 38.60
C PHE K 722 16.48 -12.14 37.93
N ALA K 723 17.76 -11.83 38.10
CA ALA K 723 18.36 -10.64 37.50
C ALA K 723 18.20 -10.65 35.99
N ARG K 724 17.82 -9.50 35.43
CA ARG K 724 17.53 -9.38 34.00
C ARG K 724 18.20 -8.14 33.43
N ARG K 725 18.66 -8.24 32.18
CA ARG K 725 19.25 -7.11 31.46
C ARG K 725 18.20 -6.47 30.57
N SER K 726 17.64 -5.36 31.03
CA SER K 726 16.58 -4.69 30.28
C SER K 726 17.10 -4.13 28.96
N VAL K 727 18.28 -3.51 28.97
CA VAL K 727 18.83 -2.82 27.81
C VAL K 727 19.76 -3.75 27.05
N SER K 728 19.34 -4.15 25.85
CA SER K 728 20.19 -4.96 24.98
C SER K 728 21.34 -4.13 24.44
N ASP K 729 22.44 -4.81 24.12
CA ASP K 729 23.61 -4.10 23.59
C ASP K 729 23.37 -3.50 22.21
N ASN K 730 22.35 -3.96 21.49
CA ASN K 730 22.10 -3.41 20.16
C ASN K 730 21.51 -2.00 20.25
N ASP K 731 20.61 -1.76 21.20
CA ASP K 731 20.07 -0.42 21.25
C ASP K 731 21.01 0.55 21.95
N ILE K 732 21.91 0.04 22.80
CA ILE K 732 23.03 0.87 23.27
C ILE K 732 23.92 1.22 22.09
N ARG K 733 24.08 0.28 21.17
CA ARG K 733 24.82 0.55 19.95
C ARG K 733 24.15 1.69 19.19
N LYS K 734 22.82 1.68 19.13
CA LYS K 734 22.09 2.75 18.44
C LYS K 734 22.27 4.10 19.15
N TYR K 735 22.29 4.10 20.47
CA TYR K 735 22.48 5.36 21.20
C TYR K 735 23.87 5.93 20.93
N GLU K 736 24.89 5.07 21.02
CA GLU K 736 26.24 5.52 20.72
C GLU K 736 26.35 5.96 19.26
N MET K 737 25.58 5.34 18.37
CA MET K 737 25.56 5.75 16.97
C MET K 737 25.02 7.16 16.82
N PHE K 738 23.91 7.45 17.49
CA PHE K 738 23.37 8.82 17.42
C PHE K 738 24.33 9.81 18.07
N ALA K 739 25.05 9.39 19.12
CA ALA K 739 26.00 10.30 19.75
C ALA K 739 27.18 10.57 18.83
N GLN K 740 27.60 9.58 18.04
CA GLN K 740 28.67 9.79 17.09
C GLN K 740 28.21 10.73 15.98
N THR K 741 27.00 10.50 15.46
CA THR K 741 26.48 11.35 14.41
C THR K 741 26.40 12.80 14.87
N LEU K 742 26.13 13.01 16.16
CA LEU K 742 26.09 14.34 16.74
C LEU K 742 27.47 14.90 17.03
N GLN K 743 28.52 14.09 16.90
CA GLN K 743 29.88 14.54 17.17
C GLN K 743 30.32 15.61 16.16
N GLN K 744 31.19 16.51 16.63
CA GLN K 744 31.63 17.66 15.86
C GLN K 744 32.56 17.34 14.68
N SER K 745 32.14 16.44 13.81
CA SER K 745 32.89 16.08 12.60
C SER K 745 34.31 15.65 12.99
N ARG K 746 35.31 15.96 12.16
CA ARG K 746 36.68 15.56 12.40
C ARG K 746 37.62 16.49 11.64
N GLY K 747 38.87 16.54 12.09
CA GLY K 747 39.89 17.37 11.48
C GLY K 747 40.10 18.75 12.08
N PHE K 748 39.24 19.19 13.00
CA PHE K 748 39.40 20.50 13.61
C PHE K 748 39.97 20.42 15.02
N GLY K 749 40.41 19.24 15.45
CA GLY K 749 41.02 19.13 16.77
C GLY K 749 42.30 19.91 16.87
N SER K 750 43.15 19.82 15.85
CA SER K 750 44.46 20.45 15.85
C SER K 750 44.40 21.93 15.47
N PHE K 751 43.21 22.45 15.18
CA PHE K 751 43.07 23.84 14.77
C PHE K 751 43.76 24.75 15.77
N ARG K 752 44.58 25.67 15.25
CA ARG K 752 45.27 26.61 16.10
C ARG K 752 45.44 27.90 15.32
N PHE K 753 45.26 29.04 15.99
CA PHE K 753 45.44 30.31 15.30
C PHE K 753 46.93 30.52 15.00
N PRO K 754 47.26 31.26 13.93
CA PRO K 754 48.68 31.41 13.59
C PRO K 754 49.39 32.31 14.58
N SER K 755 50.58 31.89 15.00
CA SER K 755 51.37 32.64 15.96
C SER K 755 52.14 33.77 15.27
N ASN L 1 4.04 85.93 0.42
CA ASN L 1 3.35 87.19 0.61
C ASN L 1 3.60 87.75 2.01
N ARG L 2 4.87 87.73 2.43
CA ARG L 2 5.25 88.21 3.76
C ARG L 2 4.50 87.42 4.83
N PRO L 3 4.63 86.09 4.85
CA PRO L 3 3.85 85.30 5.81
C PRO L 3 4.34 85.48 7.24
N ASN L 4 3.64 84.86 8.20
CA ASN L 4 4.06 84.94 9.59
C ASN L 4 5.36 84.19 9.80
N ARG L 5 5.57 83.10 9.09
CA ARG L 5 6.74 82.25 9.06
C ARG L 5 6.80 81.34 10.29
N LEU L 6 5.89 81.49 11.25
CA LEU L 6 5.92 80.69 12.47
C LEU L 6 4.70 79.80 12.51
N ILE L 7 4.92 78.50 12.73
CA ILE L 7 3.86 77.50 12.83
C ILE L 7 4.07 76.66 14.08
N VAL L 8 2.99 76.00 14.50
CA VAL L 8 3.01 75.17 15.69
C VAL L 8 3.18 73.71 15.27
N ASP L 9 4.05 73.00 15.98
CA ASP L 9 4.33 71.60 15.67
C ASP L 9 4.78 70.90 16.94
N GLU L 10 4.75 69.57 16.89
CA GLU L 10 5.15 68.78 18.04
C GLU L 10 6.66 68.83 18.24
N ALA L 11 7.06 68.70 19.50
CA ALA L 11 8.47 68.77 19.90
C ALA L 11 9.04 67.36 20.04
N ILE L 12 10.19 67.12 19.42
CA ILE L 12 10.82 65.81 19.47
C ILE L 12 11.75 65.67 20.67
N ASN L 13 12.57 66.69 20.94
CA ASN L 13 13.50 66.63 22.05
C ASN L 13 12.82 66.96 23.37
N GLU L 14 13.31 66.34 24.45
CA GLU L 14 12.77 66.57 25.78
C GLU L 14 13.34 67.88 26.32
N ASP L 15 12.50 68.90 26.41
CA ASP L 15 12.94 70.19 26.93
C ASP L 15 11.74 71.11 27.05
N ASN L 16 11.81 72.02 28.02
CA ASN L 16 10.79 73.03 28.20
C ASN L 16 11.39 74.41 27.94
N SER L 17 10.55 75.33 27.47
CA SER L 17 10.98 76.68 27.13
C SER L 17 12.06 76.69 26.05
N VAL L 18 12.01 75.73 25.12
CA VAL L 18 12.96 75.64 24.02
C VAL L 18 12.17 75.44 22.73
N VAL L 19 12.51 76.22 21.70
CA VAL L 19 11.85 76.17 20.40
C VAL L 19 12.89 75.90 19.33
N SER L 20 12.58 74.95 18.44
CA SER L 20 13.48 74.57 17.36
C SER L 20 13.05 75.22 16.05
N LEU L 21 14.04 75.59 15.23
CA LEU L 21 13.80 76.17 13.92
C LEU L 21 14.57 75.41 12.85
N SER L 22 14.03 75.45 11.63
CA SER L 22 14.63 74.73 10.52
C SER L 22 16.03 75.26 10.25
N GLN L 23 16.97 74.34 10.07
CA GLN L 23 18.34 74.71 9.76
C GLN L 23 18.53 75.41 8.41
N PRO L 24 17.75 75.12 7.36
CA PRO L 24 18.02 75.75 6.06
C PRO L 24 17.98 77.27 6.05
N LYS L 25 17.17 77.92 6.88
CA LYS L 25 17.03 79.37 6.84
C LYS L 25 17.38 79.98 8.19
N MET L 26 18.56 80.61 8.27
CA MET L 26 18.91 81.37 9.47
C MET L 26 18.81 82.88 9.29
N ASP L 27 18.89 83.40 8.05
CA ASP L 27 18.85 84.85 7.89
C ASP L 27 17.42 85.37 7.91
N GLU L 28 16.46 84.56 7.46
CA GLU L 28 15.06 84.94 7.43
C GLU L 28 14.60 85.34 8.83
N LEU L 29 14.80 84.44 9.79
CA LEU L 29 14.57 84.72 11.20
C LEU L 29 15.69 85.57 11.78
N GLN L 30 16.83 85.63 11.11
CA GLN L 30 18.01 86.39 11.51
C GLN L 30 18.49 86.04 12.92
N LEU L 31 18.16 84.85 13.37
CA LEU L 31 18.61 84.38 14.68
C LEU L 31 19.10 82.95 14.61
N PHE L 32 20.31 82.74 15.13
CA PHE L 32 20.95 81.44 15.23
C PHE L 32 20.63 80.92 16.63
N ARG L 33 21.39 79.95 17.14
CA ARG L 33 21.02 79.36 18.41
C ARG L 33 21.28 80.30 19.58
N GLY L 34 20.85 79.87 20.76
CA GLY L 34 21.09 80.53 22.03
C GLY L 34 20.72 82.00 22.13
N ASP L 35 19.48 82.36 21.77
CA ASP L 35 19.05 83.75 21.91
C ASP L 35 17.58 83.83 22.28
N THR L 36 17.25 84.72 23.22
CA THR L 36 15.85 84.92 23.59
C THR L 36 15.04 85.32 22.35
N VAL L 37 13.87 84.73 22.20
CA VAL L 37 13.00 84.94 21.04
C VAL L 37 11.59 85.12 21.55
N LEU L 38 10.92 86.19 21.09
CA LEU L 38 9.55 86.45 21.48
C LEU L 38 8.59 85.84 20.48
N LEU L 39 7.41 85.44 20.96
CA LEU L 39 6.42 84.80 20.13
C LEU L 39 5.02 85.27 20.51
N LYS L 40 4.30 85.82 19.54
CA LYS L 40 2.93 86.26 19.72
C LYS L 40 1.98 85.17 19.24
N GLY L 41 1.04 84.81 20.10
CA GLY L 41 0.08 83.76 19.82
C GLY L 41 -1.28 84.35 19.49
N LYS L 42 -2.22 84.19 20.41
CA LYS L 42 -3.59 84.65 20.22
C LYS L 42 -4.09 85.24 21.54
N LYS L 43 -5.19 85.99 21.44
CA LYS L 43 -5.81 86.62 22.60
C LYS L 43 -4.85 87.56 23.30
N ARG L 44 -4.02 88.26 22.53
CA ARG L 44 -3.09 89.25 23.07
C ARG L 44 -2.15 88.66 24.12
N ARG L 45 -1.48 87.58 23.76
CA ARG L 45 -0.49 86.97 24.64
C ARG L 45 0.78 86.63 23.86
N GLU L 46 1.88 86.59 24.60
CA GLU L 46 3.20 86.39 24.04
C GLU L 46 4.04 85.59 25.03
N ALA L 47 5.09 84.97 24.52
CA ALA L 47 6.00 84.16 25.33
C ALA L 47 7.43 84.40 24.86
N VAL L 48 8.38 84.03 25.73
CA VAL L 48 9.79 84.18 25.41
C VAL L 48 10.47 82.84 25.64
N CYS L 49 11.32 82.44 24.70
CA CYS L 49 11.98 81.15 24.78
C CYS L 49 13.36 81.26 24.13
N ILE L 50 14.04 80.12 24.03
CA ILE L 50 15.36 80.06 23.43
C ILE L 50 15.22 79.24 22.15
N VAL L 51 15.95 79.64 21.11
CA VAL L 51 15.83 79.04 19.79
C VAL L 51 17.06 78.20 19.48
N LEU L 52 16.82 77.04 18.88
CA LEU L 52 17.90 76.20 18.39
C LEU L 52 17.60 75.79 16.96
N SER L 53 18.44 74.93 16.38
CA SER L 53 18.27 74.47 15.01
C SER L 53 18.16 72.96 14.98
N ASP L 54 17.21 72.45 14.20
CA ASP L 54 17.00 71.01 14.07
C ASP L 54 16.93 70.63 12.60
N ASP L 55 17.79 69.69 12.20
CA ASP L 55 17.83 69.25 10.81
C ASP L 55 16.54 68.55 10.40
N THR L 56 15.85 67.91 11.35
CA THR L 56 14.63 67.18 11.01
C THR L 56 13.43 68.11 10.87
N CYS L 57 13.50 69.32 11.43
CA CYS L 57 12.36 70.23 11.39
C CYS L 57 12.12 70.70 9.97
N SER L 58 10.85 70.73 9.58
CA SER L 58 10.48 71.26 8.27
C SER L 58 10.53 72.78 8.30
N ASP L 59 11.00 73.37 7.20
CA ASP L 59 11.13 74.83 7.16
C ASP L 59 9.80 75.52 7.33
N GLU L 60 8.70 74.88 6.89
CA GLU L 60 7.39 75.52 6.97
C GLU L 60 6.99 75.77 8.43
N LYS L 61 7.23 74.79 9.31
CA LYS L 61 6.74 74.83 10.67
C LYS L 61 7.89 74.89 11.67
N ILE L 62 7.57 75.35 12.88
CA ILE L 62 8.53 75.53 13.95
C ILE L 62 8.15 74.58 15.08
N ARG L 63 9.01 73.61 15.36
CA ARG L 63 8.75 72.68 16.46
C ARG L 63 8.74 73.42 17.78
N MET L 64 7.83 73.03 18.67
CA MET L 64 7.72 73.68 19.97
C MET L 64 7.08 72.71 20.96
N ASN L 65 7.45 72.85 22.23
CA ASN L 65 6.96 71.98 23.27
C ASN L 65 5.52 72.33 23.65
N ARG L 66 4.87 71.40 24.36
CA ARG L 66 3.47 71.60 24.72
C ARG L 66 3.30 72.68 25.78
N VAL L 67 4.28 72.84 26.67
CA VAL L 67 4.18 73.85 27.71
C VAL L 67 4.13 75.24 27.10
N VAL L 68 5.07 75.55 26.21
CA VAL L 68 5.08 76.84 25.56
C VAL L 68 3.83 77.03 24.72
N ARG L 69 3.40 75.98 24.02
CA ARG L 69 2.20 76.06 23.20
C ARG L 69 0.98 76.40 24.04
N ASN L 70 0.83 75.76 25.20
CA ASN L 70 -0.24 76.13 26.13
C ASN L 70 -0.09 77.55 26.62
N ASN L 71 1.15 78.00 26.86
CA ASN L 71 1.35 79.38 27.27
C ASN L 71 0.84 80.35 26.21
N LEU L 72 1.12 80.06 24.94
CA LEU L 72 0.64 80.89 23.85
C LEU L 72 -0.84 80.66 23.55
N ARG L 73 -1.42 79.55 24.01
CA ARG L 73 -2.79 79.14 23.72
C ARG L 73 -2.98 78.72 22.27
N VAL L 74 -1.90 78.49 21.53
CA VAL L 74 -1.98 78.00 20.17
C VAL L 74 -2.05 76.47 20.20
N ARG L 75 -2.43 75.88 19.07
CA ARG L 75 -2.52 74.44 18.94
C ARG L 75 -1.70 73.98 17.74
N LEU L 76 -1.54 72.65 17.63
CA LEU L 76 -0.76 72.07 16.56
C LEU L 76 -1.29 72.50 15.20
N GLY L 77 -0.39 72.85 14.29
CA GLY L 77 -0.77 73.29 12.97
C GLY L 77 -1.17 74.74 12.87
N ASP L 78 -1.17 75.47 13.98
CA ASP L 78 -1.54 76.87 13.99
C ASP L 78 -0.39 77.73 13.48
N VAL L 79 -0.71 78.99 13.18
CA VAL L 79 0.26 79.96 12.68
C VAL L 79 0.30 81.14 13.65
N ILE L 80 1.50 81.53 14.06
CA ILE L 80 1.69 82.60 15.03
C ILE L 80 2.85 83.48 14.56
N SER L 81 3.08 84.56 15.31
CA SER L 81 4.07 85.57 14.99
C SER L 81 5.34 85.35 15.81
N ILE L 82 6.49 85.44 15.16
CA ILE L 82 7.78 85.30 15.83
C ILE L 82 8.53 86.61 15.68
N GLN L 83 9.33 86.94 16.69
CA GLN L 83 10.09 88.19 16.70
C GLN L 83 11.44 87.99 17.38
N PRO L 84 12.51 87.93 16.59
CA PRO L 84 13.85 87.77 17.16
C PRO L 84 14.20 88.98 18.01
N CYS L 85 14.39 88.74 19.31
CA CYS L 85 14.73 89.82 20.25
C CYS L 85 16.05 89.51 20.94
N PRO L 86 17.18 90.00 20.42
CA PRO L 86 18.45 89.74 21.11
C PRO L 86 18.47 90.34 22.51
N ASP L 87 17.68 91.39 22.73
CA ASP L 87 17.60 92.02 24.04
C ASP L 87 16.94 91.10 25.05
N VAL L 88 17.47 91.10 26.27
CA VAL L 88 16.93 90.29 27.35
C VAL L 88 17.32 90.97 28.67
N LYS L 89 16.38 91.00 29.60
CA LYS L 89 16.57 91.66 30.88
C LYS L 89 16.52 90.66 32.02
N TYR L 90 17.54 90.70 32.88
CA TYR L 90 17.52 89.88 34.08
C TYR L 90 16.38 90.31 34.99
N GLY L 91 16.10 89.51 36.02
CA GLY L 91 15.03 89.78 36.95
C GLY L 91 15.54 89.91 38.38
N LYS L 92 14.63 90.32 39.26
CA LYS L 92 14.90 90.47 40.68
C LYS L 92 13.76 89.84 41.46
N ARG L 93 14.10 88.91 42.35
CA ARG L 93 13.13 88.19 43.18
C ARG L 93 11.92 87.78 42.35
N ILE L 94 12.19 86.96 41.34
CA ILE L 94 11.11 86.43 40.51
C ILE L 94 10.11 85.69 41.39
N HIS L 95 8.83 85.95 41.16
CA HIS L 95 7.77 85.43 42.02
C HIS L 95 7.09 84.25 41.35
N VAL L 96 6.68 83.29 42.17
CA VAL L 96 6.00 82.08 41.68
C VAL L 96 4.97 81.66 42.73
N LEU L 97 3.86 81.13 42.25
CA LEU L 97 2.80 80.64 43.12
C LEU L 97 2.33 79.28 42.67
N PRO L 98 1.93 78.41 43.59
CA PRO L 98 1.28 77.16 43.20
C PRO L 98 -0.01 77.46 42.46
N ILE L 99 -0.30 76.65 41.44
CA ILE L 99 -1.44 76.89 40.57
C ILE L 99 -2.24 75.61 40.41
N ASP L 100 -3.50 75.78 39.99
CA ASP L 100 -4.40 74.65 39.74
C ASP L 100 -4.63 73.84 41.01
N ASP L 101 -5.21 72.66 40.87
CA ASP L 101 -5.53 71.80 42.01
C ASP L 101 -4.36 70.95 42.46
N THR L 102 -3.20 71.06 41.82
CA THR L 102 -2.02 70.30 42.24
C THR L 102 -1.62 70.71 43.66
N VAL L 103 -1.81 69.81 44.62
CA VAL L 103 -1.59 70.12 46.02
C VAL L 103 -1.45 68.80 46.77
N GLU L 104 -0.86 68.87 47.97
CA GLU L 104 -0.62 67.75 48.88
C GLU L 104 0.59 66.93 48.44
N GLY L 105 1.24 67.28 47.33
CA GLY L 105 2.44 66.60 46.90
C GLY L 105 3.72 67.08 47.53
N ILE L 106 3.65 68.09 48.39
CA ILE L 106 4.83 68.66 49.04
C ILE L 106 4.51 68.89 50.51
N THR L 107 5.48 68.63 51.38
CA THR L 107 5.33 68.84 52.81
C THR L 107 6.52 69.62 53.34
N GLY L 108 6.26 70.44 54.35
CA GLY L 108 7.30 71.29 54.91
C GLY L 108 7.86 72.24 53.86
N ASN L 109 9.17 72.26 53.73
CA ASN L 109 9.81 73.07 52.70
C ASN L 109 9.34 72.61 51.32
N LEU L 110 8.97 73.58 50.47
CA LEU L 110 8.39 73.27 49.18
C LEU L 110 9.08 73.94 47.98
N PHE L 111 10.14 74.72 48.20
CA PHE L 111 10.83 75.38 47.10
C PHE L 111 12.17 74.76 46.73
N GLU L 112 12.87 74.12 47.67
CA GLU L 112 14.15 73.50 47.32
C GLU L 112 13.96 72.25 46.47
N VAL L 113 12.84 71.56 46.64
CA VAL L 113 12.64 70.27 45.98
C VAL L 113 12.45 70.45 44.48
N TYR L 114 11.68 71.46 44.05
CA TYR L 114 11.28 71.55 42.66
C TYR L 114 11.94 72.70 41.91
N LEU L 115 11.80 73.94 42.38
CA LEU L 115 12.29 75.07 41.62
C LEU L 115 13.81 75.07 41.51
N LYS L 116 14.49 74.93 42.65
CA LYS L 116 15.95 75.08 42.66
C LYS L 116 16.65 74.16 41.67
N PRO L 117 16.35 72.87 41.61
CA PRO L 117 17.09 71.99 40.68
C PRO L 117 16.86 72.35 39.23
N TYR L 118 15.77 73.03 38.90
CA TYR L 118 15.40 73.34 37.53
C TYR L 118 15.87 74.71 37.05
N PHE L 119 15.74 75.75 37.88
CA PHE L 119 16.16 77.08 37.46
C PHE L 119 17.64 77.34 37.67
N LEU L 120 18.37 76.35 38.20
CA LEU L 120 19.80 76.47 38.45
C LEU L 120 20.57 76.29 37.15
N GLU L 121 21.10 77.39 36.61
CA GLU L 121 21.87 77.42 35.36
C GLU L 121 21.03 77.18 34.13
N ALA L 122 19.70 77.14 34.26
CA ALA L 122 18.86 76.93 33.09
C ALA L 122 18.78 78.19 32.23
N TYR L 123 18.75 79.36 32.86
CA TYR L 123 18.64 80.63 32.14
C TYR L 123 17.35 80.68 31.32
N ARG L 124 16.28 80.16 31.90
CA ARG L 124 15.00 80.16 31.21
C ARG L 124 14.31 81.50 31.38
N PRO L 125 14.02 82.23 30.30
CA PRO L 125 13.33 83.52 30.42
C PRO L 125 11.89 83.31 30.88
N ILE L 126 11.53 83.94 32.00
CA ILE L 126 10.20 83.83 32.58
C ILE L 126 9.44 85.13 32.33
N ARG L 127 8.19 85.02 31.89
CA ARG L 127 7.35 86.17 31.65
C ARG L 127 6.19 86.19 32.63
N LYS L 128 5.66 87.39 32.90
CA LYS L 128 4.53 87.53 33.81
C LYS L 128 3.33 86.71 33.34
N GLY L 129 2.69 86.04 34.29
CA GLY L 129 1.46 85.32 34.03
C GLY L 129 1.59 84.14 33.10
N ASP L 130 2.63 83.34 33.29
CA ASP L 130 2.79 82.10 32.55
C ASP L 130 2.94 80.95 33.53
N ILE L 131 2.57 79.75 33.08
CA ILE L 131 2.62 78.54 33.90
C ILE L 131 3.68 77.63 33.31
N PHE L 132 4.63 77.21 34.15
CA PHE L 132 5.67 76.29 33.73
C PHE L 132 5.66 75.04 34.60
N LEU L 133 5.90 73.89 33.97
CA LEU L 133 5.73 72.60 34.61
C LEU L 133 7.07 72.09 35.13
N VAL L 134 7.07 71.62 36.37
CA VAL L 134 8.25 71.06 37.02
C VAL L 134 7.97 69.60 37.33
N ARG L 135 8.90 68.74 36.94
CA ARG L 135 8.77 67.30 37.12
C ARG L 135 9.67 66.87 38.28
N GLY L 136 9.12 66.12 39.21
CA GLY L 136 9.87 65.61 40.34
C GLY L 136 9.01 64.90 41.36
N GLY L 137 9.63 64.08 42.19
CA GLY L 137 8.93 63.34 43.23
C GLY L 137 7.82 62.48 42.67
N MET L 138 8.06 61.86 41.51
CA MET L 138 7.04 61.06 40.85
C MET L 138 5.75 61.86 40.70
N ARG L 139 5.92 63.14 40.35
CA ARG L 139 4.80 64.08 40.26
C ARG L 139 5.17 65.19 39.30
N ALA L 140 4.14 65.94 38.89
CA ALA L 140 4.32 67.10 38.01
C ALA L 140 3.48 68.24 38.55
N VAL L 141 4.12 69.38 38.80
CA VAL L 141 3.47 70.54 39.39
C VAL L 141 3.68 71.74 38.48
N GLU L 142 2.59 72.43 38.14
CA GLU L 142 2.67 73.63 37.31
C GLU L 142 2.68 74.85 38.20
N PHE L 143 3.66 75.72 38.00
CA PHE L 143 3.87 76.92 38.80
C PHE L 143 3.55 78.15 37.96
N LYS L 144 2.77 79.06 38.54
CA LYS L 144 2.41 80.32 37.91
C LYS L 144 3.37 81.43 38.31
N VAL L 145 3.67 82.31 37.37
CA VAL L 145 4.53 83.47 37.62
C VAL L 145 3.59 84.68 37.67
N VAL L 146 3.26 85.10 38.89
CA VAL L 146 2.27 86.16 39.09
C VAL L 146 2.95 87.50 39.32
N GLU L 147 4.12 87.49 39.96
CA GLU L 147 4.82 88.72 40.29
C GLU L 147 6.27 88.64 39.80
N THR L 148 6.80 89.81 39.43
CA THR L 148 8.18 89.88 38.95
C THR L 148 8.63 91.33 39.00
N ASP L 149 9.84 91.56 39.53
CA ASP L 149 10.33 92.93 39.67
C ASP L 149 10.42 93.63 38.31
N PRO L 150 11.06 93.08 37.30
CA PRO L 150 11.04 93.69 35.98
C PRO L 150 9.83 93.24 35.17
N SER L 151 9.44 94.09 34.21
CA SER L 151 8.29 93.80 33.38
C SER L 151 8.64 94.04 31.92
N PRO L 152 7.96 93.34 31.00
CA PRO L 152 6.96 92.33 31.36
C PRO L 152 7.58 90.95 31.60
N TYR L 153 8.81 90.75 31.14
CA TYR L 153 9.48 89.47 31.25
C TYR L 153 10.94 89.69 31.63
N CYS L 154 11.56 88.65 32.19
CA CYS L 154 12.96 88.73 32.58
C CYS L 154 13.59 87.34 32.47
N ILE L 155 14.83 87.31 32.00
CA ILE L 155 15.58 86.06 31.91
C ILE L 155 16.12 85.73 33.29
N VAL L 156 15.84 84.51 33.76
CA VAL L 156 16.28 84.12 35.10
C VAL L 156 17.78 83.86 35.09
N ALA L 157 18.47 84.39 36.08
CA ALA L 157 19.91 84.22 36.25
C ALA L 157 20.20 83.85 37.69
N PRO L 158 21.35 83.22 37.96
CA PRO L 158 21.70 82.81 39.32
C PRO L 158 22.19 83.96 40.21
N ASP L 159 21.46 85.08 40.17
CA ASP L 159 21.77 86.22 41.02
C ASP L 159 20.51 86.89 41.56
N THR L 160 19.33 86.31 41.31
CA THR L 160 18.06 86.87 41.75
C THR L 160 17.46 85.98 42.82
N VAL L 161 17.13 86.56 43.97
CA VAL L 161 16.49 85.79 45.03
C VAL L 161 15.12 85.32 44.56
N ILE L 162 14.57 84.35 45.30
CA ILE L 162 13.26 83.78 45.00
C ILE L 162 12.34 84.09 46.17
N HIS L 163 11.18 84.68 45.87
CA HIS L 163 10.21 85.00 46.90
C HIS L 163 9.35 83.77 47.19
N CYS L 164 9.14 83.49 48.47
CA CYS L 164 8.48 82.27 48.91
C CYS L 164 7.05 82.58 49.33
N GLU L 165 6.09 81.85 48.77
CA GLU L 165 4.69 81.96 49.14
C GLU L 165 4.15 80.66 49.72
N GLY L 166 4.31 79.55 49.02
CA GLY L 166 3.85 78.27 49.52
C GLY L 166 2.35 78.15 49.67
N GLU L 167 1.59 79.03 49.04
CA GLU L 167 0.13 79.03 49.12
C GLU L 167 -0.45 78.82 47.73
N PRO L 168 -0.93 77.61 47.40
CA PRO L 168 -1.49 77.38 46.07
C PRO L 168 -2.70 78.27 45.80
N ILE L 169 -2.81 78.73 44.55
CA ILE L 169 -3.89 79.60 44.11
C ILE L 169 -4.52 79.01 42.86
N LYS L 170 -5.86 78.94 42.84
CA LYS L 170 -6.58 78.39 41.71
C LYS L 170 -6.30 79.17 40.44
N ARG L 171 -5.93 78.44 39.37
CA ARG L 171 -5.67 79.04 38.06
C ARG L 171 -6.96 79.31 37.30
N GLU L 172 -6.92 80.28 36.39
CA GLU L 172 -8.11 80.60 35.62
C GLU L 172 -8.59 79.37 34.86
N ASP L 173 -9.91 79.15 34.92
CA ASP L 173 -10.53 77.94 34.35
C ASP L 173 -10.39 77.81 32.83
N GLU L 174 -10.43 78.91 32.07
CA GLU L 174 -10.37 78.76 30.62
C GLU L 174 -9.05 78.13 30.20
N GLU L 175 -8.01 78.31 31.02
CA GLU L 175 -6.70 77.74 30.75
C GLU L 175 -6.73 76.23 30.92
N GLU L 176 -5.97 75.53 30.09
CA GLU L 176 -5.93 74.08 30.07
C GLU L 176 -4.78 73.51 30.90
N SER L 177 -5.13 72.70 31.89
CA SER L 177 -4.12 72.03 32.72
C SER L 177 -3.22 71.18 31.84
N LEU L 178 -1.91 71.26 32.10
CA LEU L 178 -0.97 70.48 31.30
C LEU L 178 -0.91 69.02 31.69
N ASN L 179 -1.52 68.64 32.83
CA ASN L 179 -1.63 67.23 33.19
C ASN L 179 -2.54 66.44 32.26
N GLU L 180 -3.32 67.12 31.42
CA GLU L 180 -4.19 66.43 30.48
C GLU L 180 -3.37 65.71 29.41
N VAL L 181 -4.02 64.76 28.75
CA VAL L 181 -3.32 63.92 27.77
C VAL L 181 -3.01 64.72 26.52
N GLY L 182 -1.95 64.32 25.83
CA GLY L 182 -1.54 64.97 24.60
C GLY L 182 -0.80 64.05 23.65
N TYR L 183 -0.23 64.61 22.59
CA TYR L 183 0.54 63.82 21.63
C TYR L 183 1.74 63.16 22.30
N ASP L 184 2.41 63.88 23.19
CA ASP L 184 3.59 63.32 23.85
C ASP L 184 3.24 62.12 24.72
N ASP L 185 2.10 62.18 25.42
CA ASP L 185 1.72 61.04 26.27
C ASP L 185 1.42 59.80 25.45
N ILE L 186 1.07 59.96 24.17
CA ILE L 186 0.74 58.86 23.28
C ILE L 186 1.95 58.52 22.43
N GLY L 187 2.73 57.51 22.82
CA GLY L 187 3.83 57.04 22.01
C GLY L 187 3.73 55.55 21.79
N GLY L 188 4.61 55.05 20.93
CA GLY L 188 4.70 53.64 20.64
C GLY L 188 3.98 53.24 19.38
N CYS L 189 3.07 54.09 18.90
CA CYS L 189 2.26 53.83 17.71
C CYS L 189 2.82 54.55 16.49
N ARG L 190 3.57 55.62 16.70
CA ARG L 190 4.02 56.57 15.70
C ARG L 190 3.03 56.91 14.58
N LYS L 191 3.29 56.41 13.38
CA LYS L 191 2.53 56.72 12.17
C LYS L 191 1.06 56.32 12.08
N GLN L 192 0.49 55.67 13.09
CA GLN L 192 -0.97 55.67 13.14
C GLN L 192 -1.53 56.97 13.68
N LEU L 193 -0.85 57.56 14.67
CA LEU L 193 -1.30 58.84 15.20
C LEU L 193 -1.22 59.93 14.14
N ALA L 194 -0.25 59.86 13.24
CA ALA L 194 -0.19 60.80 12.14
C ALA L 194 -1.38 60.63 11.20
N GLN L 195 -1.75 59.38 10.92
CA GLN L 195 -2.93 59.15 10.08
C GLN L 195 -4.19 59.69 10.73
N ILE L 196 -4.36 59.46 12.04
CA ILE L 196 -5.55 59.99 12.71
C ILE L 196 -5.54 61.52 12.74
N LYS L 197 -4.38 62.12 12.96
CA LYS L 197 -4.30 63.59 12.96
C LYS L 197 -4.67 64.15 11.59
N GLU L 198 -4.13 63.58 10.52
CA GLU L 198 -4.51 64.04 9.18
C GLU L 198 -5.99 63.82 8.94
N MET L 199 -6.51 62.68 9.41
CA MET L 199 -7.91 62.34 9.23
C MET L 199 -8.80 63.38 9.88
N VAL L 200 -8.43 63.85 11.08
CA VAL L 200 -9.31 64.63 11.92
C VAL L 200 -9.03 66.14 11.86
N GLU L 201 -7.91 66.55 11.24
CA GLU L 201 -7.54 67.97 11.24
C GLU L 201 -8.63 68.85 10.66
N LEU L 202 -8.93 68.67 9.37
CA LEU L 202 -9.87 69.58 8.71
C LEU L 202 -11.24 69.57 9.37
N PRO L 203 -11.86 68.42 9.63
CA PRO L 203 -13.20 68.45 10.26
C PRO L 203 -13.24 69.24 11.56
N LEU L 204 -12.20 69.14 12.38
CA LEU L 204 -12.15 69.79 13.68
C LEU L 204 -11.29 71.05 13.70
N ARG L 205 -10.10 71.01 13.10
CA ARG L 205 -9.20 72.16 13.16
C ARG L 205 -9.68 73.29 12.26
N HIS L 206 -10.33 72.98 11.15
CA HIS L 206 -10.86 73.98 10.22
C HIS L 206 -12.31 73.65 9.91
N PRO L 207 -13.22 73.91 10.85
CA PRO L 207 -14.61 73.48 10.65
C PRO L 207 -15.36 74.30 9.62
N ALA L 208 -15.17 75.62 9.62
CA ALA L 208 -15.92 76.48 8.71
C ALA L 208 -15.62 76.18 7.25
N LEU L 209 -14.48 75.53 6.96
CA LEU L 209 -14.15 75.25 5.57
C LEU L 209 -15.18 74.34 4.92
N PHE L 210 -15.66 73.33 5.67
CA PHE L 210 -16.57 72.34 5.10
C PHE L 210 -17.95 72.91 4.86
N LYS L 211 -18.30 74.03 5.50
CA LYS L 211 -19.58 74.66 5.24
C LYS L 211 -19.59 75.42 3.91
N ALA L 212 -18.44 75.93 3.49
CA ALA L 212 -18.32 76.63 2.22
C ALA L 212 -17.87 75.74 1.07
N ILE L 213 -17.55 74.48 1.35
CA ILE L 213 -17.13 73.52 0.33
C ILE L 213 -17.97 72.26 0.51
N GLY L 214 -18.43 71.69 -0.61
CA GLY L 214 -19.23 70.49 -0.50
C GLY L 214 -18.44 69.20 -0.63
N VAL L 215 -18.04 68.65 0.51
CA VAL L 215 -17.30 67.40 0.59
C VAL L 215 -17.59 66.80 1.96
N LYS L 216 -17.43 65.48 2.08
CA LYS L 216 -17.71 64.84 3.35
C LYS L 216 -16.42 64.44 4.05
N PRO L 217 -16.13 65.01 5.22
CA PRO L 217 -14.97 64.55 5.97
C PRO L 217 -15.28 63.26 6.71
N PRO L 218 -14.25 62.58 7.19
CA PRO L 218 -14.46 61.34 7.97
C PRO L 218 -15.19 61.58 9.28
N ARG L 219 -16.39 60.98 9.42
CA ARG L 219 -17.16 61.20 10.64
C ARG L 219 -17.26 59.92 11.47
N GLY L 220 -16.53 58.87 11.08
CA GLY L 220 -16.54 57.62 11.80
C GLY L 220 -15.21 56.91 11.66
N ILE L 221 -14.50 56.72 12.78
CA ILE L 221 -13.19 56.08 12.78
C ILE L 221 -13.21 54.95 13.80
N LEU L 222 -12.81 53.76 13.36
CA LEU L 222 -12.72 52.59 14.23
C LEU L 222 -11.26 52.35 14.59
N LEU L 223 -10.88 52.76 15.81
CA LEU L 223 -9.58 52.40 16.36
C LEU L 223 -9.68 51.01 16.97
N TYR L 224 -8.95 50.05 16.40
CA TYR L 224 -9.07 48.67 16.85
C TYR L 224 -7.68 48.09 17.10
N GLY L 225 -7.59 47.23 18.10
CA GLY L 225 -6.35 46.63 18.49
C GLY L 225 -6.44 45.91 19.82
N PRO L 226 -5.36 45.28 20.23
CA PRO L 226 -5.38 44.57 21.50
C PRO L 226 -5.64 45.53 22.64
N PRO L 227 -6.30 45.08 23.71
CA PRO L 227 -6.60 45.97 24.83
C PRO L 227 -5.32 46.53 25.44
N GLY L 228 -5.40 47.78 25.89
CA GLY L 228 -4.25 48.44 26.49
C GLY L 228 -3.31 49.10 25.51
N THR L 229 -3.68 49.22 24.24
CA THR L 229 -2.82 49.80 23.22
C THR L 229 -2.94 51.32 23.14
N GLY L 230 -3.74 51.94 24.00
CA GLY L 230 -3.84 53.40 24.02
C GLY L 230 -4.89 54.01 23.12
N LYS L 231 -5.89 53.23 22.69
CA LYS L 231 -6.92 53.79 21.83
C LYS L 231 -7.66 54.94 22.52
N THR L 232 -8.02 54.75 23.79
CA THR L 232 -8.62 55.84 24.54
C THR L 232 -7.66 57.03 24.66
N LEU L 233 -6.37 56.75 24.82
CA LEU L 233 -5.39 57.82 24.82
C LEU L 233 -5.42 58.60 23.51
N ILE L 234 -5.47 57.88 22.39
CA ILE L 234 -5.47 58.54 21.09
C ILE L 234 -6.72 59.41 20.95
N ALA L 235 -7.87 58.88 21.34
CA ALA L 235 -9.11 59.65 21.24
C ALA L 235 -9.04 60.91 22.10
N ARG L 236 -8.62 60.77 23.36
CA ARG L 236 -8.56 61.92 24.25
C ARG L 236 -7.56 62.96 23.75
N ALA L 237 -6.40 62.52 23.28
CA ALA L 237 -5.39 63.46 22.79
C ALA L 237 -5.88 64.18 21.55
N VAL L 238 -6.54 63.47 20.62
CA VAL L 238 -7.06 64.14 19.44
C VAL L 238 -8.11 65.16 19.82
N ALA L 239 -8.98 64.81 20.77
CA ALA L 239 -10.01 65.74 21.20
C ALA L 239 -9.40 66.98 21.84
N ASN L 240 -8.38 66.80 22.69
CA ASN L 240 -7.80 67.93 23.40
C ASN L 240 -6.99 68.81 22.45
N GLU L 241 -6.15 68.20 21.62
CA GLU L 241 -5.27 68.96 20.75
C GLU L 241 -6.08 69.75 19.71
N THR L 242 -7.13 69.15 19.17
CA THR L 242 -7.96 69.85 18.20
C THR L 242 -9.00 70.76 18.85
N GLY L 243 -9.13 70.71 20.18
CA GLY L 243 -10.10 71.52 20.88
C GLY L 243 -11.52 70.98 20.87
N ALA L 244 -11.75 69.83 20.24
CA ALA L 244 -13.09 69.28 20.16
C ALA L 244 -13.58 68.84 21.53
N PHE L 245 -14.90 68.89 21.72
CA PHE L 245 -15.52 68.46 22.97
C PHE L 245 -15.60 66.94 22.99
N PHE L 246 -14.82 66.32 23.88
CA PHE L 246 -14.73 64.86 23.93
C PHE L 246 -15.84 64.31 24.81
N PHE L 247 -16.58 63.34 24.28
CA PHE L 247 -17.64 62.66 24.99
C PHE L 247 -17.37 61.16 24.98
N LEU L 248 -17.43 60.54 26.15
CA LEU L 248 -17.10 59.12 26.30
C LEU L 248 -18.39 58.31 26.46
N ILE L 249 -18.63 57.42 25.50
CA ILE L 249 -19.75 56.48 25.58
C ILE L 249 -19.14 55.14 25.96
N ASN L 250 -19.08 54.88 27.27
CA ASN L 250 -18.51 53.63 27.76
C ASN L 250 -19.38 52.46 27.33
N GLY L 251 -18.74 51.38 26.88
CA GLY L 251 -19.45 50.21 26.42
C GLY L 251 -20.45 49.72 27.44
N PRO L 252 -19.96 49.28 28.60
CA PRO L 252 -20.86 48.78 29.64
C PRO L 252 -21.60 49.87 30.40
N GLU L 253 -21.25 51.14 30.18
CA GLU L 253 -21.95 52.23 30.86
C GLU L 253 -23.41 52.27 30.45
N ILE L 254 -23.68 52.25 29.14
CA ILE L 254 -25.05 52.25 28.67
C ILE L 254 -25.67 50.87 28.87
N MET L 255 -24.88 49.82 28.68
CA MET L 255 -25.42 48.46 28.75
C MET L 255 -25.79 48.05 30.17
N SER L 256 -25.23 48.70 31.19
CA SER L 256 -25.64 48.41 32.55
C SER L 256 -26.96 49.07 32.91
N LYS L 257 -27.36 50.10 32.16
CA LYS L 257 -28.61 50.79 32.42
C LYS L 257 -29.79 49.89 32.08
N LEU L 258 -30.92 50.14 32.74
CA LEU L 258 -32.11 49.33 32.52
C LEU L 258 -32.56 49.42 31.07
N ALA L 259 -33.02 48.28 30.53
CA ALA L 259 -33.49 48.24 29.16
C ALA L 259 -34.67 49.20 28.96
N GLY L 260 -34.67 49.90 27.84
CA GLY L 260 -35.68 50.85 27.50
C GLY L 260 -35.34 52.30 27.81
N GLU L 261 -34.37 52.53 28.71
CA GLU L 261 -33.90 53.88 28.97
C GLU L 261 -32.39 54.01 28.79
N SER L 262 -31.68 52.93 28.48
CA SER L 262 -30.29 53.04 28.05
C SER L 262 -30.21 53.65 26.66
N GLU L 263 -31.15 53.31 25.79
CA GLU L 263 -31.25 53.99 24.50
C GLU L 263 -31.44 55.48 24.71
N SER L 264 -32.17 55.86 25.77
CA SER L 264 -32.31 57.27 26.08
C SER L 264 -30.96 57.91 26.39
N ASN L 265 -30.10 57.19 27.13
CA ASN L 265 -28.77 57.70 27.41
C ASN L 265 -27.94 57.84 26.13
N LEU L 266 -28.02 56.84 25.24
CA LEU L 266 -27.26 56.91 23.99
C LEU L 266 -27.72 58.10 23.14
N ARG L 267 -29.03 58.25 23.00
CA ARG L 267 -29.58 59.34 22.20
C ARG L 267 -29.25 60.69 22.82
N LYS L 268 -29.33 60.80 24.15
CA LYS L 268 -28.98 62.04 24.81
C LYS L 268 -27.51 62.38 24.61
N ALA L 269 -26.64 61.38 24.67
CA ALA L 269 -25.22 61.62 24.43
C ALA L 269 -24.99 62.11 23.00
N PHE L 270 -25.64 61.47 22.02
CA PHE L 270 -25.48 61.92 20.64
C PHE L 270 -25.99 63.35 20.46
N GLU L 271 -27.15 63.66 21.06
CA GLU L 271 -27.70 65.00 20.95
C GLU L 271 -26.78 66.02 21.60
N GLU L 272 -26.22 65.71 22.77
CA GLU L 272 -25.31 66.62 23.44
C GLU L 272 -24.06 66.85 22.61
N ALA L 273 -23.51 65.79 22.01
CA ALA L 273 -22.34 65.96 21.15
C ALA L 273 -22.67 66.83 19.95
N GLU L 274 -23.84 66.63 19.35
CA GLU L 274 -24.27 67.47 18.23
C GLU L 274 -24.43 68.92 18.66
N LYS L 275 -24.93 69.14 19.87
CA LYS L 275 -25.20 70.49 20.35
C LYS L 275 -23.93 71.34 20.40
N ASN L 276 -22.84 70.79 20.91
CA ASN L 276 -21.57 71.53 20.98
C ASN L 276 -20.67 71.14 19.81
N ALA L 277 -20.47 72.07 18.88
CA ALA L 277 -19.62 71.95 17.71
C ALA L 277 -18.22 72.44 18.02
N PRO L 278 -17.18 71.90 17.36
CA PRO L 278 -17.06 70.51 16.93
C PRO L 278 -16.83 69.60 18.14
N ALA L 279 -17.21 68.33 18.03
CA ALA L 279 -17.11 67.41 19.15
C ALA L 279 -16.74 66.02 18.65
N ILE L 280 -16.24 65.20 19.57
CA ILE L 280 -15.87 63.83 19.30
C ILE L 280 -16.62 62.93 20.26
N ILE L 281 -17.29 61.92 19.71
CA ILE L 281 -18.00 60.92 20.50
C ILE L 281 -17.19 59.63 20.44
N PHE L 282 -16.63 59.23 21.57
CA PHE L 282 -15.80 58.03 21.65
C PHE L 282 -16.62 56.92 22.29
N ILE L 283 -16.95 55.90 21.50
CA ILE L 283 -17.65 54.71 21.99
C ILE L 283 -16.59 53.70 22.41
N ASP L 284 -16.28 53.68 23.71
CA ASP L 284 -15.33 52.74 24.25
C ASP L 284 -15.95 51.36 24.37
N GLU L 285 -15.20 50.33 23.99
CA GLU L 285 -15.71 48.96 23.99
C GLU L 285 -16.97 48.85 23.14
N LEU L 286 -16.84 49.25 21.88
CA LEU L 286 -17.96 49.21 20.95
C LEU L 286 -18.46 47.79 20.72
N ASP L 287 -17.59 46.78 20.90
CA ASP L 287 -18.02 45.40 20.71
C ASP L 287 -18.99 44.93 21.78
N ALA L 288 -19.34 45.78 22.74
CA ALA L 288 -20.36 45.47 23.73
C ALA L 288 -21.71 46.14 23.46
N ILE L 289 -21.70 47.30 22.81
CA ILE L 289 -22.95 47.99 22.51
C ILE L 289 -23.58 47.45 21.23
N ALA L 290 -22.78 47.27 20.18
CA ALA L 290 -23.28 46.80 18.89
C ALA L 290 -22.44 45.61 18.43
N PRO L 291 -22.60 44.48 19.09
CA PRO L 291 -21.87 43.27 18.69
C PRO L 291 -22.61 42.52 17.59
N LYS L 292 -22.13 41.32 17.28
CA LYS L 292 -22.66 40.53 16.18
C LYS L 292 -24.14 40.27 16.39
N ARG L 293 -24.96 40.70 15.43
CA ARG L 293 -26.39 40.44 15.45
C ARG L 293 -26.68 38.94 15.52
N GLU L 294 -27.72 38.49 14.82
CA GLU L 294 -28.32 37.16 15.04
C GLU L 294 -27.60 36.30 16.07
N LYS L 295 -26.26 36.21 16.05
CA LYS L 295 -25.62 35.61 17.20
C LYS L 295 -25.74 36.56 18.39
N THR L 296 -26.95 37.08 18.62
CA THR L 296 -27.31 37.82 19.82
C THR L 296 -28.85 37.86 19.83
N HIS L 297 -29.44 36.83 20.42
CA HIS L 297 -30.88 36.71 20.59
C HIS L 297 -31.44 37.40 21.82
N GLY L 298 -30.65 38.19 22.54
CA GLY L 298 -31.19 38.86 23.72
C GLY L 298 -32.57 39.45 23.49
N GLU L 299 -32.67 40.38 22.53
CA GLU L 299 -33.90 41.09 22.18
C GLU L 299 -33.69 42.59 22.27
N VAL L 300 -33.15 43.05 23.40
CA VAL L 300 -32.86 44.48 23.52
C VAL L 300 -31.50 44.80 22.92
N GLU L 301 -30.66 43.79 22.74
CA GLU L 301 -29.40 43.97 22.05
C GLU L 301 -29.62 44.42 20.61
N ARG L 302 -30.57 43.78 19.92
CA ARG L 302 -30.92 44.18 18.56
C ARG L 302 -31.45 45.60 18.53
N ARG L 303 -32.29 45.96 19.51
CA ARG L 303 -32.81 47.31 19.58
C ARG L 303 -31.70 48.33 19.79
N ILE L 304 -30.75 48.03 20.68
CA ILE L 304 -29.64 48.95 20.93
C ILE L 304 -28.78 49.09 19.69
N VAL L 305 -28.50 47.98 19.00
CA VAL L 305 -27.68 48.04 17.79
C VAL L 305 -28.39 48.88 16.73
N SER L 306 -29.71 48.70 16.58
CA SER L 306 -30.45 49.46 15.60
C SER L 306 -30.48 50.94 15.97
N GLN L 307 -30.61 51.25 17.26
CA GLN L 307 -30.55 52.65 17.70
C GLN L 307 -29.19 53.26 17.37
N LEU L 308 -28.11 52.52 17.61
CA LEU L 308 -26.78 53.01 17.26
C LEU L 308 -26.65 53.24 15.76
N LEU L 309 -27.19 52.32 14.96
CA LEU L 309 -27.15 52.47 13.51
C LEU L 309 -27.92 53.72 13.08
N THR L 310 -29.10 53.94 13.65
CA THR L 310 -29.88 55.12 13.30
C THR L 310 -29.14 56.39 13.70
N LEU L 311 -28.49 56.39 14.87
CA LEU L 311 -27.74 57.55 15.30
C LEU L 311 -26.57 57.83 14.35
N MET L 312 -25.83 56.78 13.96
CA MET L 312 -24.70 56.98 13.07
C MET L 312 -25.16 57.46 11.69
N ASP L 313 -26.14 56.77 11.12
CA ASP L 313 -26.74 57.22 9.86
C ASP L 313 -27.58 58.46 10.04
N GLY L 314 -27.94 58.80 11.27
CA GLY L 314 -28.67 60.01 11.54
C GLY L 314 -27.82 61.26 11.61
N LEU L 315 -26.51 61.13 11.41
CA LEU L 315 -25.64 62.30 11.38
C LEU L 315 -25.97 63.11 10.13
N LYS L 316 -26.64 64.24 10.33
CA LYS L 316 -27.20 65.06 9.27
C LYS L 316 -26.18 65.99 8.63
N GLN L 317 -24.89 65.70 8.77
CA GLN L 317 -23.78 66.53 8.31
C GLN L 317 -23.75 67.89 8.99
N ARG L 318 -24.61 68.07 10.00
CA ARG L 318 -24.58 69.26 10.84
C ARG L 318 -23.49 69.14 11.89
N ALA L 319 -23.00 70.30 12.34
CA ALA L 319 -21.87 70.34 13.27
C ALA L 319 -20.65 69.65 12.67
N HIS L 320 -19.73 69.22 13.53
CA HIS L 320 -18.52 68.54 13.09
C HIS L 320 -18.20 67.38 14.03
N VAL L 321 -19.23 66.63 14.41
CA VAL L 321 -19.04 65.53 15.35
C VAL L 321 -18.33 64.38 14.64
N ILE L 322 -17.24 63.92 15.24
CA ILE L 322 -16.51 62.76 14.76
C ILE L 322 -16.76 61.62 15.73
N VAL L 323 -17.29 60.50 15.23
CA VAL L 323 -17.63 59.36 16.06
C VAL L 323 -16.49 58.36 15.95
N MET L 324 -15.63 58.32 16.97
CA MET L 324 -14.57 57.35 17.05
C MET L 324 -15.00 56.20 17.96
N ALA L 325 -14.53 55.00 17.66
CA ALA L 325 -14.91 53.81 18.40
C ALA L 325 -13.69 52.97 18.70
N ALA L 326 -13.75 52.21 19.79
CA ALA L 326 -12.67 51.33 20.20
C ALA L 326 -13.18 49.88 20.16
N THR L 327 -12.37 49.00 19.58
CA THR L 327 -12.72 47.60 19.48
C THR L 327 -11.44 46.78 19.43
N ASN L 328 -11.51 45.56 19.97
CA ASN L 328 -10.34 44.68 19.94
C ASN L 328 -9.98 44.29 18.52
N ARG L 329 -10.97 43.98 17.70
CA ARG L 329 -10.74 43.54 16.32
C ARG L 329 -11.95 43.93 15.47
N PRO L 330 -11.75 44.18 14.18
CA PRO L 330 -12.88 44.57 13.31
C PRO L 330 -13.92 43.47 13.16
N ASN L 331 -13.57 42.22 13.42
CA ASN L 331 -14.47 41.09 13.21
C ASN L 331 -15.36 40.82 14.40
N SER L 332 -15.25 41.61 15.47
CA SER L 332 -16.07 41.39 16.66
C SER L 332 -17.34 42.22 16.67
N ILE L 333 -17.39 43.32 15.90
CA ILE L 333 -18.56 44.19 15.89
C ILE L 333 -19.48 43.77 14.75
N ASP L 334 -20.73 44.24 14.84
CA ASP L 334 -21.70 43.92 13.81
C ASP L 334 -21.24 44.47 12.46
N PRO L 335 -21.26 43.68 11.39
CA PRO L 335 -20.78 44.18 10.10
C PRO L 335 -21.55 45.39 9.60
N ALA L 336 -22.83 45.51 9.93
CA ALA L 336 -23.60 46.66 9.47
C ALA L 336 -23.06 47.96 10.03
N LEU L 337 -22.29 47.91 11.12
CA LEU L 337 -21.65 49.10 11.66
C LEU L 337 -20.51 49.57 10.77
N ARG L 338 -19.89 48.64 10.08
CA ARG L 338 -18.71 48.94 9.27
C ARG L 338 -19.10 49.45 7.90
N ARG L 339 -20.39 49.68 7.63
CA ARG L 339 -20.75 50.11 6.29
C ARG L 339 -20.33 51.55 6.02
N PHE L 340 -20.55 51.98 4.80
CA PHE L 340 -20.18 53.33 4.42
C PHE L 340 -21.02 54.37 5.18
N GLY L 341 -20.34 55.41 5.63
CA GLY L 341 -20.97 56.53 6.33
C GLY L 341 -21.05 56.36 7.83
N ARG L 342 -21.00 55.12 8.33
CA ARG L 342 -21.04 54.85 9.76
C ARG L 342 -19.63 54.71 10.35
N PHE L 343 -18.88 53.69 9.92
CA PHE L 343 -17.46 53.57 10.22
C PHE L 343 -16.76 53.10 8.95
N ASP L 344 -16.35 54.04 8.12
CA ASP L 344 -15.76 53.76 6.81
C ASP L 344 -14.24 53.65 6.85
N ARG L 345 -13.63 53.87 8.01
CA ARG L 345 -12.18 53.90 8.11
C ARG L 345 -11.73 53.35 9.47
N GLU L 346 -10.71 52.51 9.42
CA GLU L 346 -10.24 51.77 10.58
C GLU L 346 -8.73 51.95 10.74
N VAL L 347 -8.29 52.14 11.98
CA VAL L 347 -6.87 52.26 12.31
C VAL L 347 -6.49 51.14 13.28
N ASP L 348 -5.50 50.35 12.89
CA ASP L 348 -5.00 49.24 13.71
C ASP L 348 -3.86 49.76 14.57
N ILE L 349 -4.15 50.08 15.84
CA ILE L 349 -3.11 50.58 16.74
C ILE L 349 -2.05 49.51 16.94
N GLY L 350 -2.46 48.28 17.23
CA GLY L 350 -1.53 47.18 17.35
C GLY L 350 -0.52 47.33 18.47
N ILE L 351 0.25 46.27 18.73
CA ILE L 351 1.29 46.29 19.76
C ILE L 351 2.39 47.25 19.33
N PRO L 352 3.04 47.94 20.27
CA PRO L 352 4.17 48.79 19.91
C PRO L 352 5.38 47.95 19.53
N ASP L 353 6.41 48.64 19.04
CA ASP L 353 7.65 48.01 18.64
C ASP L 353 8.70 48.18 19.73
N ALA L 354 9.90 47.68 19.47
CA ALA L 354 11.01 47.88 20.40
C ALA L 354 11.23 49.36 20.66
N THR L 355 11.29 50.16 19.60
CA THR L 355 11.38 51.61 19.77
C THR L 355 10.10 52.15 20.39
N GLY L 356 8.94 51.60 20.01
CA GLY L 356 7.69 52.02 20.63
C GLY L 356 7.65 51.70 22.11
N ARG L 357 8.09 50.50 22.49
CA ARG L 357 8.15 50.15 23.90
C ARG L 357 9.12 51.05 24.64
N LEU L 358 10.28 51.34 24.05
CA LEU L 358 11.22 52.27 24.65
C LEU L 358 10.58 53.64 24.90
N GLU L 359 9.93 54.18 23.88
CA GLU L 359 9.30 55.49 24.02
C GLU L 359 8.22 55.47 25.10
N ILE L 360 7.39 54.42 25.11
CA ILE L 360 6.38 54.29 26.15
C ILE L 360 7.05 54.27 27.52
N LEU L 361 8.22 53.65 27.62
CA LEU L 361 8.95 53.64 28.87
C LEU L 361 9.35 55.05 29.29
N GLN L 362 9.86 55.86 28.36
CA GLN L 362 10.19 57.23 28.75
C GLN L 362 8.95 58.03 29.16
N ILE L 363 7.83 57.88 28.44
CA ILE L 363 6.63 58.60 28.86
C ILE L 363 6.18 58.17 30.24
N HIS L 364 6.24 56.87 30.54
CA HIS L 364 5.79 56.39 31.84
C HIS L 364 6.87 56.52 32.91
N THR L 365 8.12 56.72 32.53
CA THR L 365 9.21 56.97 33.48
C THR L 365 9.78 58.37 33.25
N LYS L 366 9.16 59.36 33.88
CA LYS L 366 9.67 60.72 33.77
C LYS L 366 9.59 61.56 35.04
N ASN L 367 8.85 61.15 36.06
CA ASN L 367 8.83 61.83 37.35
C ASN L 367 9.46 60.99 38.44
N MET L 368 9.83 59.76 38.14
CA MET L 368 10.24 58.75 39.12
C MET L 368 11.71 58.79 39.52
N LYS L 369 12.53 59.69 38.98
CA LYS L 369 13.98 59.62 39.22
C LYS L 369 14.58 58.29 38.80
N LEU L 370 14.52 58.03 37.50
CA LEU L 370 14.99 56.74 37.02
C LEU L 370 16.45 56.63 37.44
N ALA L 371 16.87 55.43 37.82
CA ALA L 371 18.21 55.34 38.37
C ALA L 371 19.26 55.57 37.29
N ASP L 372 20.48 55.89 37.74
CA ASP L 372 21.54 56.14 36.78
C ASP L 372 22.01 54.82 36.19
N ASP L 373 21.84 53.73 36.92
CA ASP L 373 22.26 52.42 36.46
C ASP L 373 21.46 52.01 35.22
N VAL L 374 20.17 52.34 35.21
CA VAL L 374 19.29 51.96 34.12
C VAL L 374 19.43 52.92 32.96
N ASP L 375 19.15 52.44 31.75
CA ASP L 375 19.09 53.26 30.57
C ASP L 375 17.78 53.12 29.79
N LEU L 376 16.93 52.17 30.15
CA LEU L 376 15.62 51.90 29.55
C LEU L 376 15.71 51.18 28.21
N GLU L 377 16.89 50.89 27.68
CA GLU L 377 16.96 50.14 26.43
C GLU L 377 16.90 48.64 26.65
N GLN L 378 17.61 48.13 27.66
CA GLN L 378 17.55 46.70 27.93
C GLN L 378 16.15 46.26 28.33
N VAL L 379 15.47 47.07 29.15
CA VAL L 379 14.10 46.74 29.53
C VAL L 379 13.19 46.74 28.31
N ALA L 380 13.36 47.72 27.42
CA ALA L 380 12.54 47.77 26.22
C ALA L 380 12.77 46.55 25.34
N ASN L 381 14.04 46.14 25.17
CA ASN L 381 14.32 44.96 24.37
C ASN L 381 13.72 43.71 25.00
N GLU L 382 13.81 43.58 26.33
CA GLU L 382 13.29 42.41 27.02
C GLU L 382 11.78 42.44 27.20
N THR L 383 11.13 43.55 26.88
CA THR L 383 9.69 43.71 27.09
C THR L 383 8.87 43.27 25.89
N HIS L 384 9.43 42.42 25.03
CA HIS L 384 8.69 41.96 23.86
C HIS L 384 7.40 41.25 24.28
N GLY L 385 6.31 41.57 23.59
CA GLY L 385 5.01 41.00 23.87
C GLY L 385 4.10 41.87 24.70
N HIS L 386 4.62 42.97 25.24
CA HIS L 386 3.87 43.88 26.10
C HIS L 386 3.25 44.99 25.28
N VAL L 387 2.23 45.63 25.87
CA VAL L 387 1.58 46.77 25.25
C VAL L 387 1.87 47.99 26.11
N GLY L 388 1.43 49.16 25.66
CA GLY L 388 1.73 50.38 26.42
C GLY L 388 1.23 50.31 27.85
N ALA L 389 0.03 49.78 28.04
CA ALA L 389 -0.50 49.62 29.39
C ALA L 389 0.36 48.68 30.21
N ASP L 390 0.85 47.60 29.59
CA ASP L 390 1.74 46.69 30.30
C ASP L 390 3.00 47.41 30.74
N LEU L 391 3.55 48.25 29.87
CA LEU L 391 4.75 49.00 30.21
C LEU L 391 4.48 49.95 31.37
N ALA L 392 3.32 50.61 31.36
CA ALA L 392 2.95 51.48 32.47
C ALA L 392 2.85 50.69 33.77
N ALA L 393 2.25 49.50 33.71
CA ALA L 393 2.15 48.67 34.91
C ALA L 393 3.52 48.24 35.39
N LEU L 394 4.42 47.91 34.46
CA LEU L 394 5.78 47.53 34.83
C LEU L 394 6.50 48.69 35.50
N CYS L 395 6.35 49.90 34.95
CA CYS L 395 6.98 51.07 35.56
C CYS L 395 6.42 51.32 36.96
N SER L 396 5.11 51.20 37.11
CA SER L 396 4.51 51.39 38.43
C SER L 396 5.00 50.34 39.41
N GLU L 397 5.14 49.09 38.96
CA GLU L 397 5.64 48.04 39.83
C GLU L 397 7.08 48.30 40.24
N ALA L 398 7.91 48.77 39.30
CA ALA L 398 9.29 49.10 39.64
C ALA L 398 9.34 50.25 40.65
N ALA L 399 8.50 51.27 40.46
CA ALA L 399 8.46 52.38 41.40
C ALA L 399 8.04 51.89 42.79
N LEU L 400 7.04 51.02 42.85
CA LEU L 400 6.58 50.51 44.13
C LEU L 400 7.66 49.65 44.80
N GLN L 401 8.38 48.84 44.02
CA GLN L 401 9.46 48.05 44.57
C GLN L 401 10.58 48.94 45.13
N ALA L 402 10.91 50.01 44.41
CA ALA L 402 11.90 50.95 44.91
C ALA L 402 11.43 51.61 46.20
N ILE L 403 10.15 51.99 46.25
CA ILE L 403 9.62 52.61 47.46
C ILE L 403 9.63 51.63 48.62
N ARG L 404 9.39 50.34 48.33
CA ARG L 404 9.41 49.33 49.39
C ARG L 404 10.81 49.08 49.93
N LYS L 405 11.81 48.93 49.05
CA LYS L 405 13.16 48.65 49.53
C LYS L 405 13.68 49.76 50.42
N LYS L 406 13.80 50.96 49.88
CA LYS L 406 14.20 52.11 50.66
C LYS L 406 12.94 52.77 51.21
N MET L 407 13.06 53.98 51.75
CA MET L 407 11.87 54.70 52.19
C MET L 407 11.10 53.87 53.20
N ASP L 408 10.10 53.12 52.73
CA ASP L 408 9.19 52.44 53.63
C ASP L 408 9.89 51.49 54.60
N LEU L 409 11.15 51.14 54.36
CA LEU L 409 11.88 50.36 55.33
C LEU L 409 11.95 51.07 56.67
N ILE L 410 12.23 52.37 56.67
CA ILE L 410 12.26 53.13 57.91
C ILE L 410 10.86 53.21 58.52
N ASP L 411 9.83 53.32 57.69
CA ASP L 411 8.43 53.41 58.09
C ASP L 411 8.05 54.80 58.57
N LEU L 412 8.86 55.81 58.29
CA LEU L 412 8.54 57.19 58.65
C LEU L 412 7.56 57.74 57.61
N GLU L 413 6.28 57.45 57.84
CA GLU L 413 5.21 57.77 56.90
C GLU L 413 4.16 58.62 57.60
N ASP L 414 3.67 59.64 56.89
CA ASP L 414 2.58 60.46 57.38
C ASP L 414 1.52 60.64 56.30
N GLU L 415 0.56 61.54 56.53
CA GLU L 415 -0.50 61.74 55.53
C GLU L 415 0.08 62.10 54.17
N THR L 416 1.16 62.87 54.14
CA THR L 416 1.84 63.19 52.89
C THR L 416 3.33 63.29 53.19
N ILE L 417 4.08 62.23 52.88
CA ILE L 417 5.50 62.22 53.18
C ILE L 417 6.20 63.33 52.40
N ASP L 418 7.32 63.79 52.94
CA ASP L 418 8.08 64.87 52.31
C ASP L 418 8.58 64.42 50.94
N ALA L 419 8.43 65.31 49.94
CA ALA L 419 8.79 64.95 48.58
C ALA L 419 10.28 64.67 48.46
N GLU L 420 11.13 65.51 49.05
CA GLU L 420 12.54 65.46 48.68
C GLU L 420 13.15 64.11 49.04
N VAL L 421 12.68 63.48 50.11
CA VAL L 421 13.20 62.15 50.46
C VAL L 421 12.89 61.17 49.36
N MET L 422 11.69 61.25 48.77
CA MET L 422 11.36 60.41 47.63
C MET L 422 12.25 60.75 46.44
N ASN L 423 12.58 62.04 46.29
CA ASN L 423 13.55 62.42 45.28
C ASN L 423 14.90 61.76 45.53
N SER L 424 15.22 61.50 46.79
CA SER L 424 16.48 60.86 47.13
C SER L 424 16.59 59.45 46.54
N LEU L 425 15.47 58.74 46.42
CA LEU L 425 15.46 57.38 45.93
C LEU L 425 15.29 57.33 44.42
N ALA L 426 16.14 56.56 43.75
CA ALA L 426 16.09 56.38 42.31
C ALA L 426 15.78 54.92 42.01
N VAL L 427 14.86 54.70 41.06
CA VAL L 427 14.44 53.34 40.71
C VAL L 427 15.63 52.65 40.03
N THR L 428 16.28 51.73 40.73
CA THR L 428 17.47 51.05 40.25
C THR L 428 17.12 49.95 39.25
N MET L 429 18.13 49.55 38.48
CA MET L 429 17.93 48.52 37.45
C MET L 429 17.51 47.19 38.05
N ASP L 430 17.89 46.92 39.29
CA ASP L 430 17.43 45.70 39.94
C ASP L 430 15.90 45.72 40.04
N ASP L 431 15.33 46.89 40.33
CA ASP L 431 13.87 47.01 40.37
C ASP L 431 13.26 46.69 39.02
N PHE L 432 13.87 47.16 37.94
CA PHE L 432 13.32 46.88 36.62
C PHE L 432 13.46 45.41 36.27
N ARG L 433 14.58 44.78 36.67
CA ARG L 433 14.73 43.35 36.46
C ARG L 433 13.64 42.57 37.18
N TRP L 434 13.37 42.95 38.44
CA TRP L 434 12.31 42.28 39.20
C TRP L 434 10.96 42.49 38.53
N ALA L 435 10.69 43.71 38.06
CA ALA L 435 9.43 43.99 37.40
C ALA L 435 9.29 43.14 36.14
N LEU L 436 10.36 43.03 35.36
CA LEU L 436 10.31 42.19 34.17
C LEU L 436 10.07 40.74 34.55
N SER L 437 10.63 40.32 35.69
CA SER L 437 10.37 38.97 36.19
C SER L 437 8.92 38.82 36.64
N GLN L 438 8.23 39.92 36.88
CA GLN L 438 6.84 39.91 37.34
C GLN L 438 5.93 40.64 36.35
N SER L 439 6.21 40.51 35.05
CA SER L 439 5.46 41.24 34.03
C SER L 439 4.28 40.43 33.49
N ASN L 440 4.57 39.23 32.96
CA ASN L 440 3.54 38.30 32.51
C ASN L 440 2.58 38.87 31.47
N PRO L 441 3.02 39.09 30.22
CA PRO L 441 2.06 39.47 29.17
C PRO L 441 1.07 38.33 28.93
N SER L 442 -0.20 38.69 28.72
CA SER L 442 -0.67 40.03 28.32
C SER L 442 -0.19 40.50 26.94
N ALA L 443 -0.72 39.86 25.89
CA ALA L 443 -0.51 40.26 24.50
C ALA L 443 0.74 39.70 23.85
N LEU L 444 1.38 38.72 24.48
CA LEU L 444 2.52 38.05 23.83
C LEU L 444 2.10 37.28 22.60
N ARG L 445 0.83 36.88 22.51
CA ARG L 445 0.35 36.07 21.38
C ARG L 445 0.23 36.86 20.09
N GLU L 446 -0.14 38.14 20.19
CA GLU L 446 -0.45 38.92 19.00
C GLU L 446 0.74 38.98 18.03
N THR L 447 0.44 38.92 16.73
CA THR L 447 1.46 39.00 15.71
C THR L 447 2.14 40.37 15.75
N VAL L 448 3.43 40.39 15.46
CA VAL L 448 4.21 41.62 15.55
C VAL L 448 4.58 42.07 14.14
N VAL L 449 4.23 43.32 13.82
CA VAL L 449 4.55 43.99 12.56
C VAL L 449 5.58 45.07 12.89
N GLU L 450 6.86 44.84 12.56
CA GLU L 450 7.88 45.81 12.95
C GLU L 450 8.78 46.13 11.77
N VAL L 451 9.32 47.35 11.78
CA VAL L 451 10.34 47.72 10.81
C VAL L 451 11.61 47.02 11.27
N PRO L 452 12.10 45.99 10.59
CA PRO L 452 13.26 45.26 11.11
C PRO L 452 14.46 46.17 11.30
N GLN L 453 15.19 45.96 12.38
CA GLN L 453 16.35 46.76 12.71
C GLN L 453 17.66 46.21 12.16
N VAL L 454 17.62 45.08 11.47
CA VAL L 454 18.82 44.52 10.87
C VAL L 454 19.14 45.28 9.59
N THR L 455 20.41 45.52 9.35
CA THR L 455 20.86 46.25 8.18
C THR L 455 21.77 45.36 7.35
N TRP L 456 22.18 45.89 6.20
CA TRP L 456 23.04 45.13 5.29
C TRP L 456 24.37 44.78 5.95
N GLU L 457 24.79 45.56 6.94
CA GLU L 457 26.03 45.23 7.64
C GLU L 457 25.91 43.88 8.34
N ASP L 458 24.74 43.61 8.95
CA ASP L 458 24.54 42.34 9.64
C ASP L 458 24.68 41.16 8.69
N ILE L 459 24.38 41.34 7.41
CA ILE L 459 24.48 40.26 6.43
C ILE L 459 25.77 40.44 5.66
N GLY L 460 26.66 39.44 5.76
CA GLY L 460 27.95 39.52 5.11
C GLY L 460 27.86 39.16 3.62
N GLY L 461 28.60 39.90 2.81
CA GLY L 461 28.64 39.61 1.39
C GLY L 461 27.28 39.65 0.75
N LEU L 462 26.98 38.62 -0.07
CA LEU L 462 25.71 38.55 -0.78
C LEU L 462 25.48 39.81 -1.62
N GLU L 463 26.54 40.28 -2.27
CA GLU L 463 26.44 41.51 -3.05
C GLU L 463 25.45 41.38 -4.20
N ASP L 464 25.51 40.28 -4.95
CA ASP L 464 24.58 40.09 -6.06
C ASP L 464 23.15 39.96 -5.56
N VAL L 465 22.96 39.16 -4.51
CA VAL L 465 21.61 38.99 -3.94
C VAL L 465 21.12 40.30 -3.37
N LYS L 466 22.01 41.03 -2.69
CA LYS L 466 21.63 42.31 -2.12
C LYS L 466 21.21 43.29 -3.23
N ARG L 467 21.94 43.31 -4.34
CA ARG L 467 21.60 44.19 -5.45
C ARG L 467 20.25 43.87 -6.07
N GLU L 468 19.97 42.58 -6.32
CA GLU L 468 18.67 42.23 -6.88
C GLU L 468 17.54 42.54 -5.91
N LEU L 469 17.75 42.28 -4.63
CA LEU L 469 16.69 42.61 -3.69
C LEU L 469 16.43 44.11 -3.73
N GLN L 470 17.51 44.90 -3.76
CA GLN L 470 17.35 46.34 -3.89
C GLN L 470 16.57 46.69 -5.15
N GLU L 471 16.94 46.10 -6.28
CA GLU L 471 16.22 46.34 -7.52
C GLU L 471 14.73 46.10 -7.31
N LEU L 472 14.38 44.84 -7.05
CA LEU L 472 12.98 44.43 -7.01
C LEU L 472 12.16 45.26 -6.03
N VAL L 473 12.68 45.50 -4.83
CA VAL L 473 11.87 46.17 -3.82
C VAL L 473 11.99 47.68 -3.93
N GLN L 474 13.22 48.19 -3.84
CA GLN L 474 13.42 49.63 -3.74
C GLN L 474 13.14 50.35 -5.06
N TYR L 475 13.57 49.80 -6.20
CA TYR L 475 13.41 50.55 -7.44
C TYR L 475 11.95 50.89 -7.75
N PRO L 476 10.98 49.99 -7.63
CA PRO L 476 9.60 50.38 -7.92
C PRO L 476 9.10 51.51 -7.05
N VAL L 477 9.42 51.49 -5.76
CA VAL L 477 8.95 52.54 -4.86
C VAL L 477 9.69 53.85 -5.10
N GLU L 478 11.01 53.79 -5.29
CA GLU L 478 11.78 55.02 -5.46
C GLU L 478 11.48 55.72 -6.78
N HIS L 479 11.30 54.96 -7.86
CA HIS L 479 11.08 55.53 -9.20
C HIS L 479 9.87 54.89 -9.85
N PRO L 480 8.67 55.13 -9.32
CA PRO L 480 7.47 54.59 -9.97
C PRO L 480 7.27 55.15 -11.37
N ASP L 481 7.62 56.42 -11.59
CA ASP L 481 7.39 57.03 -12.89
C ASP L 481 8.17 56.31 -13.98
N LYS L 482 9.42 55.93 -13.69
CA LYS L 482 10.23 55.26 -14.70
C LYS L 482 9.72 53.86 -15.00
N PHE L 483 9.15 53.17 -14.00
CA PHE L 483 8.53 51.87 -14.25
C PHE L 483 7.27 52.05 -15.09
N LEU L 484 6.54 53.14 -14.87
CA LEU L 484 5.36 53.44 -15.68
C LEU L 484 5.72 53.79 -17.10
N LYS L 485 6.86 54.45 -17.30
CA LYS L 485 7.28 54.87 -18.64
C LYS L 485 7.50 53.69 -19.57
N PHE L 486 8.15 52.63 -19.08
CA PHE L 486 8.49 51.48 -19.92
C PHE L 486 7.36 50.46 -20.01
N GLY L 487 6.23 50.71 -19.38
CA GLY L 487 5.11 49.79 -19.44
C GLY L 487 5.37 48.43 -18.84
N MET L 488 6.16 48.38 -17.77
CA MET L 488 6.46 47.13 -17.08
C MET L 488 5.90 47.20 -15.67
N THR L 489 5.18 46.15 -15.27
CA THR L 489 4.64 46.08 -13.92
C THR L 489 5.59 45.28 -13.05
N PRO L 490 6.17 45.88 -12.01
CA PRO L 490 7.09 45.15 -11.14
C PRO L 490 6.44 43.92 -10.52
N SER L 491 7.19 42.82 -10.54
CA SER L 491 6.72 41.59 -9.92
C SER L 491 6.68 41.78 -8.40
N LYS L 492 5.70 41.15 -7.77
CA LYS L 492 5.52 41.22 -6.32
C LYS L 492 5.57 39.81 -5.75
N GLY L 493 6.80 39.30 -5.58
CA GLY L 493 7.02 37.98 -5.04
C GLY L 493 8.42 37.49 -5.26
N VAL L 494 9.12 37.12 -4.19
CA VAL L 494 10.46 36.58 -4.26
C VAL L 494 10.49 35.25 -3.53
N LEU L 495 11.41 34.37 -3.92
CA LEU L 495 11.54 33.07 -3.28
C LEU L 495 13.01 32.78 -3.06
N PHE L 496 13.46 32.87 -1.81
CA PHE L 496 14.83 32.51 -1.45
C PHE L 496 14.93 31.00 -1.25
N TYR L 497 15.88 30.37 -1.95
CA TYR L 497 16.14 28.96 -1.77
C TYR L 497 17.63 28.76 -1.54
N GLY L 498 17.97 27.79 -0.69
CA GLY L 498 19.35 27.50 -0.37
C GLY L 498 19.47 26.60 0.84
N PRO L 499 20.69 26.31 1.26
CA PRO L 499 20.88 25.46 2.43
C PRO L 499 20.42 26.16 3.69
N PRO L 500 20.01 25.38 4.71
CA PRO L 500 19.51 26.01 5.94
C PRO L 500 20.60 26.81 6.64
N GLY L 501 20.17 27.87 7.32
CA GLY L 501 21.09 28.67 8.12
C GLY L 501 21.95 29.65 7.36
N CYS L 502 21.64 29.94 6.10
CA CYS L 502 22.46 30.87 5.32
C CYS L 502 22.01 32.31 5.45
N GLY L 503 20.97 32.58 6.23
CA GLY L 503 20.55 33.95 6.49
C GLY L 503 19.49 34.48 5.54
N LYS L 504 18.53 33.66 5.16
CA LYS L 504 17.44 34.14 4.32
C LYS L 504 16.49 35.05 5.10
N THR L 505 16.17 34.67 6.34
CA THR L 505 15.31 35.52 7.16
C THR L 505 15.96 36.87 7.42
N LEU L 506 17.25 36.87 7.73
CA LEU L 506 17.95 38.14 7.94
C LEU L 506 18.00 38.96 6.66
N LEU L 507 18.17 38.30 5.51
CA LEU L 507 18.19 39.04 4.25
C LEU L 507 16.84 39.71 4.00
N ALA L 508 15.75 38.99 4.25
CA ALA L 508 14.42 39.59 4.09
C ALA L 508 14.23 40.75 5.06
N LYS L 509 14.68 40.59 6.30
CA LYS L 509 14.54 41.66 7.28
C LYS L 509 15.37 42.87 6.85
N ALA L 510 16.56 42.65 6.31
CA ALA L 510 17.40 43.75 5.86
C ALA L 510 16.76 44.49 4.70
N ILE L 511 16.18 43.76 3.75
CA ILE L 511 15.54 44.41 2.62
C ILE L 511 14.34 45.23 3.10
N ALA L 512 13.60 44.70 4.09
CA ALA L 512 12.49 45.46 4.66
C ALA L 512 12.99 46.71 5.37
N ASN L 513 14.12 46.60 6.08
CA ASN L 513 14.67 47.72 6.83
C ASN L 513 15.15 48.82 5.90
N GLU L 514 15.76 48.46 4.77
CA GLU L 514 16.24 49.48 3.84
C GLU L 514 15.10 50.35 3.33
N CYS L 515 13.96 49.75 3.03
CA CYS L 515 12.79 50.49 2.57
C CYS L 515 11.97 51.08 3.72
N GLN L 516 12.36 50.82 4.96
CA GLN L 516 11.61 51.29 6.13
C GLN L 516 10.17 50.79 6.10
N ALA L 517 9.99 49.56 5.64
CA ALA L 517 8.69 48.92 5.53
C ALA L 517 8.48 47.90 6.64
N ASN L 518 7.26 47.85 7.16
CA ASN L 518 6.95 46.88 8.21
C ASN L 518 7.26 45.48 7.71
N PHE L 519 7.59 44.59 8.65
CA PHE L 519 7.95 43.22 8.33
C PHE L 519 7.06 42.25 9.11
N ILE L 520 6.40 41.35 8.38
CA ILE L 520 5.56 40.31 8.97
C ILE L 520 6.17 38.98 8.58
N SER L 521 6.50 38.16 9.58
CA SER L 521 7.13 36.87 9.36
C SER L 521 6.16 35.76 9.73
N ILE L 522 5.85 34.90 8.77
CA ILE L 522 4.97 33.75 8.97
C ILE L 522 5.87 32.52 8.96
N LYS L 523 6.24 32.04 10.15
CA LYS L 523 7.15 30.91 10.23
C LYS L 523 6.44 29.62 9.86
N GLY L 524 7.23 28.54 9.72
CA GLY L 524 6.70 27.23 9.40
C GLY L 524 5.73 26.66 10.42
N PRO L 525 5.98 26.84 11.72
CA PRO L 525 5.01 26.34 12.71
C PRO L 525 3.62 26.92 12.52
N GLU L 526 3.50 28.19 12.14
CA GLU L 526 2.18 28.78 11.93
C GLU L 526 1.45 28.13 10.76
N LEU L 527 2.15 27.90 9.65
CA LEU L 527 1.53 27.23 8.51
C LEU L 527 1.13 25.81 8.87
N LEU L 528 2.00 25.10 9.60
CA LEU L 528 1.67 23.74 10.01
C LEU L 528 0.48 23.73 10.96
N THR L 529 0.37 24.74 11.82
CA THR L 529 -0.79 24.82 12.71
C THR L 529 -2.06 25.04 11.91
N MET L 530 -2.01 25.92 10.90
CA MET L 530 -3.19 26.12 10.06
C MET L 530 -3.54 24.85 9.29
N TRP L 531 -2.54 24.06 8.93
CA TRP L 531 -2.78 22.83 8.18
C TRP L 531 -3.36 21.73 9.06
N PHE L 532 -2.74 21.46 10.21
CA PHE L 532 -3.24 20.42 11.09
C PHE L 532 -4.65 20.74 11.61
N GLY L 533 -4.87 21.98 12.03
CA GLY L 533 -6.18 22.38 12.49
C GLY L 533 -7.21 22.55 11.41
N GLU L 534 -6.82 22.37 10.15
CA GLU L 534 -7.73 22.53 9.01
C GLU L 534 -8.37 23.91 9.01
N SER L 535 -7.66 24.90 9.55
CA SER L 535 -8.11 26.28 9.55
C SER L 535 -7.16 27.07 8.65
N GLU L 536 -7.43 27.04 7.35
CA GLU L 536 -6.65 27.81 6.41
C GLU L 536 -7.25 29.19 6.14
N ALA L 537 -8.40 29.51 6.71
CA ALA L 537 -8.97 30.84 6.52
C ALA L 537 -8.17 31.91 7.26
N ASN L 538 -7.29 31.53 8.18
CA ASN L 538 -6.51 32.55 8.88
C ASN L 538 -5.46 33.16 7.96
N VAL L 539 -5.17 32.52 6.83
CA VAL L 539 -4.25 33.11 5.89
C VAL L 539 -4.85 34.40 5.36
N ARG L 540 -6.17 34.40 5.17
CA ARG L 540 -6.82 35.63 4.72
C ARG L 540 -6.62 36.73 5.74
N GLU L 541 -6.74 36.39 7.02
CA GLU L 541 -6.52 37.40 8.05
C GLU L 541 -5.08 37.89 8.00
N ILE L 542 -4.13 36.99 7.76
CA ILE L 542 -2.74 37.41 7.66
C ILE L 542 -2.58 38.43 6.55
N PHE L 543 -3.18 38.14 5.40
CA PHE L 543 -3.03 39.06 4.28
C PHE L 543 -3.72 40.38 4.58
N ASP L 544 -4.84 40.34 5.31
CA ASP L 544 -5.49 41.59 5.68
C ASP L 544 -4.58 42.41 6.58
N LYS L 545 -3.89 41.73 7.50
CA LYS L 545 -2.94 42.45 8.35
C LYS L 545 -1.85 43.07 7.50
N ALA L 546 -1.37 42.34 6.49
CA ALA L 546 -0.36 42.90 5.60
C ALA L 546 -0.89 44.14 4.92
N ARG L 547 -2.16 44.10 4.50
CA ARG L 547 -2.75 45.25 3.85
C ARG L 547 -2.81 46.43 4.80
N GLN L 548 -3.22 46.19 6.06
CA GLN L 548 -3.33 47.27 7.02
C GLN L 548 -1.98 47.90 7.32
N ALA L 549 -0.91 47.11 7.29
CA ALA L 549 0.43 47.58 7.60
C ALA L 549 1.18 48.06 6.37
N ALA L 550 0.52 48.10 5.22
CA ALA L 550 1.21 48.51 4.00
C ALA L 550 1.70 49.94 4.13
N PRO L 551 2.90 50.27 3.62
CA PRO L 551 3.70 49.29 2.86
C PRO L 551 4.37 48.27 3.78
N CYS L 552 4.35 47.00 3.37
CA CYS L 552 4.85 45.91 4.20
C CYS L 552 5.52 44.87 3.32
N VAL L 553 6.33 44.03 3.96
CA VAL L 553 7.01 42.92 3.31
C VAL L 553 6.57 41.65 4.03
N LEU L 554 5.62 40.93 3.43
CA LEU L 554 5.10 39.69 4.00
C LEU L 554 6.05 38.55 3.64
N PHE L 555 6.77 38.03 4.63
CA PHE L 555 7.76 36.98 4.42
C PHE L 555 7.23 35.67 4.96
N PHE L 556 7.24 34.64 4.12
CA PHE L 556 6.80 33.29 4.50
C PHE L 556 8.04 32.43 4.65
N ASP L 557 8.62 32.46 5.85
CA ASP L 557 9.82 31.69 6.09
C ASP L 557 9.55 30.20 6.05
N GLU L 558 10.47 29.44 5.47
CA GLU L 558 10.35 27.98 5.41
C GLU L 558 8.95 27.54 4.99
N LEU L 559 8.59 28.01 3.79
CA LEU L 559 7.30 27.73 3.19
C LEU L 559 7.09 26.24 2.84
N ASP L 560 8.15 25.43 2.83
CA ASP L 560 8.01 24.04 2.44
C ASP L 560 7.64 23.11 3.60
N SER L 561 7.32 23.67 4.78
CA SER L 561 7.04 22.82 5.93
C SER L 561 5.85 21.90 5.69
N ILE L 562 4.79 22.42 5.07
CA ILE L 562 3.60 21.60 4.83
C ILE L 562 3.89 20.47 3.86
N ALA L 563 4.71 20.72 2.84
CA ALA L 563 5.07 19.65 1.91
C ALA L 563 5.85 18.56 2.61
N LYS L 564 6.77 18.93 3.50
CA LYS L 564 7.51 17.93 4.27
C LYS L 564 6.58 17.15 5.18
N ALA L 565 5.62 17.83 5.82
CA ALA L 565 4.70 17.15 6.72
C ALA L 565 3.89 16.08 6.01
N ARG L 566 3.59 16.25 4.73
CA ARG L 566 2.82 15.27 3.99
C ARG L 566 3.66 14.12 3.44
N GLY L 567 4.92 13.98 3.89
CA GLY L 567 5.75 12.91 3.39
C GLY L 567 7.12 13.33 2.89
N GLY L 568 7.41 14.63 2.93
CA GLY L 568 8.70 15.12 2.47
C GLY L 568 8.77 15.29 0.97
N ASN L 569 9.51 14.40 0.31
CA ASN L 569 9.61 14.40 -1.15
C ASN L 569 8.67 13.39 -1.79
N ILE L 570 8.66 12.15 -1.30
CA ILE L 570 7.74 11.15 -1.83
C ILE L 570 6.31 11.60 -1.62
N GLY L 571 6.02 12.20 -0.47
CA GLY L 571 4.70 12.71 -0.15
C GLY L 571 3.65 11.62 -0.02
N ASP L 572 2.40 12.05 -0.11
CA ASP L 572 1.24 11.18 -0.04
C ASP L 572 0.83 10.81 -1.47
N GLY L 573 -0.32 10.16 -1.62
CA GLY L 573 -0.79 9.84 -2.96
C GLY L 573 -1.20 11.05 -3.77
N GLY L 574 -1.52 12.16 -3.11
CA GLY L 574 -1.94 13.36 -3.79
C GLY L 574 -0.76 14.12 -4.37
N GLY L 575 -1.05 15.27 -4.95
CA GLY L 575 -0.04 16.11 -5.57
C GLY L 575 0.52 17.14 -4.61
N ALA L 576 1.16 18.16 -5.20
CA ALA L 576 1.78 19.21 -4.40
C ALA L 576 0.77 20.17 -3.77
N ALA L 577 -0.49 20.14 -4.21
CA ALA L 577 -1.47 21.08 -3.68
C ALA L 577 -1.86 20.74 -2.25
N ASP L 578 -2.00 21.78 -1.43
CA ASP L 578 -2.41 21.63 -0.04
C ASP L 578 -3.26 22.84 0.32
N ARG L 579 -3.99 22.70 1.44
CA ARG L 579 -4.97 23.74 1.81
C ARG L 579 -4.31 25.09 2.06
N VAL L 580 -3.26 25.10 2.89
CA VAL L 580 -2.65 26.38 3.28
C VAL L 580 -1.99 27.05 2.08
N ILE L 581 -1.25 26.28 1.28
CA ILE L 581 -0.61 26.88 0.11
C ILE L 581 -1.66 27.32 -0.90
N ASN L 582 -2.77 26.57 -1.01
CA ASN L 582 -3.83 27.01 -1.90
C ASN L 582 -4.43 28.34 -1.45
N GLN L 583 -4.65 28.51 -0.15
CA GLN L 583 -5.17 29.78 0.33
C GLN L 583 -4.16 30.90 0.07
N ILE L 584 -2.87 30.60 0.24
CA ILE L 584 -1.84 31.59 -0.02
C ILE L 584 -1.85 31.99 -1.49
N LEU L 585 -2.00 31.02 -2.39
CA LEU L 585 -2.07 31.32 -3.82
C LEU L 585 -3.29 32.18 -4.15
N THR L 586 -4.45 31.85 -3.56
CA THR L 586 -5.64 32.65 -3.83
C THR L 586 -5.44 34.08 -3.36
N GLU L 587 -4.88 34.25 -2.16
CA GLU L 587 -4.67 35.59 -1.62
C GLU L 587 -3.64 36.36 -2.44
N MET L 588 -2.58 35.67 -2.89
CA MET L 588 -1.55 36.31 -3.69
C MET L 588 -2.11 36.76 -5.04
N ASP L 589 -2.97 35.94 -5.64
CA ASP L 589 -3.60 36.36 -6.89
C ASP L 589 -4.49 37.57 -6.65
N GLY L 590 -5.30 37.55 -5.58
CA GLY L 590 -6.08 38.72 -5.28
C GLY L 590 -5.29 39.86 -4.69
N MET L 591 -4.08 39.60 -4.18
CA MET L 591 -3.24 40.64 -3.59
C MET L 591 -2.32 41.26 -4.63
N SER L 592 -2.93 41.86 -5.65
CA SER L 592 -2.17 42.49 -6.72
C SER L 592 -2.35 44.00 -6.78
N THR L 593 -3.53 44.51 -6.42
CA THR L 593 -3.78 45.94 -6.46
C THR L 593 -3.07 46.69 -5.35
N LYS L 594 -2.71 46.01 -4.24
CA LYS L 594 -2.21 46.72 -3.08
C LYS L 594 -0.90 47.44 -3.39
N LYS L 595 -0.01 46.80 -4.13
CA LYS L 595 1.27 47.38 -4.51
C LYS L 595 2.23 47.53 -3.33
N ASN L 596 1.73 47.97 -2.19
CA ASN L 596 2.60 48.13 -1.02
C ASN L 596 3.13 46.79 -0.52
N VAL L 597 2.25 45.81 -0.33
CA VAL L 597 2.70 44.56 0.26
C VAL L 597 3.62 43.83 -0.71
N PHE L 598 4.72 43.30 -0.19
CA PHE L 598 5.69 42.55 -0.97
C PHE L 598 5.88 41.19 -0.32
N ILE L 599 5.68 40.13 -1.10
CA ILE L 599 5.69 38.77 -0.57
C ILE L 599 7.05 38.14 -0.86
N ILE L 600 7.72 37.68 0.20
CA ILE L 600 9.01 37.02 0.11
C ILE L 600 8.86 35.63 0.70
N GLY L 601 9.32 34.61 -0.01
CA GLY L 601 9.26 33.25 0.46
C GLY L 601 10.63 32.64 0.61
N ALA L 602 10.77 31.76 1.60
CA ALA L 602 12.01 31.06 1.88
C ALA L 602 11.73 29.57 1.99
N THR L 603 12.59 28.75 1.40
CA THR L 603 12.39 27.32 1.41
C THR L 603 13.74 26.62 1.24
N ASN L 604 14.01 25.67 2.14
CA ASN L 604 15.22 24.86 2.05
C ASN L 604 15.06 23.64 1.18
N ARG L 605 13.85 23.37 0.68
CA ARG L 605 13.58 22.22 -0.20
C ARG L 605 12.81 22.72 -1.41
N PRO L 606 13.49 23.40 -2.34
CA PRO L 606 12.78 23.92 -3.52
C PRO L 606 12.18 22.84 -4.39
N ASP L 607 12.73 21.63 -4.36
CA ASP L 607 12.22 20.55 -5.20
C ASP L 607 10.79 20.19 -4.86
N ILE L 608 10.44 20.14 -3.57
CA ILE L 608 9.11 19.75 -3.15
C ILE L 608 8.12 20.91 -3.14
N ILE L 609 8.57 22.13 -3.40
CA ILE L 609 7.66 23.27 -3.40
C ILE L 609 6.64 23.11 -4.51
N ASP L 610 5.43 23.60 -4.27
CA ASP L 610 4.37 23.50 -5.26
C ASP L 610 4.74 24.32 -6.50
N PRO L 611 4.68 23.74 -7.70
CA PRO L 611 5.02 24.53 -8.89
C PRO L 611 4.15 25.76 -9.08
N ALA L 612 2.88 25.69 -8.68
CA ALA L 612 1.99 26.83 -8.83
C ALA L 612 2.49 28.05 -8.09
N ILE L 613 3.34 27.86 -7.08
CA ILE L 613 3.91 28.99 -6.35
C ILE L 613 4.74 29.88 -7.28
N LEU L 614 5.35 29.29 -8.31
CA LEU L 614 6.30 30.00 -9.16
C LEU L 614 5.66 30.59 -10.41
N ARG L 615 4.36 30.43 -10.60
CA ARG L 615 3.71 30.97 -11.78
C ARG L 615 3.69 32.50 -11.73
N PRO L 616 3.56 33.15 -12.89
CA PRO L 616 3.55 34.62 -12.90
C PRO L 616 2.41 35.17 -12.05
N GLY L 617 2.68 36.31 -11.41
CA GLY L 617 1.80 36.84 -10.40
C GLY L 617 2.03 36.27 -9.03
N ARG L 618 2.93 35.29 -8.92
CA ARG L 618 3.34 34.62 -7.70
C ARG L 618 4.84 34.87 -7.50
N LEU L 619 5.46 34.08 -6.63
CA LEU L 619 6.87 34.30 -6.33
C LEU L 619 7.71 33.87 -7.53
N ASP L 620 7.69 34.69 -8.58
CA ASP L 620 8.41 34.39 -9.81
C ASP L 620 9.93 34.42 -9.61
N GLN L 621 10.43 35.46 -8.94
CA GLN L 621 11.86 35.70 -8.84
C GLN L 621 12.46 34.73 -7.83
N LEU L 622 13.10 33.67 -8.32
CA LEU L 622 13.81 32.72 -7.49
C LEU L 622 15.24 33.21 -7.28
N ILE L 623 15.67 33.26 -6.02
CA ILE L 623 17.00 33.73 -5.66
C ILE L 623 17.69 32.63 -4.87
N TYR L 624 18.90 32.26 -5.29
CA TYR L 624 19.67 31.22 -4.62
C TYR L 624 20.56 31.85 -3.56
N ILE L 625 20.33 31.48 -2.30
CA ILE L 625 21.15 31.97 -1.19
C ILE L 625 22.20 30.91 -0.88
N PRO L 626 23.41 31.03 -1.43
CA PRO L 626 24.42 29.99 -1.24
C PRO L 626 25.18 30.17 0.07
N LEU L 627 26.02 29.19 0.36
CA LEU L 627 26.83 29.24 1.57
C LEU L 627 27.75 30.46 1.53
N PRO L 628 27.96 31.12 2.67
CA PRO L 628 28.78 32.35 2.66
C PRO L 628 30.19 32.08 2.19
N ASP L 629 30.75 33.05 1.47
CA ASP L 629 32.12 32.97 0.99
C ASP L 629 33.08 33.33 2.13
N GLU L 630 34.37 33.44 1.81
CA GLU L 630 35.35 33.80 2.83
C GLU L 630 35.07 35.18 3.39
N LYS L 631 34.81 36.16 2.52
CA LYS L 631 34.46 37.49 2.99
C LYS L 631 33.13 37.49 3.72
N SER L 632 32.16 36.73 3.21
CA SER L 632 30.87 36.62 3.88
C SER L 632 31.04 35.96 5.24
N ARG L 633 31.89 34.93 5.32
CA ARG L 633 32.13 34.28 6.60
C ARG L 633 32.78 35.25 7.59
N VAL L 634 33.74 36.05 7.12
CA VAL L 634 34.38 37.03 8.00
C VAL L 634 33.34 38.01 8.51
N ALA L 635 32.47 38.50 7.61
CA ALA L 635 31.45 39.46 8.03
C ALA L 635 30.50 38.84 9.03
N ILE L 636 30.10 37.59 8.81
CA ILE L 636 29.19 36.91 9.74
C ILE L 636 29.85 36.77 11.10
N LEU L 637 31.11 36.37 11.12
CA LEU L 637 31.81 36.22 12.40
C LEU L 637 31.90 37.56 13.12
N LYS L 638 32.22 38.63 12.39
CA LYS L 638 32.31 39.94 13.01
C LYS L 638 30.96 40.37 13.59
N ALA L 639 29.88 40.15 12.82
CA ALA L 639 28.55 40.52 13.29
C ALA L 639 28.15 39.75 14.54
N ASN L 640 28.45 38.44 14.58
CA ASN L 640 28.09 37.64 15.73
C ASN L 640 28.84 38.09 16.98
N LEU L 641 30.12 38.45 16.82
CA LEU L 641 30.98 38.76 17.96
C LEU L 641 31.02 40.25 18.29
N ARG L 642 30.17 41.07 17.66
CA ARG L 642 30.20 42.50 17.94
C ARG L 642 29.85 42.79 19.40
N LYS L 643 28.78 42.16 19.89
CA LYS L 643 28.40 42.39 21.29
C LYS L 643 29.44 41.82 22.24
N SER L 644 29.94 40.63 21.97
CA SER L 644 30.88 39.99 22.88
C SER L 644 32.21 40.72 22.86
N PRO L 645 32.89 40.85 24.00
CA PRO L 645 34.23 41.46 24.03
C PRO L 645 35.29 40.49 23.54
N VAL L 646 35.82 40.74 22.34
CA VAL L 646 36.80 39.88 21.71
C VAL L 646 38.14 40.60 21.68
N ALA L 647 39.19 39.92 22.15
CA ALA L 647 40.52 40.52 22.14
C ALA L 647 41.01 40.75 20.72
N LYS L 648 41.75 41.84 20.50
CA LYS L 648 42.27 42.15 19.18
C LYS L 648 43.29 41.12 18.71
N ASP L 649 43.90 40.38 19.63
CA ASP L 649 44.93 39.43 19.24
C ASP L 649 44.36 38.29 18.38
N VAL L 650 43.10 37.92 18.58
CA VAL L 650 42.51 36.80 17.85
C VAL L 650 42.29 37.25 16.40
N ASP L 651 42.92 36.55 15.46
CA ASP L 651 42.77 36.84 14.03
C ASP L 651 41.50 36.19 13.50
N LEU L 652 40.43 36.98 13.42
CA LEU L 652 39.14 36.45 13.00
C LEU L 652 39.15 36.03 11.53
N GLU L 653 39.95 36.69 10.70
CA GLU L 653 40.02 36.32 9.29
C GLU L 653 40.56 34.91 9.12
N PHE L 654 41.56 34.52 9.92
CA PHE L 654 42.06 33.16 9.85
C PHE L 654 40.97 32.16 10.18
N LEU L 655 40.19 32.44 11.22
CA LEU L 655 39.09 31.55 11.59
C LEU L 655 38.06 31.47 10.46
N ALA L 656 37.74 32.60 9.84
CA ALA L 656 36.76 32.58 8.75
C ALA L 656 37.26 31.77 7.56
N LYS L 657 38.54 31.93 7.21
CA LYS L 657 39.09 31.21 6.06
C LYS L 657 39.25 29.73 6.33
N MET L 658 39.58 29.36 7.58
CA MET L 658 39.69 27.95 7.92
C MET L 658 38.35 27.23 7.84
N THR L 659 37.25 27.95 8.08
CA THR L 659 35.90 27.39 7.99
C THR L 659 35.56 27.26 6.51
N ASN L 660 35.90 26.09 5.95
CA ASN L 660 35.78 25.87 4.52
C ASN L 660 34.37 26.08 4.02
N GLY L 661 33.41 25.30 4.53
CA GLY L 661 32.05 25.39 4.05
C GLY L 661 31.01 25.49 5.15
N PHE L 662 31.37 26.14 6.25
CA PHE L 662 30.41 26.32 7.33
C PHE L 662 29.34 27.31 6.93
N SER L 663 28.10 27.01 7.32
CA SER L 663 26.99 27.92 7.10
C SER L 663 26.99 29.00 8.18
N GLY L 664 26.13 30.00 8.00
CA GLY L 664 26.02 31.05 9.00
C GLY L 664 25.63 30.49 10.37
N ALA L 665 24.75 29.48 10.37
CA ALA L 665 24.36 28.87 11.63
C ALA L 665 25.55 28.21 12.31
N ASP L 666 26.42 27.56 11.55
CA ASP L 666 27.58 26.92 12.15
C ASP L 666 28.54 27.94 12.74
N LEU L 667 28.76 29.05 12.05
CA LEU L 667 29.62 30.11 12.59
C LEU L 667 29.02 30.70 13.85
N THR L 668 27.70 30.92 13.86
CA THR L 668 27.05 31.42 15.05
C THR L 668 27.19 30.44 16.21
N GLU L 669 27.06 29.15 15.91
CA GLU L 669 27.23 28.13 16.94
C GLU L 669 28.63 28.15 17.51
N ILE L 670 29.64 28.29 16.64
CA ILE L 670 31.02 28.35 17.11
C ILE L 670 31.23 29.56 18.01
N CYS L 671 30.70 30.72 17.60
CA CYS L 671 30.83 31.92 18.43
C CYS L 671 30.14 31.74 19.77
N GLN L 672 28.94 31.15 19.77
CA GLN L 672 28.21 30.93 21.00
C GLN L 672 28.98 29.98 21.92
N ARG L 673 29.58 28.93 21.35
CA ARG L 673 30.35 28.01 22.15
C ARG L 673 31.57 28.69 22.75
N ALA L 674 32.24 29.55 21.97
CA ALA L 674 33.38 30.28 22.51
C ALA L 674 32.95 31.20 23.65
N CYS L 675 31.83 31.89 23.50
CA CYS L 675 31.33 32.75 24.57
C CYS L 675 30.98 31.93 25.80
N LYS L 676 30.37 30.76 25.60
CA LYS L 676 30.02 29.90 26.73
C LYS L 676 31.27 29.42 27.45
N LEU L 677 32.31 29.06 26.70
CA LEU L 677 33.56 28.63 27.31
C LEU L 677 34.17 29.75 28.13
N ALA L 678 34.18 30.97 27.57
CA ALA L 678 34.70 32.12 28.30
C ALA L 678 33.91 32.37 29.59
N ILE L 679 32.58 32.30 29.50
CA ILE L 679 31.75 32.54 30.67
C ILE L 679 31.98 31.47 31.74
N ARG L 680 32.07 30.21 31.33
CA ARG L 680 32.30 29.15 32.31
C ARG L 680 33.65 29.33 32.99
N GLU L 681 34.68 29.67 32.21
CA GLU L 681 35.99 29.86 32.82
C GLU L 681 35.97 31.03 33.79
N SER L 682 35.33 32.13 33.40
CA SER L 682 35.27 33.29 34.27
C SER L 682 34.52 32.99 35.56
N ILE L 683 33.40 32.27 35.46
CA ILE L 683 32.63 31.96 36.65
C ILE L 683 33.39 31.02 37.57
N GLU L 684 34.03 29.99 37.01
CA GLU L 684 34.77 29.06 37.84
C GLU L 684 35.97 29.73 38.50
N SER L 685 36.77 30.49 37.74
CA SER L 685 37.94 31.12 38.31
C SER L 685 37.59 32.18 39.34
N GLU L 686 36.61 33.06 39.06
CA GLU L 686 36.23 34.07 40.04
C GLU L 686 35.68 33.40 41.28
N ILE L 687 34.84 32.36 41.11
CA ILE L 687 34.27 31.66 42.26
C ILE L 687 35.36 30.98 43.07
N ARG L 688 36.22 30.19 42.43
CA ARG L 688 37.23 29.47 43.21
C ARG L 688 38.18 30.43 43.92
N ARG L 689 38.41 31.60 43.33
CA ARG L 689 39.21 32.63 43.99
C ARG L 689 38.48 33.18 45.20
N GLU L 690 37.19 33.43 45.04
CA GLU L 690 36.39 33.97 46.13
C GLU L 690 36.23 32.94 47.25
N ARG L 691 36.07 31.67 46.89
CA ARG L 691 35.93 30.61 47.87
C ARG L 691 37.17 30.52 48.74
N GLU L 692 38.35 30.55 48.11
CA GLU L 692 39.57 30.54 48.91
C GLU L 692 39.71 31.82 49.72
N ARG L 693 39.44 32.97 49.08
CA ARG L 693 39.60 34.26 49.75
C ARG L 693 38.64 34.45 50.91
N GLN L 694 37.41 33.92 50.81
CA GLN L 694 36.43 34.12 51.87
C GLN L 694 36.81 33.42 53.17
N THR L 695 37.66 32.40 53.12
CA THR L 695 38.04 31.71 54.35
C THR L 695 38.70 32.66 55.34
N ASN L 696 39.68 33.44 54.89
CA ASN L 696 40.29 34.38 55.82
C ASN L 696 39.62 35.73 55.57
N PRO L 697 38.95 36.32 56.56
CA PRO L 697 38.38 37.65 56.36
C PRO L 697 39.38 38.74 56.00
N SER L 698 39.21 39.38 54.84
CA SER L 698 40.11 40.45 54.45
C SER L 698 41.53 39.94 54.20
N ALA L 699 41.73 38.62 54.26
CA ALA L 699 43.05 38.01 54.04
C ALA L 699 43.86 38.62 52.90
N MET L 700 43.49 38.37 51.64
CA MET L 700 44.32 38.91 50.57
C MET L 700 43.98 40.36 50.26
N GLU L 701 44.81 41.01 49.46
CA GLU L 701 44.60 42.40 49.08
C GLU L 701 43.22 42.59 48.47
N VAL L 702 42.81 43.86 48.34
CA VAL L 702 41.52 44.25 47.80
C VAL L 702 41.64 44.44 46.29
N GLU L 703 42.75 43.99 45.71
CA GLU L 703 42.94 44.13 44.27
C GLU L 703 41.75 43.58 43.49
N GLU L 704 41.24 44.39 42.56
CA GLU L 704 40.08 44.08 41.72
C GLU L 704 40.50 43.42 40.40
N ASP L 705 40.80 42.14 40.47
CA ASP L 705 41.22 41.35 39.32
C ASP L 705 40.08 40.84 38.46
N ASP L 706 40.28 40.85 37.14
CA ASP L 706 39.34 40.30 36.17
C ASP L 706 40.09 39.10 35.60
N PRO L 707 39.75 37.88 36.01
CA PRO L 707 40.52 36.73 35.49
C PRO L 707 40.42 36.55 33.99
N VAL L 708 39.22 36.65 33.42
CA VAL L 708 39.04 36.63 31.98
C VAL L 708 38.17 37.81 31.59
N PRO L 709 38.74 38.86 31.00
CA PRO L 709 37.93 40.03 30.62
C PRO L 709 37.58 40.07 29.14
N GLU L 710 37.97 39.06 28.37
CA GLU L 710 37.67 39.01 26.96
C GLU L 710 37.86 37.58 26.46
N ILE L 711 37.14 37.26 25.38
CA ILE L 711 37.27 35.93 24.79
C ILE L 711 38.68 35.78 24.24
N ARG L 712 39.41 34.79 24.72
CA ARG L 712 40.81 34.64 24.35
C ARG L 712 40.96 33.69 23.16
N ARG L 713 42.19 33.55 22.67
CA ARG L 713 42.45 32.64 21.57
C ARG L 713 42.12 31.22 21.96
N ASP L 714 42.53 30.81 23.16
CA ASP L 714 42.31 29.43 23.58
C ASP L 714 40.83 29.10 23.57
N HIS L 715 39.98 30.09 23.88
CA HIS L 715 38.54 29.85 23.79
C HIS L 715 38.14 29.56 22.35
N PHE L 716 38.79 30.21 21.38
CA PHE L 716 38.42 29.96 19.98
C PHE L 716 38.90 28.59 19.51
N GLU L 717 40.09 28.13 19.97
CA GLU L 717 40.48 26.74 19.70
C GLU L 717 39.53 25.77 20.38
N GLU L 718 39.12 26.09 21.61
CA GLU L 718 38.17 25.26 22.34
C GLU L 718 36.87 25.12 21.56
N ALA L 719 36.40 26.24 20.98
CA ALA L 719 35.20 26.23 20.16
C ALA L 719 35.38 25.44 18.88
N MET L 720 36.50 25.64 18.18
CA MET L 720 36.73 24.91 16.94
C MET L 720 36.90 23.42 17.13
N ARG L 721 37.34 22.97 18.31
CA ARG L 721 37.36 21.53 18.53
C ARG L 721 35.99 20.90 18.30
N PHE L 722 34.92 21.64 18.57
CA PHE L 722 33.58 21.11 18.37
C PHE L 722 32.95 21.61 17.08
N ALA L 723 33.74 22.20 16.19
CA ALA L 723 33.24 22.72 14.92
C ALA L 723 32.55 21.62 14.12
N ARG L 724 31.39 21.94 13.54
CA ARG L 724 30.58 20.97 12.83
C ARG L 724 30.11 21.55 11.50
N ARG L 725 30.03 20.70 10.48
CA ARG L 725 29.51 21.08 9.16
C ARG L 725 28.05 20.68 9.06
N SER L 726 27.16 21.65 9.25
CA SER L 726 25.72 21.37 9.22
C SER L 726 25.26 20.93 7.83
N VAL L 727 25.74 21.60 6.79
CA VAL L 727 25.29 21.37 5.41
C VAL L 727 26.22 20.39 4.71
N SER L 728 25.71 19.19 4.44
CA SER L 728 26.47 18.19 3.69
C SER L 728 26.59 18.62 2.23
N ASP L 729 27.66 18.16 1.58
CA ASP L 729 27.88 18.51 0.18
C ASP L 729 26.83 17.91 -0.75
N ASN L 730 26.09 16.88 -0.30
CA ASN L 730 25.10 16.29 -1.19
C ASN L 730 23.88 17.18 -1.34
N ASP L 731 23.45 17.82 -0.26
CA ASP L 731 22.28 18.68 -0.42
C ASP L 731 22.65 20.01 -1.03
N ILE L 732 23.90 20.45 -0.91
CA ILE L 732 24.38 21.56 -1.72
C ILE L 732 24.37 21.17 -3.19
N ARG L 733 24.70 19.90 -3.46
CA ARG L 733 24.60 19.38 -4.81
C ARG L 733 23.16 19.49 -5.31
N LYS L 734 22.20 19.18 -4.45
CA LYS L 734 20.79 19.28 -4.82
C LYS L 734 20.38 20.73 -5.09
N TYR L 735 20.88 21.67 -4.29
CA TYR L 735 20.54 23.08 -4.51
C TYR L 735 21.10 23.55 -5.85
N GLU L 736 22.37 23.24 -6.12
CA GLU L 736 22.94 23.62 -7.40
C GLU L 736 22.22 22.92 -8.55
N MET L 737 21.71 21.71 -8.31
CA MET L 737 20.93 21.00 -9.32
C MET L 737 19.64 21.75 -9.65
N PHE L 738 18.93 22.19 -8.62
CA PHE L 738 17.72 22.97 -8.87
C PHE L 738 18.05 24.30 -9.53
N ALA L 739 19.20 24.89 -9.20
CA ALA L 739 19.58 26.15 -9.85
C ALA L 739 19.90 25.93 -11.32
N GLN L 740 20.50 24.79 -11.65
CA GLN L 740 20.78 24.47 -13.05
C GLN L 740 19.48 24.24 -13.81
N THR L 741 18.56 23.49 -13.21
CA THR L 741 17.28 23.22 -13.86
C THR L 741 16.55 24.52 -14.14
N LEU L 742 16.71 25.51 -13.27
CA LEU L 742 16.10 26.82 -13.44
C LEU L 742 16.86 27.68 -14.44
N GLN L 743 18.04 27.24 -14.88
CA GLN L 743 18.84 28.02 -15.82
C GLN L 743 18.14 28.15 -17.17
N GLN L 744 18.40 29.26 -17.86
CA GLN L 744 17.74 29.60 -19.11
C GLN L 744 18.15 28.75 -20.31
N SER L 745 18.06 27.43 -20.18
CA SER L 745 18.35 26.48 -21.27
C SER L 745 19.77 26.75 -21.81
N ARG L 746 19.99 26.59 -23.11
CA ARG L 746 21.30 26.77 -23.72
C ARG L 746 21.12 27.06 -25.22
N GLY L 747 22.14 27.66 -25.80
CA GLY L 747 22.15 28.01 -27.20
C GLY L 747 21.70 29.41 -27.56
N PHE L 748 21.19 30.18 -26.62
CA PHE L 748 20.74 31.53 -26.90
C PHE L 748 21.71 32.59 -26.40
N GLY L 749 22.90 32.17 -25.94
CA GLY L 749 23.88 33.14 -25.49
C GLY L 749 24.38 34.01 -26.63
N SER L 750 24.65 33.40 -27.77
CA SER L 750 25.21 34.10 -28.93
C SER L 750 24.14 34.83 -29.74
N PHE L 751 22.88 34.75 -29.33
CA PHE L 751 21.80 35.38 -30.08
C PHE L 751 22.12 36.85 -30.33
N ARG L 752 21.97 37.28 -31.58
CA ARG L 752 22.22 38.65 -31.94
C ARG L 752 21.27 39.02 -33.06
N PHE L 753 20.73 40.24 -33.02
CA PHE L 753 19.83 40.65 -34.09
C PHE L 753 20.65 40.89 -35.36
N PRO L 754 20.06 40.70 -36.54
CA PRO L 754 20.85 40.86 -37.77
C PRO L 754 21.18 42.32 -38.03
N SER L 755 22.44 42.56 -38.40
CA SER L 755 22.91 43.92 -38.66
C SER L 755 22.53 44.36 -40.07
#